data_7W1Y
#
_entry.id   7W1Y
#
loop_
_entity.id
_entity.type
_entity.pdbx_description
1 polymer 'DNA replication licensing factor MCM2'
2 polymer 'Isoform 2 of DNA replication licensing factor MCM3'
3 polymer 'DNA replication licensing factor MCM4'
4 polymer 'DNA replication licensing factor MCM5'
5 polymer 'DNA replication licensing factor MCM6'
6 polymer 'DNA replication licensing factor MCM7'
7 polymer 'DNA (49-MER)'
8 polymer 'DNA (49-MER)'
9 non-polymer 'ZINC ION'
10 non-polymer 'MAGNESIUM ION'
11 non-polymer "ADENOSINE-5'-TRIPHOSPHATE"
12 non-polymer "ADENOSINE-5'-DIPHOSPHATE"
#
loop_
_entity_poly.entity_id
_entity_poly.type
_entity_poly.pdbx_seq_one_letter_code
_entity_poly.pdbx_strand_id
1 'polypeptide(L)'
;MAESSESFTMASSPAQRRRGNDPLTSSPGRSSRRTDALTSSPGRDLPPFEDESEGLLGTEGPLEEEEDGEELIGDGMERD
YRAIPELDAYEAEGLALDDEDVEELTASQREAAERAMRQRDREAGRGLGRMRRGLLYDSDEEDEERPARKRRQVERATED
GEEDEEMIESIENLEDLKGHSVREWVSMAGPRLEIHHRFKNFLRTHVDSHGHNVFKERISDMCKENRESLVVNYEDLAAR
EHVLAYFLPEAPAELLQIFDEAALEVVLAMYPKYDRITNHIHVRISHLPLVEELRSLRQLHLNQLIRTSGVVTSCTGVLP
QLSMVKYNCNKCNFVLGPFCQSQNQEVKPGSCPECQSAGPFEVNMEETIYQNYQRIRIQESPGKVAAGRLPRSKDAILLA
DLVDSCKPGDEIELTGIYHNNYDGSLNTANGFPVFATVILANHVAKKDNKVAVGELTDEDVKMITSLSKDQQIGEKIFAS
IAPSIYGHEDIKRGLALALFGGEPKNPGGKHKVRGDINVLLCGDPGTAKSQFLKYIEKVSSRAIFTTGQGASAVGLTAYV
QRHPVSREWTLEAGALVLADRGVCLIDEFDKMNDQDRTSIHEAMEQQSISISKAGIVTSLQARCTVIAAANPIGGRYDPS
LTFSENVDLTEPIISRFDILCVVRDTVDPVQDEMLARFVVGSHVRHHPSNKEEEGLANGSAAEPAMPNTYGVEPLPQEVL
KKYIIYAKERVHPKLNQMDQDKVAKMYSDLRKESMATGSIPITVRHIESMIRMAEAHARIHLRDYVIEDDVNMAIRVMLE
SFIDTQKFSVMRSMRKTFARYLSFRRDNNELLLFILKQLVAEQVTYQRNRFGAQQDTIEVPEKDLVDKARQINIHNLSAF
YDSELFRMNKFSHDLKRKMILQQF
;
2,A
2 'polypeptide(L)'
;MLPRSPPLPRGNLWWREEFGSFRAGVESSWEPPRDFGGGSSLAAGMAGTVVLDDVELREAQRDYLDFLDDEEDQGIYQSK
VRELISDNQYRLIVNVNDLRRKNEKRANRLLNNAFEELVAFQRALKDFVASIDATYAKQYEEFYVGLEGSFGSKHVSPRT
LTSCFLSCVVCVEGIVTKCSLVRPKVVRSVHYCPATKKTIERRYSDLTTLVAFPSSSVYPTKDEENNPLETEYGLSVYKD
HQTITIQEMPEKAPAGQLPRSVDVILDDDLVDKAKPGDRVQVVGTYRCLPGKKGGYTSGTFRTVLIACNVKQMSKDAQPS
FSAEDIAKIKKFSKTRSKDIFDQLAKSLAPSIHGHDYVKKAILCLLLGGVERDLENGSHIRGDINILLIGDPSVAKSQLL
RYVLCTAPRAIPTTGRGSSGVGLTAAVTTDQETGERRLEAGAMVLADRGVVCIDEFDKMSDMDRTAIHEVMEQGRVTIAK
AGIHARLNARCSVLAAANPVYGRYDQYKTPMENIGLQDSLLSRFDLLFIMLDQMDPEQDREISDHVLRMHRYRAPGEQDG
DAMPLGSAVDILATDDPNFSQEDQQDTQIYEKHDNLLHGTKKKKEKMVSAAFMKKYIHVAKIIKPVLTQESATYIAEEYS
RLRSQDSMSSDTARTSPVTARTLETLIRLATAHAKARMSKTVDLQDAEEAVELVQYAYFKKVLEKEKKRKKRSEDESETE
DEEEKSQEDQEQKRKRRKTRQPDAKDGDSYDPYDFSDTEEEMPQVHTPKTADSQETKESQKVELSESRLKAFKVALLDVF
REAHAQSIGMNRLTESINRDSEEPFSSVEIQAALSKMQDDNQVMVSEGIIFLI
;
3,B
3 'polypeptide(L)'
;MSSPASTPSRRGSRRGRATPAQTPRSEDARSSPSQRRRGEDSTSTGELQPMPTSPGVDLQSPAAQDVLFSSPPQMHSSAI
PLDFDVSSPLTYGTPSSRVEGTPRSGVRGTPVRQRPDLGSAQKGLQVDLQSDGAAAEDIVASEQSLGQKLVIWGTDVNVA
ACKENFQRFLQRFIDPLAKEEENVGIDITEPLYMQRLGEINVIGEPFLNVNCEHIKSFDKNLYRQLISYPQEVIPTFDMA
VNEIFFDRYPDSILEHQIQVRPFNALKTKNMRNLNPEDIDQLITISGMVIRTSQLIPEMQEAFFQCQVCAHTTRVEMDRG
RIAEPSVCGRCHTTHSMALIHNRSLFSDKQMIKLQESPEDMPAGQTPHTVILFAHNDLVDKVQPGDRVNVTGIYRAVPIR
VNPRVSNVKSVYKTHIDVIHYRKTDAKRLHGLDEEAEQKLFSEKRVELLKELSRKPDIYERLASALAPSIYEHEDIKKGI
LLQLFGGTRKDFSHTGRGKFRAEINILLCGDPGTSKSQLLQYVYNLVPRGQYTSGKGSSAVGLTAYVMKDPETRQLVLQT
GALVLSDNGICCIDEFDKMNESTRSVLHEVMEQQTLSIAKAGIICQLNARTSVLAAANPIESQWNPKKTTIENIQLPHTL
LSRFDLIFLLLDPQDEAYDRRLAHHLVALYYQSEEQAEEELLDMAVLKDYIAYAHSTIMPRLSEEASQALIEAYVDMRKI
GSSRGMVSAYPRQLESLIRLAEAHAKVRLSNKVEAIDVEEAKRLHREALKQSATDPRTGIVDISILTTGMSATSRKRKEE
LAEALKKLILSKGKTPALKYQQLFEDIRGQSDIAITKDMFEEALRALADDDFLTVTGKTVRLL
;
4,C
4 'polypeptide(L)'
;MSGFDDPGIFYSDSFGGDAQADEGQARKSQLQRRFKEFLRQYRVGTDRTGFTFKYRDELKRHYNLGEYWIEVEMEDLASF
DEDLADYLYKQPAEHLQLLEEAAKEVADEVTRPRPSGEEVLQDIQVMLKSDASPSSIRSLKSDMMSHLVKIPGIIIAASA
VRAKATRISIQCRSCRNTLTNIAMRPGLEGYALPRKCNTDQAGRPKCPLDPYFIMPDKCKCVDFQTLKLQELPDAVPHGE
MPRHMQLYCDRYLCDKVVPGNRVTIMGIYSIKKFGLTTSRGRDRVGVGIRSSYIRVLGIQVDTDGSGRSFAGAVSPQEEE
EFRRLAALPNVYEVISKSIAPSIFGGTDMKKAIACLLFGGSRKRLPDGLTRRGDINLLMLGDPGTAKSQLLKFVEKCSPI
GVYTSGKGSSAAGLTASVMRDPSSRNFIMEGGAMVLADGGVVCIDEFDKMREDDRVAIHEAMEQQTISIAKAGITTTLNS
RCSVLAAANSVFGRWDETKGEDNIDFMPTILSRFDMIFIVKDEHNEERDVMLAKHVITLHVSALTQTQAVEGEIDLAKLK
KFIAYCRVKCGPRLSAEAAEKLKNRYIIMRSGARQHERDSDRRSSIPITVRQLEAIVRIAEALSKMKLQPFATEADVEEA
LRLFQVSTLDAALSGTLSGVEGFTSQEDQEMLSRIEKQLKRRFAIGSQVSEHSIIKDFTKQKYPEHAIHKVLQLMLRRGE
IQHRMQRKVLYRLK
;
5,D
5 'polypeptide(L)'
;MDLAAAAEPGAGSQHLEVRDEVAEKCQKLFLDFLEEFQSSDGEIKYLQLAEELIRPERNTLVVSFVDLEQFNQQLSTTIQ
EEFYRVYPYLCRALKTFVKDRKEIPLAKDFYVAFQDLPTRHKIRELTSSRIGLLTRISGQVVRTHPVHPELVSGTFLCLD
CQTVIRDVEQQFKYTQPNICRNPVCANRRRFLLDTNKSRFVDFQKVRIQETQAELPRGSIPRSLEVILRAEAVESAQAGD
KCDFTGTLIVVPDVSKLSTPGARAETNSRVSGVDGYETEGIRGLRALGVRDLSYRLVFLACCVAPTNPRFGGKELRDEEQ
TAESIKNQMTVKEWEKVFEMSQDKNLYHNLCTSLFPTIHGNDEVKRGVLLMLFGGVPKTTGEGTSLRGDINVCIVGDPST
AKSQFLKHVEEFSPRAVYTSGKASSAAGLTAAVVRDEESHEFVIEAGALMLADNGVCCIDEFDKMDVRDQVAIHEAMEQQ
TISITKAGVKATLNARTSILAAANPISGHYDRSKSLKQNINLSAPIMSRFDLFFILVDECNEVTDYAIARRIVDLHSRIE
ESIDRVYSLDDIRRYLLFARQFKPKISKESEDFIVEQYKHLRQRDGSGVTKSSWRITVRQLESMIRLSEAMARMHCCDEV
QPKHVKEAFRLLNKSIIRVETPDVNLDQEEEIQMEVDEGAGGINGHADSPAPVNGINGYNEDINQESAPKASLRLGFSEY
CRISNLIVLHLRKVEEEEDESALKRSELVNWYLKEIESEIDSEEELINKKRIIEKVIHRLTHYDHVLIELTQAGLKGSTE
GSESYEEDPYLVVNPNYLLED
;
6,E
6 'polypeptide(L)'
;MALKDYALEKEKVKKFLQEFYQDDELGKKQFKYGNQLVRLAHREQVALYVDLDDVAEDDPELVDSICENARRYAKLFADA
VQELLPQYKEREVVNKDVLDVYIEHRLMMEQRSRDPGMVRSPQNQYPAELMRRFELYFQGPSSNKPRVIREVRADSVGKL
VTVRGIVTRVSEVKPKMVVATYTCDQCGAETYQPIQSPTFMPLIMCPSQECQTNRSGGRLYLQTRGSRFIKFQEMKMQEH
SDQVPVGNIPRSITVLVEGENTRIAQPGDHVSVTGIFLPILRTGFRQVVQGLLSETYLEAHRIVKMNKSEDDESGAGELT
REELRQIAEEDFYEKLAASIAPEIYGHEDVKKALLLLLVGGVDQSPRGMKIRGNINICLMGDPGVAKSQLLSYIDRLAPR
SQYTTGRGSSGVGLTAAVLRDSVSGELTLEGGALVLADQGVCCIDEFDKMAEADRTAIHEVMEQQTISIAKAGILTTLNA
RCSILAAANPAYGRYNPRRSLEQNIQLPAALLSRFDLLWLIQDRPDRDNDLRLAQHITYVHQHSRQPPSQFEPLDMKLMR
RYIAMCREKQPMVPESLADYITAAYVEMRREAWASKDATYTSARTLLAILRLSTALARLRMVDVVEKEDVNEAIRLMEMS
KDSLLGDKGQTARTQRPADVIFATVRELVSGGRSVRFSEAEQRCVSRGFTPAQFQAALDEYEELNVWQVNASRTRITFV
;
7,F
7 'polydeoxyribonucleotide'
;(DA)(DA)(DA)(DA)(DA)(DA)(DA)(DA)(DA)(DA)(DA)(DA)(DA)(DA)(DA)(DA)(DA)(DA)(DA)(DA)
(DA)(DA)(DA)(DA)(DA)(DA)(DA)(DA)(DA)(DA)(DA)(DA)(DA)(DA)(DA)(DA)(DA)(DA)(DA)(DA)
(DA)(DA)(DA)(DA)(DA)(DA)(DA)(DA)(DA)
;
O
8 'polydeoxyribonucleotide'
;(DT)(DT)(DT)(DT)(DT)(DT)(DT)(DT)(DT)(DT)(DT)(DT)(DT)(DT)(DT)(DT)(DT)(DT)(DT)(DT)
(DT)(DT)(DT)(DT)(DT)(DT)(DT)(DT)(DT)(DT)(DT)(DT)(DT)(DT)(DT)(DT)(DT)(DT)(DT)(DT)
(DT)(DT)(DT)(DT)(DT)(DT)(DT)(DT)(DT)
;
S
#
# COMPACT_ATOMS: atom_id res chain seq x y z
N ASP A 176 15.73 55.01 1.85
CA ASP A 176 16.96 55.32 2.59
C ASP A 176 17.72 54.06 3.00
N LEU A 177 17.80 53.87 4.31
CA LEU A 177 18.54 52.78 4.93
C LEU A 177 18.02 52.64 6.36
N LYS A 178 18.80 51.94 7.19
CA LYS A 178 18.55 51.78 8.64
C LYS A 178 17.13 51.30 8.92
N GLY A 179 16.89 50.06 8.50
CA GLY A 179 15.69 49.34 8.88
C GLY A 179 15.92 48.52 10.13
N HIS A 180 15.89 47.19 10.01
CA HIS A 180 16.20 46.32 11.14
C HIS A 180 17.28 45.29 10.86
N SER A 181 17.26 44.67 9.69
CA SER A 181 18.24 43.65 9.34
C SER A 181 18.54 43.76 7.86
N VAL A 182 19.83 43.90 7.53
CA VAL A 182 20.23 44.29 6.18
C VAL A 182 19.64 43.36 5.13
N ARG A 183 19.71 42.06 5.38
CA ARG A 183 19.10 41.10 4.46
C ARG A 183 17.61 41.33 4.35
N GLU A 184 16.92 41.42 5.49
CA GLU A 184 15.49 41.70 5.46
C GLU A 184 15.21 43.10 4.95
N TRP A 185 16.12 44.04 5.20
CA TRP A 185 15.94 45.39 4.68
C TRP A 185 15.88 45.38 3.16
N VAL A 186 16.79 44.65 2.52
CA VAL A 186 16.85 44.68 1.07
C VAL A 186 15.95 43.64 0.42
N SER A 187 15.38 42.74 1.21
CA SER A 187 14.37 41.85 0.65
C SER A 187 13.05 42.56 0.41
N MET A 188 12.78 43.62 1.17
CA MET A 188 11.53 44.35 1.01
C MET A 188 11.44 45.00 -0.36
N ALA A 189 10.22 45.14 -0.86
CA ALA A 189 10.00 45.64 -2.22
C ALA A 189 10.56 47.05 -2.37
N GLY A 190 10.34 47.89 -1.37
CA GLY A 190 10.75 49.27 -1.44
C GLY A 190 12.24 49.41 -1.64
N PRO A 191 13.02 48.97 -0.65
CA PRO A 191 14.47 49.07 -0.78
C PRO A 191 15.03 48.23 -1.91
N ARG A 192 14.42 47.09 -2.23
CA ARG A 192 14.90 46.30 -3.35
C ARG A 192 14.82 47.08 -4.65
N LEU A 193 13.65 47.66 -4.93
CA LEU A 193 13.47 48.45 -6.14
C LEU A 193 14.35 49.69 -6.11
N GLU A 194 14.47 50.32 -4.95
CA GLU A 194 15.30 51.51 -4.85
C GLU A 194 16.76 51.19 -5.14
N ILE A 195 17.25 50.05 -4.63
CA ILE A 195 18.61 49.59 -4.89
C ILE A 195 18.78 49.28 -6.38
N HIS A 196 17.76 48.67 -6.98
CA HIS A 196 17.78 48.42 -8.41
C HIS A 196 18.02 49.70 -9.18
N HIS A 197 17.24 50.74 -8.89
CA HIS A 197 17.40 51.99 -9.64
C HIS A 197 18.72 52.67 -9.32
N ARG A 198 19.18 52.60 -8.07
CA ARG A 198 20.46 53.21 -7.74
C ARG A 198 21.60 52.55 -8.50
N PHE A 199 21.57 51.23 -8.62
CA PHE A 199 22.63 50.55 -9.36
C PHE A 199 22.52 50.85 -10.84
N LYS A 200 21.31 50.97 -11.37
CA LYS A 200 21.15 51.41 -12.76
C LYS A 200 21.78 52.78 -12.98
N ASN A 201 21.48 53.71 -12.08
CA ASN A 201 22.05 55.04 -12.18
C ASN A 201 23.56 55.00 -12.11
N PHE A 202 24.12 54.18 -11.23
CA PHE A 202 25.57 54.07 -11.14
C PHE A 202 26.15 53.50 -12.43
N LEU A 203 25.50 52.48 -13.00
CA LEU A 203 26.01 51.90 -14.23
C LEU A 203 26.01 52.90 -15.37
N ARG A 204 24.93 53.68 -15.49
CA ARG A 204 24.86 54.65 -16.58
C ARG A 204 25.82 55.80 -16.35
N THR A 205 25.92 56.28 -15.12
CA THR A 205 26.48 57.59 -14.86
C THR A 205 27.84 57.58 -14.19
N HIS A 206 28.32 56.43 -13.73
CA HIS A 206 29.69 56.40 -13.24
C HIS A 206 30.59 56.50 -14.45
N VAL A 207 31.11 57.69 -14.71
CA VAL A 207 31.74 57.92 -15.99
C VAL A 207 33.16 57.38 -15.92
N ASP A 208 34.02 58.06 -15.17
CA ASP A 208 35.42 57.70 -15.07
C ASP A 208 36.13 58.71 -14.18
N SER A 209 37.44 58.55 -14.01
CA SER A 209 38.25 59.62 -13.45
C SER A 209 38.47 60.76 -14.46
N HIS A 210 38.29 60.49 -15.76
CA HIS A 210 38.57 61.48 -16.77
C HIS A 210 37.47 61.53 -17.83
N GLY A 211 36.23 61.20 -17.45
CA GLY A 211 35.13 61.29 -18.37
C GLY A 211 35.18 60.27 -19.49
N HIS A 212 34.98 58.99 -19.17
CA HIS A 212 35.02 57.94 -20.17
C HIS A 212 33.80 57.03 -20.20
N ASN A 213 32.99 56.99 -19.14
CA ASN A 213 31.84 56.09 -19.05
C ASN A 213 32.26 54.64 -19.29
N VAL A 214 33.05 54.15 -18.34
CA VAL A 214 33.73 52.86 -18.49
C VAL A 214 32.74 51.74 -18.74
N PHE A 215 31.55 51.84 -18.17
CA PHE A 215 30.60 50.74 -18.33
C PHE A 215 30.07 50.67 -19.75
N LYS A 216 30.03 51.80 -20.47
CA LYS A 216 29.59 51.77 -21.86
C LYS A 216 30.46 50.84 -22.70
N GLU A 217 31.75 51.15 -22.77
CA GLU A 217 32.61 50.31 -23.60
C GLU A 217 32.91 48.97 -22.95
N ARG A 218 32.75 48.85 -21.62
CA ARG A 218 32.84 47.54 -21.00
C ARG A 218 31.71 46.63 -21.49
N ILE A 219 30.49 47.15 -21.51
CA ILE A 219 29.37 46.39 -22.03
C ILE A 219 29.55 46.14 -23.52
N SER A 220 30.16 47.08 -24.23
CA SER A 220 30.47 46.86 -25.63
C SER A 220 31.43 45.68 -25.80
N ASP A 221 32.46 45.60 -24.97
CA ASP A 221 33.40 44.49 -25.06
C ASP A 221 32.76 43.17 -24.64
N MET A 222 31.89 43.23 -23.63
CA MET A 222 31.19 42.05 -23.18
C MET A 222 30.29 41.51 -24.29
N CYS A 223 29.37 42.34 -24.78
CA CYS A 223 28.46 41.95 -25.84
C CYS A 223 29.16 41.74 -27.17
N LYS A 224 30.43 42.15 -27.28
CA LYS A 224 31.17 41.88 -28.49
C LYS A 224 31.42 40.40 -28.68
N GLU A 225 31.98 39.73 -27.66
CA GLU A 225 32.31 38.33 -27.75
C GLU A 225 31.46 37.46 -26.84
N ASN A 226 30.23 37.89 -26.58
CA ASN A 226 29.20 37.04 -25.96
C ASN A 226 29.66 36.54 -24.58
N ARG A 227 29.95 37.48 -23.69
CA ARG A 227 30.68 37.16 -22.48
C ARG A 227 29.84 37.11 -21.21
N GLU A 228 28.63 37.67 -21.21
CA GLU A 228 27.66 37.55 -20.12
C GLU A 228 28.20 37.88 -18.74
N SER A 229 29.38 38.49 -18.64
CA SER A 229 29.99 38.78 -17.35
C SER A 229 30.43 40.23 -17.31
N LEU A 230 29.98 40.95 -16.29
CA LEU A 230 30.26 42.37 -16.14
C LEU A 230 31.02 42.59 -14.84
N VAL A 231 32.30 42.92 -14.94
CA VAL A 231 33.11 43.13 -13.75
C VAL A 231 32.94 44.56 -13.27
N VAL A 232 32.46 44.71 -12.04
CA VAL A 232 32.27 46.00 -11.41
C VAL A 232 33.34 46.13 -10.34
N ASN A 233 34.14 47.19 -10.42
CA ASN A 233 35.08 47.47 -9.35
C ASN A 233 34.34 47.91 -8.10
N TYR A 234 34.89 47.56 -6.96
CA TYR A 234 34.31 47.97 -5.69
C TYR A 234 34.73 49.36 -5.28
N GLU A 235 35.93 49.79 -5.69
CA GLU A 235 36.43 51.10 -5.28
C GLU A 235 35.49 52.18 -5.76
N ASP A 236 35.16 52.15 -7.06
CA ASP A 236 34.33 53.19 -7.64
C ASP A 236 32.87 53.04 -7.24
N LEU A 237 32.39 51.83 -6.98
CA LEU A 237 31.05 51.67 -6.46
C LEU A 237 30.93 52.23 -5.05
N ALA A 238 31.98 52.09 -4.25
CA ALA A 238 31.97 52.71 -2.93
C ALA A 238 32.12 54.21 -3.04
N ALA A 239 32.79 54.69 -4.09
CA ALA A 239 32.86 56.12 -4.33
C ALA A 239 31.48 56.68 -4.72
N ARG A 240 30.93 56.22 -5.83
CA ARG A 240 29.72 56.81 -6.39
C ARG A 240 28.52 56.54 -5.50
N GLU A 241 28.36 55.29 -5.06
CA GLU A 241 27.18 54.90 -4.29
C GLU A 241 27.63 54.08 -3.10
N HIS A 242 27.98 54.76 -2.01
CA HIS A 242 28.55 54.08 -0.86
C HIS A 242 27.53 53.26 -0.10
N VAL A 243 26.24 53.57 -0.22
CA VAL A 243 25.24 52.84 0.56
C VAL A 243 25.13 51.42 0.04
N LEU A 244 25.10 51.26 -1.28
CA LEU A 244 25.15 49.92 -1.87
C LEU A 244 26.44 49.21 -1.49
N ALA A 245 27.55 49.95 -1.44
CA ALA A 245 28.82 49.31 -1.12
C ALA A 245 28.88 48.88 0.33
N TYR A 246 28.11 49.53 1.20
CA TYR A 246 27.99 49.07 2.56
C TYR A 246 27.09 47.85 2.64
N PHE A 247 26.01 47.85 1.86
CA PHE A 247 25.05 46.77 1.93
C PHE A 247 25.61 45.49 1.34
N LEU A 248 26.41 45.60 0.30
CA LEU A 248 26.77 44.45 -0.51
C LEU A 248 27.50 43.36 0.27
N PRO A 249 28.54 43.65 1.06
CA PRO A 249 29.15 42.56 1.83
C PRO A 249 28.22 41.90 2.82
N GLU A 250 27.30 42.65 3.44
CA GLU A 250 26.41 42.04 4.43
C GLU A 250 25.37 41.13 3.81
N ALA A 251 24.83 41.50 2.66
CA ALA A 251 23.80 40.71 1.98
C ALA A 251 24.17 40.54 0.53
N PRO A 252 25.17 39.74 0.24
CA PRO A 252 25.67 39.66 -1.13
C PRO A 252 24.77 38.87 -2.06
N ALA A 253 24.02 37.90 -1.54
CA ALA A 253 23.14 37.13 -2.41
C ALA A 253 22.09 38.03 -3.04
N GLU A 254 21.37 38.77 -2.21
CA GLU A 254 20.29 39.63 -2.71
C GLU A 254 20.85 40.80 -3.50
N LEU A 255 21.85 41.49 -2.95
CA LEU A 255 22.44 42.61 -3.67
C LEU A 255 22.98 42.17 -5.02
N LEU A 256 23.56 40.97 -5.10
CA LEU A 256 24.09 40.52 -6.36
C LEU A 256 22.98 40.14 -7.33
N GLN A 257 21.88 39.57 -6.81
CA GLN A 257 20.72 39.33 -7.67
C GLN A 257 20.20 40.63 -8.27
N ILE A 258 20.09 41.65 -7.43
CA ILE A 258 19.63 42.96 -7.87
C ILE A 258 20.57 43.53 -8.91
N PHE A 259 21.87 43.46 -8.64
CA PHE A 259 22.85 43.98 -9.57
C PHE A 259 22.76 43.27 -10.90
N ASP A 260 22.60 41.95 -10.86
CA ASP A 260 22.52 41.17 -12.10
C ASP A 260 21.33 41.60 -12.94
N GLU A 261 20.16 41.74 -12.31
CA GLU A 261 18.99 42.11 -13.10
C GLU A 261 19.07 43.53 -13.62
N ALA A 262 19.59 44.46 -12.80
CA ALA A 262 19.74 45.84 -13.26
C ALA A 262 20.70 45.91 -14.44
N ALA A 263 21.83 45.21 -14.35
CA ALA A 263 22.77 45.20 -15.45
C ALA A 263 22.17 44.55 -16.68
N LEU A 264 21.36 43.51 -16.50
CA LEU A 264 20.75 42.86 -17.64
C LEU A 264 19.87 43.83 -18.40
N GLU A 265 19.06 44.61 -17.68
CA GLU A 265 18.18 45.51 -18.40
C GLU A 265 18.93 46.72 -18.95
N VAL A 266 20.01 47.15 -18.30
CA VAL A 266 20.84 48.18 -18.90
C VAL A 266 21.43 47.69 -20.22
N VAL A 267 21.91 46.45 -20.24
CA VAL A 267 22.50 45.89 -21.46
C VAL A 267 21.43 45.77 -22.54
N LEU A 268 20.23 45.31 -22.17
CA LEU A 268 19.16 45.22 -23.16
C LEU A 268 18.83 46.58 -23.74
N ALA A 269 18.86 47.61 -22.89
CA ALA A 269 18.74 48.97 -23.41
C ALA A 269 19.84 49.25 -24.44
N MET A 270 21.08 48.88 -24.12
CA MET A 270 22.18 49.19 -25.03
C MET A 270 22.20 48.29 -26.25
N TYR A 271 21.95 47.00 -26.08
CA TYR A 271 21.93 46.04 -27.19
C TYR A 271 20.65 45.23 -27.11
N PRO A 272 19.53 45.76 -27.61
CA PRO A 272 18.26 45.02 -27.48
C PRO A 272 18.28 43.65 -28.10
N LYS A 273 19.05 43.44 -29.16
CA LYS A 273 19.12 42.11 -29.75
C LYS A 273 19.79 41.10 -28.84
N TYR A 274 20.60 41.56 -27.89
CA TYR A 274 21.47 40.67 -27.12
C TYR A 274 20.68 39.77 -26.19
N ASP A 275 19.38 40.01 -26.05
CA ASP A 275 18.56 39.22 -25.12
C ASP A 275 18.44 37.76 -25.54
N ARG A 276 18.78 37.43 -26.80
CA ARG A 276 18.72 36.01 -27.15
C ARG A 276 19.88 35.25 -26.58
N ILE A 277 20.87 35.98 -26.05
CA ILE A 277 22.12 35.39 -25.58
C ILE A 277 22.09 35.44 -24.06
N THR A 278 21.78 34.29 -23.45
CA THR A 278 22.04 33.97 -22.05
C THR A 278 21.14 34.67 -21.03
N ASN A 279 20.37 35.67 -21.46
CA ASN A 279 19.34 36.32 -20.64
C ASN A 279 19.74 36.55 -19.19
N HIS A 280 21.03 36.73 -18.94
CA HIS A 280 21.52 36.90 -17.58
C HIS A 280 22.92 37.46 -17.58
N ILE A 281 23.13 38.54 -16.85
CA ILE A 281 24.42 39.20 -16.74
C ILE A 281 24.96 38.97 -15.34
N HIS A 282 26.18 38.45 -15.27
CA HIS A 282 26.81 38.17 -13.98
C HIS A 282 27.68 39.35 -13.58
N VAL A 283 27.30 40.01 -12.50
CA VAL A 283 28.09 41.12 -11.97
C VAL A 283 29.16 40.55 -11.06
N ARG A 284 30.41 40.61 -11.50
CA ARG A 284 31.52 40.26 -10.66
C ARG A 284 32.02 41.52 -9.97
N ILE A 285 32.63 41.34 -8.82
CA ILE A 285 33.06 42.47 -8.01
C ILE A 285 34.54 42.33 -7.72
N SER A 286 35.30 43.37 -8.02
CA SER A 286 36.74 43.35 -7.91
C SER A 286 37.22 44.28 -6.82
N HIS A 287 38.37 43.96 -6.26
CA HIS A 287 39.05 44.78 -5.29
C HIS A 287 38.18 45.03 -4.06
N LEU A 288 37.43 44.03 -3.66
CA LEU A 288 36.71 44.11 -2.40
C LEU A 288 37.73 44.37 -1.30
N PRO A 289 37.51 45.38 -0.46
CA PRO A 289 38.65 45.96 0.27
C PRO A 289 39.32 45.02 1.24
N LEU A 290 38.55 44.41 2.12
CA LEU A 290 39.09 43.62 3.22
C LEU A 290 39.24 42.16 2.79
N VAL A 291 40.45 41.64 2.90
CA VAL A 291 40.78 40.29 2.47
C VAL A 291 41.04 39.45 3.72
N GLU A 292 40.20 38.46 3.94
CA GLU A 292 40.36 37.51 5.03
C GLU A 292 41.07 36.28 4.49
N GLU A 293 42.03 35.77 5.23
CA GLU A 293 42.71 34.59 4.73
C GLU A 293 42.02 33.33 5.20
N LEU A 294 42.34 32.21 4.54
CA LEU A 294 41.54 31.00 4.68
C LEU A 294 41.45 30.54 6.13
N ARG A 295 42.49 30.77 6.91
CA ARG A 295 42.49 30.28 8.27
C ARG A 295 41.66 31.14 9.21
N SER A 296 41.40 32.39 8.87
CA SER A 296 40.72 33.28 9.77
C SER A 296 39.21 33.34 9.52
N LEU A 297 38.70 32.57 8.57
CA LEU A 297 37.28 32.53 8.31
C LEU A 297 36.53 31.90 9.48
N ARG A 298 35.47 32.55 9.91
CA ARG A 298 34.69 32.15 11.07
C ARG A 298 33.23 32.11 10.69
N GLN A 299 32.38 31.81 11.66
CA GLN A 299 30.96 31.90 11.40
C GLN A 299 30.46 33.34 11.44
N LEU A 300 31.29 34.25 11.93
CA LEU A 300 31.03 35.67 11.76
C LEU A 300 30.97 36.05 10.30
N HIS A 301 31.66 35.32 9.45
CA HIS A 301 31.74 35.59 8.03
C HIS A 301 30.67 34.87 7.23
N LEU A 302 29.76 34.16 7.87
CA LEU A 302 28.80 33.37 7.12
C LEU A 302 27.83 34.26 6.36
N ASN A 303 27.52 33.86 5.13
CA ASN A 303 26.61 34.57 4.25
C ASN A 303 27.11 35.96 3.90
N GLN A 304 28.42 36.15 3.87
CA GLN A 304 29.00 37.43 3.54
C GLN A 304 29.95 37.29 2.37
N LEU A 305 30.18 38.41 1.70
CA LEU A 305 31.12 38.45 0.60
C LEU A 305 32.52 38.66 1.15
N ILE A 306 33.42 37.74 0.85
CA ILE A 306 34.79 37.79 1.36
C ILE A 306 35.74 37.70 0.18
N ARG A 307 36.94 38.22 0.39
CA ARG A 307 38.08 37.95 -0.48
C ARG A 307 39.08 37.11 0.28
N THR A 308 39.47 35.99 -0.29
CA THR A 308 40.58 35.21 0.20
C THR A 308 41.62 35.13 -0.89
N SER A 309 42.63 34.34 -0.65
CA SER A 309 43.71 34.16 -1.60
C SER A 309 44.35 32.82 -1.27
N GLY A 310 44.73 32.09 -2.30
CA GLY A 310 45.35 30.82 -2.04
C GLY A 310 45.77 30.15 -3.33
N VAL A 311 46.00 28.86 -3.23
CA VAL A 311 46.45 28.06 -4.35
C VAL A 311 45.37 27.03 -4.65
N VAL A 312 44.99 26.91 -5.92
CA VAL A 312 44.08 25.85 -6.31
C VAL A 312 44.82 24.53 -6.21
N THR A 313 44.30 23.61 -5.42
CA THR A 313 44.91 22.30 -5.30
C THR A 313 44.19 21.25 -6.11
N SER A 314 42.87 21.34 -6.22
CA SER A 314 42.10 20.39 -7.00
C SER A 314 41.00 21.14 -7.72
N CYS A 315 40.51 20.52 -8.78
CA CYS A 315 39.54 21.17 -9.66
C CYS A 315 38.82 20.08 -10.44
N THR A 316 37.51 19.95 -10.24
CA THR A 316 36.74 18.98 -11.00
C THR A 316 36.68 19.38 -12.46
N GLY A 317 36.19 18.47 -13.28
CA GLY A 317 35.80 18.85 -14.61
C GLY A 317 34.57 19.73 -14.57
N VAL A 318 34.27 20.36 -15.69
CA VAL A 318 33.05 21.16 -15.77
C VAL A 318 31.85 20.24 -15.71
N LEU A 319 31.05 20.39 -14.72
CA LEU A 319 29.87 19.56 -14.68
C LEU A 319 28.66 20.35 -15.16
N PRO A 320 27.71 19.69 -15.75
CA PRO A 320 26.45 20.34 -16.08
C PRO A 320 25.47 20.32 -14.92
N GLN A 321 25.14 21.48 -14.39
CA GLN A 321 24.22 21.57 -13.26
C GLN A 321 22.87 22.03 -13.75
N LEU A 322 21.81 21.39 -13.27
CA LEU A 322 20.48 21.84 -13.60
C LEU A 322 20.33 23.31 -13.24
N SER A 323 19.81 24.10 -14.18
CA SER A 323 19.65 25.53 -13.96
C SER A 323 18.18 25.92 -13.93
N MET A 324 17.46 25.67 -15.02
CA MET A 324 16.02 25.88 -15.12
C MET A 324 15.48 24.54 -15.59
N VAL A 325 15.08 23.73 -14.64
CA VAL A 325 14.88 22.30 -14.86
C VAL A 325 13.42 22.01 -15.11
N LYS A 326 13.13 21.30 -16.20
CA LYS A 326 11.82 20.82 -16.52
C LYS A 326 11.75 19.32 -16.27
N TYR A 327 10.61 18.87 -15.77
CA TYR A 327 10.44 17.49 -15.37
C TYR A 327 9.42 16.82 -16.25
N ASN A 328 9.45 15.50 -16.26
CA ASN A 328 8.41 14.69 -16.90
C ASN A 328 7.59 14.02 -15.82
N CYS A 329 6.30 14.25 -15.80
CA CYS A 329 5.45 13.40 -14.99
C CYS A 329 5.37 12.05 -15.66
N ASN A 330 5.99 11.05 -15.08
CA ASN A 330 5.96 9.76 -15.76
C ASN A 330 4.75 8.97 -15.31
N LYS A 331 3.63 9.65 -15.35
CA LYS A 331 2.33 9.07 -15.17
C LYS A 331 1.45 9.58 -16.30
N CYS A 332 1.74 10.78 -16.78
CA CYS A 332 1.01 11.36 -17.88
C CYS A 332 1.88 12.07 -18.89
N ASN A 333 3.19 12.10 -18.70
CA ASN A 333 4.17 12.64 -19.63
C ASN A 333 4.09 14.15 -19.77
N PHE A 334 3.31 14.82 -18.95
CA PHE A 334 3.30 16.27 -18.94
C PHE A 334 4.66 16.79 -18.52
N VAL A 335 5.09 17.89 -19.14
CA VAL A 335 6.39 18.48 -18.85
C VAL A 335 6.19 19.56 -17.80
N LEU A 336 6.59 19.27 -16.57
CA LEU A 336 6.42 20.21 -15.47
C LEU A 336 7.29 21.43 -15.68
N GLY A 337 6.70 22.59 -15.54
CA GLY A 337 7.27 23.84 -15.99
C GLY A 337 8.60 24.13 -15.36
N PRO A 338 9.32 25.10 -15.90
CA PRO A 338 10.71 25.31 -15.48
C PRO A 338 10.80 25.77 -14.04
N PHE A 339 11.61 25.09 -13.26
CA PHE A 339 11.85 25.42 -11.88
C PHE A 339 13.28 25.91 -11.76
N CYS A 340 13.49 26.92 -10.95
CA CYS A 340 14.82 27.45 -10.76
C CYS A 340 15.56 26.61 -9.75
N GLN A 341 16.76 26.18 -10.10
CA GLN A 341 17.59 25.38 -9.23
C GLN A 341 18.46 26.31 -8.42
N SER A 342 18.23 26.35 -7.11
CA SER A 342 19.09 27.14 -6.26
C SER A 342 20.33 26.36 -5.89
N GLN A 343 21.30 27.06 -5.33
CA GLN A 343 22.56 26.43 -5.01
C GLN A 343 22.51 25.69 -3.69
N ASN A 344 21.40 25.71 -2.97
CA ASN A 344 21.41 25.17 -1.63
C ASN A 344 20.26 24.23 -1.33
N GLN A 345 19.53 23.77 -2.34
CA GLN A 345 18.38 22.91 -2.09
C GLN A 345 17.99 22.21 -3.38
N GLU A 346 17.74 20.92 -3.29
CA GLU A 346 17.32 20.16 -4.46
C GLU A 346 15.87 20.49 -4.78
N VAL A 347 15.62 21.00 -5.97
CA VAL A 347 14.25 21.30 -6.37
C VAL A 347 13.48 20.00 -6.52
N LYS A 348 12.31 19.94 -5.88
CA LYS A 348 11.44 18.78 -5.99
C LYS A 348 10.03 19.29 -6.26
N PRO A 349 9.41 18.92 -7.37
CA PRO A 349 8.03 19.34 -7.61
C PRO A 349 7.08 18.68 -6.64
N GLY A 350 5.87 19.22 -6.60
CA GLY A 350 4.84 18.74 -5.70
C GLY A 350 3.97 17.78 -6.45
N SER A 351 2.86 18.26 -6.98
CA SER A 351 1.98 17.47 -7.83
C SER A 351 2.26 17.78 -9.28
N CYS A 352 1.84 16.82 -10.22
CA CYS A 352 2.00 17.58 -11.44
C CYS A 352 0.72 18.35 -11.72
N PRO A 353 0.80 19.51 -12.35
CA PRO A 353 -0.39 20.34 -12.47
C PRO A 353 -1.50 19.73 -13.29
N GLU A 354 -1.23 18.75 -14.13
CA GLU A 354 -2.28 18.15 -14.92
C GLU A 354 -2.99 17.01 -14.20
N CYS A 355 -2.28 15.94 -13.93
CA CYS A 355 -2.89 14.74 -13.39
C CYS A 355 -2.79 14.67 -11.89
N GLN A 356 -2.15 15.65 -11.27
CA GLN A 356 -2.14 15.81 -9.83
C GLN A 356 -1.49 14.63 -9.13
N SER A 357 -0.56 13.96 -9.82
CA SER A 357 0.17 12.89 -9.19
C SER A 357 1.29 13.47 -8.36
N ALA A 358 1.34 13.08 -7.10
CA ALA A 358 2.55 13.35 -6.33
C ALA A 358 3.70 12.49 -6.79
N GLY A 359 3.40 11.53 -7.65
CA GLY A 359 4.25 10.41 -7.98
C GLY A 359 5.52 10.82 -8.64
N PRO A 360 6.24 9.84 -9.16
CA PRO A 360 7.62 10.08 -9.57
C PRO A 360 7.71 11.05 -10.72
N PHE A 361 8.75 11.84 -10.71
CA PHE A 361 9.07 12.72 -11.81
C PHE A 361 10.47 12.39 -12.27
N GLU A 362 10.83 12.89 -13.44
CA GLU A 362 12.17 12.72 -13.94
C GLU A 362 12.56 13.99 -14.64
N VAL A 363 13.83 14.36 -14.52
CA VAL A 363 14.35 15.47 -15.30
C VAL A 363 14.06 15.23 -16.76
N ASN A 364 13.40 16.20 -17.40
CA ASN A 364 13.38 16.26 -18.85
C ASN A 364 14.69 16.90 -19.28
N MET A 365 15.61 16.11 -19.82
CA MET A 365 16.93 16.65 -20.09
C MET A 365 17.02 17.38 -21.41
N GLU A 366 16.00 17.27 -22.25
CA GLU A 366 16.02 18.00 -23.50
C GLU A 366 15.50 19.41 -23.34
N GLU A 367 14.56 19.63 -22.44
CA GLU A 367 14.02 20.95 -22.22
C GLU A 367 14.60 21.66 -21.01
N THR A 368 15.37 20.96 -20.19
CA THR A 368 16.11 21.61 -19.12
C THR A 368 17.24 22.44 -19.72
N ILE A 369 17.56 23.54 -19.06
CA ILE A 369 18.81 24.23 -19.37
C ILE A 369 19.72 24.03 -18.18
N TYR A 370 21.01 23.97 -18.45
CA TYR A 370 22.03 23.69 -17.45
C TYR A 370 22.94 24.88 -17.36
N GLN A 371 23.85 24.84 -16.40
CA GLN A 371 24.92 25.80 -16.35
C GLN A 371 26.20 25.07 -15.97
N ASN A 372 27.32 25.66 -16.34
CA ASN A 372 28.59 25.04 -16.01
C ASN A 372 28.83 25.13 -14.51
N TYR A 373 29.28 24.03 -13.94
CA TYR A 373 29.56 23.97 -12.52
C TYR A 373 30.93 23.35 -12.32
N GLN A 374 31.71 23.97 -11.45
CA GLN A 374 33.02 23.44 -11.13
C GLN A 374 33.28 23.63 -9.65
N ARG A 375 33.86 22.63 -9.03
CA ARG A 375 34.21 22.66 -7.62
C ARG A 375 35.71 22.65 -7.52
N ILE A 376 36.29 23.72 -6.98
CA ILE A 376 37.72 23.80 -6.79
C ILE A 376 38.01 23.77 -5.30
N ARG A 377 39.20 23.34 -4.96
CA ARG A 377 39.70 23.41 -3.61
C ARG A 377 40.85 24.40 -3.60
N ILE A 378 40.86 25.28 -2.62
CA ILE A 378 41.88 26.31 -2.48
C ILE A 378 42.48 26.22 -1.09
N GLN A 379 43.78 26.00 -1.00
CA GLN A 379 44.44 26.07 0.29
C GLN A 379 45.21 27.37 0.41
N GLU A 380 45.72 27.62 1.61
CA GLU A 380 46.56 28.78 1.82
C GLU A 380 47.88 28.62 1.10
N SER A 381 48.44 29.73 0.68
CA SER A 381 49.75 29.69 0.05
C SER A 381 50.79 29.20 1.04
N PRO A 382 51.65 28.27 0.67
CA PRO A 382 52.61 27.72 1.63
C PRO A 382 53.55 28.75 2.21
N GLY A 383 53.89 29.78 1.44
CA GLY A 383 54.67 30.87 1.99
C GLY A 383 53.90 31.67 3.02
N LYS A 384 52.59 31.77 2.85
CA LYS A 384 51.77 32.58 3.73
C LYS A 384 51.42 31.87 5.03
N VAL A 385 51.79 30.60 5.17
CA VAL A 385 51.51 29.84 6.38
C VAL A 385 52.57 30.15 7.42
N ALA A 386 52.17 30.21 8.68
CA ALA A 386 53.05 30.63 9.75
C ALA A 386 54.05 29.52 10.07
N ALA A 387 54.81 29.71 11.15
CA ALA A 387 55.90 28.80 11.50
C ALA A 387 55.41 27.40 11.85
N GLY A 388 54.71 27.26 12.96
CA GLY A 388 54.16 25.96 13.26
C GLY A 388 52.66 25.98 13.06
N ARG A 389 52.23 25.51 11.91
CA ARG A 389 50.84 25.67 11.48
C ARG A 389 50.67 24.96 10.15
N LEU A 390 49.51 24.39 9.91
CA LEU A 390 49.30 23.76 8.62
C LEU A 390 48.38 24.60 7.76
N PRO A 391 48.51 24.53 6.43
CA PRO A 391 47.62 25.30 5.56
C PRO A 391 46.21 24.76 5.57
N ARG A 392 45.25 25.65 5.75
CA ARG A 392 43.84 25.32 5.68
C ARG A 392 43.34 25.46 4.25
N SER A 393 42.33 24.69 3.91
CA SER A 393 41.78 24.68 2.57
C SER A 393 40.28 24.82 2.60
N LYS A 394 39.73 25.37 1.53
CA LYS A 394 38.30 25.56 1.39
C LYS A 394 37.85 25.09 0.01
N ASP A 395 36.60 24.71 -0.09
CA ASP A 395 36.00 24.43 -1.38
C ASP A 395 35.25 25.64 -1.87
N ALA A 396 35.43 25.97 -3.14
CA ALA A 396 34.70 27.04 -3.78
C ALA A 396 33.92 26.46 -4.94
N ILE A 397 32.88 27.18 -5.36
CA ILE A 397 32.02 26.73 -6.44
C ILE A 397 32.06 27.77 -7.54
N LEU A 398 32.52 27.36 -8.71
CA LEU A 398 32.55 28.21 -9.89
C LEU A 398 31.35 27.88 -10.75
N LEU A 399 30.68 28.91 -11.25
CA LEU A 399 29.42 28.72 -11.97
C LEU A 399 29.42 29.49 -13.27
N ALA A 400 29.39 28.74 -14.37
CA ALA A 400 28.83 29.14 -15.65
C ALA A 400 29.62 30.12 -16.51
N ASP A 401 30.55 30.86 -15.89
CA ASP A 401 31.41 31.78 -16.63
C ASP A 401 32.77 31.82 -15.95
N LEU A 402 32.78 31.34 -14.71
CA LEU A 402 33.97 31.23 -13.89
C LEU A 402 34.65 29.89 -14.06
N VAL A 403 33.96 28.89 -14.60
CA VAL A 403 34.57 27.59 -14.73
C VAL A 403 35.79 27.67 -15.65
N ASP A 404 36.78 26.85 -15.35
CA ASP A 404 38.05 26.79 -16.08
C ASP A 404 38.86 28.07 -16.01
N SER A 405 38.51 29.00 -15.12
CA SER A 405 39.36 30.15 -14.89
C SER A 405 40.53 29.84 -13.98
N CYS A 406 40.51 28.68 -13.33
CA CYS A 406 41.54 28.26 -12.39
C CYS A 406 42.09 26.92 -12.84
N LYS A 407 43.34 26.68 -12.53
CA LYS A 407 43.99 25.42 -12.76
C LYS A 407 44.76 25.06 -11.50
N PRO A 408 44.91 23.79 -11.18
CA PRO A 408 45.68 23.43 -9.98
C PRO A 408 47.08 24.03 -10.01
N GLY A 409 47.50 24.55 -8.87
CA GLY A 409 48.74 25.27 -8.78
C GLY A 409 48.66 26.75 -9.04
N ASP A 410 47.50 27.25 -9.43
CA ASP A 410 47.35 28.67 -9.65
C ASP A 410 47.15 29.39 -8.32
N GLU A 411 47.77 30.55 -8.19
CA GLU A 411 47.47 31.43 -7.08
C GLU A 411 46.39 32.40 -7.53
N ILE A 412 45.25 32.36 -6.87
CA ILE A 412 44.11 33.15 -7.29
C ILE A 412 43.65 34.05 -6.15
N GLU A 413 42.96 35.12 -6.52
CA GLU A 413 42.26 35.96 -5.56
C GLU A 413 40.77 35.71 -5.73
N LEU A 414 40.17 35.04 -4.76
CA LEU A 414 38.81 34.56 -4.87
C LEU A 414 37.89 35.42 -4.02
N THR A 415 36.84 35.95 -4.64
CA THR A 415 35.81 36.73 -3.97
C THR A 415 34.51 35.94 -4.02
N GLY A 416 33.87 35.75 -2.88
CA GLY A 416 32.67 34.96 -2.92
C GLY A 416 31.90 35.05 -1.63
N ILE A 417 30.80 34.33 -1.59
CA ILE A 417 29.96 34.28 -0.41
C ILE A 417 30.40 33.10 0.45
N TYR A 418 30.77 33.37 1.69
CA TYR A 418 31.09 32.31 2.63
C TYR A 418 29.79 31.68 3.07
N HIS A 419 29.52 30.51 2.54
CA HIS A 419 28.20 29.95 2.49
C HIS A 419 28.14 28.71 3.37
N ASN A 420 27.03 28.54 4.04
CA ASN A 420 26.90 27.47 5.02
C ASN A 420 25.76 26.53 4.68
N ASN A 421 24.65 27.09 4.23
CA ASN A 421 23.36 26.44 4.35
C ASN A 421 22.93 25.84 3.01
N TYR A 422 23.47 24.66 2.70
CA TYR A 422 22.93 23.87 1.61
C TYR A 422 22.45 22.50 2.08
N ASP A 423 23.38 21.60 2.39
CA ASP A 423 23.08 20.30 2.98
C ASP A 423 24.24 19.83 3.85
N GLY A 424 25.19 20.71 4.17
CA GLY A 424 26.33 20.34 4.96
C GLY A 424 26.13 20.64 6.41
N SER A 425 25.67 19.63 7.13
CA SER A 425 25.49 19.68 8.58
C SER A 425 25.58 18.24 9.02
N LEU A 426 26.51 17.96 9.93
CA LEU A 426 26.70 16.58 10.35
C LEU A 426 25.55 16.20 11.27
N ASN A 427 24.40 15.96 10.66
CA ASN A 427 23.24 15.56 11.43
C ASN A 427 23.10 14.06 11.53
N THR A 428 24.03 13.31 10.93
CA THR A 428 23.83 11.89 10.71
C THR A 428 24.52 11.08 11.80
N ALA A 429 24.47 11.59 13.02
CA ALA A 429 24.95 10.91 14.21
C ALA A 429 26.41 10.51 14.10
N ASN A 430 27.10 10.96 13.06
CA ASN A 430 28.52 10.69 12.97
C ASN A 430 29.27 11.40 14.08
N GLY A 431 28.66 12.40 14.70
CA GLY A 431 29.33 13.11 15.76
C GLY A 431 28.77 14.50 15.96
N PHE A 432 29.67 15.47 16.02
CA PHE A 432 29.27 16.81 16.42
C PHE A 432 28.47 17.49 15.32
N PRO A 433 27.53 18.32 15.68
CA PRO A 433 26.67 19.00 14.70
C PRO A 433 27.38 20.18 14.04
N VAL A 434 28.42 19.89 13.29
CA VAL A 434 29.19 20.93 12.65
C VAL A 434 28.69 21.11 11.23
N PHE A 435 28.93 22.31 10.71
CA PHE A 435 28.49 22.67 9.38
C PHE A 435 29.69 22.73 8.45
N ALA A 436 29.59 22.07 7.31
CA ALA A 436 30.58 22.22 6.27
C ALA A 436 30.28 23.47 5.47
N THR A 437 31.32 24.15 5.03
CA THR A 437 31.16 25.44 4.40
C THR A 437 31.80 25.44 3.03
N VAL A 438 31.24 26.25 2.16
CA VAL A 438 31.73 26.40 0.80
C VAL A 438 31.72 27.88 0.49
N ILE A 439 32.45 28.27 -0.55
CA ILE A 439 32.43 29.64 -1.05
C ILE A 439 31.78 29.64 -2.41
N LEU A 440 30.66 30.36 -2.54
CA LEU A 440 30.09 30.62 -3.85
C LEU A 440 30.92 31.71 -4.50
N ALA A 441 31.83 31.30 -5.36
CA ALA A 441 32.73 32.25 -5.99
C ALA A 441 31.94 33.30 -6.74
N ASN A 442 32.28 34.55 -6.50
CA ASN A 442 31.74 35.63 -7.29
C ASN A 442 32.72 36.13 -8.33
N HIS A 443 34.00 36.01 -8.07
CA HIS A 443 35.01 36.62 -8.91
C HIS A 443 36.33 35.92 -8.62
N VAL A 444 37.06 35.58 -9.67
CA VAL A 444 38.37 34.95 -9.53
C VAL A 444 39.38 35.81 -10.25
N ALA A 445 40.45 36.18 -9.56
CA ALA A 445 41.56 36.90 -10.15
C ALA A 445 42.80 36.03 -10.03
N LYS A 446 43.36 35.65 -11.17
CA LYS A 446 44.58 34.86 -11.20
C LYS A 446 45.77 35.80 -11.13
N LYS A 447 46.64 35.62 -10.13
CA LYS A 447 47.77 36.54 -9.98
C LYS A 447 48.98 35.94 -10.69
N ASP A 448 49.22 36.38 -11.92
CA ASP A 448 50.32 35.89 -12.73
C ASP A 448 50.61 36.93 -13.81
N ASN A 449 51.40 36.53 -14.80
CA ASN A 449 51.75 37.42 -15.90
C ASN A 449 50.53 37.81 -16.75
N GLY A 454 49.93 31.93 -23.14
CA GLY A 454 51.34 32.19 -22.92
C GLY A 454 52.07 32.65 -24.16
N GLU A 455 51.51 32.33 -25.33
CA GLU A 455 52.11 32.68 -26.60
C GLU A 455 51.04 33.10 -27.58
N LEU A 456 51.24 34.22 -28.23
CA LEU A 456 50.36 34.68 -29.29
C LEU A 456 51.08 34.98 -30.59
N THR A 457 52.27 35.58 -30.52
CA THR A 457 53.08 35.95 -31.67
C THR A 457 52.23 36.62 -32.75
N ASP A 458 51.73 37.81 -32.41
CA ASP A 458 50.92 38.61 -33.32
C ASP A 458 51.51 40.00 -33.38
N GLU A 459 51.90 40.43 -34.58
CA GLU A 459 52.50 41.75 -34.80
C GLU A 459 53.86 41.81 -34.13
N ASP A 460 54.18 40.79 -33.36
CA ASP A 460 55.44 40.64 -32.66
C ASP A 460 56.50 40.03 -33.55
N VAL A 461 56.13 39.63 -34.76
CA VAL A 461 57.04 38.92 -35.64
C VAL A 461 58.00 39.86 -36.31
N LYS A 462 57.63 41.13 -36.47
CA LYS A 462 58.53 42.05 -37.16
C LYS A 462 59.75 42.34 -36.32
N MET A 463 59.58 42.49 -35.01
CA MET A 463 60.77 42.72 -34.19
C MET A 463 61.60 41.46 -34.07
N ILE A 464 60.96 40.28 -34.11
CA ILE A 464 61.72 39.03 -34.17
C ILE A 464 62.62 39.01 -35.39
N THR A 465 62.05 39.30 -36.57
CA THR A 465 62.88 39.36 -37.76
C THR A 465 63.91 40.48 -37.66
N SER A 466 63.56 41.57 -36.96
CA SER A 466 64.47 42.68 -36.81
C SER A 466 65.73 42.27 -36.07
N LEU A 467 65.59 41.57 -34.95
CA LEU A 467 66.81 41.16 -34.27
C LEU A 467 67.42 39.92 -34.90
N SER A 468 66.64 39.19 -35.71
CA SER A 468 67.24 38.14 -36.51
C SER A 468 68.23 38.72 -37.51
N LYS A 469 67.96 39.93 -37.99
CA LYS A 469 68.90 40.62 -38.87
C LYS A 469 70.20 41.01 -38.19
N ASP A 470 70.43 40.64 -36.93
CA ASP A 470 71.57 41.19 -36.21
C ASP A 470 72.91 40.68 -36.75
N GLN A 471 72.93 39.50 -37.36
CA GLN A 471 74.15 38.86 -37.85
C GLN A 471 75.05 38.46 -36.69
N GLN A 472 74.71 38.86 -35.47
CA GLN A 472 75.29 38.29 -34.26
C GLN A 472 74.19 37.79 -33.33
N ILE A 473 73.03 37.45 -33.88
CA ILE A 473 71.93 36.96 -33.06
C ILE A 473 72.28 35.62 -32.44
N GLY A 474 73.10 34.82 -33.12
CA GLY A 474 73.45 33.52 -32.58
C GLY A 474 74.15 33.62 -31.24
N GLU A 475 75.15 34.50 -31.15
CA GLU A 475 75.85 34.68 -29.89
C GLU A 475 74.96 35.34 -28.85
N LYS A 476 74.06 36.23 -29.27
CA LYS A 476 73.12 36.83 -28.33
C LYS A 476 72.21 35.80 -27.71
N ILE A 477 71.73 34.86 -28.52
CA ILE A 477 70.85 33.81 -28.00
C ILE A 477 71.63 32.84 -27.13
N PHE A 478 72.84 32.48 -27.55
CA PHE A 478 73.67 31.62 -26.70
C PHE A 478 73.93 32.30 -25.37
N ALA A 479 74.07 33.62 -25.38
CA ALA A 479 74.32 34.37 -24.16
C ALA A 479 73.07 34.60 -23.34
N SER A 480 71.89 34.43 -23.92
CA SER A 480 70.68 34.77 -23.20
C SER A 480 70.00 33.58 -22.55
N ILE A 481 70.65 32.42 -22.50
CA ILE A 481 70.04 31.30 -21.79
C ILE A 481 70.79 31.10 -20.48
N ALA A 482 70.04 30.64 -19.48
CA ALA A 482 70.51 30.46 -18.11
C ALA A 482 71.31 31.68 -17.66
N PRO A 483 70.69 32.87 -17.64
CA PRO A 483 71.44 34.05 -17.23
C PRO A 483 71.91 33.99 -15.80
N SER A 484 71.34 33.11 -14.99
CA SER A 484 71.70 32.99 -13.60
C SER A 484 72.84 32.01 -13.33
N ILE A 485 73.42 31.45 -14.38
CA ILE A 485 74.53 30.50 -14.26
C ILE A 485 75.76 31.14 -14.88
N TYR A 486 76.85 31.16 -14.14
CA TYR A 486 78.07 31.79 -14.61
C TYR A 486 78.89 30.81 -15.43
N GLY A 487 79.42 31.28 -16.55
CA GLY A 487 80.28 30.45 -17.36
C GLY A 487 79.50 29.39 -18.12
N HIS A 488 80.15 28.26 -18.38
CA HIS A 488 79.54 27.14 -19.08
C HIS A 488 78.97 27.58 -20.42
N GLU A 489 79.78 28.29 -21.20
CA GLU A 489 79.31 28.83 -22.47
C GLU A 489 78.98 27.73 -23.46
N ASP A 490 79.76 26.65 -23.48
CA ASP A 490 79.50 25.57 -24.42
C ASP A 490 78.22 24.83 -24.09
N ILE A 491 77.95 24.60 -22.81
CA ILE A 491 76.68 24.00 -22.44
C ILE A 491 75.53 24.90 -22.82
N LYS A 492 75.72 26.21 -22.70
CA LYS A 492 74.69 27.13 -23.11
C LYS A 492 74.44 27.05 -24.61
N ARG A 493 75.50 26.97 -25.40
CA ARG A 493 75.29 26.87 -26.84
C ARG A 493 74.59 25.58 -27.20
N GLY A 494 74.98 24.47 -26.59
CA GLY A 494 74.33 23.20 -26.84
C GLY A 494 72.89 23.18 -26.42
N LEU A 495 72.57 23.79 -25.29
CA LEU A 495 71.19 23.88 -24.85
C LEU A 495 70.37 24.78 -25.75
N ALA A 496 70.96 25.83 -26.31
CA ALA A 496 70.23 26.64 -27.26
C ALA A 496 69.91 25.85 -28.52
N LEU A 497 70.88 25.08 -29.02
CA LEU A 497 70.61 24.21 -30.15
C LEU A 497 69.49 23.23 -29.83
N ALA A 498 69.54 22.62 -28.65
CA ALA A 498 68.50 21.68 -28.26
C ALA A 498 67.14 22.34 -28.20
N LEU A 499 67.07 23.58 -27.70
CA LEU A 499 65.81 24.29 -27.64
C LEU A 499 65.25 24.53 -29.02
N PHE A 500 66.10 24.88 -29.97
CA PHE A 500 65.57 25.11 -31.31
C PHE A 500 65.39 23.80 -32.07
N GLY A 501 66.34 22.89 -31.97
CA GLY A 501 66.18 21.57 -32.52
C GLY A 501 66.30 21.52 -34.03
N GLY A 502 66.39 20.31 -34.55
CA GLY A 502 66.55 20.07 -35.96
C GLY A 502 65.26 19.72 -36.64
N GLU A 503 65.39 19.07 -37.79
CA GLU A 503 64.27 18.81 -38.68
C GLU A 503 63.93 17.33 -38.69
N PRO A 504 62.79 16.92 -38.18
CA PRO A 504 62.43 15.51 -38.26
C PRO A 504 62.10 15.14 -39.68
N LYS A 505 62.52 13.95 -40.10
CA LYS A 505 62.17 13.52 -41.44
C LYS A 505 61.93 12.03 -41.47
N ASN A 506 61.21 11.61 -42.50
CA ASN A 506 60.80 10.22 -42.66
C ASN A 506 60.69 9.93 -44.14
N PRO A 507 61.82 9.71 -44.82
CA PRO A 507 61.77 9.36 -46.24
C PRO A 507 60.82 8.22 -46.54
N GLY A 508 59.80 8.50 -47.33
CA GLY A 508 58.71 7.55 -47.46
C GLY A 508 57.94 7.49 -46.18
N GLY A 509 57.75 6.31 -45.64
CA GLY A 509 57.19 6.19 -44.32
C GLY A 509 57.92 5.10 -43.58
N LYS A 510 59.15 4.86 -43.99
CA LYS A 510 59.86 3.66 -43.56
C LYS A 510 61.27 3.95 -43.07
N HIS A 511 61.61 5.21 -42.79
CA HIS A 511 62.95 5.54 -42.32
C HIS A 511 62.86 6.81 -41.49
N LYS A 512 62.78 6.66 -40.19
CA LYS A 512 62.40 7.76 -39.32
C LYS A 512 63.63 8.31 -38.63
N VAL A 513 63.92 9.59 -38.85
CA VAL A 513 64.99 10.29 -38.17
C VAL A 513 64.39 11.44 -37.37
N ARG A 514 64.78 11.55 -36.11
CA ARG A 514 64.28 12.61 -35.26
C ARG A 514 64.95 13.93 -35.59
N GLY A 515 64.31 15.00 -35.17
CA GLY A 515 64.92 16.30 -35.23
C GLY A 515 65.34 16.78 -33.87
N ASP A 516 64.92 16.05 -32.83
CA ASP A 516 65.27 16.41 -31.47
C ASP A 516 66.77 16.33 -31.25
N ILE A 517 67.29 17.28 -30.48
CA ILE A 517 68.69 17.27 -30.07
C ILE A 517 68.72 16.98 -28.58
N ASN A 518 69.20 15.80 -28.21
CA ASN A 518 69.19 15.38 -26.82
C ASN A 518 70.55 15.69 -26.19
N VAL A 519 70.53 16.28 -25.02
CA VAL A 519 71.72 16.74 -24.34
C VAL A 519 71.90 15.96 -23.04
N LEU A 520 73.10 15.46 -22.81
CA LEU A 520 73.43 14.78 -21.57
C LEU A 520 74.55 15.54 -20.88
N LEU A 521 74.27 16.07 -19.70
CA LEU A 521 75.25 16.78 -18.89
C LEU A 521 75.77 15.81 -17.85
N CYS A 522 77.01 15.38 -17.98
CA CYS A 522 77.63 14.54 -16.97
C CYS A 522 78.79 15.31 -16.38
N GLY A 523 78.68 15.67 -15.12
CA GLY A 523 79.69 16.49 -14.49
C GLY A 523 79.71 16.30 -13.00
N ASP A 524 80.88 16.46 -12.42
CA ASP A 524 81.05 16.29 -11.00
C ASP A 524 80.30 17.39 -10.25
N PRO A 525 79.96 17.15 -8.99
CA PRO A 525 78.85 17.87 -8.37
C PRO A 525 79.08 19.37 -8.21
N GLY A 526 77.96 20.05 -7.98
CA GLY A 526 77.95 21.48 -7.74
C GLY A 526 78.33 22.33 -8.92
N THR A 527 77.97 21.90 -10.13
CA THR A 527 78.35 22.60 -11.34
C THR A 527 77.15 23.07 -12.15
N ALA A 528 76.02 23.31 -11.48
CA ALA A 528 74.86 23.98 -12.04
C ALA A 528 74.12 23.14 -13.08
N LYS A 529 74.20 21.81 -13.01
CA LYS A 529 73.44 20.99 -13.95
C LYS A 529 71.96 21.00 -13.62
N SER A 530 71.65 20.88 -12.34
CA SER A 530 70.27 20.97 -11.87
C SER A 530 69.72 22.35 -12.21
N GLN A 531 70.55 23.38 -12.05
CA GLN A 531 70.15 24.74 -12.39
C GLN A 531 69.89 24.88 -13.88
N PHE A 532 70.71 24.22 -14.71
CA PHE A 532 70.47 24.23 -16.14
C PHE A 532 69.12 23.61 -16.49
N LEU A 533 68.82 22.47 -15.89
CA LEU A 533 67.55 21.82 -16.15
C LEU A 533 66.38 22.69 -15.67
N LYS A 534 66.53 23.31 -14.50
CA LYS A 534 65.49 24.20 -14.01
C LYS A 534 65.26 25.36 -14.96
N TYR A 535 66.34 25.93 -15.50
CA TYR A 535 66.16 27.04 -16.42
C TYR A 535 65.43 26.59 -17.67
N ILE A 536 65.85 25.46 -18.23
CA ILE A 536 65.19 24.97 -19.44
C ILE A 536 63.71 24.76 -19.20
N GLU A 537 63.37 24.26 -18.03
CA GLU A 537 61.96 24.10 -17.69
C GLU A 537 61.24 25.44 -17.66
N LYS A 538 61.90 26.47 -17.13
CA LYS A 538 61.27 27.80 -17.12
C LYS A 538 61.07 28.35 -18.53
N VAL A 539 62.08 28.25 -19.38
CA VAL A 539 62.06 28.98 -20.64
C VAL A 539 61.21 28.34 -21.72
N SER A 540 60.84 27.08 -21.57
CA SER A 540 60.17 26.40 -22.65
C SER A 540 58.73 26.10 -22.31
N SER A 541 57.92 25.99 -23.34
CA SER A 541 56.59 25.44 -23.23
C SER A 541 56.67 23.93 -23.42
N ARG A 542 55.74 23.21 -22.82
CA ARG A 542 55.74 21.75 -22.87
C ARG A 542 57.03 21.16 -22.34
N ALA A 543 57.59 21.75 -21.30
CA ALA A 543 58.71 21.14 -20.60
C ALA A 543 58.22 20.58 -19.29
N ILE A 544 58.53 19.32 -19.01
CA ILE A 544 58.20 18.75 -17.73
C ILE A 544 59.47 18.19 -17.11
N PHE A 545 59.68 18.49 -15.85
CA PHE A 545 60.89 18.15 -15.13
C PHE A 545 60.67 16.89 -14.34
N THR A 546 61.56 15.93 -14.48
CA THR A 546 61.46 14.69 -13.73
C THR A 546 62.85 14.29 -13.29
N THR A 547 62.92 13.40 -12.32
CA THR A 547 64.18 13.04 -11.73
C THR A 547 64.35 11.54 -11.76
N GLY A 548 65.61 11.10 -11.84
CA GLY A 548 65.91 9.68 -11.81
C GLY A 548 65.59 9.03 -10.49
N GLN A 549 65.59 9.78 -9.41
CA GLN A 549 65.16 9.30 -8.11
C GLN A 549 63.63 9.27 -8.07
N GLY A 550 63.06 9.13 -6.89
CA GLY A 550 61.61 9.10 -6.80
C GLY A 550 61.00 10.41 -6.35
N ALA A 551 61.74 11.50 -6.54
CA ALA A 551 61.44 12.78 -5.90
C ALA A 551 60.64 13.72 -6.80
N SER A 552 59.74 13.22 -7.63
CA SER A 552 59.07 14.08 -8.60
C SER A 552 57.60 13.74 -8.71
N ALA A 553 56.85 14.73 -9.19
CA ALA A 553 55.42 14.55 -9.42
C ALA A 553 55.16 13.48 -10.49
N VAL A 554 55.95 13.49 -11.56
CA VAL A 554 55.69 12.67 -12.72
C VAL A 554 56.89 11.77 -12.97
N GLY A 555 56.63 10.48 -13.17
CA GLY A 555 57.67 9.52 -13.39
C GLY A 555 57.81 9.19 -14.86
N LEU A 556 58.86 8.44 -15.18
CA LEU A 556 59.17 8.21 -16.57
C LEU A 556 58.21 7.22 -17.21
N THR A 557 57.69 6.28 -16.44
CA THR A 557 56.97 5.12 -16.95
C THR A 557 55.47 5.36 -16.94
N ALA A 558 54.79 4.83 -17.96
CA ALA A 558 53.34 4.88 -18.01
C ALA A 558 52.74 3.82 -17.10
N TYR A 559 51.61 4.17 -16.49
CA TYR A 559 50.86 3.23 -15.69
C TYR A 559 49.42 3.66 -15.70
N VAL A 560 48.55 2.79 -15.24
CA VAL A 560 47.14 3.09 -15.17
C VAL A 560 46.70 2.83 -13.74
N GLN A 561 46.00 3.79 -13.16
CA GLN A 561 45.63 3.70 -11.76
C GLN A 561 44.49 4.66 -11.50
N ARG A 562 43.80 4.44 -10.39
CA ARG A 562 42.86 5.42 -9.87
C ARG A 562 43.65 6.60 -9.33
N HIS A 563 43.36 7.79 -9.84
CA HIS A 563 44.11 8.95 -9.43
C HIS A 563 43.89 9.23 -7.94
N PRO A 564 44.95 9.57 -7.20
CA PRO A 564 44.79 9.75 -5.75
C PRO A 564 43.77 10.81 -5.35
N VAL A 565 43.68 11.93 -6.05
CA VAL A 565 42.82 13.01 -5.62
C VAL A 565 41.54 13.09 -6.44
N SER A 566 41.60 12.85 -7.75
CA SER A 566 40.39 12.89 -8.53
C SER A 566 39.60 11.60 -8.46
N ARG A 567 40.21 10.52 -7.97
CA ARG A 567 39.60 9.21 -7.82
C ARG A 567 39.22 8.60 -9.15
N GLU A 568 39.67 9.15 -10.26
CA GLU A 568 39.30 8.69 -11.58
C GLU A 568 40.33 7.72 -12.10
N TRP A 569 39.86 6.61 -12.65
CA TRP A 569 40.72 5.64 -13.30
C TRP A 569 41.34 6.29 -14.52
N THR A 570 42.62 6.61 -14.44
CA THR A 570 43.30 7.38 -15.46
C THR A 570 44.51 6.64 -15.98
N LEU A 571 44.82 6.83 -17.25
CA LEU A 571 46.05 6.32 -17.82
C LEU A 571 47.13 7.36 -17.61
N GLU A 572 47.99 7.10 -16.64
CA GLU A 572 49.04 8.05 -16.33
C GLU A 572 50.18 7.86 -17.28
N ALA A 573 50.05 8.45 -18.45
CA ALA A 573 51.11 8.43 -19.43
C ALA A 573 52.30 9.18 -18.86
N GLY A 574 53.49 8.62 -19.01
CA GLY A 574 54.59 9.07 -18.20
C GLY A 574 55.10 10.43 -18.59
N ALA A 575 56.23 10.80 -17.99
CA ALA A 575 56.87 12.07 -18.30
C ALA A 575 57.28 12.16 -19.76
N LEU A 576 57.64 11.04 -20.38
CA LEU A 576 58.16 11.12 -21.74
C LEU A 576 57.08 11.52 -22.73
N VAL A 577 55.85 11.08 -22.51
CA VAL A 577 54.79 11.39 -23.45
C VAL A 577 54.05 12.66 -23.08
N LEU A 578 54.10 13.09 -21.82
CA LEU A 578 53.53 14.38 -21.48
C LEU A 578 54.30 15.50 -22.13
N ALA A 579 55.57 15.28 -22.40
CA ALA A 579 56.37 16.20 -23.21
C ALA A 579 56.45 15.73 -24.66
N ASP A 580 55.32 15.53 -25.31
CA ASP A 580 55.35 14.90 -26.62
C ASP A 580 55.97 15.80 -27.67
N ARG A 581 55.73 17.09 -27.62
CA ARG A 581 56.42 18.01 -28.52
C ARG A 581 57.20 19.04 -27.75
N GLY A 582 57.69 18.68 -26.58
CA GLY A 582 58.41 19.59 -25.72
C GLY A 582 59.71 18.95 -25.28
N VAL A 583 60.04 19.16 -24.02
CA VAL A 583 61.33 18.76 -23.47
C VAL A 583 61.09 17.89 -22.25
N CYS A 584 61.82 16.80 -22.15
CA CYS A 584 61.81 15.96 -20.96
C CYS A 584 63.14 16.17 -20.24
N LEU A 585 63.08 16.82 -19.10
CA LEU A 585 64.27 17.10 -18.30
C LEU A 585 64.40 16.04 -17.23
N ILE A 586 65.50 15.30 -17.25
CA ILE A 586 65.69 14.18 -16.35
C ILE A 586 66.92 14.46 -15.51
N ASP A 587 66.72 14.81 -14.26
CA ASP A 587 67.83 14.97 -13.34
C ASP A 587 68.16 13.63 -12.72
N GLU A 588 69.38 13.53 -12.20
CA GLU A 588 69.86 12.31 -11.60
C GLU A 588 69.72 11.15 -12.56
N PHE A 589 70.04 11.41 -13.82
CA PHE A 589 69.83 10.44 -14.89
C PHE A 589 70.52 9.12 -14.59
N ASP A 590 71.62 9.12 -13.86
CA ASP A 590 72.32 7.89 -13.59
C ASP A 590 71.65 7.04 -12.53
N LYS A 591 70.58 7.54 -11.89
CA LYS A 591 69.97 6.88 -10.76
C LYS A 591 68.60 6.30 -11.08
N MET A 592 68.36 5.93 -12.33
CA MET A 592 67.08 5.39 -12.71
C MET A 592 66.96 3.90 -12.38
N ASN A 593 65.72 3.45 -12.25
CA ASN A 593 65.43 2.05 -12.08
C ASN A 593 65.74 1.30 -13.36
N ASP A 594 65.60 -0.02 -13.29
CA ASP A 594 65.57 -0.81 -14.52
C ASP A 594 64.41 -0.40 -15.40
N GLN A 595 63.23 -0.20 -14.81
CA GLN A 595 62.08 0.08 -15.65
C GLN A 595 62.08 1.50 -16.18
N ASP A 596 62.64 2.45 -15.42
CA ASP A 596 62.84 3.80 -15.96
C ASP A 596 63.83 3.77 -17.11
N ARG A 597 64.89 2.97 -16.98
CA ARG A 597 65.85 2.86 -18.06
C ARG A 597 65.23 2.25 -19.30
N THR A 598 64.35 1.26 -19.14
CA THR A 598 63.66 0.69 -20.27
C THR A 598 62.70 1.68 -20.91
N SER A 599 62.01 2.47 -20.09
CA SER A 599 61.13 3.51 -20.63
C SER A 599 61.91 4.55 -21.41
N ILE A 600 63.03 5.01 -20.86
CA ILE A 600 63.80 6.04 -21.54
C ILE A 600 64.41 5.46 -22.81
N HIS A 601 64.84 4.20 -22.78
CA HIS A 601 65.39 3.61 -23.99
C HIS A 601 64.34 3.52 -25.08
N GLU A 602 63.13 3.09 -24.73
CA GLU A 602 62.09 3.02 -25.75
C GLU A 602 61.73 4.39 -26.29
N ALA A 603 61.62 5.39 -25.43
CA ALA A 603 61.25 6.72 -25.89
C ALA A 603 62.34 7.33 -26.76
N MET A 604 63.59 7.16 -26.36
CA MET A 604 64.70 7.75 -27.09
C MET A 604 64.93 7.03 -28.42
N GLU A 605 64.57 5.75 -28.49
CA GLU A 605 64.79 4.94 -29.66
C GLU A 605 63.65 5.02 -30.67
N GLN A 606 62.43 4.76 -30.24
CA GLN A 606 61.30 4.61 -31.15
C GLN A 606 60.39 5.82 -31.08
N GLN A 607 60.58 6.69 -30.08
CA GLN A 607 59.78 7.89 -29.86
C GLN A 607 58.31 7.60 -29.63
N SER A 608 58.04 6.50 -28.93
CA SER A 608 56.70 6.20 -28.47
C SER A 608 56.84 5.24 -27.30
N ILE A 609 55.78 5.16 -26.52
CA ILE A 609 55.72 4.32 -25.32
C ILE A 609 54.65 3.27 -25.55
N SER A 610 54.99 2.01 -25.31
CA SER A 610 54.08 0.90 -25.53
C SER A 610 53.54 0.40 -24.20
N ILE A 611 52.27 0.61 -23.97
CA ILE A 611 51.61 0.10 -22.77
C ILE A 611 50.93 -1.20 -23.11
N SER A 612 51.07 -2.19 -22.23
CA SER A 612 50.24 -3.40 -22.29
C SER A 612 49.81 -3.79 -20.88
N LYS A 613 49.25 -2.86 -20.13
CA LYS A 613 49.16 -3.05 -18.66
C LYS A 613 47.85 -3.65 -18.17
N ALA A 614 46.75 -2.91 -18.29
CA ALA A 614 45.56 -3.43 -17.61
C ALA A 614 44.69 -4.22 -18.57
N GLY A 615 44.12 -3.57 -19.54
CA GLY A 615 43.52 -4.25 -20.66
C GLY A 615 43.89 -3.39 -21.82
N ILE A 616 44.64 -2.35 -21.50
CA ILE A 616 45.05 -1.35 -22.46
C ILE A 616 46.26 -1.88 -23.20
N VAL A 617 46.14 -1.96 -24.51
CA VAL A 617 47.26 -2.19 -25.38
C VAL A 617 47.29 -1.00 -26.32
N THR A 618 48.26 -0.12 -26.13
CA THR A 618 48.33 1.08 -26.93
C THR A 618 49.79 1.46 -27.10
N SER A 619 50.04 2.30 -28.09
CA SER A 619 51.35 2.87 -28.32
C SER A 619 51.15 4.36 -28.47
N LEU A 620 51.19 5.07 -27.36
CA LEU A 620 51.01 6.51 -27.34
C LEU A 620 52.38 7.18 -27.33
N GLN A 621 52.53 8.21 -28.14
CA GLN A 621 53.85 8.60 -28.63
C GLN A 621 54.44 9.80 -27.91
N ALA A 622 55.78 9.86 -27.94
CA ALA A 622 56.58 10.76 -27.11
C ALA A 622 57.74 11.31 -27.91
N ARG A 623 57.53 12.41 -28.60
CA ARG A 623 58.58 12.97 -29.45
C ARG A 623 59.25 14.17 -28.77
N CYS A 624 59.91 13.87 -27.68
CA CYS A 624 60.51 14.87 -26.81
C CYS A 624 62.01 14.97 -27.06
N THR A 625 62.56 16.14 -26.76
CA THR A 625 63.99 16.27 -26.60
C THR A 625 64.30 15.94 -25.16
N VAL A 626 65.26 15.06 -24.94
CA VAL A 626 65.63 14.62 -23.61
C VAL A 626 66.90 15.34 -23.21
N ILE A 627 66.81 16.16 -22.17
CA ILE A 627 67.96 16.80 -21.58
C ILE A 627 68.15 16.20 -20.20
N ALA A 628 69.27 15.56 -19.98
CA ALA A 628 69.51 14.80 -18.77
C ALA A 628 70.75 15.32 -18.09
N ALA A 629 70.79 15.16 -16.77
CA ALA A 629 71.95 15.51 -15.99
C ALA A 629 72.35 14.27 -15.20
N ALA A 630 73.62 13.93 -15.25
CA ALA A 630 74.10 12.73 -14.59
C ALA A 630 75.34 13.04 -13.77
N ASN A 631 75.50 12.33 -12.68
CA ASN A 631 76.77 12.47 -11.99
C ASN A 631 77.71 11.35 -12.43
N PRO A 632 79.00 11.60 -12.52
CA PRO A 632 79.92 10.53 -12.89
C PRO A 632 80.02 9.49 -11.79
N ILE A 633 80.48 8.30 -12.18
CA ILE A 633 80.73 7.25 -11.20
C ILE A 633 81.80 7.71 -10.23
N GLY A 634 81.55 7.50 -8.94
CA GLY A 634 82.52 7.86 -7.94
C GLY A 634 82.50 9.32 -7.54
N GLY A 635 81.62 10.12 -8.11
CA GLY A 635 81.49 11.49 -7.71
C GLY A 635 82.47 12.44 -8.33
N ARG A 636 83.31 11.98 -9.25
CA ARG A 636 84.23 12.89 -9.92
C ARG A 636 84.57 12.33 -11.29
N TYR A 637 84.54 13.19 -12.29
CA TYR A 637 84.84 12.76 -13.63
C TYR A 637 86.32 12.45 -13.77
N ASP A 638 86.62 11.34 -14.43
CA ASP A 638 88.00 10.90 -14.61
C ASP A 638 88.39 11.04 -16.07
N PRO A 639 89.16 12.06 -16.45
CA PRO A 639 89.48 12.25 -17.87
C PRO A 639 90.33 11.14 -18.46
N SER A 640 90.94 10.29 -17.64
CA SER A 640 91.71 9.17 -18.16
C SER A 640 90.83 8.02 -18.61
N LEU A 641 89.56 8.03 -18.27
CA LEU A 641 88.60 7.05 -18.78
C LEU A 641 87.73 7.69 -19.85
N THR A 642 87.06 6.85 -20.63
CA THR A 642 86.13 7.38 -21.60
C THR A 642 84.87 7.88 -20.89
N PHE A 643 84.05 8.59 -21.64
CA PHE A 643 82.79 9.06 -21.07
C PHE A 643 81.93 7.90 -20.62
N SER A 644 81.90 6.84 -21.41
CA SER A 644 81.00 5.74 -21.13
C SER A 644 81.39 4.95 -19.91
N GLU A 645 82.64 5.05 -19.49
CA GLU A 645 83.11 4.22 -18.40
C GLU A 645 83.40 5.00 -17.14
N ASN A 646 83.01 6.26 -17.08
CA ASN A 646 82.86 6.93 -15.79
C ASN A 646 81.47 7.50 -15.61
N VAL A 647 80.50 7.01 -16.36
CA VAL A 647 79.10 7.28 -16.11
C VAL A 647 78.37 5.95 -16.04
N ASP A 648 77.40 5.85 -15.13
CA ASP A 648 76.65 4.62 -14.94
C ASP A 648 75.53 4.48 -15.95
N LEU A 649 75.85 4.58 -17.22
CA LEU A 649 74.86 4.45 -18.28
C LEU A 649 75.39 3.44 -19.29
N THR A 650 74.47 2.70 -19.89
CA THR A 650 74.87 1.77 -20.92
C THR A 650 75.07 2.50 -22.24
N GLU A 651 75.86 1.90 -23.12
CA GLU A 651 76.06 2.47 -24.45
C GLU A 651 74.76 2.72 -25.21
N PRO A 652 73.76 1.84 -25.19
CA PRO A 652 72.52 2.15 -25.89
C PRO A 652 71.90 3.45 -25.47
N ILE A 653 72.08 3.87 -24.22
CA ILE A 653 71.50 5.13 -23.77
C ILE A 653 72.38 6.30 -24.18
N ILE A 654 73.69 6.17 -24.01
CA ILE A 654 74.60 7.26 -24.32
C ILE A 654 74.58 7.57 -25.81
N SER A 655 74.39 6.55 -26.65
CA SER A 655 74.37 6.77 -28.08
C SER A 655 73.16 7.56 -28.54
N ARG A 656 72.15 7.70 -27.71
CA ARG A 656 70.94 8.40 -28.11
C ARG A 656 71.01 9.90 -27.86
N PHE A 657 72.14 10.42 -27.40
CA PHE A 657 72.28 11.82 -27.07
C PHE A 657 73.16 12.51 -28.10
N ASP A 658 72.66 13.60 -28.67
CA ASP A 658 73.41 14.32 -29.69
C ASP A 658 74.59 15.06 -29.10
N ILE A 659 74.44 15.62 -27.91
CA ILE A 659 75.47 16.38 -27.25
C ILE A 659 75.74 15.74 -25.90
N LEU A 660 77.00 15.41 -25.65
CA LEU A 660 77.43 14.92 -24.35
C LEU A 660 78.35 15.97 -23.75
N CYS A 661 77.87 16.67 -22.73
CA CYS A 661 78.62 17.75 -22.11
C CYS A 661 79.29 17.22 -20.85
N VAL A 662 80.61 17.20 -20.85
CA VAL A 662 81.38 16.73 -19.71
C VAL A 662 81.70 17.94 -18.85
N VAL A 663 80.93 18.13 -17.79
CA VAL A 663 81.14 19.25 -16.89
C VAL A 663 82.21 18.83 -15.89
N ARG A 664 83.06 19.77 -15.53
CA ARG A 664 84.36 19.40 -14.99
C ARG A 664 84.77 20.45 -13.97
N ASP A 665 84.69 20.09 -12.69
CA ASP A 665 84.94 21.03 -11.59
C ASP A 665 86.42 21.00 -11.27
N THR A 666 87.13 22.02 -11.73
CA THR A 666 88.56 22.16 -11.49
C THR A 666 88.82 23.48 -10.78
N VAL A 667 89.89 23.53 -10.01
CA VAL A 667 90.19 24.69 -9.19
C VAL A 667 91.01 25.67 -10.02
N ASP A 668 90.34 26.66 -10.57
CA ASP A 668 90.99 27.79 -11.22
C ASP A 668 90.76 29.03 -10.38
N PRO A 669 91.80 29.63 -9.80
CA PRO A 669 91.57 30.77 -8.90
C PRO A 669 90.80 31.90 -9.53
N VAL A 670 91.04 32.20 -10.81
CA VAL A 670 90.34 33.32 -11.43
C VAL A 670 88.86 33.02 -11.58
N GLN A 671 88.52 31.85 -12.11
CA GLN A 671 87.12 31.49 -12.24
C GLN A 671 86.47 31.26 -10.88
N ASP A 672 87.25 30.81 -9.90
CA ASP A 672 86.69 30.69 -8.55
C ASP A 672 86.30 32.06 -8.02
N GLU A 673 87.17 33.06 -8.20
CA GLU A 673 86.80 34.41 -7.78
C GLU A 673 85.58 34.89 -8.53
N MET A 674 85.52 34.62 -9.83
CA MET A 674 84.42 35.14 -10.63
C MET A 674 83.11 34.53 -10.21
N LEU A 675 83.08 33.20 -10.05
CA LEU A 675 81.87 32.51 -9.61
C LEU A 675 81.48 32.91 -8.20
N ALA A 676 82.46 33.03 -7.31
CA ALA A 676 82.15 33.45 -5.94
C ALA A 676 81.51 34.82 -5.93
N ARG A 677 82.07 35.76 -6.70
CA ARG A 677 81.46 37.08 -6.78
C ARG A 677 80.05 36.99 -7.34
N PHE A 678 79.87 36.17 -8.37
CA PHE A 678 78.56 35.98 -8.99
C PHE A 678 77.52 35.54 -7.97
N VAL A 679 77.82 34.47 -7.23
CA VAL A 679 76.83 33.90 -6.32
C VAL A 679 76.65 34.75 -5.08
N VAL A 680 77.71 35.37 -4.57
CA VAL A 680 77.54 36.23 -3.41
C VAL A 680 76.76 37.48 -3.77
N GLY A 681 76.98 38.01 -4.98
CA GLY A 681 76.14 39.10 -5.45
C GLY A 681 74.69 38.69 -5.53
N SER A 682 74.43 37.46 -6.00
CA SER A 682 73.06 36.97 -6.02
C SER A 682 72.47 36.93 -4.62
N HIS A 683 73.24 36.45 -3.65
CA HIS A 683 72.73 36.38 -2.29
C HIS A 683 72.49 37.77 -1.71
N VAL A 684 73.31 38.75 -2.11
CA VAL A 684 73.13 40.10 -1.62
C VAL A 684 71.88 40.73 -2.19
N ARG A 685 71.65 40.58 -3.49
CA ARG A 685 70.58 41.37 -4.10
C ARG A 685 69.19 40.79 -3.86
N HIS A 686 69.09 39.57 -3.36
CA HIS A 686 67.78 38.97 -3.10
C HIS A 686 67.48 38.90 -1.62
N HIS A 687 68.18 39.67 -0.82
CA HIS A 687 67.89 39.73 0.60
C HIS A 687 66.46 40.22 0.79
N PRO A 688 65.64 39.53 1.58
CA PRO A 688 64.20 39.82 1.59
C PRO A 688 63.85 41.24 1.96
N SER A 689 64.81 42.05 2.41
CA SER A 689 64.50 43.41 2.78
C SER A 689 64.18 44.26 1.56
N ASN A 690 64.96 44.10 0.49
CA ASN A 690 64.93 45.01 -0.64
C ASN A 690 64.19 44.40 -1.83
N LYS A 691 63.13 43.65 -1.54
CA LYS A 691 62.26 43.14 -2.59
C LYS A 691 61.28 44.21 -3.05
N GLY A 711 76.61 37.67 -16.64
CA GLY A 711 76.50 39.04 -17.09
C GLY A 711 77.77 39.54 -17.78
N VAL A 712 78.62 38.60 -18.16
CA VAL A 712 79.90 38.91 -18.79
C VAL A 712 79.96 38.17 -20.11
N GLU A 713 79.72 38.88 -21.21
CA GLU A 713 79.88 38.38 -22.57
C GLU A 713 80.04 39.57 -23.49
N PRO A 714 80.55 39.37 -24.71
CA PRO A 714 80.59 40.48 -25.67
C PRO A 714 79.21 40.95 -26.07
N LEU A 715 78.21 40.13 -25.92
CA LEU A 715 76.91 40.47 -26.46
C LEU A 715 75.93 40.82 -25.36
N PRO A 716 74.99 41.71 -25.63
CA PRO A 716 73.92 41.93 -24.67
C PRO A 716 73.04 40.70 -24.57
N GLN A 717 72.70 40.34 -23.34
CA GLN A 717 71.70 39.31 -23.13
C GLN A 717 70.38 39.77 -23.73
N GLU A 718 69.54 38.81 -24.07
CA GLU A 718 68.23 39.08 -24.65
C GLU A 718 67.17 38.67 -23.65
N VAL A 719 66.15 39.52 -23.47
CA VAL A 719 65.21 39.28 -22.38
C VAL A 719 64.43 38.00 -22.64
N LEU A 720 64.16 37.26 -21.57
CA LEU A 720 63.60 35.93 -21.72
C LEU A 720 62.22 35.96 -22.34
N LYS A 721 61.55 37.10 -22.37
CA LYS A 721 60.22 37.15 -22.93
C LYS A 721 60.25 37.13 -24.45
N LYS A 722 60.96 38.09 -25.04
CA LYS A 722 61.14 38.04 -26.48
C LYS A 722 61.93 36.82 -26.89
N TYR A 723 62.69 36.24 -25.97
CA TYR A 723 63.42 35.03 -26.27
C TYR A 723 62.50 33.81 -26.37
N ILE A 724 61.58 33.67 -25.42
CA ILE A 724 60.57 32.63 -25.52
C ILE A 724 59.80 32.79 -26.80
N ILE A 725 59.43 34.02 -27.12
CA ILE A 725 58.67 34.27 -28.35
C ILE A 725 59.52 33.93 -29.58
N TYR A 726 60.81 34.25 -29.51
CA TYR A 726 61.71 33.99 -30.64
C TYR A 726 61.83 32.51 -30.89
N ALA A 727 62.04 31.73 -29.82
CA ALA A 727 62.11 30.29 -29.95
C ALA A 727 60.79 29.71 -30.42
N LYS A 728 59.68 30.35 -30.05
CA LYS A 728 58.38 29.87 -30.47
C LYS A 728 58.11 30.15 -31.94
N GLU A 729 58.96 30.94 -32.59
CA GLU A 729 58.97 31.10 -34.03
C GLU A 729 59.70 29.89 -34.64
N ARG A 730 59.29 28.69 -34.23
CA ARG A 730 59.59 27.43 -34.90
C ARG A 730 58.47 27.03 -35.84
N VAL A 731 57.53 27.94 -36.08
CA VAL A 731 56.46 27.68 -37.02
C VAL A 731 57.01 27.49 -38.42
N HIS A 732 58.17 28.09 -38.72
CA HIS A 732 58.73 27.91 -40.05
C HIS A 732 59.66 26.70 -40.03
N PRO A 733 59.40 25.67 -40.83
CA PRO A 733 60.39 24.61 -40.98
C PRO A 733 61.58 25.12 -41.76
N LYS A 734 62.49 24.23 -42.13
CA LYS A 734 63.79 24.64 -42.58
C LYS A 734 64.35 23.50 -43.45
N LEU A 735 65.33 23.81 -44.30
CA LEU A 735 65.82 22.78 -45.22
C LEU A 735 67.22 23.12 -45.71
N ASN A 736 67.93 22.08 -46.15
CA ASN A 736 69.35 22.18 -46.48
C ASN A 736 69.67 21.52 -47.81
N GLN A 737 70.40 22.24 -48.67
CA GLN A 737 70.95 21.72 -49.90
C GLN A 737 72.39 22.17 -50.06
N MET A 738 73.21 21.95 -49.05
CA MET A 738 74.56 22.49 -49.09
C MET A 738 75.59 21.37 -48.93
N ASP A 739 76.85 21.78 -48.73
CA ASP A 739 78.02 20.99 -49.11
C ASP A 739 77.94 19.56 -48.62
N GLN A 740 78.55 18.66 -49.41
CA GLN A 740 78.64 17.26 -49.05
C GLN A 740 80.03 16.68 -49.19
N ASP A 741 80.92 17.27 -49.96
CA ASP A 741 82.27 16.73 -50.05
C ASP A 741 83.10 17.09 -48.84
N LYS A 742 82.91 18.29 -48.30
CA LYS A 742 83.63 18.65 -47.09
C LYS A 742 83.20 17.77 -45.93
N VAL A 743 81.89 17.57 -45.78
CA VAL A 743 81.38 16.77 -44.69
C VAL A 743 81.83 15.31 -44.84
N ALA A 744 81.73 14.79 -46.05
CA ALA A 744 82.13 13.41 -46.28
C ALA A 744 83.61 13.22 -46.02
N LYS A 745 84.43 14.15 -46.48
CA LYS A 745 85.85 14.05 -46.21
C LYS A 745 86.14 14.15 -44.71
N MET A 746 85.41 15.01 -44.01
CA MET A 746 85.61 15.16 -42.58
C MET A 746 85.30 13.88 -41.84
N TYR A 747 84.19 13.23 -42.19
CA TYR A 747 83.87 11.95 -41.57
C TYR A 747 84.90 10.89 -41.93
N SER A 748 85.38 10.87 -43.17
CA SER A 748 86.39 9.89 -43.54
C SER A 748 87.67 10.08 -42.70
N ASP A 749 88.08 11.33 -42.54
CA ASP A 749 89.25 11.60 -41.71
C ASP A 749 89.01 11.23 -40.26
N LEU A 750 87.82 11.54 -39.75
CA LEU A 750 87.49 11.16 -38.38
C LEU A 750 87.54 9.66 -38.21
N ARG A 751 87.05 8.90 -39.19
CA ARG A 751 87.10 7.46 -39.11
C ARG A 751 88.54 6.96 -39.10
N LYS A 752 89.37 7.52 -39.97
CA LYS A 752 90.75 7.05 -40.03
C LYS A 752 91.47 7.33 -38.72
N GLU A 753 91.22 8.49 -38.12
CA GLU A 753 91.85 8.80 -36.84
C GLU A 753 91.28 7.95 -35.72
N SER A 754 89.96 7.88 -35.61
CA SER A 754 89.34 7.19 -34.48
C SER A 754 89.43 5.68 -34.60
N MET A 755 89.88 5.15 -35.73
CA MET A 755 90.19 3.73 -35.80
C MET A 755 91.68 3.46 -35.89
N ALA A 756 92.49 4.46 -36.21
CA ALA A 756 93.91 4.40 -35.90
C ALA A 756 94.10 4.40 -34.39
N THR A 757 93.71 5.49 -33.74
CA THR A 757 93.75 5.52 -32.29
C THR A 757 92.67 4.59 -31.74
N GLY A 758 92.99 3.90 -30.65
CA GLY A 758 92.04 2.97 -30.09
C GLY A 758 90.95 3.65 -29.30
N SER A 759 90.03 4.30 -30.01
CA SER A 759 89.08 5.21 -29.41
C SER A 759 87.65 4.80 -29.75
N ILE A 760 86.70 5.55 -29.20
CA ILE A 760 85.30 5.43 -29.55
C ILE A 760 85.18 5.85 -31.01
N PRO A 761 84.65 4.99 -31.88
CA PRO A 761 84.63 5.33 -33.30
C PRO A 761 83.49 6.25 -33.64
N ILE A 762 83.78 7.25 -34.47
CA ILE A 762 82.73 8.06 -35.04
C ILE A 762 81.83 7.15 -35.85
N THR A 763 80.55 7.46 -35.91
CA THR A 763 79.64 6.67 -36.71
C THR A 763 78.73 7.57 -37.54
N VAL A 764 77.77 6.96 -38.22
CA VAL A 764 76.81 7.73 -38.99
C VAL A 764 76.00 8.64 -38.11
N ARG A 765 75.59 8.14 -36.94
CA ARG A 765 74.72 8.95 -36.11
C ARG A 765 75.39 10.24 -35.72
N HIS A 766 76.71 10.31 -35.74
CA HIS A 766 77.39 11.56 -35.45
C HIS A 766 77.21 12.58 -36.55
N ILE A 767 77.25 12.17 -37.82
CA ILE A 767 76.95 13.15 -38.86
C ILE A 767 75.47 13.47 -38.89
N GLU A 768 74.60 12.53 -38.53
CA GLU A 768 73.19 12.87 -38.48
C GLU A 768 72.89 13.86 -37.36
N SER A 769 73.56 13.71 -36.23
CA SER A 769 73.44 14.72 -35.18
C SER A 769 74.06 16.04 -35.62
N MET A 770 75.14 16.00 -36.40
CA MET A 770 75.71 17.24 -36.91
C MET A 770 74.72 17.94 -37.82
N ILE A 771 73.97 17.17 -38.62
CA ILE A 771 72.92 17.74 -39.46
C ILE A 771 71.83 18.37 -38.61
N ARG A 772 71.42 17.68 -37.54
CA ARG A 772 70.44 18.28 -36.62
C ARG A 772 70.94 19.60 -36.07
N MET A 773 72.20 19.65 -35.67
CA MET A 773 72.71 20.87 -35.06
C MET A 773 72.91 21.97 -36.09
N ALA A 774 73.22 21.61 -37.33
CA ALA A 774 73.25 22.60 -38.41
C ALA A 774 71.87 23.17 -38.67
N GLU A 775 70.85 22.32 -38.72
CA GLU A 775 69.50 22.80 -38.91
C GLU A 775 69.06 23.68 -37.76
N ALA A 776 69.43 23.31 -36.54
CA ALA A 776 69.09 24.14 -35.39
C ALA A 776 69.77 25.49 -35.48
N HIS A 777 71.06 25.50 -35.86
CA HIS A 777 71.77 26.77 -35.98
C HIS A 777 71.15 27.65 -37.06
N ALA A 778 70.74 27.06 -38.17
CA ALA A 778 70.05 27.82 -39.20
C ALA A 778 68.73 28.36 -38.67
N ARG A 779 68.02 27.57 -37.88
CA ARG A 779 66.77 28.01 -37.30
C ARG A 779 66.98 29.17 -36.33
N ILE A 780 68.12 29.18 -35.65
CA ILE A 780 68.43 30.28 -34.73
C ILE A 780 68.53 31.58 -35.49
N HIS A 781 68.99 31.54 -36.73
CA HIS A 781 69.09 32.71 -37.57
C HIS A 781 67.92 32.87 -38.51
N LEU A 782 66.91 32.02 -38.40
CA LEU A 782 65.70 32.10 -39.22
C LEU A 782 66.01 31.94 -40.70
N ARG A 783 67.03 31.15 -41.04
CA ARG A 783 67.60 31.22 -42.38
C ARG A 783 66.76 30.56 -43.45
N ASP A 784 66.16 29.39 -43.17
CA ASP A 784 65.46 28.54 -44.13
C ASP A 784 66.41 27.84 -45.11
N TYR A 785 67.72 27.94 -44.90
CA TYR A 785 68.73 27.17 -45.62
C TYR A 785 69.98 27.07 -44.76
N VAL A 786 70.49 25.86 -44.57
CA VAL A 786 71.79 25.75 -43.94
C VAL A 786 72.82 26.46 -44.80
N ILE A 787 73.66 27.25 -44.16
CA ILE A 787 74.73 27.96 -44.82
C ILE A 787 76.02 27.38 -44.29
N GLU A 788 77.11 27.60 -45.03
CA GLU A 788 78.38 26.96 -44.67
C GLU A 788 78.76 27.22 -43.23
N ASP A 789 78.38 28.38 -42.68
CA ASP A 789 78.69 28.64 -41.28
C ASP A 789 77.84 27.80 -40.34
N ASP A 790 76.59 27.52 -40.70
CA ASP A 790 75.79 26.60 -39.90
C ASP A 790 76.44 25.23 -39.87
N VAL A 791 76.88 24.73 -41.02
CA VAL A 791 77.54 23.44 -41.07
C VAL A 791 78.82 23.47 -40.26
N ASN A 792 79.60 24.54 -40.39
CA ASN A 792 80.88 24.61 -39.69
C ASN A 792 80.67 24.62 -38.19
N MET A 793 79.68 25.38 -37.72
CA MET A 793 79.43 25.43 -36.29
C MET A 793 78.91 24.10 -35.77
N ALA A 794 78.05 23.44 -36.55
CA ALA A 794 77.60 22.11 -36.17
C ALA A 794 78.75 21.13 -36.12
N ILE A 795 79.70 21.25 -37.03
CA ILE A 795 80.87 20.39 -37.00
C ILE A 795 81.67 20.65 -35.73
N ARG A 796 81.83 21.91 -35.38
CA ARG A 796 82.56 22.24 -34.16
C ARG A 796 81.87 21.66 -32.94
N VAL A 797 80.56 21.75 -32.88
CA VAL A 797 79.83 21.26 -31.71
C VAL A 797 79.87 19.73 -31.66
N MET A 798 79.62 19.08 -32.78
CA MET A 798 79.65 17.63 -32.83
C MET A 798 81.02 17.11 -32.47
N LEU A 799 82.07 17.79 -32.93
CA LEU A 799 83.42 17.35 -32.64
C LEU A 799 83.81 17.65 -31.20
N GLU A 800 83.35 18.76 -30.64
CA GLU A 800 83.62 19.01 -29.24
C GLU A 800 82.98 17.95 -28.38
N SER A 801 81.74 17.58 -28.70
CA SER A 801 81.07 16.53 -27.95
C SER A 801 81.77 15.19 -28.15
N PHE A 802 82.18 14.88 -29.37
CA PHE A 802 82.78 13.57 -29.63
C PHE A 802 84.20 13.48 -29.09
N ILE A 803 84.89 14.59 -28.94
CA ILE A 803 86.29 14.56 -28.61
C ILE A 803 86.52 14.58 -27.11
N ASP A 804 85.70 15.34 -26.40
CA ASP A 804 85.76 15.39 -24.94
C ASP A 804 85.36 14.06 -24.29
N THR A 805 84.70 13.18 -25.04
CA THR A 805 84.24 11.91 -24.49
C THR A 805 85.27 10.80 -24.66
N GLN A 806 86.45 11.12 -25.15
CA GLN A 806 87.51 10.13 -25.23
C GLN A 806 88.38 10.17 -23.99
N LYS A 807 89.20 9.15 -23.83
CA LYS A 807 90.19 9.18 -22.78
C LYS A 807 91.23 10.24 -23.09
N PHE A 808 92.05 10.57 -22.09
CA PHE A 808 92.86 11.78 -22.16
C PHE A 808 93.84 11.75 -23.33
N SER A 809 94.50 10.62 -23.55
CA SER A 809 95.46 10.56 -24.64
C SER A 809 94.79 10.80 -25.98
N VAL A 810 93.68 10.13 -26.20
CA VAL A 810 92.94 10.30 -27.45
C VAL A 810 92.37 11.71 -27.54
N MET A 811 91.94 12.26 -26.41
CA MET A 811 91.40 13.62 -26.44
C MET A 811 92.47 14.60 -26.88
N ARG A 812 93.69 14.48 -26.35
CA ARG A 812 94.77 15.36 -26.80
C ARG A 812 95.06 15.17 -28.28
N SER A 813 95.19 13.92 -28.72
CA SER A 813 95.53 13.70 -30.12
C SER A 813 94.47 14.28 -31.04
N MET A 814 93.19 14.06 -30.73
CA MET A 814 92.13 14.58 -31.58
C MET A 814 92.02 16.10 -31.49
N ARG A 815 92.28 16.68 -30.32
CA ARG A 815 92.34 18.12 -30.21
C ARG A 815 93.38 18.70 -31.15
N LYS A 816 94.49 17.98 -31.30
CA LYS A 816 95.54 18.45 -32.20
C LYS A 816 95.13 18.28 -33.65
N THR A 817 94.84 17.06 -34.08
CA THR A 817 94.72 16.81 -35.50
C THR A 817 93.49 17.47 -36.11
N PHE A 818 92.45 17.72 -35.33
CA PHE A 818 91.22 18.31 -35.87
C PHE A 818 91.05 19.75 -35.44
N ALA A 819 92.13 20.42 -35.05
CA ALA A 819 92.02 21.73 -34.43
C ALA A 819 91.47 22.77 -35.40
N ARG A 820 91.70 22.59 -36.69
CA ARG A 820 91.16 23.55 -37.66
C ARG A 820 89.64 23.49 -37.70
N TYR A 821 89.06 22.29 -37.62
CA TYR A 821 87.62 22.17 -37.49
C TYR A 821 87.13 22.71 -36.17
N LEU A 822 87.92 22.53 -35.13
CA LEU A 822 87.52 22.70 -33.75
C LEU A 822 87.58 24.13 -33.26
N SER A 823 88.18 25.03 -34.03
CA SER A 823 88.34 26.42 -33.61
C SER A 823 87.50 27.37 -34.46
N PHE A 824 86.49 26.87 -35.15
CA PHE A 824 85.63 27.73 -35.95
C PHE A 824 84.93 28.74 -35.07
N ARG A 825 84.91 30.00 -35.51
CA ARG A 825 84.37 31.12 -34.73
C ARG A 825 84.97 31.20 -33.34
N ARG A 826 86.09 30.52 -33.12
CA ARG A 826 86.78 30.58 -31.83
C ARG A 826 87.95 31.53 -32.04
N ASP A 827 87.77 32.78 -31.60
CA ASP A 827 88.70 33.83 -32.00
C ASP A 827 90.07 33.63 -31.37
N ASN A 828 91.00 34.50 -31.75
CA ASN A 828 92.38 34.36 -31.28
C ASN A 828 92.48 34.65 -29.78
N ASN A 829 91.70 35.62 -29.28
CA ASN A 829 91.83 36.02 -27.89
C ASN A 829 91.54 34.87 -26.94
N GLU A 830 90.45 34.13 -27.19
CA GLU A 830 90.12 33.03 -26.30
C GLU A 830 91.05 31.84 -26.48
N LEU A 831 91.48 31.55 -27.70
CA LEU A 831 92.46 30.48 -27.89
C LEU A 831 93.74 30.77 -27.12
N LEU A 832 94.22 32.01 -27.24
CA LEU A 832 95.44 32.40 -26.56
C LEU A 832 95.25 32.37 -25.06
N LEU A 833 94.08 32.81 -24.58
CA LEU A 833 93.81 32.73 -23.15
C LEU A 833 93.83 31.29 -22.67
N PHE A 834 93.31 30.37 -23.48
CA PHE A 834 93.35 28.97 -23.08
C PHE A 834 94.79 28.48 -22.97
N ILE A 835 95.62 28.83 -23.96
CA ILE A 835 97.02 28.40 -23.91
C ILE A 835 97.70 28.97 -22.67
N LEU A 836 97.45 30.26 -22.39
CA LEU A 836 98.09 30.91 -21.26
C LEU A 836 97.65 30.28 -19.95
N LYS A 837 96.37 29.96 -19.82
CA LYS A 837 95.89 29.26 -18.63
C LYS A 837 96.58 27.91 -18.50
N GLN A 838 96.79 27.22 -19.61
CA GLN A 838 97.44 25.92 -19.54
C GLN A 838 98.86 26.05 -18.99
N LEU A 839 99.64 26.99 -19.54
CA LEU A 839 101.01 27.17 -19.04
C LEU A 839 101.03 27.62 -17.59
N VAL A 840 100.16 28.55 -17.21
CA VAL A 840 100.21 29.03 -15.84
C VAL A 840 99.79 27.93 -14.86
N ALA A 841 98.86 27.07 -15.24
CA ALA A 841 98.50 25.94 -14.39
C ALA A 841 99.64 24.94 -14.29
N GLU A 842 100.31 24.67 -15.40
CA GLU A 842 101.52 23.84 -15.37
C GLU A 842 102.52 24.38 -14.36
N GLN A 843 102.75 25.69 -14.43
CA GLN A 843 103.70 26.35 -13.53
C GLN A 843 103.25 26.24 -12.08
N VAL A 844 101.96 26.44 -11.82
CA VAL A 844 101.48 26.42 -10.45
C VAL A 844 101.62 25.02 -9.86
N THR A 845 101.29 23.99 -10.64
CA THR A 845 101.49 22.62 -10.16
C THR A 845 102.97 22.38 -9.85
N TYR A 846 103.85 22.80 -10.75
CA TYR A 846 105.28 22.66 -10.49
C TYR A 846 105.68 23.34 -9.19
N GLN A 847 105.17 24.55 -8.97
CA GLN A 847 105.54 25.30 -7.76
C GLN A 847 105.07 24.56 -6.51
N ARG A 848 103.79 24.19 -6.47
CA ARG A 848 103.22 23.70 -5.23
C ARG A 848 103.61 22.26 -4.94
N ASN A 849 104.14 21.53 -5.92
CA ASN A 849 104.56 20.17 -5.64
C ASN A 849 105.73 20.10 -4.67
N ARG A 850 106.68 21.03 -4.76
CA ARG A 850 107.77 21.02 -3.78
C ARG A 850 107.97 22.37 -3.11
N PHE A 851 106.99 23.26 -3.16
CA PHE A 851 106.99 24.46 -2.33
C PHE A 851 105.85 24.48 -1.32
N GLY A 852 105.19 23.35 -1.10
CA GLY A 852 104.09 23.31 -0.15
C GLY A 852 102.81 23.98 -0.63
N ALA A 853 102.93 25.19 -1.19
CA ALA A 853 101.77 25.89 -1.71
C ALA A 853 102.21 26.69 -2.93
N GLN A 854 101.23 27.09 -3.74
CA GLN A 854 101.49 28.00 -4.83
C GLN A 854 101.94 29.34 -4.29
N GLN A 855 102.80 30.02 -5.04
CA GLN A 855 103.40 31.26 -4.59
C GLN A 855 102.51 32.44 -4.97
N ASP A 856 102.95 33.63 -4.60
CA ASP A 856 102.32 34.85 -5.07
C ASP A 856 103.00 35.31 -6.35
N THR A 857 102.29 36.14 -7.12
CA THR A 857 102.76 36.66 -8.40
C THR A 857 103.29 35.53 -9.27
N ILE A 858 102.38 34.64 -9.66
CA ILE A 858 102.70 33.53 -10.55
C ILE A 858 102.90 34.08 -11.95
N GLU A 859 104.02 33.74 -12.57
CA GLU A 859 104.46 34.36 -13.80
C GLU A 859 104.93 33.32 -14.81
N VAL A 860 105.14 33.77 -16.04
CA VAL A 860 105.52 32.91 -17.14
C VAL A 860 106.20 33.77 -18.20
N PRO A 861 107.20 33.26 -18.91
CA PRO A 861 107.89 34.09 -19.90
C PRO A 861 107.02 34.46 -21.09
N GLU A 862 107.45 35.54 -21.76
CA GLU A 862 106.87 35.92 -23.04
C GLU A 862 107.09 34.82 -24.07
N LYS A 863 108.30 34.25 -24.06
CA LYS A 863 108.78 33.44 -25.18
C LYS A 863 107.94 32.19 -25.39
N ASP A 864 107.65 31.45 -24.33
CA ASP A 864 106.95 30.17 -24.51
C ASP A 864 105.50 30.40 -24.95
N LEU A 865 104.88 31.48 -24.47
CA LEU A 865 103.58 31.85 -25.02
C LEU A 865 103.68 32.18 -26.49
N VAL A 866 104.71 32.93 -26.89
CA VAL A 866 104.90 33.23 -28.31
C VAL A 866 105.08 31.94 -29.09
N ASP A 867 105.83 30.99 -28.53
CA ASP A 867 106.11 29.73 -29.23
C ASP A 867 104.84 28.95 -29.46
N LYS A 868 104.00 28.83 -28.44
CA LYS A 868 102.77 28.09 -28.59
C LYS A 868 101.77 28.82 -29.49
N ALA A 869 101.79 30.16 -29.47
CA ALA A 869 100.92 30.91 -30.37
C ALA A 869 101.34 30.71 -31.82
N ARG A 870 102.65 30.62 -32.07
CA ARG A 870 103.10 30.21 -33.40
C ARG A 870 102.63 28.80 -33.73
N GLN A 871 102.69 27.88 -32.76
CA GLN A 871 102.30 26.51 -33.03
C GLN A 871 100.87 26.42 -33.55
N ILE A 872 100.03 27.38 -33.17
CA ILE A 872 98.69 27.51 -33.72
C ILE A 872 98.58 28.68 -34.68
N ASN A 873 99.73 29.27 -35.07
CA ASN A 873 99.80 30.31 -36.10
C ASN A 873 99.01 31.55 -35.70
N ILE A 874 99.49 32.20 -34.64
CA ILE A 874 98.95 33.50 -34.25
C ILE A 874 99.91 34.60 -34.67
N HIS A 875 101.11 34.60 -34.11
CA HIS A 875 102.23 35.51 -34.42
C HIS A 875 101.96 36.96 -34.06
N ASN A 876 100.77 37.31 -33.59
CA ASN A 876 100.45 38.72 -33.27
C ASN A 876 99.73 38.74 -31.93
N LEU A 877 100.50 38.88 -30.86
CA LEU A 877 99.97 38.79 -29.50
C LEU A 877 99.57 40.15 -28.93
N SER A 878 99.78 41.24 -29.67
CA SER A 878 99.58 42.57 -29.10
C SER A 878 98.13 42.80 -28.71
N ALA A 879 97.20 42.40 -29.57
CA ALA A 879 95.78 42.55 -29.24
C ALA A 879 95.39 41.66 -28.08
N PHE A 880 96.06 40.51 -27.93
CA PHE A 880 95.83 39.68 -26.76
C PHE A 880 96.19 40.41 -25.49
N TYR A 881 97.31 41.14 -25.48
CA TYR A 881 97.69 41.89 -24.31
C TYR A 881 96.78 43.10 -24.09
N ASP A 882 96.30 43.70 -25.17
CA ASP A 882 95.37 44.81 -25.03
C ASP A 882 93.94 44.36 -24.78
N SER A 883 93.69 43.06 -24.84
CA SER A 883 92.32 42.55 -24.81
C SER A 883 91.64 42.86 -23.48
N GLU A 884 90.33 43.10 -23.56
CA GLU A 884 89.51 43.11 -22.35
C GLU A 884 89.60 41.78 -21.63
N LEU A 885 89.62 40.69 -22.40
CA LEU A 885 89.60 39.36 -21.80
C LEU A 885 90.90 39.08 -21.04
N PHE A 886 92.03 39.56 -21.55
CA PHE A 886 93.30 39.42 -20.84
C PHE A 886 93.26 40.13 -19.50
N ARG A 887 92.74 41.35 -19.48
CA ARG A 887 92.69 42.11 -18.23
C ARG A 887 91.70 41.50 -17.27
N MET A 888 90.58 40.97 -17.80
CA MET A 888 89.51 40.47 -16.95
C MET A 888 89.96 39.26 -16.14
N ASN A 889 90.91 38.49 -16.66
CA ASN A 889 91.36 37.28 -15.99
C ASN A 889 92.51 37.55 -15.04
N LYS A 890 92.63 38.77 -14.54
CA LYS A 890 93.67 39.15 -13.59
C LYS A 890 95.06 38.88 -14.16
N PHE A 891 95.22 39.13 -15.46
CA PHE A 891 96.51 39.01 -16.12
C PHE A 891 97.14 40.38 -16.29
N SER A 892 98.44 40.37 -16.56
CA SER A 892 99.19 41.61 -16.78
C SER A 892 100.38 41.31 -17.68
N HIS A 893 100.72 42.29 -18.51
CA HIS A 893 101.86 42.19 -19.42
C HIS A 893 102.98 43.09 -18.92
N ASP A 894 104.14 42.50 -18.66
CA ASP A 894 105.29 43.22 -18.14
C ASP A 894 106.39 43.16 -19.20
N LEU A 895 106.35 44.14 -20.11
CA LEU A 895 107.27 44.21 -21.23
C LEU A 895 108.69 44.56 -20.81
N LYS A 896 108.90 44.96 -19.55
CA LYS A 896 110.25 45.28 -19.11
C LYS A 896 111.15 44.05 -19.18
N ARG A 897 110.65 42.90 -18.75
CA ARG A 897 111.42 41.66 -18.74
C ARG A 897 110.76 40.57 -19.57
N LYS A 898 109.78 40.93 -20.42
CA LYS A 898 109.03 39.95 -21.19
C LYS A 898 108.33 38.93 -20.28
N MET A 899 107.81 39.41 -19.15
CA MET A 899 107.02 38.59 -18.24
C MET A 899 105.55 38.94 -18.33
N ILE A 900 104.73 37.92 -18.09
CA ILE A 900 103.29 38.08 -17.87
C ILE A 900 102.92 37.24 -16.67
N LEU A 901 102.04 37.78 -15.82
CA LEU A 901 101.84 37.19 -14.50
C LEU A 901 100.43 37.47 -14.00
N GLN A 902 100.01 36.65 -13.04
CA GLN A 902 98.72 36.80 -12.38
C GLN A 902 98.91 37.30 -10.95
N GLN A 903 97.86 37.97 -10.45
CA GLN A 903 97.87 38.42 -9.07
C GLN A 903 97.64 37.27 -8.10
N PHE A 904 96.72 36.37 -8.44
CA PHE A 904 96.40 35.23 -7.59
C PHE A 904 95.78 34.12 -8.41
N ALA B 47 -5.24 -16.17 -10.25
CA ALA B 47 -5.34 -17.09 -11.38
C ALA B 47 -5.58 -18.52 -10.93
N GLY B 48 -4.99 -19.48 -11.66
CA GLY B 48 -5.25 -20.88 -11.39
C GLY B 48 -5.72 -21.62 -12.62
N THR B 49 -5.36 -21.10 -13.79
CA THR B 49 -5.75 -21.70 -15.05
C THR B 49 -4.89 -22.92 -15.37
N VAL B 50 -5.51 -23.92 -15.97
CA VAL B 50 -4.80 -25.04 -16.55
C VAL B 50 -5.01 -25.01 -18.05
N VAL B 51 -4.13 -25.69 -18.77
CA VAL B 51 -4.20 -25.73 -20.22
C VAL B 51 -4.81 -27.06 -20.63
N LEU B 52 -5.67 -27.03 -21.63
CA LEU B 52 -6.38 -28.19 -22.13
C LEU B 52 -5.76 -28.62 -23.46
N ASP B 53 -4.78 -29.51 -23.38
CA ASP B 53 -4.10 -30.07 -24.56
C ASP B 53 -3.57 -28.97 -25.48
N ASP B 54 -2.58 -28.25 -24.97
CA ASP B 54 -1.86 -27.29 -25.78
C ASP B 54 -1.37 -27.94 -27.06
N VAL B 55 -1.59 -27.27 -28.19
CA VAL B 55 -1.29 -27.90 -29.48
C VAL B 55 0.22 -27.99 -29.69
N GLU B 56 0.95 -26.93 -29.40
CA GLU B 56 2.38 -26.94 -29.65
C GLU B 56 3.10 -27.88 -28.70
N LEU B 57 2.75 -27.86 -27.43
CA LEU B 57 3.37 -28.78 -26.49
C LEU B 57 3.04 -30.22 -26.85
N ARG B 58 1.80 -30.48 -27.28
CA ARG B 58 1.44 -31.83 -27.67
C ARG B 58 2.26 -32.30 -28.86
N GLU B 59 2.37 -31.46 -29.88
CA GLU B 59 3.13 -31.82 -31.06
C GLU B 59 4.60 -32.01 -30.74
N ALA B 60 5.15 -31.14 -29.90
CA ALA B 60 6.54 -31.25 -29.50
C ALA B 60 6.81 -32.53 -28.73
N GLN B 61 5.96 -32.84 -27.76
CA GLN B 61 6.14 -34.06 -27.00
C GLN B 61 6.00 -35.28 -27.89
N ARG B 62 5.13 -35.22 -28.88
CA ARG B 62 5.00 -36.30 -29.84
C ARG B 62 6.27 -36.47 -30.66
N ASP B 63 6.81 -35.36 -31.17
CA ASP B 63 8.03 -35.42 -31.96
C ASP B 63 9.19 -35.96 -31.14
N TYR B 64 9.32 -35.50 -29.92
CA TYR B 64 10.42 -35.93 -29.07
C TYR B 64 10.30 -37.40 -28.71
N LEU B 65 9.07 -37.87 -28.44
CA LEU B 65 8.90 -39.28 -28.13
C LEU B 65 9.10 -40.15 -29.38
N ASP B 66 8.77 -39.63 -30.56
CA ASP B 66 9.11 -40.34 -31.78
C ASP B 66 10.61 -40.46 -31.92
N PHE B 67 11.34 -39.39 -31.63
CA PHE B 67 12.79 -39.41 -31.74
C PHE B 67 13.40 -40.38 -30.73
N LEU B 68 12.83 -40.44 -29.53
CA LEU B 68 13.39 -41.29 -28.49
C LEU B 68 13.11 -42.75 -28.75
N ASP B 69 11.89 -43.04 -29.20
CA ASP B 69 11.51 -44.42 -29.51
C ASP B 69 12.19 -44.81 -30.81
N ASP B 70 13.42 -45.30 -30.69
CA ASP B 70 14.25 -45.67 -31.83
C ASP B 70 14.25 -47.19 -31.90
N GLU B 71 13.30 -47.73 -32.59
CA GLU B 71 13.34 -49.17 -32.82
C GLU B 71 13.24 -49.52 -34.30
N GLU B 72 12.36 -48.86 -35.03
CA GLU B 72 12.37 -49.00 -36.47
C GLU B 72 13.63 -48.39 -37.06
N ASP B 73 14.24 -47.45 -36.33
CA ASP B 73 15.49 -46.84 -36.70
C ASP B 73 16.64 -47.61 -36.04
N GLN B 74 17.82 -47.01 -35.98
CA GLN B 74 19.03 -47.70 -35.55
C GLN B 74 19.01 -48.17 -34.10
N GLY B 75 18.07 -47.69 -33.29
CA GLY B 75 18.01 -48.13 -31.91
C GLY B 75 18.89 -47.39 -30.95
N ILE B 76 19.38 -46.21 -31.34
CA ILE B 76 20.41 -45.53 -30.56
C ILE B 76 19.85 -45.05 -29.22
N TYR B 77 18.86 -44.18 -29.26
CA TYR B 77 18.41 -43.54 -28.04
C TYR B 77 17.55 -44.45 -27.18
N GLN B 78 16.93 -45.44 -27.78
CA GLN B 78 16.21 -46.41 -26.98
C GLN B 78 17.19 -47.22 -26.14
N SER B 79 18.31 -47.61 -26.73
CA SER B 79 19.38 -48.26 -25.98
C SER B 79 20.00 -47.32 -24.94
N LYS B 80 20.16 -46.04 -25.29
CA LYS B 80 20.72 -45.09 -24.32
C LYS B 80 19.82 -44.94 -23.10
N VAL B 81 18.51 -44.91 -23.32
CA VAL B 81 17.58 -44.81 -22.21
C VAL B 81 17.61 -46.08 -21.36
N ARG B 82 17.69 -47.25 -22.00
CA ARG B 82 17.91 -48.46 -21.22
C ARG B 82 19.20 -48.37 -20.41
N GLU B 83 20.23 -47.78 -20.98
CA GLU B 83 21.52 -47.78 -20.30
C GLU B 83 21.49 -46.83 -19.11
N LEU B 84 20.74 -45.73 -19.21
CA LEU B 84 20.63 -44.88 -18.03
C LEU B 84 19.77 -45.53 -16.97
N ILE B 85 18.73 -46.27 -17.37
CA ILE B 85 17.96 -47.02 -16.39
C ILE B 85 18.86 -47.99 -15.64
N SER B 86 19.71 -48.71 -16.37
CA SER B 86 20.55 -49.72 -15.74
C SER B 86 21.67 -49.09 -14.95
N ASP B 87 22.15 -47.93 -15.36
CA ASP B 87 23.20 -47.22 -14.64
C ASP B 87 22.64 -46.39 -13.50
N ASN B 88 21.32 -46.35 -13.36
CA ASN B 88 20.63 -45.65 -12.29
C ASN B 88 20.95 -44.16 -12.33
N GLN B 89 20.56 -43.54 -13.44
CA GLN B 89 20.74 -42.11 -13.64
C GLN B 89 19.49 -41.56 -14.27
N TYR B 90 19.35 -40.24 -14.22
CA TYR B 90 18.11 -39.63 -14.68
C TYR B 90 18.36 -38.45 -15.60
N ARG B 91 19.49 -38.42 -16.29
CA ARG B 91 19.75 -37.45 -17.34
C ARG B 91 20.16 -38.19 -18.59
N LEU B 92 19.54 -37.84 -19.71
CA LEU B 92 19.90 -38.39 -21.01
C LEU B 92 20.56 -37.31 -21.83
N ILE B 93 21.74 -37.60 -22.36
CA ILE B 93 22.47 -36.66 -23.20
C ILE B 93 22.13 -36.97 -24.64
N VAL B 94 21.62 -35.97 -25.35
CA VAL B 94 21.09 -36.15 -26.68
C VAL B 94 21.98 -35.41 -27.66
N ASN B 95 22.44 -36.10 -28.69
CA ASN B 95 23.20 -35.45 -29.74
C ASN B 95 22.25 -34.64 -30.60
N VAL B 96 22.50 -33.34 -30.72
CA VAL B 96 21.57 -32.50 -31.44
C VAL B 96 21.64 -32.75 -32.94
N ASN B 97 22.78 -33.27 -33.42
CA ASN B 97 22.87 -33.67 -34.82
C ASN B 97 21.90 -34.80 -35.14
N ASP B 98 21.66 -35.71 -34.20
CA ASP B 98 20.67 -36.76 -34.43
C ASP B 98 19.28 -36.18 -34.62
N LEU B 99 18.90 -35.20 -33.82
CA LEU B 99 17.63 -34.51 -34.05
C LEU B 99 17.59 -33.83 -35.41
N ARG B 100 18.66 -33.11 -35.77
CA ARG B 100 18.66 -32.47 -37.08
C ARG B 100 18.46 -33.48 -38.18
N ARG B 101 19.12 -34.63 -38.04
CA ARG B 101 18.94 -35.71 -39.00
C ARG B 101 17.49 -36.17 -39.04
N LYS B 102 16.87 -36.32 -37.88
CA LYS B 102 15.49 -36.80 -37.83
C LYS B 102 14.46 -35.70 -37.99
N ASN B 103 14.73 -34.50 -37.47
CA ASN B 103 13.72 -33.45 -37.42
C ASN B 103 14.44 -32.10 -37.41
N GLU B 104 14.54 -31.46 -38.57
CA GLU B 104 15.10 -30.11 -38.60
C GLU B 104 14.26 -29.15 -37.79
N LYS B 105 12.94 -29.28 -37.88
CA LYS B 105 12.07 -28.31 -37.25
C LYS B 105 12.19 -28.38 -35.73
N ARG B 106 12.17 -29.59 -35.16
CA ARG B 106 12.46 -29.73 -33.73
C ARG B 106 13.82 -29.20 -33.38
N ALA B 107 14.85 -29.55 -34.15
CA ALA B 107 16.18 -29.17 -33.74
C ALA B 107 16.31 -27.67 -33.65
N ASN B 108 15.79 -26.96 -34.65
CA ASN B 108 15.86 -25.51 -34.64
C ASN B 108 15.02 -24.93 -33.52
N ARG B 109 13.82 -25.46 -33.33
CA ARG B 109 12.96 -24.89 -32.31
C ARG B 109 13.52 -25.14 -30.92
N LEU B 110 14.07 -26.32 -30.69
CA LEU B 110 14.75 -26.62 -29.43
C LEU B 110 15.92 -25.71 -29.19
N LEU B 111 16.74 -25.48 -30.20
CA LEU B 111 17.93 -24.69 -29.97
C LEU B 111 17.60 -23.21 -29.79
N ASN B 112 16.48 -22.75 -30.33
CA ASN B 112 16.16 -21.33 -30.24
C ASN B 112 15.16 -21.00 -29.14
N ASN B 113 14.39 -21.96 -28.68
CA ASN B 113 13.42 -21.74 -27.61
C ASN B 113 13.66 -22.85 -26.61
N ALA B 114 14.67 -22.68 -25.77
CA ALA B 114 15.21 -23.82 -25.05
C ALA B 114 14.31 -24.25 -23.90
N PHE B 115 13.71 -23.30 -23.19
CA PHE B 115 13.05 -23.61 -21.93
C PHE B 115 11.84 -24.50 -22.14
N GLU B 116 10.88 -24.05 -22.93
CA GLU B 116 9.66 -24.82 -23.11
C GLU B 116 9.89 -26.06 -23.95
N GLU B 117 10.80 -25.99 -24.93
CA GLU B 117 11.15 -27.18 -25.69
C GLU B 117 11.76 -28.25 -24.81
N LEU B 118 12.65 -27.86 -23.91
CA LEU B 118 13.26 -28.82 -23.01
C LEU B 118 12.27 -29.37 -22.01
N VAL B 119 11.28 -28.56 -21.62
CA VAL B 119 10.20 -29.10 -20.80
C VAL B 119 9.43 -30.17 -21.56
N ALA B 120 9.13 -29.92 -22.82
CA ALA B 120 8.43 -30.93 -23.62
C ALA B 120 9.26 -32.19 -23.73
N PHE B 121 10.56 -32.04 -23.94
CA PHE B 121 11.41 -33.19 -24.21
C PHE B 121 11.73 -33.95 -22.95
N GLN B 122 11.69 -33.31 -21.79
CA GLN B 122 11.78 -34.06 -20.55
C GLN B 122 10.48 -34.77 -20.20
N ARG B 123 9.32 -34.19 -20.53
CA ARG B 123 8.08 -34.93 -20.36
C ARG B 123 8.05 -36.16 -21.26
N ALA B 124 8.47 -35.99 -22.52
CA ALA B 124 8.55 -37.13 -23.42
C ALA B 124 9.53 -38.17 -22.92
N LEU B 125 10.66 -37.73 -22.35
CA LEU B 125 11.61 -38.68 -21.81
C LEU B 125 11.02 -39.46 -20.64
N LYS B 126 10.27 -38.80 -19.77
CA LYS B 126 9.65 -39.52 -18.66
C LYS B 126 8.64 -40.53 -19.17
N ASP B 127 7.84 -40.15 -20.17
CA ASP B 127 6.91 -41.10 -20.75
C ASP B 127 7.63 -42.31 -21.31
N PHE B 128 8.71 -42.08 -22.06
CA PHE B 128 9.43 -43.18 -22.66
C PHE B 128 10.09 -44.07 -21.61
N VAL B 129 10.66 -43.47 -20.57
CA VAL B 129 11.28 -44.26 -19.52
C VAL B 129 10.24 -45.11 -18.82
N ALA B 130 9.06 -44.55 -18.58
CA ALA B 130 7.99 -45.33 -17.98
C ALA B 130 7.60 -46.49 -18.90
N SER B 131 7.56 -46.25 -20.20
CA SER B 131 7.22 -47.34 -21.12
C SER B 131 8.24 -48.46 -21.01
N ILE B 132 9.52 -48.14 -20.91
CA ILE B 132 10.52 -49.19 -20.73
C ILE B 132 10.43 -49.79 -19.33
N ASP B 133 10.27 -48.95 -18.31
CA ASP B 133 10.37 -49.41 -16.93
C ASP B 133 9.61 -48.40 -16.06
N ALA B 134 8.42 -48.78 -15.60
CA ALA B 134 7.57 -47.82 -14.90
C ALA B 134 8.04 -47.56 -13.47
N THR B 135 8.61 -48.55 -12.81
CA THR B 135 9.05 -48.36 -11.43
C THR B 135 10.23 -47.40 -11.37
N TYR B 136 11.18 -47.56 -12.30
CA TYR B 136 12.30 -46.63 -12.36
C TYR B 136 11.81 -45.22 -12.62
N ALA B 137 10.87 -45.05 -13.55
CA ALA B 137 10.30 -43.74 -13.77
C ALA B 137 9.61 -43.23 -12.54
N LYS B 138 9.13 -44.14 -11.70
CA LYS B 138 8.46 -43.72 -10.47
C LYS B 138 9.45 -43.22 -9.45
N GLN B 139 10.69 -43.74 -9.49
CA GLN B 139 11.68 -43.36 -8.49
C GLN B 139 12.05 -41.89 -8.57
N TYR B 140 12.24 -41.36 -9.77
CA TYR B 140 12.73 -40.00 -9.96
C TYR B 140 11.60 -39.08 -10.38
N GLU B 141 11.53 -37.92 -9.72
CA GLU B 141 10.46 -36.98 -9.97
C GLU B 141 10.47 -36.49 -11.41
N GLU B 142 11.62 -36.03 -11.87
CA GLU B 142 11.79 -35.59 -13.24
C GLU B 142 13.04 -36.23 -13.83
N PHE B 143 12.99 -36.52 -15.12
CA PHE B 143 14.14 -36.94 -15.89
C PHE B 143 14.62 -35.78 -16.75
N TYR B 144 15.93 -35.65 -16.91
CA TYR B 144 16.51 -34.49 -17.55
C TYR B 144 17.13 -34.84 -18.89
N VAL B 145 17.39 -33.81 -19.66
CA VAL B 145 17.97 -33.93 -20.99
C VAL B 145 19.14 -32.97 -21.08
N GLY B 146 20.32 -33.50 -21.32
CA GLY B 146 21.46 -32.71 -21.70
C GLY B 146 21.63 -32.77 -23.19
N LEU B 147 22.29 -31.76 -23.73
CA LEU B 147 22.48 -31.68 -25.17
C LEU B 147 23.96 -31.74 -25.50
N GLU B 148 24.26 -32.24 -26.69
CA GLU B 148 25.64 -32.37 -27.12
C GLU B 148 25.65 -32.36 -28.64
N GLY B 149 26.83 -32.41 -29.21
CA GLY B 149 26.93 -32.40 -30.64
C GLY B 149 27.45 -31.11 -31.22
N SER B 150 26.79 -30.63 -32.26
CA SER B 150 27.27 -29.51 -33.06
C SER B 150 26.23 -28.41 -33.01
N PHE B 151 26.50 -27.39 -32.23
CA PHE B 151 25.69 -26.18 -32.18
C PHE B 151 26.40 -25.19 -33.08
N GLY B 152 25.79 -24.84 -34.20
CA GLY B 152 26.59 -24.11 -35.15
C GLY B 152 26.91 -22.71 -34.70
N SER B 153 25.92 -21.84 -34.72
CA SER B 153 26.12 -20.48 -34.27
C SER B 153 25.91 -20.35 -32.78
N LYS B 154 25.33 -21.35 -32.13
CA LYS B 154 25.12 -21.35 -30.70
C LYS B 154 26.36 -21.75 -29.93
N HIS B 155 27.39 -22.27 -30.58
CA HIS B 155 28.65 -22.54 -29.93
C HIS B 155 29.40 -21.23 -29.78
N VAL B 156 29.60 -20.78 -28.55
CA VAL B 156 30.11 -19.45 -28.26
C VAL B 156 31.25 -19.57 -27.26
N SER B 157 31.84 -18.43 -26.94
CA SER B 157 32.78 -18.35 -25.84
C SER B 157 32.16 -17.42 -24.81
N PRO B 158 32.72 -17.29 -23.61
CA PRO B 158 32.14 -16.33 -22.66
C PRO B 158 32.18 -14.90 -23.17
N ARG B 159 33.10 -14.59 -24.08
CA ARG B 159 33.15 -13.27 -24.69
C ARG B 159 32.07 -13.07 -25.74
N THR B 160 31.81 -14.09 -26.54
CA THR B 160 30.86 -14.04 -27.64
C THR B 160 29.43 -14.37 -27.21
N LEU B 161 29.22 -14.84 -25.99
CA LEU B 161 27.88 -15.13 -25.52
C LEU B 161 27.16 -13.82 -25.25
N THR B 162 26.57 -13.26 -26.28
CA THR B 162 25.91 -11.98 -26.15
C THR B 162 24.45 -12.17 -25.78
N SER B 163 23.70 -11.08 -25.81
CA SER B 163 22.31 -11.06 -25.42
C SER B 163 21.37 -11.57 -26.49
N CYS B 164 21.86 -11.84 -27.70
CA CYS B 164 21.02 -12.38 -28.74
C CYS B 164 20.76 -13.86 -28.56
N PHE B 165 21.45 -14.51 -27.62
CA PHE B 165 21.28 -15.93 -27.33
C PHE B 165 20.40 -16.16 -26.14
N LEU B 166 19.73 -15.13 -25.64
CA LEU B 166 18.91 -15.30 -24.46
C LEU B 166 17.76 -16.23 -24.77
N SER B 167 17.57 -17.23 -23.90
CA SER B 167 16.58 -18.29 -24.05
C SER B 167 16.89 -19.25 -25.19
N CYS B 168 18.12 -19.27 -25.67
CA CYS B 168 18.60 -20.24 -26.63
C CYS B 168 19.50 -21.23 -25.93
N VAL B 169 19.69 -22.38 -26.55
CA VAL B 169 20.72 -23.31 -26.09
C VAL B 169 22.04 -22.86 -26.65
N VAL B 170 23.05 -22.80 -25.79
CA VAL B 170 24.38 -22.40 -26.23
C VAL B 170 25.37 -23.41 -25.69
N CYS B 171 26.53 -23.46 -26.32
CA CYS B 171 27.62 -24.32 -25.91
C CYS B 171 28.82 -23.43 -25.64
N VAL B 172 29.12 -23.23 -24.36
CA VAL B 172 30.16 -22.30 -23.95
C VAL B 172 31.35 -23.10 -23.47
N GLU B 173 32.53 -22.72 -23.93
CA GLU B 173 33.77 -23.36 -23.53
C GLU B 173 34.63 -22.35 -22.80
N GLY B 174 35.19 -22.77 -21.68
CA GLY B 174 36.06 -21.89 -20.95
C GLY B 174 36.65 -22.64 -19.79
N ILE B 175 37.25 -21.88 -18.90
CA ILE B 175 37.98 -22.42 -17.78
C ILE B 175 37.27 -22.00 -16.50
N VAL B 176 37.08 -22.94 -15.59
CA VAL B 176 36.31 -22.67 -14.39
C VAL B 176 37.15 -21.82 -13.46
N THR B 177 36.69 -20.61 -13.19
CA THR B 177 37.48 -19.76 -12.31
C THR B 177 37.08 -19.91 -10.85
N LYS B 178 35.79 -19.93 -10.56
CA LYS B 178 35.33 -20.12 -9.20
C LYS B 178 34.18 -21.10 -9.18
N CYS B 179 34.14 -21.93 -8.16
CA CYS B 179 33.01 -22.79 -7.87
C CYS B 179 32.45 -22.41 -6.52
N SER B 180 31.14 -22.42 -6.39
CA SER B 180 30.57 -22.23 -5.07
C SER B 180 30.61 -23.56 -4.33
N LEU B 181 30.23 -23.53 -3.06
CA LEU B 181 29.94 -24.77 -2.37
C LEU B 181 28.69 -25.40 -2.96
N VAL B 182 28.57 -26.70 -2.82
CA VAL B 182 27.34 -27.40 -3.20
C VAL B 182 26.36 -27.26 -2.05
N ARG B 183 25.29 -26.53 -2.27
CA ARG B 183 24.25 -26.27 -1.31
C ARG B 183 22.98 -27.03 -1.65
N PRO B 184 22.21 -27.47 -0.68
CA PRO B 184 20.90 -28.04 -0.97
C PRO B 184 19.83 -26.96 -1.03
N LYS B 185 18.96 -27.09 -2.03
CA LYS B 185 17.86 -26.18 -2.22
C LYS B 185 16.57 -26.98 -2.08
N VAL B 186 15.71 -26.56 -1.17
CA VAL B 186 14.55 -27.37 -0.80
C VAL B 186 13.53 -27.30 -1.91
N VAL B 187 13.03 -28.46 -2.34
CA VAL B 187 12.01 -28.51 -3.38
C VAL B 187 10.70 -29.06 -2.88
N ARG B 188 10.68 -29.69 -1.71
CA ARG B 188 9.47 -30.26 -1.16
C ARG B 188 9.68 -30.42 0.33
N SER B 189 9.06 -29.59 1.14
CA SER B 189 9.26 -29.66 2.58
C SER B 189 8.07 -30.31 3.24
N VAL B 190 8.35 -31.13 4.24
CA VAL B 190 7.36 -31.92 4.95
C VAL B 190 7.38 -31.47 6.40
N HIS B 191 6.21 -31.14 6.94
CA HIS B 191 6.12 -30.54 8.26
C HIS B 191 5.13 -31.30 9.10
N TYR B 192 5.52 -31.61 10.32
CA TYR B 192 4.67 -32.33 11.24
C TYR B 192 4.11 -31.36 12.27
N CYS B 193 2.83 -31.47 12.56
CA CYS B 193 2.22 -30.66 13.60
C CYS B 193 2.03 -31.50 14.84
N PRO B 194 2.86 -31.38 15.86
CA PRO B 194 2.71 -32.22 17.05
C PRO B 194 1.39 -32.03 17.76
N ALA B 195 0.78 -30.84 17.70
CA ALA B 195 -0.50 -30.64 18.34
C ALA B 195 -1.60 -31.45 17.67
N THR B 196 -1.70 -31.35 16.35
CA THR B 196 -2.79 -32.00 15.63
C THR B 196 -2.41 -33.35 15.06
N LYS B 197 -1.14 -33.72 15.10
CA LYS B 197 -0.61 -34.94 14.47
C LYS B 197 -0.72 -34.90 12.95
N LYS B 198 -0.91 -33.72 12.38
CA LYS B 198 -1.06 -33.59 10.94
C LYS B 198 0.29 -33.42 10.28
N THR B 199 0.40 -33.91 9.06
CA THR B 199 1.60 -33.79 8.26
C THR B 199 1.28 -33.03 6.99
N ILE B 200 2.11 -32.06 6.68
CA ILE B 200 1.92 -31.10 5.62
C ILE B 200 3.10 -31.21 4.67
N GLU B 201 2.83 -31.07 3.38
CA GLU B 201 3.88 -31.01 2.38
C GLU B 201 3.71 -29.74 1.59
N ARG B 202 4.80 -29.04 1.32
CA ARG B 202 4.79 -27.89 0.45
C ARG B 202 5.77 -28.08 -0.70
N ARG B 203 5.34 -27.71 -1.89
CA ARG B 203 6.16 -27.81 -3.09
C ARG B 203 6.74 -26.44 -3.41
N TYR B 204 8.02 -26.43 -3.78
CA TYR B 204 8.66 -25.23 -4.29
C TYR B 204 9.09 -25.49 -5.71
N SER B 205 8.46 -24.80 -6.64
CA SER B 205 8.79 -24.97 -8.04
C SER B 205 10.07 -24.22 -8.38
N ASP B 206 10.79 -24.71 -9.38
CA ASP B 206 12.05 -24.11 -9.77
C ASP B 206 11.81 -22.81 -10.53
N LEU B 207 11.76 -21.70 -9.81
CA LEU B 207 11.53 -20.39 -10.39
C LEU B 207 12.83 -19.61 -10.50
N THR B 208 13.91 -20.29 -10.86
CA THR B 208 15.22 -19.64 -10.92
C THR B 208 15.21 -18.48 -11.90
N THR B 209 14.71 -18.72 -13.11
CA THR B 209 14.66 -17.68 -14.13
C THR B 209 13.24 -17.23 -14.42
N LEU B 210 12.27 -17.64 -13.62
CA LEU B 210 10.91 -17.17 -13.78
C LEU B 210 10.62 -16.10 -12.75
N VAL B 211 9.46 -15.45 -12.92
CA VAL B 211 8.97 -14.55 -11.90
C VAL B 211 8.59 -15.36 -10.68
N ALA B 212 8.92 -14.83 -9.50
CA ALA B 212 8.66 -15.51 -8.24
C ALA B 212 7.93 -14.55 -7.31
N PHE B 213 6.68 -14.77 -7.14
CA PHE B 213 5.95 -13.97 -6.19
C PHE B 213 6.22 -14.48 -4.77
N PRO B 214 6.16 -13.60 -3.77
CA PRO B 214 6.56 -14.02 -2.42
C PRO B 214 5.77 -15.18 -1.86
N SER B 215 4.53 -15.36 -2.30
CA SER B 215 3.75 -16.53 -1.89
C SER B 215 4.43 -17.82 -2.28
N SER B 216 5.32 -17.79 -3.26
CA SER B 216 5.96 -18.98 -3.79
C SER B 216 7.16 -19.41 -2.98
N SER B 217 7.54 -18.66 -1.96
CA SER B 217 8.78 -18.92 -1.25
C SER B 217 8.61 -18.93 0.26
N VAL B 218 7.39 -18.97 0.76
CA VAL B 218 7.18 -18.95 2.20
C VAL B 218 7.42 -20.35 2.74
N TYR B 219 8.13 -20.42 3.84
CA TYR B 219 8.35 -21.69 4.52
C TYR B 219 7.34 -21.84 5.64
N PRO B 220 6.52 -22.88 5.64
CA PRO B 220 5.50 -23.01 6.68
C PRO B 220 6.11 -23.22 8.06
N THR B 221 5.69 -22.37 9.00
CA THR B 221 6.11 -22.49 10.37
C THR B 221 4.96 -22.68 11.36
N LYS B 222 3.74 -22.39 10.97
CA LYS B 222 2.61 -22.46 11.86
C LYS B 222 1.48 -23.19 11.18
N ASP B 223 0.71 -23.90 11.99
CA ASP B 223 -0.57 -24.44 11.58
C ASP B 223 -1.53 -23.30 11.27
N GLU B 224 -2.68 -23.65 10.71
CA GLU B 224 -3.71 -22.65 10.43
C GLU B 224 -4.16 -21.92 11.68
N GLU B 225 -4.25 -22.63 12.81
CA GLU B 225 -4.55 -22.01 14.09
C GLU B 225 -3.31 -21.82 14.96
N ASN B 226 -2.16 -21.61 14.33
CA ASN B 226 -0.93 -21.14 14.98
C ASN B 226 -0.34 -22.19 15.91
N ASN B 227 -0.55 -23.43 15.62
CA ASN B 227 0.27 -24.47 16.20
C ASN B 227 1.61 -24.52 15.45
N PRO B 228 2.72 -24.63 16.16
CA PRO B 228 4.01 -24.72 15.49
C PRO B 228 4.15 -26.02 14.72
N LEU B 229 4.82 -25.93 13.58
CA LEU B 229 5.15 -27.09 12.77
C LEU B 229 6.61 -27.40 12.95
N GLU B 230 6.95 -28.68 12.95
CA GLU B 230 8.32 -29.14 12.93
C GLU B 230 8.59 -29.74 11.57
N THR B 231 9.65 -29.27 10.92
CA THR B 231 9.97 -29.79 9.61
C THR B 231 10.59 -31.17 9.72
N GLU B 232 10.14 -32.06 8.84
CA GLU B 232 10.69 -33.40 8.70
C GLU B 232 11.81 -33.32 7.67
N TYR B 233 13.05 -33.27 8.14
CA TYR B 233 14.17 -33.10 7.23
C TYR B 233 14.37 -34.32 6.37
N GLY B 234 14.27 -35.51 6.96
CA GLY B 234 14.47 -36.72 6.22
C GLY B 234 13.38 -36.99 5.21
N LEU B 235 12.19 -36.48 5.43
CA LEU B 235 11.11 -36.67 4.49
C LEU B 235 11.03 -35.58 3.46
N SER B 236 11.61 -34.42 3.74
CA SER B 236 11.67 -33.37 2.74
C SER B 236 12.60 -33.78 1.62
N VAL B 237 12.46 -33.13 0.48
CA VAL B 237 13.28 -33.40 -0.69
C VAL B 237 14.11 -32.16 -0.97
N TYR B 238 15.41 -32.36 -1.16
CA TYR B 238 16.32 -31.30 -1.54
C TYR B 238 17.03 -31.67 -2.83
N LYS B 239 17.28 -30.69 -3.66
CA LYS B 239 18.21 -30.86 -4.75
C LYS B 239 19.36 -29.90 -4.53
N ASP B 240 20.57 -30.39 -4.71
CA ASP B 240 21.74 -29.58 -4.49
C ASP B 240 22.06 -28.69 -5.68
N HIS B 241 22.67 -27.55 -5.37
CA HIS B 241 22.74 -26.42 -6.26
C HIS B 241 24.14 -25.87 -6.20
N GLN B 242 24.71 -25.54 -7.35
CA GLN B 242 26.04 -24.96 -7.37
C GLN B 242 26.07 -23.86 -8.41
N THR B 243 26.99 -22.93 -8.22
CA THR B 243 27.24 -21.88 -9.18
C THR B 243 28.73 -21.90 -9.50
N ILE B 244 29.06 -21.85 -10.77
CA ILE B 244 30.44 -21.72 -11.19
C ILE B 244 30.53 -20.56 -12.14
N THR B 245 31.73 -20.06 -12.33
CA THR B 245 32.01 -19.03 -13.31
C THR B 245 32.98 -19.61 -14.33
N ILE B 246 32.64 -19.43 -15.59
CA ILE B 246 33.45 -19.88 -16.71
C ILE B 246 34.09 -18.66 -17.33
N GLN B 247 35.38 -18.75 -17.60
CA GLN B 247 36.10 -17.64 -18.18
C GLN B 247 36.62 -18.05 -19.54
N GLU B 248 36.74 -17.07 -20.42
CA GLU B 248 37.35 -17.31 -21.70
C GLU B 248 38.76 -17.85 -21.49
N MET B 249 39.09 -18.96 -22.14
CA MET B 249 40.37 -19.61 -21.91
C MET B 249 41.51 -18.66 -22.27
N PRO B 250 42.54 -18.56 -21.45
CA PRO B 250 43.61 -17.59 -21.72
C PRO B 250 44.28 -17.77 -23.05
N GLU B 251 44.44 -19.00 -23.51
CA GLU B 251 45.04 -19.24 -24.81
C GLU B 251 44.14 -18.82 -25.96
N LYS B 252 42.84 -18.66 -25.72
CA LYS B 252 41.91 -18.30 -26.76
C LYS B 252 41.43 -16.86 -26.68
N ALA B 253 41.63 -16.21 -25.55
CA ALA B 253 41.26 -14.82 -25.39
C ALA B 253 42.15 -13.94 -26.26
N PRO B 254 41.62 -12.81 -26.73
CA PRO B 254 42.49 -11.84 -27.42
C PRO B 254 43.62 -11.43 -26.52
N ALA B 255 44.83 -11.44 -27.08
CA ALA B 255 46.03 -11.38 -26.24
C ALA B 255 46.13 -10.08 -25.46
N GLY B 256 45.36 -9.07 -25.83
CA GLY B 256 45.50 -7.82 -25.14
C GLY B 256 44.68 -7.64 -23.90
N GLN B 257 43.39 -7.95 -23.96
CA GLN B 257 42.48 -7.38 -22.99
C GLN B 257 42.05 -8.36 -21.91
N LEU B 258 41.26 -7.84 -21.00
CA LEU B 258 40.84 -8.53 -19.80
C LEU B 258 39.84 -9.63 -20.13
N PRO B 259 39.74 -10.65 -19.28
CA PRO B 259 38.92 -11.81 -19.61
C PRO B 259 37.44 -11.53 -19.43
N ARG B 260 36.64 -12.28 -20.17
CA ARG B 260 35.19 -12.23 -20.06
C ARG B 260 34.68 -13.52 -19.45
N SER B 261 33.66 -13.42 -18.60
CA SER B 261 33.16 -14.55 -17.86
C SER B 261 31.67 -14.71 -18.07
N VAL B 262 31.16 -15.89 -17.71
CA VAL B 262 29.74 -16.13 -17.63
C VAL B 262 29.46 -16.97 -16.39
N ASP B 263 28.38 -16.64 -15.69
CA ASP B 263 27.93 -17.44 -14.55
C ASP B 263 27.13 -18.64 -15.01
N VAL B 264 27.31 -19.76 -14.34
CA VAL B 264 26.64 -21.01 -14.68
C VAL B 264 25.98 -21.56 -13.42
N ILE B 265 24.71 -21.92 -13.52
CA ILE B 265 24.00 -22.61 -12.45
C ILE B 265 24.06 -24.09 -12.73
N LEU B 266 24.60 -24.86 -11.79
CA LEU B 266 24.63 -26.30 -11.87
C LEU B 266 23.61 -26.85 -10.90
N ASP B 267 22.75 -27.71 -11.37
CA ASP B 267 21.81 -28.34 -10.47
C ASP B 267 22.04 -29.85 -10.52
N ASP B 268 21.31 -30.57 -9.67
CA ASP B 268 21.62 -31.94 -9.31
C ASP B 268 22.08 -32.78 -10.50
N ASP B 269 23.03 -33.66 -10.23
CA ASP B 269 23.83 -34.46 -11.14
C ASP B 269 24.92 -33.67 -11.80
N LEU B 270 24.85 -32.36 -11.80
CA LEU B 270 25.83 -31.58 -12.53
C LEU B 270 26.73 -30.80 -11.61
N VAL B 271 26.55 -30.91 -10.30
CA VAL B 271 27.19 -29.96 -9.42
C VAL B 271 28.70 -30.14 -9.40
N ASP B 272 29.21 -31.28 -8.96
CA ASP B 272 30.64 -31.35 -8.77
C ASP B 272 31.38 -31.73 -10.03
N LYS B 273 30.81 -31.49 -11.20
CA LYS B 273 31.44 -31.92 -12.43
C LYS B 273 32.66 -31.09 -12.78
N ALA B 274 32.79 -29.88 -12.25
CA ALA B 274 33.88 -29.01 -12.61
C ALA B 274 34.45 -28.37 -11.37
N LYS B 275 35.76 -28.25 -11.33
CA LYS B 275 36.49 -27.63 -10.23
C LYS B 275 37.28 -26.46 -10.79
N PRO B 276 37.71 -25.53 -9.94
CA PRO B 276 38.44 -24.37 -10.46
C PRO B 276 39.68 -24.80 -11.22
N GLY B 277 39.89 -24.18 -12.37
CA GLY B 277 40.97 -24.52 -13.23
C GLY B 277 40.67 -25.55 -14.29
N ASP B 278 39.49 -26.14 -14.27
CA ASP B 278 39.10 -27.11 -15.28
C ASP B 278 38.69 -26.42 -16.56
N ARG B 279 38.99 -27.04 -17.68
CA ARG B 279 38.51 -26.59 -18.98
C ARG B 279 37.30 -27.43 -19.36
N VAL B 280 36.16 -26.78 -19.55
CA VAL B 280 34.90 -27.48 -19.68
C VAL B 280 34.08 -26.89 -20.81
N GLN B 281 33.25 -27.74 -21.40
CA GLN B 281 32.10 -27.31 -22.18
C GLN B 281 30.89 -27.32 -21.27
N VAL B 282 30.12 -26.25 -21.29
CA VAL B 282 28.82 -26.23 -20.66
C VAL B 282 27.79 -25.95 -21.73
N VAL B 283 26.88 -26.88 -21.91
CA VAL B 283 25.71 -26.69 -22.74
C VAL B 283 24.57 -26.33 -21.82
N GLY B 284 23.79 -25.34 -22.20
CA GLY B 284 22.68 -24.94 -21.37
C GLY B 284 21.95 -23.79 -21.98
N THR B 285 21.05 -23.23 -21.20
CA THR B 285 20.18 -22.14 -21.63
C THR B 285 20.67 -20.84 -21.04
N TYR B 286 20.87 -19.85 -21.90
CA TYR B 286 21.29 -18.54 -21.45
C TYR B 286 20.07 -17.71 -21.08
N ARG B 287 20.03 -17.20 -19.87
CA ARG B 287 18.79 -16.63 -19.37
C ARG B 287 19.06 -15.45 -18.46
N CYS B 288 18.06 -14.58 -18.38
CA CYS B 288 18.08 -13.44 -17.48
C CYS B 288 17.58 -13.87 -16.11
N LEU B 289 18.24 -13.47 -15.13
CA LEU B 289 17.66 -13.76 -13.84
C LEU B 289 16.76 -12.63 -13.39
N PRO B 290 15.73 -12.93 -12.61
CA PRO B 290 14.92 -11.88 -12.01
C PRO B 290 15.68 -11.12 -10.94
N GLY B 291 15.42 -9.83 -10.88
CA GLY B 291 15.85 -9.04 -9.76
C GLY B 291 14.88 -9.17 -8.61
N LYS B 292 15.18 -8.44 -7.55
CA LYS B 292 14.28 -8.43 -6.41
C LYS B 292 13.08 -7.55 -6.69
N LYS B 293 12.05 -7.69 -5.87
CA LYS B 293 10.89 -6.83 -5.98
C LYS B 293 11.27 -5.39 -5.68
N GLY B 294 10.83 -4.48 -6.54
CA GLY B 294 11.11 -3.09 -6.32
C GLY B 294 10.19 -2.25 -7.18
N GLY B 295 10.05 -1.00 -6.79
CA GLY B 295 9.18 -0.11 -7.50
C GLY B 295 9.91 0.62 -8.60
N TYR B 296 11.22 0.62 -8.52
CA TYR B 296 12.07 1.18 -9.55
C TYR B 296 13.01 0.12 -10.05
N THR B 297 13.32 0.17 -11.34
CA THR B 297 14.32 -0.70 -11.91
C THR B 297 15.12 0.08 -12.92
N SER B 298 16.43 -0.10 -12.88
CA SER B 298 17.19 0.10 -14.08
C SER B 298 16.87 -1.06 -15.01
N GLY B 299 17.07 -0.88 -16.30
CA GLY B 299 16.62 -1.95 -17.16
C GLY B 299 17.60 -3.09 -17.21
N THR B 300 18.47 -3.19 -16.22
CA THR B 300 19.67 -4.00 -16.33
C THR B 300 19.46 -5.35 -15.68
N PHE B 301 19.74 -6.40 -16.43
CA PHE B 301 19.46 -7.75 -15.99
C PHE B 301 20.73 -8.55 -15.87
N ARG B 302 20.75 -9.43 -14.89
CA ARG B 302 21.88 -10.26 -14.59
C ARG B 302 21.63 -11.61 -15.25
N THR B 303 22.54 -12.05 -16.10
CA THR B 303 22.34 -13.23 -16.91
C THR B 303 23.15 -14.39 -16.38
N VAL B 304 22.62 -15.60 -16.53
CA VAL B 304 23.33 -16.82 -16.23
C VAL B 304 23.10 -17.81 -17.35
N LEU B 305 23.89 -18.86 -17.32
CA LEU B 305 23.72 -20.03 -18.16
C LEU B 305 23.25 -21.15 -17.26
N ILE B 306 22.07 -21.70 -17.54
CA ILE B 306 21.56 -22.84 -16.79
C ILE B 306 22.01 -24.09 -17.53
N ALA B 307 22.96 -24.80 -16.93
CA ALA B 307 23.55 -25.95 -17.59
C ALA B 307 22.54 -27.08 -17.72
N CYS B 308 22.48 -27.67 -18.90
CA CYS B 308 21.88 -28.97 -19.04
C CYS B 308 22.90 -30.06 -19.20
N ASN B 309 24.15 -29.70 -19.47
CA ASN B 309 25.22 -30.68 -19.60
C ASN B 309 26.54 -29.99 -19.32
N VAL B 310 27.45 -30.72 -18.69
CA VAL B 310 28.82 -30.28 -18.45
C VAL B 310 29.73 -31.42 -18.87
N LYS B 311 30.67 -31.15 -19.75
CA LYS B 311 31.65 -32.16 -20.09
C LYS B 311 33.05 -31.58 -20.04
N GLN B 312 33.99 -32.41 -19.63
CA GLN B 312 35.38 -32.01 -19.48
C GLN B 312 36.06 -31.93 -20.84
N MET B 313 37.05 -31.04 -20.91
CA MET B 313 37.96 -30.99 -22.06
C MET B 313 38.63 -32.31 -22.27
N SER B 314 38.90 -33.01 -21.20
CA SER B 314 39.55 -34.30 -21.32
C SER B 314 38.55 -35.25 -21.95
N LYS B 315 38.32 -35.08 -23.25
CA LYS B 315 37.86 -36.15 -24.10
C LYS B 315 38.98 -37.11 -24.40
N ASP B 316 40.18 -36.81 -23.90
CA ASP B 316 41.28 -37.76 -23.87
C ASP B 316 41.39 -38.47 -22.53
N ALA B 317 40.58 -38.10 -21.54
CA ALA B 317 40.52 -38.83 -20.28
C ALA B 317 39.29 -39.73 -20.16
N GLN B 318 38.58 -39.99 -21.27
CA GLN B 318 37.55 -41.03 -21.29
C GLN B 318 37.52 -41.67 -22.67
N PRO B 319 37.79 -42.97 -22.78
CA PRO B 319 37.83 -43.63 -24.09
C PRO B 319 36.55 -44.36 -24.45
N SER B 320 36.44 -44.84 -25.68
CA SER B 320 35.23 -45.50 -26.17
C SER B 320 35.65 -46.74 -26.95
N PHE B 321 35.35 -47.91 -26.40
CA PHE B 321 35.77 -49.18 -26.97
C PHE B 321 34.57 -49.94 -27.49
N SER B 322 34.55 -50.19 -28.79
CA SER B 322 33.53 -51.04 -29.37
C SER B 322 34.02 -52.49 -29.36
N ALA B 323 33.11 -53.41 -29.66
CA ALA B 323 33.49 -54.82 -29.69
C ALA B 323 34.59 -55.06 -30.72
N GLU B 324 34.52 -54.39 -31.86
CA GLU B 324 35.54 -54.57 -32.87
C GLU B 324 36.88 -54.03 -32.40
N ASP B 325 36.88 -52.89 -31.70
CA ASP B 325 38.11 -52.36 -31.13
C ASP B 325 38.74 -53.35 -30.17
N ILE B 326 37.94 -53.92 -29.28
CA ILE B 326 38.45 -54.88 -28.31
C ILE B 326 39.01 -56.09 -29.01
N ALA B 327 38.31 -56.60 -30.03
CA ALA B 327 38.80 -57.75 -30.76
C ALA B 327 40.11 -57.45 -31.46
N LYS B 328 40.22 -56.25 -32.05
CA LYS B 328 41.46 -55.85 -32.71
C LYS B 328 42.61 -55.80 -31.73
N ILE B 329 42.35 -55.25 -30.53
CA ILE B 329 43.38 -55.18 -29.50
C ILE B 329 43.82 -56.58 -29.09
N LYS B 330 42.84 -57.48 -28.87
CA LYS B 330 43.16 -58.83 -28.45
C LYS B 330 43.95 -59.57 -29.51
N LYS B 331 43.58 -59.41 -30.78
CA LYS B 331 44.36 -60.08 -31.82
C LYS B 331 45.73 -59.46 -31.96
N PHE B 332 45.87 -58.15 -31.80
CA PHE B 332 47.18 -57.53 -31.90
C PHE B 332 48.10 -58.02 -30.79
N SER B 333 47.53 -58.24 -29.61
CA SER B 333 48.35 -58.74 -28.50
C SER B 333 48.66 -60.22 -28.65
N LYS B 334 47.74 -61.00 -29.21
CA LYS B 334 48.03 -62.44 -29.34
C LYS B 334 48.98 -62.73 -30.51
N THR B 335 48.90 -61.97 -31.60
CA THR B 335 49.68 -62.33 -32.79
C THR B 335 51.16 -62.39 -32.48
N ARG B 336 51.77 -61.25 -32.17
CA ARG B 336 53.21 -61.22 -31.94
C ARG B 336 53.42 -60.74 -30.50
N SER B 337 53.34 -61.67 -29.56
CA SER B 337 53.48 -61.37 -28.15
C SER B 337 54.94 -61.29 -27.71
N LYS B 338 55.88 -61.12 -28.64
CA LYS B 338 57.29 -61.03 -28.31
C LYS B 338 57.90 -59.69 -28.68
N ASP B 339 57.77 -59.26 -29.93
CA ASP B 339 58.32 -57.99 -30.38
C ASP B 339 57.25 -56.92 -30.52
N ILE B 340 56.10 -57.13 -29.88
CA ILE B 340 55.04 -56.13 -29.87
C ILE B 340 55.53 -54.85 -29.21
N PHE B 341 56.35 -54.97 -28.17
CA PHE B 341 56.85 -53.79 -27.49
C PHE B 341 57.73 -52.95 -28.39
N ASP B 342 58.62 -53.60 -29.15
CA ASP B 342 59.47 -52.86 -30.06
C ASP B 342 58.66 -52.15 -31.13
N GLN B 343 57.63 -52.83 -31.64
CA GLN B 343 56.78 -52.23 -32.65
C GLN B 343 56.05 -51.01 -32.10
N LEU B 344 55.53 -51.11 -30.88
CA LEU B 344 54.87 -49.96 -30.28
C LEU B 344 55.86 -48.83 -30.03
N ALA B 345 57.07 -49.15 -29.59
CA ALA B 345 58.05 -48.11 -29.31
C ALA B 345 58.46 -47.39 -30.58
N LYS B 346 58.79 -48.13 -31.64
CA LYS B 346 59.25 -47.49 -32.86
C LYS B 346 58.15 -46.70 -33.54
N SER B 347 56.91 -46.87 -33.12
CA SER B 347 55.78 -46.16 -33.69
C SER B 347 55.39 -44.96 -32.84
N LEU B 348 56.22 -44.58 -31.88
CA LEU B 348 55.78 -43.64 -30.86
C LEU B 348 55.84 -42.21 -31.37
N ALA B 349 57.01 -41.71 -31.63
CA ALA B 349 57.06 -40.36 -32.18
C ALA B 349 57.55 -40.48 -33.61
N PRO B 350 56.68 -40.80 -34.56
CA PRO B 350 57.16 -41.16 -35.89
C PRO B 350 57.94 -40.06 -36.57
N SER B 351 57.66 -38.81 -36.25
CA SER B 351 58.38 -37.70 -36.88
C SER B 351 59.83 -37.63 -36.44
N ILE B 352 60.18 -38.20 -35.30
CA ILE B 352 61.55 -38.20 -34.81
C ILE B 352 62.23 -39.49 -35.22
N HIS B 353 63.35 -39.34 -35.90
CA HIS B 353 64.17 -40.45 -36.32
C HIS B 353 65.19 -40.75 -35.24
N GLY B 354 65.37 -42.02 -34.92
CA GLY B 354 66.34 -42.41 -33.94
C GLY B 354 65.76 -42.45 -32.54
N HIS B 355 66.66 -42.50 -31.56
CA HIS B 355 66.28 -42.53 -30.16
C HIS B 355 65.37 -43.71 -29.87
N ASP B 356 65.87 -44.90 -30.22
CA ASP B 356 65.10 -46.11 -30.04
C ASP B 356 64.94 -46.45 -28.57
N TYR B 357 66.03 -46.37 -27.81
CA TYR B 357 65.94 -46.61 -26.37
C TYR B 357 65.07 -45.56 -25.69
N VAL B 358 65.20 -44.31 -26.09
CA VAL B 358 64.41 -43.25 -25.47
C VAL B 358 62.93 -43.48 -25.75
N LYS B 359 62.59 -43.92 -26.95
CA LYS B 359 61.21 -44.19 -27.27
C LYS B 359 60.69 -45.41 -26.52
N LYS B 360 61.51 -46.45 -26.34
CA LYS B 360 61.08 -47.55 -25.50
C LYS B 360 60.81 -47.09 -24.08
N ALA B 361 61.69 -46.25 -23.54
CA ALA B 361 61.51 -45.75 -22.19
C ALA B 361 60.25 -44.92 -22.07
N ILE B 362 59.96 -44.10 -23.08
CA ILE B 362 58.75 -43.32 -23.03
C ILE B 362 57.53 -44.23 -23.11
N LEU B 363 57.61 -45.33 -23.85
CA LEU B 363 56.50 -46.27 -23.87
C LEU B 363 56.31 -46.91 -22.50
N CYS B 364 57.41 -47.23 -21.82
CA CYS B 364 57.30 -47.73 -20.46
C CYS B 364 56.69 -46.70 -19.52
N LEU B 365 57.07 -45.43 -19.68
CA LEU B 365 56.48 -44.36 -18.87
C LEU B 365 54.99 -44.24 -19.11
N LEU B 366 54.56 -44.37 -20.37
CA LEU B 366 53.15 -44.25 -20.70
C LEU B 366 52.37 -45.45 -20.21
N LEU B 367 53.02 -46.60 -20.08
CA LEU B 367 52.37 -47.78 -19.51
C LEU B 367 52.47 -47.81 -18.00
N GLY B 368 53.61 -47.42 -17.45
CA GLY B 368 53.78 -47.38 -16.02
C GLY B 368 54.09 -48.72 -15.42
N GLY B 369 54.44 -48.71 -14.14
CA GLY B 369 54.53 -49.90 -13.34
C GLY B 369 53.26 -50.13 -12.57
N VAL B 370 53.36 -50.86 -11.48
CA VAL B 370 52.24 -51.09 -10.58
C VAL B 370 52.61 -50.56 -9.21
N GLU B 371 51.73 -49.74 -8.64
CA GLU B 371 51.89 -49.31 -7.26
C GLU B 371 51.72 -50.48 -6.32
N ARG B 372 52.59 -50.56 -5.34
CA ARG B 372 52.44 -51.50 -4.25
C ARG B 372 51.81 -50.74 -3.10
N ASP B 373 50.60 -51.12 -2.73
CA ASP B 373 49.91 -50.56 -1.58
C ASP B 373 49.88 -51.65 -0.51
N LEU B 374 50.84 -51.58 0.40
CA LEU B 374 50.96 -52.56 1.44
C LEU B 374 49.82 -52.42 2.45
N GLU B 375 49.60 -53.48 3.22
CA GLU B 375 48.44 -53.51 4.12
C GLU B 375 48.57 -52.52 5.26
N ASN B 376 49.79 -52.22 5.70
CA ASN B 376 50.01 -51.25 6.74
C ASN B 376 50.04 -49.83 6.20
N GLY B 377 49.48 -49.61 5.02
CA GLY B 377 49.40 -48.31 4.42
C GLY B 377 50.66 -47.86 3.72
N SER B 378 51.70 -48.67 3.72
CA SER B 378 52.93 -48.29 3.06
C SER B 378 52.77 -48.36 1.55
N HIS B 379 53.67 -47.71 0.84
CA HIS B 379 53.47 -47.43 -0.57
C HIS B 379 54.79 -47.53 -1.31
N ILE B 380 54.78 -48.19 -2.46
CA ILE B 380 55.87 -48.10 -3.43
C ILE B 380 55.28 -47.58 -4.72
N ARG B 381 55.92 -46.59 -5.33
CA ARG B 381 55.33 -45.98 -6.51
C ARG B 381 55.45 -46.90 -7.72
N GLY B 382 54.61 -46.62 -8.71
CA GLY B 382 54.59 -47.39 -9.93
C GLY B 382 54.74 -46.52 -11.16
N ASP B 383 55.12 -45.26 -10.98
CA ASP B 383 55.37 -44.37 -12.09
C ASP B 383 56.85 -44.35 -12.41
N ILE B 384 57.15 -44.14 -13.69
CA ILE B 384 58.51 -44.00 -14.19
C ILE B 384 58.77 -42.54 -14.51
N ASN B 385 59.89 -42.03 -14.00
CA ASN B 385 60.32 -40.68 -14.29
C ASN B 385 61.56 -40.74 -15.18
N ILE B 386 61.56 -39.99 -16.27
CA ILE B 386 62.63 -40.01 -17.24
C ILE B 386 63.22 -38.62 -17.37
N LEU B 387 64.54 -38.53 -17.41
CA LEU B 387 65.23 -37.28 -17.67
C LEU B 387 66.03 -37.40 -18.96
N LEU B 388 65.84 -36.45 -19.86
CA LEU B 388 66.56 -36.41 -21.13
C LEU B 388 67.55 -35.25 -21.10
N ILE B 389 68.80 -35.57 -20.95
CA ILE B 389 69.89 -34.60 -21.06
C ILE B 389 70.43 -34.69 -22.47
N GLY B 390 70.86 -33.57 -23.05
CA GLY B 390 71.54 -33.73 -24.31
C GLY B 390 71.88 -32.41 -24.95
N ASP B 391 72.55 -32.53 -26.10
CA ASP B 391 72.98 -31.40 -26.88
C ASP B 391 71.78 -30.66 -27.43
N PRO B 392 71.96 -29.41 -27.85
CA PRO B 392 70.86 -28.69 -28.48
C PRO B 392 70.38 -29.36 -29.74
N SER B 393 69.07 -29.27 -29.96
CA SER B 393 68.43 -29.67 -31.20
C SER B 393 68.58 -31.16 -31.49
N VAL B 394 68.29 -31.98 -30.49
CA VAL B 394 68.28 -33.42 -30.66
C VAL B 394 66.87 -33.97 -30.48
N ALA B 395 65.87 -33.09 -30.51
CA ALA B 395 64.45 -33.42 -30.53
C ALA B 395 63.92 -33.88 -29.18
N LYS B 396 64.49 -33.43 -28.06
CA LYS B 396 63.88 -33.82 -26.80
C LYS B 396 62.62 -33.01 -26.49
N SER B 397 62.57 -31.75 -26.90
CA SER B 397 61.30 -31.03 -26.79
C SER B 397 60.25 -31.66 -27.66
N GLN B 398 60.64 -32.23 -28.80
CA GLN B 398 59.68 -32.90 -29.65
C GLN B 398 59.09 -34.12 -28.97
N LEU B 399 59.91 -34.88 -28.24
CA LEU B 399 59.38 -36.01 -27.51
C LEU B 399 58.47 -35.55 -26.37
N LEU B 400 58.84 -34.48 -25.68
CA LEU B 400 57.94 -33.99 -24.63
C LEU B 400 56.62 -33.54 -25.23
N ARG B 401 56.67 -32.88 -26.39
CA ARG B 401 55.46 -32.42 -27.05
C ARG B 401 54.62 -33.59 -27.54
N TYR B 402 55.27 -34.65 -28.01
CA TYR B 402 54.53 -35.83 -28.40
C TYR B 402 53.78 -36.41 -27.22
N VAL B 403 54.44 -36.52 -26.06
CA VAL B 403 53.76 -37.07 -24.90
C VAL B 403 52.64 -36.15 -24.45
N LEU B 404 52.84 -34.84 -24.58
CA LEU B 404 51.80 -33.90 -24.22
C LEU B 404 50.57 -34.06 -25.09
N CYS B 405 50.75 -34.31 -26.38
CA CYS B 405 49.61 -34.46 -27.27
C CYS B 405 49.09 -35.90 -27.32
N THR B 406 49.74 -36.84 -26.65
CA THR B 406 49.38 -38.25 -26.67
C THR B 406 48.78 -38.76 -25.37
N ALA B 407 49.36 -38.46 -24.26
CA ALA B 407 48.89 -39.06 -23.02
C ALA B 407 47.67 -38.32 -22.48
N PRO B 408 46.82 -39.02 -21.73
CA PRO B 408 45.78 -38.33 -20.97
C PRO B 408 46.32 -37.78 -19.67
N ARG B 409 45.73 -36.67 -19.24
CA ARG B 409 46.13 -35.97 -18.02
C ARG B 409 47.61 -35.61 -18.06
N ALA B 410 48.03 -35.02 -19.16
CA ALA B 410 49.41 -34.57 -19.34
C ALA B 410 49.47 -33.06 -19.23
N ILE B 411 50.39 -32.56 -18.39
CA ILE B 411 50.48 -31.15 -18.06
C ILE B 411 51.82 -30.64 -18.56
N PRO B 412 51.88 -29.54 -19.30
CA PRO B 412 53.15 -29.00 -19.74
C PRO B 412 53.67 -27.92 -18.81
N THR B 413 54.98 -27.91 -18.63
CA THR B 413 55.58 -26.88 -17.81
C THR B 413 57.03 -26.69 -18.25
N THR B 414 57.50 -25.47 -18.18
CA THR B 414 58.83 -25.12 -18.65
C THR B 414 59.66 -24.72 -17.44
N GLY B 415 60.92 -24.34 -17.68
CA GLY B 415 61.84 -24.09 -16.61
C GLY B 415 61.38 -23.12 -15.57
N ARG B 416 61.26 -21.84 -15.91
CA ARG B 416 60.91 -20.83 -14.94
C ARG B 416 59.49 -20.31 -15.11
N GLY B 417 58.68 -20.95 -15.92
CA GLY B 417 57.30 -20.57 -16.08
C GLY B 417 56.35 -21.16 -15.07
N SER B 418 56.83 -22.06 -14.22
CA SER B 418 56.06 -22.60 -13.11
C SER B 418 57.00 -22.60 -11.91
N SER B 419 56.78 -21.67 -10.99
CA SER B 419 57.68 -21.45 -9.89
C SER B 419 56.94 -21.63 -8.58
N GLY B 420 57.64 -22.19 -7.60
CA GLY B 420 57.09 -22.36 -6.28
C GLY B 420 55.79 -23.13 -6.24
N VAL B 421 54.71 -22.41 -5.97
CA VAL B 421 53.41 -23.03 -5.72
C VAL B 421 52.63 -23.30 -6.99
N GLY B 422 53.15 -22.92 -8.15
CA GLY B 422 52.47 -23.20 -9.38
C GLY B 422 52.72 -24.57 -9.92
N LEU B 423 53.56 -25.33 -9.23
CA LEU B 423 54.04 -26.62 -9.69
C LEU B 423 53.58 -27.74 -8.78
N THR B 424 53.66 -27.52 -7.49
CA THR B 424 52.97 -28.29 -6.49
C THR B 424 51.76 -27.48 -6.06
N ALA B 425 51.10 -27.89 -4.99
CA ALA B 425 49.91 -27.16 -4.60
C ALA B 425 50.28 -25.86 -3.86
N ALA B 426 49.25 -25.07 -3.56
CA ALA B 426 49.38 -23.85 -2.78
C ALA B 426 48.24 -23.77 -1.78
N VAL B 427 48.44 -22.97 -0.73
CA VAL B 427 47.41 -22.67 0.23
C VAL B 427 47.13 -21.18 0.17
N THR B 428 45.89 -20.81 -0.08
CA THR B 428 45.46 -19.42 -0.04
C THR B 428 44.27 -19.30 0.90
N THR B 429 43.94 -18.07 1.26
CA THR B 429 42.80 -17.79 2.14
C THR B 429 41.63 -17.33 1.30
N ASP B 430 40.44 -17.79 1.65
CA ASP B 430 39.28 -17.61 0.78
C ASP B 430 38.98 -16.15 0.55
N GLN B 431 39.16 -15.31 1.56
CA GLN B 431 39.00 -13.87 1.53
C GLN B 431 37.53 -13.47 1.49
N GLU B 432 36.62 -14.42 1.25
CA GLU B 432 35.20 -14.20 1.43
C GLU B 432 34.74 -14.78 2.76
N THR B 433 35.06 -16.06 2.99
CA THR B 433 34.78 -16.67 4.28
C THR B 433 35.96 -16.55 5.25
N GLY B 434 37.13 -16.14 4.77
CA GLY B 434 38.29 -16.05 5.63
C GLY B 434 38.96 -17.36 5.90
N GLU B 435 38.54 -18.44 5.25
CA GLU B 435 39.07 -19.76 5.46
C GLU B 435 40.17 -20.06 4.47
N ARG B 436 41.10 -20.90 4.90
CA ARG B 436 42.14 -21.35 4.01
C ARG B 436 41.59 -22.30 2.97
N ARG B 437 42.13 -22.24 1.77
CA ARG B 437 41.76 -23.16 0.71
C ARG B 437 43.01 -23.72 0.06
N LEU B 438 42.85 -24.91 -0.50
CA LEU B 438 43.90 -25.54 -1.28
C LEU B 438 43.80 -25.07 -2.72
N GLU B 439 44.95 -24.99 -3.38
CA GLU B 439 44.97 -24.76 -4.82
C GLU B 439 45.91 -25.76 -5.45
N ALA B 440 45.44 -26.48 -6.46
CA ALA B 440 46.22 -27.54 -7.08
C ALA B 440 47.16 -26.98 -8.13
N GLY B 441 48.44 -27.33 -8.02
CA GLY B 441 49.42 -26.95 -9.01
C GLY B 441 49.58 -27.99 -10.09
N ALA B 442 50.64 -27.83 -10.87
CA ALA B 442 50.82 -28.65 -12.06
C ALA B 442 50.88 -30.13 -11.71
N MET B 443 51.58 -30.48 -10.66
CA MET B 443 51.77 -31.89 -10.33
C MET B 443 50.55 -32.51 -9.68
N VAL B 444 49.75 -31.73 -8.95
CA VAL B 444 48.50 -32.28 -8.45
C VAL B 444 47.51 -32.50 -9.59
N LEU B 445 47.48 -31.58 -10.54
CA LEU B 445 46.57 -31.71 -11.67
C LEU B 445 46.97 -32.84 -12.61
N ALA B 446 48.21 -33.29 -12.54
CA ALA B 446 48.69 -34.40 -13.34
C ALA B 446 48.66 -35.69 -12.56
N ASP B 447 47.88 -35.77 -11.51
CA ASP B 447 47.74 -37.02 -10.79
C ASP B 447 47.19 -38.08 -11.71
N ARG B 448 47.83 -39.24 -11.73
CA ARG B 448 47.58 -40.28 -12.73
C ARG B 448 47.80 -39.73 -14.13
N GLY B 449 48.87 -38.97 -14.29
CA GLY B 449 49.20 -38.42 -15.59
C GLY B 449 50.68 -38.17 -15.72
N VAL B 450 51.06 -37.24 -16.57
CA VAL B 450 52.46 -36.91 -16.82
C VAL B 450 52.64 -35.41 -16.70
N VAL B 451 53.72 -35.00 -16.06
CA VAL B 451 54.20 -33.63 -16.12
C VAL B 451 55.40 -33.62 -17.04
N CYS B 452 55.30 -32.87 -18.12
CA CYS B 452 56.39 -32.73 -19.08
C CYS B 452 57.14 -31.43 -18.76
N ILE B 453 58.24 -31.54 -18.03
CA ILE B 453 58.98 -30.39 -17.54
C ILE B 453 60.09 -30.10 -18.54
N ASP B 454 59.93 -29.05 -19.33
CA ASP B 454 60.91 -28.72 -20.35
C ASP B 454 61.87 -27.70 -19.77
N GLU B 455 63.10 -27.70 -20.27
CA GLU B 455 64.18 -26.90 -19.69
C GLU B 455 64.31 -27.16 -18.20
N PHE B 456 64.46 -28.43 -17.84
CA PHE B 456 64.55 -28.81 -16.44
C PHE B 456 65.76 -28.20 -15.76
N ASP B 457 66.83 -27.96 -16.50
CA ASP B 457 68.03 -27.41 -15.91
C ASP B 457 67.89 -25.94 -15.57
N LYS B 458 66.95 -25.24 -16.17
CA LYS B 458 66.77 -23.83 -15.95
C LYS B 458 65.75 -23.52 -14.88
N MET B 459 65.28 -24.53 -14.16
CA MET B 459 64.47 -24.32 -12.98
C MET B 459 65.36 -23.85 -11.83
N SER B 460 64.72 -23.28 -10.82
CA SER B 460 65.44 -22.93 -9.61
C SER B 460 65.70 -24.18 -8.77
N ASP B 461 66.68 -24.08 -7.89
CA ASP B 461 66.89 -25.19 -6.96
C ASP B 461 65.75 -25.32 -5.96
N MET B 462 65.09 -24.21 -5.63
CA MET B 462 63.92 -24.30 -4.77
C MET B 462 62.86 -25.18 -5.39
N ASP B 463 62.57 -24.95 -6.67
CA ASP B 463 61.57 -25.75 -7.37
C ASP B 463 62.01 -27.20 -7.50
N ARG B 464 63.27 -27.42 -7.85
CA ARG B 464 63.75 -28.77 -8.05
C ARG B 464 63.76 -29.56 -6.76
N THR B 465 63.92 -28.90 -5.62
CA THR B 465 63.77 -29.63 -4.37
C THR B 465 62.33 -29.70 -3.91
N ALA B 466 61.44 -28.89 -4.47
CA ALA B 466 60.03 -29.11 -4.20
C ALA B 466 59.50 -30.32 -4.94
N ILE B 467 60.09 -30.62 -6.10
CA ILE B 467 59.70 -31.77 -6.90
C ILE B 467 60.01 -33.12 -6.25
N HIS B 468 60.84 -33.15 -5.21
CA HIS B 468 61.36 -34.41 -4.68
C HIS B 468 60.26 -35.32 -4.18
N GLU B 469 59.40 -34.80 -3.30
CA GLU B 469 58.38 -35.64 -2.69
C GLU B 469 57.39 -36.14 -3.72
N VAL B 470 57.00 -35.29 -4.67
CA VAL B 470 56.10 -35.73 -5.72
C VAL B 470 56.74 -36.81 -6.56
N MET B 471 58.03 -36.67 -6.84
CA MET B 471 58.70 -37.62 -7.71
C MET B 471 58.80 -38.98 -7.05
N GLU B 472 59.07 -39.04 -5.75
CA GLU B 472 59.20 -40.35 -5.14
C GLU B 472 57.92 -40.84 -4.49
N GLN B 473 57.40 -40.10 -3.52
CA GLN B 473 56.28 -40.60 -2.75
C GLN B 473 54.94 -40.32 -3.42
N GLY B 474 54.94 -39.62 -4.54
CA GLY B 474 53.74 -39.37 -5.30
C GLY B 474 52.70 -38.51 -4.62
N ARG B 475 53.11 -37.53 -3.84
CA ARG B 475 52.14 -36.72 -3.12
C ARG B 475 52.72 -35.37 -2.78
N VAL B 476 51.84 -34.41 -2.55
CA VAL B 476 52.21 -33.06 -2.14
C VAL B 476 51.73 -32.86 -0.72
N THR B 477 52.64 -32.52 0.16
CA THR B 477 52.30 -32.22 1.54
C THR B 477 52.46 -30.74 1.76
N ILE B 478 51.35 -30.04 1.98
CA ILE B 478 51.39 -28.60 2.20
C ILE B 478 50.55 -28.26 3.41
N ALA B 479 51.00 -27.27 4.17
CA ALA B 479 50.28 -26.85 5.37
C ALA B 479 50.54 -25.39 5.65
N LYS B 480 49.48 -24.64 5.87
CA LYS B 480 49.55 -23.40 6.62
C LYS B 480 48.78 -23.64 7.92
N ALA B 481 48.61 -22.61 8.73
CA ALA B 481 48.17 -22.85 10.10
C ALA B 481 46.75 -23.39 10.17
N GLY B 482 45.85 -22.89 9.37
CA GLY B 482 44.49 -23.36 9.48
C GLY B 482 44.15 -24.60 8.70
N ILE B 483 45.06 -25.12 7.89
CA ILE B 483 44.77 -26.26 7.05
C ILE B 483 46.07 -26.99 6.75
N HIS B 484 46.00 -28.31 6.75
CA HIS B 484 47.11 -29.15 6.32
C HIS B 484 46.53 -30.24 5.45
N ALA B 485 47.10 -30.45 4.29
CA ALA B 485 46.63 -31.48 3.39
C ALA B 485 47.80 -32.31 2.92
N ARG B 486 47.48 -33.45 2.35
CA ARG B 486 48.44 -34.32 1.69
C ARG B 486 47.82 -34.66 0.35
N LEU B 487 48.21 -33.93 -0.68
CA LEU B 487 47.54 -34.07 -1.96
C LEU B 487 48.18 -35.17 -2.79
N ASN B 488 47.35 -35.95 -3.45
CA ASN B 488 47.84 -36.99 -4.33
C ASN B 488 48.36 -36.36 -5.61
N ALA B 489 49.63 -36.59 -5.89
CA ALA B 489 50.21 -36.25 -7.18
C ALA B 489 50.94 -37.50 -7.66
N ARG B 490 50.17 -38.45 -8.20
CA ARG B 490 50.75 -39.68 -8.71
C ARG B 490 51.03 -39.48 -10.19
N CYS B 491 52.04 -38.68 -10.46
CA CYS B 491 52.38 -38.29 -11.81
C CYS B 491 53.76 -38.83 -12.14
N SER B 492 53.95 -39.16 -13.40
CA SER B 492 55.27 -39.47 -13.89
C SER B 492 55.86 -38.22 -14.52
N VAL B 493 57.16 -38.07 -14.39
CA VAL B 493 57.86 -36.87 -14.82
C VAL B 493 58.71 -37.23 -16.02
N LEU B 494 58.42 -36.59 -17.14
CA LEU B 494 59.30 -36.62 -18.29
C LEU B 494 59.92 -35.23 -18.37
N ALA B 495 61.23 -35.16 -18.24
CA ALA B 495 61.94 -33.90 -18.16
C ALA B 495 63.06 -33.86 -19.19
N ALA B 496 63.29 -32.70 -19.78
CA ALA B 496 64.33 -32.48 -20.77
C ALA B 496 65.18 -31.31 -20.33
N ALA B 497 66.49 -31.49 -20.34
CA ALA B 497 67.40 -30.47 -19.86
C ALA B 497 68.60 -30.40 -20.78
N ASN B 498 69.23 -29.36 -20.75
CA ASN B 498 70.52 -29.20 -21.39
C ASN B 498 71.62 -29.39 -20.38
N PRO B 499 72.76 -29.93 -20.75
CA PRO B 499 73.86 -30.04 -19.81
C PRO B 499 74.41 -28.68 -19.46
N VAL B 500 75.25 -28.64 -18.44
CA VAL B 500 75.95 -27.40 -18.18
C VAL B 500 76.85 -27.15 -19.38
N TYR B 501 77.10 -25.89 -19.68
CA TYR B 501 77.77 -25.42 -20.90
C TYR B 501 76.91 -25.57 -22.13
N GLY B 502 75.64 -25.91 -22.00
CA GLY B 502 74.77 -25.96 -23.16
C GLY B 502 74.96 -27.13 -24.08
N ARG B 503 76.21 -27.43 -24.42
CA ARG B 503 76.55 -28.59 -25.23
C ARG B 503 77.26 -29.62 -24.37
N TYR B 504 76.96 -30.88 -24.59
CA TYR B 504 77.53 -31.94 -23.78
C TYR B 504 78.97 -32.15 -24.16
N ASP B 505 79.87 -31.98 -23.19
CA ASP B 505 81.29 -32.27 -23.40
C ASP B 505 81.52 -33.76 -23.24
N GLN B 506 82.00 -34.41 -24.30
CA GLN B 506 82.24 -35.84 -24.25
C GLN B 506 83.52 -36.21 -23.53
N TYR B 507 84.36 -35.23 -23.23
CA TYR B 507 85.63 -35.47 -22.56
C TYR B 507 85.55 -35.27 -21.06
N LYS B 508 84.38 -34.98 -20.54
CA LYS B 508 84.17 -34.88 -19.11
C LYS B 508 83.20 -35.97 -18.69
N THR B 509 83.21 -36.30 -17.41
CA THR B 509 82.31 -37.31 -16.92
C THR B 509 80.87 -36.84 -17.01
N PRO B 510 79.92 -37.74 -17.17
CA PRO B 510 78.51 -37.32 -17.15
C PRO B 510 78.11 -36.67 -15.85
N MET B 511 78.83 -36.92 -14.76
CA MET B 511 78.51 -36.29 -13.48
C MET B 511 78.65 -34.78 -13.56
N GLU B 512 79.70 -34.29 -14.21
CA GLU B 512 79.96 -32.87 -14.28
C GLU B 512 79.42 -32.24 -15.54
N ASN B 513 78.80 -33.00 -16.42
CA ASN B 513 78.08 -32.43 -17.53
C ASN B 513 76.64 -32.17 -17.15
N ILE B 514 75.98 -33.19 -16.59
CA ILE B 514 74.76 -32.96 -15.84
C ILE B 514 75.10 -32.14 -14.61
N GLY B 515 74.28 -31.16 -14.31
CA GLY B 515 74.55 -30.35 -13.15
C GLY B 515 73.78 -30.74 -11.91
N LEU B 516 73.19 -31.92 -11.88
CA LEU B 516 72.20 -32.25 -10.89
C LEU B 516 72.84 -33.05 -9.77
N GLN B 517 72.40 -32.79 -8.55
CA GLN B 517 72.94 -33.55 -7.44
C GLN B 517 72.37 -34.95 -7.41
N ASP B 518 73.02 -35.79 -6.62
CA ASP B 518 72.85 -37.22 -6.74
C ASP B 518 71.48 -37.64 -6.23
N SER B 519 70.95 -36.93 -5.24
CA SER B 519 69.64 -37.20 -4.70
C SER B 519 68.54 -36.93 -5.72
N LEU B 520 68.66 -35.83 -6.46
CA LEU B 520 67.71 -35.54 -7.52
C LEU B 520 67.85 -36.52 -8.67
N LEU B 521 69.09 -36.80 -9.08
CA LEU B 521 69.33 -37.76 -10.15
C LEU B 521 68.77 -39.12 -9.81
N SER B 522 68.77 -39.46 -8.54
CA SER B 522 68.26 -40.74 -8.11
C SER B 522 66.75 -40.84 -8.32
N ARG B 523 66.04 -39.71 -8.31
CA ARG B 523 64.60 -39.73 -8.51
C ARG B 523 64.25 -40.15 -9.92
N PHE B 524 65.01 -39.70 -10.90
CA PHE B 524 64.79 -40.06 -12.29
C PHE B 524 65.30 -41.47 -12.47
N ASP B 525 64.40 -42.39 -12.77
CA ASP B 525 64.84 -43.77 -12.84
C ASP B 525 65.58 -44.09 -14.14
N LEU B 526 65.30 -43.35 -15.21
CA LEU B 526 66.07 -43.47 -16.44
C LEU B 526 66.62 -42.11 -16.81
N LEU B 527 67.89 -42.07 -17.19
CA LEU B 527 68.59 -40.84 -17.54
C LEU B 527 69.30 -41.03 -18.87
N PHE B 528 68.82 -40.37 -19.91
CA PHE B 528 69.33 -40.54 -21.25
C PHE B 528 70.15 -39.32 -21.64
N ILE B 529 71.40 -39.56 -22.01
CA ILE B 529 72.24 -38.53 -22.63
C ILE B 529 72.01 -38.63 -24.13
N MET B 530 71.43 -37.59 -24.71
CA MET B 530 71.11 -37.58 -26.13
C MET B 530 72.10 -36.64 -26.83
N LEU B 531 73.14 -37.22 -27.41
CA LEU B 531 74.23 -36.45 -27.98
C LEU B 531 73.97 -36.11 -29.44
N ASP B 532 74.64 -35.07 -29.89
CA ASP B 532 74.66 -34.74 -31.31
C ASP B 532 76.00 -35.21 -31.87
N GLN B 533 76.11 -36.51 -32.06
CA GLN B 533 77.25 -37.08 -32.75
C GLN B 533 77.16 -36.69 -34.21
N MET B 534 78.16 -35.98 -34.70
CA MET B 534 78.08 -35.34 -36.01
C MET B 534 78.50 -36.26 -37.14
N ASP B 535 78.32 -37.56 -36.96
CA ASP B 535 78.75 -38.54 -37.96
C ASP B 535 77.99 -38.32 -39.26
N PRO B 536 78.67 -38.39 -40.41
CA PRO B 536 77.99 -38.17 -41.69
C PRO B 536 76.89 -39.17 -41.99
N GLU B 537 77.04 -40.42 -41.60
CA GLU B 537 76.02 -41.42 -41.94
C GLU B 537 74.74 -41.16 -41.16
N GLN B 538 74.87 -40.94 -39.86
CA GLN B 538 73.72 -40.60 -39.06
C GLN B 538 73.12 -39.27 -39.49
N ASP B 539 73.98 -38.34 -39.94
CA ASP B 539 73.48 -37.08 -40.49
C ASP B 539 72.62 -37.33 -41.72
N ARG B 540 73.06 -38.22 -42.61
CA ARG B 540 72.28 -38.53 -43.79
C ARG B 540 70.93 -39.13 -43.41
N GLU B 541 70.93 -40.04 -42.45
CA GLU B 541 69.68 -40.64 -41.99
C GLU B 541 68.73 -39.57 -41.45
N ILE B 542 69.22 -38.74 -40.53
CA ILE B 542 68.37 -37.72 -39.91
C ILE B 542 67.86 -36.75 -40.95
N SER B 543 68.74 -36.28 -41.85
CA SER B 543 68.35 -35.26 -42.80
C SER B 543 67.37 -35.79 -43.82
N ASP B 544 67.56 -37.02 -44.28
CA ASP B 544 66.58 -37.61 -45.19
C ASP B 544 65.22 -37.69 -44.51
N HIS B 545 65.20 -38.13 -43.25
CA HIS B 545 63.93 -38.20 -42.53
C HIS B 545 63.28 -36.83 -42.39
N VAL B 546 64.06 -35.83 -41.99
CA VAL B 546 63.53 -34.49 -41.74
C VAL B 546 62.97 -33.91 -43.03
N LEU B 547 63.68 -34.09 -44.13
CA LEU B 547 63.20 -33.54 -45.39
C LEU B 547 61.96 -34.27 -45.87
N ARG B 548 61.85 -35.57 -45.60
CA ARG B 548 60.61 -36.27 -45.93
C ARG B 548 59.44 -35.72 -45.14
N MET B 549 59.64 -35.43 -43.85
CA MET B 549 58.55 -34.85 -43.07
C MET B 549 58.25 -33.41 -43.47
N HIS B 550 59.23 -32.69 -43.98
CA HIS B 550 58.94 -31.35 -44.48
C HIS B 550 58.29 -31.39 -45.85
N ARG B 551 58.38 -32.50 -46.56
CA ARG B 551 57.70 -32.65 -47.83
C ARG B 551 56.27 -33.15 -47.70
N TYR B 552 55.96 -33.89 -46.65
CA TYR B 552 54.67 -34.54 -46.54
C TYR B 552 53.55 -33.52 -46.60
N ARG B 553 52.49 -33.87 -47.32
CA ARG B 553 51.29 -33.07 -47.39
C ARG B 553 50.10 -33.94 -47.06
N ALA B 554 49.18 -33.41 -46.27
CA ALA B 554 48.07 -34.22 -45.78
C ALA B 554 47.20 -34.67 -46.94
N PRO B 555 46.53 -35.82 -46.83
CA PRO B 555 45.99 -36.46 -48.01
C PRO B 555 44.70 -35.84 -48.52
N GLY B 556 44.81 -35.10 -49.61
CA GLY B 556 43.65 -34.53 -50.25
C GLY B 556 43.18 -33.28 -49.55
N GLU B 557 43.23 -33.28 -48.22
CA GLU B 557 42.82 -32.10 -47.47
C GLU B 557 43.53 -30.86 -47.97
N GLN B 558 44.79 -31.01 -48.39
CA GLN B 558 45.58 -29.88 -48.84
C GLN B 558 46.12 -30.15 -50.24
N ASP B 559 46.37 -29.07 -50.98
CA ASP B 559 46.87 -29.20 -52.34
C ASP B 559 47.91 -28.14 -52.73
N GLY B 560 48.52 -27.47 -51.77
CA GLY B 560 49.49 -26.43 -52.07
C GLY B 560 49.30 -25.19 -51.22
N ASP B 561 48.46 -25.31 -50.19
CA ASP B 561 47.96 -24.18 -49.43
C ASP B 561 48.58 -24.10 -48.05
N ALA B 562 48.20 -23.06 -47.33
CA ALA B 562 48.81 -22.66 -46.07
C ALA B 562 48.01 -23.16 -44.88
N MET B 563 48.61 -23.06 -43.71
CA MET B 563 48.02 -23.56 -42.49
C MET B 563 47.32 -22.42 -41.77
N PRO B 564 46.01 -22.48 -41.58
CA PRO B 564 45.29 -21.31 -41.04
C PRO B 564 45.71 -21.02 -39.61
N LEU B 565 45.57 -19.76 -39.23
CA LEU B 565 45.95 -19.35 -37.89
C LEU B 565 44.90 -19.70 -36.85
N GLY B 566 43.64 -19.87 -37.26
CA GLY B 566 42.56 -20.16 -36.33
C GLY B 566 42.21 -18.97 -35.47
N SER B 567 41.65 -17.92 -36.09
CA SER B 567 41.58 -16.61 -35.47
C SER B 567 40.29 -16.38 -34.69
N ALA B 568 40.00 -17.28 -33.76
CA ALA B 568 39.05 -17.06 -32.67
C ALA B 568 37.59 -16.92 -33.10
N VAL B 569 37.34 -16.89 -34.41
CA VAL B 569 35.98 -16.90 -34.93
C VAL B 569 35.88 -18.13 -35.81
N ASP B 570 37.03 -18.61 -36.28
CA ASP B 570 37.09 -19.86 -37.00
C ASP B 570 36.94 -21.06 -36.08
N ILE B 571 37.41 -20.96 -34.84
CA ILE B 571 37.27 -22.08 -33.92
C ILE B 571 35.81 -22.25 -33.52
N LEU B 572 35.12 -21.15 -33.25
CA LEU B 572 33.70 -21.23 -32.92
C LEU B 572 32.87 -21.61 -34.13
N ALA B 573 33.43 -21.51 -35.34
CA ALA B 573 32.70 -21.92 -36.54
C ALA B 573 32.48 -23.42 -36.56
N THR B 574 33.47 -24.19 -36.14
CA THR B 574 33.39 -25.64 -36.12
C THR B 574 33.28 -26.14 -34.68
N ASP B 575 33.30 -27.46 -34.52
CA ASP B 575 33.35 -28.05 -33.20
C ASP B 575 34.74 -27.93 -32.60
N ASP B 576 34.81 -28.06 -31.29
CA ASP B 576 36.10 -28.06 -30.62
C ASP B 576 36.64 -29.47 -30.57
N PRO B 577 37.82 -29.74 -31.16
CA PRO B 577 38.35 -31.11 -31.09
C PRO B 577 38.65 -31.57 -29.67
N ASN B 578 38.84 -30.65 -28.74
CA ASN B 578 39.15 -31.02 -27.36
C ASN B 578 37.99 -31.77 -26.72
N PHE B 579 36.76 -31.32 -26.94
CA PHE B 579 35.60 -31.93 -26.32
C PHE B 579 34.82 -32.80 -27.30
N SER B 580 35.47 -33.26 -28.37
CA SER B 580 34.77 -33.92 -29.45
C SER B 580 34.41 -35.36 -29.09
N GLN B 581 33.62 -35.98 -29.95
CA GLN B 581 33.18 -37.35 -29.77
C GLN B 581 34.34 -38.34 -29.81
N TYR B 590 41.65 -46.77 -36.85
CA TYR B 590 41.62 -47.96 -36.01
C TYR B 590 41.86 -49.21 -36.83
N GLU B 591 42.82 -49.14 -37.73
CA GLU B 591 43.19 -50.28 -38.56
C GLU B 591 44.44 -50.98 -38.04
N LYS B 592 44.90 -50.63 -36.84
CA LYS B 592 46.09 -51.19 -36.21
C LYS B 592 47.36 -50.81 -36.94
N HIS B 593 47.25 -50.12 -38.07
CA HIS B 593 48.42 -49.81 -38.87
C HIS B 593 48.14 -48.60 -39.72
N ASP B 594 49.21 -47.96 -40.18
CA ASP B 594 49.12 -46.79 -41.05
C ASP B 594 49.37 -47.19 -42.49
N ASN B 595 48.64 -46.54 -43.40
CA ASN B 595 48.95 -46.65 -44.81
C ASN B 595 50.31 -46.02 -45.09
N LEU B 596 51.10 -46.66 -45.94
CA LEU B 596 52.47 -46.24 -46.19
C LEU B 596 52.52 -45.33 -47.41
N LEU B 597 53.02 -44.09 -47.25
CA LEU B 597 53.37 -43.30 -48.43
C LEU B 597 54.82 -42.82 -48.49
N HIS B 598 55.22 -41.79 -47.74
CA HIS B 598 56.63 -41.45 -47.67
C HIS B 598 56.98 -40.79 -46.34
N GLY B 599 56.10 -40.81 -45.36
CA GLY B 599 56.56 -40.72 -44.00
C GLY B 599 57.52 -41.84 -43.67
N THR B 600 57.55 -42.88 -44.51
CA THR B 600 58.55 -43.94 -44.47
C THR B 600 59.09 -44.17 -45.87
N LYS B 601 60.37 -44.56 -45.96
CA LYS B 601 61.02 -44.67 -47.26
C LYS B 601 60.49 -45.84 -48.08
N LYS B 602 60.44 -47.04 -47.49
CA LYS B 602 60.09 -48.24 -48.22
C LYS B 602 59.11 -49.06 -47.40
N LYS B 603 58.43 -49.99 -48.08
CA LYS B 603 57.46 -50.87 -47.44
C LYS B 603 58.19 -52.12 -46.96
N LYS B 604 58.70 -52.07 -45.73
CA LYS B 604 59.38 -53.21 -45.12
C LYS B 604 58.97 -53.50 -43.68
N GLU B 605 58.36 -52.55 -42.98
CA GLU B 605 57.98 -52.76 -41.57
C GLU B 605 56.91 -51.76 -41.18
N LYS B 606 55.76 -52.26 -40.74
CA LYS B 606 54.60 -51.41 -40.55
C LYS B 606 54.66 -50.68 -39.20
N MET B 607 53.86 -49.63 -39.09
CA MET B 607 53.82 -48.82 -37.89
C MET B 607 52.38 -48.71 -37.40
N VAL B 608 52.22 -48.69 -36.08
CA VAL B 608 50.90 -48.76 -35.48
C VAL B 608 50.18 -47.43 -35.61
N SER B 609 48.88 -47.50 -35.87
CA SER B 609 48.06 -46.30 -35.95
C SER B 609 48.03 -45.59 -34.60
N ALA B 610 48.01 -44.26 -34.64
CA ALA B 610 47.99 -43.49 -33.41
C ALA B 610 46.70 -43.71 -32.62
N ALA B 611 45.55 -43.75 -33.30
CA ALA B 611 44.30 -43.98 -32.60
C ALA B 611 44.26 -45.37 -31.98
N PHE B 612 44.69 -46.38 -32.73
CA PHE B 612 44.75 -47.70 -32.16
C PHE B 612 45.78 -47.77 -31.05
N MET B 613 46.87 -47.03 -31.16
CA MET B 613 47.87 -47.07 -30.09
C MET B 613 47.33 -46.45 -28.82
N LYS B 614 46.55 -45.38 -28.93
CA LYS B 614 45.88 -44.84 -27.75
C LYS B 614 44.95 -45.88 -27.14
N LYS B 615 44.14 -46.54 -27.96
CA LYS B 615 43.23 -47.53 -27.43
C LYS B 615 43.97 -48.69 -26.77
N TYR B 616 45.04 -49.15 -27.43
CA TYR B 616 45.79 -50.29 -26.93
C TYR B 616 46.49 -49.94 -25.63
N ILE B 617 47.10 -48.76 -25.55
CA ILE B 617 47.79 -48.39 -24.34
C ILE B 617 46.80 -48.18 -23.21
N HIS B 618 45.63 -47.63 -23.52
CA HIS B 618 44.62 -47.49 -22.47
C HIS B 618 44.21 -48.83 -21.91
N VAL B 619 44.01 -49.82 -22.77
CA VAL B 619 43.66 -51.14 -22.27
C VAL B 619 44.81 -51.76 -21.49
N ALA B 620 46.04 -51.65 -22.00
CA ALA B 620 47.17 -52.30 -21.36
C ALA B 620 47.59 -51.63 -20.07
N LYS B 621 47.23 -50.36 -19.87
CA LYS B 621 47.60 -49.68 -18.64
C LYS B 621 46.93 -50.31 -17.43
N ILE B 622 45.73 -50.87 -17.61
CA ILE B 622 45.00 -51.46 -16.50
C ILE B 622 45.57 -52.82 -16.09
N ILE B 623 46.33 -53.48 -16.96
CA ILE B 623 46.92 -54.76 -16.61
C ILE B 623 47.78 -54.61 -15.36
N LYS B 624 47.78 -55.63 -14.53
CA LYS B 624 48.62 -55.67 -13.34
C LYS B 624 49.44 -56.96 -13.38
N PRO B 625 50.51 -56.99 -14.14
CA PRO B 625 51.37 -58.17 -14.16
C PRO B 625 52.06 -58.39 -12.83
N VAL B 626 52.29 -59.65 -12.50
CA VAL B 626 52.89 -60.05 -11.22
C VAL B 626 54.30 -60.55 -11.48
N LEU B 627 55.23 -60.13 -10.63
CA LEU B 627 56.59 -60.65 -10.70
C LEU B 627 56.58 -62.15 -10.44
N THR B 628 57.11 -62.91 -11.38
CA THR B 628 57.30 -64.32 -11.13
C THR B 628 58.64 -64.54 -10.43
N GLN B 629 58.81 -65.72 -9.87
CA GLN B 629 59.99 -65.99 -9.05
C GLN B 629 61.26 -66.03 -9.89
N GLU B 630 61.18 -66.53 -11.13
CA GLU B 630 62.35 -66.49 -11.99
C GLU B 630 62.73 -65.06 -12.33
N SER B 631 61.74 -64.23 -12.66
CA SER B 631 62.00 -62.82 -12.94
C SER B 631 62.58 -62.12 -11.74
N ALA B 632 62.03 -62.37 -10.56
CA ALA B 632 62.52 -61.72 -9.35
C ALA B 632 63.95 -62.12 -9.07
N THR B 633 64.27 -63.41 -9.22
CA THR B 633 65.65 -63.84 -9.00
C THR B 633 66.61 -63.21 -10.00
N TYR B 634 66.20 -63.16 -11.27
CA TYR B 634 67.05 -62.55 -12.28
C TYR B 634 67.27 -61.07 -12.00
N ILE B 635 66.20 -60.36 -11.65
CA ILE B 635 66.30 -58.92 -11.36
C ILE B 635 67.20 -58.69 -10.16
N ALA B 636 67.07 -59.51 -9.12
CA ALA B 636 67.92 -59.35 -7.95
C ALA B 636 69.38 -59.57 -8.31
N GLU B 637 69.67 -60.61 -9.08
CA GLU B 637 71.06 -60.88 -9.47
C GLU B 637 71.62 -59.75 -10.32
N GLU B 638 70.83 -59.25 -11.25
CA GLU B 638 71.29 -58.16 -12.09
C GLU B 638 71.51 -56.89 -11.29
N TYR B 639 70.67 -56.63 -10.30
CA TYR B 639 70.86 -55.46 -9.45
C TYR B 639 72.15 -55.57 -8.65
N SER B 640 72.41 -56.73 -8.07
CA SER B 640 73.65 -56.89 -7.32
C SER B 640 74.87 -56.76 -8.22
N ARG B 641 74.80 -57.28 -9.44
CA ARG B 641 75.88 -57.08 -10.38
C ARG B 641 76.05 -55.62 -10.72
N LEU B 642 74.94 -54.92 -10.92
CA LEU B 642 74.96 -53.55 -11.36
C LEU B 642 75.44 -52.61 -10.27
N ARG B 643 75.18 -52.96 -9.01
CA ARG B 643 75.72 -52.16 -7.91
C ARG B 643 77.23 -52.21 -7.85
N SER B 644 77.85 -53.22 -8.44
CA SER B 644 79.26 -53.48 -8.24
C SER B 644 80.12 -52.75 -9.26
N GLN B 645 81.41 -52.65 -8.94
CA GLN B 645 82.34 -51.91 -9.79
C GLN B 645 82.59 -52.61 -11.12
N ASP B 646 82.58 -53.95 -11.13
CA ASP B 646 82.80 -54.67 -12.39
C ASP B 646 81.75 -54.33 -13.43
N SER B 647 80.58 -53.87 -13.00
CA SER B 647 79.53 -53.45 -13.92
C SER B 647 79.98 -52.34 -14.85
N MET B 648 81.02 -51.62 -14.47
CA MET B 648 81.55 -50.55 -15.30
C MET B 648 83.05 -50.78 -15.52
N SER B 649 83.44 -50.75 -16.79
CA SER B 649 84.82 -50.93 -17.21
C SER B 649 85.63 -49.68 -16.90
N SER B 650 86.85 -49.62 -17.42
CA SER B 650 87.56 -48.37 -17.44
C SER B 650 86.94 -47.45 -18.49
N ASP B 651 87.24 -46.16 -18.37
CA ASP B 651 86.77 -45.05 -19.19
C ASP B 651 85.27 -45.14 -19.50
N THR B 652 84.53 -45.77 -18.60
CA THR B 652 83.08 -45.70 -18.60
C THR B 652 82.68 -45.17 -17.24
N ALA B 653 81.58 -44.43 -17.19
CA ALA B 653 81.22 -43.72 -15.98
C ALA B 653 79.72 -43.81 -15.78
N ARG B 654 79.32 -43.69 -14.53
CA ARG B 654 77.92 -43.73 -14.19
C ARG B 654 77.26 -42.41 -14.54
N THR B 655 76.13 -42.47 -15.25
CA THR B 655 75.36 -41.27 -15.47
C THR B 655 74.56 -40.91 -14.23
N SER B 656 74.05 -41.91 -13.53
CA SER B 656 73.27 -41.72 -12.32
C SER B 656 73.65 -42.81 -11.33
N PRO B 657 73.46 -42.56 -10.04
CA PRO B 657 73.87 -43.55 -9.05
C PRO B 657 72.96 -44.76 -9.11
N VAL B 658 73.49 -45.89 -8.68
CA VAL B 658 72.71 -47.11 -8.59
C VAL B 658 72.35 -47.27 -7.11
N THR B 659 71.06 -47.15 -6.80
CA THR B 659 70.55 -47.26 -5.44
C THR B 659 69.45 -48.30 -5.44
N ALA B 660 68.73 -48.44 -4.33
CA ALA B 660 67.59 -49.34 -4.32
C ALA B 660 66.49 -48.85 -5.27
N ARG B 661 66.43 -47.55 -5.50
CA ARG B 661 65.53 -47.02 -6.50
C ARG B 661 65.81 -47.61 -7.87
N THR B 662 67.05 -48.02 -8.15
CA THR B 662 67.33 -48.67 -9.41
C THR B 662 66.74 -50.07 -9.47
N LEU B 663 66.69 -50.76 -8.34
CA LEU B 663 66.02 -52.05 -8.31
C LEU B 663 64.52 -51.90 -8.56
N GLU B 664 63.88 -50.94 -7.88
CA GLU B 664 62.50 -50.67 -8.26
C GLU B 664 62.34 -50.16 -9.68
N THR B 665 63.36 -49.49 -10.22
CA THR B 665 63.32 -49.09 -11.62
C THR B 665 63.26 -50.30 -12.52
N LEU B 666 64.11 -51.29 -12.25
CA LEU B 666 64.08 -52.52 -13.01
C LEU B 666 62.73 -53.18 -12.91
N ILE B 667 62.16 -53.23 -11.71
CA ILE B 667 60.87 -53.88 -11.54
C ILE B 667 59.78 -53.14 -12.29
N ARG B 668 59.78 -51.81 -12.22
CA ARG B 668 58.76 -51.01 -12.90
C ARG B 668 58.90 -51.11 -14.40
N LEU B 669 60.12 -51.04 -14.92
CA LEU B 669 60.31 -51.20 -16.35
C LEU B 669 59.87 -52.56 -16.83
N ALA B 670 60.23 -53.62 -16.09
CA ALA B 670 59.82 -54.95 -16.47
C ALA B 670 58.30 -55.09 -16.44
N THR B 671 57.66 -54.49 -15.44
CA THR B 671 56.21 -54.52 -15.36
C THR B 671 55.58 -53.79 -16.55
N ALA B 672 56.12 -52.64 -16.93
CA ALA B 672 55.56 -51.93 -18.08
C ALA B 672 55.74 -52.74 -19.36
N HIS B 673 56.89 -53.36 -19.51
CA HIS B 673 57.12 -54.24 -20.65
C HIS B 673 56.11 -55.37 -20.67
N ALA B 674 55.83 -55.95 -19.52
CA ALA B 674 54.85 -57.01 -19.44
C ALA B 674 53.46 -56.51 -19.78
N LYS B 675 53.15 -55.28 -19.41
CA LYS B 675 51.85 -54.70 -19.74
C LYS B 675 51.69 -54.55 -21.24
N ALA B 676 52.77 -54.16 -21.93
CA ALA B 676 52.69 -53.97 -23.37
C ALA B 676 52.21 -55.24 -24.06
N ARG B 677 52.65 -56.39 -23.57
CA ARG B 677 52.22 -57.66 -24.12
C ARG B 677 50.88 -58.12 -23.59
N MET B 678 50.31 -57.42 -22.60
CA MET B 678 49.13 -57.87 -21.88
C MET B 678 49.35 -59.25 -21.28
N SER B 679 50.44 -59.37 -20.53
CA SER B 679 50.96 -60.66 -20.09
C SER B 679 50.39 -61.16 -18.78
N LYS B 680 50.03 -60.27 -17.87
CA LYS B 680 49.55 -60.62 -16.52
C LYS B 680 50.64 -61.23 -15.65
N THR B 681 51.81 -61.49 -16.21
CA THR B 681 52.96 -61.93 -15.44
C THR B 681 54.19 -61.25 -15.99
N VAL B 682 55.20 -61.07 -15.15
CA VAL B 682 56.45 -60.46 -15.57
C VAL B 682 57.43 -61.59 -15.83
N ASP B 683 57.58 -61.95 -17.09
CA ASP B 683 58.41 -63.06 -17.49
C ASP B 683 59.84 -62.59 -17.74
N LEU B 684 60.73 -63.57 -17.93
CA LEU B 684 62.15 -63.28 -18.00
C LEU B 684 62.48 -62.31 -19.12
N GLN B 685 61.75 -62.39 -20.24
CA GLN B 685 62.00 -61.46 -21.34
C GLN B 685 61.73 -60.03 -20.92
N ASP B 686 60.69 -59.80 -20.13
CA ASP B 686 60.41 -58.47 -19.62
C ASP B 686 61.54 -57.99 -18.73
N ALA B 687 62.04 -58.86 -17.85
CA ALA B 687 63.12 -58.47 -16.95
C ALA B 687 64.38 -58.14 -17.72
N GLU B 688 64.70 -58.92 -18.76
CA GLU B 688 65.94 -58.64 -19.47
C GLU B 688 65.82 -57.42 -20.36
N GLU B 689 64.62 -57.14 -20.87
CA GLU B 689 64.43 -55.85 -21.55
C GLU B 689 64.63 -54.69 -20.59
N ALA B 690 64.08 -54.79 -19.39
CA ALA B 690 64.26 -53.74 -18.40
C ALA B 690 65.73 -53.58 -18.04
N VAL B 691 66.44 -54.69 -17.91
CA VAL B 691 67.85 -54.62 -17.53
C VAL B 691 68.67 -54.01 -18.66
N GLU B 692 68.33 -54.30 -19.92
CA GLU B 692 69.13 -53.67 -20.95
C GLU B 692 68.83 -52.18 -21.05
N LEU B 693 67.59 -51.77 -20.79
CA LEU B 693 67.30 -50.34 -20.70
C LEU B 693 68.15 -49.68 -19.63
N VAL B 694 68.16 -50.25 -18.44
CA VAL B 694 68.92 -49.65 -17.36
C VAL B 694 70.42 -49.66 -17.66
N GLN B 695 70.92 -50.77 -18.17
CA GLN B 695 72.34 -50.86 -18.49
C GLN B 695 72.72 -49.84 -19.54
N TYR B 696 71.86 -49.61 -20.53
CA TYR B 696 72.14 -48.60 -21.53
C TYR B 696 72.17 -47.21 -20.93
N ALA B 697 71.18 -46.88 -20.10
CA ALA B 697 71.04 -45.51 -19.63
C ALA B 697 72.03 -45.14 -18.54
N TYR B 698 72.48 -46.09 -17.73
CA TYR B 698 73.18 -45.75 -16.49
C TYR B 698 74.68 -45.62 -16.65
N PHE B 699 75.21 -45.80 -17.84
CA PHE B 699 76.66 -45.75 -18.02
C PHE B 699 76.97 -44.99 -19.30
N LYS B 700 78.13 -44.35 -19.32
CA LYS B 700 78.54 -43.56 -20.46
C LYS B 700 80.05 -43.61 -20.59
N LYS B 701 80.54 -43.88 -21.79
CA LYS B 701 81.96 -43.90 -22.06
C LYS B 701 82.50 -42.48 -22.19
N VAL B 702 83.57 -42.20 -21.47
CA VAL B 702 84.19 -40.88 -21.48
C VAL B 702 85.42 -40.94 -22.37
N LEU B 703 85.54 -39.99 -23.28
CA LEU B 703 86.62 -39.96 -24.25
C LEU B 703 87.79 -39.14 -23.73
N GLU B 704 88.91 -39.24 -24.45
CA GLU B 704 90.09 -38.44 -24.16
C GLU B 704 90.52 -37.61 -25.37
N VAL C 107 25.18 0.42 58.56
CA VAL C 107 24.90 1.67 57.87
C VAL C 107 24.99 2.84 58.85
N ARG C 108 25.45 3.98 58.35
CA ARG C 108 25.49 5.22 59.12
C ARG C 108 24.92 6.40 58.35
N GLY C 109 24.07 6.16 57.36
CA GLY C 109 23.73 7.21 56.42
C GLY C 109 24.79 7.44 55.37
N THR C 110 25.86 6.65 55.38
CA THR C 110 26.88 6.73 54.35
C THR C 110 26.37 6.06 53.08
N PRO C 111 26.64 6.63 51.91
CA PRO C 111 26.01 6.13 50.68
C PRO C 111 26.44 4.70 50.34
N VAL C 112 25.47 3.91 49.89
CA VAL C 112 25.75 2.63 49.24
C VAL C 112 26.11 2.91 47.79
N ARG C 113 27.30 2.51 47.39
CA ARG C 113 27.75 2.66 46.02
C ARG C 113 27.29 1.47 45.20
N GLN C 114 26.85 1.70 43.99
CA GLN C 114 26.44 0.61 43.11
C GLN C 114 27.67 -0.17 42.65
N ARG C 115 27.48 -1.45 42.37
CA ARG C 115 28.62 -2.30 42.00
C ARG C 115 28.49 -2.82 40.59
N PRO C 116 29.06 -2.14 39.60
CA PRO C 116 29.00 -2.62 38.23
C PRO C 116 29.70 -3.94 38.00
N ASP C 117 30.69 -4.30 38.84
CA ASP C 117 31.38 -5.56 38.66
C ASP C 117 30.47 -6.75 38.92
N LEU C 118 29.45 -6.56 39.73
CA LEU C 118 28.48 -7.62 39.95
C LEU C 118 27.40 -7.63 38.89
N GLY C 119 27.44 -6.68 37.98
CA GLY C 119 26.51 -6.66 36.88
C GLY C 119 25.24 -5.93 37.24
N SER C 120 24.32 -5.92 36.28
CA SER C 120 22.99 -5.40 36.53
C SER C 120 22.26 -6.34 37.48
N ALA C 121 21.50 -5.76 38.40
CA ALA C 121 20.82 -6.57 39.39
C ALA C 121 19.79 -7.48 38.73
N GLN C 122 19.26 -8.40 39.52
CA GLN C 122 18.26 -9.36 39.06
C GLN C 122 16.94 -9.02 39.72
N LYS C 123 15.93 -9.88 39.52
CA LYS C 123 14.71 -9.74 40.30
C LYS C 123 14.96 -10.02 41.77
N GLY C 124 15.77 -11.04 42.07
CA GLY C 124 15.95 -11.43 43.46
C GLY C 124 14.70 -11.98 44.09
N LEU C 125 13.96 -12.80 43.35
CA LEU C 125 12.75 -13.41 43.87
C LEU C 125 13.08 -14.43 44.94
N GLN C 126 12.38 -14.32 46.07
CA GLN C 126 12.55 -15.21 47.20
C GLN C 126 11.50 -16.29 47.14
N VAL C 127 11.90 -17.54 47.20
CA VAL C 127 10.95 -18.63 47.12
C VAL C 127 11.02 -19.43 48.42
N ASP C 128 9.89 -20.00 48.81
CA ASP C 128 9.82 -20.80 50.02
C ASP C 128 9.77 -22.27 49.65
N LEU C 129 10.68 -23.06 50.20
CA LEU C 129 10.80 -24.47 49.88
C LEU C 129 9.91 -25.34 50.75
N GLN C 130 8.84 -24.79 51.30
CA GLN C 130 7.89 -25.54 52.09
C GLN C 130 6.47 -25.18 51.64
N SER C 131 5.56 -26.14 51.78
CA SER C 131 4.18 -25.93 51.38
C SER C 131 3.21 -26.15 52.55
N LYS C 149 14.62 -22.56 53.67
CA LYS C 149 13.37 -21.95 54.09
C LYS C 149 12.91 -20.89 53.10
N LEU C 150 13.68 -19.83 52.94
CA LEU C 150 13.28 -18.69 52.12
C LEU C 150 14.42 -18.28 51.19
N VAL C 151 14.92 -19.23 50.42
CA VAL C 151 16.01 -19.01 49.47
C VAL C 151 15.64 -18.04 48.35
N ILE C 152 16.65 -17.56 47.65
CA ILE C 152 16.48 -16.84 46.40
C ILE C 152 16.15 -17.84 45.30
N TRP C 153 15.31 -17.42 44.36
CA TRP C 153 14.91 -18.28 43.26
C TRP C 153 16.12 -18.76 42.49
N GLY C 154 16.23 -20.07 42.33
CA GLY C 154 17.31 -20.66 41.58
C GLY C 154 18.58 -20.89 42.35
N THR C 155 18.67 -20.40 43.59
CA THR C 155 19.83 -20.60 44.44
C THR C 155 19.43 -21.45 45.62
N ASP C 156 20.36 -21.64 46.53
CA ASP C 156 20.09 -22.26 47.81
C ASP C 156 20.52 -21.37 48.96
N VAL C 157 20.44 -20.06 48.76
CA VAL C 157 20.91 -19.09 49.74
C VAL C 157 19.71 -18.30 50.23
N ASN C 158 19.62 -18.10 51.53
CA ASN C 158 18.80 -17.02 52.05
C ASN C 158 19.71 -15.94 52.59
N VAL C 159 19.31 -14.70 52.33
CA VAL C 159 20.15 -13.55 52.62
C VAL C 159 20.50 -13.51 54.09
N ALA C 160 19.54 -13.86 54.95
CA ALA C 160 19.75 -13.71 56.39
C ALA C 160 20.83 -14.66 56.90
N ALA C 161 20.78 -15.92 56.48
CA ALA C 161 21.77 -16.88 56.94
C ALA C 161 23.16 -16.56 56.40
N CYS C 162 23.26 -16.14 55.13
CA CYS C 162 24.56 -15.75 54.59
C CYS C 162 25.11 -14.54 55.32
N LYS C 163 24.27 -13.54 55.57
CA LYS C 163 24.71 -12.36 56.30
C LYS C 163 25.20 -12.72 57.69
N GLU C 164 24.46 -13.57 58.38
CA GLU C 164 24.85 -13.95 59.73
C GLU C 164 26.12 -14.79 59.73
N ASN C 165 26.23 -15.76 58.82
CA ASN C 165 27.43 -16.58 58.74
C ASN C 165 28.65 -15.75 58.41
N PHE C 166 28.50 -14.75 57.53
CA PHE C 166 29.65 -13.92 57.23
C PHE C 166 30.01 -13.00 58.39
N GLN C 167 29.02 -12.53 59.14
CA GLN C 167 29.35 -11.76 60.34
C GLN C 167 30.12 -12.61 61.33
N ARG C 168 29.71 -13.88 61.49
CA ARG C 168 30.47 -14.78 62.34
C ARG C 168 31.88 -14.96 61.82
N PHE C 169 32.05 -15.15 60.51
CA PHE C 169 33.37 -15.32 59.94
C PHE C 169 34.25 -14.11 60.21
N LEU C 170 33.71 -12.92 59.95
CA LEU C 170 34.48 -11.71 60.17
C LEU C 170 34.89 -11.59 61.62
N GLN C 171 33.97 -11.87 62.53
CA GLN C 171 34.24 -11.59 63.93
C GLN C 171 35.20 -12.60 64.54
N ARG C 172 35.10 -13.86 64.17
CA ARG C 172 35.94 -14.88 64.79
C ARG C 172 36.59 -15.76 63.74
N PHE C 173 37.70 -15.28 63.19
CA PHE C 173 38.49 -16.12 62.29
C PHE C 173 39.95 -15.83 62.50
N ILE C 174 40.73 -16.88 62.78
CA ILE C 174 42.17 -16.76 62.95
C ILE C 174 42.78 -17.62 61.87
N ASP C 175 43.80 -17.10 61.21
CA ASP C 175 44.58 -18.02 60.41
C ASP C 175 45.61 -18.64 61.34
N PRO C 176 45.41 -19.88 61.79
CA PRO C 176 46.36 -20.47 62.72
C PRO C 176 47.71 -20.71 62.10
N LEU C 177 47.78 -20.79 60.77
CA LEU C 177 49.01 -21.06 60.05
C LEU C 177 49.56 -19.79 59.41
N ALA C 178 49.33 -18.64 60.03
CA ALA C 178 49.69 -17.37 59.44
C ALA C 178 51.11 -17.01 59.87
N LYS C 179 52.04 -17.01 58.91
CA LYS C 179 53.33 -16.38 59.16
C LYS C 179 53.13 -14.89 59.31
N GLU C 180 54.06 -14.24 59.98
CA GLU C 180 53.84 -12.83 60.29
C GLU C 180 54.31 -11.91 59.17
N GLU C 181 53.92 -12.20 57.93
CA GLU C 181 54.10 -11.21 56.87
C GLU C 181 53.00 -10.16 56.91
N GLU C 182 51.88 -10.44 57.57
CA GLU C 182 50.86 -9.42 57.75
C GLU C 182 51.47 -8.27 58.53
N ASN C 183 51.57 -7.10 57.89
CA ASN C 183 52.31 -5.99 58.46
C ASN C 183 51.77 -5.63 59.84
N VAL C 184 50.45 -5.52 59.96
CA VAL C 184 49.85 -5.13 61.23
C VAL C 184 48.91 -6.23 61.71
N GLY C 185 48.35 -6.99 60.78
CA GLY C 185 47.55 -8.13 61.14
C GLY C 185 48.37 -9.08 61.99
N ILE C 186 47.85 -9.46 63.15
CA ILE C 186 48.57 -10.33 64.08
C ILE C 186 47.66 -11.46 64.49
N ASP C 187 48.12 -12.70 64.28
CA ASP C 187 47.26 -13.86 64.46
C ASP C 187 46.81 -14.06 65.90
N ILE C 188 47.56 -13.53 66.87
CA ILE C 188 47.13 -13.64 68.25
C ILE C 188 45.79 -12.96 68.44
N THR C 189 45.65 -11.74 67.94
CA THR C 189 44.36 -11.06 67.99
C THR C 189 43.42 -11.80 67.06
N GLU C 190 42.56 -12.61 67.65
CA GLU C 190 41.61 -13.49 66.98
C GLU C 190 41.14 -12.95 65.64
N PRO C 191 40.50 -11.82 65.60
CA PRO C 191 39.80 -11.46 64.38
C PRO C 191 40.66 -10.79 63.32
N LEU C 192 41.25 -11.58 62.42
CA LEU C 192 42.03 -11.02 61.31
C LEU C 192 41.26 -9.93 60.57
N TYR C 193 40.01 -10.18 60.25
CA TYR C 193 39.31 -9.21 59.43
C TYR C 193 38.79 -8.03 60.22
N MET C 194 38.69 -8.13 61.54
CA MET C 194 38.46 -6.91 62.30
C MET C 194 39.70 -6.03 62.35
N GLN C 195 40.89 -6.62 62.33
CA GLN C 195 42.08 -5.81 62.14
C GLN C 195 42.08 -5.15 60.76
N ARG C 196 41.62 -5.88 59.74
CA ARG C 196 41.45 -5.25 58.44
C ARG C 196 40.44 -4.10 58.48
N LEU C 197 39.33 -4.30 59.18
CA LEU C 197 38.35 -3.22 59.33
C LEU C 197 38.93 -2.03 60.08
N GLY C 198 39.79 -2.27 61.06
CA GLY C 198 40.46 -1.16 61.70
C GLY C 198 41.37 -0.39 60.74
N GLU C 199 42.10 -1.12 59.90
CA GLU C 199 42.90 -0.45 58.88
C GLU C 199 42.03 0.36 57.93
N ILE C 200 40.85 -0.14 57.60
CA ILE C 200 39.93 0.62 56.77
C ILE C 200 39.49 1.87 57.50
N ASN C 201 39.20 1.74 58.80
CA ASN C 201 38.81 2.88 59.61
C ASN C 201 39.85 3.96 59.56
N VAL C 202 41.12 3.58 59.63
CA VAL C 202 42.20 4.57 59.61
C VAL C 202 42.37 5.15 58.21
N ILE C 203 42.71 4.30 57.24
CA ILE C 203 43.10 4.79 55.91
C ILE C 203 41.91 5.36 55.17
N GLY C 204 40.76 4.70 55.25
CA GLY C 204 39.55 5.20 54.63
C GLY C 204 39.19 4.59 53.30
N GLU C 205 39.92 3.57 52.84
CA GLU C 205 39.58 2.88 51.60
C GLU C 205 38.42 1.92 51.85
N PRO C 206 37.31 2.08 51.20
CA PRO C 206 36.13 1.27 51.51
C PRO C 206 36.14 -0.10 50.86
N PHE C 207 37.25 -0.81 50.95
CA PHE C 207 37.36 -2.10 50.29
C PHE C 207 37.98 -3.11 51.22
N LEU C 208 37.30 -4.22 51.41
CA LEU C 208 37.77 -5.28 52.26
C LEU C 208 38.09 -6.46 51.37
N ASN C 209 39.36 -6.79 51.24
CA ASN C 209 39.79 -7.92 50.45
C ASN C 209 39.79 -9.14 51.35
N VAL C 210 38.92 -10.09 51.06
CA VAL C 210 38.76 -11.29 51.87
C VAL C 210 39.28 -12.47 51.07
N ASN C 211 40.24 -13.18 51.65
CA ASN C 211 40.77 -14.39 51.01
C ASN C 211 39.73 -15.49 51.08
N CYS C 212 39.48 -16.14 49.95
CA CYS C 212 38.46 -17.17 49.90
C CYS C 212 38.88 -18.48 50.52
N GLU C 213 40.18 -18.74 50.65
CA GLU C 213 40.61 -19.92 51.42
C GLU C 213 40.26 -19.76 52.87
N HIS C 214 40.15 -18.54 53.34
CA HIS C 214 39.72 -18.31 54.72
C HIS C 214 38.26 -18.69 54.90
N ILE C 215 37.38 -18.29 53.98
CA ILE C 215 36.00 -18.75 54.04
C ILE C 215 35.95 -20.26 53.92
N LYS C 216 36.77 -20.82 53.03
CA LYS C 216 36.82 -22.26 52.85
C LYS C 216 37.15 -22.97 54.15
N SER C 217 38.12 -22.45 54.89
CA SER C 217 38.47 -23.02 56.18
C SER C 217 37.33 -22.87 57.18
N PHE C 218 36.74 -21.69 57.23
CA PHE C 218 35.72 -21.39 58.23
C PHE C 218 34.43 -22.14 57.94
N ASP C 219 33.96 -22.09 56.70
CA ASP C 219 32.64 -22.59 56.34
C ASP C 219 32.69 -23.01 54.87
N LYS C 220 32.88 -24.30 54.63
CA LYS C 220 32.98 -24.80 53.27
C LYS C 220 31.69 -24.59 52.49
N ASN C 221 30.57 -24.58 53.18
CA ASN C 221 29.31 -24.34 52.48
C ASN C 221 29.18 -22.88 52.08
N LEU C 222 29.64 -21.98 52.94
CA LEU C 222 29.64 -20.57 52.59
C LEU C 222 30.54 -20.30 51.41
N TYR C 223 31.69 -20.97 51.35
CA TYR C 223 32.55 -20.87 50.19
C TYR C 223 31.86 -21.37 48.94
N ARG C 224 31.15 -22.49 49.03
CA ARG C 224 30.47 -23.01 47.86
C ARG C 224 29.38 -22.06 47.38
N GLN C 225 28.66 -21.45 48.32
CA GLN C 225 27.62 -20.49 47.94
C GLN C 225 28.21 -19.23 47.34
N LEU C 226 29.33 -18.76 47.87
CA LEU C 226 29.97 -17.60 47.29
C LEU C 226 30.47 -17.88 45.89
N ILE C 227 31.09 -19.04 45.68
CA ILE C 227 31.62 -19.36 44.37
C ILE C 227 30.50 -19.55 43.36
N SER C 228 29.38 -20.10 43.76
CA SER C 228 28.35 -20.39 42.77
C SER C 228 27.33 -19.29 42.59
N TYR C 229 27.08 -18.45 43.59
CA TYR C 229 26.13 -17.34 43.48
C TYR C 229 26.76 -16.04 43.96
N PRO C 230 27.78 -15.55 43.27
CA PRO C 230 28.42 -14.31 43.74
C PRO C 230 27.54 -13.10 43.63
N GLN C 231 26.73 -13.01 42.59
CA GLN C 231 25.89 -11.83 42.38
C GLN C 231 24.87 -11.70 43.49
N GLU C 232 24.49 -12.81 44.10
CA GLU C 232 23.55 -12.78 45.20
C GLU C 232 24.24 -12.72 46.55
N VAL C 233 25.42 -13.32 46.68
CA VAL C 233 26.06 -13.47 47.97
C VAL C 233 26.96 -12.30 48.30
N ILE C 234 27.74 -11.80 47.34
CA ILE C 234 28.65 -10.69 47.63
C ILE C 234 27.94 -9.47 48.17
N PRO C 235 26.78 -9.06 47.65
CA PRO C 235 26.04 -7.97 48.32
C PRO C 235 25.70 -8.26 49.77
N THR C 236 25.34 -9.50 50.07
CA THR C 236 25.07 -9.87 51.45
C THR C 236 26.32 -9.74 52.31
N PHE C 237 27.47 -10.10 51.74
CA PHE C 237 28.73 -9.88 52.45
C PHE C 237 28.96 -8.41 52.69
N ASP C 238 28.61 -7.57 51.72
CA ASP C 238 28.76 -6.13 51.89
C ASP C 238 27.91 -5.63 53.06
N MET C 239 26.65 -6.05 53.12
CA MET C 239 25.80 -5.60 54.23
C MET C 239 26.33 -6.10 55.56
N ALA C 240 26.78 -7.35 55.62
CA ALA C 240 27.35 -7.86 56.86
C ALA C 240 28.53 -7.02 57.30
N VAL C 241 29.45 -6.74 56.38
CA VAL C 241 30.63 -5.98 56.75
C VAL C 241 30.25 -4.61 57.24
N ASN C 242 29.32 -3.96 56.56
CA ASN C 242 28.98 -2.59 56.93
C ASN C 242 28.29 -2.53 58.28
N GLU C 243 27.43 -3.50 58.60
CA GLU C 243 26.88 -3.50 59.96
C GLU C 243 27.97 -3.71 60.99
N ILE C 244 28.87 -4.64 60.76
CA ILE C 244 29.92 -4.88 61.74
C ILE C 244 30.80 -3.64 61.90
N PHE C 245 31.02 -2.92 60.81
CA PHE C 245 31.87 -1.73 60.82
C PHE C 245 31.17 -0.49 61.35
N PHE C 246 29.85 -0.46 61.41
CA PHE C 246 29.19 0.71 61.97
C PHE C 246 28.57 0.40 63.33
N ASP C 247 28.70 -0.83 63.80
CA ASP C 247 28.62 -1.05 65.24
C ASP C 247 29.91 -0.53 65.87
N ARG C 248 31.03 -1.12 65.48
CA ARG C 248 32.31 -0.71 66.01
C ARG C 248 32.93 0.28 65.04
N TYR C 249 33.38 1.42 65.56
CA TYR C 249 33.58 2.67 64.82
C TYR C 249 32.26 3.20 64.29
N PRO C 250 31.34 3.64 65.15
CA PRO C 250 30.08 4.20 64.64
C PRO C 250 30.19 5.64 64.19
N ASP C 251 31.39 6.22 64.14
CA ASP C 251 31.54 7.62 63.78
C ASP C 251 32.62 7.83 62.73
N SER C 252 32.98 6.79 61.99
CA SER C 252 33.94 6.93 60.91
C SER C 252 33.27 7.54 59.69
N ILE C 253 34.07 8.19 58.86
CA ILE C 253 33.59 8.84 57.65
C ILE C 253 34.22 8.15 56.45
N LEU C 254 33.37 7.68 55.55
CA LEU C 254 33.80 7.03 54.32
C LEU C 254 32.98 7.60 53.18
N GLU C 255 33.60 7.70 52.00
CA GLU C 255 32.89 8.27 50.87
C GLU C 255 31.70 7.40 50.48
N HIS C 256 31.78 6.09 50.73
CA HIS C 256 30.66 5.20 50.50
C HIS C 256 30.80 4.01 51.43
N GLN C 257 29.80 3.13 51.39
CA GLN C 257 29.83 1.91 52.16
C GLN C 257 31.01 1.04 51.75
N ILE C 258 31.39 0.12 52.63
CA ILE C 258 32.50 -0.78 52.35
C ILE C 258 32.08 -1.85 51.37
N GLN C 259 32.97 -2.20 50.45
CA GLN C 259 32.72 -3.23 49.44
C GLN C 259 33.72 -4.36 49.62
N VAL C 260 33.22 -5.56 49.78
CA VAL C 260 34.08 -6.74 49.96
C VAL C 260 34.51 -7.25 48.59
N ARG C 261 35.76 -7.67 48.51
CA ARG C 261 36.33 -8.19 47.28
C ARG C 261 36.90 -9.58 47.55
N PRO C 262 36.11 -10.62 47.35
CA PRO C 262 36.65 -11.97 47.50
C PRO C 262 37.74 -12.21 46.48
N PHE C 263 38.79 -12.89 46.92
CA PHE C 263 39.87 -13.22 46.02
C PHE C 263 40.40 -14.59 46.41
N ASN C 264 41.21 -15.15 45.52
CA ASN C 264 41.84 -16.44 45.75
C ASN C 264 40.82 -17.56 45.79
N ALA C 265 39.85 -17.52 44.89
CA ALA C 265 39.01 -18.67 44.70
C ALA C 265 39.86 -19.84 44.24
N LEU C 266 39.28 -21.04 44.31
CA LEU C 266 40.01 -22.21 43.84
C LEU C 266 40.44 -21.99 42.41
N LYS C 267 41.74 -22.04 42.19
CA LYS C 267 42.33 -21.66 40.91
C LYS C 267 41.76 -22.53 39.80
N THR C 268 41.32 -21.90 38.71
CA THR C 268 40.96 -22.63 37.51
C THR C 268 42.23 -22.75 36.69
N LYS C 269 42.76 -23.96 36.61
CA LYS C 269 44.06 -24.16 35.98
C LYS C 269 44.04 -23.76 34.52
N ASN C 270 42.99 -24.13 33.81
CA ASN C 270 42.83 -23.79 32.40
C ASN C 270 41.45 -23.21 32.22
N MET C 271 41.38 -21.96 31.80
CA MET C 271 40.10 -21.30 31.65
C MET C 271 39.30 -21.85 30.47
N ARG C 272 39.93 -22.61 29.60
CA ARG C 272 39.22 -23.28 28.53
C ARG C 272 38.63 -24.59 28.98
N ASN C 273 38.76 -24.94 30.24
CA ASN C 273 38.05 -26.06 30.83
C ASN C 273 36.72 -25.67 31.46
N LEU C 274 36.39 -24.38 31.45
CA LEU C 274 35.13 -23.93 32.02
C LEU C 274 33.98 -24.31 31.11
N ASN C 275 32.86 -24.66 31.73
CA ASN C 275 31.66 -25.10 31.05
C ASN C 275 30.55 -24.07 31.18
N PRO C 276 29.51 -24.18 30.36
CA PRO C 276 28.37 -23.26 30.53
C PRO C 276 27.67 -23.39 31.87
N GLU C 277 27.89 -24.47 32.60
CA GLU C 277 27.41 -24.50 33.98
C GLU C 277 28.32 -23.72 34.92
N ASP C 278 29.43 -23.20 34.45
CA ASP C 278 30.24 -22.28 35.23
C ASP C 278 29.95 -20.83 34.92
N ILE C 279 28.98 -20.55 34.07
CA ILE C 279 28.64 -19.18 33.75
C ILE C 279 28.10 -18.51 35.00
N ASP C 280 28.46 -17.25 35.18
CA ASP C 280 27.92 -16.42 36.26
C ASP C 280 28.39 -16.94 37.61
N GLN C 281 29.68 -17.16 37.75
CA GLN C 281 30.15 -17.59 39.05
C GLN C 281 31.62 -17.22 39.20
N LEU C 282 32.07 -17.21 40.45
CA LEU C 282 33.37 -16.64 40.79
C LEU C 282 34.49 -17.59 40.39
N ILE C 283 35.43 -17.08 39.62
CA ILE C 283 36.61 -17.83 39.22
C ILE C 283 37.84 -16.96 39.44
N THR C 284 38.96 -17.59 39.71
CA THR C 284 40.25 -16.93 39.76
C THR C 284 41.15 -17.53 38.70
N ILE C 285 41.74 -16.67 37.88
CA ILE C 285 42.66 -17.09 36.82
C ILE C 285 43.92 -16.26 36.93
N SER C 286 44.95 -16.71 36.26
CA SER C 286 46.18 -15.95 36.18
C SER C 286 46.57 -15.76 34.74
N GLY C 287 47.30 -14.68 34.49
CA GLY C 287 47.73 -14.38 33.15
C GLY C 287 48.53 -13.11 33.14
N MET C 288 48.93 -12.69 31.96
CA MET C 288 49.73 -11.50 31.82
C MET C 288 48.95 -10.49 31.00
N VAL C 289 48.95 -9.24 31.43
CA VAL C 289 48.13 -8.22 30.82
C VAL C 289 48.77 -7.79 29.51
N ILE C 290 47.99 -7.78 28.45
CA ILE C 290 48.48 -7.55 27.09
C ILE C 290 48.12 -6.16 26.61
N ARG C 291 46.94 -5.69 26.99
CA ARG C 291 46.43 -4.41 26.51
C ARG C 291 45.34 -3.95 27.47
N THR C 292 45.34 -2.67 27.80
CA THR C 292 44.28 -2.04 28.57
C THR C 292 43.68 -0.94 27.73
N SER C 293 42.37 -0.77 27.79
CA SER C 293 41.74 0.25 26.97
C SER C 293 41.71 1.58 27.71
N GLN C 294 41.17 2.58 27.04
CA GLN C 294 40.86 3.84 27.66
C GLN C 294 39.55 3.72 28.44
N LEU C 295 39.32 4.67 29.32
CA LEU C 295 38.13 4.62 30.16
C LEU C 295 36.87 4.81 29.36
N ILE C 296 35.88 3.98 29.65
CA ILE C 296 34.55 4.07 29.09
C ILE C 296 33.62 4.57 30.18
N PRO C 297 32.96 5.71 30.01
CA PRO C 297 31.93 6.11 30.97
C PRO C 297 30.69 5.24 30.80
N GLU C 298 30.24 4.67 31.90
CA GLU C 298 29.03 3.88 31.94
C GLU C 298 28.00 4.64 32.76
N MET C 299 26.82 4.85 32.20
CA MET C 299 25.86 5.67 32.90
C MET C 299 25.24 4.91 34.05
N GLN C 300 25.25 5.52 35.22
CA GLN C 300 24.63 4.95 36.40
C GLN C 300 23.29 5.59 36.71
N GLU C 301 23.20 6.90 36.54
CA GLU C 301 22.01 7.65 36.90
C GLU C 301 21.79 8.72 35.86
N ALA C 302 20.65 8.69 35.19
CA ALA C 302 20.36 9.66 34.16
C ALA C 302 19.71 10.90 34.76
N PHE C 303 20.10 12.05 34.26
CA PHE C 303 19.55 13.33 34.66
C PHE C 303 18.67 13.84 33.54
N PHE C 304 17.40 14.08 33.83
CA PHE C 304 16.47 14.58 32.84
C PHE C 304 16.06 16.00 33.18
N GLN C 305 15.73 16.77 32.16
CA GLN C 305 15.23 18.12 32.33
C GLN C 305 14.11 18.37 31.34
N CYS C 306 13.13 19.16 31.73
CA CYS C 306 12.00 19.44 30.86
C CYS C 306 12.32 20.55 29.87
N GLN C 307 12.04 20.29 28.59
CA GLN C 307 12.23 21.31 27.57
C GLN C 307 11.36 22.52 27.82
N VAL C 308 10.23 22.32 28.48
CA VAL C 308 9.23 23.37 28.68
C VAL C 308 9.49 24.12 29.98
N CYS C 309 9.41 23.43 31.11
CA CYS C 309 9.43 24.08 32.41
C CYS C 309 10.74 23.91 33.16
N ALA C 310 11.73 23.26 32.57
CA ALA C 310 13.06 23.10 33.16
C ALA C 310 13.01 22.33 34.47
N HIS C 311 12.01 21.48 34.66
CA HIS C 311 11.95 20.60 35.80
C HIS C 311 12.85 19.39 35.58
N THR C 312 13.57 19.01 36.62
CA THR C 312 14.56 17.95 36.53
C THR C 312 14.14 16.73 37.32
N THR C 313 14.55 15.56 36.84
CA THR C 313 14.40 14.33 37.59
C THR C 313 15.59 13.44 37.31
N ARG C 314 15.93 12.61 38.28
CA ARG C 314 17.04 11.68 38.18
C ARG C 314 16.52 10.27 38.15
N VAL C 315 16.91 9.51 37.14
CA VAL C 315 16.50 8.14 36.96
C VAL C 315 17.73 7.26 37.07
N GLU C 316 17.63 6.21 37.85
CA GLU C 316 18.74 5.31 38.10
C GLU C 316 18.63 4.06 37.23
N MET C 317 19.76 3.59 36.72
CA MET C 317 19.87 2.27 36.12
C MET C 317 19.15 1.23 36.94
N ASP C 318 18.16 0.57 36.33
CA ASP C 318 17.36 -0.40 37.06
C ASP C 318 17.87 -1.82 36.88
N ARG C 319 17.85 -2.31 35.66
CA ARG C 319 18.42 -3.62 35.35
C ARG C 319 19.17 -3.50 34.05
N GLY C 320 20.02 -2.49 33.96
CA GLY C 320 20.75 -2.20 32.77
C GLY C 320 20.05 -1.27 31.82
N ARG C 321 18.88 -0.76 32.19
CA ARG C 321 18.19 0.20 31.37
C ARG C 321 17.74 1.37 32.21
N ILE C 322 17.51 2.48 31.54
CA ILE C 322 16.91 3.66 32.13
C ILE C 322 15.55 3.89 31.52
N ALA C 323 14.53 3.89 32.37
CA ALA C 323 13.17 4.23 31.98
C ALA C 323 13.06 5.74 31.91
N GLU C 324 12.86 6.25 30.70
CA GLU C 324 12.79 7.68 30.51
C GLU C 324 11.46 8.22 31.01
N PRO C 325 11.44 9.41 31.60
CA PRO C 325 10.24 9.84 32.35
C PRO C 325 8.96 9.90 31.55
N SER C 326 9.00 10.32 30.29
CA SER C 326 7.86 10.18 29.38
C SER C 326 6.63 11.02 29.68
N VAL C 327 6.60 11.69 30.83
CA VAL C 327 5.65 12.77 31.15
C VAL C 327 6.34 13.63 32.18
N CYS C 328 6.34 14.95 31.97
CA CYS C 328 6.86 15.82 33.02
C CYS C 328 5.92 15.77 34.21
N GLY C 329 6.47 15.52 35.39
CA GLY C 329 5.64 15.54 36.58
C GLY C 329 5.29 16.93 37.03
N ARG C 330 6.04 17.94 36.58
CA ARG C 330 5.74 19.31 36.95
C ARG C 330 4.66 19.90 36.06
N CYS C 331 4.94 20.05 34.77
CA CYS C 331 4.03 20.70 33.84
C CYS C 331 3.14 19.74 33.07
N HIS C 332 3.37 18.44 33.20
CA HIS C 332 2.54 17.41 32.57
C HIS C 332 2.55 17.49 31.05
N THR C 333 3.64 17.97 30.48
CA THR C 333 3.83 17.86 29.04
C THR C 333 4.31 16.46 28.73
N THR C 334 3.86 15.91 27.59
CA THR C 334 4.06 14.50 27.35
C THR C 334 5.52 14.10 27.24
N HIS C 335 6.24 14.52 26.22
CA HIS C 335 7.58 14.00 26.04
C HIS C 335 8.62 15.10 26.13
N SER C 336 8.45 16.00 27.08
CA SER C 336 9.30 17.17 27.16
C SER C 336 10.50 16.98 28.08
N MET C 337 10.65 15.84 28.72
CA MET C 337 11.81 15.58 29.58
C MET C 337 12.92 15.03 28.72
N ALA C 338 14.03 15.75 28.67
CA ALA C 338 15.16 15.38 27.85
C ALA C 338 16.32 14.96 28.73
N LEU C 339 17.03 13.92 28.30
CA LEU C 339 18.19 13.45 29.03
C LEU C 339 19.36 14.38 28.80
N ILE C 340 19.93 14.88 29.89
CA ILE C 340 21.11 15.74 29.85
C ILE C 340 22.30 14.87 30.18
N HIS C 341 23.14 14.62 29.18
CA HIS C 341 24.20 13.63 29.35
C HIS C 341 25.21 14.06 30.39
N ASN C 342 25.56 15.33 30.41
CA ASN C 342 26.68 15.77 31.22
C ASN C 342 26.29 16.20 32.60
N ARG C 343 25.02 16.05 32.97
CA ARG C 343 24.61 16.16 34.35
C ARG C 343 24.20 14.83 34.91
N SER C 344 24.30 13.76 34.12
CA SER C 344 24.09 12.41 34.59
C SER C 344 25.30 11.93 35.35
N LEU C 345 25.15 10.78 35.99
CA LEU C 345 26.20 10.19 36.81
C LEU C 345 26.77 8.98 36.08
N PHE C 346 28.09 8.88 36.07
CA PHE C 346 28.75 7.85 35.31
C PHE C 346 29.71 7.09 36.20
N SER C 347 29.98 5.87 35.79
CA SER C 347 31.03 5.06 36.39
C SER C 347 32.00 4.62 35.30
N ASP C 348 33.16 4.18 35.73
CA ASP C 348 34.27 3.89 34.85
C ASP C 348 34.32 2.42 34.49
N LYS C 349 34.56 2.14 33.23
CA LYS C 349 34.81 0.79 32.75
C LYS C 349 36.08 0.78 31.96
N GLN C 350 36.94 -0.19 32.23
CA GLN C 350 38.13 -0.43 31.45
C GLN C 350 38.09 -1.86 30.94
N MET C 351 38.64 -2.04 29.75
CA MET C 351 38.74 -3.34 29.12
C MET C 351 40.20 -3.78 29.09
N ILE C 352 40.45 -5.00 29.54
CA ILE C 352 41.80 -5.53 29.60
C ILE C 352 41.84 -6.79 28.76
N LYS C 353 42.88 -6.95 27.96
CA LYS C 353 43.20 -8.21 27.33
C LYS C 353 44.30 -8.91 28.12
N LEU C 354 44.06 -10.15 28.48
CA LEU C 354 45.01 -10.92 29.25
C LEU C 354 45.30 -12.22 28.53
N GLN C 355 46.56 -12.51 28.29
CA GLN C 355 46.94 -13.88 27.97
C GLN C 355 46.85 -14.72 29.21
N GLU C 356 45.97 -15.69 29.22
CA GLU C 356 45.93 -16.58 30.35
C GLU C 356 47.24 -17.33 30.44
N SER C 357 47.71 -17.52 31.65
CA SER C 357 48.84 -18.39 31.94
C SER C 357 48.30 -19.67 32.55
N PRO C 358 47.87 -20.64 31.75
CA PRO C 358 47.32 -21.87 32.32
C PRO C 358 48.43 -22.79 32.78
N GLU C 359 48.25 -23.36 33.94
CA GLU C 359 49.16 -24.40 34.40
C GLU C 359 48.67 -25.79 34.05
N ASP C 360 47.51 -25.89 33.43
CA ASP C 360 47.06 -27.08 32.73
C ASP C 360 47.13 -26.78 31.24
N MET C 361 48.06 -27.43 30.55
CA MET C 361 48.30 -27.20 29.12
C MET C 361 48.18 -28.51 28.36
N PRO C 362 46.99 -28.88 27.93
CA PRO C 362 46.84 -30.11 27.14
C PRO C 362 47.61 -30.03 25.84
N ALA C 363 47.71 -31.17 25.17
CA ALA C 363 48.48 -31.26 23.95
C ALA C 363 47.80 -30.49 22.83
N GLY C 364 48.56 -29.69 22.12
CA GLY C 364 48.07 -29.02 20.95
C GLY C 364 47.19 -27.82 21.19
N GLN C 365 47.08 -27.36 22.42
CA GLN C 365 46.23 -26.22 22.74
C GLN C 365 47.03 -24.94 22.59
N THR C 366 46.50 -24.02 21.81
CA THR C 366 47.18 -22.77 21.55
C THR C 366 46.93 -21.77 22.69
N PRO C 367 47.79 -20.76 22.83
CA PRO C 367 47.63 -19.82 23.94
C PRO C 367 46.33 -19.05 23.85
N HIS C 368 45.88 -18.61 25.01
CA HIS C 368 44.55 -18.07 25.21
C HIS C 368 44.61 -16.58 25.54
N THR C 369 43.61 -15.84 25.08
CA THR C 369 43.42 -14.47 25.51
C THR C 369 41.99 -14.30 26.02
N VAL C 370 41.85 -13.70 27.17
CA VAL C 370 40.56 -13.49 27.80
C VAL C 370 40.33 -12.00 27.96
N ILE C 371 39.09 -11.59 27.76
CA ILE C 371 38.68 -10.20 27.94
C ILE C 371 38.28 -9.99 29.39
N LEU C 372 38.77 -8.91 29.99
CA LEU C 372 38.44 -8.57 31.36
C LEU C 372 37.74 -7.22 31.34
N PHE C 373 36.83 -7.00 32.28
CA PHE C 373 36.21 -5.69 32.44
C PHE C 373 36.40 -5.23 33.87
N ALA C 374 36.96 -4.04 34.03
CA ALA C 374 37.23 -3.44 35.32
C ALA C 374 36.37 -2.20 35.50
N HIS C 375 36.00 -1.93 36.75
CA HIS C 375 35.05 -0.88 37.04
C HIS C 375 35.50 -0.06 38.22
N ASN C 376 35.53 1.25 38.02
CA ASN C 376 35.42 2.29 39.04
C ASN C 376 36.61 2.48 39.97
N ASP C 377 37.32 1.44 40.22
CA ASP C 377 38.48 1.56 41.09
C ASP C 377 39.62 0.68 40.65
N LEU C 378 39.31 -0.44 40.02
CA LEU C 378 40.26 -1.30 39.38
C LEU C 378 40.62 -0.78 38.00
N VAL C 379 40.05 0.33 37.58
CA VAL C 379 40.44 0.92 36.32
C VAL C 379 41.84 1.48 36.46
N ASP C 380 42.71 1.12 35.53
CA ASP C 380 44.09 1.57 35.48
C ASP C 380 44.91 1.08 36.67
N LYS C 381 44.68 -0.16 37.07
CA LYS C 381 45.43 -0.78 38.15
C LYS C 381 46.46 -1.78 37.67
N VAL C 382 46.32 -2.28 36.45
CA VAL C 382 47.24 -3.22 35.85
C VAL C 382 47.73 -2.63 34.54
N GLN C 383 49.01 -2.67 34.33
CA GLN C 383 49.62 -2.19 33.10
C GLN C 383 49.92 -3.36 32.18
N PRO C 384 50.09 -3.11 30.90
CA PRO C 384 50.53 -4.19 30.01
C PRO C 384 51.89 -4.71 30.40
N GLY C 385 52.06 -6.02 30.31
CA GLY C 385 53.24 -6.65 30.81
C GLY C 385 53.16 -7.08 32.24
N ASP C 386 52.08 -6.76 32.94
CA ASP C 386 51.88 -7.14 34.32
C ASP C 386 51.27 -8.53 34.38
N ARG C 387 51.76 -9.34 35.30
CA ARG C 387 51.19 -10.66 35.55
C ARG C 387 50.29 -10.57 36.76
N VAL C 388 49.06 -11.03 36.63
CA VAL C 388 48.07 -10.86 37.67
C VAL C 388 47.33 -12.17 37.87
N ASN C 389 46.75 -12.31 39.05
CA ASN C 389 45.68 -13.26 39.30
C ASN C 389 44.41 -12.45 39.37
N VAL C 390 43.49 -12.73 38.47
CA VAL C 390 42.25 -12.00 38.40
C VAL C 390 41.18 -12.84 39.06
N THR C 391 40.42 -12.24 39.96
CA THR C 391 39.22 -12.87 40.50
C THR C 391 38.03 -12.09 39.95
N GLY C 392 37.07 -12.82 39.42
CA GLY C 392 35.91 -12.13 38.88
C GLY C 392 34.84 -13.12 38.53
N ILE C 393 33.78 -12.60 37.97
CA ILE C 393 32.61 -13.39 37.62
C ILE C 393 32.68 -13.75 36.16
N TYR C 394 32.56 -15.04 35.87
CA TYR C 394 32.61 -15.55 34.51
C TYR C 394 31.31 -15.22 33.80
N ARG C 395 31.37 -14.32 32.84
CA ARG C 395 30.19 -13.76 32.23
C ARG C 395 30.09 -14.20 30.77
N ALA C 396 28.96 -14.75 30.39
CA ALA C 396 28.65 -15.03 28.99
C ALA C 396 27.66 -14.00 28.50
N VAL C 397 27.95 -13.37 27.38
CA VAL C 397 27.09 -12.30 26.90
C VAL C 397 26.73 -12.54 25.45
N PRO C 398 25.59 -12.08 24.98
CA PRO C 398 25.26 -12.19 23.57
C PRO C 398 26.00 -11.17 22.73
N ILE C 399 26.24 -11.51 21.48
CA ILE C 399 26.80 -10.58 20.52
C ILE C 399 25.83 -10.41 19.37
N ARG C 400 25.54 -9.16 19.05
CA ARG C 400 24.63 -8.85 17.97
C ARG C 400 25.26 -9.15 16.64
N VAL C 401 24.41 -9.52 15.68
CA VAL C 401 24.93 -9.95 14.39
C VAL C 401 25.43 -8.77 13.57
N ASN C 402 24.94 -7.57 13.84
CA ASN C 402 25.46 -6.31 13.35
C ASN C 402 25.54 -5.36 14.53
N PRO C 403 26.38 -4.33 14.46
CA PRO C 403 26.34 -3.29 15.49
C PRO C 403 25.02 -2.56 15.54
N ARG C 404 24.17 -2.80 14.55
CA ARG C 404 23.06 -1.96 14.21
C ARG C 404 21.71 -2.65 14.29
N VAL C 405 21.69 -3.98 14.42
CA VAL C 405 20.48 -4.72 14.65
C VAL C 405 20.49 -5.18 16.10
N SER C 406 19.39 -5.79 16.53
CA SER C 406 19.28 -6.31 17.87
C SER C 406 19.24 -7.83 17.93
N ASN C 407 19.20 -8.50 16.79
CA ASN C 407 19.36 -9.93 16.80
C ASN C 407 20.74 -10.28 17.33
N VAL C 408 20.81 -11.34 18.13
CA VAL C 408 22.08 -11.79 18.66
C VAL C 408 22.34 -13.18 18.12
N LYS C 409 23.61 -13.56 18.10
CA LYS C 409 23.97 -14.91 17.71
C LYS C 409 23.68 -15.88 18.85
N SER C 410 23.31 -17.10 18.47
CA SER C 410 22.99 -18.13 19.46
C SER C 410 24.19 -18.46 20.33
N VAL C 411 25.37 -18.49 19.75
CA VAL C 411 26.56 -18.75 20.53
C VAL C 411 26.97 -17.46 21.23
N TYR C 412 27.27 -17.56 22.50
CA TYR C 412 27.65 -16.43 23.33
C TYR C 412 29.16 -16.32 23.40
N LYS C 413 29.63 -15.17 23.85
CA LYS C 413 31.04 -14.99 24.12
C LYS C 413 31.21 -14.70 25.60
N THR C 414 32.35 -15.09 26.13
CA THR C 414 32.62 -14.97 27.54
C THR C 414 33.68 -13.93 27.82
N HIS C 415 33.70 -13.45 29.06
CA HIS C 415 34.69 -12.51 29.55
C HIS C 415 34.59 -12.54 31.06
N ILE C 416 35.44 -11.78 31.73
CA ILE C 416 35.48 -11.74 33.19
C ILE C 416 35.14 -10.33 33.64
N ASP C 417 34.21 -10.23 34.57
CA ASP C 417 33.96 -9.00 35.30
C ASP C 417 34.86 -9.00 36.53
N VAL C 418 35.83 -8.09 36.58
CA VAL C 418 36.87 -8.15 37.58
C VAL C 418 36.32 -7.79 38.95
N ILE C 419 36.60 -8.63 39.93
CA ILE C 419 36.30 -8.33 41.33
C ILE C 419 37.54 -7.91 42.08
N HIS C 420 38.67 -8.56 41.82
CA HIS C 420 39.87 -8.35 42.60
C HIS C 420 41.08 -8.62 41.71
N TYR C 421 42.14 -7.84 41.90
CA TYR C 421 43.42 -8.03 41.24
C TYR C 421 44.45 -8.43 42.28
N ARG C 422 45.07 -9.58 42.10
CA ARG C 422 46.14 -10.02 42.98
C ARG C 422 47.46 -9.98 42.23
N LYS C 423 48.40 -9.22 42.75
CA LYS C 423 49.69 -9.04 42.09
C LYS C 423 50.82 -9.78 42.78
N THR C 424 50.54 -10.51 43.84
CA THR C 424 51.58 -11.28 44.51
C THR C 424 51.69 -12.66 43.90
N ASP C 425 52.92 -13.09 43.70
CA ASP C 425 53.24 -14.41 43.23
C ASP C 425 54.37 -14.94 44.08
N ALA C 426 54.21 -16.15 44.59
CA ALA C 426 55.26 -16.71 45.44
C ALA C 426 56.50 -17.06 44.66
N LYS C 427 56.35 -17.48 43.41
CA LYS C 427 57.48 -17.92 42.60
C LYS C 427 58.17 -16.79 41.88
N ARG C 428 57.64 -15.57 41.93
CA ARG C 428 58.19 -14.42 41.25
C ARG C 428 58.74 -13.43 42.27
N LEU C 429 59.49 -12.47 41.79
CA LEU C 429 59.91 -11.35 42.59
C LEU C 429 58.77 -10.36 42.78
N HIS C 430 58.96 -9.40 43.68
CA HIS C 430 57.94 -8.39 43.91
C HIS C 430 57.87 -7.44 42.72
N GLY C 431 56.66 -7.08 42.35
CA GLY C 431 56.47 -6.12 41.29
C GLY C 431 56.72 -4.72 41.75
N LEU C 432 56.63 -3.78 40.82
CA LEU C 432 56.92 -2.39 41.13
C LEU C 432 55.91 -1.83 42.13
N ASP C 433 54.65 -2.20 41.99
CA ASP C 433 53.60 -1.64 42.84
C ASP C 433 53.79 -2.03 44.29
N GLU C 434 54.15 -3.29 44.55
CA GLU C 434 54.40 -3.73 45.92
C GLU C 434 55.59 -3.01 46.53
N GLU C 435 56.68 -2.88 45.77
CA GLU C 435 57.81 -2.13 46.29
C GLU C 435 57.44 -0.69 46.54
N ALA C 436 56.46 -0.17 45.79
CA ALA C 436 56.03 1.21 46.00
C ALA C 436 55.40 1.40 47.37
N GLU C 437 54.55 0.47 47.80
CA GLU C 437 53.80 0.67 49.03
C GLU C 437 54.67 0.37 50.24
N GLN C 438 54.53 1.22 51.26
CA GLN C 438 55.58 1.36 52.27
C GLN C 438 55.53 0.26 53.33
N LYS C 439 54.37 -0.34 53.56
CA LYS C 439 54.26 -1.41 54.54
C LYS C 439 54.27 -2.77 53.85
N LEU C 440 55.38 -3.06 53.17
CA LEU C 440 55.58 -4.39 52.60
C LEU C 440 56.34 -5.30 53.54
N PHE C 441 57.18 -4.75 54.41
CA PHE C 441 57.97 -5.52 55.34
C PHE C 441 57.64 -5.14 56.77
N SER C 442 57.52 -6.15 57.62
CA SER C 442 57.48 -5.88 59.04
C SER C 442 58.85 -5.42 59.52
N GLU C 443 58.87 -4.80 60.69
CA GLU C 443 60.15 -4.33 61.22
C GLU C 443 61.12 -5.47 61.45
N LYS C 444 60.64 -6.61 61.95
CA LYS C 444 61.56 -7.71 62.18
C LYS C 444 62.08 -8.28 60.87
N ARG C 445 61.26 -8.25 59.81
CA ARG C 445 61.76 -8.66 58.49
C ARG C 445 62.83 -7.72 57.98
N VAL C 446 62.65 -6.42 58.18
CA VAL C 446 63.69 -5.48 57.78
C VAL C 446 64.96 -5.74 58.53
N GLU C 447 64.85 -6.04 59.82
CA GLU C 447 66.05 -6.36 60.59
C GLU C 447 66.71 -7.64 60.08
N LEU C 448 65.90 -8.63 59.70
CA LEU C 448 66.46 -9.86 59.16
C LEU C 448 67.20 -9.59 57.86
N LEU C 449 66.64 -8.75 56.99
CA LEU C 449 67.33 -8.40 55.76
C LEU C 449 68.63 -7.66 56.05
N LYS C 450 68.58 -6.69 56.96
CA LYS C 450 69.77 -5.91 57.27
C LYS C 450 70.85 -6.77 57.88
N GLU C 451 70.47 -7.73 58.72
CA GLU C 451 71.46 -8.63 59.29
C GLU C 451 72.04 -9.56 58.23
N LEU C 452 71.23 -9.94 57.24
CA LEU C 452 71.78 -10.65 56.10
C LEU C 452 72.80 -9.81 55.36
N SER C 453 72.55 -8.51 55.23
CA SER C 453 73.44 -7.67 54.44
C SER C 453 74.83 -7.61 55.05
N ARG C 454 74.95 -7.84 56.35
CA ARG C 454 76.21 -7.69 57.03
C ARG C 454 77.10 -8.92 56.92
N LYS C 455 76.64 -9.96 56.30
CA LYS C 455 77.52 -11.11 56.17
C LYS C 455 78.57 -10.87 55.09
N PRO C 456 79.76 -11.45 55.27
CA PRO C 456 80.82 -11.27 54.26
C PRO C 456 80.45 -11.83 52.90
N ASP C 457 79.67 -12.91 52.85
CA ASP C 457 79.39 -13.62 51.61
C ASP C 457 77.97 -13.39 51.12
N ILE C 458 77.40 -12.23 51.43
CA ILE C 458 76.00 -11.98 51.05
C ILE C 458 75.86 -11.93 49.54
N TYR C 459 76.84 -11.34 48.86
CA TYR C 459 76.84 -11.33 47.40
C TYR C 459 76.93 -12.74 46.84
N GLU C 460 77.86 -13.54 47.35
CA GLU C 460 77.96 -14.93 46.93
C GLU C 460 76.70 -15.70 47.27
N ARG C 461 76.15 -15.47 48.46
CA ARG C 461 75.02 -16.25 48.92
C ARG C 461 73.77 -15.93 48.12
N LEU C 462 73.59 -14.67 47.77
CA LEU C 462 72.45 -14.29 46.93
C LEU C 462 72.62 -14.78 45.51
N ALA C 463 73.82 -14.68 44.95
CA ALA C 463 74.04 -15.15 43.59
C ALA C 463 73.82 -16.65 43.49
N SER C 464 74.29 -17.41 44.50
CA SER C 464 74.12 -18.85 44.47
C SER C 464 72.66 -19.27 44.57
N ALA C 465 71.83 -18.46 45.20
CA ALA C 465 70.40 -18.77 45.27
C ALA C 465 69.72 -18.69 43.92
N LEU C 466 70.37 -18.08 42.94
CA LEU C 466 69.82 -18.01 41.60
C LEU C 466 70.11 -19.29 40.85
N ALA C 467 69.11 -19.78 40.12
CA ALA C 467 69.23 -20.96 39.28
C ALA C 467 69.92 -22.09 40.04
N PRO C 468 69.32 -22.59 41.11
CA PRO C 468 70.02 -23.54 41.98
C PRO C 468 70.39 -24.83 41.30
N SER C 469 69.75 -25.15 40.19
CA SER C 469 69.99 -26.39 39.49
C SER C 469 70.90 -26.23 38.30
N ILE C 470 71.57 -25.09 38.19
CA ILE C 470 72.60 -24.87 37.19
C ILE C 470 73.96 -24.94 37.88
N TYR C 471 74.87 -25.73 37.32
CA TYR C 471 76.11 -26.08 38.00
C TYR C 471 77.18 -25.05 37.73
N GLU C 472 77.54 -24.28 38.76
CA GLU C 472 78.70 -23.41 38.87
C GLU C 472 78.92 -22.54 37.62
N HIS C 473 78.02 -21.60 37.45
CA HIS C 473 78.34 -20.50 36.56
C HIS C 473 78.43 -19.25 37.43
N GLU C 474 79.18 -19.35 38.52
CA GLU C 474 79.08 -18.39 39.62
C GLU C 474 79.17 -16.95 39.16
N ASP C 475 80.07 -16.66 38.23
CA ASP C 475 80.20 -15.28 37.78
C ASP C 475 78.99 -14.84 36.96
N ILE C 476 78.49 -15.72 36.11
CA ILE C 476 77.28 -15.40 35.36
C ILE C 476 76.14 -15.13 36.33
N LYS C 477 76.02 -15.95 37.37
CA LYS C 477 74.95 -15.77 38.34
C LYS C 477 75.13 -14.49 39.12
N LYS C 478 76.36 -14.09 39.39
CA LYS C 478 76.61 -12.79 39.99
C LYS C 478 76.17 -11.66 39.09
N GLY C 479 76.49 -11.74 37.80
CA GLY C 479 76.06 -10.70 36.88
C GLY C 479 74.55 -10.63 36.74
N ILE C 480 73.89 -11.78 36.74
CA ILE C 480 72.43 -11.79 36.66
C ILE C 480 71.83 -11.24 37.93
N LEU C 481 72.43 -11.53 39.08
CA LEU C 481 71.98 -10.93 40.32
C LEU C 481 72.11 -9.41 40.29
N LEU C 482 73.22 -8.92 39.74
CA LEU C 482 73.38 -7.47 39.62
C LEU C 482 72.35 -6.89 38.67
N GLN C 483 72.02 -7.62 37.61
CA GLN C 483 70.94 -7.19 36.73
C GLN C 483 69.61 -7.11 37.47
N LEU C 484 69.36 -8.05 38.37
CA LEU C 484 68.13 -8.03 39.16
C LEU C 484 68.09 -6.83 40.10
N PHE C 485 69.22 -6.49 40.71
CA PHE C 485 69.25 -5.32 41.57
C PHE C 485 69.20 -4.04 40.75
N GLY C 486 70.00 -3.97 39.69
CA GLY C 486 70.03 -2.81 38.83
C GLY C 486 70.90 -1.70 39.39
N GLY C 487 71.25 -0.76 38.51
CA GLY C 487 71.99 0.41 38.91
C GLY C 487 71.08 1.43 39.56
N THR C 488 71.62 2.62 39.78
CA THR C 488 70.90 3.69 40.45
C THR C 488 70.16 4.54 39.45
N ARG C 489 68.89 4.81 39.74
CA ARG C 489 68.07 5.65 38.86
C ARG C 489 68.31 7.11 39.19
N LYS C 490 68.81 7.86 38.23
CA LYS C 490 69.22 9.24 38.42
C LYS C 490 68.39 10.16 37.56
N ASP C 491 68.14 11.36 38.07
CA ASP C 491 67.39 12.38 37.36
C ASP C 491 68.36 13.33 36.69
N PHE C 492 68.53 13.16 35.38
CA PHE C 492 69.45 13.97 34.60
C PHE C 492 68.75 15.08 33.84
N SER C 493 67.54 15.44 34.25
CA SER C 493 66.76 16.43 33.51
C SER C 493 67.45 17.78 33.50
N HIS C 494 68.03 18.19 34.63
CA HIS C 494 68.63 19.51 34.68
C HIS C 494 69.95 19.56 33.92
N THR C 495 70.63 18.43 33.79
CA THR C 495 71.87 18.43 33.02
C THR C 495 71.62 18.62 31.54
N GLY C 496 70.38 18.56 31.09
CA GLY C 496 70.06 18.68 29.68
C GLY C 496 70.73 17.60 28.86
N ARG C 497 70.82 16.40 29.43
CA ARG C 497 71.72 15.37 28.93
C ARG C 497 71.00 14.21 28.30
N GLY C 498 69.79 13.92 28.69
CA GLY C 498 69.15 12.70 28.23
C GLY C 498 69.19 11.62 29.28
N LYS C 499 68.17 10.77 29.28
CA LYS C 499 68.00 9.79 30.34
C LYS C 499 69.21 8.87 30.42
N PHE C 500 69.63 8.55 31.64
CA PHE C 500 70.69 7.57 31.83
C PHE C 500 70.09 6.19 31.96
N ARG C 501 70.76 5.22 31.39
CA ARG C 501 70.32 3.83 31.38
C ARG C 501 70.79 3.23 32.70
N ALA C 502 69.90 3.06 33.66
CA ALA C 502 70.29 2.45 34.92
C ALA C 502 70.25 0.93 34.88
N GLU C 503 69.64 0.35 33.87
CA GLU C 503 69.51 -1.09 33.73
C GLU C 503 70.81 -1.69 33.23
N ILE C 504 71.00 -2.97 33.52
CA ILE C 504 72.22 -3.69 33.20
C ILE C 504 71.91 -4.67 32.09
N ASN C 505 72.72 -4.66 31.04
CA ASN C 505 72.54 -5.52 29.88
C ASN C 505 73.63 -6.58 29.86
N ILE C 506 73.25 -7.82 29.57
CA ILE C 506 74.18 -8.94 29.63
C ILE C 506 74.05 -9.75 28.35
N LEU C 507 75.18 -10.13 27.78
CA LEU C 507 75.23 -11.08 26.69
C LEU C 507 75.93 -12.33 27.18
N LEU C 508 75.33 -13.47 26.93
CA LEU C 508 75.95 -14.76 27.20
C LEU C 508 76.28 -15.37 25.85
N CYS C 509 77.56 -15.34 25.48
CA CYS C 509 78.02 -15.90 24.21
C CYS C 509 78.87 -17.11 24.52
N GLY C 510 78.53 -18.24 23.95
CA GLY C 510 79.30 -19.43 24.21
C GLY C 510 78.88 -20.55 23.31
N ASP C 511 79.70 -21.59 23.30
CA ASP C 511 79.43 -22.72 22.46
C ASP C 511 78.21 -23.47 22.98
N PRO C 512 77.55 -24.23 22.13
CA PRO C 512 76.21 -24.72 22.45
C PRO C 512 76.20 -25.74 23.57
N GLY C 513 75.06 -25.81 24.25
CA GLY C 513 74.87 -26.77 25.31
C GLY C 513 75.46 -26.38 26.63
N THR C 514 75.63 -25.08 26.87
CA THR C 514 76.32 -24.59 28.04
C THR C 514 75.39 -23.91 29.03
N SER C 515 74.10 -24.12 28.90
CA SER C 515 73.06 -23.68 29.82
C SER C 515 72.74 -22.19 29.72
N LYS C 516 72.90 -21.58 28.55
CA LYS C 516 72.50 -20.18 28.39
C LYS C 516 70.98 -20.04 28.41
N SER C 517 70.30 -20.86 27.60
CA SER C 517 68.85 -20.78 27.53
C SER C 517 68.19 -21.14 28.84
N GLN C 518 68.78 -22.04 29.62
CA GLN C 518 68.24 -22.35 30.93
C GLN C 518 68.33 -21.14 31.86
N LEU C 519 69.40 -20.37 31.77
CA LEU C 519 69.50 -19.15 32.56
C LEU C 519 68.51 -18.10 32.11
N LEU C 520 68.35 -17.93 30.80
CA LEU C 520 67.36 -16.98 30.31
C LEU C 520 65.95 -17.41 30.67
N GLN C 521 65.68 -18.71 30.66
CA GLN C 521 64.37 -19.20 31.05
C GLN C 521 64.14 -19.06 32.54
N TYR C 522 65.20 -19.23 33.33
CA TYR C 522 65.09 -19.03 34.75
C TYR C 522 64.79 -17.58 35.09
N VAL C 523 65.46 -16.65 34.41
CA VAL C 523 65.19 -15.25 34.67
C VAL C 523 63.82 -14.87 34.16
N TYR C 524 63.43 -15.42 33.03
CA TYR C 524 62.12 -15.12 32.46
C TYR C 524 61.00 -15.58 33.38
N ASN C 525 61.20 -16.68 34.08
CA ASN C 525 60.20 -17.23 34.98
C ASN C 525 60.33 -16.70 36.39
N LEU C 526 61.25 -15.78 36.63
CA LEU C 526 61.49 -15.27 37.97
C LEU C 526 61.03 -13.84 38.16
N VAL C 527 61.31 -12.96 37.21
CA VAL C 527 60.96 -11.56 37.37
C VAL C 527 59.48 -11.36 37.09
N PRO C 528 58.85 -10.36 37.67
CA PRO C 528 57.63 -9.82 37.08
C PRO C 528 58.03 -8.96 35.91
N ARG C 529 57.14 -8.86 34.92
CA ARG C 529 57.44 -8.04 33.76
C ARG C 529 58.71 -8.52 33.06
N GLY C 530 58.61 -9.68 32.43
CA GLY C 530 59.64 -10.14 31.55
C GLY C 530 59.06 -10.61 30.23
N GLN C 531 59.92 -10.73 29.24
CA GLN C 531 59.55 -11.32 27.97
C GLN C 531 60.68 -12.21 27.50
N TYR C 532 60.34 -13.26 26.78
CA TYR C 532 61.32 -14.17 26.23
C TYR C 532 61.14 -14.21 24.72
N THR C 533 62.25 -14.12 24.01
CA THR C 533 62.27 -14.08 22.56
C THR C 533 63.37 -15.01 22.09
N SER C 534 63.13 -15.75 21.01
CA SER C 534 64.15 -16.62 20.46
C SER C 534 64.23 -16.42 18.96
N GLY C 535 65.41 -16.07 18.48
CA GLY C 535 65.72 -16.23 17.06
C GLY C 535 64.97 -15.28 16.15
N LYS C 536 64.30 -15.87 15.16
CA LYS C 536 63.61 -15.11 14.13
C LYS C 536 62.11 -15.10 14.34
N GLY C 537 61.66 -15.43 15.54
CA GLY C 537 60.24 -15.39 15.80
C GLY C 537 59.70 -14.01 16.08
N SER C 538 60.59 -13.04 16.26
CA SER C 538 60.20 -11.66 16.53
C SER C 538 60.54 -10.80 15.35
N SER C 539 59.61 -9.96 14.93
CA SER C 539 59.86 -8.91 13.97
C SER C 539 60.02 -7.59 14.70
N ALA C 540 60.47 -6.57 13.98
CA ALA C 540 60.70 -5.28 14.60
C ALA C 540 59.40 -4.64 15.09
N VAL C 541 58.34 -4.67 14.26
CA VAL C 541 57.10 -4.09 14.73
C VAL C 541 56.51 -4.94 15.83
N GLY C 542 56.73 -6.25 15.79
CA GLY C 542 56.29 -7.10 16.87
C GLY C 542 57.05 -6.88 18.16
N LEU C 543 58.26 -6.37 18.09
CA LEU C 543 59.00 -6.00 19.27
C LEU C 543 58.69 -4.60 19.75
N THR C 544 58.11 -3.74 18.92
CA THR C 544 57.85 -2.38 19.37
C THR C 544 56.37 -2.03 19.50
N ALA C 545 55.62 -2.02 18.41
CA ALA C 545 54.20 -1.67 18.45
C ALA C 545 53.63 -1.73 17.06
N TYR C 546 52.32 -1.90 16.98
CA TYR C 546 51.64 -2.03 15.70
C TYR C 546 50.16 -1.75 15.94
N VAL C 547 49.38 -1.80 14.87
CA VAL C 547 47.96 -1.47 14.91
C VAL C 547 47.14 -2.71 14.60
N MET C 548 46.19 -3.01 15.46
CA MET C 548 45.23 -4.07 15.20
C MET C 548 43.81 -3.52 15.28
N LYS C 549 42.86 -4.36 14.89
CA LYS C 549 41.45 -4.09 15.10
C LYS C 549 40.99 -4.74 16.38
N ASP C 550 40.26 -4.00 17.17
CA ASP C 550 39.61 -4.55 18.33
C ASP C 550 38.39 -5.37 17.89
N PRO C 551 38.44 -6.70 17.96
CA PRO C 551 37.32 -7.47 17.44
C PRO C 551 36.17 -7.56 18.45
N GLU C 552 35.96 -6.47 19.17
CA GLU C 552 34.79 -6.23 20.00
C GLU C 552 34.29 -4.81 19.94
N THR C 553 35.12 -3.85 19.55
CA THR C 553 34.70 -2.48 19.32
C THR C 553 34.99 -2.02 17.91
N ARG C 554 35.48 -2.92 17.05
CA ARG C 554 35.94 -2.65 15.69
C ARG C 554 36.73 -1.35 15.57
N GLN C 555 37.44 -0.98 16.61
CA GLN C 555 38.34 0.16 16.54
C GLN C 555 39.75 -0.34 16.31
N LEU C 556 40.47 0.33 15.43
CA LEU C 556 41.91 0.11 15.35
C LEU C 556 42.58 0.65 16.61
N VAL C 557 43.34 -0.21 17.27
CA VAL C 557 44.00 0.12 18.52
C VAL C 557 45.48 -0.20 18.41
N LEU C 558 46.33 0.73 18.79
CA LEU C 558 47.76 0.45 18.86
C LEU C 558 48.03 -0.52 20.00
N GLN C 559 48.89 -1.50 19.77
CA GLN C 559 49.14 -2.49 20.81
C GLN C 559 50.65 -2.70 20.88
N THR C 560 51.16 -2.86 22.09
CA THR C 560 52.59 -2.87 22.31
C THR C 560 53.22 -4.20 21.92
N GLY C 561 54.54 -4.18 21.80
CA GLY C 561 55.30 -5.37 21.50
C GLY C 561 56.15 -5.80 22.68
N ALA C 562 56.94 -6.83 22.43
CA ALA C 562 57.62 -7.52 23.52
C ALA C 562 58.60 -6.62 24.27
N LEU C 563 59.16 -5.62 23.61
CA LEU C 563 60.12 -4.77 24.31
C LEU C 563 59.45 -3.69 25.14
N VAL C 564 58.17 -3.44 24.94
CA VAL C 564 57.45 -2.46 25.73
C VAL C 564 56.69 -3.19 26.82
N LEU C 565 56.29 -4.43 26.54
CA LEU C 565 55.67 -5.24 27.58
C LEU C 565 56.64 -5.50 28.72
N SER C 566 57.91 -5.64 28.42
CA SER C 566 58.93 -5.75 29.45
C SER C 566 59.59 -4.42 29.72
N ASP C 567 58.79 -3.38 29.94
CA ASP C 567 59.32 -2.04 30.10
C ASP C 567 60.12 -1.91 31.39
N ASN C 568 59.52 -2.18 32.52
CA ASN C 568 60.30 -2.08 33.75
C ASN C 568 60.77 -3.44 34.20
N GLY C 569 61.13 -4.29 33.25
CA GLY C 569 61.56 -5.62 33.57
C GLY C 569 62.75 -6.04 32.74
N ILE C 570 62.81 -7.31 32.37
CA ILE C 570 63.94 -7.88 31.66
C ILE C 570 63.42 -8.56 30.42
N CYS C 571 64.07 -8.31 29.28
CA CYS C 571 63.79 -9.03 28.05
C CYS C 571 64.91 -10.03 27.83
N CYS C 572 64.54 -11.29 27.69
CA CYS C 572 65.49 -12.35 27.43
C CYS C 572 65.44 -12.69 25.95
N ILE C 573 66.47 -12.30 25.21
CA ILE C 573 66.55 -12.58 23.79
C ILE C 573 67.44 -13.80 23.60
N ASP C 574 66.84 -14.90 23.21
CA ASP C 574 67.57 -16.12 22.94
C ASP C 574 67.89 -16.21 21.45
N GLU C 575 68.95 -16.94 21.15
CA GLU C 575 69.50 -17.02 19.80
C GLU C 575 69.67 -15.63 19.21
N PHE C 576 70.41 -14.81 19.95
CA PHE C 576 70.62 -13.42 19.58
C PHE C 576 71.31 -13.31 18.23
N ASP C 577 72.25 -14.20 17.95
CA ASP C 577 72.95 -14.15 16.68
C ASP C 577 72.02 -14.50 15.53
N LYS C 578 71.11 -15.43 15.73
CA LYS C 578 70.24 -15.90 14.66
C LYS C 578 69.03 -15.00 14.51
N MET C 579 69.26 -13.71 14.38
CA MET C 579 68.19 -12.71 14.47
C MET C 579 68.50 -11.66 13.41
N ASN C 580 67.57 -11.44 12.50
CA ASN C 580 67.88 -10.61 11.35
C ASN C 580 68.16 -9.18 11.76
N GLU C 581 69.06 -8.53 11.02
CA GLU C 581 69.56 -7.23 11.45
C GLU C 581 68.51 -6.14 11.45
N SER C 582 67.41 -6.33 10.71
CA SER C 582 66.35 -5.33 10.77
C SER C 582 65.75 -5.24 12.16
N THR C 583 65.59 -6.37 12.83
CA THR C 583 64.99 -6.37 14.15
C THR C 583 65.99 -6.16 15.27
N ARG C 584 67.29 -6.34 15.04
CA ARG C 584 68.26 -5.98 16.05
C ARG C 584 68.63 -4.50 16.02
N SER C 585 68.43 -3.84 14.89
CA SER C 585 68.60 -2.40 14.88
C SER C 585 67.64 -1.72 15.84
N VAL C 586 66.51 -2.36 16.12
CA VAL C 586 65.57 -1.85 17.10
C VAL C 586 66.20 -1.78 18.48
N LEU C 587 67.06 -2.73 18.79
CA LEU C 587 67.66 -2.80 20.12
C LEU C 587 68.60 -1.66 20.43
N HIS C 588 69.09 -0.92 19.42
CA HIS C 588 70.01 0.17 19.72
C HIS C 588 69.34 1.26 20.55
N GLU C 589 68.20 1.75 20.08
CA GLU C 589 67.53 2.80 20.81
C GLU C 589 67.06 2.29 22.16
N VAL C 590 66.55 1.06 22.20
CA VAL C 590 66.08 0.51 23.46
C VAL C 590 67.22 0.41 24.46
N MET C 591 68.39 -0.02 24.00
CA MET C 591 69.51 -0.29 24.89
C MET C 591 70.29 0.95 25.25
N GLU C 592 70.09 2.07 24.57
CA GLU C 592 70.77 3.29 24.95
C GLU C 592 69.82 4.36 25.46
N GLN C 593 68.80 4.72 24.69
CA GLN C 593 67.90 5.78 25.08
C GLN C 593 66.76 5.30 25.98
N GLN C 594 66.59 4.00 26.13
CA GLN C 594 65.51 3.41 26.93
C GLN C 594 64.16 3.87 26.46
N THR C 595 64.07 4.41 25.26
CA THR C 595 62.82 4.88 24.70
C THR C 595 62.68 4.28 23.33
N LEU C 596 61.54 4.50 22.70
CA LEU C 596 61.30 3.83 21.43
C LEU C 596 60.40 4.74 20.61
N SER C 597 61.01 5.58 19.78
CA SER C 597 60.28 6.61 19.06
C SER C 597 59.73 5.99 17.77
N ILE C 598 58.46 5.63 17.80
CA ILE C 598 57.79 5.18 16.58
C ILE C 598 57.26 6.41 15.87
N ALA C 599 57.61 6.57 14.59
CA ALA C 599 57.07 7.63 13.76
C ALA C 599 56.33 6.98 12.60
N LYS C 600 55.06 6.67 12.82
CA LYS C 600 54.20 6.03 11.83
C LYS C 600 53.07 6.98 11.46
N ALA C 601 52.14 6.49 10.65
CA ALA C 601 51.04 7.32 10.17
C ALA C 601 50.15 7.80 11.32
N GLY C 602 49.46 6.87 11.97
CA GLY C 602 48.44 7.21 12.95
C GLY C 602 48.90 8.13 14.07
N ILE C 603 49.79 7.64 14.93
CA ILE C 603 50.36 8.44 16.01
C ILE C 603 51.87 8.27 15.98
N ILE C 604 52.57 9.34 16.29
CA ILE C 604 54.02 9.30 16.53
C ILE C 604 54.25 9.66 17.99
N CYS C 605 55.10 8.90 18.64
CA CYS C 605 55.30 9.06 20.08
C CYS C 605 56.58 8.33 20.46
N GLN C 606 57.07 8.62 21.64
CA GLN C 606 58.17 7.89 22.22
C GLN C 606 57.61 6.96 23.28
N LEU C 607 57.65 5.67 23.01
CA LEU C 607 57.30 4.69 24.02
C LEU C 607 58.51 4.44 24.89
N ASN C 608 58.35 4.52 26.19
CA ASN C 608 59.47 4.23 27.08
C ASN C 608 59.66 2.73 27.20
N ALA C 609 60.91 2.30 27.16
CA ALA C 609 61.30 0.90 27.26
C ALA C 609 62.53 0.85 28.16
N ARG C 610 62.31 0.71 29.45
CA ARG C 610 63.37 0.71 30.45
C ARG C 610 63.78 -0.71 30.77
N THR C 611 63.81 -1.55 29.76
CA THR C 611 64.07 -2.97 29.92
C THR C 611 65.57 -3.25 30.11
N SER C 612 65.87 -4.32 30.83
CA SER C 612 67.21 -4.88 30.87
C SER C 612 67.26 -6.03 29.88
N VAL C 613 68.30 -6.08 29.08
CA VAL C 613 68.41 -7.10 28.05
C VAL C 613 69.35 -8.19 28.54
N LEU C 614 68.86 -9.41 28.52
CA LEU C 614 69.65 -10.61 28.80
C LEU C 614 69.62 -11.45 27.54
N ALA C 615 70.74 -11.56 26.87
CA ALA C 615 70.79 -12.19 25.56
C ALA C 615 71.73 -13.38 25.60
N ALA C 616 71.44 -14.37 24.77
CA ALA C 616 72.29 -15.54 24.60
C ALA C 616 72.56 -15.73 23.13
N ALA C 617 73.82 -15.87 22.75
CA ALA C 617 74.19 -16.04 21.36
C ALA C 617 75.19 -17.17 21.23
N ASN C 618 75.27 -17.71 20.06
CA ASN C 618 76.36 -18.58 19.69
C ASN C 618 77.44 -17.76 19.02
N PRO C 619 78.68 -18.23 19.02
CA PRO C 619 79.71 -17.58 18.21
C PRO C 619 79.40 -17.79 16.75
N ILE C 620 80.12 -17.07 15.89
CA ILE C 620 80.09 -17.41 14.49
C ILE C 620 80.47 -18.89 14.40
N GLU C 621 79.85 -19.59 13.47
CA GLU C 621 79.95 -21.04 13.33
C GLU C 621 79.63 -21.80 14.62
N SER C 622 78.78 -21.22 15.46
CA SER C 622 78.08 -21.87 16.57
C SER C 622 78.98 -22.78 17.38
N GLN C 623 80.24 -22.43 17.50
CA GLN C 623 81.17 -23.13 18.37
C GLN C 623 82.42 -22.29 18.44
N TRP C 624 82.94 -22.03 19.63
CA TRP C 624 84.12 -21.20 19.72
C TRP C 624 85.28 -21.87 18.99
N ASN C 625 85.72 -21.32 17.86
CA ASN C 625 86.96 -21.98 17.49
C ASN C 625 88.13 -21.18 18.01
N PRO C 626 89.05 -21.82 18.73
CA PRO C 626 90.09 -21.09 19.45
C PRO C 626 91.18 -20.51 18.56
N LYS C 627 91.03 -20.55 17.24
CA LYS C 627 91.97 -19.91 16.34
C LYS C 627 91.51 -18.54 15.87
N LYS C 628 90.38 -18.06 16.36
CA LYS C 628 89.88 -16.75 16.00
C LYS C 628 89.85 -15.86 17.24
N THR C 629 89.90 -14.56 17.01
CA THR C 629 89.89 -13.63 18.11
C THR C 629 88.53 -13.64 18.79
N THR C 630 88.41 -12.86 19.87
CA THR C 630 87.10 -12.71 20.48
C THR C 630 86.13 -11.98 19.55
N ILE C 631 86.58 -10.90 18.93
CA ILE C 631 85.70 -10.12 18.06
C ILE C 631 85.35 -10.90 16.82
N GLU C 632 86.34 -11.51 16.18
CA GLU C 632 86.09 -12.29 14.98
C GLU C 632 85.10 -13.40 15.24
N ASN C 633 85.02 -13.85 16.48
CA ASN C 633 84.32 -15.07 16.81
C ASN C 633 82.94 -14.80 17.41
N ILE C 634 82.77 -13.66 18.09
CA ILE C 634 81.45 -13.22 18.52
C ILE C 634 80.63 -12.75 17.33
N GLN C 635 81.23 -11.96 16.45
CA GLN C 635 80.60 -11.51 15.20
C GLN C 635 79.35 -10.68 15.47
N LEU C 636 79.55 -9.55 16.15
CA LEU C 636 78.49 -8.59 16.37
C LEU C 636 79.07 -7.19 16.22
N PRO C 637 78.29 -6.23 15.75
CA PRO C 637 78.81 -4.88 15.56
C PRO C 637 79.35 -4.30 16.86
N HIS C 638 80.42 -3.53 16.75
CA HIS C 638 81.03 -2.96 17.94
C HIS C 638 80.08 -2.04 18.67
N THR C 639 79.18 -1.38 17.96
CA THR C 639 78.18 -0.56 18.61
C THR C 639 77.26 -1.40 19.47
N LEU C 640 76.71 -2.47 18.88
CA LEU C 640 75.85 -3.37 19.61
C LEU C 640 76.58 -4.01 20.79
N LEU C 641 77.82 -4.42 20.59
CA LEU C 641 78.56 -5.01 21.68
C LEU C 641 78.82 -4.01 22.79
N SER C 642 79.12 -2.77 22.44
CA SER C 642 79.35 -1.75 23.45
C SER C 642 78.09 -1.51 24.27
N ARG C 643 76.92 -1.75 23.68
CA ARG C 643 75.67 -1.59 24.45
C ARG C 643 75.50 -2.64 25.54
N PHE C 644 76.21 -3.74 25.51
CA PHE C 644 76.13 -4.75 26.56
C PHE C 644 77.18 -4.42 27.60
N ASP C 645 76.79 -4.39 28.87
CA ASP C 645 77.76 -4.04 29.87
C ASP C 645 78.27 -5.24 30.65
N LEU C 646 77.99 -6.44 30.19
CA LEU C 646 78.73 -7.65 30.54
C LEU C 646 78.62 -8.61 29.37
N ILE C 647 79.74 -9.15 28.91
CA ILE C 647 79.73 -10.23 27.92
C ILE C 647 80.39 -11.44 28.58
N PHE C 648 79.59 -12.41 28.97
CA PHE C 648 80.10 -13.66 29.52
C PHE C 648 80.38 -14.63 28.39
N LEU C 649 81.64 -15.00 28.22
CA LEU C 649 82.02 -16.01 27.24
C LEU C 649 81.84 -17.37 27.88
N LEU C 650 80.76 -18.05 27.52
CA LEU C 650 80.48 -19.36 28.10
C LEU C 650 81.20 -20.42 27.26
N LEU C 651 82.52 -20.36 27.32
CA LEU C 651 83.34 -21.31 26.61
C LEU C 651 83.39 -22.63 27.36
N ASP C 652 83.60 -23.69 26.63
CA ASP C 652 83.68 -25.01 27.22
C ASP C 652 85.14 -25.40 27.31
N PRO C 653 85.72 -25.50 28.51
CA PRO C 653 87.10 -25.97 28.63
C PRO C 653 87.10 -27.48 28.46
N GLN C 654 87.89 -27.97 27.52
CA GLN C 654 87.86 -29.41 27.28
C GLN C 654 88.52 -30.07 28.48
N ASP C 655 87.77 -30.26 29.55
CA ASP C 655 88.34 -30.56 30.85
C ASP C 655 87.72 -31.84 31.40
N GLU C 656 88.58 -32.77 31.80
CA GLU C 656 88.11 -34.03 32.36
C GLU C 656 87.41 -33.83 33.70
N ALA C 657 88.05 -33.10 34.61
CA ALA C 657 87.51 -32.95 35.95
C ALA C 657 86.19 -32.22 35.94
N TYR C 658 86.09 -31.14 35.17
CA TYR C 658 84.84 -30.40 35.11
C TYR C 658 83.75 -31.26 34.49
N ASP C 659 84.09 -32.05 33.48
CA ASP C 659 83.11 -32.95 32.88
C ASP C 659 82.59 -33.93 33.92
N ARG C 660 83.49 -34.48 34.74
CA ARG C 660 83.05 -35.40 35.77
C ARG C 660 82.11 -34.72 36.76
N ARG C 661 82.44 -33.51 37.19
CA ARG C 661 81.62 -32.82 38.18
C ARG C 661 80.25 -32.47 37.63
N LEU C 662 80.21 -31.93 36.41
CA LEU C 662 78.93 -31.60 35.80
C LEU C 662 78.12 -32.84 35.49
N ALA C 663 78.78 -33.94 35.14
CA ALA C 663 78.08 -35.19 34.92
C ALA C 663 77.41 -35.67 36.19
N HIS C 664 78.14 -35.61 37.31
CA HIS C 664 77.53 -36.00 38.57
C HIS C 664 76.37 -35.10 38.93
N HIS C 665 76.51 -33.79 38.69
CA HIS C 665 75.41 -32.88 38.96
C HIS C 665 74.19 -33.22 38.12
N LEU C 666 74.39 -33.47 36.84
CA LEU C 666 73.26 -33.71 35.95
C LEU C 666 72.60 -35.05 36.23
N VAL C 667 73.37 -36.07 36.57
CA VAL C 667 72.77 -37.35 36.89
C VAL C 667 72.04 -37.27 38.22
N ALA C 668 72.67 -36.67 39.23
CA ALA C 668 72.02 -36.50 40.51
C ALA C 668 70.72 -35.74 40.36
N LEU C 669 70.65 -34.91 39.34
CA LEU C 669 69.44 -34.20 39.00
C LEU C 669 68.36 -35.13 38.48
N TYR C 670 68.70 -36.39 38.17
CA TYR C 670 67.76 -37.41 37.73
C TYR C 670 67.26 -38.30 38.84
N TYR C 671 67.80 -38.19 40.05
CA TYR C 671 67.33 -38.92 41.21
C TYR C 671 67.28 -38.01 42.43
N GLN C 672 66.88 -36.76 42.22
CA GLN C 672 67.12 -35.68 43.18
C GLN C 672 66.79 -36.10 44.61
N SER C 673 65.73 -36.88 44.79
CA SER C 673 65.37 -37.44 46.09
C SER C 673 64.38 -38.58 45.90
N LEU C 681 70.82 -23.99 51.14
CA LEU C 681 70.31 -23.04 50.16
C LEU C 681 69.95 -21.73 50.81
N LEU C 682 69.53 -20.77 49.98
CA LEU C 682 68.91 -19.54 50.45
C LEU C 682 67.47 -19.52 49.98
N ASP C 683 66.55 -19.29 50.91
CA ASP C 683 65.14 -19.31 50.59
C ASP C 683 64.83 -18.22 49.57
N MET C 684 63.84 -18.49 48.72
CA MET C 684 63.42 -17.42 47.82
C MET C 684 62.59 -16.38 48.55
N ALA C 685 61.87 -16.76 49.59
CA ALA C 685 61.06 -15.78 50.28
C ALA C 685 61.91 -14.70 50.95
N VAL C 686 63.21 -14.92 51.11
CA VAL C 686 64.07 -13.91 51.68
C VAL C 686 64.82 -13.20 50.57
N LEU C 687 65.14 -13.91 49.49
CA LEU C 687 65.77 -13.28 48.35
C LEU C 687 64.84 -12.25 47.73
N LYS C 688 63.58 -12.61 47.59
CA LYS C 688 62.56 -11.72 47.05
C LYS C 688 62.43 -10.46 47.90
N ASP C 689 62.37 -10.63 49.23
CA ASP C 689 62.25 -9.47 50.11
C ASP C 689 63.51 -8.63 50.10
N TYR C 690 64.67 -9.27 50.06
CA TYR C 690 65.94 -8.55 50.01
C TYR C 690 66.02 -7.67 48.78
N ILE C 691 65.65 -8.21 47.62
CA ILE C 691 65.70 -7.43 46.40
C ILE C 691 64.66 -6.30 46.43
N ALA C 692 63.45 -6.59 46.88
CA ALA C 692 62.44 -5.54 46.96
C ALA C 692 62.86 -4.42 47.90
N TYR C 693 63.46 -4.78 49.03
CA TYR C 693 63.94 -3.78 49.96
C TYR C 693 65.05 -2.95 49.35
N ALA C 694 65.99 -3.59 48.68
CA ALA C 694 67.06 -2.85 48.04
C ALA C 694 66.53 -1.87 47.01
N HIS C 695 65.55 -2.29 46.22
CA HIS C 695 64.94 -1.37 45.27
C HIS C 695 64.26 -0.22 45.97
N SER C 696 63.50 -0.50 47.03
CA SER C 696 62.67 0.53 47.64
C SER C 696 63.49 1.58 48.37
N THR C 697 64.51 1.16 49.10
CA THR C 697 65.19 2.07 50.00
C THR C 697 66.57 2.51 49.53
N ILE C 698 67.37 1.62 48.96
CA ILE C 698 68.76 1.93 48.67
C ILE C 698 68.85 2.68 47.34
N MET C 699 69.50 3.84 47.35
CA MET C 699 69.89 4.55 46.14
C MET C 699 71.37 4.88 46.24
N PRO C 700 72.25 3.97 45.85
CA PRO C 700 73.68 4.17 46.08
C PRO C 700 74.21 5.38 45.32
N ARG C 701 75.11 6.10 45.96
CA ARG C 701 75.74 7.26 45.37
C ARG C 701 77.24 7.06 45.32
N LEU C 702 77.88 7.66 44.33
CA LEU C 702 79.32 7.52 44.18
C LEU C 702 80.05 8.27 45.27
N SER C 703 81.00 7.62 45.90
CA SER C 703 81.87 8.26 46.86
C SER C 703 83.09 8.82 46.14
N GLU C 704 84.00 9.42 46.91
CA GLU C 704 85.20 9.96 46.30
C GLU C 704 86.17 8.88 45.88
N GLU C 705 86.42 7.90 46.75
CA GLU C 705 87.37 6.86 46.36
C GLU C 705 86.79 6.02 45.23
N ALA C 706 85.48 5.82 45.23
CA ALA C 706 84.85 5.14 44.11
C ALA C 706 85.05 5.92 42.82
N SER C 707 84.90 7.23 42.88
CA SER C 707 85.09 8.05 41.69
C SER C 707 86.50 7.89 41.14
N GLN C 708 87.50 8.00 42.01
CA GLN C 708 88.87 7.89 41.52
C GLN C 708 89.17 6.49 41.01
N ALA C 709 88.66 5.47 41.71
CA ALA C 709 88.85 4.09 41.26
C ALA C 709 88.18 3.86 39.91
N LEU C 710 87.02 4.48 39.69
CA LEU C 710 86.35 4.36 38.41
C LEU C 710 87.16 5.00 37.30
N ILE C 711 87.74 6.16 37.56
CA ILE C 711 88.56 6.81 36.55
C ILE C 711 89.74 5.93 36.19
N GLU C 712 90.46 5.44 37.20
CA GLU C 712 91.62 4.59 36.94
C GLU C 712 91.20 3.30 36.24
N ALA C 713 90.07 2.73 36.64
CA ALA C 713 89.61 1.50 36.02
C ALA C 713 89.31 1.69 34.56
N TYR C 714 88.66 2.81 34.21
CA TYR C 714 88.35 3.06 32.82
C TYR C 714 89.62 3.23 31.99
N VAL C 715 90.59 3.97 32.50
CA VAL C 715 91.82 4.17 31.73
C VAL C 715 92.53 2.83 31.51
N ASP C 716 92.67 2.04 32.57
CA ASP C 716 93.33 0.76 32.43
C ASP C 716 92.54 -0.17 31.52
N MET C 717 91.22 -0.11 31.58
CA MET C 717 90.37 -0.93 30.73
C MET C 717 90.55 -0.58 29.26
N ARG C 718 90.68 0.71 28.96
CA ARG C 718 90.94 1.11 27.59
C ARG C 718 92.28 0.59 27.11
N LYS C 719 93.31 0.68 27.96
CA LYS C 719 94.60 0.15 27.54
C LYS C 719 94.54 -1.36 27.30
N ILE C 720 93.84 -2.09 28.17
CA ILE C 720 93.78 -3.54 28.05
C ILE C 720 93.03 -3.95 26.80
N GLY C 721 91.87 -3.35 26.57
CA GLY C 721 91.06 -3.73 25.43
C GLY C 721 91.38 -3.06 24.13
N SER C 722 92.39 -2.19 24.10
CA SER C 722 92.75 -1.50 22.87
C SER C 722 93.51 -2.38 21.90
N SER C 723 93.60 -3.68 22.14
CA SER C 723 94.41 -4.55 21.32
C SER C 723 93.65 -4.89 20.04
N ARG C 724 94.12 -5.91 19.31
CA ARG C 724 93.62 -6.15 17.97
C ARG C 724 92.25 -6.82 17.98
N GLY C 725 92.19 -8.03 18.51
CA GLY C 725 90.99 -8.83 18.47
C GLY C 725 90.20 -8.88 19.76
N MET C 726 90.53 -8.05 20.72
CA MET C 726 89.78 -8.00 21.97
C MET C 726 88.63 -7.02 21.85
N VAL C 727 87.69 -7.14 22.79
CA VAL C 727 86.53 -6.26 22.80
C VAL C 727 86.96 -4.90 23.29
N SER C 728 86.78 -3.89 22.46
CA SER C 728 87.27 -2.55 22.76
C SER C 728 86.43 -1.90 23.82
N ALA C 729 87.06 -1.00 24.59
CA ALA C 729 86.36 -0.22 25.59
C ALA C 729 86.09 1.17 25.07
N TYR C 730 84.96 1.72 25.48
CA TYR C 730 84.51 3.05 25.12
C TYR C 730 84.03 3.72 26.39
N PRO C 731 83.71 5.01 26.35
CA PRO C 731 83.13 5.65 27.55
C PRO C 731 81.87 4.96 28.02
N ARG C 732 81.16 4.34 27.10
CA ARG C 732 80.00 3.55 27.46
C ARG C 732 80.37 2.44 28.44
N GLN C 733 81.61 1.95 28.39
CA GLN C 733 82.02 0.96 29.38
C GLN C 733 82.30 1.58 30.74
N LEU C 734 82.70 2.85 30.78
CA LEU C 734 82.81 3.48 32.09
C LEU C 734 81.44 3.65 32.71
N GLU C 735 80.44 4.00 31.91
CA GLU C 735 79.07 4.01 32.42
C GLU C 735 78.64 2.63 32.87
N SER C 736 79.04 1.61 32.12
CA SER C 736 78.87 0.22 32.53
C SER C 736 79.41 -0.03 33.92
N LEU C 737 80.65 0.37 34.17
CA LEU C 737 81.27 0.16 35.46
C LEU C 737 80.51 0.87 36.56
N ILE C 738 80.07 2.10 36.29
CA ILE C 738 79.29 2.83 37.28
C ILE C 738 78.02 2.07 37.63
N ARG C 739 77.34 1.55 36.61
CA ARG C 739 76.12 0.77 36.84
C ARG C 739 76.38 -0.46 37.69
N LEU C 740 77.42 -1.21 37.35
CA LEU C 740 77.70 -2.44 38.07
C LEU C 740 78.13 -2.16 39.50
N ALA C 741 78.87 -1.09 39.71
CA ALA C 741 79.26 -0.71 41.07
C ALA C 741 78.06 -0.28 41.89
N GLU C 742 77.15 0.48 41.29
CA GLU C 742 75.95 0.86 42.02
C GLU C 742 75.10 -0.36 42.34
N ALA C 743 75.03 -1.32 41.42
CA ALA C 743 74.30 -2.54 41.69
C ALA C 743 74.92 -3.32 42.84
N HIS C 744 76.25 -3.46 42.84
CA HIS C 744 76.91 -4.17 43.92
C HIS C 744 76.71 -3.47 45.26
N ALA C 745 76.74 -2.14 45.26
CA ALA C 745 76.45 -1.42 46.50
C ALA C 745 75.01 -1.60 46.93
N LYS C 746 74.11 -1.78 45.97
CA LYS C 746 72.73 -2.07 46.30
C LYS C 746 72.59 -3.46 46.92
N VAL C 747 73.44 -4.40 46.50
CA VAL C 747 73.43 -5.74 47.07
C VAL C 747 73.75 -5.71 48.56
N ARG C 748 74.74 -4.92 48.94
CA ARG C 748 75.12 -4.80 50.34
C ARG C 748 74.25 -3.81 51.09
N LEU C 749 73.21 -3.27 50.48
CA LEU C 749 72.38 -2.25 51.09
C LEU C 749 73.22 -1.06 51.51
N SER C 750 74.26 -0.78 50.73
CA SER C 750 75.30 0.15 51.13
C SER C 750 74.83 1.59 51.09
N ASN C 751 74.03 1.95 50.08
CA ASN C 751 73.55 3.30 49.89
C ASN C 751 74.68 4.28 49.61
N LYS C 752 75.89 3.76 49.43
CA LYS C 752 77.06 4.57 49.12
C LYS C 752 78.05 3.65 48.43
N VAL C 753 78.48 4.00 47.23
CA VAL C 753 79.40 3.19 46.45
C VAL C 753 80.81 3.50 46.90
N GLU C 754 81.54 2.49 47.36
CA GLU C 754 82.97 2.71 47.52
C GLU C 754 83.82 1.62 46.89
N ALA C 755 85.11 1.62 47.22
CA ALA C 755 86.12 1.00 46.36
C ALA C 755 85.90 -0.49 46.17
N ILE C 756 85.28 -1.18 47.14
CA ILE C 756 85.07 -2.61 46.97
C ILE C 756 84.05 -2.87 45.88
N ASP C 757 83.04 -2.01 45.79
CA ASP C 757 82.04 -2.17 44.73
C ASP C 757 82.65 -1.95 43.36
N VAL C 758 83.49 -0.93 43.23
CA VAL C 758 84.16 -0.71 41.95
C VAL C 758 85.10 -1.85 41.63
N GLU C 759 85.81 -2.36 42.64
CA GLU C 759 86.70 -3.48 42.41
C GLU C 759 85.93 -4.68 41.91
N GLU C 760 84.78 -4.97 42.49
CA GLU C 760 83.99 -6.09 42.03
C GLU C 760 83.44 -5.86 40.63
N ALA C 761 83.02 -4.64 40.33
CA ALA C 761 82.54 -4.35 38.98
C ALA C 761 83.63 -4.61 37.95
N LYS C 762 84.83 -4.11 38.22
CA LYS C 762 85.95 -4.34 37.32
C LYS C 762 86.30 -5.81 37.24
N ARG C 763 86.25 -6.52 38.37
CA ARG C 763 86.56 -7.94 38.38
C ARG C 763 85.57 -8.72 37.54
N LEU C 764 84.29 -8.41 37.67
CA LEU C 764 83.26 -9.09 36.91
C LEU C 764 83.36 -8.76 35.42
N HIS C 765 83.69 -7.52 35.10
CA HIS C 765 83.87 -7.16 33.71
C HIS C 765 85.08 -7.84 33.09
N ARG C 766 86.12 -8.11 33.88
CA ARG C 766 87.26 -8.88 33.40
C ARG C 766 86.93 -10.36 33.26
N GLU C 767 86.29 -10.95 34.27
CA GLU C 767 86.06 -12.40 34.26
C GLU C 767 85.14 -12.79 33.14
N ALA C 768 84.00 -12.13 33.03
CA ALA C 768 83.30 -12.12 31.77
C ALA C 768 84.26 -11.57 30.73
N LEU C 769 84.27 -12.15 29.55
CA LEU C 769 85.17 -11.85 28.44
C LEU C 769 86.52 -12.51 28.62
N LYS C 770 86.81 -13.13 29.75
CA LYS C 770 88.05 -13.89 29.96
C LYS C 770 89.27 -13.05 29.60
N GLN C 771 89.35 -11.86 30.20
CA GLN C 771 90.46 -10.96 29.91
C GLN C 771 91.79 -11.57 30.31
N SER C 772 91.80 -12.40 31.33
CA SER C 772 93.06 -12.99 31.79
C SER C 772 93.55 -14.08 30.85
N ALA C 773 92.64 -14.79 30.19
CA ALA C 773 93.01 -15.92 29.35
C ALA C 773 93.18 -15.54 27.89
N THR C 774 93.08 -14.28 27.54
CA THR C 774 93.42 -13.82 26.20
C THR C 774 94.90 -13.42 26.19
N ASP C 775 95.30 -12.72 25.13
CA ASP C 775 96.64 -12.16 25.04
C ASP C 775 96.64 -11.11 23.94
N PRO C 776 97.68 -10.29 23.86
CA PRO C 776 97.80 -9.37 22.71
C PRO C 776 97.72 -10.07 21.36
N ARG C 777 98.30 -11.27 21.23
CA ARG C 777 98.06 -12.13 20.07
C ARG C 777 96.72 -12.82 20.30
N THR C 778 95.65 -12.08 20.02
CA THR C 778 94.35 -12.36 20.61
C THR C 778 93.85 -13.76 20.27
N GLY C 779 93.13 -14.34 21.23
CA GLY C 779 92.81 -15.75 21.21
C GLY C 779 92.79 -16.25 22.63
N ILE C 780 91.81 -17.07 22.97
CA ILE C 780 91.59 -17.50 24.34
C ILE C 780 92.22 -18.87 24.53
N VAL C 781 92.98 -19.02 25.61
CA VAL C 781 93.70 -20.25 25.92
C VAL C 781 92.75 -21.16 26.69
N ASP C 782 93.12 -22.43 26.87
CA ASP C 782 92.46 -23.32 27.83
C ASP C 782 92.94 -22.94 29.23
N ILE C 783 92.28 -21.93 29.81
CA ILE C 783 92.56 -21.44 31.15
C ILE C 783 94.03 -21.04 31.30
N SER D 2 -22.89 -12.25 -21.25
CA SER D 2 -22.32 -11.24 -22.12
C SER D 2 -21.30 -10.36 -21.41
N GLY D 3 -21.38 -10.24 -20.10
CA GLY D 3 -20.43 -9.35 -19.45
C GLY D 3 -19.11 -9.96 -19.08
N PHE D 4 -18.66 -10.97 -19.82
CA PHE D 4 -17.50 -11.76 -19.43
C PHE D 4 -16.25 -11.42 -20.23
N ASP D 5 -16.35 -11.46 -21.54
CA ASP D 5 -15.21 -11.21 -22.40
C ASP D 5 -15.04 -9.73 -22.67
N ASP D 6 -13.87 -9.39 -23.15
CA ASP D 6 -13.75 -8.12 -23.83
C ASP D 6 -12.85 -8.31 -25.04
N PRO D 7 -13.30 -7.95 -26.21
CA PRO D 7 -12.41 -7.93 -27.35
C PRO D 7 -11.42 -6.80 -27.16
N GLY D 8 -10.58 -6.54 -28.12
CA GLY D 8 -9.66 -5.45 -27.98
C GLY D 8 -10.27 -4.12 -28.35
N ILE D 9 -9.39 -3.15 -28.53
CA ILE D 9 -9.69 -1.91 -29.21
C ILE D 9 -9.03 -2.01 -30.57
N PHE D 10 -9.76 -1.68 -31.61
CA PHE D 10 -9.25 -1.76 -32.96
C PHE D 10 -9.09 -0.38 -33.54
N TYR D 11 -8.27 -0.27 -34.57
CA TYR D 11 -8.16 0.99 -35.28
C TYR D 11 -7.79 0.74 -36.71
N SER D 12 -7.93 1.77 -37.52
CA SER D 12 -7.65 1.73 -38.94
C SER D 12 -6.33 2.45 -39.21
N ASP D 13 -5.93 2.42 -40.48
CA ASP D 13 -4.88 3.30 -40.94
C ASP D 13 -5.39 4.74 -40.94
N SER D 14 -4.47 5.68 -40.85
CA SER D 14 -4.87 7.08 -40.76
C SER D 14 -5.17 7.60 -42.16
N PHE D 15 -6.16 6.98 -42.81
CA PHE D 15 -6.74 7.57 -44.00
C PHE D 15 -7.22 8.99 -43.75
N GLY D 16 -6.92 9.87 -44.68
CA GLY D 16 -7.30 11.27 -44.58
C GLY D 16 -6.39 12.12 -43.71
N GLY D 17 -6.16 13.35 -44.12
CA GLY D 17 -5.38 14.29 -43.34
C GLY D 17 -3.88 14.12 -43.48
N GLY D 24 4.39 24.85 -39.74
CA GLY D 24 5.80 25.12 -39.61
C GLY D 24 6.58 23.97 -39.00
N GLN D 25 6.14 23.54 -37.82
CA GLN D 25 6.79 22.47 -37.08
C GLN D 25 6.18 21.13 -37.47
N ALA D 26 6.91 20.35 -38.27
CA ALA D 26 6.40 19.09 -38.78
C ALA D 26 6.21 18.08 -37.66
N ARG D 27 5.14 17.30 -37.76
CA ARG D 27 4.90 16.24 -36.79
C ARG D 27 5.86 15.08 -37.00
N LYS D 28 6.10 14.36 -35.92
CA LYS D 28 7.10 13.30 -35.93
C LYS D 28 6.77 12.20 -36.91
N SER D 29 5.50 11.98 -37.22
CA SER D 29 5.14 11.05 -38.27
C SER D 29 5.66 11.52 -39.62
N GLN D 30 5.56 12.81 -39.89
CA GLN D 30 6.05 13.34 -41.15
C GLN D 30 7.56 13.27 -41.22
N LEU D 31 8.23 13.56 -40.11
CA LEU D 31 9.69 13.43 -40.07
C LEU D 31 10.12 12.00 -40.29
N GLN D 32 9.42 11.05 -39.67
CA GLN D 32 9.73 9.65 -39.89
C GLN D 32 9.50 9.25 -41.33
N ARG D 33 8.48 9.81 -41.96
CA ARG D 33 8.25 9.54 -43.37
C ARG D 33 9.36 10.11 -44.24
N ARG D 34 9.85 11.29 -43.91
CA ARG D 34 10.97 11.84 -44.66
C ARG D 34 12.25 11.04 -44.45
N PHE D 35 12.44 10.50 -43.25
CA PHE D 35 13.55 9.59 -43.02
C PHE D 35 13.42 8.32 -43.85
N LYS D 36 12.21 7.78 -43.94
CA LYS D 36 11.96 6.62 -44.77
C LYS D 36 12.25 6.92 -46.23
N GLU D 37 11.81 8.09 -46.70
CA GLU D 37 12.09 8.48 -48.07
C GLU D 37 13.59 8.63 -48.29
N PHE D 38 14.30 9.19 -47.33
CA PHE D 38 15.74 9.35 -47.47
C PHE D 38 16.42 8.00 -47.57
N LEU D 39 16.01 7.04 -46.75
CA LEU D 39 16.65 5.73 -46.80
C LEU D 39 16.31 5.01 -48.10
N ARG D 40 15.10 5.16 -48.61
CA ARG D 40 14.73 4.47 -49.83
C ARG D 40 15.34 5.13 -51.06
N GLN D 41 15.49 6.45 -51.04
CA GLN D 41 15.71 7.21 -52.26
C GLN D 41 17.02 7.96 -52.29
N TYR D 42 17.87 7.81 -51.28
CA TYR D 42 19.18 8.45 -51.34
C TYR D 42 20.05 7.65 -52.27
N ARG D 43 20.46 8.27 -53.36
CA ARG D 43 21.12 7.59 -54.46
C ARG D 43 22.57 8.07 -54.52
N VAL D 44 23.50 7.14 -54.66
CA VAL D 44 24.91 7.48 -54.78
C VAL D 44 25.41 7.01 -56.12
N GLY D 45 26.24 7.82 -56.76
CA GLY D 45 26.88 7.46 -58.00
C GLY D 45 26.43 8.37 -59.12
N THR D 46 26.88 8.03 -60.33
CA THR D 46 26.59 8.81 -61.51
C THR D 46 26.07 7.89 -62.59
N ASP D 47 25.27 8.47 -63.50
CA ASP D 47 24.68 7.69 -64.58
C ASP D 47 25.74 6.98 -65.40
N ARG D 48 26.95 7.54 -65.49
CA ARG D 48 28.03 6.86 -66.20
C ARG D 48 28.39 5.56 -65.50
N THR D 49 28.69 5.63 -64.21
CA THR D 49 29.04 4.45 -63.43
C THR D 49 27.82 3.76 -62.86
N GLY D 50 26.64 4.21 -63.20
CA GLY D 50 25.41 3.65 -62.66
C GLY D 50 25.03 4.31 -61.35
N PHE D 51 23.74 4.22 -61.03
CA PHE D 51 23.23 4.66 -59.75
C PHE D 51 22.95 3.46 -58.87
N THR D 52 23.22 3.59 -57.59
CA THR D 52 22.77 2.64 -56.60
C THR D 52 22.17 3.40 -55.44
N PHE D 53 21.17 2.79 -54.81
CA PHE D 53 20.54 3.35 -53.62
C PHE D 53 21.32 2.84 -52.41
N LYS D 54 22.11 3.73 -51.78
CA LYS D 54 23.10 3.27 -50.83
C LYS D 54 22.47 2.58 -49.63
N TYR D 55 21.48 3.22 -49.02
CA TYR D 55 20.98 2.68 -47.78
C TYR D 55 19.94 1.60 -48.01
N ARG D 56 19.23 1.64 -49.13
CA ARG D 56 18.30 0.57 -49.44
C ARG D 56 19.02 -0.77 -49.56
N ASP D 57 20.05 -0.81 -50.37
CA ASP D 57 20.74 -2.08 -50.54
C ASP D 57 21.67 -2.38 -49.38
N GLU D 58 22.13 -1.37 -48.65
CA GLU D 58 22.87 -1.67 -47.42
C GLU D 58 21.97 -2.35 -46.39
N LEU D 59 20.75 -1.83 -46.19
CA LEU D 59 19.79 -2.52 -45.34
C LEU D 59 19.52 -3.92 -45.82
N LYS D 60 19.31 -4.10 -47.12
CA LYS D 60 19.06 -5.43 -47.65
C LYS D 60 20.20 -6.37 -47.30
N ARG D 61 21.43 -5.96 -47.59
CA ARG D 61 22.57 -6.84 -47.37
C ARG D 61 22.76 -7.15 -45.88
N HIS D 62 22.72 -6.12 -45.04
CA HIS D 62 22.93 -6.33 -43.61
C HIS D 62 21.86 -7.22 -43.03
N TYR D 63 20.59 -6.97 -43.38
CA TYR D 63 19.51 -7.77 -42.83
C TYR D 63 19.63 -9.22 -43.28
N ASN D 64 19.89 -9.44 -44.56
CA ASN D 64 20.00 -10.81 -45.05
C ASN D 64 21.19 -11.53 -44.43
N LEU D 65 22.24 -10.80 -44.05
CA LEU D 65 23.31 -11.44 -43.28
C LEU D 65 22.95 -11.64 -41.82
N GLY D 66 21.87 -11.05 -41.34
CA GLY D 66 21.55 -11.09 -39.93
C GLY D 66 22.14 -9.99 -39.09
N GLU D 67 22.50 -8.85 -39.71
CA GLU D 67 23.22 -7.80 -38.98
C GLU D 67 22.28 -6.88 -38.22
N TYR D 68 21.30 -6.31 -38.89
CA TYR D 68 20.26 -5.52 -38.23
C TYR D 68 20.79 -4.17 -37.75
N TRP D 69 21.70 -3.61 -38.52
CA TRP D 69 22.19 -2.28 -38.26
C TRP D 69 22.62 -1.70 -39.57
N ILE D 70 22.72 -0.37 -39.62
CA ILE D 70 23.27 0.33 -40.76
C ILE D 70 24.00 1.55 -40.25
N GLU D 71 24.88 2.07 -41.08
CA GLU D 71 25.71 3.20 -40.77
C GLU D 71 25.26 4.35 -41.65
N VAL D 72 24.81 5.43 -41.05
CA VAL D 72 24.26 6.56 -41.80
C VAL D 72 25.23 7.72 -41.70
N GLU D 73 25.65 8.24 -42.86
CA GLU D 73 26.53 9.39 -42.90
C GLU D 73 25.70 10.65 -42.79
N MET D 74 26.13 11.58 -41.96
CA MET D 74 25.31 12.74 -41.68
C MET D 74 25.33 13.76 -42.82
N GLU D 75 26.33 13.68 -43.70
CA GLU D 75 26.38 14.56 -44.86
C GLU D 75 25.40 14.10 -45.92
N ASP D 76 25.23 12.79 -46.09
CA ASP D 76 24.22 12.29 -47.01
C ASP D 76 22.85 12.77 -46.60
N LEU D 77 22.53 12.67 -45.31
CA LEU D 77 21.26 13.15 -44.82
C LEU D 77 21.15 14.67 -44.98
N ALA D 78 22.24 15.38 -44.72
CA ALA D 78 22.18 16.83 -44.86
C ALA D 78 21.92 17.24 -46.30
N SER D 79 22.50 16.54 -47.26
CA SER D 79 22.28 16.88 -48.65
C SER D 79 20.88 16.51 -49.09
N PHE D 80 20.44 15.30 -48.78
CA PHE D 80 19.10 14.89 -49.18
C PHE D 80 18.02 15.70 -48.48
N ASP D 81 18.17 15.95 -47.18
CA ASP D 81 17.16 16.65 -46.40
C ASP D 81 17.87 17.37 -45.27
N GLU D 82 18.20 18.65 -45.48
CA GLU D 82 18.98 19.39 -44.52
C GLU D 82 18.24 19.58 -43.20
N ASP D 83 16.92 19.72 -43.25
CA ASP D 83 16.15 19.90 -42.03
C ASP D 83 16.20 18.66 -41.15
N LEU D 84 16.17 17.48 -41.76
CA LEU D 84 16.28 16.26 -40.97
C LEU D 84 17.60 16.20 -40.24
N ALA D 85 18.68 16.60 -40.90
CA ALA D 85 19.99 16.57 -40.25
C ALA D 85 20.06 17.59 -39.13
N ASP D 86 19.46 18.76 -39.32
CA ASP D 86 19.41 19.72 -38.23
C ASP D 86 18.63 19.18 -37.05
N TYR D 87 17.54 18.48 -37.30
CA TYR D 87 16.80 17.84 -36.22
C TYR D 87 17.67 16.83 -35.48
N LEU D 88 18.40 16.02 -36.23
CA LEU D 88 19.25 15.01 -35.60
C LEU D 88 20.34 15.63 -34.77
N TYR D 89 20.87 16.77 -35.20
CA TYR D 89 21.92 17.40 -34.44
C TYR D 89 21.39 18.07 -33.18
N LYS D 90 20.26 18.76 -33.30
CA LYS D 90 19.74 19.48 -32.15
C LYS D 90 19.04 18.55 -31.18
N GLN D 91 18.21 17.65 -31.68
CA GLN D 91 17.41 16.77 -30.85
C GLN D 91 17.62 15.34 -31.27
N PRO D 92 18.80 14.79 -31.01
CA PRO D 92 19.08 13.43 -31.48
C PRO D 92 18.17 12.39 -30.88
N ALA D 93 17.72 12.57 -29.64
CA ALA D 93 17.06 11.48 -28.94
C ALA D 93 15.78 11.05 -29.64
N GLU D 94 14.91 11.99 -30.00
CA GLU D 94 13.64 11.56 -30.59
C GLU D 94 13.74 11.32 -32.09
N HIS D 95 14.58 12.07 -32.77
CA HIS D 95 14.70 11.88 -34.20
C HIS D 95 15.50 10.64 -34.56
N LEU D 96 16.37 10.17 -33.68
CA LEU D 96 16.99 8.89 -33.95
C LEU D 96 16.01 7.75 -33.75
N GLN D 97 15.06 7.91 -32.85
CA GLN D 97 13.99 6.93 -32.75
C GLN D 97 13.18 6.89 -34.04
N LEU D 98 12.89 8.07 -34.60
CA LEU D 98 12.18 8.11 -35.88
C LEU D 98 13.00 7.46 -36.98
N LEU D 99 14.28 7.78 -37.07
CA LEU D 99 15.13 7.23 -38.13
C LEU D 99 15.28 5.73 -38.01
N GLU D 100 15.39 5.21 -36.79
CA GLU D 100 15.51 3.78 -36.63
C GLU D 100 14.20 3.07 -36.96
N GLU D 101 13.07 3.68 -36.61
CA GLU D 101 11.80 3.10 -37.00
C GLU D 101 11.63 3.09 -38.52
N ALA D 102 12.06 4.17 -39.17
CA ALA D 102 12.10 4.20 -40.63
C ALA D 102 12.98 3.10 -41.20
N ALA D 103 14.14 2.88 -40.62
CA ALA D 103 15.03 1.85 -41.12
C ALA D 103 14.40 0.48 -40.96
N LYS D 104 13.71 0.25 -39.85
CA LYS D 104 12.99 -1.00 -39.68
C LYS D 104 11.97 -1.20 -40.79
N GLU D 105 11.21 -0.16 -41.12
CA GLU D 105 10.23 -0.29 -42.19
C GLU D 105 10.87 -0.57 -43.53
N VAL D 106 11.94 0.15 -43.87
CA VAL D 106 12.57 -0.04 -45.17
C VAL D 106 13.18 -1.43 -45.27
N ALA D 107 13.85 -1.87 -44.22
CA ALA D 107 14.40 -3.22 -44.22
C ALA D 107 13.30 -4.25 -44.37
N ASP D 108 12.15 -4.00 -43.75
CA ASP D 108 11.02 -4.89 -43.92
C ASP D 108 10.60 -4.98 -45.38
N GLU D 109 10.50 -3.85 -46.05
CA GLU D 109 9.97 -3.86 -47.40
C GLU D 109 11.02 -4.17 -48.45
N VAL D 110 12.27 -4.33 -48.08
CA VAL D 110 13.27 -4.84 -49.02
C VAL D 110 13.65 -6.30 -48.76
N THR D 111 13.43 -6.83 -47.56
CA THR D 111 13.64 -8.24 -47.35
C THR D 111 12.37 -9.04 -47.53
N ARG D 112 11.27 -8.40 -47.84
CA ARG D 112 9.99 -9.04 -47.96
C ARG D 112 9.90 -9.81 -49.28
N PRO D 113 9.53 -11.10 -49.26
CA PRO D 113 9.25 -11.92 -48.09
C PRO D 113 10.48 -12.65 -47.56
N ARG D 114 10.44 -13.04 -46.30
CA ARG D 114 11.58 -13.65 -45.65
C ARG D 114 11.36 -15.15 -45.48
N PRO D 115 12.44 -15.94 -45.48
CA PRO D 115 12.28 -17.38 -45.26
C PRO D 115 11.73 -17.68 -43.87
N SER D 116 10.90 -18.71 -43.80
CA SER D 116 10.21 -19.03 -42.55
C SER D 116 11.21 -19.29 -41.44
N GLY D 117 10.87 -18.83 -40.24
CA GLY D 117 11.83 -18.77 -39.16
C GLY D 117 12.31 -17.34 -38.99
N GLU D 118 12.56 -16.66 -40.10
CA GLU D 118 12.78 -15.22 -40.10
C GLU D 118 11.48 -14.47 -40.40
N GLU D 119 10.42 -14.80 -39.68
CA GLU D 119 9.16 -14.13 -39.95
C GLU D 119 9.02 -12.83 -39.19
N VAL D 120 9.47 -12.79 -37.93
CA VAL D 120 9.38 -11.56 -37.15
C VAL D 120 10.45 -10.58 -37.62
N LEU D 121 10.02 -9.37 -37.90
CA LEU D 121 10.92 -8.32 -38.34
C LEU D 121 11.74 -7.79 -37.19
N GLN D 122 13.01 -7.52 -37.45
CA GLN D 122 13.95 -7.12 -36.43
C GLN D 122 14.05 -5.61 -36.32
N ASP D 123 14.43 -5.15 -35.13
CA ASP D 123 14.79 -3.75 -34.95
C ASP D 123 16.13 -3.48 -35.61
N ILE D 124 16.24 -2.31 -36.23
CA ILE D 124 17.47 -1.92 -36.91
C ILE D 124 18.10 -0.81 -36.10
N GLN D 125 19.37 -0.99 -35.73
CA GLN D 125 20.13 0.05 -35.08
C GLN D 125 20.76 0.92 -36.15
N VAL D 126 20.57 2.22 -36.05
CA VAL D 126 21.15 3.14 -37.00
C VAL D 126 22.33 3.79 -36.30
N MET D 127 23.52 3.26 -36.56
CA MET D 127 24.72 3.96 -36.19
C MET D 127 24.93 5.11 -37.14
N LEU D 128 25.54 6.18 -36.67
CA LEU D 128 25.67 7.33 -37.53
C LEU D 128 27.04 7.97 -37.40
N LYS D 129 27.57 8.42 -38.54
CA LYS D 129 28.90 8.98 -38.66
C LYS D 129 28.84 10.30 -39.39
N SER D 130 29.90 11.07 -39.27
CA SER D 130 30.00 12.33 -39.97
C SER D 130 31.45 12.59 -40.32
N ASP D 131 31.66 13.51 -41.25
CA ASP D 131 32.99 13.93 -41.62
C ASP D 131 33.45 15.18 -40.89
N ALA D 132 32.62 15.72 -40.01
CA ALA D 132 32.99 16.91 -39.27
C ALA D 132 34.16 16.62 -38.35
N SER D 133 34.99 17.62 -38.13
CA SER D 133 36.12 17.45 -37.23
C SER D 133 35.61 17.38 -35.80
N PRO D 134 36.16 16.49 -34.97
CA PRO D 134 35.68 16.38 -33.60
C PRO D 134 36.00 17.61 -32.78
N SER D 135 35.15 17.89 -31.82
CA SER D 135 35.41 18.99 -30.92
C SER D 135 36.14 18.49 -29.71
N SER D 136 36.70 19.42 -28.94
CA SER D 136 37.45 19.04 -27.76
C SER D 136 36.56 18.44 -26.70
N ILE D 137 37.12 17.53 -25.90
CA ILE D 137 36.41 17.05 -24.72
C ILE D 137 36.29 18.17 -23.69
N ARG D 138 37.18 19.16 -23.73
CA ARG D 138 37.06 20.31 -22.86
C ARG D 138 35.94 21.24 -23.28
N SER D 139 35.50 21.15 -24.53
CA SER D 139 34.44 22.00 -25.02
C SER D 139 33.06 21.49 -24.66
N LEU D 140 32.96 20.31 -24.06
CA LEU D 140 31.66 19.77 -23.66
C LEU D 140 31.17 20.56 -22.45
N LYS D 141 30.68 21.76 -22.72
CA LYS D 141 30.08 22.58 -21.69
C LYS D 141 28.62 22.20 -21.56
N SER D 142 27.87 23.00 -20.81
CA SER D 142 26.48 22.67 -20.52
C SER D 142 25.54 23.00 -21.66
N ASP D 143 25.94 23.88 -22.57
CA ASP D 143 25.10 24.22 -23.70
C ASP D 143 25.03 23.10 -24.72
N MET D 144 25.89 22.10 -24.60
CA MET D 144 25.87 20.96 -25.50
C MET D 144 25.11 19.79 -24.93
N MET D 145 24.46 19.94 -23.79
CA MET D 145 23.73 18.85 -23.18
C MET D 145 22.50 18.51 -23.99
N SER D 146 22.38 17.23 -24.35
CA SER D 146 21.28 16.64 -25.10
C SER D 146 21.38 16.92 -26.58
N HIS D 147 22.58 17.21 -27.07
CA HIS D 147 22.83 17.42 -28.48
C HIS D 147 23.82 16.38 -28.97
N LEU D 148 23.84 16.12 -30.27
CA LEU D 148 24.92 15.34 -30.84
C LEU D 148 26.24 16.04 -30.65
N VAL D 149 27.21 15.30 -30.15
CA VAL D 149 28.56 15.78 -29.98
C VAL D 149 29.48 14.78 -30.64
N LYS D 150 30.63 15.25 -31.09
CA LYS D 150 31.66 14.40 -31.66
C LYS D 150 32.97 14.76 -30.98
N ILE D 151 33.50 13.85 -30.18
CA ILE D 151 34.72 14.11 -29.42
C ILE D 151 35.73 12.99 -29.68
N PRO D 152 37.03 13.27 -29.62
CA PRO D 152 38.02 12.20 -29.71
C PRO D 152 38.50 11.78 -28.32
N GLY D 153 39.16 10.64 -28.29
CA GLY D 153 39.74 10.19 -27.04
C GLY D 153 40.36 8.85 -27.20
N ILE D 154 40.90 8.36 -26.09
CA ILE D 154 41.50 7.04 -26.01
C ILE D 154 40.74 6.24 -24.96
N ILE D 155 40.35 5.03 -25.30
CA ILE D 155 39.51 4.22 -24.43
C ILE D 155 40.40 3.49 -23.45
N ILE D 156 40.16 3.68 -22.17
CA ILE D 156 41.00 3.10 -21.13
C ILE D 156 40.31 1.98 -20.37
N ALA D 157 39.00 1.83 -20.50
CA ALA D 157 38.32 0.73 -19.86
C ALA D 157 37.06 0.43 -20.65
N ALA D 158 36.83 -0.84 -20.92
CA ALA D 158 35.63 -1.33 -21.56
C ALA D 158 35.02 -2.36 -20.65
N SER D 159 33.81 -2.11 -20.17
CA SER D 159 33.19 -3.02 -19.24
C SER D 159 32.86 -4.34 -19.93
N ALA D 160 32.31 -5.27 -19.17
CA ALA D 160 31.76 -6.46 -19.78
C ALA D 160 30.44 -6.13 -20.45
N VAL D 161 30.06 -6.94 -21.42
CA VAL D 161 28.80 -6.72 -22.12
C VAL D 161 27.67 -7.35 -21.31
N ARG D 162 26.72 -6.54 -20.91
CA ARG D 162 25.63 -6.99 -20.09
C ARG D 162 24.34 -6.89 -20.85
N ALA D 163 23.24 -7.20 -20.18
CA ALA D 163 21.93 -7.24 -20.80
C ALA D 163 21.08 -6.11 -20.23
N LYS D 164 20.55 -5.29 -21.11
CA LYS D 164 19.67 -4.21 -20.72
C LYS D 164 18.34 -4.41 -21.43
N ALA D 165 17.26 -4.32 -20.66
CA ALA D 165 15.96 -4.53 -21.26
C ALA D 165 15.56 -3.34 -22.11
N THR D 166 15.03 -3.62 -23.30
CA THR D 166 14.34 -2.60 -24.08
C THR D 166 12.83 -2.71 -24.00
N ARG D 167 12.31 -3.89 -23.72
CA ARG D 167 10.91 -4.10 -23.43
C ARG D 167 10.84 -4.94 -22.18
N ILE D 168 9.97 -4.57 -21.26
CA ILE D 168 9.73 -5.40 -20.09
C ILE D 168 8.26 -5.75 -20.06
N SER D 169 7.96 -6.86 -19.41
CA SER D 169 6.61 -7.26 -19.10
C SER D 169 6.54 -7.44 -17.60
N ILE D 170 5.41 -7.10 -17.01
CA ILE D 170 5.23 -7.20 -15.57
C ILE D 170 3.90 -7.87 -15.30
N GLN D 171 3.85 -8.67 -14.27
CA GLN D 171 2.65 -9.41 -13.90
C GLN D 171 2.18 -8.97 -12.53
N CYS D 172 0.87 -8.99 -12.33
CA CYS D 172 0.28 -8.68 -11.04
C CYS D 172 0.29 -9.92 -10.17
N ARG D 173 0.74 -9.76 -8.92
CA ARG D 173 0.85 -10.91 -8.02
C ARG D 173 -0.51 -11.51 -7.72
N SER D 174 -1.55 -10.69 -7.66
CA SER D 174 -2.87 -11.18 -7.30
C SER D 174 -3.61 -11.80 -8.48
N CYS D 175 -3.95 -10.99 -9.48
CA CYS D 175 -4.77 -11.46 -10.58
C CYS D 175 -3.96 -12.16 -11.66
N ARG D 176 -2.64 -12.01 -11.65
CA ARG D 176 -1.75 -12.63 -12.61
C ARG D 176 -1.97 -12.11 -14.02
N ASN D 177 -2.42 -10.88 -14.13
CA ASN D 177 -2.51 -10.23 -15.43
C ASN D 177 -1.24 -9.45 -15.71
N THR D 178 -1.02 -9.19 -16.98
CA THR D 178 0.26 -8.73 -17.48
C THR D 178 0.13 -7.35 -18.09
N LEU D 179 1.27 -6.70 -18.22
CA LEU D 179 1.42 -5.37 -18.74
C LEU D 179 2.57 -5.39 -19.75
N THR D 180 2.40 -6.19 -20.79
CA THR D 180 3.46 -6.54 -21.73
C THR D 180 3.99 -5.34 -22.51
N ASN D 181 5.24 -5.49 -22.95
CA ASN D 181 5.88 -4.65 -23.96
C ASN D 181 5.97 -3.20 -23.54
N ILE D 182 6.45 -2.97 -22.34
CA ILE D 182 6.71 -1.62 -21.88
C ILE D 182 8.05 -1.21 -22.43
N ALA D 183 8.08 -0.10 -23.14
CA ALA D 183 9.32 0.34 -23.76
C ALA D 183 10.18 1.05 -22.72
N MET D 184 11.44 0.65 -22.65
CA MET D 184 12.41 1.28 -21.79
C MET D 184 13.15 2.36 -22.57
N ARG D 185 13.46 3.45 -21.91
CA ARG D 185 14.25 4.46 -22.55
C ARG D 185 15.68 3.95 -22.74
N PRO D 186 16.34 4.35 -23.82
CA PRO D 186 17.73 3.96 -24.02
C PRO D 186 18.68 4.74 -23.13
N GLY D 187 19.83 4.16 -22.89
CA GLY D 187 20.83 4.80 -22.07
C GLY D 187 20.72 4.43 -20.61
N LEU D 188 21.45 5.18 -19.79
CA LEU D 188 21.41 5.04 -18.35
C LEU D 188 20.17 5.77 -17.83
N GLU D 189 19.05 5.07 -17.93
CA GLU D 189 17.78 5.59 -17.48
C GLU D 189 16.95 4.42 -16.98
N GLY D 190 16.30 4.59 -15.82
CA GLY D 190 15.53 3.54 -15.21
C GLY D 190 14.04 3.65 -15.51
N TYR D 191 13.26 2.90 -14.76
CA TYR D 191 11.83 2.86 -14.98
C TYR D 191 11.12 2.55 -13.67
N ALA D 192 10.16 3.39 -13.29
CA ALA D 192 9.35 3.16 -12.11
C ALA D 192 8.16 2.28 -12.44
N LEU D 193 8.01 1.18 -11.73
CA LEU D 193 6.90 0.28 -11.95
C LEU D 193 5.58 0.96 -11.56
N PRO D 194 4.49 0.63 -12.23
CA PRO D 194 3.19 1.13 -11.78
C PRO D 194 2.81 0.56 -10.43
N ARG D 195 2.18 1.38 -9.61
CA ARG D 195 1.85 0.97 -8.26
C ARG D 195 0.48 0.35 -8.13
N LYS D 196 -0.32 0.39 -9.17
CA LYS D 196 -1.69 -0.06 -9.13
C LYS D 196 -1.95 -0.95 -10.33
N CYS D 197 -2.62 -2.07 -10.10
CA CYS D 197 -2.97 -2.97 -11.21
C CYS D 197 -4.06 -2.32 -12.05
N ASN D 198 -3.76 -2.10 -13.32
CA ASN D 198 -4.69 -1.37 -14.16
C ASN D 198 -5.93 -2.18 -14.50
N THR D 199 -5.84 -3.50 -14.49
CA THR D 199 -7.00 -4.34 -14.78
C THR D 199 -7.63 -4.74 -13.45
N ASP D 200 -8.33 -3.79 -12.86
CA ASP D 200 -9.18 -4.06 -11.70
C ASP D 200 -10.65 -3.92 -12.08
N GLN D 201 -10.98 -4.41 -13.26
CA GLN D 201 -12.35 -4.53 -13.72
C GLN D 201 -12.80 -5.97 -13.93
N ALA D 202 -11.88 -6.87 -14.28
CA ALA D 202 -12.21 -8.29 -14.42
C ALA D 202 -12.66 -8.92 -13.11
N GLY D 203 -12.74 -8.15 -12.04
CA GLY D 203 -13.31 -8.59 -10.78
C GLY D 203 -13.46 -7.41 -9.84
N ARG D 204 -14.54 -7.38 -9.06
CA ARG D 204 -14.70 -6.33 -8.06
C ARG D 204 -13.64 -6.33 -6.97
N PRO D 205 -13.31 -7.46 -6.32
CA PRO D 205 -12.25 -7.41 -5.30
C PRO D 205 -10.91 -7.02 -5.90
N LYS D 206 -10.14 -6.25 -5.13
CA LYS D 206 -9.03 -5.50 -5.69
C LYS D 206 -7.68 -6.16 -5.39
N CYS D 207 -6.70 -5.75 -6.15
CA CYS D 207 -5.30 -6.09 -6.09
C CYS D 207 -4.57 -5.16 -5.13
N PRO D 208 -3.39 -5.51 -4.68
CA PRO D 208 -2.70 -4.72 -3.66
C PRO D 208 -2.00 -3.50 -4.25
N LEU D 209 -1.45 -2.66 -3.38
CA LEU D 209 -0.41 -1.75 -3.82
C LEU D 209 0.77 -2.52 -4.34
N ASP D 210 1.38 -2.00 -5.40
CA ASP D 210 2.61 -2.54 -5.95
C ASP D 210 2.46 -4.03 -6.26
N PRO D 211 1.54 -4.41 -7.13
CA PRO D 211 1.30 -5.81 -7.39
C PRO D 211 2.22 -6.43 -8.43
N TYR D 212 3.11 -5.64 -9.01
CA TYR D 212 3.78 -5.99 -10.26
C TYR D 212 5.18 -6.52 -10.02
N PHE D 213 5.51 -7.59 -10.73
CA PHE D 213 6.82 -8.19 -10.72
C PHE D 213 7.31 -8.30 -12.15
N ILE D 214 8.59 -7.97 -12.38
CA ILE D 214 9.15 -8.08 -13.71
C ILE D 214 9.14 -9.54 -14.15
N MET D 215 8.74 -9.79 -15.38
CA MET D 215 8.77 -11.12 -15.96
C MET D 215 10.06 -11.26 -16.74
N PRO D 216 11.09 -11.93 -16.20
CA PRO D 216 12.42 -11.82 -16.80
C PRO D 216 12.52 -12.45 -18.16
N ASP D 217 11.82 -13.56 -18.39
CA ASP D 217 11.84 -14.26 -19.66
C ASP D 217 10.97 -13.63 -20.72
N LYS D 218 10.14 -12.66 -20.37
CA LYS D 218 9.33 -11.94 -21.34
C LYS D 218 9.92 -10.61 -21.71
N CYS D 219 11.10 -10.29 -21.21
CA CYS D 219 11.74 -9.02 -21.48
C CYS D 219 12.67 -9.15 -22.67
N LYS D 220 12.67 -8.15 -23.54
CA LYS D 220 13.57 -8.10 -24.68
C LYS D 220 14.81 -7.32 -24.29
N CYS D 221 15.91 -8.01 -24.06
CA CYS D 221 17.14 -7.36 -23.66
C CYS D 221 18.05 -7.19 -24.85
N VAL D 222 18.91 -6.17 -24.78
CA VAL D 222 19.91 -5.92 -25.80
C VAL D 222 21.26 -5.79 -25.11
N ASP D 223 22.30 -5.80 -25.91
CA ASP D 223 23.64 -5.65 -25.39
C ASP D 223 23.89 -4.25 -24.88
N PHE D 224 24.99 -4.13 -24.16
CA PHE D 224 25.20 -3.11 -23.16
C PHE D 224 26.65 -3.11 -22.71
N GLN D 225 27.36 -2.03 -23.00
CA GLN D 225 28.71 -1.89 -22.53
C GLN D 225 28.93 -0.46 -22.08
N THR D 226 29.83 -0.30 -21.12
CA THR D 226 30.27 0.99 -20.63
C THR D 226 31.74 1.16 -20.94
N LEU D 227 32.11 2.30 -21.46
CA LEU D 227 33.50 2.59 -21.75
C LEU D 227 33.96 3.80 -20.95
N LYS D 228 35.23 3.80 -20.61
CA LYS D 228 35.87 4.97 -20.02
C LYS D 228 36.71 5.62 -21.09
N LEU D 229 36.42 6.87 -21.39
CA LEU D 229 37.16 7.63 -22.38
C LEU D 229 38.07 8.61 -21.66
N GLN D 230 39.31 8.66 -22.06
CA GLN D 230 40.23 9.64 -21.54
C GLN D 230 40.57 10.63 -22.64
N GLU D 231 40.83 11.87 -22.24
CA GLU D 231 41.25 12.88 -23.18
C GLU D 231 42.48 12.40 -23.95
N LEU D 232 42.54 12.75 -25.22
CA LEU D 232 43.70 12.38 -26.00
C LEU D 232 44.95 13.01 -25.40
N PRO D 233 46.05 12.27 -25.30
CA PRO D 233 47.23 12.83 -24.63
C PRO D 233 47.77 14.09 -25.29
N ASP D 234 47.62 14.23 -26.60
CA ASP D 234 48.10 15.43 -27.26
C ASP D 234 47.20 16.63 -26.99
N ALA D 235 45.95 16.40 -26.61
CA ALA D 235 44.98 17.45 -26.38
C ALA D 235 44.93 17.92 -24.94
N VAL D 236 45.66 17.29 -24.04
CA VAL D 236 45.66 17.73 -22.65
C VAL D 236 46.56 18.94 -22.54
N PRO D 237 46.08 20.06 -22.05
CA PRO D 237 46.96 21.21 -21.81
C PRO D 237 48.16 20.84 -20.96
N HIS D 238 49.20 21.67 -20.99
CA HIS D 238 50.53 21.21 -20.60
C HIS D 238 50.59 20.73 -19.16
N GLY D 239 50.40 21.61 -18.19
CA GLY D 239 50.33 21.09 -16.84
C GLY D 239 48.89 20.92 -16.44
N GLU D 240 48.34 19.73 -16.60
CA GLU D 240 46.89 19.63 -16.53
C GLU D 240 46.48 18.17 -16.43
N MET D 241 45.61 17.85 -15.48
CA MET D 241 45.09 16.50 -15.41
C MET D 241 44.17 16.22 -16.58
N PRO D 242 44.19 15.02 -17.13
CA PRO D 242 43.30 14.69 -18.25
C PRO D 242 41.84 14.67 -17.83
N ARG D 243 40.99 14.96 -18.80
CA ARG D 243 39.56 14.87 -18.61
C ARG D 243 39.09 13.48 -18.98
N HIS D 244 37.99 13.07 -18.39
CA HIS D 244 37.41 11.77 -18.66
C HIS D 244 35.95 11.92 -19.02
N MET D 245 35.42 10.90 -19.65
CA MET D 245 34.00 10.84 -19.95
C MET D 245 33.58 9.39 -19.95
N GLN D 246 32.41 9.13 -19.39
CA GLN D 246 31.80 7.82 -19.44
C GLN D 246 31.01 7.70 -20.72
N LEU D 247 31.18 6.59 -21.42
CA LEU D 247 30.46 6.33 -22.64
C LEU D 247 29.49 5.19 -22.43
N TYR D 248 28.38 5.24 -23.12
CA TYR D 248 27.39 4.19 -23.03
C TYR D 248 27.16 3.66 -24.43
N CYS D 249 27.61 2.44 -24.69
CA CYS D 249 27.40 1.82 -25.99
C CYS D 249 26.23 0.85 -25.89
N ASP D 250 25.82 0.37 -27.05
CA ASP D 250 24.58 -0.39 -27.17
C ASP D 250 24.77 -1.42 -28.25
N ARG D 251 23.67 -1.96 -28.72
CA ARG D 251 23.60 -3.27 -29.34
C ARG D 251 24.80 -3.67 -30.18
N TYR D 252 25.09 -2.95 -31.26
CA TYR D 252 26.21 -3.30 -32.10
C TYR D 252 27.38 -2.37 -31.92
N LEU D 253 27.25 -1.39 -31.05
CA LEU D 253 28.40 -0.62 -30.65
C LEU D 253 29.19 -1.30 -29.53
N CYS D 254 28.64 -2.36 -28.95
CA CYS D 254 29.33 -3.10 -27.91
C CYS D 254 30.44 -3.92 -28.51
N ASP D 255 31.62 -3.86 -27.89
CA ASP D 255 32.81 -4.58 -28.30
C ASP D 255 33.31 -4.16 -29.67
N LYS D 256 32.97 -2.95 -30.11
CA LYS D 256 33.55 -2.42 -31.32
C LYS D 256 34.92 -1.84 -31.10
N VAL D 257 35.29 -1.60 -29.84
CA VAL D 257 36.56 -0.97 -29.49
C VAL D 257 37.13 -1.72 -28.29
N VAL D 258 38.43 -1.52 -28.08
CA VAL D 258 39.13 -2.12 -26.94
C VAL D 258 39.87 -1.01 -26.22
N PRO D 259 40.18 -1.21 -24.94
CA PRO D 259 40.98 -0.21 -24.24
C PRO D 259 42.33 -0.03 -24.91
N GLY D 260 42.72 1.22 -25.06
CA GLY D 260 43.90 1.59 -25.79
C GLY D 260 43.63 2.13 -27.17
N ASN D 261 42.44 1.90 -27.71
CA ASN D 261 42.09 2.45 -29.01
C ASN D 261 41.91 3.95 -28.94
N ARG D 262 42.38 4.64 -29.98
CA ARG D 262 42.03 6.03 -30.21
C ARG D 262 40.76 6.04 -31.04
N VAL D 263 39.74 6.71 -30.56
CA VAL D 263 38.45 6.66 -31.22
C VAL D 263 37.93 8.07 -31.40
N THR D 264 36.98 8.20 -32.29
CA THR D 264 36.14 9.38 -32.41
C THR D 264 34.72 8.94 -32.12
N ILE D 265 34.12 9.52 -31.12
CA ILE D 265 32.80 9.12 -30.64
C ILE D 265 31.80 10.14 -31.10
N MET D 266 30.65 9.67 -31.56
CA MET D 266 29.53 10.51 -31.88
C MET D 266 28.34 10.07 -31.04
N GLY D 267 27.74 11.00 -30.34
CA GLY D 267 26.67 10.59 -29.46
C GLY D 267 26.04 11.75 -28.77
N ILE D 268 25.08 11.42 -27.91
CA ILE D 268 24.30 12.41 -27.20
C ILE D 268 24.96 12.69 -25.86
N TYR D 269 25.31 13.93 -25.63
CA TYR D 269 25.72 14.36 -24.30
C TYR D 269 24.50 14.32 -23.39
N SER D 270 24.49 13.41 -22.43
CA SER D 270 23.29 13.14 -21.66
C SER D 270 23.64 12.87 -20.21
N ILE D 271 22.65 13.00 -19.34
CA ILE D 271 22.80 12.78 -17.91
C ILE D 271 22.07 11.51 -17.52
N LYS D 272 22.48 10.94 -16.40
CA LYS D 272 21.84 9.74 -15.89
C LYS D 272 20.48 10.11 -15.32
N LYS D 273 19.47 9.31 -15.65
CA LYS D 273 18.12 9.57 -15.22
C LYS D 273 17.64 8.36 -14.45
N PHE D 274 17.96 8.34 -13.16
CA PHE D 274 17.57 7.22 -12.30
C PHE D 274 16.71 7.66 -11.13
N GLY D 275 16.24 8.90 -11.11
CA GLY D 275 15.12 9.23 -10.26
C GLY D 275 15.22 10.30 -9.19
N LEU D 276 16.10 11.27 -9.33
CA LEU D 276 16.24 12.38 -8.38
C LEU D 276 16.15 11.93 -6.92
N THR D 277 17.01 10.97 -6.58
CA THR D 277 17.17 10.50 -5.20
C THR D 277 18.65 10.55 -4.90
N THR D 278 19.13 11.71 -4.46
CA THR D 278 20.54 11.93 -4.18
C THR D 278 20.71 12.18 -2.70
N SER D 279 21.28 11.21 -1.99
CA SER D 279 21.48 11.28 -0.55
C SER D 279 22.87 10.77 -0.18
N ARG D 280 23.88 11.24 -0.91
CA ARG D 280 25.24 10.74 -0.71
C ARG D 280 25.77 11.03 0.68
N GLY D 281 26.97 10.54 0.97
CA GLY D 281 27.45 10.52 2.33
C GLY D 281 28.34 11.69 2.72
N ARG D 282 29.65 11.44 2.78
CA ARG D 282 30.58 12.45 3.26
C ARG D 282 30.79 13.58 2.25
N ASP D 283 30.93 13.23 0.98
CA ASP D 283 31.31 14.17 -0.07
C ASP D 283 30.05 14.75 -0.73
N ARG D 284 30.23 15.35 -1.90
CA ARG D 284 29.13 15.86 -2.74
C ARG D 284 28.33 16.95 -2.01
N VAL D 285 29.01 18.10 -1.83
CA VAL D 285 28.33 19.32 -1.44
C VAL D 285 27.53 19.92 -2.57
N GLY D 286 27.50 19.29 -3.73
CA GLY D 286 26.96 19.89 -4.94
C GLY D 286 25.54 19.42 -5.22
N VAL D 287 24.66 20.39 -5.44
CA VAL D 287 23.24 20.15 -5.62
C VAL D 287 22.88 20.43 -7.07
N GLY D 288 21.97 19.65 -7.61
CA GLY D 288 21.57 19.82 -8.98
C GLY D 288 22.53 19.24 -9.98
N ILE D 289 23.44 18.39 -9.53
CA ILE D 289 24.47 17.81 -10.37
C ILE D 289 24.14 16.36 -10.60
N ARG D 290 24.23 15.94 -11.85
CA ARG D 290 23.98 14.58 -12.25
C ARG D 290 25.13 14.10 -13.09
N SER D 291 25.29 12.78 -13.13
CA SER D 291 26.40 12.19 -13.86
C SER D 291 26.19 12.30 -15.35
N SER D 292 27.19 12.81 -16.05
CA SER D 292 27.16 12.92 -17.49
C SER D 292 27.73 11.68 -18.14
N TYR D 293 27.29 11.43 -19.36
CA TYR D 293 27.90 10.42 -20.20
C TYR D 293 27.54 10.77 -21.63
N ILE D 294 28.10 10.03 -22.56
CA ILE D 294 27.70 10.09 -23.95
C ILE D 294 26.96 8.81 -24.26
N ARG D 295 25.72 8.92 -24.71
CA ARG D 295 25.11 7.82 -25.43
C ARG D 295 25.78 7.71 -26.77
N VAL D 296 26.67 6.74 -26.93
CA VAL D 296 27.39 6.61 -28.19
C VAL D 296 26.41 6.25 -29.29
N LEU D 297 26.44 7.01 -30.38
CA LEU D 297 25.64 6.73 -31.56
C LEU D 297 26.47 6.24 -32.73
N GLY D 298 27.77 6.48 -32.73
CA GLY D 298 28.65 5.93 -33.73
C GLY D 298 30.08 6.03 -33.26
N ILE D 299 30.88 5.03 -33.63
CA ILE D 299 32.29 4.98 -33.26
C ILE D 299 33.12 4.82 -34.52
N GLN D 300 34.17 5.60 -34.63
CA GLN D 300 35.22 5.35 -35.60
C GLN D 300 36.51 5.12 -34.83
N VAL D 301 37.13 3.97 -35.03
CA VAL D 301 38.44 3.73 -34.47
C VAL D 301 39.47 4.43 -35.35
N ASP D 302 40.38 5.14 -34.72
CA ASP D 302 41.47 5.83 -35.40
C ASP D 302 42.68 4.90 -35.49
N THR D 303 43.82 5.46 -35.83
CA THR D 303 45.06 4.69 -35.88
C THR D 303 46.22 5.49 -35.28
N ALA D 311 44.81 -4.71 -41.08
CA ALA D 311 43.45 -4.82 -41.59
C ALA D 311 43.41 -4.81 -43.11
N GLY D 312 42.21 -4.73 -43.67
CA GLY D 312 42.04 -4.62 -45.11
C GLY D 312 41.72 -5.92 -45.81
N ALA D 313 40.45 -6.13 -46.15
CA ALA D 313 40.09 -7.28 -46.97
C ALA D 313 40.50 -7.01 -48.41
N VAL D 314 41.22 -7.97 -49.00
CA VAL D 314 41.83 -7.72 -50.30
C VAL D 314 40.76 -7.54 -51.36
N SER D 315 40.82 -6.42 -52.08
CA SER D 315 39.93 -6.22 -53.19
C SER D 315 40.45 -6.97 -54.42
N PRO D 316 39.56 -7.35 -55.33
CA PRO D 316 40.00 -8.17 -56.48
C PRO D 316 41.06 -7.51 -57.32
N GLN D 317 41.04 -6.19 -57.46
CA GLN D 317 42.13 -5.50 -58.16
C GLN D 317 43.44 -5.64 -57.42
N GLU D 318 43.43 -5.49 -56.09
CA GLU D 318 44.61 -5.75 -55.30
C GLU D 318 45.04 -7.20 -55.43
N GLU D 319 44.08 -8.12 -55.43
CA GLU D 319 44.42 -9.53 -55.56
C GLU D 319 45.13 -9.82 -56.88
N GLU D 320 44.60 -9.30 -57.98
CA GLU D 320 45.22 -9.57 -59.26
C GLU D 320 46.55 -8.83 -59.39
N GLU D 321 46.67 -7.68 -58.76
CA GLU D 321 47.97 -7.03 -58.69
C GLU D 321 48.99 -7.89 -57.96
N PHE D 322 48.59 -8.49 -56.85
CA PHE D 322 49.51 -9.36 -56.12
C PHE D 322 49.86 -10.57 -56.94
N ARG D 323 48.88 -11.11 -57.67
CA ARG D 323 49.14 -12.27 -58.50
C ARG D 323 50.17 -11.96 -59.58
N ARG D 324 50.00 -10.81 -60.24
CA ARG D 324 50.93 -10.43 -61.31
C ARG D 324 52.27 -9.95 -60.77
N LEU D 325 52.29 -9.42 -59.57
CA LEU D 325 53.54 -9.03 -58.94
C LEU D 325 54.37 -10.25 -58.58
N ALA D 326 53.74 -11.26 -57.98
CA ALA D 326 54.44 -12.48 -57.64
C ALA D 326 54.89 -13.24 -58.88
N ALA D 327 54.25 -12.99 -60.01
CA ALA D 327 54.63 -13.63 -61.26
C ALA D 327 55.79 -12.93 -61.94
N LEU D 328 56.24 -11.79 -61.43
CA LEU D 328 57.36 -11.10 -62.04
C LEU D 328 58.58 -12.00 -62.00
N PRO D 329 59.43 -11.91 -63.01
CA PRO D 329 60.67 -12.69 -62.98
C PRO D 329 61.50 -12.38 -61.76
N ASN D 330 61.86 -11.12 -61.58
CA ASN D 330 62.67 -10.69 -60.44
C ASN D 330 61.81 -10.13 -59.31
N VAL D 331 60.77 -10.85 -58.88
CA VAL D 331 60.00 -10.36 -57.75
C VAL D 331 60.86 -10.39 -56.50
N TYR D 332 61.79 -11.33 -56.42
CA TYR D 332 62.69 -11.40 -55.28
C TYR D 332 63.51 -10.13 -55.18
N GLU D 333 64.04 -9.65 -56.29
CA GLU D 333 64.91 -8.50 -56.24
C GLU D 333 64.13 -7.21 -56.03
N VAL D 334 62.94 -7.11 -56.62
CA VAL D 334 62.15 -5.92 -56.39
C VAL D 334 61.72 -5.84 -54.93
N ILE D 335 61.35 -6.97 -54.33
CA ILE D 335 61.04 -6.97 -52.90
C ILE D 335 62.28 -6.64 -52.08
N SER D 336 63.40 -7.29 -52.39
CA SER D 336 64.61 -7.14 -51.61
C SER D 336 65.13 -5.71 -51.61
N LYS D 337 65.17 -5.06 -52.75
CA LYS D 337 65.58 -3.66 -52.74
C LYS D 337 64.47 -2.77 -52.28
N SER D 338 63.25 -3.28 -52.21
CA SER D 338 62.13 -2.49 -51.75
C SER D 338 61.98 -2.45 -50.24
N ILE D 339 62.84 -3.12 -49.46
CA ILE D 339 62.47 -3.13 -48.05
C ILE D 339 62.97 -1.87 -47.38
N ALA D 340 64.26 -1.69 -47.21
CA ALA D 340 64.79 -0.56 -46.46
C ALA D 340 65.67 0.27 -47.37
N PRO D 341 65.08 0.90 -48.40
CA PRO D 341 65.91 1.55 -49.41
C PRO D 341 66.71 2.71 -48.88
N SER D 342 66.36 3.25 -47.72
CA SER D 342 67.09 4.36 -47.14
C SER D 342 68.35 3.91 -46.41
N ILE D 343 68.61 2.61 -46.33
CA ILE D 343 69.78 2.09 -45.64
C ILE D 343 70.82 1.69 -46.68
N PHE D 344 72.02 2.22 -46.54
CA PHE D 344 73.09 1.94 -47.49
C PHE D 344 73.63 0.54 -47.28
N GLY D 345 73.81 -0.19 -48.37
CA GLY D 345 74.43 -1.49 -48.27
C GLY D 345 73.52 -2.49 -47.57
N GLY D 346 74.14 -3.57 -47.09
CA GLY D 346 73.43 -4.61 -46.38
C GLY D 346 72.43 -5.34 -47.23
N THR D 347 72.83 -5.70 -48.45
CA THR D 347 71.88 -6.27 -49.39
C THR D 347 71.52 -7.70 -49.03
N ASP D 348 72.50 -8.51 -48.65
CA ASP D 348 72.22 -9.89 -48.25
C ASP D 348 71.32 -9.91 -47.03
N MET D 349 71.60 -9.03 -46.08
CA MET D 349 70.77 -8.95 -44.88
C MET D 349 69.35 -8.53 -45.23
N LYS D 350 69.21 -7.62 -46.19
CA LYS D 350 67.88 -7.22 -46.65
C LYS D 350 67.12 -8.36 -47.31
N LYS D 351 67.82 -9.18 -48.08
CA LYS D 351 67.18 -10.36 -48.66
C LYS D 351 66.73 -11.33 -47.57
N ALA D 352 67.57 -11.53 -46.56
CA ALA D 352 67.19 -12.36 -45.43
C ALA D 352 66.00 -11.79 -44.68
N ILE D 353 65.93 -10.47 -44.56
CA ILE D 353 64.77 -9.83 -43.95
C ILE D 353 63.52 -10.12 -44.75
N ALA D 354 63.61 -10.05 -46.07
CA ALA D 354 62.44 -10.36 -46.89
C ALA D 354 62.00 -11.80 -46.68
N CYS D 355 62.95 -12.71 -46.56
CA CYS D 355 62.60 -14.10 -46.28
C CYS D 355 61.89 -14.22 -44.92
N LEU D 356 62.42 -13.57 -43.90
CA LEU D 356 61.73 -13.53 -42.61
C LEU D 356 60.33 -12.98 -42.73
N LEU D 357 60.15 -11.94 -43.54
CA LEU D 357 58.85 -11.29 -43.65
C LEU D 357 57.84 -12.22 -44.28
N PHE D 358 58.25 -13.03 -45.25
CA PHE D 358 57.31 -13.98 -45.81
C PHE D 358 57.22 -15.24 -44.97
N GLY D 359 58.34 -15.74 -44.49
CA GLY D 359 58.32 -16.89 -43.62
C GLY D 359 58.19 -18.20 -44.38
N GLY D 360 58.49 -19.28 -43.68
CA GLY D 360 58.36 -20.60 -44.24
C GLY D 360 56.96 -21.14 -44.07
N SER D 361 56.85 -22.46 -44.12
CA SER D 361 55.57 -23.14 -43.99
C SER D 361 55.51 -23.85 -42.65
N ARG D 362 54.43 -23.65 -41.93
CA ARG D 362 54.21 -24.32 -40.66
C ARG D 362 53.48 -25.63 -40.92
N LYS D 363 54.13 -26.74 -40.57
CA LYS D 363 53.54 -28.06 -40.71
C LYS D 363 53.12 -28.62 -39.36
N ARG D 364 52.03 -29.37 -39.37
CA ARG D 364 51.70 -30.28 -38.28
C ARG D 364 51.66 -31.68 -38.83
N LEU D 365 52.55 -32.53 -38.35
CA LEU D 365 52.64 -33.90 -38.82
C LEU D 365 51.49 -34.72 -38.25
N PRO D 366 51.21 -35.88 -38.83
CA PRO D 366 50.08 -36.68 -38.34
C PRO D 366 50.20 -37.12 -36.89
N ASP D 367 51.42 -37.22 -36.37
CA ASP D 367 51.58 -37.60 -34.96
C ASP D 367 51.28 -36.47 -34.01
N GLY D 368 50.94 -35.29 -34.53
CA GLY D 368 50.61 -34.15 -33.70
C GLY D 368 51.74 -33.16 -33.52
N LEU D 369 52.94 -33.53 -33.91
CA LEU D 369 54.08 -32.63 -33.76
C LEU D 369 54.07 -31.58 -34.84
N THR D 370 54.64 -30.42 -34.52
CA THR D 370 54.57 -29.25 -35.37
C THR D 370 55.98 -28.82 -35.72
N ARG D 371 56.16 -28.35 -36.95
CA ARG D 371 57.38 -27.70 -37.38
C ARG D 371 57.06 -26.24 -37.62
N ARG D 372 57.85 -25.35 -37.04
CA ARG D 372 57.57 -23.94 -37.18
C ARG D 372 57.95 -23.47 -38.57
N GLY D 373 57.27 -22.43 -39.04
CA GLY D 373 57.56 -21.89 -40.34
C GLY D 373 58.29 -20.57 -40.25
N ASP D 374 58.17 -19.91 -39.11
CA ASP D 374 58.76 -18.59 -38.95
C ASP D 374 60.28 -18.66 -38.91
N ILE D 375 60.92 -17.71 -39.56
CA ILE D 375 62.37 -17.53 -39.54
C ILE D 375 62.73 -16.56 -38.44
N ASN D 376 63.84 -16.82 -37.76
CA ASN D 376 64.42 -15.91 -36.77
C ASN D 376 65.79 -15.46 -37.25
N LEU D 377 66.03 -14.15 -37.24
CA LEU D 377 67.34 -13.61 -37.55
C LEU D 377 67.96 -12.93 -36.35
N LEU D 378 69.28 -13.06 -36.26
CA LEU D 378 70.07 -12.32 -35.30
C LEU D 378 71.02 -11.43 -36.05
N MET D 379 71.08 -10.16 -35.68
CA MET D 379 72.04 -9.22 -36.23
C MET D 379 73.01 -8.86 -35.12
N LEU D 380 74.25 -9.30 -35.20
CA LEU D 380 75.29 -8.83 -34.31
C LEU D 380 76.17 -7.88 -35.08
N GLY D 381 76.58 -6.80 -34.44
CA GLY D 381 77.38 -5.86 -35.21
C GLY D 381 77.82 -4.69 -34.36
N ASP D 382 78.58 -3.82 -35.00
CA ASP D 382 79.07 -2.64 -34.34
C ASP D 382 77.94 -1.64 -34.14
N PRO D 383 78.03 -0.78 -33.15
CA PRO D 383 76.87 0.00 -32.74
C PRO D 383 76.56 1.23 -33.59
N GLY D 384 77.03 1.30 -34.82
CA GLY D 384 76.59 2.39 -35.65
C GLY D 384 75.78 1.97 -36.85
N THR D 385 75.92 0.70 -37.21
CA THR D 385 75.20 0.14 -38.36
C THR D 385 73.70 0.21 -38.13
N ALA D 386 72.95 0.45 -39.20
CA ALA D 386 71.53 0.75 -39.06
C ALA D 386 70.70 -0.49 -38.78
N LYS D 387 71.01 -1.21 -37.71
CA LYS D 387 70.24 -2.41 -37.47
C LYS D 387 69.05 -2.20 -36.57
N SER D 388 69.10 -1.27 -35.63
CA SER D 388 67.85 -0.83 -35.02
C SER D 388 66.95 -0.18 -36.05
N GLN D 389 67.52 0.62 -36.96
CA GLN D 389 66.71 1.18 -38.05
C GLN D 389 66.03 0.07 -38.83
N LEU D 390 66.71 -1.06 -38.98
CA LEU D 390 66.17 -2.12 -39.81
C LEU D 390 65.08 -2.88 -39.06
N LEU D 391 65.23 -3.04 -37.74
CA LEU D 391 64.13 -3.58 -36.95
C LEU D 391 62.92 -2.67 -36.97
N LYS D 392 63.14 -1.36 -36.92
CA LYS D 392 62.02 -0.43 -36.92
C LYS D 392 61.30 -0.44 -38.26
N PHE D 393 62.05 -0.54 -39.35
CA PHE D 393 61.41 -0.70 -40.64
C PHE D 393 60.59 -1.97 -40.66
N VAL D 394 61.13 -3.06 -40.13
CA VAL D 394 60.44 -4.34 -40.24
C VAL D 394 59.15 -4.34 -39.43
N GLU D 395 59.13 -3.66 -38.28
CA GLU D 395 57.86 -3.68 -37.58
C GLU D 395 56.88 -2.67 -38.18
N LYS D 396 57.35 -1.69 -38.95
CA LYS D 396 56.40 -0.98 -39.80
C LYS D 396 55.93 -1.81 -40.99
N CYS D 397 56.72 -2.79 -41.41
CA CYS D 397 56.42 -3.49 -42.64
C CYS D 397 55.68 -4.80 -42.44
N SER D 398 55.56 -5.25 -41.28
CA SER D 398 54.88 -6.53 -41.31
C SER D 398 53.44 -6.38 -40.87
N PRO D 399 52.56 -7.23 -41.38
CA PRO D 399 51.14 -7.10 -41.04
C PRO D 399 50.87 -7.13 -39.55
N ILE D 400 51.58 -7.95 -38.80
CA ILE D 400 51.63 -7.87 -37.34
C ILE D 400 53.08 -7.68 -36.96
N GLY D 401 53.34 -6.70 -36.11
CA GLY D 401 54.71 -6.41 -35.76
C GLY D 401 54.83 -5.64 -34.48
N VAL D 402 55.71 -6.07 -33.58
CA VAL D 402 55.94 -5.40 -32.32
C VAL D 402 57.42 -5.14 -32.18
N TYR D 403 57.79 -3.91 -31.89
CA TYR D 403 59.16 -3.55 -31.63
C TYR D 403 59.36 -3.46 -30.13
N THR D 404 60.41 -4.08 -29.64
CA THR D 404 60.63 -4.16 -28.21
C THR D 404 62.11 -4.31 -27.98
N SER D 405 62.51 -4.41 -26.72
CA SER D 405 63.90 -4.64 -26.39
C SER D 405 64.02 -5.93 -25.59
N GLY D 406 65.26 -6.28 -25.24
CA GLY D 406 65.47 -7.50 -24.49
C GLY D 406 64.77 -7.48 -23.16
N LYS D 407 64.75 -6.33 -22.49
CA LYS D 407 64.00 -6.18 -21.26
C LYS D 407 62.60 -5.65 -21.51
N GLY D 408 61.92 -6.24 -22.47
CA GLY D 408 60.60 -5.78 -22.81
C GLY D 408 60.57 -4.34 -23.26
N SER D 409 59.44 -3.72 -23.03
CA SER D 409 59.18 -2.34 -23.42
C SER D 409 58.86 -1.53 -22.18
N SER D 410 58.50 -0.27 -22.38
CA SER D 410 58.06 0.59 -21.29
C SER D 410 56.60 0.30 -20.98
N ALA D 411 56.34 -0.48 -19.95
CA ALA D 411 55.00 -0.90 -19.54
C ALA D 411 54.42 -2.00 -20.42
N ALA D 412 55.25 -2.67 -21.21
CA ALA D 412 54.86 -3.91 -21.86
C ALA D 412 56.02 -4.88 -21.76
N GLY D 413 55.75 -6.11 -21.35
CA GLY D 413 56.79 -7.09 -21.16
C GLY D 413 57.25 -7.71 -22.45
N LEU D 414 58.18 -8.64 -22.33
CA LEU D 414 58.66 -9.34 -23.51
C LEU D 414 57.89 -10.62 -23.78
N THR D 415 57.52 -11.34 -22.75
CA THR D 415 56.69 -12.52 -22.86
C THR D 415 55.42 -12.28 -22.07
N ALA D 416 54.62 -13.31 -21.91
CA ALA D 416 53.37 -13.19 -21.19
C ALA D 416 53.52 -13.56 -19.72
N SER D 417 52.69 -12.93 -18.90
CA SER D 417 52.53 -13.28 -17.50
C SER D 417 51.06 -13.46 -17.20
N VAL D 418 50.76 -14.40 -16.33
CA VAL D 418 49.38 -14.73 -15.95
C VAL D 418 49.25 -14.54 -14.45
N MET D 419 48.31 -13.71 -14.03
CA MET D 419 48.01 -13.50 -12.62
C MET D 419 46.54 -13.81 -12.41
N ARG D 420 46.22 -14.40 -11.28
CA ARG D 420 44.82 -14.51 -10.89
C ARG D 420 44.44 -13.29 -10.07
N ASP D 421 43.31 -12.70 -10.39
CA ASP D 421 42.79 -11.61 -9.58
C ASP D 421 42.29 -12.17 -8.26
N PRO D 422 42.79 -11.69 -7.12
CA PRO D 422 42.31 -12.23 -5.84
C PRO D 422 40.84 -11.96 -5.56
N SER D 423 40.25 -10.93 -6.16
CA SER D 423 38.86 -10.61 -5.85
C SER D 423 37.88 -11.40 -6.72
N SER D 424 37.94 -11.21 -8.04
CA SER D 424 37.03 -11.90 -8.94
C SER D 424 37.48 -13.30 -9.28
N ARG D 425 38.71 -13.66 -8.96
CA ARG D 425 39.29 -14.97 -9.20
C ARG D 425 39.47 -15.26 -10.69
N ASN D 426 39.39 -14.25 -11.53
CA ASN D 426 39.70 -14.43 -12.95
C ASN D 426 41.20 -14.53 -13.12
N PHE D 427 41.60 -15.09 -14.25
CA PHE D 427 43.00 -15.19 -14.62
C PHE D 427 43.31 -14.09 -15.61
N ILE D 428 44.07 -13.11 -15.18
CA ILE D 428 44.48 -12.01 -16.05
C ILE D 428 45.77 -12.41 -16.74
N MET D 429 45.74 -12.46 -18.06
CA MET D 429 46.92 -12.74 -18.86
C MET D 429 47.41 -11.43 -19.42
N GLU D 430 48.43 -10.85 -18.80
CA GLU D 430 49.06 -9.66 -19.34
C GLU D 430 49.93 -10.07 -20.52
N GLY D 431 49.74 -9.41 -21.66
CA GLY D 431 50.39 -9.82 -22.88
C GLY D 431 51.68 -9.04 -23.10
N GLY D 432 52.75 -9.78 -23.36
CA GLY D 432 54.00 -9.20 -23.76
C GLY D 432 54.15 -9.22 -25.27
N ALA D 433 55.32 -8.81 -25.73
CA ALA D 433 55.55 -8.69 -27.16
C ALA D 433 55.38 -10.03 -27.88
N MET D 434 55.80 -11.11 -27.23
CA MET D 434 55.77 -12.41 -27.91
C MET D 434 54.35 -12.89 -28.18
N VAL D 435 53.41 -12.61 -27.29
CA VAL D 435 52.03 -13.06 -27.52
C VAL D 435 51.19 -11.98 -28.18
N LEU D 436 51.62 -10.73 -28.17
CA LEU D 436 50.91 -9.71 -28.92
C LEU D 436 51.21 -9.81 -30.41
N ALA D 437 52.38 -10.32 -30.76
CA ALA D 437 52.78 -10.44 -32.15
C ALA D 437 52.57 -11.83 -32.70
N ASP D 438 51.70 -12.61 -32.08
CA ASP D 438 51.35 -13.92 -32.61
C ASP D 438 50.86 -13.79 -34.04
N GLY D 439 51.57 -14.43 -34.96
CA GLY D 439 51.28 -14.28 -36.37
C GLY D 439 52.03 -13.17 -37.06
N GLY D 440 53.05 -12.61 -36.44
CA GLY D 440 53.81 -11.51 -37.04
C GLY D 440 55.25 -11.59 -36.67
N VAL D 441 55.88 -10.44 -36.51
CA VAL D 441 57.29 -10.33 -36.20
C VAL D 441 57.45 -9.66 -34.84
N VAL D 442 58.37 -10.16 -34.04
CA VAL D 442 58.84 -9.46 -32.85
C VAL D 442 60.25 -8.98 -33.13
N CYS D 443 60.43 -7.68 -33.15
CA CYS D 443 61.75 -7.10 -33.29
C CYS D 443 62.27 -6.84 -31.89
N ILE D 444 63.28 -7.58 -31.48
CA ILE D 444 63.82 -7.53 -30.13
C ILE D 444 65.19 -6.85 -30.22
N ASP D 445 65.24 -5.58 -29.87
CA ASP D 445 66.47 -4.82 -29.90
C ASP D 445 67.23 -5.04 -28.61
N GLU D 446 68.55 -4.95 -28.68
CA GLU D 446 69.41 -5.25 -27.55
C GLU D 446 69.12 -6.63 -26.99
N PHE D 447 69.14 -7.62 -27.88
CA PHE D 447 68.73 -8.97 -27.54
C PHE D 447 69.53 -9.57 -26.40
N ASP D 448 70.75 -9.13 -26.19
CA ASP D 448 71.62 -9.74 -25.19
C ASP D 448 71.35 -9.27 -23.77
N LYS D 449 70.33 -8.48 -23.54
CA LYS D 449 70.02 -7.97 -22.21
C LYS D 449 68.66 -8.42 -21.69
N MET D 450 68.34 -9.70 -21.78
CA MET D 450 67.11 -10.16 -21.15
C MET D 450 67.34 -10.45 -19.67
N ARG D 451 66.25 -10.55 -18.94
CA ARG D 451 66.29 -11.16 -17.63
C ARG D 451 66.00 -12.65 -17.76
N GLU D 452 66.42 -13.42 -16.77
CA GLU D 452 66.64 -14.84 -16.97
C GLU D 452 65.36 -15.59 -17.32
N ASP D 453 64.27 -15.27 -16.64
CA ASP D 453 63.01 -15.92 -16.97
C ASP D 453 62.57 -15.59 -18.39
N ASP D 454 62.93 -14.40 -18.88
CA ASP D 454 62.65 -14.08 -20.27
C ASP D 454 63.44 -14.96 -21.23
N ARG D 455 64.72 -15.22 -20.90
CA ARG D 455 65.49 -16.13 -21.74
C ARG D 455 64.90 -17.51 -21.76
N VAL D 456 64.49 -18.03 -20.61
CA VAL D 456 63.93 -19.36 -20.62
C VAL D 456 62.64 -19.39 -21.44
N ALA D 457 61.81 -18.37 -21.27
CA ALA D 457 60.56 -18.31 -22.00
C ALA D 457 60.80 -18.22 -23.49
N ILE D 458 61.79 -17.45 -23.94
CA ILE D 458 62.04 -17.38 -25.37
C ILE D 458 62.67 -18.66 -25.87
N HIS D 459 63.42 -19.37 -25.03
CA HIS D 459 63.87 -20.70 -25.40
C HIS D 459 62.70 -21.52 -25.87
N GLU D 460 61.66 -21.55 -25.08
CA GLU D 460 60.51 -22.37 -25.42
C GLU D 460 59.53 -21.69 -26.38
N ALA D 461 59.68 -20.40 -26.65
CA ALA D 461 58.76 -19.72 -27.54
C ALA D 461 59.32 -19.53 -28.95
N MET D 462 60.63 -19.57 -29.12
CA MET D 462 61.22 -19.45 -30.44
C MET D 462 61.20 -20.75 -31.22
N GLU D 463 61.13 -21.90 -30.56
CA GLU D 463 61.08 -23.17 -31.25
C GLU D 463 59.70 -23.79 -31.23
N GLN D 464 59.11 -24.02 -30.05
CA GLN D 464 57.80 -24.62 -30.01
C GLN D 464 56.70 -23.64 -30.34
N GLN D 465 57.01 -22.35 -30.34
CA GLN D 465 56.06 -21.29 -30.67
C GLN D 465 54.92 -21.23 -29.67
N THR D 466 55.17 -21.63 -28.44
CA THR D 466 54.21 -21.53 -27.36
C THR D 466 54.91 -20.95 -26.15
N ILE D 467 54.13 -20.40 -25.24
CA ILE D 467 54.63 -20.00 -23.94
C ILE D 467 53.77 -20.68 -22.90
N SER D 468 54.40 -21.54 -22.10
CA SER D 468 53.70 -22.45 -21.20
C SER D 468 53.80 -21.92 -19.79
N ILE D 469 52.67 -21.70 -19.14
CA ILE D 469 52.62 -21.08 -17.83
C ILE D 469 51.78 -21.95 -16.91
N ALA D 470 52.31 -22.25 -15.74
CA ALA D 470 51.57 -22.95 -14.70
C ALA D 470 51.55 -22.08 -13.46
N LYS D 471 50.36 -21.68 -13.05
CA LYS D 471 50.15 -21.01 -11.78
C LYS D 471 49.57 -22.00 -10.79
N ALA D 472 49.28 -21.51 -9.59
CA ALA D 472 48.56 -22.36 -8.64
C ALA D 472 47.13 -22.60 -9.11
N GLY D 473 46.57 -21.70 -9.90
CA GLY D 473 45.26 -21.98 -10.42
C GLY D 473 45.31 -22.93 -11.58
N ILE D 474 45.96 -22.52 -12.67
CA ILE D 474 45.82 -23.18 -13.95
C ILE D 474 47.16 -23.43 -14.59
N THR D 475 47.12 -24.18 -15.68
CA THR D 475 48.22 -24.38 -16.58
C THR D 475 47.73 -23.98 -17.97
N THR D 476 48.44 -23.07 -18.61
CA THR D 476 48.07 -22.63 -19.94
C THR D 476 49.28 -22.63 -20.85
N THR D 477 49.02 -22.86 -22.13
CA THR D 477 50.02 -22.79 -23.19
C THR D 477 49.56 -21.72 -24.17
N LEU D 478 50.21 -20.58 -24.16
CA LEU D 478 49.83 -19.49 -25.05
C LEU D 478 50.55 -19.61 -26.38
N ASN D 479 49.91 -19.12 -27.43
CA ASN D 479 50.47 -19.19 -28.76
C ASN D 479 51.36 -17.99 -29.00
N SER D 480 52.60 -18.22 -29.36
CA SER D 480 53.48 -17.17 -29.82
C SER D 480 54.08 -17.62 -31.13
N ARG D 481 53.31 -17.48 -32.21
CA ARG D 481 53.74 -17.86 -33.54
C ARG D 481 54.27 -16.61 -34.22
N CYS D 482 55.49 -16.24 -33.85
CA CYS D 482 56.08 -15.01 -34.32
C CYS D 482 57.50 -15.26 -34.80
N SER D 483 57.92 -14.44 -35.76
CA SER D 483 59.31 -14.41 -36.17
C SER D 483 60.07 -13.46 -35.26
N VAL D 484 61.25 -13.88 -34.83
CA VAL D 484 62.09 -13.06 -33.99
C VAL D 484 63.15 -12.44 -34.87
N LEU D 485 63.21 -11.12 -34.90
CA LEU D 485 64.27 -10.40 -35.56
C LEU D 485 65.02 -9.63 -34.48
N ALA D 486 66.23 -10.08 -34.16
CA ALA D 486 66.96 -9.59 -33.01
C ALA D 486 68.21 -8.84 -33.43
N ALA D 487 68.62 -7.91 -32.60
CA ALA D 487 69.85 -7.17 -32.83
C ALA D 487 70.62 -7.08 -31.52
N ALA D 488 71.94 -7.19 -31.62
CA ALA D 488 72.79 -7.10 -30.45
C ALA D 488 74.15 -6.60 -30.90
N ASN D 489 74.91 -6.08 -29.94
CA ASN D 489 76.29 -5.70 -30.18
C ASN D 489 77.20 -6.88 -29.88
N SER D 490 78.50 -6.64 -29.92
CA SER D 490 79.44 -7.63 -29.46
C SER D 490 79.56 -7.57 -27.94
N VAL D 491 80.29 -8.53 -27.38
CA VAL D 491 80.42 -8.57 -25.92
C VAL D 491 81.06 -7.30 -25.41
N PHE D 492 82.12 -6.84 -26.06
CA PHE D 492 82.87 -5.69 -25.58
C PHE D 492 82.33 -4.37 -26.09
N GLY D 493 81.72 -4.37 -27.27
CA GLY D 493 81.15 -3.15 -27.81
C GLY D 493 81.44 -2.99 -29.28
N ARG D 494 82.62 -3.44 -29.71
CA ARG D 494 82.99 -3.50 -31.11
C ARG D 494 83.56 -4.87 -31.40
N TRP D 495 83.07 -5.49 -32.47
CA TRP D 495 83.59 -6.79 -32.88
C TRP D 495 85.04 -6.64 -33.31
N ASP D 496 85.96 -7.25 -32.56
CA ASP D 496 87.38 -7.26 -32.91
C ASP D 496 87.79 -8.68 -33.28
N GLU D 497 88.46 -8.81 -34.43
CA GLU D 497 88.84 -10.12 -34.95
C GLU D 497 89.91 -10.82 -34.12
N THR D 498 90.59 -10.11 -33.23
CA THR D 498 91.58 -10.77 -32.38
C THR D 498 90.92 -11.73 -31.41
N LYS D 499 89.70 -11.44 -30.98
CA LYS D 499 88.97 -12.23 -30.00
C LYS D 499 87.77 -12.91 -30.64
N GLY D 500 87.96 -13.46 -31.83
CA GLY D 500 86.87 -14.14 -32.50
C GLY D 500 86.32 -15.27 -31.66
N GLU D 501 85.03 -15.53 -31.83
CA GLU D 501 84.24 -16.52 -31.09
C GLU D 501 84.10 -16.15 -29.62
N ASP D 502 84.76 -15.09 -29.17
CA ASP D 502 84.60 -14.56 -27.84
C ASP D 502 83.81 -13.26 -27.84
N ASN D 503 83.40 -12.79 -29.01
CA ASN D 503 82.63 -11.56 -29.10
C ASN D 503 81.15 -11.77 -28.89
N ILE D 504 80.70 -13.02 -28.76
CA ILE D 504 79.31 -13.33 -28.53
C ILE D 504 79.20 -14.05 -27.20
N ASP D 505 78.26 -13.59 -26.36
CA ASP D 505 78.05 -14.17 -25.05
C ASP D 505 76.77 -14.99 -25.00
N PHE D 506 76.16 -15.26 -26.15
CA PHE D 506 74.97 -16.07 -26.18
C PHE D 506 75.32 -17.54 -25.98
N MET D 507 74.49 -18.24 -25.23
CA MET D 507 74.73 -19.65 -25.02
C MET D 507 74.35 -20.43 -26.27
N PRO D 508 74.92 -21.62 -26.45
CA PRO D 508 74.72 -22.34 -27.71
C PRO D 508 73.28 -22.67 -28.00
N THR D 509 72.42 -22.69 -26.98
CA THR D 509 71.05 -23.11 -27.20
C THR D 509 70.18 -21.99 -27.75
N ILE D 510 70.61 -20.74 -27.63
CA ILE D 510 69.91 -19.65 -28.31
C ILE D 510 70.37 -19.52 -29.75
N LEU D 511 71.68 -19.56 -29.97
CA LEU D 511 72.19 -19.43 -31.33
C LEU D 511 71.73 -20.56 -32.23
N SER D 512 71.24 -21.66 -31.67
CA SER D 512 70.59 -22.68 -32.47
C SER D 512 69.23 -22.22 -32.96
N ARG D 513 68.51 -21.45 -32.15
CA ARG D 513 67.16 -21.03 -32.46
C ARG D 513 67.10 -20.04 -33.62
N PHE D 514 68.24 -19.53 -34.06
CA PHE D 514 68.26 -18.49 -35.07
C PHE D 514 68.64 -19.09 -36.43
N ASP D 515 67.77 -18.89 -37.41
CA ASP D 515 68.03 -19.44 -38.72
C ASP D 515 69.26 -18.81 -39.36
N MET D 516 69.37 -17.50 -39.27
CA MET D 516 70.49 -16.79 -39.83
C MET D 516 71.06 -15.83 -38.80
N ILE D 517 72.38 -15.80 -38.71
CA ILE D 517 73.09 -14.93 -37.80
C ILE D 517 74.03 -14.10 -38.65
N PHE D 518 73.85 -12.80 -38.65
CA PHE D 518 74.70 -11.92 -39.42
C PHE D 518 75.66 -11.20 -38.48
N ILE D 519 76.92 -11.16 -38.85
CA ILE D 519 77.92 -10.33 -38.18
C ILE D 519 78.20 -9.14 -39.07
N VAL D 520 78.31 -7.98 -38.45
CA VAL D 520 78.47 -6.70 -39.14
C VAL D 520 79.66 -5.99 -38.51
N LYS D 521 80.55 -5.45 -39.34
CA LYS D 521 81.71 -4.72 -38.85
C LYS D 521 81.74 -3.31 -39.41
N ASP D 522 82.72 -2.51 -38.94
CA ASP D 522 83.02 -1.19 -39.51
C ASP D 522 84.51 -0.84 -39.51
N GLU D 523 85.42 -1.81 -39.54
CA GLU D 523 86.80 -1.48 -39.15
C GLU D 523 87.51 -0.59 -40.17
N HIS D 524 87.41 -0.88 -41.46
CA HIS D 524 88.28 -0.17 -42.41
C HIS D 524 87.67 -0.11 -43.80
N ASN D 525 87.30 1.08 -44.25
CA ASN D 525 87.21 1.36 -45.67
C ASN D 525 87.20 2.87 -45.86
N GLU D 526 88.25 3.41 -46.48
CA GLU D 526 88.27 4.84 -46.75
C GLU D 526 87.19 5.22 -47.75
N GLU D 527 87.01 4.43 -48.80
CA GLU D 527 85.99 4.79 -49.78
C GLU D 527 84.67 4.10 -49.46
N ARG D 528 84.26 4.18 -48.20
CA ARG D 528 82.86 4.17 -47.84
C ARG D 528 82.63 5.57 -47.30
N ASP D 529 82.40 6.46 -48.25
CA ASP D 529 82.38 7.90 -48.14
C ASP D 529 81.15 8.31 -48.94
N VAL D 530 80.81 7.42 -49.88
CA VAL D 530 79.52 7.49 -50.55
C VAL D 530 78.40 7.25 -49.55
N MET D 531 78.72 6.62 -48.43
CA MET D 531 77.75 6.41 -47.37
C MET D 531 77.41 7.73 -46.68
N LEU D 532 78.42 8.58 -46.51
CA LEU D 532 78.23 9.93 -46.03
C LEU D 532 77.35 10.73 -46.96
N ALA D 533 77.74 10.72 -48.24
CA ALA D 533 76.96 11.40 -49.24
C ALA D 533 75.55 10.87 -49.27
N LYS D 534 75.37 9.58 -48.98
CA LYS D 534 74.03 9.02 -49.00
C LYS D 534 73.19 9.56 -47.85
N HIS D 535 73.76 9.65 -46.67
CA HIS D 535 73.01 10.23 -45.57
C HIS D 535 72.66 11.67 -45.85
N VAL D 536 73.61 12.44 -46.36
CA VAL D 536 73.29 13.83 -46.65
C VAL D 536 72.20 13.90 -47.71
N ILE D 537 72.29 13.08 -48.76
CA ILE D 537 71.25 13.10 -49.80
C ILE D 537 69.89 12.75 -49.22
N THR D 538 69.82 11.71 -48.38
CA THR D 538 68.52 11.34 -47.82
C THR D 538 67.96 12.46 -46.95
N LEU D 539 68.81 13.19 -46.23
CA LEU D 539 68.24 14.26 -45.44
C LEU D 539 67.95 15.52 -46.26
N HIS D 540 68.49 15.63 -47.48
CA HIS D 540 67.96 16.58 -48.46
C HIS D 540 66.66 16.10 -49.07
N VAL D 541 66.66 14.93 -49.72
CA VAL D 541 65.55 14.53 -50.57
C VAL D 541 64.52 13.88 -49.65
N SER D 542 63.79 14.73 -48.96
CA SER D 542 62.57 14.33 -48.27
C SER D 542 61.34 14.99 -48.89
N ALA D 543 61.47 15.41 -50.15
CA ALA D 543 60.35 15.65 -51.05
C ALA D 543 60.34 14.61 -52.17
N LEU D 544 61.00 13.48 -51.95
CA LEU D 544 61.22 12.46 -52.96
C LEU D 544 59.97 11.67 -53.29
N VAL D 550 60.23 5.49 -55.18
CA VAL D 550 59.47 4.92 -56.27
C VAL D 550 60.39 4.59 -57.45
N GLU D 551 61.57 4.09 -57.14
CA GLU D 551 62.57 3.73 -58.14
C GLU D 551 62.33 2.35 -58.73
N GLY D 552 61.10 1.87 -58.69
CA GLY D 552 60.80 0.51 -59.07
C GLY D 552 60.68 -0.33 -57.82
N GLU D 553 60.15 0.25 -56.76
CA GLU D 553 60.12 -0.38 -55.46
C GLU D 553 58.73 -0.24 -54.87
N ILE D 554 58.32 -1.26 -54.13
CA ILE D 554 56.96 -1.34 -53.61
C ILE D 554 56.86 -0.47 -52.37
N ASP D 555 55.84 0.38 -52.33
CA ASP D 555 55.68 1.24 -51.17
C ASP D 555 55.22 0.42 -49.97
N LEU D 556 55.34 1.02 -48.79
CA LEU D 556 55.20 0.27 -47.54
C LEU D 556 53.85 -0.41 -47.43
N ALA D 557 52.77 0.31 -47.76
CA ALA D 557 51.44 -0.26 -47.57
C ALA D 557 51.19 -1.41 -48.53
N LYS D 558 51.57 -1.26 -49.79
CA LYS D 558 51.39 -2.37 -50.72
C LYS D 558 52.28 -3.53 -50.36
N LEU D 559 53.50 -3.26 -49.88
CA LEU D 559 54.37 -4.35 -49.46
C LEU D 559 53.77 -5.11 -48.29
N LYS D 560 53.20 -4.40 -47.32
CA LYS D 560 52.57 -5.05 -46.19
C LYS D 560 51.40 -5.92 -46.64
N LYS D 561 50.55 -5.41 -47.52
CA LYS D 561 49.41 -6.18 -47.94
C LYS D 561 49.80 -7.36 -48.82
N PHE D 562 50.84 -7.19 -49.63
CA PHE D 562 51.35 -8.31 -50.41
C PHE D 562 51.89 -9.40 -49.51
N ILE D 563 52.61 -9.02 -48.45
CA ILE D 563 53.13 -10.00 -47.52
C ILE D 563 51.98 -10.76 -46.89
N ALA D 564 50.95 -10.05 -46.44
CA ALA D 564 49.82 -10.72 -45.81
C ALA D 564 49.14 -11.67 -46.78
N TYR D 565 48.94 -11.22 -48.02
CA TYR D 565 48.29 -12.06 -49.02
C TYR D 565 49.09 -13.33 -49.28
N CYS D 566 50.38 -13.19 -49.55
CA CYS D 566 51.20 -14.37 -49.78
C CYS D 566 51.15 -15.31 -48.58
N ARG D 567 51.22 -14.76 -47.37
CA ARG D 567 51.26 -15.63 -46.20
C ARG D 567 49.97 -16.40 -46.02
N VAL D 568 48.83 -15.80 -46.38
CA VAL D 568 47.58 -16.53 -46.21
C VAL D 568 47.33 -17.50 -47.36
N LYS D 569 47.79 -17.18 -48.56
CA LYS D 569 47.51 -18.04 -49.71
C LYS D 569 48.44 -19.24 -49.80
N CYS D 570 49.72 -19.00 -50.03
CA CYS D 570 50.63 -20.05 -50.42
C CYS D 570 51.43 -20.53 -49.22
N GLY D 571 51.39 -21.83 -48.96
CA GLY D 571 52.36 -22.47 -48.14
C GLY D 571 53.02 -23.59 -48.91
N PRO D 572 54.26 -23.40 -49.30
CA PRO D 572 54.91 -24.34 -50.21
C PRO D 572 55.47 -25.55 -49.49
N ARG D 573 55.97 -26.49 -50.29
CA ARG D 573 56.77 -27.60 -49.81
C ARG D 573 57.95 -27.73 -50.74
N LEU D 574 59.00 -28.40 -50.27
CA LEU D 574 60.14 -28.64 -51.12
C LEU D 574 59.76 -29.62 -52.23
N SER D 575 60.51 -29.58 -53.31
CA SER D 575 60.42 -30.61 -54.32
C SER D 575 61.43 -31.71 -54.01
N ALA D 576 61.30 -32.84 -54.70
CA ALA D 576 62.14 -33.99 -54.39
C ALA D 576 63.60 -33.70 -54.65
N GLU D 577 63.92 -33.13 -55.80
CA GLU D 577 65.32 -32.84 -56.11
C GLU D 577 65.85 -31.69 -55.25
N ALA D 578 64.99 -30.75 -54.89
CA ALA D 578 65.40 -29.73 -53.94
C ALA D 578 65.79 -30.35 -52.60
N ALA D 579 64.99 -31.31 -52.14
CA ALA D 579 65.30 -32.00 -50.90
C ALA D 579 66.60 -32.78 -51.00
N GLU D 580 66.84 -33.43 -52.14
CA GLU D 580 68.09 -34.17 -52.28
C GLU D 580 69.30 -33.24 -52.26
N LYS D 581 69.21 -32.12 -52.98
CA LYS D 581 70.32 -31.18 -52.98
C LYS D 581 70.56 -30.63 -51.59
N LEU D 582 69.47 -30.31 -50.88
CA LEU D 582 69.61 -29.76 -49.54
C LEU D 582 70.24 -30.78 -48.59
N LYS D 583 69.84 -32.04 -48.71
CA LYS D 583 70.44 -33.08 -47.86
C LYS D 583 71.93 -33.17 -48.08
N ASN D 584 72.36 -33.18 -49.34
CA ASN D 584 73.79 -33.33 -49.60
C ASN D 584 74.57 -32.11 -49.13
N ARG D 585 74.03 -30.91 -49.36
CA ARG D 585 74.71 -29.71 -48.89
C ARG D 585 74.76 -29.65 -47.37
N TYR D 586 73.70 -30.12 -46.71
CA TYR D 586 73.68 -30.15 -45.26
C TYR D 586 74.73 -31.09 -44.72
N ILE D 587 74.90 -32.25 -45.34
CA ILE D 587 75.93 -33.17 -44.89
C ILE D 587 77.31 -32.56 -45.05
N ILE D 588 77.55 -31.88 -46.17
CA ILE D 588 78.84 -31.23 -46.36
C ILE D 588 79.06 -30.15 -45.30
N MET D 589 78.02 -29.35 -45.02
CA MET D 589 78.16 -28.27 -44.04
C MET D 589 78.45 -28.81 -42.65
N ARG D 590 77.77 -29.88 -42.26
CA ARG D 590 78.00 -30.43 -40.94
C ARG D 590 79.39 -31.03 -40.84
N SER D 591 79.84 -31.70 -41.90
CA SER D 591 81.21 -32.21 -41.90
C SER D 591 82.20 -31.07 -41.76
N GLY D 592 81.95 -29.96 -42.46
CA GLY D 592 82.83 -28.81 -42.34
C GLY D 592 82.86 -28.24 -40.94
N ALA D 593 81.69 -28.11 -40.32
CA ALA D 593 81.64 -27.56 -38.96
C ALA D 593 82.36 -28.47 -37.98
N ARG D 594 82.14 -29.79 -38.09
CA ARG D 594 82.83 -30.72 -37.20
C ARG D 594 84.33 -30.62 -37.38
N GLN D 595 84.78 -30.56 -38.62
CA GLN D 595 86.21 -30.50 -38.86
C GLN D 595 86.80 -29.20 -38.33
N HIS D 596 86.08 -28.09 -38.51
CA HIS D 596 86.59 -26.82 -38.00
C HIS D 596 86.73 -26.85 -36.49
N GLU D 597 85.76 -27.45 -35.81
CA GLU D 597 85.89 -27.59 -34.36
C GLU D 597 87.08 -28.44 -33.98
N ARG D 598 87.27 -29.57 -34.66
CA ARG D 598 88.42 -30.42 -34.32
C ARG D 598 89.74 -29.71 -34.58
N ASP D 599 89.86 -29.03 -35.72
CA ASP D 599 91.09 -28.35 -36.07
C ASP D 599 91.39 -27.25 -35.05
N SER D 600 90.41 -26.39 -34.79
CA SER D 600 90.59 -25.38 -33.75
C SER D 600 90.59 -25.98 -32.35
N ASP D 601 90.19 -27.24 -32.22
CA ASP D 601 90.22 -27.96 -30.94
C ASP D 601 89.43 -27.23 -29.87
N ARG D 602 88.32 -26.60 -30.27
CA ARG D 602 87.42 -25.95 -29.33
C ARG D 602 86.02 -25.94 -29.92
N ARG D 603 85.02 -26.02 -29.05
CA ARG D 603 83.65 -26.00 -29.51
C ARG D 603 83.33 -24.61 -30.05
N SER D 604 82.96 -24.55 -31.33
CA SER D 604 82.55 -23.28 -31.92
C SER D 604 81.28 -22.80 -31.25
N SER D 605 81.28 -21.55 -30.80
CA SER D 605 80.11 -21.04 -30.13
C SER D 605 79.06 -20.59 -31.12
N ILE D 606 78.76 -21.42 -32.10
CA ILE D 606 77.69 -21.16 -33.07
C ILE D 606 77.37 -22.45 -33.80
N PRO D 607 76.45 -23.26 -33.31
CA PRO D 607 76.34 -24.64 -33.78
C PRO D 607 75.56 -24.75 -35.08
N ILE D 608 75.82 -25.86 -35.78
CA ILE D 608 75.06 -26.26 -36.95
C ILE D 608 74.35 -27.54 -36.59
N THR D 609 73.03 -27.50 -36.57
CA THR D 609 72.21 -28.60 -36.07
C THR D 609 71.09 -28.85 -37.06
N VAL D 610 70.24 -29.83 -36.74
CA VAL D 610 69.07 -30.11 -37.56
C VAL D 610 68.19 -28.87 -37.64
N ARG D 611 68.26 -28.04 -36.63
CA ARG D 611 67.50 -26.81 -36.62
C ARG D 611 67.93 -25.91 -37.77
N GLN D 612 69.21 -25.92 -38.12
CA GLN D 612 69.68 -25.16 -39.28
C GLN D 612 69.24 -25.79 -40.60
N LEU D 613 69.17 -27.11 -40.67
CA LEU D 613 68.62 -27.76 -41.85
C LEU D 613 67.19 -27.30 -42.10
N GLU D 614 66.37 -27.34 -41.06
CA GLU D 614 65.01 -26.85 -41.20
C GLU D 614 65.00 -25.35 -41.46
N ALA D 615 66.02 -24.63 -41.00
CA ALA D 615 66.12 -23.21 -41.31
C ALA D 615 66.25 -22.99 -42.80
N ILE D 616 67.12 -23.76 -43.45
CA ILE D 616 67.28 -23.65 -44.89
C ILE D 616 66.00 -24.06 -45.61
N VAL D 617 65.31 -25.09 -45.10
CA VAL D 617 64.03 -25.43 -45.69
C VAL D 617 63.07 -24.25 -45.62
N ARG D 618 63.01 -23.59 -44.47
CA ARG D 618 62.08 -22.47 -44.30
C ARG D 618 62.45 -21.30 -45.21
N ILE D 619 63.74 -21.01 -45.35
CA ILE D 619 64.15 -19.92 -46.22
C ILE D 619 63.82 -20.24 -47.68
N ALA D 620 64.02 -21.48 -48.11
CA ALA D 620 63.63 -21.87 -49.46
C ALA D 620 62.12 -21.74 -49.65
N GLU D 621 61.35 -22.15 -48.66
CA GLU D 621 59.90 -22.04 -48.76
C GLU D 621 59.46 -20.58 -48.77
N ALA D 622 60.17 -19.72 -48.06
CA ALA D 622 59.84 -18.29 -48.11
C ALA D 622 60.13 -17.72 -49.49
N LEU D 623 61.26 -18.10 -50.07
CA LEU D 623 61.57 -17.63 -51.42
C LEU D 623 60.51 -18.10 -52.40
N SER D 624 60.08 -19.34 -52.27
CA SER D 624 59.02 -19.85 -53.12
C SER D 624 57.69 -19.16 -52.84
N LYS D 625 57.41 -18.83 -51.58
CA LYS D 625 56.15 -18.18 -51.24
C LYS D 625 56.08 -16.77 -51.78
N MET D 626 57.23 -16.12 -51.98
CA MET D 626 57.19 -14.81 -52.61
C MET D 626 56.58 -14.89 -54.00
N LYS D 627 56.87 -15.97 -54.73
CA LYS D 627 56.38 -16.16 -56.07
C LYS D 627 55.05 -16.89 -56.13
N LEU D 628 54.45 -17.21 -54.99
CA LEU D 628 53.21 -17.96 -54.92
C LEU D 628 53.35 -19.31 -55.60
N GLN D 629 54.56 -19.84 -55.66
CA GLN D 629 54.80 -21.16 -56.19
C GLN D 629 54.49 -22.20 -55.12
N PRO D 630 53.64 -23.18 -55.39
CA PRO D 630 53.36 -24.23 -54.41
C PRO D 630 54.50 -25.20 -54.18
N PHE D 631 55.62 -25.08 -54.87
CA PHE D 631 56.75 -25.96 -54.64
C PHE D 631 58.05 -25.18 -54.68
N ALA D 632 59.03 -25.65 -53.94
CA ALA D 632 60.30 -24.98 -53.81
C ALA D 632 61.33 -25.72 -54.66
N THR D 633 62.00 -24.98 -55.53
CA THR D 633 62.84 -25.61 -56.53
C THR D 633 64.30 -25.62 -56.07
N GLU D 634 65.15 -26.22 -56.89
CA GLU D 634 66.58 -26.23 -56.61
C GLU D 634 67.15 -24.82 -56.63
N ALA D 635 66.58 -23.92 -57.42
CA ALA D 635 67.15 -22.58 -57.54
C ALA D 635 67.01 -21.79 -56.25
N ASP D 636 65.82 -21.80 -55.66
CA ASP D 636 65.68 -21.10 -54.40
C ASP D 636 66.27 -21.88 -53.24
N VAL D 637 66.50 -23.18 -53.37
CA VAL D 637 67.30 -23.86 -52.36
C VAL D 637 68.76 -23.41 -52.46
N GLU D 638 69.23 -23.15 -53.68
CA GLU D 638 70.56 -22.56 -53.83
C GLU D 638 70.61 -21.17 -53.23
N GLU D 639 69.56 -20.37 -53.44
CA GLU D 639 69.54 -19.04 -52.86
C GLU D 639 69.49 -19.09 -51.34
N ALA D 640 68.69 -20.01 -50.80
CA ALA D 640 68.64 -20.22 -49.36
C ALA D 640 70.00 -20.64 -48.83
N LEU D 641 70.69 -21.51 -49.54
CA LEU D 641 72.00 -21.93 -49.06
C LEU D 641 73.02 -20.82 -49.16
N ARG D 642 72.89 -19.91 -50.13
CA ARG D 642 73.78 -18.77 -50.15
C ARG D 642 73.51 -17.81 -49.00
N LEU D 643 72.23 -17.53 -48.74
CA LEU D 643 71.87 -16.72 -47.60
C LEU D 643 72.38 -17.34 -46.31
N PHE D 644 72.32 -18.66 -46.22
CA PHE D 644 72.84 -19.31 -45.03
C PHE D 644 74.35 -19.35 -45.01
N GLN D 645 74.99 -19.34 -46.18
CA GLN D 645 76.43 -19.27 -46.22
C GLN D 645 76.94 -17.94 -45.69
N VAL D 646 76.17 -16.89 -45.87
CA VAL D 646 76.56 -15.58 -45.33
C VAL D 646 76.25 -15.54 -43.82
N SER D 647 76.00 -16.69 -43.22
CA SER D 647 75.90 -16.85 -41.76
C SER D 647 76.68 -18.07 -41.24
N THR D 648 77.01 -19.02 -42.10
CA THR D 648 78.17 -19.86 -41.85
C THR D 648 79.44 -19.02 -41.86
N LEU D 649 79.42 -17.88 -42.55
CA LEU D 649 80.56 -16.97 -42.52
C LEU D 649 80.78 -16.30 -41.19
N ASP D 650 79.98 -16.56 -40.17
CA ASP D 650 80.46 -16.40 -38.82
C ASP D 650 80.41 -17.66 -38.01
N ALA D 651 79.64 -18.67 -38.44
CA ALA D 651 79.85 -19.96 -37.83
C ALA D 651 81.30 -20.40 -37.99
N ALA D 652 81.80 -20.41 -39.21
CA ALA D 652 83.11 -20.96 -39.53
C ALA D 652 84.14 -19.91 -39.91
N LEU D 653 83.80 -19.01 -40.84
CA LEU D 653 84.76 -18.03 -41.34
C LEU D 653 85.34 -17.20 -40.22
N SER D 654 84.60 -17.02 -39.13
CA SER D 654 85.12 -16.25 -38.00
C SER D 654 86.41 -16.88 -37.50
N GLY D 655 86.43 -18.21 -37.36
CA GLY D 655 87.64 -18.90 -36.96
C GLY D 655 88.74 -18.84 -38.00
N THR D 656 88.39 -18.88 -39.29
CA THR D 656 89.39 -18.87 -40.34
C THR D 656 90.13 -17.53 -40.41
N LEU D 657 89.39 -16.43 -40.47
CA LEU D 657 90.06 -15.13 -40.42
C LEU D 657 90.58 -14.80 -39.03
N SER D 658 90.04 -15.42 -37.98
CA SER D 658 90.72 -15.35 -36.69
C SER D 658 92.10 -15.96 -36.78
N GLY D 659 92.24 -17.09 -37.47
CA GLY D 659 93.56 -17.67 -37.67
C GLY D 659 94.44 -16.80 -38.55
N VAL D 660 93.88 -16.23 -39.61
CA VAL D 660 94.68 -15.40 -40.51
C VAL D 660 95.22 -14.17 -39.78
N GLU D 661 94.33 -13.43 -39.10
CA GLU D 661 94.79 -12.29 -38.32
C GLU D 661 95.59 -12.72 -37.11
N GLY D 662 95.36 -13.93 -36.60
CA GLY D 662 96.06 -14.38 -35.41
C GLY D 662 97.45 -14.88 -35.71
N PHE D 663 97.74 -15.21 -36.96
CA PHE D 663 99.13 -15.42 -37.35
C PHE D 663 99.95 -14.19 -37.01
N THR D 664 99.51 -13.02 -37.50
CA THR D 664 100.16 -11.76 -37.16
C THR D 664 100.02 -11.42 -35.69
N SER D 665 98.86 -11.71 -35.10
CA SER D 665 98.64 -11.42 -33.68
C SER D 665 99.63 -12.16 -32.80
N GLN D 666 99.79 -13.46 -33.01
CA GLN D 666 100.72 -14.24 -32.23
C GLN D 666 102.17 -13.91 -32.56
N GLU D 667 102.50 -13.56 -33.81
CA GLU D 667 103.86 -13.16 -34.08
C GLU D 667 104.20 -11.84 -33.37
N ASP D 668 103.30 -10.86 -33.42
CA ASP D 668 103.49 -9.62 -32.69
C ASP D 668 103.43 -9.79 -31.18
N GLN D 669 102.77 -10.84 -30.69
CA GLN D 669 102.58 -10.99 -29.25
C GLN D 669 103.89 -11.20 -28.50
N GLU D 670 104.80 -12.02 -29.04
CA GLU D 670 106.02 -12.32 -28.29
C GLU D 670 107.21 -11.46 -28.69
N MET D 671 107.41 -11.16 -29.98
CA MET D 671 108.63 -10.45 -30.35
C MET D 671 108.57 -8.99 -29.89
N LEU D 672 107.38 -8.45 -29.67
CA LEU D 672 107.26 -7.09 -29.17
C LEU D 672 107.53 -6.98 -27.68
N SER D 673 107.72 -8.10 -26.98
CA SER D 673 108.14 -8.10 -25.59
C SER D 673 109.46 -8.81 -25.34
N ARG D 674 109.96 -9.59 -26.30
CA ARG D 674 111.31 -10.14 -26.16
C ARG D 674 112.35 -9.03 -26.11
N ILE D 675 112.14 -7.99 -26.91
CA ILE D 675 113.06 -6.88 -27.00
C ILE D 675 112.66 -5.76 -26.05
N GLU D 676 111.80 -6.06 -25.07
CA GLU D 676 111.17 -5.02 -24.26
C GLU D 676 112.13 -4.46 -23.22
N LYS D 677 113.21 -5.17 -22.91
CA LYS D 677 114.30 -4.52 -22.20
C LYS D 677 114.94 -3.45 -23.07
N GLN D 678 114.92 -3.63 -24.39
CA GLN D 678 115.42 -2.66 -25.35
C GLN D 678 114.31 -1.80 -25.93
N LEU D 679 113.08 -1.92 -25.43
CA LEU D 679 112.02 -1.02 -25.87
C LEU D 679 112.19 0.38 -25.32
N LYS D 680 113.07 0.57 -24.34
CA LYS D 680 113.47 1.89 -23.88
C LYS D 680 114.92 2.20 -24.17
N ARG D 681 115.64 1.29 -24.84
CA ARG D 681 117.06 1.42 -25.12
C ARG D 681 117.26 2.17 -26.44
N ARG D 682 118.47 2.09 -27.00
CA ARG D 682 118.92 2.84 -28.16
C ARG D 682 117.88 3.02 -29.26
N PHE D 683 117.09 1.98 -29.51
CA PHE D 683 115.94 2.05 -30.41
C PHE D 683 114.66 1.94 -29.59
N ALA D 684 113.70 2.83 -29.87
CA ALA D 684 112.49 2.89 -29.06
C ALA D 684 111.66 1.62 -29.22
N ILE D 685 111.19 1.33 -30.43
CA ILE D 685 110.35 0.16 -30.65
C ILE D 685 110.29 -0.09 -32.14
N GLY D 686 109.94 -1.32 -32.53
CA GLY D 686 109.75 -1.62 -33.94
C GLY D 686 108.70 -0.68 -34.48
N SER D 687 109.13 0.31 -35.25
CA SER D 687 108.32 1.51 -35.44
C SER D 687 107.42 1.42 -36.66
N GLN D 688 108.01 1.34 -37.84
CA GLN D 688 107.26 1.19 -39.08
C GLN D 688 107.79 0.05 -39.92
N VAL D 689 108.99 -0.44 -39.63
CA VAL D 689 109.53 -1.58 -40.34
C VAL D 689 108.78 -2.87 -40.01
N SER D 690 108.01 -2.88 -38.92
CA SER D 690 107.32 -4.10 -38.50
C SER D 690 106.37 -4.59 -39.58
N GLU D 691 105.60 -3.68 -40.17
CA GLU D 691 104.78 -4.06 -41.32
C GLU D 691 105.64 -4.53 -42.48
N HIS D 692 106.77 -3.86 -42.72
CA HIS D 692 107.72 -4.30 -43.75
C HIS D 692 108.56 -5.49 -43.30
N SER D 693 108.63 -5.76 -42.00
CA SER D 693 109.40 -6.90 -41.52
C SER D 693 108.81 -8.22 -42.03
N ILE D 694 107.48 -8.34 -41.99
CA ILE D 694 106.85 -9.54 -42.52
C ILE D 694 106.79 -9.51 -44.05
N ILE D 695 106.98 -8.34 -44.67
CA ILE D 695 106.93 -8.25 -46.12
C ILE D 695 108.08 -9.06 -46.73
N LYS D 696 109.30 -8.80 -46.26
CA LYS D 696 110.49 -9.34 -46.92
C LYS D 696 110.56 -10.86 -46.80
N ASP D 697 110.42 -11.38 -45.58
CA ASP D 697 110.60 -12.80 -45.33
C ASP D 697 109.43 -13.65 -45.79
N PHE D 698 108.26 -13.04 -46.00
CA PHE D 698 107.09 -13.76 -46.51
C PHE D 698 107.33 -14.29 -47.93
N PRO D 704 100.62 -8.83 -46.39
CA PRO D 704 99.51 -8.00 -46.85
C PRO D 704 99.32 -6.77 -45.98
N GLU D 705 99.62 -5.58 -46.53
CA GLU D 705 99.50 -4.36 -45.75
C GLU D 705 98.08 -4.14 -45.27
N HIS D 706 97.10 -4.40 -46.14
CA HIS D 706 95.70 -4.25 -45.76
C HIS D 706 95.32 -5.18 -44.62
N ALA D 707 95.78 -6.42 -44.68
CA ALA D 707 95.42 -7.43 -43.69
C ALA D 707 96.37 -7.48 -42.50
N ILE D 708 97.35 -6.57 -42.42
CA ILE D 708 98.22 -6.46 -41.26
C ILE D 708 97.99 -5.15 -40.51
N HIS D 709 97.68 -4.07 -41.22
CA HIS D 709 97.34 -2.81 -40.56
C HIS D 709 96.09 -2.98 -39.71
N LYS D 710 95.16 -3.82 -40.14
CA LYS D 710 93.97 -4.10 -39.34
C LYS D 710 94.31 -4.74 -38.01
N VAL D 711 95.19 -5.75 -38.02
CA VAL D 711 95.62 -6.36 -36.77
C VAL D 711 96.40 -5.37 -35.92
N LEU D 712 97.18 -4.49 -36.57
CA LEU D 712 97.89 -3.46 -35.82
C LEU D 712 96.94 -2.53 -35.10
N GLN D 713 95.86 -2.12 -35.76
CA GLN D 713 94.85 -1.29 -35.10
C GLN D 713 94.13 -2.07 -34.00
N LEU D 714 93.91 -3.36 -34.20
CA LEU D 714 93.29 -4.15 -33.15
C LEU D 714 94.19 -4.21 -31.91
N MET D 715 95.50 -4.37 -32.11
CA MET D 715 96.44 -4.25 -30.99
C MET D 715 96.37 -2.88 -30.36
N LEU D 716 96.41 -1.82 -31.17
CA LEU D 716 96.44 -0.44 -30.69
C LEU D 716 95.15 -0.03 -30.01
N ARG D 717 94.09 -0.83 -30.18
CA ARG D 717 92.79 -0.48 -29.62
C ARG D 717 92.81 -0.37 -28.11
N ARG D 718 93.51 -1.28 -27.41
CA ARG D 718 93.43 -1.31 -25.94
C ARG D 718 94.56 -0.52 -25.26
N GLY D 719 95.78 -1.03 -25.33
CA GLY D 719 96.95 -0.31 -24.84
C GLY D 719 97.28 -0.56 -23.38
N GLU D 720 98.28 -1.39 -23.08
CA GLU D 720 98.76 -1.50 -21.71
C GLU D 720 100.26 -1.23 -21.56
N ILE D 721 101.11 -2.01 -22.25
CA ILE D 721 102.55 -1.93 -22.01
C ILE D 721 103.30 -1.77 -23.32
N GLN D 722 103.09 -2.68 -24.26
CA GLN D 722 103.87 -2.70 -25.49
C GLN D 722 103.12 -2.16 -26.70
N HIS D 723 101.85 -2.53 -26.90
CA HIS D 723 101.10 -1.98 -28.02
C HIS D 723 100.67 -0.54 -27.75
N ARG D 724 100.71 -0.10 -26.49
CA ARG D 724 100.50 1.31 -26.20
C ARG D 724 101.78 2.11 -26.41
N MET D 725 102.84 1.77 -25.67
CA MET D 725 104.10 2.49 -25.69
C MET D 725 104.85 2.34 -27.01
N GLN D 726 104.43 1.43 -27.89
CA GLN D 726 104.89 1.47 -29.27
C GLN D 726 104.44 2.76 -29.96
N ARG D 727 103.13 2.95 -30.10
CA ARG D 727 102.57 4.09 -30.82
C ARG D 727 102.56 5.38 -30.00
N LYS D 728 102.83 5.29 -28.69
CA LYS D 728 103.00 6.50 -27.91
C LYS D 728 104.20 7.30 -28.39
N VAL D 729 105.28 6.59 -28.74
CA VAL D 729 106.49 7.23 -29.26
C VAL D 729 106.59 7.15 -30.78
N LEU D 730 105.88 6.22 -31.42
CA LEU D 730 105.87 6.11 -32.89
C LEU D 730 105.37 7.35 -33.62
N TYR D 731 104.07 7.66 -33.50
CA TYR D 731 103.54 8.78 -34.26
C TYR D 731 104.23 10.08 -33.89
N ARG D 732 104.72 10.19 -32.65
CA ARG D 732 105.55 11.32 -32.27
C ARG D 732 106.85 11.34 -33.04
N LEU D 733 107.52 10.19 -33.14
CA LEU D 733 108.80 10.09 -33.81
C LEU D 733 108.68 9.61 -35.25
N LYS D 734 107.46 9.40 -35.74
CA LYS D 734 107.19 9.02 -37.12
C LYS D 734 107.81 7.67 -37.49
N HIS E 15 5.75 24.68 35.26
CA HIS E 15 4.84 25.82 35.13
C HIS E 15 5.62 27.12 35.11
N LEU E 16 6.20 27.48 36.25
CA LEU E 16 6.92 28.74 36.40
C LEU E 16 8.40 28.61 36.12
N GLU E 17 8.79 27.71 35.22
CA GLU E 17 10.16 27.62 34.73
C GLU E 17 11.15 27.46 35.89
N VAL E 18 11.11 26.27 36.48
CA VAL E 18 11.87 25.93 37.67
C VAL E 18 13.27 26.53 37.57
N ARG E 19 13.67 27.27 38.61
CA ARG E 19 14.91 28.02 38.57
C ARG E 19 16.03 27.20 39.18
N ASP E 20 17.15 27.12 38.48
CA ASP E 20 18.36 26.49 38.99
C ASP E 20 19.01 27.45 39.96
N GLU E 21 18.59 27.38 41.22
CA GLU E 21 18.98 28.41 42.18
C GLU E 21 20.47 28.43 42.43
N VAL E 22 21.14 27.28 42.40
CA VAL E 22 22.59 27.25 42.56
C VAL E 22 23.26 28.02 41.43
N ALA E 23 22.80 27.78 40.21
CA ALA E 23 23.38 28.48 39.08
C ALA E 23 23.03 29.96 39.10
N GLU E 24 21.84 30.32 39.55
CA GLU E 24 21.46 31.73 39.63
C GLU E 24 22.31 32.47 40.65
N LYS E 25 22.51 31.88 41.83
CA LYS E 25 23.39 32.50 42.81
C LYS E 25 24.79 32.62 42.28
N CYS E 26 25.27 31.57 41.61
CA CYS E 26 26.61 31.60 41.03
C CYS E 26 26.72 32.73 40.02
N GLN E 27 25.69 32.93 39.20
CA GLN E 27 25.71 34.00 38.21
C GLN E 27 25.75 35.37 38.86
N LYS E 28 24.92 35.59 39.88
CA LYS E 28 24.93 36.88 40.55
C LYS E 28 26.28 37.16 41.19
N LEU E 29 26.85 36.16 41.87
CA LEU E 29 28.14 36.38 42.52
C LEU E 29 29.24 36.60 41.49
N PHE E 30 29.16 35.91 40.34
CA PHE E 30 30.13 36.10 39.28
C PHE E 30 30.05 37.51 38.70
N LEU E 31 28.83 38.02 38.51
CA LEU E 31 28.67 39.39 38.05
C LEU E 31 29.25 40.37 39.05
N ASP E 32 29.05 40.11 40.35
CA ASP E 32 29.64 40.98 41.35
C ASP E 32 31.16 40.96 41.25
N PHE E 33 31.74 39.77 41.11
CA PHE E 33 33.19 39.68 40.97
C PHE E 33 33.66 40.43 39.73
N LEU E 34 32.88 40.34 38.66
CA LEU E 34 33.26 41.01 37.41
C LEU E 34 33.30 42.51 37.58
N GLU E 35 32.24 43.08 38.13
CA GLU E 35 32.15 44.52 38.24
C GLU E 35 32.76 45.06 39.52
N GLU E 36 33.37 44.23 40.32
CA GLU E 36 33.91 44.74 41.57
C GLU E 36 35.38 44.42 41.77
N PHE E 37 35.84 43.26 41.30
CA PHE E 37 37.24 42.91 41.49
C PHE E 37 38.13 43.96 40.85
N GLN E 38 39.20 44.32 41.55
CA GLN E 38 40.10 45.33 41.08
C GLN E 38 41.52 44.81 41.08
N SER E 39 42.31 45.32 40.15
CA SER E 39 43.70 44.93 40.00
C SER E 39 44.54 45.65 41.06
N SER E 40 45.86 45.60 40.90
CA SER E 40 46.75 46.20 41.89
C SER E 40 46.58 47.72 41.93
N ASP E 41 46.54 48.36 40.76
CA ASP E 41 46.49 49.81 40.73
C ASP E 41 45.22 50.34 41.39
N GLY E 42 44.14 49.55 41.37
CA GLY E 42 42.91 49.94 42.01
C GLY E 42 41.73 50.12 41.08
N GLU E 43 41.89 49.85 39.80
CA GLU E 43 40.79 49.97 38.87
C GLU E 43 40.21 48.59 38.55
N ILE E 44 38.92 48.57 38.23
CA ILE E 44 38.20 47.34 37.97
C ILE E 44 38.76 46.73 36.69
N LYS E 45 39.56 45.67 36.83
CA LYS E 45 40.34 45.20 35.70
C LYS E 45 39.45 44.62 34.60
N TYR E 46 38.44 43.85 34.98
CA TYR E 46 37.63 43.22 33.95
C TYR E 46 36.73 44.19 33.21
N LEU E 47 36.55 45.40 33.73
CA LEU E 47 35.94 46.46 32.92
C LEU E 47 36.87 46.85 31.77
N GLN E 48 38.15 47.07 32.07
CA GLN E 48 39.11 47.36 31.04
C GLN E 48 39.26 46.21 30.06
N LEU E 49 39.05 44.97 30.52
CA LEU E 49 39.13 43.82 29.63
C LEU E 49 37.86 43.63 28.81
N ALA E 50 36.69 43.91 29.36
CA ALA E 50 35.47 43.85 28.58
C ALA E 50 35.38 45.01 27.60
N GLU E 51 36.21 46.04 27.78
CA GLU E 51 36.28 47.07 26.76
C GLU E 51 36.68 46.48 25.42
N GLU E 52 37.69 45.60 25.41
CA GLU E 52 38.13 44.98 24.18
C GLU E 52 37.04 44.13 23.56
N LEU E 53 36.03 43.77 24.34
CA LEU E 53 35.05 42.77 23.92
C LEU E 53 33.93 43.38 23.09
N ILE E 54 33.94 44.69 22.90
CA ILE E 54 32.99 45.34 21.99
C ILE E 54 33.33 45.01 20.56
N ARG E 55 34.61 44.77 20.30
CA ARG E 55 35.08 44.58 18.95
C ARG E 55 34.42 43.34 18.35
N PRO E 56 34.08 43.35 17.07
CA PRO E 56 33.69 42.10 16.43
C PRO E 56 34.85 41.13 16.50
N GLU E 57 34.60 39.88 16.13
CA GLU E 57 35.58 38.80 16.26
C GLU E 57 36.20 38.74 17.65
N ARG E 58 35.50 39.27 18.64
CA ARG E 58 35.97 39.25 20.02
C ARG E 58 34.81 38.85 20.89
N ASN E 59 34.87 37.66 21.46
CA ASN E 59 33.74 37.12 22.17
C ASN E 59 34.07 36.36 23.44
N THR E 60 35.35 36.27 23.83
CA THR E 60 35.74 35.58 25.04
C THR E 60 36.44 36.56 25.97
N LEU E 61 36.00 36.59 27.22
CA LEU E 61 36.71 37.28 28.28
C LEU E 61 37.48 36.26 29.09
N VAL E 62 38.79 36.46 29.21
CA VAL E 62 39.65 35.55 29.94
C VAL E 62 39.77 36.05 31.37
N VAL E 63 39.28 35.27 32.32
CA VAL E 63 39.26 35.62 33.73
C VAL E 63 40.14 34.64 34.48
N SER E 64 41.01 35.16 35.33
CA SER E 64 41.94 34.31 36.07
C SER E 64 41.26 33.70 37.27
N PHE E 65 41.53 32.41 37.49
CA PHE E 65 40.90 31.72 38.60
C PHE E 65 41.52 32.10 39.93
N VAL E 66 42.76 32.58 39.92
CA VAL E 66 43.38 33.06 41.15
C VAL E 66 42.62 34.26 41.68
N ASP E 67 42.24 35.18 40.80
CA ASP E 67 41.46 36.34 41.19
C ASP E 67 40.11 35.92 41.75
N LEU E 68 39.48 34.96 41.10
CA LEU E 68 38.18 34.48 41.54
C LEU E 68 38.26 33.87 42.92
N GLU E 69 39.34 33.14 43.21
CA GLU E 69 39.54 32.64 44.57
C GLU E 69 39.76 33.78 45.54
N GLN E 70 40.54 34.79 45.15
CA GLN E 70 40.82 35.89 46.05
C GLN E 70 39.54 36.63 46.42
N PHE E 71 38.68 36.88 45.44
CA PHE E 71 37.49 37.66 45.67
C PHE E 71 36.47 36.89 46.49
N ASN E 72 36.00 35.77 45.96
CA ASN E 72 34.95 34.99 46.57
C ASN E 72 35.36 33.53 46.56
N GLN E 73 35.63 32.97 47.74
CA GLN E 73 36.09 31.59 47.78
C GLN E 73 34.96 30.60 47.52
N GLN E 74 33.78 30.86 48.07
CA GLN E 74 32.66 29.97 47.86
C GLN E 74 32.21 29.99 46.41
N LEU E 75 32.29 31.16 45.77
CA LEU E 75 31.96 31.25 44.36
C LEU E 75 32.92 30.44 43.52
N SER E 76 34.21 30.60 43.76
CA SER E 76 35.19 29.86 42.95
C SER E 76 35.06 28.37 43.19
N THR E 77 34.77 27.97 44.42
CA THR E 77 34.56 26.55 44.69
C THR E 77 33.32 26.02 43.97
N THR E 78 32.22 26.78 43.96
CA THR E 78 31.05 26.34 43.23
C THR E 78 31.32 26.27 41.74
N ILE E 79 32.05 27.23 41.20
CA ILE E 79 32.38 27.21 39.79
C ILE E 79 33.22 26.00 39.45
N GLN E 80 34.20 25.69 40.29
CA GLN E 80 35.06 24.54 40.03
C GLN E 80 34.30 23.23 40.15
N GLU E 81 33.38 23.15 41.11
CA GLU E 81 32.73 21.87 41.39
C GLU E 81 31.56 21.59 40.47
N GLU E 82 30.98 22.61 39.87
CA GLU E 82 29.81 22.43 39.01
C GLU E 82 29.95 23.24 37.76
N PHE E 83 31.10 23.13 37.12
CA PHE E 83 31.45 24.03 36.03
C PHE E 83 30.48 23.90 34.87
N TYR E 84 30.10 22.68 34.52
CA TYR E 84 29.29 22.49 33.33
C TYR E 84 27.87 22.99 33.52
N ARG E 85 27.30 22.87 34.71
CA ARG E 85 25.94 23.34 34.86
C ARG E 85 25.86 24.85 35.01
N VAL E 86 26.92 25.51 35.48
CA VAL E 86 26.85 26.93 35.75
C VAL E 86 27.52 27.77 34.67
N TYR E 87 28.23 27.15 33.75
CA TYR E 87 28.91 27.91 32.70
C TYR E 87 27.98 28.79 31.88
N PRO E 88 26.81 28.33 31.41
CA PRO E 88 25.93 29.25 30.67
C PRO E 88 25.54 30.45 31.48
N TYR E 89 25.37 30.28 32.79
CA TYR E 89 25.00 31.40 33.64
C TYR E 89 26.16 32.37 33.80
N LEU E 90 27.38 31.87 33.85
CA LEU E 90 28.53 32.75 33.85
C LEU E 90 28.60 33.56 32.57
N CYS E 91 28.29 32.92 31.44
CA CYS E 91 28.30 33.64 30.17
C CYS E 91 27.17 34.66 30.10
N ARG E 92 26.01 34.35 30.68
CA ARG E 92 24.93 35.31 30.73
C ARG E 92 25.28 36.50 31.61
N ALA E 93 25.96 36.24 32.72
CA ALA E 93 26.44 37.32 33.56
C ALA E 93 27.41 38.20 32.81
N LEU E 94 28.30 37.61 32.02
CA LEU E 94 29.20 38.40 31.19
C LEU E 94 28.43 39.23 30.17
N LYS E 95 27.40 38.64 29.58
CA LYS E 95 26.60 39.38 28.61
C LYS E 95 25.94 40.58 29.24
N THR E 96 25.38 40.44 30.44
CA THR E 96 24.80 41.61 31.09
C THR E 96 25.88 42.58 31.52
N PHE E 97 27.04 42.08 31.91
CA PHE E 97 28.13 42.95 32.30
C PHE E 97 28.57 43.85 31.16
N VAL E 98 28.46 43.37 29.93
CA VAL E 98 28.90 44.16 28.79
C VAL E 98 27.77 44.95 28.13
N LYS E 99 26.51 44.51 28.27
CA LYS E 99 25.42 45.19 27.57
C LYS E 99 25.24 46.61 28.06
N ASP E 100 25.34 46.85 29.36
CA ASP E 100 25.07 48.18 29.89
C ASP E 100 26.24 49.11 29.57
N ARG E 101 27.45 48.57 29.63
CA ARG E 101 28.63 49.39 29.39
C ARG E 101 28.66 49.89 27.95
N LYS E 102 28.38 49.03 26.98
CA LYS E 102 28.59 49.38 25.57
C LYS E 102 27.39 48.95 24.74
N GLU E 103 27.57 49.02 23.42
CA GLU E 103 26.47 49.03 22.45
C GLU E 103 26.52 47.80 21.55
N ILE E 104 26.80 46.64 22.14
CA ILE E 104 27.02 45.38 21.42
C ILE E 104 25.78 45.00 20.63
N PRO E 105 25.93 44.22 19.57
CA PRO E 105 24.74 43.64 18.93
C PRO E 105 23.94 42.85 19.94
N LEU E 106 22.62 42.88 19.78
CA LEU E 106 21.76 42.23 20.76
C LEU E 106 22.03 40.73 20.80
N ALA E 107 22.31 40.12 19.66
CA ALA E 107 22.36 38.68 19.54
C ALA E 107 23.76 38.11 19.72
N LYS E 108 24.76 38.93 20.01
CA LYS E 108 26.10 38.43 20.19
C LYS E 108 26.19 37.55 21.43
N ASP E 109 26.94 36.48 21.34
CA ASP E 109 27.16 35.58 22.46
C ASP E 109 28.59 35.73 22.95
N PHE E 110 28.74 35.78 24.27
CA PHE E 110 30.03 35.97 24.92
C PHE E 110 30.35 34.74 25.73
N TYR E 111 31.64 34.45 25.82
CA TYR E 111 32.11 33.25 26.46
C TYR E 111 33.14 33.61 27.50
N VAL E 112 33.22 32.79 28.53
CA VAL E 112 34.13 33.00 29.63
C VAL E 112 35.20 31.92 29.57
N ALA E 113 36.45 32.32 29.68
CA ALA E 113 37.58 31.42 29.76
C ALA E 113 38.26 31.63 31.11
N PHE E 114 38.63 30.53 31.75
CA PHE E 114 39.30 30.58 33.02
C PHE E 114 40.76 30.19 32.83
N GLN E 115 41.65 30.82 33.59
CA GLN E 115 43.05 30.48 33.52
C GLN E 115 43.63 30.48 34.92
N ASP E 116 44.76 29.79 35.05
CA ASP E 116 45.52 29.72 36.30
C ASP E 116 44.82 28.88 37.37
N LEU E 117 44.27 27.74 37.00
CA LEU E 117 43.88 26.78 38.03
C LEU E 117 45.11 26.33 38.79
N PRO E 118 45.10 26.38 40.11
CA PRO E 118 46.30 25.99 40.85
C PRO E 118 46.64 24.53 40.73
N THR E 119 45.71 23.68 40.33
CA THR E 119 45.92 22.24 40.29
C THR E 119 45.82 21.73 38.86
N ARG E 120 46.67 20.75 38.54
CA ARG E 120 46.69 20.13 37.23
C ARG E 120 46.45 18.65 37.39
N HIS E 121 45.64 18.08 36.51
CA HIS E 121 45.34 16.66 36.56
C HIS E 121 46.05 15.92 35.44
N LYS E 122 46.30 14.65 35.67
CA LYS E 122 46.88 13.82 34.64
C LYS E 122 45.79 13.32 33.70
N ILE E 123 46.16 13.03 32.47
CA ILE E 123 45.19 12.51 31.52
C ILE E 123 44.73 11.11 31.94
N ARG E 124 45.57 10.36 32.65
CA ARG E 124 45.09 9.13 33.28
C ARG E 124 44.03 9.43 34.34
N GLU E 125 44.10 10.58 34.98
CA GLU E 125 43.22 10.90 36.10
C GLU E 125 41.89 11.47 35.65
N LEU E 126 41.65 11.55 34.36
CA LEU E 126 40.39 12.07 33.84
C LEU E 126 39.35 10.97 33.90
N THR E 127 38.83 10.75 35.10
CA THR E 127 37.86 9.70 35.34
C THR E 127 36.45 10.25 35.23
N SER E 128 35.47 9.38 35.48
CA SER E 128 34.07 9.77 35.44
C SER E 128 33.65 10.59 36.64
N SER E 129 34.50 10.74 37.64
CA SER E 129 34.22 11.68 38.71
C SER E 129 34.54 13.11 38.32
N ARG E 130 35.40 13.31 37.33
CA ARG E 130 35.70 14.64 36.83
C ARG E 130 34.72 15.11 35.78
N ILE E 131 33.70 14.34 35.46
CA ILE E 131 32.81 14.76 34.39
C ILE E 131 32.05 15.98 34.81
N GLY E 132 32.12 17.03 34.00
CA GLY E 132 31.35 18.22 34.24
C GLY E 132 31.87 19.16 35.30
N LEU E 133 33.15 19.13 35.60
CA LEU E 133 33.70 20.03 36.58
C LEU E 133 35.06 20.51 36.12
N LEU E 134 35.48 21.67 36.62
CA LEU E 134 36.58 22.40 36.03
C LEU E 134 37.91 21.74 36.32
N THR E 135 38.65 21.42 35.27
CA THR E 135 39.93 20.74 35.36
C THR E 135 40.90 21.32 34.35
N ARG E 136 42.18 21.21 34.66
CA ARG E 136 43.26 21.62 33.78
C ARG E 136 44.17 20.44 33.52
N ILE E 137 44.44 20.17 32.26
CA ILE E 137 45.25 19.04 31.86
C ILE E 137 46.35 19.57 30.97
N SER E 138 47.39 18.77 30.83
CA SER E 138 48.45 19.05 29.88
C SER E 138 48.61 17.86 28.98
N GLY E 139 48.78 18.12 27.69
CA GLY E 139 49.00 17.08 26.72
C GLY E 139 49.79 17.65 25.58
N GLN E 140 50.05 16.80 24.60
CA GLN E 140 50.74 17.22 23.39
C GLN E 140 49.79 17.14 22.22
N VAL E 141 49.67 18.22 21.47
CA VAL E 141 48.71 18.27 20.38
C VAL E 141 49.19 17.37 19.27
N VAL E 142 48.35 16.41 18.88
CA VAL E 142 48.69 15.42 17.88
C VAL E 142 48.23 15.86 16.51
N ARG E 143 47.00 16.35 16.41
CA ARG E 143 46.54 16.96 15.18
C ARG E 143 45.34 17.82 15.47
N THR E 144 45.22 18.89 14.69
CA THR E 144 44.10 19.80 14.79
C THR E 144 43.27 19.68 13.52
N HIS E 145 41.97 19.63 13.69
CA HIS E 145 41.05 19.59 12.58
C HIS E 145 40.73 21.00 12.15
N PRO E 146 40.01 21.17 11.04
CA PRO E 146 39.63 22.52 10.61
C PRO E 146 38.65 23.16 11.56
N VAL E 147 38.50 24.47 11.41
CA VAL E 147 37.51 25.22 12.17
C VAL E 147 36.21 25.22 11.39
N HIS E 148 35.16 24.72 12.01
CA HIS E 148 33.83 24.62 11.44
C HIS E 148 32.90 25.46 12.26
N PRO E 149 31.76 25.85 11.72
CA PRO E 149 30.67 26.34 12.57
C PRO E 149 29.93 25.16 13.18
N GLU E 150 29.59 25.28 14.45
CA GLU E 150 28.86 24.24 15.14
C GLU E 150 27.52 24.75 15.62
N LEU E 151 26.47 23.98 15.38
CA LEU E 151 25.16 24.32 15.91
C LEU E 151 25.17 24.23 17.42
N VAL E 152 24.79 25.31 18.09
CA VAL E 152 24.64 25.27 19.53
C VAL E 152 23.17 25.25 19.94
N SER E 153 22.28 25.84 19.16
CA SER E 153 20.85 25.73 19.40
C SER E 153 20.14 25.99 18.09
N GLY E 154 19.37 25.02 17.63
CA GLY E 154 18.66 25.14 16.37
C GLY E 154 17.20 25.47 16.60
N THR E 155 16.61 26.19 15.67
CA THR E 155 15.17 26.36 15.62
C THR E 155 14.63 25.45 14.54
N PHE E 156 13.67 24.63 14.89
CA PHE E 156 13.15 23.63 13.99
C PHE E 156 11.72 23.98 13.58
N LEU E 157 11.31 23.45 12.45
CA LEU E 157 9.94 23.52 12.01
C LEU E 157 9.35 22.12 12.02
N CYS E 158 8.22 21.94 12.68
CA CYS E 158 7.52 20.67 12.57
C CYS E 158 6.97 20.52 11.17
N LEU E 159 7.27 19.41 10.53
CA LEU E 159 6.75 19.18 9.20
C LEU E 159 5.30 18.73 9.20
N ASP E 160 4.74 18.44 10.36
CA ASP E 160 3.36 18.00 10.44
C ASP E 160 2.39 19.14 10.68
N CYS E 161 2.76 20.10 11.51
CA CYS E 161 1.86 21.15 11.89
C CYS E 161 2.45 22.53 11.73
N GLN E 162 3.68 22.65 11.25
CA GLN E 162 4.29 23.92 10.91
C GLN E 162 4.46 24.83 12.12
N THR E 163 4.57 24.26 13.32
CA THR E 163 4.94 25.06 14.48
C THR E 163 6.44 25.12 14.63
N VAL E 164 6.94 26.29 14.98
CA VAL E 164 8.37 26.53 15.08
C VAL E 164 8.79 26.25 16.52
N ILE E 165 9.53 25.16 16.71
CA ILE E 165 10.15 24.89 18.00
C ILE E 165 11.51 25.57 17.99
N ARG E 166 11.74 26.43 18.98
CA ARG E 166 12.90 27.31 18.98
C ARG E 166 13.85 26.98 20.12
N ASP E 167 15.13 27.20 19.85
CA ASP E 167 16.18 27.16 20.86
C ASP E 167 16.29 25.80 21.52
N VAL E 168 16.24 24.76 20.71
CA VAL E 168 16.50 23.42 21.21
C VAL E 168 18.00 23.17 21.19
N GLU E 169 18.54 22.86 22.37
CA GLU E 169 19.96 22.88 22.61
C GLU E 169 20.59 21.58 22.18
N GLN E 170 21.64 21.67 21.38
CA GLN E 170 22.36 20.50 20.93
C GLN E 170 23.35 20.12 22.01
N GLN E 171 23.36 18.85 22.35
CA GLN E 171 24.33 18.34 23.32
C GLN E 171 25.45 17.62 22.59
N PHE E 172 26.22 18.38 21.82
CA PHE E 172 27.35 17.84 21.07
C PHE E 172 26.92 16.76 20.11
N LYS E 173 25.65 16.74 19.78
CA LYS E 173 25.08 15.81 18.83
C LYS E 173 23.94 16.56 18.17
N TYR E 174 23.64 16.20 16.95
CA TYR E 174 22.52 16.84 16.29
C TYR E 174 21.24 16.42 16.96
N THR E 175 20.60 17.36 17.66
CA THR E 175 19.48 17.08 18.52
C THR E 175 18.24 17.75 17.96
N GLN E 176 17.24 16.98 17.69
CA GLN E 176 15.93 17.46 17.29
C GLN E 176 15.05 17.61 18.51
N PRO E 177 13.95 18.36 18.42
CA PRO E 177 13.02 18.43 19.54
C PRO E 177 12.49 17.05 19.89
N ASN E 178 12.31 16.79 21.19
CA ASN E 178 11.77 15.49 21.57
C ASN E 178 10.37 15.32 21.04
N ILE E 179 9.54 16.33 21.25
CA ILE E 179 8.14 16.29 20.89
C ILE E 179 7.85 17.61 20.21
N CYS E 180 6.84 17.63 19.37
CA CYS E 180 6.37 18.90 18.84
C CYS E 180 5.66 19.68 19.93
N ARG E 181 5.84 21.00 19.92
CA ARG E 181 5.22 21.82 20.94
C ARG E 181 3.69 21.77 20.85
N ASN E 182 3.16 21.54 19.69
CA ASN E 182 1.72 21.42 19.54
C ASN E 182 1.24 20.12 20.15
N PRO E 183 0.44 20.15 21.21
CA PRO E 183 0.09 18.90 21.90
C PRO E 183 -0.76 17.95 21.07
N VAL E 184 -1.66 18.44 20.22
CA VAL E 184 -2.32 17.51 19.29
C VAL E 184 -1.48 17.42 18.04
N CYS E 185 -0.26 16.97 18.22
CA CYS E 185 0.70 16.63 17.19
C CYS E 185 1.77 15.99 18.02
N ALA E 186 1.90 14.68 17.97
CA ALA E 186 2.88 14.07 18.85
C ALA E 186 4.14 13.78 18.07
N ASN E 187 4.46 14.70 17.18
CA ASN E 187 5.51 14.51 16.20
C ASN E 187 6.85 14.40 16.89
N ARG E 188 7.54 13.31 16.63
CA ARG E 188 8.85 13.10 17.19
C ARG E 188 9.89 12.71 16.16
N ARG E 189 9.55 12.67 14.88
CA ARG E 189 10.47 12.29 13.82
C ARG E 189 10.74 13.39 12.82
N ARG E 190 9.70 14.06 12.32
CA ARG E 190 9.80 14.86 11.10
C ARG E 190 9.96 16.34 11.43
N PHE E 191 11.21 16.79 11.48
CA PHE E 191 11.52 18.18 11.77
C PHE E 191 12.47 18.74 10.72
N LEU E 192 12.42 20.06 10.55
CA LEU E 192 13.29 20.77 9.62
C LEU E 192 14.03 21.86 10.37
N LEU E 193 15.35 21.86 10.26
CA LEU E 193 16.15 22.90 10.88
C LEU E 193 16.10 24.16 10.06
N ASP E 194 15.96 25.30 10.72
CA ASP E 194 16.05 26.60 10.07
C ASP E 194 17.42 27.18 10.38
N THR E 195 18.33 27.05 9.41
CA THR E 195 19.72 27.42 9.63
C THR E 195 19.89 28.91 9.91
N ASN E 196 19.15 29.75 9.20
CA ASN E 196 19.30 31.18 9.40
C ASN E 196 18.69 31.65 10.72
N LYS E 197 17.83 30.87 11.34
CA LYS E 197 17.26 31.24 12.61
C LYS E 197 18.00 30.65 13.80
N SER E 198 19.03 29.85 13.55
CA SER E 198 19.78 29.14 14.57
C SER E 198 21.08 29.88 14.86
N ARG E 199 21.73 29.52 15.96
CA ARG E 199 22.99 30.15 16.32
C ARG E 199 24.10 29.13 16.38
N PHE E 200 25.29 29.53 15.94
CA PHE E 200 26.46 28.68 15.88
C PHE E 200 27.57 29.24 16.75
N VAL E 201 28.60 28.43 16.89
CA VAL E 201 29.85 28.81 17.52
C VAL E 201 30.96 28.26 16.65
N ASP E 202 32.12 28.90 16.71
CA ASP E 202 33.31 28.34 16.07
C ASP E 202 33.76 27.10 16.82
N PHE E 203 34.11 26.08 16.08
CA PHE E 203 34.34 24.76 16.64
C PHE E 203 35.57 24.16 16.01
N GLN E 204 36.53 23.76 16.82
CA GLN E 204 37.68 23.02 16.34
C GLN E 204 37.93 21.83 17.23
N LYS E 205 38.10 20.68 16.61
CA LYS E 205 38.46 19.46 17.32
C LYS E 205 39.95 19.26 17.17
N VAL E 206 40.66 19.13 18.28
CA VAL E 206 42.08 18.78 18.20
C VAL E 206 42.23 17.49 18.98
N ARG E 207 43.14 16.64 18.52
CA ARG E 207 43.50 15.45 19.27
C ARG E 207 44.79 15.74 20.01
N ILE E 208 44.78 15.56 21.32
CA ILE E 208 45.99 15.63 22.11
C ILE E 208 46.31 14.23 22.60
N GLN E 209 47.47 14.10 23.22
CA GLN E 209 47.87 12.81 23.75
C GLN E 209 48.72 13.03 24.98
N GLU E 210 48.85 11.98 25.76
CA GLU E 210 49.53 12.06 27.03
C GLU E 210 50.98 12.44 26.84
N THR E 211 51.48 13.27 27.75
CA THR E 211 52.89 13.65 27.68
C THR E 211 53.76 12.48 28.13
N GLN E 212 55.02 12.51 27.70
CA GLN E 212 55.90 11.37 27.91
C GLN E 212 56.19 11.13 29.38
N ALA E 213 56.29 12.19 30.19
CA ALA E 213 56.56 12.03 31.60
C ALA E 213 55.38 11.45 32.38
N GLU E 214 54.20 11.40 31.81
CA GLU E 214 53.03 10.90 32.51
C GLU E 214 52.80 9.40 32.30
N LEU E 215 53.55 8.78 31.42
CA LEU E 215 53.25 7.42 30.98
C LEU E 215 53.60 6.40 32.07
N PRO E 216 52.69 5.49 32.40
CA PRO E 216 53.06 4.36 33.25
C PRO E 216 53.81 3.29 32.46
N ARG E 217 54.33 2.32 33.20
CA ARG E 217 55.10 1.24 32.59
C ARG E 217 54.29 0.43 31.60
N GLY E 218 54.92 0.11 30.47
CA GLY E 218 54.33 -0.78 29.50
C GLY E 218 53.15 -0.24 28.75
N SER E 219 52.97 1.07 28.71
CA SER E 219 51.74 1.65 28.22
C SER E 219 51.98 2.57 27.04
N ILE E 220 50.98 2.66 26.17
CA ILE E 220 50.96 3.59 25.06
C ILE E 220 50.30 4.88 25.54
N PRO E 221 50.68 6.04 25.02
CA PRO E 221 50.09 7.29 25.53
C PRO E 221 48.63 7.43 25.15
N ARG E 222 47.79 7.68 26.15
CA ARG E 222 46.39 7.90 25.91
C ARG E 222 46.18 9.18 25.11
N SER E 223 45.15 9.16 24.27
CA SER E 223 44.80 10.30 23.45
C SER E 223 43.35 10.64 23.69
N LEU E 224 43.06 11.88 24.00
CA LEU E 224 41.68 12.33 24.02
C LEU E 224 41.54 13.51 23.09
N GLU E 225 40.34 13.70 22.56
CA GLU E 225 40.06 14.81 21.66
C GLU E 225 39.43 15.95 22.43
N VAL E 226 39.98 17.16 22.29
CA VAL E 226 39.49 18.29 23.04
C VAL E 226 38.73 19.17 22.05
N ILE E 227 37.69 19.82 22.53
CA ILE E 227 36.88 20.68 21.70
C ILE E 227 37.25 22.11 22.04
N LEU E 228 37.65 22.87 21.04
CA LEU E 228 37.93 24.28 21.21
C LEU E 228 36.79 25.07 20.62
N ARG E 229 36.38 26.11 21.32
CA ARG E 229 35.27 26.93 20.91
C ARG E 229 35.71 28.37 20.72
N ALA E 230 34.74 29.25 20.62
CA ALA E 230 34.74 30.44 19.78
C ALA E 230 36.12 31.06 19.66
N GLU E 231 36.75 31.50 20.72
CA GLU E 231 37.98 32.26 20.56
C GLU E 231 39.23 31.42 20.83
N ALA E 232 39.09 30.28 21.51
CA ALA E 232 40.19 29.37 21.72
C ALA E 232 40.46 28.51 20.51
N VAL E 233 39.91 28.89 19.36
CA VAL E 233 39.62 27.88 18.36
C VAL E 233 40.84 27.51 17.53
N GLU E 234 41.87 28.33 17.50
CA GLU E 234 43.04 28.01 16.67
C GLU E 234 44.29 27.92 17.53
N SER E 235 44.15 27.66 18.82
CA SER E 235 45.17 27.98 19.80
C SER E 235 46.21 26.90 19.99
N ALA E 236 45.96 25.70 19.53
CA ALA E 236 46.84 24.57 19.75
C ALA E 236 47.25 24.03 18.40
N GLN E 237 48.54 24.01 18.12
CA GLN E 237 49.04 23.52 16.85
C GLN E 237 49.69 22.16 17.06
N ALA E 238 49.72 21.37 16.00
CA ALA E 238 50.23 20.01 16.11
C ALA E 238 51.67 20.04 16.60
N GLY E 239 51.96 19.22 17.60
CA GLY E 239 53.26 19.19 18.20
C GLY E 239 53.48 20.18 19.31
N ASP E 240 52.46 20.89 19.74
CA ASP E 240 52.60 21.89 20.80
C ASP E 240 52.29 21.28 22.14
N LYS E 241 53.14 21.55 23.12
CA LYS E 241 52.83 21.20 24.50
C LYS E 241 51.93 22.28 25.06
N CYS E 242 50.69 21.93 25.38
CA CYS E 242 49.69 22.91 25.73
C CYS E 242 49.00 22.50 27.02
N ASP E 243 48.49 23.49 27.73
CA ASP E 243 47.63 23.29 28.88
C ASP E 243 46.22 23.62 28.48
N PHE E 244 45.30 22.71 28.73
CA PHE E 244 43.90 22.92 28.40
C PHE E 244 43.12 23.03 29.69
N THR E 245 42.41 24.13 29.86
CA THR E 245 41.51 24.32 30.98
C THR E 245 40.10 24.24 30.46
N GLY E 246 39.26 23.48 31.15
CA GLY E 246 37.91 23.30 30.68
C GLY E 246 37.23 22.23 31.48
N THR E 247 36.40 21.43 30.84
CA THR E 247 35.70 20.37 31.53
C THR E 247 35.79 19.10 30.72
N LEU E 248 35.83 17.98 31.42
CA LEU E 248 35.68 16.69 30.80
C LEU E 248 34.21 16.37 30.65
N ILE E 249 33.77 16.12 29.44
CA ILE E 249 32.38 15.86 29.15
C ILE E 249 32.25 14.49 28.50
N VAL E 250 31.04 13.97 28.48
CA VAL E 250 30.72 12.78 27.71
C VAL E 250 29.97 13.21 26.47
N VAL E 251 30.26 12.54 25.36
CA VAL E 251 29.60 12.76 24.09
C VAL E 251 28.99 11.42 23.69
N PRO E 252 27.71 11.36 23.34
CA PRO E 252 27.13 10.09 22.92
C PRO E 252 27.79 9.63 21.62
N ASP E 253 28.42 8.45 21.65
CA ASP E 253 29.03 7.90 20.45
C ASP E 253 28.28 6.67 20.00
N VAL E 254 28.22 6.45 18.70
CA VAL E 254 27.49 5.34 18.12
C VAL E 254 28.47 4.22 17.79
N SER E 255 28.58 3.26 18.71
CA SER E 255 29.49 2.13 18.57
C SER E 255 29.20 1.05 19.61
N LYS E 256 28.92 -0.15 19.12
CA LYS E 256 28.45 -1.35 19.84
C LYS E 256 28.96 -2.64 19.24
N LEU E 257 28.24 -3.73 19.49
CA LEU E 257 28.63 -5.09 19.13
C LEU E 257 29.82 -5.53 19.96
N SER E 258 29.86 -5.03 21.19
CA SER E 258 30.67 -5.67 22.21
C SER E 258 29.72 -6.65 22.89
N THR E 259 28.49 -6.19 23.02
CA THR E 259 27.29 -6.84 23.50
C THR E 259 26.18 -5.79 23.51
N PRO E 260 24.92 -6.20 23.55
CA PRO E 260 23.88 -5.27 24.01
C PRO E 260 24.24 -4.73 25.39
N GLY E 261 24.13 -3.40 25.54
CA GLY E 261 24.57 -2.77 26.77
C GLY E 261 23.49 -1.99 27.50
N ALA E 262 23.85 -0.86 28.10
CA ALA E 262 22.86 0.00 28.74
C ALA E 262 22.00 0.67 27.69
N ARG E 263 20.72 0.84 27.99
CA ARG E 263 19.83 1.40 27.01
C ARG E 263 18.72 2.18 27.68
N ALA E 264 18.16 3.12 26.95
CA ALA E 264 17.09 3.96 27.44
C ALA E 264 15.80 3.59 26.72
N GLU E 265 14.69 3.68 27.43
CA GLU E 265 13.40 3.37 26.85
C GLU E 265 12.35 4.12 27.66
N THR E 266 11.17 4.28 27.09
CA THR E 266 10.11 4.97 27.79
C THR E 266 9.70 4.21 29.03
N ASN E 267 9.23 4.95 30.03
CA ASN E 267 8.68 4.32 31.20
C ASN E 267 7.19 4.07 31.06
N SER E 268 6.59 4.51 29.98
CA SER E 268 5.17 4.33 29.78
C SER E 268 4.89 2.91 29.31
N ARG E 269 3.94 2.26 29.97
CA ARG E 269 3.73 0.82 29.81
C ARG E 269 2.77 0.59 28.66
N VAL E 270 3.30 0.63 27.47
CA VAL E 270 2.54 0.37 26.26
C VAL E 270 2.80 -1.06 25.82
N SER E 271 1.84 -1.64 25.12
CA SER E 271 1.93 -3.03 24.70
C SER E 271 1.17 -3.17 23.40
N GLY E 272 1.88 -3.55 22.34
CA GLY E 272 1.27 -3.59 21.03
C GLY E 272 0.18 -4.63 20.91
N VAL E 273 -0.83 -4.30 20.11
CA VAL E 273 -1.99 -5.14 19.89
C VAL E 273 -1.63 -6.28 18.95
N ASP E 274 -2.53 -7.24 18.78
CA ASP E 274 -2.32 -8.29 17.81
C ASP E 274 -2.11 -7.71 16.43
N GLY E 275 -1.09 -8.20 15.74
CA GLY E 275 -0.71 -7.64 14.48
C GLY E 275 0.25 -6.49 14.60
N TYR E 276 0.40 -5.93 15.79
CA TYR E 276 1.30 -4.82 16.06
C TYR E 276 2.10 -5.08 17.32
N GLU E 277 2.42 -6.34 17.56
CA GLU E 277 3.12 -6.71 18.78
C GLU E 277 4.43 -5.94 18.88
N THR E 278 4.66 -5.35 20.05
CA THR E 278 5.86 -4.58 20.27
C THR E 278 7.03 -5.52 20.52
N GLU E 279 7.47 -6.14 19.43
CA GLU E 279 8.58 -7.05 19.39
C GLU E 279 9.45 -6.70 18.20
N GLY E 280 10.70 -7.14 18.24
CA GLY E 280 11.57 -6.93 17.11
C GLY E 280 11.93 -5.46 16.93
N ILE E 281 12.19 -5.10 15.69
CA ILE E 281 12.58 -3.73 15.40
C ILE E 281 11.40 -2.79 15.58
N ARG E 282 10.18 -3.24 15.26
CA ARG E 282 9.01 -2.40 15.51
C ARG E 282 8.83 -2.16 16.99
N GLY E 283 9.09 -3.17 17.81
CA GLY E 283 8.97 -3.01 19.24
C GLY E 283 10.04 -2.11 19.82
N LEU E 284 11.27 -2.21 19.33
CA LEU E 284 12.31 -1.30 19.80
C LEU E 284 12.02 0.12 19.38
N ARG E 285 11.52 0.32 18.16
CA ARG E 285 11.17 1.65 17.70
C ARG E 285 10.02 2.22 18.50
N ALA E 286 9.02 1.40 18.83
CA ALA E 286 7.85 1.89 19.55
C ALA E 286 8.19 2.30 20.98
N LEU E 287 9.09 1.57 21.62
CA LEU E 287 9.46 1.89 22.99
C LEU E 287 10.53 2.95 23.09
N GLY E 288 11.00 3.48 21.97
CA GLY E 288 12.02 4.50 21.99
C GLY E 288 13.34 4.01 22.52
N VAL E 289 13.71 2.81 22.17
CA VAL E 289 14.90 2.18 22.74
C VAL E 289 16.14 2.66 22.02
N ARG E 290 17.12 3.14 22.79
CA ARG E 290 18.38 3.57 22.22
C ARG E 290 19.52 3.21 23.16
N ASP E 291 20.69 3.03 22.58
CA ASP E 291 21.87 2.62 23.34
C ASP E 291 22.47 3.81 24.07
N LEU E 292 22.74 3.65 25.35
CA LEU E 292 23.41 4.68 26.13
C LEU E 292 24.90 4.37 26.12
N SER E 293 25.54 4.72 25.02
CA SER E 293 26.97 4.55 24.84
C SER E 293 27.60 5.91 24.74
N TYR E 294 28.70 6.10 25.45
CA TYR E 294 29.31 7.41 25.62
C TYR E 294 30.82 7.31 25.46
N ARG E 295 31.43 8.45 25.19
CA ARG E 295 32.88 8.54 25.23
C ARG E 295 33.28 9.86 25.84
N LEU E 296 34.44 9.87 26.46
CA LEU E 296 34.93 11.05 27.16
C LEU E 296 35.61 12.01 26.19
N VAL E 297 35.31 13.28 26.34
CA VAL E 297 35.86 14.34 25.50
C VAL E 297 36.14 15.53 26.39
N PHE E 298 37.24 16.22 26.16
CA PHE E 298 37.53 17.45 26.88
C PHE E 298 36.95 18.64 26.15
N LEU E 299 36.27 19.51 26.86
CA LEU E 299 35.74 20.74 26.30
C LEU E 299 36.49 21.91 26.89
N ALA E 300 37.43 22.48 26.13
CA ALA E 300 38.37 23.45 26.66
C ALA E 300 37.84 24.87 26.46
N CYS E 301 37.74 25.61 27.55
CA CYS E 301 37.46 27.03 27.47
C CYS E 301 38.70 27.85 27.16
N CYS E 302 39.89 27.34 27.47
CA CYS E 302 41.12 28.11 27.40
C CYS E 302 42.27 27.17 27.08
N VAL E 303 43.20 27.64 26.27
CA VAL E 303 44.41 26.92 25.92
C VAL E 303 45.60 27.81 26.21
N ALA E 304 46.60 27.27 26.91
CA ALA E 304 47.84 27.98 27.13
C ALA E 304 49.01 27.04 26.89
N PRO E 305 50.14 27.56 26.44
CA PRO E 305 51.34 26.73 26.38
C PRO E 305 51.74 26.24 27.76
N THR E 306 52.18 24.99 27.81
CA THR E 306 52.54 24.38 29.09
C THR E 306 53.75 25.07 29.70
N ASN E 307 54.77 25.31 28.88
CA ASN E 307 55.98 26.01 29.29
C ASN E 307 56.09 27.27 28.45
N PRO E 308 55.58 28.40 28.92
CA PRO E 308 55.61 29.61 28.11
C PRO E 308 57.04 30.06 27.85
N ARG E 309 57.26 30.62 26.66
CA ARG E 309 58.57 31.14 26.32
C ARG E 309 58.83 32.46 27.03
N PHE E 310 58.00 33.45 26.76
CA PHE E 310 58.07 34.73 27.43
C PHE E 310 56.91 34.83 28.40
N GLY E 311 57.19 35.27 29.62
CA GLY E 311 56.16 35.36 30.62
C GLY E 311 55.15 36.46 30.39
N GLY E 312 55.41 37.37 29.45
CA GLY E 312 54.52 38.49 29.27
C GLY E 312 53.17 38.15 28.65
N LYS E 313 53.16 37.86 27.36
CA LYS E 313 51.93 37.72 26.61
C LYS E 313 52.17 37.15 25.22
N GLU E 314 51.53 36.04 24.87
CA GLU E 314 51.58 35.60 23.48
C GLU E 314 50.62 36.44 22.64
N LEU E 315 50.51 36.09 21.37
CA LEU E 315 49.64 36.82 20.44
C LEU E 315 49.06 35.87 19.39
N GLU E 319 52.44 37.83 13.98
CA GLU E 319 53.20 38.23 12.80
C GLU E 319 54.70 38.06 13.01
N GLN E 320 55.12 38.04 14.28
CA GLN E 320 56.46 37.59 14.68
C GLN E 320 57.54 38.42 13.99
N THR E 321 57.60 39.69 14.35
CA THR E 321 58.75 40.52 14.03
C THR E 321 59.63 40.65 15.27
N ALA E 322 60.82 41.21 15.07
CA ALA E 322 61.76 41.32 16.19
C ALA E 322 61.16 42.17 17.30
N GLU E 323 60.48 43.25 16.95
CA GLU E 323 59.84 44.08 17.95
C GLU E 323 58.67 43.37 18.60
N SER E 324 57.94 42.55 17.86
CA SER E 324 56.85 41.79 18.45
C SER E 324 57.38 40.83 19.51
N ILE E 325 58.49 40.16 19.21
CA ILE E 325 59.09 39.25 20.17
C ILE E 325 59.57 40.01 21.40
N LYS E 326 60.22 41.16 21.18
CA LYS E 326 60.72 41.94 22.32
C LYS E 326 59.57 42.45 23.18
N ASN E 327 58.49 42.93 22.57
CA ASN E 327 57.32 43.37 23.32
C ASN E 327 56.68 42.22 24.07
N GLN E 328 56.70 41.03 23.48
CA GLN E 328 56.16 39.84 24.10
C GLN E 328 56.82 39.52 25.43
N MET E 329 58.04 39.99 25.66
CA MET E 329 58.78 39.64 26.85
C MET E 329 58.31 40.44 28.06
N THR E 330 58.95 40.20 29.20
CA THR E 330 58.89 41.06 30.36
C THR E 330 60.10 41.97 30.34
N VAL E 331 60.22 42.80 31.37
CA VAL E 331 61.34 43.74 31.43
C VAL E 331 62.63 43.00 31.77
N LYS E 332 62.58 42.09 32.76
CA LYS E 332 63.78 41.37 33.13
C LYS E 332 64.22 40.42 32.03
N GLU E 333 63.26 39.81 31.33
CA GLU E 333 63.61 38.93 30.22
C GLU E 333 64.39 39.69 29.15
N TRP E 334 63.92 40.86 28.77
CA TRP E 334 64.67 41.58 27.76
C TRP E 334 65.94 42.20 28.32
N GLU E 335 66.00 42.47 29.61
CA GLU E 335 67.28 42.80 30.20
C GLU E 335 68.28 41.70 29.93
N LYS E 336 67.88 40.45 30.14
CA LYS E 336 68.79 39.33 29.94
C LYS E 336 69.12 39.14 28.46
N VAL E 337 68.13 39.26 27.59
CA VAL E 337 68.37 39.12 26.17
C VAL E 337 69.38 40.14 25.69
N PHE E 338 69.16 41.40 26.05
CA PHE E 338 70.07 42.47 25.67
C PHE E 338 71.45 42.27 26.29
N GLU E 339 71.49 41.76 27.52
CA GLU E 339 72.76 41.53 28.19
C GLU E 339 73.59 40.54 27.41
N MET E 340 72.99 39.39 27.07
CA MET E 340 73.75 38.36 26.38
C MET E 340 74.03 38.73 24.93
N SER E 341 73.20 39.58 24.33
CA SER E 341 73.53 40.09 23.01
C SER E 341 74.79 40.93 23.06
N GLN E 342 74.96 41.73 24.10
CA GLN E 342 76.17 42.51 24.30
C GLN E 342 77.33 41.69 24.84
N ASP E 343 77.10 40.43 25.16
CA ASP E 343 78.12 39.58 25.76
C ASP E 343 79.23 39.32 24.75
N LYS E 344 80.39 39.91 24.98
CA LYS E 344 81.57 39.40 24.30
C LYS E 344 81.86 38.01 24.83
N ASN E 345 82.35 37.12 23.97
CA ASN E 345 82.52 35.72 24.31
C ASN E 345 81.17 35.03 24.51
N LEU E 346 80.14 35.49 23.80
CA LEU E 346 78.84 34.83 23.88
C LEU E 346 78.86 33.49 23.16
N TYR E 347 79.67 33.38 22.10
CA TYR E 347 79.75 32.14 21.34
C TYR E 347 80.21 30.99 22.23
N HIS E 348 81.31 31.20 22.95
CA HIS E 348 81.80 30.18 23.86
C HIS E 348 80.81 29.92 24.98
N ASN E 349 80.19 30.97 25.50
CA ASN E 349 79.26 30.81 26.61
C ASN E 349 78.06 29.98 26.21
N LEU E 350 77.55 30.19 25.00
CA LEU E 350 76.43 29.40 24.52
C LEU E 350 76.84 27.97 24.27
N CYS E 351 78.04 27.74 23.73
CA CYS E 351 78.50 26.38 23.55
C CYS E 351 78.62 25.66 24.87
N THR E 352 79.15 26.33 25.90
CA THR E 352 79.33 25.67 27.19
C THR E 352 78.02 25.48 27.93
N SER E 353 77.09 26.43 27.82
CA SER E 353 75.83 26.31 28.53
C SER E 353 74.83 25.44 27.81
N LEU E 354 75.06 25.11 26.54
CA LEU E 354 74.17 24.21 25.84
C LEU E 354 74.58 22.75 26.01
N PHE E 355 75.88 22.47 26.08
CA PHE E 355 76.41 21.11 26.21
C PHE E 355 77.36 21.07 27.39
N PRO E 356 76.85 21.07 28.62
CA PRO E 356 77.73 21.12 29.78
C PRO E 356 78.43 19.80 30.03
N THR E 357 77.71 18.71 29.84
CA THR E 357 78.17 17.39 30.22
C THR E 357 79.02 16.72 29.15
N ILE E 358 79.34 17.42 28.08
CA ILE E 358 80.11 16.89 26.97
C ILE E 358 81.50 17.48 27.03
N HIS E 359 82.51 16.63 27.03
CA HIS E 359 83.89 17.08 27.05
C HIS E 359 84.46 17.10 25.65
N GLY E 360 85.17 18.17 25.32
CA GLY E 360 85.78 18.26 24.02
C GLY E 360 84.72 18.46 22.96
N ASN E 361 85.07 18.07 21.74
CA ASN E 361 84.17 18.17 20.59
C ASN E 361 83.66 19.60 20.45
N ASP E 362 84.56 20.56 20.59
CA ASP E 362 84.14 21.96 20.57
C ASP E 362 83.60 22.36 19.21
N GLU E 363 84.19 21.85 18.13
CA GLU E 363 83.72 22.20 16.81
C GLU E 363 82.30 21.71 16.59
N VAL E 364 81.96 20.52 17.10
CA VAL E 364 80.61 20.01 16.94
C VAL E 364 79.62 20.86 17.71
N LYS E 365 80.01 21.31 18.90
CA LYS E 365 79.17 22.23 19.66
C LYS E 365 78.94 23.52 18.90
N ARG E 366 80.01 24.07 18.32
CA ARG E 366 79.87 25.33 17.60
C ARG E 366 78.98 25.17 16.38
N GLY E 367 79.17 24.09 15.62
CA GLY E 367 78.38 23.88 14.44
C GLY E 367 76.92 23.64 14.75
N VAL E 368 76.64 22.87 15.79
CA VAL E 368 75.25 22.65 16.18
C VAL E 368 74.61 23.94 16.66
N LEU E 369 75.39 24.79 17.33
CA LEU E 369 74.87 26.08 17.73
C LEU E 369 74.50 26.93 16.51
N LEU E 370 75.40 27.01 15.54
CA LEU E 370 75.12 27.78 14.34
C LEU E 370 73.93 27.22 13.58
N MET E 371 73.76 25.89 13.61
CA MET E 371 72.55 25.31 13.05
C MET E 371 71.32 25.82 13.77
N LEU E 372 71.39 25.90 15.10
CA LEU E 372 70.26 26.41 15.86
C LEU E 372 69.92 27.83 15.47
N PHE E 373 70.92 28.62 15.12
CA PHE E 373 70.63 30.00 14.73
C PHE E 373 70.23 30.12 13.27
N GLY E 374 70.90 29.42 12.37
CA GLY E 374 70.49 29.35 10.98
C GLY E 374 70.83 30.60 10.20
N GLY E 375 70.74 30.49 8.88
CA GLY E 375 70.98 31.58 7.98
C GLY E 375 69.70 32.29 7.59
N VAL E 376 69.75 32.97 6.46
CA VAL E 376 68.63 33.78 5.98
C VAL E 376 68.10 33.15 4.71
N PRO E 377 66.84 32.72 4.68
CA PRO E 377 66.25 32.26 3.43
C PRO E 377 66.05 33.42 2.46
N LYS E 378 66.10 33.11 1.18
CA LYS E 378 65.94 34.12 0.15
C LYS E 378 65.14 33.55 -1.01
N THR E 379 64.61 34.44 -1.84
CA THR E 379 63.92 34.07 -3.06
C THR E 379 64.54 34.84 -4.21
N THR E 380 64.90 34.14 -5.27
CA THR E 380 65.46 34.77 -6.44
C THR E 380 64.34 35.32 -7.31
N GLY E 381 64.67 36.34 -8.12
CA GLY E 381 63.69 36.92 -9.01
C GLY E 381 63.10 35.91 -9.99
N GLU E 382 63.92 34.95 -10.43
CA GLU E 382 63.43 33.87 -11.28
C GLU E 382 62.54 32.90 -10.53
N GLY E 383 62.44 33.02 -9.21
CA GLY E 383 61.66 32.12 -8.40
C GLY E 383 62.48 31.07 -7.67
N THR E 384 63.79 31.03 -7.87
CA THR E 384 64.62 30.08 -7.17
C THR E 384 64.62 30.40 -5.68
N SER E 385 64.47 29.36 -4.86
CA SER E 385 64.48 29.50 -3.42
C SER E 385 65.84 29.11 -2.88
N LEU E 386 66.44 30.00 -2.09
CA LEU E 386 67.77 29.76 -1.55
C LEU E 386 67.63 29.27 -0.12
N ARG E 387 68.20 28.09 0.16
CA ARG E 387 68.14 27.53 1.49
C ARG E 387 68.83 28.44 2.49
N GLY E 388 68.18 28.68 3.61
CA GLY E 388 68.72 29.58 4.60
C GLY E 388 68.79 28.96 5.97
N ASP E 389 69.16 27.69 6.05
CA ASP E 389 69.30 27.04 7.34
C ASP E 389 70.19 25.82 7.17
N ILE E 390 71.11 25.64 8.08
CA ILE E 390 72.19 24.73 7.76
C ILE E 390 71.84 23.37 8.30
N ASN E 391 72.36 22.35 7.65
CA ASN E 391 72.22 20.97 8.09
C ASN E 391 73.58 20.45 8.51
N VAL E 392 73.60 19.65 9.55
CA VAL E 392 74.83 19.13 10.13
C VAL E 392 74.70 17.63 10.28
N CYS E 393 75.73 16.89 9.88
CA CYS E 393 75.79 15.45 10.09
C CYS E 393 77.02 15.11 10.89
N ILE E 394 76.84 14.37 11.98
CA ILE E 394 77.94 13.91 12.80
C ILE E 394 78.22 12.47 12.44
N VAL E 395 79.46 12.19 12.05
CA VAL E 395 79.90 10.85 11.71
C VAL E 395 80.98 10.49 12.72
N GLY E 396 80.87 9.33 13.33
CA GLY E 396 81.88 9.00 14.30
C GLY E 396 81.90 7.56 14.73
N ASP E 397 82.99 7.20 15.38
CA ASP E 397 83.15 5.91 15.98
C ASP E 397 82.12 5.71 17.09
N PRO E 398 81.97 4.49 17.59
CA PRO E 398 80.99 4.28 18.66
C PRO E 398 81.30 5.09 19.91
N SER E 399 80.25 5.53 20.58
CA SER E 399 80.30 6.11 21.91
C SER E 399 81.08 7.41 21.95
N THR E 400 81.06 8.17 20.86
CA THR E 400 81.68 9.47 20.81
C THR E 400 80.67 10.58 21.01
N ALA E 401 79.46 10.24 21.45
CA ALA E 401 78.42 11.16 21.88
C ALA E 401 77.68 11.84 20.74
N LYS E 402 77.52 11.17 19.61
CA LYS E 402 76.64 11.70 18.58
C LYS E 402 75.20 11.73 19.04
N SER E 403 74.72 10.60 19.56
CA SER E 403 73.35 10.56 20.05
C SER E 403 73.15 11.55 21.18
N GLN E 404 74.20 11.86 21.93
CA GLN E 404 74.05 12.82 23.01
C GLN E 404 73.88 14.23 22.49
N PHE E 405 74.61 14.61 21.44
CA PHE E 405 74.37 15.91 20.81
C PHE E 405 72.94 15.99 20.31
N LEU E 406 72.48 14.94 19.66
CA LEU E 406 71.12 14.98 19.12
C LEU E 406 70.09 15.07 20.24
N LYS E 407 70.31 14.36 21.34
CA LYS E 407 69.40 14.43 22.48
C LYS E 407 69.42 15.80 23.14
N HIS E 408 70.61 16.38 23.30
CA HIS E 408 70.71 17.74 23.82
C HIS E 408 69.88 18.70 23.01
N VAL E 409 70.02 18.65 21.68
CA VAL E 409 69.29 19.60 20.85
C VAL E 409 67.79 19.31 20.90
N GLU E 410 67.40 18.04 20.91
CA GLU E 410 65.98 17.74 21.01
C GLU E 410 65.37 18.31 22.27
N GLU E 411 66.01 18.06 23.42
CA GLU E 411 65.43 18.50 24.68
C GLU E 411 65.52 20.00 24.86
N PHE E 412 66.50 20.65 24.25
CA PHE E 412 66.57 22.10 24.38
C PHE E 412 65.58 22.80 23.46
N SER E 413 65.63 22.48 22.19
CA SER E 413 64.94 23.27 21.20
C SER E 413 63.43 23.10 21.32
N PRO E 414 62.67 24.17 21.16
CA PRO E 414 61.27 24.03 20.80
C PRO E 414 61.17 23.73 19.32
N ARG E 415 60.12 23.02 18.94
CA ARG E 415 59.94 22.60 17.55
C ARG E 415 61.12 21.72 17.11
N ALA E 416 61.59 20.86 17.99
CA ALA E 416 62.60 19.88 17.64
C ALA E 416 62.01 18.49 17.77
N VAL E 417 62.30 17.63 16.80
CA VAL E 417 61.79 16.26 16.81
C VAL E 417 62.98 15.33 16.69
N TYR E 418 62.94 14.24 17.46
CA TYR E 418 64.00 13.24 17.45
C TYR E 418 63.45 11.96 16.86
N THR E 419 64.06 11.50 15.79
CA THR E 419 63.68 10.26 15.15
C THR E 419 64.93 9.42 14.94
N SER E 420 64.74 8.15 14.68
CA SER E 420 65.85 7.24 14.52
C SER E 420 65.76 6.52 13.18
N GLY E 421 66.67 5.57 12.98
CA GLY E 421 66.94 5.05 11.66
C GLY E 421 65.81 4.29 11.01
N LYS E 422 65.53 3.09 11.53
CA LYS E 422 64.55 2.21 10.90
C LYS E 422 63.25 2.10 11.70
N ALA E 423 62.94 3.12 12.48
CA ALA E 423 61.69 3.12 13.22
C ALA E 423 60.62 4.00 12.60
N SER E 424 60.90 4.66 11.49
CA SER E 424 60.00 5.66 10.94
C SER E 424 59.68 5.34 9.48
N SER E 425 58.39 5.36 9.15
CA SER E 425 57.93 5.22 7.79
C SER E 425 57.91 6.59 7.12
N ALA E 426 57.73 6.58 5.79
CA ALA E 426 57.71 7.83 5.05
C ALA E 426 56.55 8.71 5.48
N ALA E 427 55.36 8.13 5.66
CA ALA E 427 54.21 8.92 6.07
C ALA E 427 54.40 9.51 7.45
N GLY E 428 54.94 8.72 8.37
CA GLY E 428 55.21 9.25 9.70
C GLY E 428 56.41 10.17 9.76
N LEU E 429 57.21 10.21 8.71
CA LEU E 429 58.34 11.10 8.65
C LEU E 429 58.01 12.41 7.94
N THR E 430 57.07 12.38 7.02
CA THR E 430 56.70 13.59 6.28
C THR E 430 55.26 14.01 6.51
N ALA E 431 54.30 13.17 6.14
CA ALA E 431 52.94 13.66 5.98
C ALA E 431 52.00 12.49 5.77
N ALA E 432 50.83 12.55 6.38
CA ALA E 432 49.80 11.58 6.14
C ALA E 432 48.46 12.30 6.08
N VAL E 433 47.51 11.70 5.39
CA VAL E 433 46.20 12.29 5.19
C VAL E 433 45.17 11.36 5.81
N VAL E 434 44.29 11.92 6.63
CA VAL E 434 43.09 11.21 7.08
C VAL E 434 41.91 12.13 6.87
N ARG E 435 40.74 11.53 6.75
CA ARG E 435 39.53 12.27 6.46
C ARG E 435 38.95 12.82 7.76
N ASP E 436 38.35 14.00 7.67
CA ASP E 436 37.70 14.59 8.83
C ASP E 436 36.45 13.80 9.17
N GLU E 437 36.32 13.38 10.42
CA GLU E 437 35.19 12.57 10.83
C GLU E 437 33.89 13.34 10.82
N GLU E 438 33.94 14.67 10.79
CA GLU E 438 32.75 15.49 10.95
C GLU E 438 32.32 16.17 9.67
N SER E 439 33.20 16.34 8.70
CA SER E 439 32.92 17.19 7.56
C SER E 439 33.42 16.53 6.28
N HIS E 440 33.36 17.26 5.18
CA HIS E 440 33.78 16.78 3.87
C HIS E 440 35.26 17.05 3.60
N GLU E 441 35.98 17.61 4.55
CA GLU E 441 37.37 17.99 4.30
C GLU E 441 38.32 16.88 4.76
N PHE E 442 39.59 17.10 4.47
CA PHE E 442 40.66 16.18 4.85
C PHE E 442 41.59 16.86 5.84
N VAL E 443 41.90 16.17 6.92
CA VAL E 443 42.82 16.68 7.92
C VAL E 443 44.17 16.01 7.71
N ILE E 444 45.24 16.80 7.74
CA ILE E 444 46.58 16.35 7.40
C ILE E 444 47.32 16.06 8.69
N GLU E 445 47.86 14.85 8.79
CA GLU E 445 48.71 14.48 9.90
C GLU E 445 50.14 14.94 9.65
N ALA E 446 50.62 15.85 10.49
CA ALA E 446 52.01 16.25 10.39
C ALA E 446 52.92 15.14 10.88
N GLY E 447 53.96 14.86 10.10
CA GLY E 447 55.00 13.94 10.50
C GLY E 447 56.19 14.69 11.07
N ALA E 448 57.29 13.96 11.21
CA ALA E 448 58.46 14.50 11.91
C ALA E 448 58.98 15.77 11.25
N LEU E 449 59.04 15.80 9.92
CA LEU E 449 59.61 16.95 9.25
C LEU E 449 58.68 18.14 9.24
N MET E 450 57.40 17.97 9.57
CA MET E 450 56.52 19.12 9.74
C MET E 450 56.56 19.64 11.16
N LEU E 451 56.56 18.75 12.15
CA LEU E 451 56.65 19.20 13.52
C LEU E 451 58.00 19.84 13.83
N ALA E 452 58.98 19.66 12.96
CA ALA E 452 60.27 20.30 13.09
C ALA E 452 60.40 21.53 12.21
N ASP E 453 59.32 21.98 11.60
CA ASP E 453 59.36 23.16 10.75
C ASP E 453 59.77 24.37 11.56
N ASN E 454 60.71 25.14 11.03
CA ASN E 454 61.36 26.23 11.75
C ASN E 454 62.01 25.71 13.04
N GLY E 455 62.46 24.49 13.01
CA GLY E 455 63.09 23.85 14.15
C GLY E 455 64.15 22.91 13.67
N VAL E 456 64.32 21.80 14.38
CA VAL E 456 65.34 20.82 14.05
C VAL E 456 64.71 19.45 14.03
N CYS E 457 65.00 18.69 12.98
CA CYS E 457 64.76 17.27 12.96
C CYS E 457 66.08 16.58 13.27
N CYS E 458 66.08 15.71 14.27
CA CYS E 458 67.28 15.01 14.70
C CYS E 458 67.13 13.56 14.28
N ILE E 459 67.80 13.17 13.21
CA ILE E 459 67.73 11.81 12.70
C ILE E 459 68.96 11.07 13.20
N ASP E 460 68.79 10.29 14.25
CA ASP E 460 69.85 9.41 14.68
C ASP E 460 69.86 8.16 13.84
N GLU E 461 71.02 7.53 13.74
CA GLU E 461 71.22 6.36 12.91
C GLU E 461 70.85 6.66 11.47
N PHE E 462 71.28 7.82 10.98
CA PHE E 462 70.89 8.26 9.65
C PHE E 462 71.33 7.27 8.58
N ASP E 463 72.44 6.59 8.80
CA ASP E 463 72.92 5.64 7.81
C ASP E 463 72.01 4.43 7.68
N LYS E 464 71.18 4.16 8.68
CA LYS E 464 70.34 2.98 8.71
C LYS E 464 68.95 3.24 8.15
N MET E 465 68.68 4.43 7.65
CA MET E 465 67.37 4.75 7.11
C MET E 465 67.20 4.15 5.72
N ASP E 466 66.03 3.57 5.47
CA ASP E 466 65.75 3.01 4.15
C ASP E 466 65.69 4.08 3.09
N VAL E 467 66.01 3.69 1.86
CA VAL E 467 66.05 4.63 0.75
C VAL E 467 64.66 5.19 0.45
N ARG E 468 63.61 4.41 0.69
CA ARG E 468 62.27 4.94 0.52
C ARG E 468 62.00 6.09 1.49
N ASP E 469 62.74 6.17 2.58
CA ASP E 469 62.64 7.25 3.53
C ASP E 469 63.71 8.31 3.31
N GLN E 470 64.86 7.88 2.82
CA GLN E 470 65.93 8.81 2.50
C GLN E 470 65.51 9.74 1.38
N VAL E 471 64.68 9.26 0.45
CA VAL E 471 64.24 10.13 -0.64
C VAL E 471 63.34 11.23 -0.10
N ALA E 472 62.50 10.91 0.88
CA ALA E 472 61.65 11.93 1.48
C ALA E 472 62.46 12.95 2.27
N ILE E 473 63.45 12.48 3.03
CA ILE E 473 64.34 13.43 3.69
C ILE E 473 65.03 14.32 2.66
N HIS E 474 65.47 13.73 1.55
CA HIS E 474 66.16 14.48 0.53
C HIS E 474 65.25 15.52 -0.11
N GLU E 475 64.00 15.18 -0.37
CA GLU E 475 63.10 16.13 -0.98
C GLU E 475 62.85 17.31 -0.06
N ALA E 476 62.65 17.03 1.22
CA ALA E 476 62.50 18.11 2.19
C ALA E 476 63.75 18.96 2.30
N MET E 477 64.92 18.35 2.20
CA MET E 477 66.15 19.12 2.26
C MET E 477 66.40 19.90 0.98
N GLU E 478 65.85 19.45 -0.15
CA GLU E 478 65.88 20.25 -1.37
C GLU E 478 65.01 21.48 -1.26
N GLN E 479 63.70 21.30 -1.41
CA GLN E 479 62.89 22.48 -1.64
C GLN E 479 62.04 22.84 -0.44
N GLN E 480 62.38 22.32 0.73
CA GLN E 480 61.78 22.78 1.98
C GLN E 480 60.27 22.58 1.99
N THR E 481 59.77 21.58 1.29
CA THR E 481 58.34 21.34 1.24
C THR E 481 58.10 19.85 1.19
N ILE E 482 56.83 19.49 1.37
CA ILE E 482 56.36 18.12 1.25
C ILE E 482 55.06 18.21 0.49
N SER E 483 55.06 17.81 -0.77
CA SER E 483 53.86 17.79 -1.58
C SER E 483 53.23 16.42 -1.44
N ILE E 484 51.99 16.37 -0.99
CA ILE E 484 51.32 15.11 -0.72
C ILE E 484 50.08 15.03 -1.60
N THR E 485 49.89 13.89 -2.25
CA THR E 485 48.68 13.60 -3.03
C THR E 485 48.21 12.23 -2.57
N LYS E 486 47.23 12.21 -1.68
CA LYS E 486 46.82 10.94 -1.10
C LYS E 486 45.35 11.02 -0.70
N ALA E 487 44.64 9.94 -0.93
CA ALA E 487 43.30 9.74 -0.36
C ALA E 487 42.39 10.92 -0.63
N GLY E 488 42.38 11.41 -1.85
CA GLY E 488 41.42 12.39 -2.29
C GLY E 488 41.86 13.83 -2.18
N VAL E 489 42.95 14.11 -1.50
CA VAL E 489 43.40 15.48 -1.30
C VAL E 489 44.85 15.59 -1.73
N LYS E 490 45.20 16.69 -2.36
CA LYS E 490 46.58 17.04 -2.59
C LYS E 490 46.86 18.36 -1.88
N ALA E 491 48.09 18.51 -1.43
CA ALA E 491 48.46 19.65 -0.60
C ALA E 491 49.96 19.74 -0.55
N THR E 492 50.48 20.94 -0.74
CA THR E 492 51.90 21.20 -0.58
C THR E 492 52.14 21.73 0.83
N LEU E 493 52.74 20.89 1.66
CA LEU E 493 53.10 21.28 3.00
C LEU E 493 54.46 21.96 2.98
N ASN E 494 54.89 22.43 4.13
CA ASN E 494 56.01 23.34 4.18
C ASN E 494 56.95 22.84 5.28
N ALA E 495 58.23 22.68 4.96
CA ALA E 495 59.18 22.11 5.90
C ALA E 495 60.49 22.89 5.87
N ARG E 496 60.56 23.96 6.65
CA ARG E 496 61.78 24.74 6.84
C ARG E 496 62.49 24.19 8.06
N THR E 497 63.10 23.02 7.91
CA THR E 497 63.72 22.31 9.02
C THR E 497 65.21 22.19 8.79
N SER E 498 65.99 22.56 9.78
CA SER E 498 67.38 22.11 9.83
C SER E 498 67.40 20.63 10.15
N ILE E 499 68.41 19.95 9.64
CA ILE E 499 68.59 18.53 9.89
C ILE E 499 69.84 18.38 10.73
N LEU E 500 69.72 17.68 11.84
CA LEU E 500 70.87 17.25 12.63
C LEU E 500 70.88 15.74 12.55
N ALA E 501 71.82 15.19 11.81
CA ALA E 501 71.90 13.76 11.60
C ALA E 501 73.15 13.21 12.25
N ALA E 502 73.04 11.98 12.74
CA ALA E 502 74.17 11.23 13.23
C ALA E 502 74.23 9.93 12.45
N ALA E 503 75.41 9.61 11.94
CA ALA E 503 75.57 8.43 11.13
C ALA E 503 76.74 7.63 11.66
N ASN E 504 76.63 6.33 11.54
CA ASN E 504 77.79 5.50 11.86
C ASN E 504 78.62 5.28 10.60
N PRO E 505 79.93 5.09 10.69
CA PRO E 505 80.70 4.77 9.50
C PRO E 505 80.43 3.36 9.07
N ILE E 506 80.79 3.08 7.81
CA ILE E 506 80.72 1.70 7.35
C ILE E 506 81.67 0.88 8.19
N SER E 507 81.19 -0.25 8.69
CA SER E 507 81.91 -1.14 9.60
C SER E 507 82.10 -0.55 10.98
N GLY E 508 81.38 0.53 11.30
CA GLY E 508 81.38 1.03 12.66
C GLY E 508 82.51 1.97 13.01
N HIS E 509 83.67 1.77 12.42
CA HIS E 509 84.85 2.55 12.76
C HIS E 509 85.27 3.39 11.56
N TYR E 510 85.46 4.68 11.80
CA TYR E 510 85.85 5.56 10.72
C TYR E 510 87.28 5.29 10.30
N ASP E 511 87.48 5.12 9.00
CA ASP E 511 88.79 4.82 8.42
C ASP E 511 89.39 6.11 7.90
N ARG E 512 90.42 6.61 8.59
CA ARG E 512 91.02 7.87 8.21
C ARG E 512 91.81 7.81 6.91
N SER E 513 92.02 6.61 6.37
CA SER E 513 92.73 6.45 5.10
C SER E 513 91.78 6.36 3.93
N LYS E 514 90.60 6.97 4.04
CA LYS E 514 89.58 6.89 3.02
C LYS E 514 88.84 8.21 3.00
N SER E 515 88.17 8.50 1.89
CA SER E 515 87.37 9.69 1.82
C SER E 515 86.10 9.52 2.65
N LEU E 516 85.40 10.62 2.85
CA LEU E 516 84.14 10.56 3.58
C LEU E 516 83.12 9.72 2.83
N LYS E 517 83.12 9.81 1.51
CA LYS E 517 82.22 8.98 0.71
C LYS E 517 82.50 7.49 0.92
N GLN E 518 83.76 7.11 0.99
CA GLN E 518 84.08 5.71 1.17
C GLN E 518 83.79 5.21 2.58
N ASN E 519 83.40 6.09 3.50
CA ASN E 519 83.23 5.73 4.89
C ASN E 519 81.78 5.65 5.32
N ILE E 520 80.88 6.40 4.70
CA ILE E 520 79.47 6.37 5.05
C ILE E 520 78.67 6.02 3.82
N ASN E 521 77.61 5.25 4.01
CA ASN E 521 76.77 4.81 2.90
C ASN E 521 75.64 5.78 2.61
N LEU E 522 75.81 7.05 2.92
CA LEU E 522 74.84 8.05 2.51
C LEU E 522 74.92 8.25 1.00
N SER E 523 73.76 8.44 0.38
CA SER E 523 73.77 8.73 -1.05
C SER E 523 74.33 10.12 -1.28
N ALA E 524 75.01 10.28 -2.41
CA ALA E 524 75.54 11.59 -2.78
C ALA E 524 74.50 12.69 -2.78
N PRO E 525 73.26 12.49 -3.26
CA PRO E 525 72.28 13.55 -3.12
C PRO E 525 72.07 14.00 -1.69
N ILE E 526 72.08 13.06 -0.75
CA ILE E 526 71.94 13.42 0.66
C ILE E 526 73.17 14.18 1.14
N MET E 527 74.36 13.63 0.87
CA MET E 527 75.57 14.22 1.42
C MET E 527 75.79 15.62 0.90
N SER E 528 75.54 15.84 -0.38
CA SER E 528 75.90 17.11 -1.00
C SER E 528 75.23 18.28 -0.32
N ARG E 529 74.06 18.08 0.26
CA ARG E 529 73.34 19.16 0.93
C ARG E 529 73.32 19.01 2.44
N PHE E 530 74.48 18.69 3.00
CA PHE E 530 74.78 18.88 4.41
C PHE E 530 75.83 19.96 4.49
N ASP E 531 75.58 20.98 5.30
CA ASP E 531 76.49 22.11 5.37
C ASP E 531 77.81 21.73 6.02
N LEU E 532 77.74 21.00 7.12
CA LEU E 532 78.93 20.65 7.89
C LEU E 532 78.90 19.17 8.20
N PHE E 533 80.02 18.50 7.96
CA PHE E 533 80.22 17.13 8.37
C PHE E 533 81.26 17.12 9.47
N PHE E 534 80.96 16.46 10.57
CA PHE E 534 81.87 16.37 11.69
C PHE E 534 82.28 14.92 11.87
N ILE E 535 83.56 14.66 11.73
CA ILE E 535 84.09 13.32 11.94
C ILE E 535 84.59 13.25 13.37
N LEU E 536 83.98 12.37 14.16
CA LEU E 536 84.34 12.19 15.56
C LEU E 536 85.05 10.84 15.67
N VAL E 537 86.35 10.86 15.43
CA VAL E 537 87.15 9.66 15.45
C VAL E 537 87.58 9.39 16.88
N ASP E 538 87.39 8.17 17.34
CA ASP E 538 87.90 7.76 18.63
C ASP E 538 89.41 7.57 18.50
N GLU E 539 90.17 8.52 18.99
CA GLU E 539 91.61 8.36 19.10
C GLU E 539 91.91 7.88 20.51
N CYS E 540 92.75 6.86 20.62
CA CYS E 540 92.98 6.20 21.91
C CYS E 540 94.09 6.93 22.66
N ASN E 541 93.74 8.11 23.13
CA ASN E 541 94.66 8.99 23.84
C ASN E 541 94.41 8.86 25.33
N GLU E 542 95.46 8.52 26.08
CA GLU E 542 95.28 8.34 27.52
C GLU E 542 94.86 9.63 28.21
N VAL E 543 95.33 10.77 27.72
CA VAL E 543 94.99 12.04 28.34
C VAL E 543 93.51 12.35 28.15
N THR E 544 93.01 12.19 26.92
CA THR E 544 91.59 12.41 26.70
C THR E 544 90.76 11.34 27.38
N ASP E 545 91.28 10.12 27.50
CA ASP E 545 90.57 9.12 28.28
C ASP E 545 90.40 9.58 29.71
N TYR E 546 91.45 10.13 30.30
CA TYR E 546 91.35 10.67 31.64
C TYR E 546 90.35 11.80 31.72
N ALA E 547 90.37 12.72 30.75
CA ALA E 547 89.47 13.87 30.81
C ALA E 547 88.01 13.45 30.66
N ILE E 548 87.72 12.58 29.68
CA ILE E 548 86.36 12.11 29.50
C ILE E 548 85.90 11.33 30.70
N ALA E 549 86.75 10.47 31.24
CA ALA E 549 86.38 9.71 32.42
C ALA E 549 86.09 10.63 33.59
N ARG E 550 86.91 11.65 33.78
CA ARG E 550 86.67 12.59 34.87
C ARG E 550 85.34 13.28 34.71
N ARG E 551 85.02 13.72 33.49
CA ARG E 551 83.75 14.44 33.35
C ARG E 551 82.56 13.51 33.55
N ILE E 552 82.65 12.29 33.04
CA ILE E 552 81.56 11.33 33.21
C ILE E 552 81.35 11.02 34.69
N VAL E 553 82.43 10.76 35.41
CA VAL E 553 82.33 10.40 36.81
C VAL E 553 81.82 11.58 37.62
N ASP E 554 82.23 12.80 37.25
CA ASP E 554 81.72 13.96 37.95
C ASP E 554 80.23 14.15 37.71
N LEU E 555 79.77 13.92 36.48
CA LEU E 555 78.34 13.98 36.21
C LEU E 555 77.58 12.98 37.06
N HIS E 556 78.11 11.76 37.18
CA HIS E 556 77.39 10.75 37.91
C HIS E 556 77.54 10.87 39.41
N SER E 557 78.48 11.67 39.89
CA SER E 557 78.64 11.88 41.32
C SER E 557 77.83 13.07 41.81
N ARG E 558 77.81 14.16 41.05
CA ARG E 558 77.07 15.37 41.41
C ARG E 558 76.04 15.60 40.32
N ILE E 559 74.82 15.14 40.55
CA ILE E 559 73.87 15.03 39.44
C ILE E 559 73.27 16.39 39.10
N GLU E 560 72.49 16.96 40.01
CA GLU E 560 71.84 18.24 39.75
C GLU E 560 72.87 19.37 39.68
N GLU E 561 73.88 19.34 40.55
CA GLU E 561 75.01 20.24 40.41
C GLU E 561 76.01 19.61 39.46
N SER E 562 77.24 20.11 39.46
CA SER E 562 78.33 19.76 38.55
C SER E 562 78.10 20.32 37.16
N ILE E 563 76.95 20.94 36.90
CA ILE E 563 76.73 21.74 35.71
C ILE E 563 76.59 23.18 36.17
N ASP E 564 77.46 24.05 35.65
CA ASP E 564 77.41 25.46 35.94
C ASP E 564 77.39 26.15 34.59
N ARG E 565 76.20 26.36 34.05
CA ARG E 565 76.04 26.94 32.73
C ARG E 565 75.67 28.41 32.88
N VAL E 566 76.35 29.26 32.11
CA VAL E 566 76.28 30.70 32.37
C VAL E 566 74.94 31.28 31.97
N TYR E 567 74.18 30.58 31.13
CA TYR E 567 72.86 31.05 30.72
C TYR E 567 71.85 29.90 30.79
N SER E 568 70.74 30.11 31.50
CA SER E 568 69.75 29.06 31.64
C SER E 568 69.15 28.75 30.28
N LEU E 569 68.63 27.53 30.15
CA LEU E 569 68.06 27.11 28.88
C LEU E 569 66.86 27.96 28.49
N ASP E 570 66.08 28.41 29.46
CA ASP E 570 64.97 29.31 29.15
C ASP E 570 65.48 30.65 28.63
N ASP E 571 66.55 31.16 29.24
CA ASP E 571 67.14 32.39 28.75
C ASP E 571 67.60 32.23 27.32
N ILE E 572 68.27 31.13 27.02
CA ILE E 572 68.78 30.90 25.67
C ILE E 572 67.63 30.71 24.71
N ARG E 573 66.55 30.09 25.14
CA ARG E 573 65.41 29.93 24.25
C ARG E 573 64.77 31.26 23.91
N ARG E 574 64.60 32.12 24.90
CA ARG E 574 64.08 33.47 24.62
C ARG E 574 65.02 34.22 23.69
N TYR E 575 66.31 34.14 24.00
CA TYR E 575 67.34 34.82 23.21
C TYR E 575 67.36 34.33 21.76
N LEU E 576 67.11 33.04 21.55
CA LEU E 576 67.17 32.47 20.22
C LEU E 576 65.90 32.81 19.45
N LEU E 577 64.74 32.73 20.11
CA LEU E 577 63.51 33.18 19.48
C LEU E 577 63.63 34.63 19.04
N PHE E 578 64.30 35.46 19.85
CA PHE E 578 64.49 36.85 19.46
C PHE E 578 65.44 36.96 18.28
N ALA E 579 66.62 36.37 18.37
CA ALA E 579 67.66 36.55 17.37
C ALA E 579 67.31 35.91 16.04
N ARG E 580 66.39 34.95 16.02
CA ARG E 580 65.97 34.41 14.75
C ARG E 580 65.18 35.40 13.93
N GLN E 581 64.75 36.52 14.51
CA GLN E 581 64.02 37.54 13.76
C GLN E 581 64.94 38.50 13.04
N PHE E 582 66.24 38.37 13.20
CA PHE E 582 67.20 39.24 12.54
C PHE E 582 67.60 38.63 11.21
N LYS E 583 67.66 39.45 10.18
CA LYS E 583 68.04 39.01 8.84
C LYS E 583 69.25 39.85 8.44
N PRO E 584 70.43 39.44 8.87
CA PRO E 584 71.63 40.21 8.56
C PRO E 584 71.86 40.35 7.07
N LYS E 585 72.34 41.52 6.68
CA LYS E 585 72.78 41.78 5.32
C LYS E 585 74.22 41.34 5.18
N ILE E 586 74.67 41.26 3.94
CA ILE E 586 76.09 41.07 3.65
C ILE E 586 76.62 42.39 3.13
N SER E 587 77.53 42.99 3.87
CA SER E 587 78.13 44.23 3.43
C SER E 587 79.13 43.97 2.31
N LYS E 588 79.62 45.05 1.70
CA LYS E 588 80.56 44.91 0.59
C LYS E 588 81.85 44.25 1.04
N GLU E 589 82.40 44.71 2.16
CA GLU E 589 83.64 44.12 2.64
C GLU E 589 83.44 42.66 3.00
N SER E 590 82.24 42.31 3.47
CA SER E 590 81.93 40.90 3.69
C SER E 590 81.89 40.13 2.38
N GLU E 591 81.38 40.75 1.30
CA GLU E 591 81.46 40.10 0.00
C GLU E 591 82.90 39.81 -0.38
N ASP E 592 83.77 40.82 -0.24
CA ASP E 592 85.16 40.64 -0.66
C ASP E 592 85.84 39.57 0.17
N PHE E 593 85.60 39.60 1.48
CA PHE E 593 86.24 38.62 2.36
C PHE E 593 85.71 37.22 2.11
N ILE E 594 84.42 37.10 1.83
CA ILE E 594 83.85 35.80 1.49
C ILE E 594 84.51 35.26 0.23
N VAL E 595 84.70 36.11 -0.77
CA VAL E 595 85.33 35.65 -2.01
C VAL E 595 86.75 35.19 -1.73
N GLU E 596 87.50 35.95 -0.93
CA GLU E 596 88.87 35.54 -0.62
C GLU E 596 88.91 34.22 0.14
N GLN E 597 88.02 34.05 1.11
CA GLN E 597 87.99 32.81 1.87
C GLN E 597 87.62 31.63 0.99
N TYR E 598 86.68 31.83 0.07
CA TYR E 598 86.31 30.77 -0.86
C TYR E 598 87.48 30.40 -1.76
N LYS E 599 88.24 31.40 -2.22
CA LYS E 599 89.41 31.10 -3.02
C LYS E 599 90.40 30.27 -2.23
N HIS E 600 90.63 30.61 -0.97
CA HIS E 600 91.55 29.81 -0.16
C HIS E 600 91.04 28.39 0.02
N LEU E 601 89.75 28.26 0.34
CA LEU E 601 89.17 26.94 0.54
C LEU E 601 89.33 26.07 -0.69
N ARG E 602 89.09 26.64 -1.87
CA ARG E 602 89.29 25.88 -3.09
C ARG E 602 90.76 25.56 -3.30
N GLN E 603 91.67 26.47 -2.94
CA GLN E 603 93.08 26.18 -3.07
C GLN E 603 93.46 24.99 -2.22
N ARG E 604 92.71 24.74 -1.15
CA ARG E 604 92.94 23.53 -0.37
C ARG E 604 92.71 22.28 -1.20
N ASP E 605 91.85 22.38 -2.21
CA ASP E 605 91.40 21.20 -2.96
C ASP E 605 92.34 20.82 -4.09
N GLY E 606 93.39 21.60 -4.32
CA GLY E 606 94.27 21.35 -5.44
C GLY E 606 95.20 20.17 -5.20
N SER E 607 95.97 19.85 -6.23
CA SER E 607 96.89 18.73 -6.18
C SER E 607 98.15 19.13 -5.43
N GLY E 608 99.15 18.26 -5.43
CA GLY E 608 100.35 18.48 -4.66
C GLY E 608 100.15 18.17 -3.19
N VAL E 609 99.25 18.89 -2.54
CA VAL E 609 98.99 18.70 -1.11
C VAL E 609 98.15 17.44 -0.95
N THR E 610 98.06 16.94 0.28
CA THR E 610 97.39 15.68 0.55
C THR E 610 95.89 15.80 0.30
N LYS E 611 95.24 14.65 0.16
CA LYS E 611 93.82 14.64 -0.12
C LYS E 611 93.02 15.07 1.10
N SER E 612 91.98 15.85 0.86
CA SER E 612 91.00 16.14 1.90
C SER E 612 89.95 15.06 1.91
N SER E 613 89.24 14.95 3.04
CA SER E 613 88.24 13.91 3.15
C SER E 613 87.12 14.08 2.14
N TRP E 614 86.92 15.29 1.62
CA TRP E 614 85.88 15.47 0.63
C TRP E 614 86.07 16.82 -0.04
N ARG E 615 85.66 16.89 -1.31
CA ARG E 615 86.05 18.01 -2.17
C ARG E 615 85.32 19.28 -1.78
N ILE E 616 85.91 20.41 -2.12
CA ILE E 616 85.27 21.70 -1.95
C ILE E 616 84.59 22.08 -3.25
N THR E 617 83.33 22.47 -3.17
CA THR E 617 82.55 22.86 -4.32
C THR E 617 81.92 24.22 -4.05
N VAL E 618 80.98 24.63 -4.90
CA VAL E 618 80.29 25.89 -4.67
C VAL E 618 79.30 25.76 -3.52
N ARG E 619 78.88 24.54 -3.22
CA ARG E 619 78.04 24.32 -2.05
C ARG E 619 78.77 24.72 -0.78
N GLN E 620 80.10 24.59 -0.76
CA GLN E 620 80.86 25.09 0.37
C GLN E 620 80.74 26.61 0.49
N LEU E 621 80.72 27.32 -0.64
CA LEU E 621 80.54 28.76 -0.58
C LEU E 621 79.17 29.12 -0.03
N GLU E 622 78.12 28.44 -0.48
CA GLU E 622 76.81 28.74 0.05
C GLU E 622 76.74 28.40 1.54
N SER E 623 77.38 27.32 1.95
CA SER E 623 77.43 26.97 3.37
C SER E 623 78.18 28.02 4.16
N MET E 624 79.26 28.54 3.60
CA MET E 624 80.03 29.57 4.29
C MET E 624 79.20 30.82 4.50
N ILE E 625 78.46 31.25 3.49
CA ILE E 625 77.67 32.46 3.69
C ILE E 625 76.47 32.18 4.59
N ARG E 626 75.95 30.96 4.58
CA ARG E 626 74.92 30.61 5.55
C ARG E 626 75.46 30.66 6.98
N LEU E 627 76.65 30.14 7.20
CA LEU E 627 77.24 30.15 8.53
C LEU E 627 77.55 31.55 8.98
N SER E 628 78.00 32.40 8.06
CA SER E 628 78.29 33.78 8.42
C SER E 628 77.01 34.53 8.79
N GLU E 629 75.93 34.33 8.03
CA GLU E 629 74.66 34.90 8.43
C GLU E 629 74.24 34.38 9.81
N ALA E 630 74.46 33.10 10.07
CA ALA E 630 74.10 32.54 11.37
C ALA E 630 74.92 33.15 12.49
N MET E 631 76.21 33.38 12.26
CA MET E 631 77.03 34.04 13.24
C MET E 631 76.53 35.45 13.53
N ALA E 632 76.13 36.17 12.48
CA ALA E 632 75.58 37.50 12.70
C ALA E 632 74.27 37.44 13.47
N ARG E 633 73.42 36.45 13.18
CA ARG E 633 72.16 36.33 13.94
C ARG E 633 72.41 36.00 15.40
N MET E 634 73.47 35.24 15.68
CA MET E 634 73.77 34.94 17.08
C MET E 634 74.10 36.19 17.86
N HIS E 635 74.85 37.10 17.26
CA HIS E 635 75.20 38.34 17.93
C HIS E 635 74.16 39.42 17.74
N CYS E 636 73.02 39.07 17.17
CA CYS E 636 71.92 40.00 16.93
C CYS E 636 72.40 41.20 16.13
N CYS E 637 73.36 40.97 15.26
CA CYS E 637 73.84 42.00 14.36
C CYS E 637 72.92 42.10 13.15
N ASP E 638 73.00 43.25 12.49
CA ASP E 638 72.23 43.50 11.28
C ASP E 638 73.07 43.43 10.04
N GLU E 639 74.38 43.36 10.18
CA GLU E 639 75.31 43.24 9.06
C GLU E 639 76.27 42.11 9.35
N VAL E 640 76.63 41.36 8.32
CA VAL E 640 77.62 40.31 8.45
C VAL E 640 78.99 40.98 8.43
N GLN E 641 79.63 41.08 9.58
CA GLN E 641 81.00 41.60 9.62
C GLN E 641 81.98 40.53 9.16
N PRO E 642 83.16 40.95 8.68
CA PRO E 642 84.17 39.96 8.29
C PRO E 642 84.63 39.07 9.42
N LYS E 643 84.43 39.45 10.68
CA LYS E 643 84.73 38.51 11.76
C LYS E 643 83.81 37.30 11.70
N HIS E 644 82.54 37.52 11.38
CA HIS E 644 81.62 36.40 11.19
C HIS E 644 82.07 35.51 10.05
N VAL E 645 82.51 36.10 8.95
CA VAL E 645 82.98 35.31 7.82
C VAL E 645 84.22 34.52 8.22
N LYS E 646 85.09 35.14 9.01
CA LYS E 646 86.30 34.45 9.43
C LYS E 646 85.95 33.24 10.28
N GLU E 647 84.98 33.37 11.18
CA GLU E 647 84.59 32.24 12.00
C GLU E 647 83.93 31.14 11.15
N ALA E 648 83.09 31.51 10.20
CA ALA E 648 82.49 30.51 9.33
C ALA E 648 83.54 29.74 8.56
N PHE E 649 84.51 30.45 8.00
CA PHE E 649 85.57 29.78 7.27
C PHE E 649 86.37 28.88 8.19
N ARG E 650 86.68 29.35 9.41
CA ARG E 650 87.47 28.53 10.32
C ARG E 650 86.74 27.24 10.64
N LEU E 651 85.45 27.33 10.93
CA LEU E 651 84.66 26.15 11.24
C LEU E 651 84.63 25.20 10.05
N LEU E 652 84.35 25.73 8.86
CA LEU E 652 84.26 24.91 7.66
C LEU E 652 85.59 24.23 7.35
N ASN E 653 86.69 24.96 7.48
CA ASN E 653 88.00 24.42 7.13
C ASN E 653 88.48 23.40 8.13
N LYS E 654 88.17 23.57 9.42
CA LYS E 654 88.50 22.51 10.36
C LYS E 654 87.64 21.28 10.12
N SER E 655 86.41 21.46 9.67
CA SER E 655 85.52 20.33 9.46
C SER E 655 86.04 19.37 8.40
N ILE E 656 86.85 19.85 7.46
CA ILE E 656 87.39 19.01 6.39
C ILE E 656 88.69 18.41 6.91
N ILE E 657 88.71 17.10 7.10
CA ILE E 657 89.88 16.44 7.60
C ILE E 657 90.65 15.83 6.44
N ARG E 658 91.93 15.57 6.66
CA ARG E 658 92.79 15.06 5.62
C ARG E 658 92.75 13.54 5.59
N VAL E 659 92.98 12.98 4.39
CA VAL E 659 93.02 11.54 4.22
C VAL E 659 94.49 11.13 4.34
N GLU E 660 94.92 10.85 5.57
CA GLU E 660 96.28 10.37 5.74
C GLU E 660 96.32 8.88 5.47
N THR E 661 97.29 8.47 4.67
CA THR E 661 97.47 7.09 4.24
C THR E 661 98.93 6.70 4.35
N PRO E 662 99.23 5.42 4.61
CA PRO E 662 100.59 4.91 4.76
C PRO E 662 101.50 5.27 3.60
N PHE E 717 104.58 5.33 4.31
CA PHE E 717 105.36 5.03 3.11
C PHE E 717 105.82 6.34 2.46
N SER E 718 105.84 7.40 3.26
CA SER E 718 106.17 8.74 2.80
C SER E 718 105.22 9.21 1.69
N GLU E 719 103.95 8.81 1.80
CA GLU E 719 102.90 9.39 0.97
C GLU E 719 102.86 10.90 1.20
N TYR E 720 102.34 11.63 0.22
CA TYR E 720 102.36 13.09 0.17
C TYR E 720 103.78 13.62 0.07
N CYS E 721 104.78 12.74 0.03
CA CYS E 721 106.11 13.10 -0.39
C CYS E 721 106.59 12.25 -1.55
N ARG E 722 106.21 10.97 -1.60
CA ARG E 722 106.44 10.20 -2.81
C ARG E 722 105.69 10.84 -3.96
N ILE E 723 104.41 11.14 -3.75
CA ILE E 723 103.63 11.77 -4.80
C ILE E 723 104.04 13.23 -4.96
N SER E 724 104.55 13.85 -3.90
CA SER E 724 104.93 15.27 -3.99
C SER E 724 105.97 15.48 -5.07
N ASN E 725 106.95 14.58 -5.18
CA ASN E 725 107.92 14.68 -6.24
C ASN E 725 107.55 13.85 -7.46
N LEU E 726 106.66 12.87 -7.32
CA LEU E 726 106.16 12.17 -8.50
C LEU E 726 105.43 13.12 -9.43
N ILE E 727 104.70 14.08 -8.86
CA ILE E 727 104.01 15.04 -9.70
C ILE E 727 105.00 15.88 -10.48
N VAL E 728 106.04 16.39 -9.82
CA VAL E 728 107.01 17.23 -10.54
C VAL E 728 107.78 16.40 -11.55
N LEU E 729 107.99 15.12 -11.27
CA LEU E 729 108.65 14.23 -12.21
C LEU E 729 107.82 14.05 -13.47
N HIS E 730 106.55 13.68 -13.31
CA HIS E 730 105.65 13.56 -14.45
C HIS E 730 105.55 14.88 -15.18
N LEU E 731 105.55 15.98 -14.46
CA LEU E 731 105.46 17.30 -15.07
C LEU E 731 106.65 17.59 -15.95
N ARG E 732 107.86 17.31 -15.47
CA ARG E 732 109.05 17.55 -16.26
C ARG E 732 109.08 16.66 -17.49
N LYS E 733 108.71 15.39 -17.33
CA LYS E 733 108.71 14.51 -18.50
C LYS E 733 107.67 14.96 -19.52
N VAL E 734 106.50 15.38 -19.06
CA VAL E 734 105.49 15.89 -19.97
C VAL E 734 106.00 17.13 -20.69
N GLU E 735 106.71 18.00 -19.96
CA GLU E 735 107.23 19.21 -20.58
C GLU E 735 108.26 18.89 -21.65
N GLU E 736 109.18 17.98 -21.36
CA GLU E 736 110.19 17.64 -22.34
C GLU E 736 109.66 16.77 -23.47
N GLU E 737 108.45 16.23 -23.32
CA GLU E 737 107.86 15.45 -24.40
C GLU E 737 107.70 16.29 -25.67
N GLU E 738 107.29 17.55 -25.53
CA GLU E 738 107.07 18.38 -26.70
C GLU E 738 108.38 18.81 -27.35
N ASP E 739 109.19 19.59 -26.61
CA ASP E 739 110.34 20.26 -27.20
C ASP E 739 111.35 19.28 -27.78
N GLU E 740 111.43 18.08 -27.23
CA GLU E 740 112.38 17.08 -27.70
C GLU E 740 111.69 15.74 -27.88
N SER E 741 112.16 14.97 -28.85
CA SER E 741 111.67 13.62 -29.11
C SER E 741 112.63 12.56 -28.59
N ALA E 742 113.64 12.93 -27.81
CA ALA E 742 114.60 11.98 -27.27
C ALA E 742 114.03 11.39 -25.99
N LEU E 743 113.59 10.13 -26.06
CA LEU E 743 113.01 9.44 -24.92
C LEU E 743 113.69 8.08 -24.79
N LYS E 744 114.53 7.94 -23.76
CA LYS E 744 115.26 6.73 -23.43
C LYS E 744 114.82 6.25 -22.04
N ARG E 745 115.54 5.26 -21.51
CA ARG E 745 115.38 4.86 -20.12
C ARG E 745 116.51 5.35 -19.22
N SER E 746 117.77 5.24 -19.66
CA SER E 746 118.89 5.64 -18.82
C SER E 746 119.15 7.14 -18.89
N GLU E 747 119.31 7.68 -20.10
CA GLU E 747 119.61 9.10 -20.22
C GLU E 747 118.54 9.92 -19.52
N LEU E 748 117.27 9.56 -19.72
CA LEU E 748 116.19 10.31 -19.08
C LEU E 748 116.16 10.11 -17.57
N VAL E 749 116.38 8.87 -17.09
CA VAL E 749 116.32 8.66 -15.64
C VAL E 749 117.42 9.47 -14.95
N ASN E 750 118.61 9.48 -15.54
CA ASN E 750 119.70 10.23 -14.97
C ASN E 750 119.46 11.73 -15.06
N TRP E 751 118.95 12.19 -16.21
CA TRP E 751 118.64 13.61 -16.35
C TRP E 751 117.57 14.06 -15.36
N TYR E 752 116.57 13.22 -15.13
CA TYR E 752 115.55 13.56 -14.13
C TYR E 752 116.16 13.63 -12.74
N LEU E 753 117.05 12.68 -12.43
CA LEU E 753 117.75 12.73 -11.15
C LEU E 753 118.47 14.06 -10.99
N LYS E 754 119.27 14.44 -12.00
CA LYS E 754 120.03 15.68 -11.92
C LYS E 754 119.09 16.89 -11.82
N GLU E 755 118.02 16.88 -12.60
CA GLU E 755 117.08 17.99 -12.62
C GLU E 755 116.46 18.21 -11.26
N ILE E 756 116.01 17.14 -10.62
CA ILE E 756 115.47 17.29 -9.27
C ILE E 756 116.55 17.75 -8.31
N GLU E 757 117.77 17.23 -8.49
CA GLU E 757 118.90 17.59 -7.66
C GLU E 757 119.55 18.88 -8.09
N SER E 758 118.83 19.71 -8.83
CA SER E 758 119.34 20.99 -9.30
C SER E 758 119.73 21.94 -8.16
N GLU E 759 119.26 21.70 -6.93
CA GLU E 759 119.78 22.49 -5.81
C GLU E 759 119.97 21.65 -4.55
N ILE E 760 119.99 20.32 -4.66
CA ILE E 760 120.09 19.40 -3.54
C ILE E 760 120.90 18.18 -3.95
N ASP E 761 121.48 17.49 -2.97
CA ASP E 761 122.29 16.31 -3.27
C ASP E 761 122.55 15.49 -2.01
N SER E 762 122.64 14.17 -2.20
CA SER E 762 122.96 13.17 -1.18
C SER E 762 123.03 11.81 -1.86
N GLU E 763 123.57 10.82 -1.13
CA GLU E 763 123.63 9.48 -1.68
C GLU E 763 122.35 8.70 -1.42
N GLU E 764 121.90 8.69 -0.15
CA GLU E 764 120.65 8.02 0.17
C GLU E 764 119.48 8.65 -0.56
N GLU E 765 119.53 9.97 -0.80
CA GLU E 765 118.47 10.60 -1.57
C GLU E 765 118.46 10.13 -3.01
N LEU E 766 119.65 9.99 -3.62
CA LEU E 766 119.71 9.48 -4.98
C LEU E 766 119.20 8.06 -5.07
N ILE E 767 119.56 7.20 -4.11
CA ILE E 767 119.05 5.83 -4.17
C ILE E 767 117.56 5.79 -3.85
N ASN E 768 117.08 6.74 -3.04
CA ASN E 768 115.65 6.89 -2.81
C ASN E 768 114.92 7.19 -4.11
N LYS E 769 115.43 8.15 -4.87
CA LYS E 769 114.82 8.45 -6.15
C LYS E 769 114.93 7.28 -7.12
N LYS E 770 116.01 6.52 -7.05
CA LYS E 770 116.11 5.34 -7.88
C LYS E 770 115.01 4.34 -7.54
N ARG E 771 114.76 4.13 -6.25
CA ARG E 771 113.68 3.23 -5.86
C ARG E 771 112.33 3.78 -6.29
N ILE E 772 112.13 5.09 -6.17
CA ILE E 772 110.82 5.66 -6.51
C ILE E 772 110.55 5.45 -8.00
N ILE E 773 111.57 5.65 -8.85
CA ILE E 773 111.40 5.39 -10.27
C ILE E 773 111.10 3.92 -10.49
N GLU E 774 111.79 3.05 -9.77
CA GLU E 774 111.61 1.61 -9.91
C GLU E 774 110.15 1.22 -9.65
N LYS E 775 109.62 1.69 -8.52
CA LYS E 775 108.23 1.41 -8.15
C LYS E 775 107.25 2.01 -9.14
N VAL E 776 107.49 3.25 -9.58
CA VAL E 776 106.57 3.92 -10.49
C VAL E 776 106.54 3.23 -11.84
N ILE E 777 107.71 2.87 -12.37
CA ILE E 777 107.76 2.19 -13.66
C ILE E 777 107.11 0.81 -13.57
N HIS E 778 107.17 0.16 -12.40
CA HIS E 778 106.55 -1.16 -12.31
C HIS E 778 105.17 -1.23 -12.92
N ARG E 779 104.36 -0.18 -12.76
CA ARG E 779 103.02 -0.17 -13.33
C ARG E 779 102.63 1.11 -14.08
N LEU E 780 103.51 2.09 -14.21
CA LEU E 780 103.37 3.08 -15.26
C LEU E 780 104.76 3.40 -15.79
N THR E 781 104.99 3.18 -17.08
CA THR E 781 106.23 3.59 -17.73
C THR E 781 105.90 4.84 -18.52
N HIS E 782 105.96 5.99 -17.84
CA HIS E 782 105.53 7.29 -18.37
C HIS E 782 104.21 7.17 -19.14
N TYR E 783 103.20 6.61 -18.46
CA TYR E 783 101.95 6.25 -19.12
C TYR E 783 101.20 7.49 -19.58
N ASP E 784 100.05 7.26 -20.19
CA ASP E 784 99.18 8.36 -20.62
C ASP E 784 98.02 8.49 -19.62
N HIS E 785 98.33 9.08 -18.47
CA HIS E 785 97.31 9.46 -17.51
C HIS E 785 97.45 10.94 -17.20
N VAL E 786 96.58 11.41 -16.30
CA VAL E 786 96.42 12.83 -16.03
C VAL E 786 96.93 13.10 -14.62
N LEU E 787 97.63 14.22 -14.46
CA LEU E 787 98.30 14.63 -13.22
C LEU E 787 98.81 13.46 -12.41
N LEU F 3 3.09 -40.43 7.65
CA LEU F 3 3.01 -41.82 7.25
C LEU F 3 2.91 -42.76 8.44
N LYS F 4 3.73 -42.54 9.45
CA LYS F 4 3.72 -43.41 10.62
C LYS F 4 3.28 -42.64 11.85
N ASP F 5 2.65 -43.37 12.77
CA ASP F 5 2.15 -42.81 14.01
C ASP F 5 3.30 -42.72 15.00
N TYR F 6 3.57 -41.53 15.50
CA TYR F 6 4.71 -41.37 16.39
C TYR F 6 4.40 -41.82 17.81
N ALA F 7 3.12 -42.00 18.16
CA ALA F 7 2.80 -42.60 19.44
C ALA F 7 3.18 -44.07 19.47
N LEU F 8 2.88 -44.78 18.38
CA LEU F 8 3.34 -46.16 18.24
C LEU F 8 4.86 -46.23 18.25
N GLU F 9 5.53 -45.31 17.56
CA GLU F 9 6.98 -45.34 17.53
C GLU F 9 7.58 -45.03 18.89
N LYS F 10 6.97 -44.13 19.65
CA LYS F 10 7.48 -43.88 20.99
C LYS F 10 7.25 -45.08 21.90
N GLU F 11 6.15 -45.80 21.71
CA GLU F 11 5.98 -47.05 22.46
C GLU F 11 7.02 -48.08 22.06
N LYS F 12 7.36 -48.13 20.77
CA LYS F 12 8.41 -49.03 20.31
C LYS F 12 9.74 -48.71 20.96
N VAL F 13 10.09 -47.43 21.02
CA VAL F 13 11.41 -47.12 21.56
C VAL F 13 11.41 -47.27 23.07
N LYS F 14 10.27 -47.05 23.72
CA LYS F 14 10.18 -47.33 25.15
C LYS F 14 10.37 -48.81 25.43
N LYS F 15 9.74 -49.68 24.65
CA LYS F 15 9.96 -51.10 24.86
C LYS F 15 11.40 -51.48 24.63
N PHE F 16 12.02 -50.96 23.57
CA PHE F 16 13.42 -51.28 23.32
C PHE F 16 14.29 -50.85 24.49
N LEU F 17 14.07 -49.65 25.00
CA LEU F 17 14.90 -49.16 26.10
C LEU F 17 14.68 -49.99 27.35
N GLN F 18 13.44 -50.36 27.63
CA GLN F 18 13.15 -51.04 28.89
C GLN F 18 13.62 -52.49 28.87
N GLU F 19 13.39 -53.22 27.79
CA GLU F 19 13.81 -54.62 27.86
C GLU F 19 14.73 -55.05 26.72
N PHE F 20 15.79 -54.30 26.47
CA PHE F 20 16.92 -54.79 25.71
C PHE F 20 18.01 -55.18 26.69
N TYR F 21 18.58 -56.37 26.50
CA TYR F 21 19.65 -56.85 27.36
C TYR F 21 20.73 -57.52 26.54
N GLN F 22 21.95 -57.48 27.08
CA GLN F 22 23.09 -58.22 26.55
C GLN F 22 23.84 -58.85 27.71
N ASP F 23 24.93 -59.51 27.37
CA ASP F 23 25.81 -60.19 28.31
C ASP F 23 27.17 -59.52 28.36
N ASP F 24 27.18 -58.18 28.40
CA ASP F 24 28.41 -57.44 28.20
C ASP F 24 29.44 -57.72 29.29
N GLU F 25 29.01 -57.76 30.55
CA GLU F 25 29.93 -58.04 31.65
C GLU F 25 29.90 -59.53 31.92
N LEU F 26 30.78 -60.26 31.22
CA LEU F 26 31.07 -61.66 31.52
C LEU F 26 29.82 -62.53 31.46
N GLY F 27 29.16 -62.51 30.31
CA GLY F 27 28.02 -63.40 30.11
C GLY F 27 26.91 -63.21 31.09
N LYS F 28 26.60 -61.96 31.44
CA LYS F 28 25.55 -61.65 32.40
C LYS F 28 24.54 -60.73 31.74
N LYS F 29 23.30 -61.19 31.62
CA LYS F 29 22.21 -60.37 31.13
C LYS F 29 22.00 -59.17 32.04
N GLN F 30 22.20 -57.96 31.50
CA GLN F 30 22.18 -56.77 32.35
C GLN F 30 21.29 -55.62 31.93
N PHE F 31 20.47 -55.75 30.90
CA PHE F 31 19.54 -54.66 30.56
C PHE F 31 20.30 -53.37 30.28
N LYS F 32 21.02 -53.39 29.17
CA LYS F 32 22.04 -52.40 28.86
C LYS F 32 21.53 -50.98 29.02
N TYR F 33 20.31 -50.70 28.57
CA TYR F 33 19.81 -49.34 28.61
C TYR F 33 19.04 -49.03 29.88
N GLY F 34 18.56 -50.03 30.61
CA GLY F 34 17.94 -49.77 31.89
C GLY F 34 18.91 -49.25 32.94
N ASN F 35 20.12 -49.82 32.98
CA ASN F 35 21.12 -49.33 33.92
C ASN F 35 21.53 -47.91 33.60
N GLN F 36 21.64 -47.59 32.32
CA GLN F 36 21.95 -46.23 31.92
C GLN F 36 20.80 -45.28 32.23
N LEU F 37 19.56 -45.75 32.10
CA LEU F 37 18.43 -44.93 32.50
C LEU F 37 18.46 -44.65 33.99
N VAL F 38 18.88 -45.63 34.78
CA VAL F 38 19.06 -45.40 36.20
C VAL F 38 20.11 -44.33 36.45
N ARG F 39 21.27 -44.45 35.79
CA ARG F 39 22.31 -43.46 35.99
C ARG F 39 21.89 -42.07 35.53
N LEU F 40 21.10 -42.00 34.46
CA LEU F 40 20.57 -40.73 33.98
C LEU F 40 19.57 -40.14 34.95
N ALA F 41 18.77 -40.97 35.60
CA ALA F 41 17.79 -40.48 36.56
C ALA F 41 18.45 -39.95 37.82
N HIS F 42 19.67 -40.38 38.12
CA HIS F 42 20.40 -39.92 39.29
C HIS F 42 21.41 -38.86 38.96
N ARG F 43 21.40 -38.35 37.73
CA ARG F 43 22.32 -37.31 37.30
C ARG F 43 23.77 -37.76 37.42
N GLU F 44 24.03 -39.04 37.26
CA GLU F 44 25.39 -39.57 37.26
C GLU F 44 25.95 -39.78 35.87
N GLN F 45 25.15 -39.50 34.84
CA GLN F 45 25.55 -39.70 33.47
C GLN F 45 24.74 -38.74 32.63
N VAL F 46 25.39 -38.08 31.67
CA VAL F 46 24.74 -37.04 30.87
C VAL F 46 24.34 -37.55 29.51
N ALA F 47 25.22 -38.26 28.82
CA ALA F 47 24.96 -38.67 27.46
C ALA F 47 24.59 -40.14 27.42
N LEU F 48 23.53 -40.45 26.68
CA LEU F 48 23.14 -41.81 26.40
C LEU F 48 23.36 -42.07 24.92
N TYR F 49 24.21 -43.02 24.58
CA TYR F 49 24.48 -43.38 23.20
C TYR F 49 23.70 -44.64 22.87
N VAL F 50 22.76 -44.52 21.95
CA VAL F 50 21.92 -45.63 21.53
C VAL F 50 22.59 -46.28 20.33
N ASP F 51 23.03 -47.52 20.49
CA ASP F 51 23.68 -48.26 19.43
C ASP F 51 22.62 -48.86 18.53
N LEU F 52 22.56 -48.41 17.28
CA LEU F 52 21.54 -48.87 16.37
C LEU F 52 21.73 -50.32 15.96
N ASP F 53 22.90 -50.90 16.21
CA ASP F 53 23.06 -52.33 16.10
C ASP F 53 22.15 -53.06 17.08
N ASP F 54 22.06 -52.55 18.31
CA ASP F 54 21.16 -53.13 19.30
C ASP F 54 19.71 -53.02 18.85
N VAL F 55 19.34 -51.89 18.28
CA VAL F 55 17.97 -51.72 17.82
C VAL F 55 17.67 -52.65 16.67
N ALA F 56 18.65 -52.87 15.78
CA ALA F 56 18.43 -53.75 14.64
C ALA F 56 18.34 -55.20 15.06
N GLU F 57 18.91 -55.55 16.21
CA GLU F 57 18.86 -56.93 16.67
C GLU F 57 17.44 -57.41 16.87
N ASP F 58 16.52 -56.49 17.09
CA ASP F 58 15.15 -56.85 17.39
C ASP F 58 14.11 -55.95 16.72
N ASP F 59 14.52 -55.00 15.89
CA ASP F 59 13.63 -54.17 15.10
C ASP F 59 14.37 -53.48 13.97
N PRO F 60 14.76 -54.21 12.92
CA PRO F 60 15.54 -53.58 11.84
C PRO F 60 14.82 -52.46 11.11
N GLU F 61 13.50 -52.53 10.97
CA GLU F 61 12.80 -51.45 10.30
C GLU F 61 12.73 -50.20 11.18
N LEU F 62 12.78 -50.35 12.50
CA LEU F 62 12.96 -49.18 13.34
C LEU F 62 14.29 -48.51 13.04
N VAL F 63 15.33 -49.31 12.82
CA VAL F 63 16.63 -48.73 12.49
C VAL F 63 16.57 -48.02 11.15
N ASP F 64 15.86 -48.60 10.17
CA ASP F 64 15.77 -47.93 8.88
C ASP F 64 15.01 -46.62 8.99
N SER F 65 13.93 -46.60 9.77
CA SER F 65 13.21 -45.34 10.02
C SER F 65 14.10 -44.33 10.71
N ILE F 66 14.89 -44.77 11.69
CA ILE F 66 15.78 -43.85 12.39
C ILE F 66 16.78 -43.25 11.42
N CYS F 67 17.37 -44.09 10.57
CA CYS F 67 18.39 -43.60 9.66
C CYS F 67 17.82 -42.75 8.54
N GLU F 68 16.53 -42.87 8.24
CA GLU F 68 15.99 -42.07 7.15
C GLU F 68 15.31 -40.79 7.59
N ASN F 69 15.09 -40.60 8.89
CA ASN F 69 14.65 -39.31 9.41
C ASN F 69 15.17 -39.23 10.84
N ALA F 70 16.38 -38.72 10.99
CA ALA F 70 17.11 -38.95 12.22
C ALA F 70 16.84 -37.91 13.29
N ARG F 71 16.51 -36.68 12.92
CA ARG F 71 16.15 -35.69 13.93
C ARG F 71 14.86 -36.08 14.63
N ARG F 72 13.89 -36.57 13.85
CA ARG F 72 12.63 -37.00 14.43
C ARG F 72 12.85 -38.09 15.46
N TYR F 73 13.72 -39.05 15.17
CA TYR F 73 13.89 -40.14 16.11
C TYR F 73 14.82 -39.79 17.24
N ALA F 74 15.71 -38.83 17.06
CA ALA F 74 16.43 -38.31 18.21
C ALA F 74 15.47 -37.64 19.18
N LYS F 75 14.50 -36.91 18.65
CA LYS F 75 13.46 -36.33 19.50
C LYS F 75 12.61 -37.41 20.15
N LEU F 76 12.22 -38.44 19.41
CA LEU F 76 11.38 -39.49 19.97
C LEU F 76 12.11 -40.24 21.08
N PHE F 77 13.37 -40.56 20.86
CA PHE F 77 14.15 -41.23 21.88
C PHE F 77 14.35 -40.34 23.10
N ALA F 78 14.58 -39.04 22.89
CA ALA F 78 14.71 -38.14 24.02
C ALA F 78 13.42 -38.05 24.82
N ASP F 79 12.27 -38.05 24.14
CA ASP F 79 10.99 -38.05 24.84
C ASP F 79 10.76 -39.34 25.60
N ALA F 80 11.07 -40.47 25.00
CA ALA F 80 10.93 -41.74 25.70
C ALA F 80 11.81 -41.78 26.93
N VAL F 81 13.05 -41.28 26.84
CA VAL F 81 13.92 -41.27 28.00
C VAL F 81 13.37 -40.34 29.06
N GLN F 82 12.90 -39.16 28.66
CA GLN F 82 12.30 -38.23 29.61
C GLN F 82 11.15 -38.88 30.37
N GLU F 83 10.28 -39.58 29.66
CA GLU F 83 9.12 -40.20 30.26
C GLU F 83 9.44 -41.48 31.00
N LEU F 84 10.61 -42.06 30.78
CA LEU F 84 11.00 -43.26 31.51
C LEU F 84 11.79 -42.93 32.76
N LEU F 85 12.46 -41.79 32.79
CA LEU F 85 13.33 -41.46 33.93
C LEU F 85 12.63 -41.45 35.28
N PRO F 86 11.41 -40.92 35.43
CA PRO F 86 10.81 -40.90 36.76
C PRO F 86 10.67 -42.26 37.41
N GLN F 87 10.43 -43.32 36.64
CA GLN F 87 10.25 -44.62 37.24
C GLN F 87 11.55 -45.40 37.38
N TYR F 88 12.66 -44.87 36.90
CA TYR F 88 13.95 -45.47 37.13
C TYR F 88 14.71 -44.80 38.24
N LYS F 89 14.14 -43.76 38.84
CA LYS F 89 14.79 -43.05 39.94
C LYS F 89 14.59 -43.84 41.22
N GLU F 90 15.70 -44.19 41.86
CA GLU F 90 15.65 -44.97 43.09
C GLU F 90 15.85 -44.15 44.35
N ARG F 91 16.42 -42.96 44.23
CA ARG F 91 16.74 -42.13 45.38
C ARG F 91 16.61 -40.68 44.95
N GLU F 92 17.22 -39.77 45.70
CA GLU F 92 17.14 -38.34 45.43
C GLU F 92 18.46 -37.85 44.89
N VAL F 93 18.40 -37.06 43.81
CA VAL F 93 19.59 -36.44 43.26
C VAL F 93 20.14 -35.42 44.25
N VAL F 94 21.46 -35.33 44.32
CA VAL F 94 22.12 -34.46 45.28
C VAL F 94 22.30 -33.04 44.74
N ASN F 95 21.67 -32.73 43.61
N ASN F 95 21.67 -32.73 43.61
CA ASN F 95 21.74 -31.41 42.98
CA ASN F 95 21.74 -31.41 42.98
C ASN F 95 23.21 -31.04 42.69
C ASN F 95 23.21 -31.04 42.69
N LYS F 96 23.77 -31.77 41.72
CA LYS F 96 25.17 -31.58 41.36
C LYS F 96 25.51 -30.12 41.07
N ASP F 97 24.67 -29.39 40.37
CA ASP F 97 25.04 -28.03 39.98
C ASP F 97 23.84 -27.11 40.06
N VAL F 98 24.06 -25.88 39.57
CA VAL F 98 23.08 -24.80 39.66
C VAL F 98 21.92 -25.03 38.71
N LEU F 99 22.18 -25.63 37.57
CA LEU F 99 21.10 -25.96 36.64
C LEU F 99 20.09 -26.88 37.30
N ASP F 100 20.58 -27.81 38.12
CA ASP F 100 19.69 -28.69 38.87
C ASP F 100 18.86 -27.92 39.87
N VAL F 101 19.46 -26.94 40.54
CA VAL F 101 18.69 -26.13 41.47
C VAL F 101 17.55 -25.44 40.76
N TYR F 102 17.83 -24.87 39.59
CA TYR F 102 16.76 -24.23 38.85
C TYR F 102 15.68 -25.23 38.46
N ILE F 103 16.09 -26.41 38.01
CA ILE F 103 15.12 -27.41 37.56
C ILE F 103 14.21 -27.81 38.69
N GLU F 104 14.76 -28.07 39.86
CA GLU F 104 13.91 -28.58 40.91
C GLU F 104 13.13 -27.46 41.61
N HIS F 105 13.59 -26.22 41.54
CA HIS F 105 12.72 -25.13 41.95
C HIS F 105 11.54 -24.98 41.01
N ARG F 106 11.78 -25.11 39.70
CA ARG F 106 10.69 -25.00 38.75
C ARG F 106 9.69 -26.13 38.93
N LEU F 107 10.17 -27.35 39.14
CA LEU F 107 9.25 -28.46 39.38
C LEU F 107 8.50 -28.29 40.69
N MET F 108 9.18 -27.83 41.74
CA MET F 108 8.53 -27.61 43.02
C MET F 108 7.41 -26.59 42.88
N MET F 109 7.68 -25.49 42.18
CA MET F 109 6.65 -24.45 42.07
C MET F 109 5.55 -24.86 41.12
N GLU F 110 5.84 -25.74 40.16
CA GLU F 110 4.78 -26.20 39.28
C GLU F 110 3.83 -27.16 40.00
N GLN F 111 4.36 -28.06 40.81
CA GLN F 111 3.48 -28.90 41.61
C GLN F 111 2.74 -28.10 42.68
N ARG F 112 3.38 -27.11 43.25
CA ARG F 112 2.75 -26.33 44.32
C ARG F 112 1.48 -25.65 43.81
N SER F 113 1.55 -25.04 42.64
CA SER F 113 0.41 -24.35 42.04
C SER F 113 -0.18 -25.16 40.91
N ARG F 114 -0.22 -26.48 41.09
CA ARG F 114 -0.58 -27.38 40.01
C ARG F 114 -2.05 -27.26 39.64
N ASP F 115 -2.93 -27.62 40.57
CA ASP F 115 -4.35 -27.85 40.29
C ASP F 115 -4.45 -28.77 39.09
N PRO F 116 -4.16 -30.06 39.26
CA PRO F 116 -3.87 -30.93 38.11
C PRO F 116 -5.00 -31.05 37.10
N GLY F 117 -6.26 -31.03 37.55
CA GLY F 117 -7.35 -31.20 36.62
C GLY F 117 -7.55 -30.05 35.67
N MET F 118 -6.92 -28.91 35.93
CA MET F 118 -7.08 -27.75 35.08
C MET F 118 -6.39 -27.95 33.75
N VAL F 119 -6.95 -27.34 32.71
CA VAL F 119 -6.37 -27.34 31.37
C VAL F 119 -5.59 -26.05 31.19
N ARG F 120 -4.28 -26.18 31.04
CA ARG F 120 -3.41 -25.05 30.83
C ARG F 120 -3.30 -24.74 29.34
N SER F 121 -2.74 -23.58 29.04
CA SER F 121 -2.40 -23.27 27.67
C SER F 121 -1.23 -24.14 27.23
N PRO F 122 -1.14 -24.45 25.94
CA PRO F 122 0.03 -25.18 25.45
C PRO F 122 1.33 -24.43 25.58
N GLN F 123 1.30 -23.10 25.68
CA GLN F 123 2.50 -22.31 25.83
C GLN F 123 2.83 -22.00 27.28
N ASN F 124 2.04 -22.52 28.20
CA ASN F 124 2.19 -22.27 29.62
C ASN F 124 2.78 -23.47 30.35
N GLN F 125 3.73 -24.18 29.76
CA GLN F 125 4.52 -25.12 30.52
C GLN F 125 5.98 -24.87 30.21
N TYR F 126 6.81 -25.64 30.82
CA TYR F 126 8.24 -25.63 30.53
C TYR F 126 8.51 -26.35 29.21
N PRO F 127 9.37 -25.81 28.36
CA PRO F 127 9.80 -26.56 27.20
C PRO F 127 10.56 -27.80 27.64
N ALA F 128 10.49 -28.85 26.83
CA ALA F 128 11.09 -30.11 27.21
C ALA F 128 12.59 -29.98 27.33
N GLU F 129 13.21 -29.26 26.41
CA GLU F 129 14.65 -29.16 26.40
C GLU F 129 15.18 -28.28 27.52
N LEU F 130 14.32 -27.48 28.16
CA LEU F 130 14.75 -26.71 29.32
C LEU F 130 15.00 -27.58 30.53
N MET F 131 14.45 -28.80 30.56
CA MET F 131 14.38 -29.59 31.77
C MET F 131 15.09 -30.93 31.67
N ARG F 132 15.95 -31.16 30.67
CA ARG F 132 16.45 -32.51 30.40
C ARG F 132 17.60 -32.91 31.30
N ARG F 133 18.74 -32.23 31.17
CA ARG F 133 20.04 -32.62 31.74
C ARG F 133 20.57 -33.94 31.18
N PHE F 134 20.07 -34.40 30.05
CA PHE F 134 20.66 -35.57 29.41
C PHE F 134 20.67 -35.34 27.90
N GLU F 135 21.59 -36.01 27.23
CA GLU F 135 21.74 -35.91 25.80
C GLU F 135 21.71 -37.29 25.19
N LEU F 136 21.03 -37.43 24.06
CA LEU F 136 20.85 -38.73 23.42
C LEU F 136 21.46 -38.73 22.04
N TYR F 137 22.29 -39.71 21.76
CA TYR F 137 23.02 -39.81 20.51
C TYR F 137 22.90 -41.21 19.97
N PHE F 138 23.11 -41.34 18.67
CA PHE F 138 23.04 -42.61 17.98
C PHE F 138 24.43 -43.05 17.57
N GLN F 139 24.76 -44.31 17.81
CA GLN F 139 25.89 -44.97 17.19
C GLN F 139 25.37 -45.72 15.98
N GLY F 140 25.65 -45.21 14.79
CA GLY F 140 25.03 -45.67 13.58
C GLY F 140 25.26 -47.15 13.41
N PRO F 141 24.36 -47.82 12.70
CA PRO F 141 24.52 -49.26 12.51
C PRO F 141 25.77 -49.55 11.72
N SER F 142 26.40 -50.67 12.02
CA SER F 142 27.54 -51.10 11.22
C SER F 142 27.12 -51.55 9.83
N SER F 143 25.82 -51.77 9.62
CA SER F 143 25.33 -52.08 8.29
C SER F 143 25.40 -50.89 7.35
N ASN F 144 25.39 -49.66 7.86
CA ASN F 144 25.58 -48.47 7.04
C ASN F 144 27.06 -48.29 6.76
N LYS F 145 27.43 -48.32 5.49
CA LYS F 145 28.82 -48.09 5.14
C LYS F 145 29.19 -46.63 5.36
N PRO F 146 30.39 -46.35 5.82
CA PRO F 146 30.82 -44.95 5.95
C PRO F 146 30.87 -44.29 4.58
N ARG F 147 30.55 -43.01 4.57
CA ARG F 147 30.45 -42.29 3.32
C ARG F 147 31.65 -41.39 3.13
N VAL F 148 31.78 -40.85 1.93
CA VAL F 148 32.84 -39.93 1.57
C VAL F 148 32.26 -38.53 1.59
N ILE F 149 32.98 -37.60 2.21
CA ILE F 149 32.44 -36.26 2.48
C ILE F 149 31.91 -35.62 1.20
N ARG F 150 32.59 -35.87 0.09
CA ARG F 150 32.13 -35.35 -1.19
C ARG F 150 30.75 -35.88 -1.55
N GLU F 151 30.45 -37.11 -1.18
CA GLU F 151 29.25 -37.79 -1.62
C GLU F 151 28.08 -37.67 -0.66
N VAL F 152 28.25 -36.98 0.47
CA VAL F 152 27.16 -36.65 1.36
C VAL F 152 26.49 -35.40 0.79
N ARG F 153 25.37 -35.59 0.11
CA ARG F 153 24.72 -34.53 -0.63
C ARG F 153 23.26 -34.37 -0.25
N ALA F 154 22.53 -33.61 -1.06
CA ALA F 154 21.15 -33.26 -0.76
C ALA F 154 20.24 -34.46 -0.62
N ASP F 155 20.61 -35.61 -1.17
CA ASP F 155 19.76 -36.78 -0.97
C ASP F 155 19.93 -37.38 0.41
N SER F 156 20.88 -36.90 1.19
CA SER F 156 21.11 -37.41 2.53
C SER F 156 20.87 -36.35 3.58
N VAL F 157 20.07 -35.35 3.28
CA VAL F 157 19.67 -34.36 4.27
C VAL F 157 18.65 -34.99 5.19
N GLY F 158 18.88 -34.91 6.48
CA GLY F 158 18.01 -35.50 7.45
C GLY F 158 18.28 -36.95 7.75
N LYS F 159 19.36 -37.51 7.25
CA LYS F 159 19.71 -38.90 7.42
C LYS F 159 20.88 -39.04 8.37
N LEU F 160 20.99 -40.20 8.99
CA LEU F 160 22.10 -40.51 9.85
C LEU F 160 23.20 -41.11 9.01
N VAL F 161 24.31 -40.39 8.89
CA VAL F 161 25.42 -40.80 8.04
C VAL F 161 26.65 -40.91 8.91
N THR F 162 27.63 -41.68 8.45
CA THR F 162 28.96 -41.71 9.02
C THR F 162 29.94 -41.29 7.95
N VAL F 163 30.84 -40.39 8.30
CA VAL F 163 31.93 -39.99 7.43
C VAL F 163 33.21 -40.08 8.21
N ARG F 164 34.32 -40.20 7.50
CA ARG F 164 35.64 -40.25 8.10
C ARG F 164 36.49 -39.14 7.52
N GLY F 165 37.38 -38.60 8.34
CA GLY F 165 38.21 -37.53 7.85
C GLY F 165 39.29 -37.17 8.83
N ILE F 166 40.03 -36.14 8.47
CA ILE F 166 41.02 -35.52 9.34
C ILE F 166 40.42 -34.24 9.88
N VAL F 167 40.55 -34.02 11.18
CA VAL F 167 40.12 -32.77 11.77
C VAL F 167 41.16 -31.71 11.45
N THR F 168 40.76 -30.69 10.70
CA THR F 168 41.69 -29.63 10.34
C THR F 168 41.56 -28.41 11.23
N ARG F 169 40.40 -28.20 11.82
CA ARG F 169 40.11 -26.97 12.53
C ARG F 169 38.95 -27.24 13.46
N VAL F 170 39.14 -27.02 14.75
CA VAL F 170 38.05 -27.16 15.72
C VAL F 170 38.08 -25.96 16.64
N SER F 171 36.93 -25.33 16.82
CA SER F 171 36.85 -24.13 17.64
C SER F 171 36.86 -24.49 19.12
N GLU F 172 36.91 -23.48 19.96
CA GLU F 172 36.86 -23.72 21.38
C GLU F 172 35.44 -23.94 21.84
N VAL F 173 35.30 -24.64 22.97
CA VAL F 173 33.97 -24.89 23.50
C VAL F 173 33.37 -23.57 23.98
N LYS F 174 32.18 -23.27 23.51
CA LYS F 174 31.52 -22.01 23.81
C LYS F 174 30.09 -22.29 24.23
N PRO F 175 29.47 -21.39 24.95
CA PRO F 175 28.07 -21.57 25.36
C PRO F 175 27.13 -21.21 24.22
N LYS F 176 26.46 -22.22 23.67
CA LYS F 176 25.39 -21.99 22.73
C LYS F 176 24.10 -22.04 23.49
N MET F 177 23.27 -21.02 23.33
CA MET F 177 22.04 -21.01 24.09
C MET F 177 21.02 -21.92 23.43
N VAL F 178 20.40 -22.75 24.25
CA VAL F 178 19.36 -23.66 23.82
C VAL F 178 17.98 -23.11 24.16
N VAL F 179 17.80 -22.61 25.37
CA VAL F 179 16.55 -22.02 25.82
C VAL F 179 16.88 -20.71 26.51
N ALA F 180 16.43 -19.60 25.93
CA ALA F 180 16.57 -18.28 26.54
C ALA F 180 15.49 -18.06 27.59
N THR F 181 15.91 -17.65 28.77
CA THR F 181 15.00 -17.38 29.87
C THR F 181 14.99 -15.89 30.18
N TYR F 182 13.80 -15.33 30.30
CA TYR F 182 13.60 -13.93 30.64
C TYR F 182 12.80 -13.83 31.91
N THR F 183 12.94 -12.71 32.61
CA THR F 183 12.06 -12.39 33.72
C THR F 183 11.45 -11.03 33.47
N CYS F 184 10.34 -10.76 34.16
CA CYS F 184 9.57 -9.55 33.95
C CYS F 184 9.79 -8.57 35.09
N ASP F 185 9.62 -7.29 34.81
CA ASP F 185 9.64 -6.29 35.85
C ASP F 185 8.28 -6.09 36.51
N GLN F 186 7.26 -6.85 36.12
CA GLN F 186 5.93 -6.68 36.66
C GLN F 186 5.34 -7.92 37.29
N CYS F 187 5.72 -9.12 36.86
CA CYS F 187 4.84 -10.26 37.09
C CYS F 187 5.44 -11.39 37.88
N GLY F 188 6.73 -11.62 37.82
CA GLY F 188 7.24 -12.75 38.58
C GLY F 188 7.09 -14.11 37.91
N ALA F 189 6.75 -14.15 36.64
CA ALA F 189 6.84 -15.36 35.83
C ALA F 189 8.10 -15.31 34.99
N GLU F 190 8.46 -16.46 34.44
CA GLU F 190 9.60 -16.61 33.58
C GLU F 190 9.14 -16.95 32.17
N THR F 191 9.79 -16.35 31.19
CA THR F 191 9.50 -16.62 29.81
C THR F 191 10.65 -17.42 29.22
N TYR F 192 10.32 -18.31 28.30
CA TYR F 192 11.24 -19.27 27.76
C TYR F 192 11.21 -19.20 26.25
N GLN F 193 12.38 -19.09 25.63
CA GLN F 193 12.51 -18.99 24.19
C GLN F 193 13.43 -20.08 23.68
N PRO F 194 12.90 -21.24 23.33
CA PRO F 194 13.74 -22.27 22.71
C PRO F 194 14.33 -21.76 21.41
N ILE F 195 15.56 -22.15 21.13
CA ILE F 195 16.32 -21.54 20.05
C ILE F 195 16.74 -22.59 19.05
N GLN F 196 16.23 -22.46 17.83
CA GLN F 196 16.56 -23.34 16.72
C GLN F 196 17.45 -22.66 15.69
N SER F 197 17.28 -21.37 15.49
CA SER F 197 18.00 -20.63 14.48
C SER F 197 19.44 -20.40 14.90
N PRO F 198 20.29 -19.98 13.97
CA PRO F 198 21.63 -19.52 14.35
C PRO F 198 21.65 -18.15 15.02
N THR F 199 20.58 -17.37 14.92
CA THR F 199 20.46 -16.10 15.61
C THR F 199 19.05 -15.98 16.14
N PHE F 200 18.87 -15.15 17.16
CA PHE F 200 17.53 -14.90 17.64
C PHE F 200 17.34 -13.44 17.98
N MET F 201 16.09 -13.02 17.96
CA MET F 201 15.73 -11.68 18.37
C MET F 201 15.18 -11.77 19.79
N PRO F 202 15.85 -11.19 20.77
CA PRO F 202 15.37 -11.30 22.15
C PRO F 202 14.00 -10.68 22.34
N LEU F 203 13.20 -11.34 23.17
CA LEU F 203 11.83 -10.92 23.43
C LEU F 203 11.81 -9.61 24.20
N ILE F 204 10.67 -8.94 24.16
CA ILE F 204 10.52 -7.62 24.75
C ILE F 204 9.43 -7.60 25.83
N MET F 205 8.27 -8.16 25.52
CA MET F 205 7.10 -8.06 26.38
C MET F 205 6.77 -9.38 27.05
N CYS F 206 6.29 -9.31 28.39
CA CYS F 206 6.16 -10.73 28.66
C CYS F 206 4.77 -11.22 28.31
N PRO F 207 4.67 -12.50 27.93
CA PRO F 207 3.38 -13.10 27.61
C PRO F 207 2.65 -13.71 28.78
N SER F 208 3.06 -13.43 30.00
CA SER F 208 2.53 -14.10 31.18
C SER F 208 1.04 -13.87 31.29
N GLN F 209 0.35 -14.80 31.94
CA GLN F 209 -1.07 -14.61 32.16
C GLN F 209 -1.33 -13.43 33.07
N GLU F 210 -0.51 -13.25 34.08
CA GLU F 210 -0.75 -12.22 35.07
C GLU F 210 -0.49 -10.85 34.46
N CYS F 211 0.43 -10.74 33.50
CA CYS F 211 0.61 -9.48 32.78
C CYS F 211 -0.36 -9.30 31.62
N GLN F 212 -0.98 -10.37 31.14
CA GLN F 212 -2.04 -10.17 30.16
C GLN F 212 -3.33 -9.72 30.82
N THR F 213 -3.60 -10.24 32.01
CA THR F 213 -4.73 -9.76 32.79
C THR F 213 -4.56 -8.31 33.16
N ASN F 214 -3.37 -7.93 33.60
CA ASN F 214 -3.13 -6.57 34.07
C ASN F 214 -2.94 -5.59 32.94
N ARG F 215 -2.81 -6.07 31.70
CA ARG F 215 -2.46 -5.24 30.57
C ARG F 215 -1.39 -4.22 30.91
N SER F 216 -0.38 -4.65 31.65
CA SER F 216 0.71 -3.78 32.07
C SER F 216 1.75 -3.65 30.96
N GLY F 217 2.87 -3.04 31.26
CA GLY F 217 3.96 -3.07 30.31
C GLY F 217 4.52 -4.45 30.24
N GLY F 218 4.99 -4.97 31.36
CA GLY F 218 5.60 -6.28 31.39
C GLY F 218 6.74 -6.39 30.40
N ARG F 219 7.78 -5.61 30.60
CA ARG F 219 8.98 -5.79 29.80
C ARG F 219 9.83 -6.87 30.42
N LEU F 220 10.38 -7.73 29.59
CA LEU F 220 11.15 -8.87 30.05
C LEU F 220 12.64 -8.76 29.73
N TYR F 221 13.44 -9.33 30.63
CA TYR F 221 14.88 -9.12 30.72
C TYR F 221 15.59 -10.44 30.46
N LEU F 222 16.41 -10.50 29.43
CA LEU F 222 17.12 -11.72 29.10
C LEU F 222 18.19 -12.01 30.13
N GLN F 223 18.23 -13.25 30.59
CA GLN F 223 19.10 -13.62 31.70
C GLN F 223 19.89 -14.88 31.37
N THR F 224 21.18 -14.86 31.70
CA THR F 224 21.96 -16.07 31.57
C THR F 224 21.69 -17.05 32.69
N ARG F 225 21.30 -16.56 33.86
CA ARG F 225 21.18 -17.40 35.04
C ARG F 225 20.20 -18.55 34.82
N GLY F 226 18.94 -18.24 34.58
CA GLY F 226 18.03 -19.33 34.38
C GLY F 226 18.05 -19.96 33.01
N SER F 227 18.69 -19.32 32.04
CA SER F 227 18.72 -19.83 30.69
C SER F 227 19.48 -21.14 30.61
N ARG F 228 19.39 -21.80 29.47
CA ARG F 228 20.06 -23.06 29.25
C ARG F 228 21.04 -22.95 28.10
N PHE F 229 22.28 -23.34 28.32
CA PHE F 229 23.33 -23.36 27.32
C PHE F 229 23.82 -24.78 27.13
N ILE F 230 24.56 -24.98 26.05
CA ILE F 230 25.20 -26.26 25.82
C ILE F 230 26.62 -26.00 25.36
N LYS F 231 27.53 -26.88 25.76
CA LYS F 231 28.87 -26.84 25.20
C LYS F 231 28.79 -26.98 23.70
N PHE F 232 29.51 -26.13 23.00
CA PHE F 232 29.39 -26.10 21.55
C PHE F 232 30.76 -25.91 20.93
N GLN F 233 31.10 -26.77 19.98
CA GLN F 233 32.30 -26.65 19.18
C GLN F 233 31.93 -26.73 17.72
N GLU F 234 32.70 -26.06 16.89
CA GLU F 234 32.60 -26.19 15.45
C GLU F 234 33.90 -26.74 14.92
N MET F 235 33.84 -27.83 14.19
CA MET F 235 35.02 -28.42 13.60
C MET F 235 34.87 -28.56 12.10
N LYS F 236 35.98 -28.38 11.40
CA LYS F 236 36.08 -28.71 10.00
C LYS F 236 36.78 -30.05 9.86
N MET F 237 36.33 -30.83 8.90
CA MET F 237 36.88 -32.16 8.75
C MET F 237 37.02 -32.46 7.26
N GLN F 238 38.18 -32.99 6.90
CA GLN F 238 38.65 -33.10 5.53
C GLN F 238 38.65 -34.55 5.08
N GLU F 239 38.53 -34.77 3.78
CA GLU F 239 38.64 -36.11 3.25
C GLU F 239 40.05 -36.66 3.44
N HIS F 240 40.14 -37.98 3.59
CA HIS F 240 41.44 -38.62 3.57
C HIS F 240 42.01 -38.62 2.17
N SER F 241 43.34 -38.61 2.09
CA SER F 241 44.01 -38.54 0.81
C SER F 241 43.61 -39.68 -0.11
N ASP F 242 43.20 -40.82 0.44
CA ASP F 242 42.93 -41.99 -0.36
C ASP F 242 41.51 -42.06 -0.89
N GLN F 243 40.64 -41.13 -0.51
CA GLN F 243 39.29 -41.09 -1.07
C GLN F 243 39.02 -39.82 -1.85
N VAL F 244 40.05 -39.05 -2.16
CA VAL F 244 39.92 -37.89 -3.02
C VAL F 244 40.07 -38.36 -4.46
N PRO F 245 39.26 -37.89 -5.39
CA PRO F 245 39.42 -38.24 -6.79
C PRO F 245 40.76 -37.77 -7.34
N VAL F 246 41.03 -38.14 -8.59
CA VAL F 246 42.42 -38.14 -9.06
C VAL F 246 43.01 -36.73 -9.09
N GLY F 247 42.33 -35.79 -9.69
CA GLY F 247 43.00 -34.51 -9.81
C GLY F 247 42.57 -33.46 -8.82
N ASN F 248 41.93 -33.87 -7.74
CA ASN F 248 41.18 -32.99 -6.86
C ASN F 248 41.94 -32.71 -5.56
N ILE F 249 41.35 -31.84 -4.76
CA ILE F 249 41.80 -31.54 -3.41
C ILE F 249 40.74 -32.11 -2.47
N PRO F 250 41.06 -32.41 -1.22
CA PRO F 250 40.05 -32.97 -0.33
C PRO F 250 38.96 -31.96 0.01
N ARG F 251 37.77 -32.48 0.25
CA ARG F 251 36.58 -31.69 0.54
C ARG F 251 36.37 -31.63 2.04
N SER F 252 36.05 -30.46 2.56
CA SER F 252 35.74 -30.31 3.97
C SER F 252 34.24 -30.42 4.23
N ILE F 253 33.90 -30.80 5.44
CA ILE F 253 32.54 -30.69 5.92
C ILE F 253 32.59 -30.01 7.28
N THR F 254 31.56 -29.22 7.57
CA THR F 254 31.42 -28.59 8.86
C THR F 254 30.67 -29.52 9.78
N VAL F 255 31.22 -29.78 10.95
CA VAL F 255 30.60 -30.62 11.95
C VAL F 255 30.29 -29.74 13.14
N LEU F 256 29.04 -29.68 13.53
CA LEU F 256 28.62 -28.93 14.71
C LEU F 256 28.58 -29.90 15.87
N VAL F 257 29.56 -29.82 16.71
CA VAL F 257 29.69 -30.68 17.88
C VAL F 257 29.10 -29.98 19.07
N GLU F 258 28.36 -30.70 19.90
CA GLU F 258 27.83 -30.03 21.06
C GLU F 258 27.64 -31.02 22.18
N GLY F 259 27.70 -30.50 23.40
CA GLY F 259 27.46 -31.28 24.58
C GLY F 259 28.61 -32.18 24.96
N GLU F 260 28.29 -33.42 25.29
CA GLU F 260 29.26 -34.40 25.73
C GLU F 260 30.14 -34.88 24.62
N ASN F 261 29.88 -34.46 23.39
CA ASN F 261 30.73 -34.79 22.27
C ASN F 261 31.80 -33.75 22.05
N THR F 262 31.80 -32.67 22.79
CA THR F 262 32.84 -31.69 22.67
C THR F 262 34.12 -32.18 23.33
N ARG F 263 35.24 -31.58 22.93
CA ARG F 263 36.54 -31.84 23.51
C ARG F 263 37.01 -33.27 23.27
N ILE F 264 36.58 -33.88 22.18
CA ILE F 264 37.08 -35.18 21.79
C ILE F 264 38.08 -35.07 20.66
N ALA F 265 37.73 -34.32 19.62
CA ALA F 265 38.54 -34.19 18.43
C ALA F 265 39.39 -32.94 18.51
N GLN F 266 40.68 -33.08 18.30
CA GLN F 266 41.63 -32.00 18.17
C GLN F 266 42.12 -31.96 16.73
N PRO F 267 42.61 -30.83 16.26
CA PRO F 267 43.09 -30.77 14.87
C PRO F 267 44.17 -31.80 14.61
N GLY F 268 44.11 -32.40 13.43
CA GLY F 268 45.01 -33.46 13.06
C GLY F 268 44.53 -34.85 13.35
N ASP F 269 43.44 -35.00 14.09
CA ASP F 269 42.94 -36.31 14.45
C ASP F 269 42.24 -36.97 13.27
N HIS F 270 42.41 -38.28 13.15
CA HIS F 270 41.64 -39.08 12.23
C HIS F 270 40.39 -39.54 12.97
N VAL F 271 39.24 -39.07 12.55
CA VAL F 271 38.02 -39.38 13.27
C VAL F 271 37.06 -40.05 12.32
N SER F 272 36.09 -40.74 12.90
CA SER F 272 34.91 -41.21 12.20
C SER F 272 33.71 -40.62 12.92
N VAL F 273 32.90 -39.86 12.21
CA VAL F 273 31.82 -39.09 12.82
C VAL F 273 30.50 -39.63 12.32
N THR F 274 29.63 -40.01 13.25
CA THR F 274 28.24 -40.31 12.95
C THR F 274 27.40 -39.10 13.32
N GLY F 275 26.48 -38.73 12.45
CA GLY F 275 25.64 -37.59 12.74
C GLY F 275 24.55 -37.47 11.71
N ILE F 276 23.75 -36.44 11.87
CA ILE F 276 22.69 -36.13 10.93
C ILE F 276 23.15 -35.01 10.02
N PHE F 277 22.88 -35.16 8.74
CA PHE F 277 23.20 -34.15 7.74
C PHE F 277 22.03 -33.21 7.60
N LEU F 278 22.22 -31.95 7.96
CA LEU F 278 21.13 -31.02 8.15
C LEU F 278 21.39 -29.71 7.42
N PRO F 279 20.36 -28.98 7.08
CA PRO F 279 20.56 -27.66 6.49
C PRO F 279 20.51 -26.51 7.50
N ILE F 280 21.17 -25.41 7.20
CA ILE F 280 20.99 -24.14 7.90
C ILE F 280 20.52 -23.14 6.87
N LEU F 281 19.34 -22.57 7.09
CA LEU F 281 18.80 -21.65 6.11
C LEU F 281 19.72 -20.45 5.90
N ARG F 282 19.86 -20.03 4.64
CA ARG F 282 20.81 -19.00 4.23
C ARG F 282 20.17 -17.63 4.13
N THR F 283 19.28 -17.29 5.05
CA THR F 283 18.66 -15.97 5.12
C THR F 283 19.66 -14.83 5.02
N GLY F 284 19.19 -13.68 4.54
CA GLY F 284 19.99 -12.47 4.52
C GLY F 284 20.72 -12.19 3.22
N PHE F 285 21.63 -13.08 2.84
CA PHE F 285 22.37 -12.95 1.59
C PHE F 285 21.43 -12.66 0.44
N ARG F 286 21.57 -11.48 -0.17
CA ARG F 286 20.72 -11.18 -1.31
C ARG F 286 21.16 -12.12 -2.42
N GLN F 287 20.44 -13.21 -2.56
CA GLN F 287 20.91 -14.36 -3.31
C GLN F 287 20.62 -14.22 -4.79
N VAL F 288 21.59 -14.61 -5.59
CA VAL F 288 21.45 -14.52 -7.05
C VAL F 288 20.26 -15.36 -7.50
N VAL F 289 20.10 -16.53 -6.92
CA VAL F 289 19.10 -17.48 -7.32
C VAL F 289 17.94 -17.42 -6.35
N GLN F 290 16.72 -17.44 -6.87
CA GLN F 290 15.54 -17.53 -6.04
C GLN F 290 15.38 -18.95 -5.53
N GLY F 291 14.81 -19.08 -4.34
CA GLY F 291 14.67 -20.35 -3.68
C GLY F 291 15.23 -20.31 -2.28
N LEU F 292 15.03 -21.40 -1.57
CA LEU F 292 15.46 -21.53 -0.19
C LEU F 292 16.73 -22.34 -0.17
N LEU F 293 17.84 -21.65 -0.35
CA LEU F 293 19.16 -22.24 -0.33
C LEU F 293 19.67 -22.27 1.10
N SER F 294 20.42 -23.31 1.44
CA SER F 294 20.84 -23.46 2.81
C SER F 294 22.26 -24.02 2.86
N GLU F 295 22.93 -23.76 3.96
CA GLU F 295 24.20 -24.42 4.20
C GLU F 295 23.96 -25.78 4.83
N THR F 296 24.93 -26.66 4.68
CA THR F 296 24.85 -27.97 5.30
C THR F 296 25.91 -28.12 6.37
N TYR F 297 25.65 -29.03 7.28
CA TYR F 297 26.62 -29.42 8.27
C TYR F 297 26.29 -30.81 8.75
N LEU F 298 27.23 -31.42 9.43
CA LEU F 298 27.01 -32.67 10.12
C LEU F 298 26.72 -32.36 11.57
N GLU F 299 25.59 -32.83 12.07
CA GLU F 299 25.26 -32.68 13.47
C GLU F 299 25.77 -33.92 14.19
N ALA F 300 26.85 -33.77 14.95
CA ALA F 300 27.57 -34.91 15.49
C ALA F 300 26.76 -35.67 16.53
N HIS F 301 26.90 -36.99 16.49
CA HIS F 301 26.32 -37.94 17.42
C HIS F 301 27.34 -38.87 18.04
N ARG F 302 28.42 -39.17 17.35
CA ARG F 302 29.39 -40.12 17.85
C ARG F 302 30.70 -39.83 17.14
N ILE F 303 31.70 -39.41 17.88
CA ILE F 303 33.01 -39.10 17.33
C ILE F 303 33.99 -40.12 17.86
N VAL F 304 34.63 -40.85 16.94
CA VAL F 304 35.53 -41.94 17.28
C VAL F 304 36.87 -41.66 16.66
N LYS F 305 37.90 -41.60 17.48
CA LYS F 305 39.24 -41.34 16.97
C LYS F 305 39.83 -42.61 16.36
N MET F 306 40.27 -42.49 15.11
CA MET F 306 40.66 -43.60 14.26
C MET F 306 42.15 -43.84 14.31
N ASN F 307 42.64 -44.47 13.26
CA ASN F 307 43.80 -45.38 13.23
C ASN F 307 44.92 -44.93 14.16
N LYS F 308 45.58 -43.80 13.93
CA LYS F 308 46.66 -43.48 14.85
C LYS F 308 46.16 -42.67 16.02
N SER F 309 44.96 -42.10 15.88
CA SER F 309 44.35 -41.32 16.93
C SER F 309 43.53 -42.16 17.88
N GLU F 310 43.48 -43.48 17.67
CA GLU F 310 42.69 -44.40 18.47
C GLU F 310 42.77 -44.06 19.95
N ASP F 311 41.62 -44.04 20.61
CA ASP F 311 41.56 -43.71 22.01
C ASP F 311 41.78 -44.98 22.84
N LEU F 319 44.93 -56.56 28.87
CA LEU F 319 45.61 -57.41 27.90
C LEU F 319 45.56 -58.88 28.33
N THR F 320 45.60 -59.79 27.36
CA THR F 320 45.53 -61.20 27.69
C THR F 320 46.83 -61.67 28.35
N ARG F 321 46.74 -62.81 29.02
CA ARG F 321 47.88 -63.30 29.79
C ARG F 321 49.09 -63.53 28.89
N GLU F 322 48.86 -64.10 27.70
CA GLU F 322 49.95 -64.24 26.74
C GLU F 322 50.49 -62.89 26.30
N GLU F 323 49.63 -61.86 26.25
CA GLU F 323 50.13 -60.54 25.88
C GLU F 323 51.19 -60.09 26.87
N LEU F 324 50.86 -60.10 28.16
CA LEU F 324 51.84 -59.81 29.20
C LEU F 324 53.00 -60.79 29.14
N ARG F 325 52.78 -61.98 28.60
CA ARG F 325 53.89 -62.93 28.43
C ARG F 325 54.91 -62.39 27.44
N GLN F 326 54.45 -61.87 26.29
CA GLN F 326 55.43 -61.35 25.35
C GLN F 326 55.99 -60.00 25.80
N ILE F 327 55.22 -59.23 26.58
CA ILE F 327 55.78 -58.03 27.18
C ILE F 327 56.92 -58.39 28.13
N ALA F 328 56.73 -59.43 28.92
CA ALA F 328 57.79 -59.85 29.84
C ALA F 328 58.89 -60.63 29.15
N GLU F 329 58.71 -60.98 27.88
CA GLU F 329 59.77 -61.68 27.15
C GLU F 329 61.01 -60.82 27.07
N GLU F 330 62.18 -61.45 27.19
CA GLU F 330 63.43 -60.73 27.16
C GLU F 330 63.71 -60.09 25.79
N ASP F 331 63.01 -60.52 24.74
CA ASP F 331 63.22 -60.01 23.39
C ASP F 331 62.14 -59.05 22.94
N PHE F 332 61.38 -58.48 23.88
CA PHE F 332 60.27 -57.61 23.52
C PHE F 332 60.76 -56.38 22.76
N TYR F 333 61.85 -55.80 23.23
CA TYR F 333 62.49 -54.66 22.58
C TYR F 333 62.83 -54.96 21.14
N GLU F 334 63.46 -56.10 20.89
CA GLU F 334 63.83 -56.47 19.53
C GLU F 334 62.60 -56.73 18.66
N LYS F 335 61.56 -57.33 19.24
CA LYS F 335 60.37 -57.63 18.44
C LYS F 335 59.64 -56.36 18.04
N LEU F 336 59.49 -55.42 18.97
CA LEU F 336 58.91 -54.14 18.61
C LEU F 336 59.76 -53.40 17.59
N ALA F 337 61.06 -53.35 17.79
CA ALA F 337 61.90 -52.64 16.84
C ALA F 337 61.84 -53.27 15.47
N ALA F 338 61.78 -54.60 15.41
CA ALA F 338 61.68 -55.28 14.14
C ALA F 338 60.30 -55.17 13.52
N SER F 339 59.29 -54.79 14.30
CA SER F 339 57.99 -54.49 13.74
C SER F 339 57.91 -53.10 13.12
N ILE F 340 58.94 -52.28 13.28
CA ILE F 340 58.95 -50.96 12.68
C ILE F 340 59.16 -51.12 11.20
N ALA F 341 58.11 -50.88 10.42
CA ALA F 341 58.17 -50.89 8.97
C ALA F 341 58.89 -52.14 8.49
N PRO F 342 58.30 -53.33 8.67
CA PRO F 342 59.03 -54.55 8.34
C PRO F 342 59.31 -54.73 6.87
N GLU F 343 58.77 -53.85 6.02
CA GLU F 343 59.03 -53.91 4.60
C GLU F 343 60.31 -53.22 4.19
N ILE F 344 60.94 -52.47 5.09
CA ILE F 344 62.28 -51.97 4.85
C ILE F 344 63.30 -52.95 5.42
N TYR F 345 64.13 -53.49 4.54
CA TYR F 345 65.13 -54.47 4.93
C TYR F 345 66.28 -53.79 5.64
N GLY F 346 66.87 -54.48 6.62
CA GLY F 346 68.01 -53.93 7.31
C GLY F 346 67.60 -52.87 8.31
N HIS F 347 68.52 -51.95 8.59
CA HIS F 347 68.26 -50.83 9.48
C HIS F 347 67.76 -51.31 10.84
N GLU F 348 68.43 -52.31 11.38
CA GLU F 348 67.98 -52.89 12.65
C GLU F 348 68.17 -51.92 13.80
N ASP F 349 69.36 -51.34 13.91
CA ASP F 349 69.61 -50.39 14.98
C ASP F 349 68.89 -49.07 14.74
N VAL F 350 68.69 -48.69 13.49
CA VAL F 350 67.89 -47.51 13.20
C VAL F 350 66.48 -47.71 13.72
N LYS F 351 65.92 -48.89 13.51
CA LYS F 351 64.58 -49.16 14.01
C LYS F 351 64.55 -49.21 15.53
N LYS F 352 65.64 -49.65 16.17
CA LYS F 352 65.69 -49.57 17.62
C LYS F 352 65.67 -48.13 18.10
N ALA F 353 66.45 -47.28 17.45
CA ALA F 353 66.46 -45.87 17.81
C ALA F 353 65.11 -45.21 17.58
N LEU F 354 64.44 -45.56 16.48
CA LEU F 354 63.12 -45.00 16.24
C LEU F 354 62.13 -45.47 17.29
N LEU F 355 62.25 -46.72 17.73
CA LEU F 355 61.37 -47.19 18.79
C LEU F 355 61.58 -46.40 20.07
N LEU F 356 62.84 -46.12 20.40
CA LEU F 356 63.13 -45.30 21.58
C LEU F 356 62.54 -43.90 21.42
N LEU F 357 62.61 -43.34 20.22
CA LEU F 357 61.99 -42.05 19.98
C LEU F 357 60.49 -42.10 20.24
N LEU F 358 59.85 -43.18 19.81
CA LEU F 358 58.42 -43.33 20.08
C LEU F 358 58.14 -43.41 21.55
N VAL F 359 58.96 -44.14 22.30
CA VAL F 359 58.74 -44.25 23.74
C VAL F 359 59.16 -42.98 24.45
N GLY F 360 60.34 -42.46 24.15
CA GLY F 360 60.82 -41.27 24.78
C GLY F 360 61.36 -41.52 26.17
N GLY F 361 62.13 -40.57 26.66
CA GLY F 361 62.64 -40.61 28.01
C GLY F 361 61.62 -40.04 28.96
N VAL F 362 62.08 -39.66 30.14
CA VAL F 362 61.22 -39.09 31.16
C VAL F 362 61.64 -37.66 31.44
N ASP F 363 60.69 -36.75 31.43
CA ASP F 363 60.97 -35.35 31.66
C ASP F 363 61.37 -35.12 33.11
N GLN F 364 62.36 -34.28 33.33
CA GLN F 364 62.79 -33.92 34.66
C GLN F 364 62.50 -32.45 34.90
N SER F 365 61.93 -32.13 36.06
CA SER F 365 61.62 -30.77 36.45
C SER F 365 62.19 -30.49 37.84
N PRO F 366 63.50 -30.37 37.95
CA PRO F 366 64.11 -30.06 39.24
C PRO F 366 64.25 -28.58 39.52
N ARG F 367 63.63 -28.10 40.61
CA ARG F 367 63.84 -26.74 41.11
C ARG F 367 63.68 -25.70 40.01
N GLY F 368 62.61 -25.85 39.24
CA GLY F 368 62.30 -24.90 38.20
C GLY F 368 63.33 -24.83 37.09
N MET F 369 63.70 -25.98 36.55
CA MET F 369 64.60 -25.99 35.39
C MET F 369 64.26 -27.25 34.60
N LYS F 370 63.37 -27.10 33.63
CA LYS F 370 62.86 -28.24 32.88
C LYS F 370 63.91 -28.74 31.90
N ILE F 371 64.10 -30.05 31.86
CA ILE F 371 64.86 -30.69 30.81
C ILE F 371 63.97 -31.75 30.17
N ARG F 372 63.88 -31.71 28.85
CA ARG F 372 62.89 -32.51 28.15
C ARG F 372 63.21 -33.99 28.24
N GLY F 373 62.19 -34.80 28.00
CA GLY F 373 62.38 -36.23 27.92
C GLY F 373 62.33 -36.72 26.49
N ASN F 374 61.94 -35.85 25.58
CA ASN F 374 61.81 -36.23 24.18
C ASN F 374 63.16 -36.57 23.61
N ILE F 375 63.17 -37.51 22.67
CA ILE F 375 64.37 -37.92 21.96
C ILE F 375 64.24 -37.45 20.52
N ASN F 376 65.27 -36.79 20.03
CA ASN F 376 65.33 -36.33 18.65
C ASN F 376 66.32 -37.17 17.88
N ILE F 377 65.99 -37.49 16.63
CA ILE F 377 66.84 -38.32 15.80
C ILE F 377 66.90 -37.72 14.41
N CYS F 378 68.09 -37.60 13.85
CA CYS F 378 68.29 -37.16 12.48
C CYS F 378 68.91 -38.30 11.70
N LEU F 379 68.18 -38.82 10.73
CA LEU F 379 68.72 -39.78 9.79
C LEU F 379 69.34 -39.01 8.64
N MET F 380 70.65 -38.98 8.56
CA MET F 380 71.33 -38.33 7.47
C MET F 380 72.00 -39.40 6.63
N GLY F 381 71.42 -39.71 5.47
CA GLY F 381 71.87 -40.84 4.70
C GLY F 381 71.99 -40.53 3.22
N ASP F 382 72.53 -41.50 2.51
CA ASP F 382 72.66 -41.43 1.08
C ASP F 382 71.29 -41.56 0.43
N PRO F 383 71.17 -41.20 -0.85
CA PRO F 383 69.87 -41.32 -1.51
C PRO F 383 69.37 -42.76 -1.56
N GLY F 384 68.05 -42.89 -1.47
CA GLY F 384 67.39 -44.18 -1.63
C GLY F 384 67.67 -45.19 -0.55
N VAL F 385 67.65 -44.80 0.72
CA VAL F 385 67.94 -45.71 1.80
C VAL F 385 66.80 -45.78 2.81
N ALA F 386 65.57 -45.52 2.36
CA ALA F 386 64.34 -45.69 3.12
C ALA F 386 64.17 -44.65 4.22
N LYS F 387 64.88 -43.53 4.16
CA LYS F 387 64.69 -42.48 5.14
C LYS F 387 63.29 -41.91 5.05
N SER F 388 62.83 -41.58 3.85
CA SER F 388 61.48 -41.04 3.72
C SER F 388 60.44 -42.10 4.02
N GLN F 389 60.74 -43.36 3.72
CA GLN F 389 59.80 -44.43 4.06
C GLN F 389 59.72 -44.65 5.57
N LEU F 390 60.84 -44.60 6.27
CA LEU F 390 60.81 -44.72 7.72
C LEU F 390 60.10 -43.54 8.37
N LEU F 391 60.41 -42.33 7.93
CA LEU F 391 59.69 -41.14 8.40
C LEU F 391 58.20 -41.29 8.21
N SER F 392 57.79 -41.77 7.03
CA SER F 392 56.38 -41.89 6.73
C SER F 392 55.73 -42.99 7.57
N TYR F 393 56.46 -44.08 7.82
CA TYR F 393 55.94 -45.12 8.68
C TYR F 393 55.73 -44.61 10.10
N ILE F 394 56.72 -43.91 10.64
CA ILE F 394 56.59 -43.40 12.00
C ILE F 394 55.45 -42.41 12.09
N ASP F 395 55.26 -41.61 11.05
CA ASP F 395 54.10 -40.73 10.99
C ASP F 395 52.79 -41.53 11.00
N ARG F 396 52.74 -42.64 10.27
CA ARG F 396 51.54 -43.45 10.27
C ARG F 396 51.29 -44.10 11.62
N LEU F 397 52.35 -44.41 12.37
CA LEU F 397 52.23 -45.19 13.60
C LEU F 397 51.99 -44.35 14.84
N ALA F 398 52.71 -43.24 14.99
CA ALA F 398 52.64 -42.47 16.22
C ALA F 398 51.24 -41.87 16.41
N PRO F 399 50.82 -41.68 17.66
CA PRO F 399 49.48 -41.13 17.89
C PRO F 399 49.31 -39.67 17.52
N ARG F 400 50.26 -38.80 17.87
CA ARG F 400 50.16 -37.39 17.48
C ARG F 400 51.37 -37.08 16.62
N SER F 401 51.29 -37.40 15.35
CA SER F 401 52.42 -37.19 14.46
C SER F 401 52.01 -36.24 13.35
N GLN F 402 52.98 -35.48 12.88
CA GLN F 402 52.82 -34.64 11.71
C GLN F 402 54.01 -34.88 10.82
N TYR F 403 53.77 -34.95 9.52
CA TYR F 403 54.82 -35.10 8.54
C TYR F 403 54.94 -33.83 7.73
N THR F 404 56.15 -33.29 7.63
CA THR F 404 56.40 -32.13 6.79
C THR F 404 57.58 -32.44 5.90
N THR F 405 57.57 -31.86 4.71
CA THR F 405 58.58 -32.11 3.71
C THR F 405 59.08 -30.79 3.18
N GLY F 406 60.40 -30.66 3.06
CA GLY F 406 60.97 -29.55 2.33
C GLY F 406 60.49 -28.19 2.76
N ARG F 407 59.70 -27.54 1.91
CA ARG F 407 59.17 -26.21 2.19
C ARG F 407 57.72 -26.09 1.74
N GLY F 408 57.01 -27.21 1.65
CA GLY F 408 55.58 -27.15 1.39
C GLY F 408 54.77 -26.74 2.58
N SER F 409 55.28 -26.96 3.79
CA SER F 409 54.65 -26.51 5.02
C SER F 409 55.72 -25.80 5.82
N SER F 410 55.96 -24.56 5.48
CA SER F 410 57.02 -23.77 6.09
C SER F 410 56.43 -22.50 6.66
N GLY F 411 57.17 -21.87 7.55
CA GLY F 411 56.64 -20.70 8.20
C GLY F 411 55.48 -21.08 9.06
N VAL F 412 54.35 -20.43 8.85
CA VAL F 412 53.17 -20.66 9.68
C VAL F 412 52.57 -22.04 9.49
N GLY F 413 53.07 -22.80 8.53
CA GLY F 413 52.75 -24.21 8.49
C GLY F 413 53.48 -25.03 9.51
N LEU F 414 54.47 -24.45 10.18
CA LEU F 414 55.17 -25.08 11.28
C LEU F 414 54.84 -24.47 12.63
N THR F 415 54.82 -23.16 12.70
CA THR F 415 54.45 -22.38 13.88
C THR F 415 52.97 -22.08 13.82
N ALA F 416 52.51 -21.08 14.56
CA ALA F 416 51.11 -20.67 14.52
C ALA F 416 50.91 -19.50 13.58
N ALA F 417 49.65 -19.24 13.27
CA ALA F 417 49.22 -18.04 12.57
C ALA F 417 47.86 -17.64 13.10
N VAL F 418 47.59 -16.35 13.10
CA VAL F 418 46.31 -15.83 13.55
C VAL F 418 45.36 -15.82 12.37
N LEU F 419 44.17 -16.34 12.58
CA LEU F 419 43.27 -16.58 11.48
C LEU F 419 41.88 -16.09 11.89
N ARG F 420 41.13 -15.57 10.93
CA ARG F 420 39.79 -15.08 11.19
C ARG F 420 38.88 -16.22 11.67
N ASP F 421 38.39 -16.09 12.89
CA ASP F 421 37.41 -17.04 13.39
C ASP F 421 36.13 -16.95 12.56
N SER F 422 35.41 -18.07 12.48
CA SER F 422 34.19 -18.13 11.69
C SER F 422 32.96 -18.17 12.56
N VAL F 423 33.07 -18.83 13.71
CA VAL F 423 31.92 -19.04 14.58
C VAL F 423 31.39 -17.72 15.13
N SER F 424 32.26 -16.91 15.69
CA SER F 424 31.90 -15.56 16.12
C SER F 424 32.46 -14.50 15.20
N GLY F 425 33.70 -14.68 14.79
CA GLY F 425 34.37 -13.76 13.90
C GLY F 425 35.29 -12.89 14.72
N GLU F 426 36.52 -13.34 14.85
CA GLU F 426 37.60 -12.61 15.47
C GLU F 426 38.85 -13.39 15.15
N LEU F 427 39.94 -13.07 15.82
CA LEU F 427 41.24 -13.51 15.36
C LEU F 427 41.68 -14.62 16.30
N THR F 428 41.63 -15.86 15.82
CA THR F 428 42.02 -17.00 16.61
C THR F 428 43.35 -17.56 16.11
N LEU F 429 44.09 -18.14 17.03
CA LEU F 429 45.40 -18.68 16.76
C LEU F 429 45.28 -20.14 16.36
N GLU F 430 45.86 -20.48 15.22
CA GLU F 430 45.87 -21.84 14.74
C GLU F 430 47.30 -22.34 14.72
N GLY F 431 47.50 -23.55 15.18
CA GLY F 431 48.82 -24.12 15.20
C GLY F 431 49.17 -24.80 13.89
N GLY F 432 50.45 -24.74 13.56
CA GLY F 432 50.99 -25.48 12.44
C GLY F 432 51.42 -26.85 12.87
N ALA F 433 52.39 -27.40 12.13
CA ALA F 433 52.77 -28.79 12.33
C ALA F 433 53.33 -29.02 13.72
N LEU F 434 54.15 -28.11 14.22
CA LEU F 434 54.78 -28.31 15.52
C LEU F 434 53.81 -28.16 16.67
N VAL F 435 52.64 -27.57 16.44
CA VAL F 435 51.61 -27.51 17.46
C VAL F 435 50.68 -28.70 17.36
N LEU F 436 50.31 -29.09 16.15
CA LEU F 436 49.55 -30.31 15.96
C LEU F 436 50.33 -31.55 16.37
N ALA F 437 51.64 -31.47 16.41
CA ALA F 437 52.48 -32.58 16.85
C ALA F 437 52.98 -32.40 18.26
N ASP F 438 52.45 -31.43 18.99
CA ASP F 438 52.82 -31.22 20.38
C ASP F 438 52.49 -32.48 21.19
N GLN F 439 53.47 -32.92 21.97
CA GLN F 439 53.41 -34.19 22.69
C GLN F 439 53.21 -35.35 21.74
N GLY F 440 53.87 -35.30 20.61
CA GLY F 440 53.90 -36.38 19.64
C GLY F 440 55.19 -36.28 18.89
N VAL F 441 55.19 -36.70 17.63
CA VAL F 441 56.38 -36.71 16.79
C VAL F 441 56.14 -35.76 15.62
N CYS F 442 57.09 -34.87 15.38
CA CYS F 442 57.10 -34.11 14.15
C CYS F 442 58.18 -34.67 13.26
N CYS F 443 57.77 -35.22 12.13
CA CYS F 443 58.67 -35.81 11.15
C CYS F 443 59.02 -34.74 10.12
N ILE F 444 60.27 -34.33 10.10
CA ILE F 444 60.72 -33.24 9.25
C ILE F 444 61.63 -33.85 8.18
N ASP F 445 61.04 -34.12 7.02
CA ASP F 445 61.78 -34.69 5.90
C ASP F 445 62.52 -33.61 5.12
N GLU F 446 63.63 -34.00 4.52
CA GLU F 446 64.46 -33.10 3.74
C GLU F 446 64.91 -31.94 4.60
N PHE F 447 65.39 -32.29 5.79
CA PHE F 447 65.77 -31.31 6.80
C PHE F 447 66.85 -30.37 6.30
N ASP F 448 67.77 -30.88 5.47
CA ASP F 448 68.86 -30.03 5.00
C ASP F 448 68.40 -28.94 4.05
N LYS F 449 67.18 -29.03 3.54
CA LYS F 449 66.65 -28.09 2.57
C LYS F 449 65.45 -27.36 3.14
N MET F 450 65.58 -26.95 4.37
CA MET F 450 64.53 -26.31 5.15
C MET F 450 64.91 -24.85 5.35
N ALA F 451 63.93 -23.97 5.20
CA ALA F 451 64.18 -22.54 5.28
C ALA F 451 64.77 -22.18 6.64
N GLU F 452 65.71 -21.24 6.63
CA GLU F 452 66.49 -20.97 7.83
C GLU F 452 65.64 -20.46 8.98
N ALA F 453 64.58 -19.71 8.70
CA ALA F 453 63.70 -19.28 9.77
C ALA F 453 63.06 -20.47 10.47
N ASP F 454 62.66 -21.47 9.69
CA ASP F 454 62.17 -22.71 10.27
C ASP F 454 63.24 -23.39 11.09
N ARG F 455 64.48 -23.35 10.64
CA ARG F 455 65.53 -24.03 11.37
C ARG F 455 65.77 -23.39 12.72
N THR F 456 65.71 -22.07 12.79
CA THR F 456 65.83 -21.40 14.08
C THR F 456 64.64 -21.71 14.99
N ALA F 457 63.44 -21.72 14.41
CA ALA F 457 62.27 -22.11 15.21
C ALA F 457 62.45 -23.51 15.77
N ILE F 458 63.04 -24.40 14.97
CA ILE F 458 63.24 -25.78 15.40
C ILE F 458 64.31 -25.87 16.48
N HIS F 459 65.31 -24.99 16.44
CA HIS F 459 66.21 -24.85 17.59
C HIS F 459 65.43 -24.71 18.88
N GLU F 460 64.58 -23.68 18.92
CA GLU F 460 63.86 -23.43 20.16
C GLU F 460 62.94 -24.59 20.50
N VAL F 461 62.32 -25.21 19.50
CA VAL F 461 61.42 -26.33 19.78
C VAL F 461 62.19 -27.48 20.41
N MET F 462 63.35 -27.81 19.86
CA MET F 462 63.99 -29.02 20.35
C MET F 462 64.63 -28.81 21.72
N GLU F 463 64.96 -27.60 22.11
CA GLU F 463 65.45 -27.50 23.47
C GLU F 463 64.43 -26.95 24.48
N GLN F 464 63.81 -25.81 24.20
CA GLN F 464 62.87 -25.24 25.15
C GLN F 464 61.47 -25.83 25.04
N GLN F 465 61.17 -26.49 23.94
CA GLN F 465 59.86 -27.08 23.70
C GLN F 465 58.78 -26.02 23.67
N THR F 466 59.12 -24.86 23.15
CA THR F 466 58.17 -23.78 22.96
C THR F 466 58.45 -23.12 21.62
N ILE F 467 57.49 -22.34 21.15
CA ILE F 467 57.69 -21.46 20.01
C ILE F 467 57.30 -20.06 20.43
N SER F 468 58.24 -19.14 20.42
CA SER F 468 57.97 -17.76 20.76
C SER F 468 57.79 -16.96 19.49
N ILE F 469 56.68 -16.24 19.39
CA ILE F 469 56.40 -15.42 18.24
C ILE F 469 56.06 -14.02 18.72
N ALA F 470 56.71 -13.04 18.14
CA ALA F 470 56.48 -11.63 18.41
C ALA F 470 56.39 -10.86 17.11
N LYS F 471 55.56 -11.33 16.19
CA LYS F 471 55.31 -10.64 14.94
C LYS F 471 54.16 -9.67 15.15
N ALA F 472 53.64 -9.11 14.07
CA ALA F 472 52.59 -8.11 14.20
C ALA F 472 51.33 -8.68 14.83
N GLY F 473 50.63 -9.57 14.17
CA GLY F 473 49.37 -9.93 14.79
C GLY F 473 49.49 -10.85 15.99
N ILE F 474 50.67 -11.38 16.26
CA ILE F 474 50.87 -12.49 17.18
C ILE F 474 51.90 -12.10 18.21
N LEU F 475 51.61 -12.35 19.48
CA LEU F 475 52.62 -12.27 20.52
C LEU F 475 52.31 -13.37 21.52
N THR F 476 52.90 -14.55 21.32
CA THR F 476 52.53 -15.72 22.10
C THR F 476 53.75 -16.60 22.31
N THR F 477 53.56 -17.60 23.16
CA THR F 477 54.50 -18.71 23.27
C THR F 477 53.70 -19.99 23.12
N LEU F 478 54.02 -20.77 22.11
CA LEU F 478 53.30 -22.00 21.82
C LEU F 478 54.00 -23.16 22.50
N ASN F 479 53.22 -24.11 23.00
CA ASN F 479 53.78 -25.37 23.47
C ASN F 479 54.04 -26.27 22.28
N ALA F 480 55.29 -26.64 22.06
CA ALA F 480 55.65 -27.60 21.05
C ALA F 480 56.53 -28.64 21.70
N ARG F 481 55.90 -29.58 22.39
CA ARG F 481 56.64 -30.62 23.08
C ARG F 481 56.68 -31.88 22.23
N CYS F 482 57.31 -31.76 21.07
CA CYS F 482 57.33 -32.81 20.08
C CYS F 482 58.75 -33.31 19.87
N SER F 483 58.89 -34.62 19.80
CA SER F 483 60.12 -35.21 19.30
C SER F 483 60.27 -34.87 17.84
N ILE F 484 61.50 -34.68 17.40
CA ILE F 484 61.79 -34.33 16.02
C ILE F 484 62.49 -35.50 15.38
N LEU F 485 61.88 -36.07 14.36
CA LEU F 485 62.50 -37.10 13.54
C LEU F 485 62.83 -36.45 12.21
N ALA F 486 64.10 -36.11 12.02
CA ALA F 486 64.55 -35.44 10.81
C ALA F 486 65.18 -36.42 9.85
N ALA F 487 65.10 -36.10 8.57
CA ALA F 487 65.82 -36.82 7.54
C ALA F 487 66.52 -35.81 6.65
N ALA F 488 67.76 -36.11 6.29
CA ALA F 488 68.52 -35.21 5.46
C ALA F 488 69.47 -36.02 4.59
N ASN F 489 70.04 -35.33 3.61
CA ASN F 489 71.21 -35.78 2.86
C ASN F 489 72.38 -34.91 3.33
N PRO F 490 73.56 -35.60 3.64
CA PRO F 490 74.52 -34.77 4.40
C PRO F 490 75.09 -33.51 3.74
N ALA F 491 75.51 -33.54 2.49
CA ALA F 491 76.12 -32.35 1.88
C ALA F 491 75.71 -32.05 0.44
N TYR F 492 76.19 -32.88 -0.48
CA TYR F 492 75.95 -32.69 -1.90
C TYR F 492 75.16 -33.87 -2.44
N GLY F 493 74.36 -34.49 -1.58
CA GLY F 493 73.55 -35.63 -1.93
C GLY F 493 74.16 -36.89 -1.39
N ARG F 494 75.47 -36.99 -1.43
CA ARG F 494 76.18 -38.21 -1.09
C ARG F 494 77.20 -37.92 -0.02
N TYR F 495 77.51 -38.94 0.77
CA TYR F 495 78.61 -38.88 1.71
C TYR F 495 79.88 -39.24 0.96
N ASN F 496 80.89 -38.38 1.02
CA ASN F 496 82.18 -38.73 0.45
C ASN F 496 83.23 -38.77 1.55
N PRO F 497 84.00 -39.86 1.66
CA PRO F 497 84.94 -39.97 2.78
C PRO F 497 86.10 -39.02 2.71
N ARG F 498 86.36 -38.41 1.55
CA ARG F 498 87.45 -37.45 1.46
C ARG F 498 87.23 -36.24 2.36
N ARG F 499 85.99 -35.98 2.76
CA ARG F 499 85.69 -34.87 3.65
C ARG F 499 85.19 -35.36 4.99
N SER F 500 85.52 -34.59 6.02
CA SER F 500 85.19 -34.98 7.38
C SER F 500 83.68 -34.92 7.62
N LEU F 501 83.26 -35.50 8.74
CA LEU F 501 81.96 -35.12 9.26
C LEU F 501 82.01 -33.64 9.62
N GLU F 502 80.85 -33.07 9.89
CA GLU F 502 80.74 -31.64 10.19
C GLU F 502 81.07 -30.85 8.93
N GLN F 503 81.49 -31.55 7.89
CA GLN F 503 81.67 -30.98 6.57
C GLN F 503 80.71 -31.57 5.57
N ASN F 504 80.48 -32.88 5.62
CA ASN F 504 79.37 -33.44 4.87
C ASN F 504 78.15 -33.69 5.72
N ILE F 505 78.22 -33.54 7.04
CA ILE F 505 77.00 -33.39 7.82
C ILE F 505 76.42 -32.01 7.60
N GLN F 506 77.27 -31.00 7.73
CA GLN F 506 76.93 -29.62 7.42
C GLN F 506 75.74 -29.16 8.26
N LEU F 507 75.79 -29.49 9.55
CA LEU F 507 74.88 -28.99 10.57
C LEU F 507 75.68 -28.22 11.60
N PRO F 508 75.25 -27.02 11.98
CA PRO F 508 75.97 -26.28 13.01
C PRO F 508 75.99 -27.05 14.32
N ALA F 509 77.03 -26.80 15.11
CA ALA F 509 77.20 -27.55 16.35
C ALA F 509 76.00 -27.45 17.25
N ALA F 510 75.32 -26.29 17.25
CA ALA F 510 74.12 -26.15 18.08
C ALA F 510 73.01 -27.07 17.59
N LEU F 511 72.68 -26.98 16.31
CA LEU F 511 71.64 -27.84 15.75
C LEU F 511 72.04 -29.30 15.82
N LEU F 512 73.29 -29.60 15.48
CA LEU F 512 73.77 -30.97 15.57
C LEU F 512 73.67 -31.52 16.98
N SER F 513 74.04 -30.71 17.98
CA SER F 513 74.00 -31.17 19.36
C SER F 513 72.59 -31.34 19.88
N ARG F 514 71.62 -30.65 19.30
CA ARG F 514 70.25 -30.84 19.74
C ARG F 514 69.72 -32.24 19.46
N PHE F 515 70.32 -32.97 18.52
CA PHE F 515 69.83 -34.28 18.16
C PHE F 515 70.50 -35.32 19.05
N ASP F 516 69.68 -36.15 19.69
CA ASP F 516 70.20 -37.20 20.55
C ASP F 516 70.97 -38.23 19.75
N LEU F 517 70.50 -38.55 18.55
CA LEU F 517 71.19 -39.44 17.65
C LEU F 517 71.24 -38.80 16.28
N LEU F 518 72.44 -38.65 15.74
CA LEU F 518 72.64 -38.35 14.33
C LEU F 518 73.02 -39.66 13.67
N TRP F 519 72.07 -40.31 13.05
CA TRP F 519 72.35 -41.62 12.46
C TRP F 519 72.89 -41.40 11.06
N LEU F 520 74.06 -41.94 10.79
CA LEU F 520 74.62 -41.93 9.43
C LEU F 520 74.27 -43.20 8.70
N ILE F 521 73.65 -43.07 7.55
CA ILE F 521 73.40 -44.19 6.66
C ILE F 521 74.17 -43.95 5.37
N GLN F 522 74.95 -44.93 4.94
CA GLN F 522 75.60 -44.91 3.64
C GLN F 522 75.36 -46.25 3.00
N ASP F 523 74.87 -46.25 1.75
CA ASP F 523 74.69 -47.50 1.03
C ASP F 523 75.93 -47.72 0.18
N ARG F 524 76.93 -48.31 0.78
CA ARG F 524 78.06 -48.77 0.02
C ARG F 524 77.68 -50.07 -0.68
N PRO F 525 77.96 -50.20 -1.96
CA PRO F 525 77.61 -51.44 -2.66
C PRO F 525 78.32 -52.64 -2.07
N ASP F 526 77.61 -53.77 -2.07
CA ASP F 526 78.10 -54.98 -1.42
C ASP F 526 77.29 -56.15 -1.93
N ARG F 527 77.95 -57.11 -2.60
CA ARG F 527 77.22 -58.03 -3.48
C ARG F 527 76.19 -58.85 -2.72
N ASP F 528 76.61 -59.51 -1.64
CA ASP F 528 75.67 -60.34 -0.91
C ASP F 528 74.61 -59.50 -0.20
N ASN F 529 75.01 -58.33 0.32
CA ASN F 529 74.03 -57.46 0.96
C ASN F 529 73.05 -56.89 -0.05
N ASP F 530 73.53 -56.54 -1.25
CA ASP F 530 72.62 -56.08 -2.28
C ASP F 530 71.68 -57.18 -2.73
N LEU F 531 72.15 -58.43 -2.79
CA LEU F 531 71.25 -59.55 -3.05
C LEU F 531 70.20 -59.68 -1.96
N ARG F 532 70.59 -59.58 -0.69
CA ARG F 532 69.62 -59.75 0.37
C ARG F 532 68.55 -58.67 0.28
N LEU F 533 68.96 -57.43 0.05
CA LEU F 533 67.99 -56.35 -0.09
C LEU F 533 67.12 -56.56 -1.31
N ALA F 534 67.70 -56.97 -2.44
CA ALA F 534 66.93 -57.11 -3.65
C ALA F 534 65.93 -58.24 -3.55
N GLN F 535 66.29 -59.33 -2.87
CA GLN F 535 65.35 -60.40 -2.64
C GLN F 535 64.20 -59.94 -1.74
N HIS F 536 64.53 -59.21 -0.69
CA HIS F 536 63.48 -58.65 0.16
C HIS F 536 62.54 -57.77 -0.64
N ILE F 537 63.08 -56.89 -1.48
CA ILE F 537 62.27 -55.93 -2.19
C ILE F 537 61.43 -56.63 -3.26
N THR F 538 62.00 -57.62 -3.95
CA THR F 538 61.22 -58.34 -4.95
C THR F 538 60.09 -59.12 -4.30
N TYR F 539 60.34 -59.71 -3.13
CA TYR F 539 59.26 -60.36 -2.40
C TYR F 539 58.17 -59.37 -2.05
N VAL F 540 58.54 -58.17 -1.60
CA VAL F 540 57.54 -57.18 -1.25
C VAL F 540 56.74 -56.76 -2.47
N HIS F 541 57.40 -56.55 -3.61
CA HIS F 541 56.69 -56.24 -4.83
C HIS F 541 55.84 -57.39 -5.32
N GLN F 542 56.16 -58.59 -4.91
CA GLN F 542 55.53 -59.79 -5.41
C GLN F 542 54.31 -60.19 -4.59
N HIS F 543 54.32 -59.88 -3.30
CA HIS F 543 53.23 -60.27 -2.41
C HIS F 543 52.60 -59.13 -1.63
N SER F 544 53.01 -57.87 -1.85
CA SER F 544 52.52 -56.74 -1.07
C SER F 544 52.71 -56.94 0.43
N ARG F 545 53.79 -57.63 0.80
CA ARG F 545 54.12 -57.75 2.20
C ARG F 545 55.57 -58.19 2.33
N GLN F 546 56.11 -57.97 3.50
CA GLN F 546 57.47 -58.36 3.82
C GLN F 546 57.58 -59.88 3.96
N PRO F 547 58.75 -60.45 3.64
CA PRO F 547 58.89 -61.90 3.65
C PRO F 547 58.72 -62.47 5.05
N PRO F 548 58.30 -63.73 5.16
CA PRO F 548 58.22 -64.35 6.49
C PRO F 548 59.58 -64.43 7.16
N SER F 549 59.57 -64.19 8.47
CA SER F 549 60.78 -64.25 9.28
C SER F 549 60.49 -65.12 10.49
N GLN F 550 61.38 -65.11 11.48
CA GLN F 550 61.16 -65.94 12.66
C GLN F 550 59.89 -65.50 13.39
N PHE F 551 59.72 -64.20 13.56
CA PHE F 551 58.67 -63.63 14.39
C PHE F 551 57.80 -62.74 13.53
N GLU F 552 56.51 -63.03 13.51
CA GLU F 552 55.61 -62.22 12.71
C GLU F 552 55.54 -60.82 13.31
N PRO F 553 55.65 -59.78 12.48
CA PRO F 553 55.63 -58.41 13.03
C PRO F 553 54.27 -58.06 13.60
N LEU F 554 54.29 -57.19 14.61
CA LEU F 554 53.06 -56.80 15.28
C LEU F 554 52.24 -55.85 14.42
N ASP F 555 50.94 -55.90 14.63
CA ASP F 555 50.04 -54.92 14.06
C ASP F 555 50.35 -53.53 14.58
N MET F 556 50.00 -52.51 13.79
CA MET F 556 50.23 -51.14 14.24
C MET F 556 49.33 -50.81 15.43
N LYS F 557 48.14 -51.40 15.51
CA LYS F 557 47.32 -51.24 16.71
C LYS F 557 48.03 -51.82 17.92
N LEU F 558 48.58 -53.02 17.80
CA LEU F 558 49.27 -53.64 18.92
C LEU F 558 50.53 -52.87 19.28
N MET F 559 51.27 -52.41 18.28
CA MET F 559 52.46 -51.62 18.54
C MET F 559 52.11 -50.36 19.29
N ARG F 560 51.03 -49.69 18.88
CA ARG F 560 50.56 -48.51 19.57
C ARG F 560 50.22 -48.82 21.01
N ARG F 561 49.52 -49.93 21.24
CA ARG F 561 49.13 -50.26 22.62
C ARG F 561 50.35 -50.50 23.49
N TYR F 562 51.34 -51.23 22.96
CA TYR F 562 52.54 -51.49 23.73
C TYR F 562 53.30 -50.21 24.05
N ILE F 563 53.47 -49.36 23.04
CA ILE F 563 54.19 -48.12 23.24
C ILE F 563 53.47 -47.25 24.26
N ALA F 564 52.14 -47.17 24.16
CA ALA F 564 51.38 -46.40 25.12
C ALA F 564 51.55 -46.93 26.53
N MET F 565 51.51 -48.25 26.70
CA MET F 565 51.70 -48.81 28.03
C MET F 565 53.09 -48.49 28.55
N CYS F 566 54.10 -48.53 27.70
CA CYS F 566 55.44 -48.16 28.12
C CYS F 566 55.55 -46.68 28.46
N ARG F 567 54.65 -45.85 27.94
CA ARG F 567 54.79 -44.40 28.13
C ARG F 567 54.61 -44.00 29.59
N GLU F 568 53.54 -44.46 30.24
CA GLU F 568 53.32 -44.08 31.64
C GLU F 568 54.02 -45.07 32.57
N LYS F 569 55.34 -45.06 32.49
CA LYS F 569 56.14 -46.03 33.19
C LYS F 569 57.41 -45.38 33.73
N GLN F 570 57.28 -44.20 34.33
CA GLN F 570 58.42 -43.39 34.74
C GLN F 570 59.48 -44.17 35.50
N PRO F 571 60.61 -44.48 34.90
CA PRO F 571 61.67 -45.11 35.65
C PRO F 571 62.67 -44.09 36.16
N MET F 572 63.39 -44.43 37.22
CA MET F 572 64.35 -43.51 37.82
C MET F 572 65.76 -44.04 37.62
N VAL F 573 66.72 -43.15 37.77
CA VAL F 573 68.13 -43.51 37.66
C VAL F 573 68.67 -43.70 39.09
N PRO F 574 69.26 -44.84 39.40
CA PRO F 574 69.81 -45.02 40.74
C PRO F 574 71.03 -44.15 40.99
N GLU F 575 71.37 -44.01 42.26
CA GLU F 575 72.67 -43.45 42.59
C GLU F 575 73.78 -44.38 42.16
N SER F 576 73.50 -45.69 42.13
CA SER F 576 74.56 -46.67 41.87
C SER F 576 75.06 -46.57 40.44
N LEU F 577 74.22 -46.11 39.51
CA LEU F 577 74.62 -46.04 38.11
C LEU F 577 75.39 -44.76 37.78
N ALA F 578 75.42 -43.80 38.71
CA ALA F 578 75.93 -42.48 38.40
C ALA F 578 77.40 -42.53 37.99
N ASP F 579 78.19 -43.36 38.67
CA ASP F 579 79.59 -43.49 38.28
C ASP F 579 79.74 -44.14 36.92
N TYR F 580 78.94 -45.17 36.65
CA TYR F 580 79.04 -45.86 35.37
C TYR F 580 78.66 -44.93 34.23
N ILE F 581 77.57 -44.17 34.40
CA ILE F 581 77.10 -43.23 33.40
C ILE F 581 78.12 -42.11 33.22
N THR F 582 78.65 -41.60 34.32
CA THR F 582 79.66 -40.55 34.24
C THR F 582 80.88 -41.02 33.48
N ALA F 583 81.33 -42.24 33.75
CA ALA F 583 82.48 -42.75 33.02
C ALA F 583 82.20 -42.87 31.54
N ALA F 584 81.01 -43.34 31.18
CA ALA F 584 80.66 -43.41 29.77
C ALA F 584 80.68 -42.04 29.12
N TYR F 585 80.16 -41.04 29.81
CA TYR F 585 80.14 -39.68 29.26
C TYR F 585 81.55 -39.14 29.08
N VAL F 586 82.39 -39.27 30.11
CA VAL F 586 83.73 -38.70 30.00
C VAL F 586 84.51 -39.44 28.94
N GLU F 587 84.20 -40.72 28.74
CA GLU F 587 84.89 -41.46 27.70
C GLU F 587 84.51 -40.92 26.32
N MET F 588 83.21 -40.86 26.04
CA MET F 588 82.73 -40.31 24.77
C MET F 588 83.35 -38.95 24.51
N ARG F 589 83.45 -38.15 25.56
CA ARG F 589 83.98 -36.81 25.41
C ARG F 589 85.47 -36.84 25.10
N ARG F 590 86.20 -37.80 25.65
CA ARG F 590 87.61 -37.91 25.30
C ARG F 590 87.83 -38.38 23.87
N GLU F 591 87.02 -39.33 23.36
CA GLU F 591 87.17 -39.57 21.91
C GLU F 591 86.84 -38.34 21.10
N ALA F 592 85.82 -37.57 21.49
CA ALA F 592 85.54 -36.38 20.72
C ALA F 592 86.75 -35.45 20.68
N TRP F 593 87.38 -35.23 21.83
CA TRP F 593 88.55 -34.35 21.84
C TRP F 593 89.71 -34.93 21.06
N ALA F 594 90.04 -36.20 21.30
CA ALA F 594 91.22 -36.80 20.70
C ALA F 594 91.04 -37.01 19.21
N SER F 595 89.91 -37.57 18.80
CA SER F 595 89.68 -37.84 17.40
C SER F 595 89.73 -36.56 16.57
N LYS F 596 90.08 -36.72 15.30
CA LYS F 596 90.10 -35.61 14.36
C LYS F 596 88.92 -35.65 13.39
N ASP F 597 88.02 -36.62 13.54
CA ASP F 597 86.87 -36.77 12.66
C ASP F 597 85.62 -37.05 13.49
N ALA F 598 85.42 -36.27 14.54
CA ALA F 598 84.31 -36.47 15.46
C ALA F 598 83.44 -35.22 15.51
N THR F 599 82.18 -35.41 15.88
CA THR F 599 81.23 -34.32 15.93
C THR F 599 81.32 -33.63 17.30
N TYR F 600 80.48 -32.61 17.47
CA TYR F 600 80.51 -31.80 18.68
C TYR F 600 79.89 -32.58 19.84
N THR F 601 80.65 -32.69 20.92
CA THR F 601 80.19 -33.35 22.13
C THR F 601 80.03 -32.32 23.24
N SER F 602 78.93 -32.42 24.00
CA SER F 602 78.65 -31.48 25.07
C SER F 602 77.94 -32.21 26.18
N ALA F 603 77.38 -31.45 27.12
CA ALA F 603 76.54 -32.05 28.15
C ALA F 603 75.27 -32.64 27.57
N ARG F 604 74.87 -32.17 26.39
CA ARG F 604 73.73 -32.75 25.72
C ARG F 604 73.97 -34.21 25.37
N THR F 605 75.22 -34.60 25.18
CA THR F 605 75.52 -36.01 24.99
C THR F 605 75.19 -36.82 26.24
N LEU F 606 75.48 -36.28 27.42
CA LEU F 606 75.13 -36.99 28.64
C LEU F 606 73.63 -37.05 28.84
N LEU F 607 72.94 -35.94 28.62
CA LEU F 607 71.49 -35.99 28.71
C LEU F 607 70.91 -36.97 27.70
N ALA F 608 71.53 -37.08 26.53
CA ALA F 608 71.10 -38.08 25.56
C ALA F 608 71.28 -39.49 26.08
N ILE F 609 72.42 -39.76 26.73
CA ILE F 609 72.60 -41.06 27.37
C ILE F 609 71.48 -41.33 28.34
N LEU F 610 71.19 -40.35 29.19
CA LEU F 610 70.24 -40.57 30.26
C LEU F 610 68.85 -40.82 29.71
N ARG F 611 68.43 -40.04 28.73
CA ARG F 611 67.07 -40.21 28.26
C ARG F 611 66.93 -41.41 27.33
N LEU F 612 67.97 -41.77 26.58
CA LEU F 612 67.93 -43.02 25.84
C LEU F 612 67.79 -44.20 26.79
N SER F 613 68.55 -44.20 27.88
CA SER F 613 68.49 -45.33 28.81
C SER F 613 67.16 -45.38 29.55
N THR F 614 66.59 -44.23 29.89
CA THR F 614 65.26 -44.29 30.50
C THR F 614 64.21 -44.77 29.52
N ALA F 615 64.36 -44.47 28.23
CA ALA F 615 63.44 -45.05 27.25
C ALA F 615 63.60 -46.56 27.14
N LEU F 616 64.84 -47.06 27.18
CA LEU F 616 65.02 -48.50 27.21
C LEU F 616 64.33 -49.12 28.42
N ALA F 617 64.52 -48.51 29.59
CA ALA F 617 63.90 -49.03 30.80
C ALA F 617 62.39 -49.03 30.68
N ARG F 618 61.82 -47.97 30.11
CA ARG F 618 60.40 -47.97 29.83
C ARG F 618 60.01 -49.14 28.98
N LEU F 619 60.85 -49.51 28.02
CA LEU F 619 60.52 -50.64 27.17
C LEU F 619 60.56 -51.96 27.92
N ARG F 620 61.42 -52.08 28.92
CA ARG F 620 61.36 -53.25 29.79
C ARG F 620 60.28 -53.14 30.83
N MET F 621 59.61 -52.00 30.93
CA MET F 621 58.57 -51.72 31.91
C MET F 621 59.02 -52.01 33.33
N VAL F 622 60.28 -51.68 33.61
CA VAL F 622 60.76 -51.62 34.95
C VAL F 622 60.64 -50.19 35.43
N ASP F 623 60.83 -49.97 36.73
CA ASP F 623 60.77 -48.65 37.30
C ASP F 623 62.14 -48.09 37.65
N VAL F 624 63.21 -48.81 37.33
CA VAL F 624 64.56 -48.39 37.68
C VAL F 624 65.47 -48.70 36.50
N VAL F 625 66.25 -47.72 36.07
CA VAL F 625 67.20 -47.94 34.99
C VAL F 625 68.32 -48.82 35.48
N GLU F 626 68.63 -49.86 34.70
CA GLU F 626 69.67 -50.80 35.05
C GLU F 626 70.86 -50.62 34.12
N LYS F 627 71.96 -51.32 34.44
CA LYS F 627 73.19 -51.13 33.69
C LYS F 627 73.04 -51.56 32.24
N GLU F 628 72.19 -52.54 31.96
CA GLU F 628 72.02 -52.97 30.59
C GLU F 628 71.32 -51.93 29.74
N ASP F 629 70.42 -51.14 30.33
CA ASP F 629 69.80 -50.03 29.62
C ASP F 629 70.84 -49.01 29.24
N VAL F 630 71.74 -48.66 30.16
CA VAL F 630 72.81 -47.73 29.86
C VAL F 630 73.71 -48.30 28.76
N ASN F 631 74.01 -49.59 28.89
CA ASN F 631 74.88 -50.27 27.94
C ASN F 631 74.33 -50.21 26.53
N GLU F 632 73.04 -50.48 26.37
CA GLU F 632 72.41 -50.45 25.06
C GLU F 632 72.31 -49.02 24.54
N ALA F 633 72.05 -48.06 25.42
CA ALA F 633 72.04 -46.68 24.99
C ALA F 633 73.40 -46.27 24.42
N ILE F 634 74.48 -46.63 25.11
CA ILE F 634 75.82 -46.29 24.63
C ILE F 634 76.11 -47.01 23.31
N ARG F 635 75.69 -48.26 23.20
CA ARG F 635 75.89 -48.96 21.94
C ARG F 635 75.16 -48.26 20.80
N LEU F 636 73.96 -47.77 21.06
CA LEU F 636 73.22 -47.05 20.03
C LEU F 636 73.94 -45.78 19.63
N MET F 637 74.39 -45.01 20.61
CA MET F 637 75.16 -43.81 20.27
C MET F 637 76.41 -44.16 19.47
N GLU F 638 77.03 -45.31 19.72
CA GLU F 638 78.21 -45.68 18.96
C GLU F 638 77.86 -46.14 17.55
N MET F 639 76.81 -46.96 17.41
CA MET F 639 76.39 -47.40 16.08
C MET F 639 75.96 -46.25 15.21
N SER F 640 75.46 -45.17 15.80
CA SER F 640 74.92 -44.08 15.00
C SER F 640 75.96 -43.50 14.05
N LYS F 641 77.24 -43.66 14.33
CA LYS F 641 78.31 -43.21 13.46
C LYS F 641 79.14 -44.37 12.92
N ASP F 642 78.52 -45.54 12.76
CA ASP F 642 79.27 -46.72 12.36
C ASP F 642 79.61 -46.75 10.89
N SER F 643 78.75 -46.20 10.04
CA SER F 643 78.94 -46.33 8.59
C SER F 643 80.21 -45.65 8.12
N LEU F 644 80.72 -44.66 8.84
CA LEU F 644 81.93 -43.99 8.41
C LEU F 644 83.17 -44.84 8.61
N LEU F 645 83.05 -45.98 9.27
CA LEU F 645 84.18 -46.88 9.47
C LEU F 645 84.39 -47.78 8.25
N ASP G 176 -8.05 47.73 28.05
CA ASP G 176 -7.87 49.13 27.68
C ASP G 176 -8.64 49.46 26.43
N LEU G 177 -8.08 50.30 25.58
CA LEU G 177 -8.69 50.67 24.31
C LEU G 177 -8.15 49.76 23.22
N LYS G 178 -8.37 50.14 21.96
CA LYS G 178 -7.93 49.35 20.82
C LYS G 178 -7.08 50.20 19.88
N GLY G 179 -6.07 49.56 19.29
CA GLY G 179 -5.28 50.18 18.25
C GLY G 179 -5.52 49.46 16.94
N HIS G 180 -6.17 48.31 17.05
CA HIS G 180 -6.61 47.49 15.91
C HIS G 180 -7.75 46.60 16.39
N SER G 181 -8.17 45.64 15.55
CA SER G 181 -9.48 45.00 15.68
C SER G 181 -9.66 44.36 17.06
N VAL G 182 -10.89 44.45 17.55
CA VAL G 182 -11.16 44.14 18.96
C VAL G 182 -10.90 42.67 19.25
N ARG G 183 -11.21 41.77 18.33
CA ARG G 183 -11.03 40.35 18.60
C ARG G 183 -9.58 40.04 18.91
N GLU G 184 -8.68 40.44 18.01
CA GLU G 184 -7.27 40.16 18.24
C GLU G 184 -6.70 41.05 19.33
N TRP G 185 -7.25 42.25 19.51
CA TRP G 185 -6.75 43.10 20.59
C TRP G 185 -7.00 42.47 21.95
N VAL G 186 -8.19 41.91 22.16
CA VAL G 186 -8.46 41.24 23.42
C VAL G 186 -7.89 39.84 23.44
N SER G 187 -7.43 39.34 22.29
CA SER G 187 -6.67 38.10 22.31
C SER G 187 -5.24 38.30 22.81
N MET G 188 -4.68 39.50 22.63
CA MET G 188 -3.29 39.75 22.96
C MET G 188 -3.06 39.68 24.47
N ALA G 189 -1.84 39.26 24.85
CA ALA G 189 -1.58 38.88 26.23
C ALA G 189 -1.76 40.04 27.19
N GLY G 190 -1.28 41.22 26.83
CA GLY G 190 -1.38 42.39 27.67
C GLY G 190 -2.80 42.79 27.99
N PRO G 191 -3.57 43.15 26.97
CA PRO G 191 -4.97 43.52 27.20
C PRO G 191 -5.78 42.38 27.77
N ARG G 192 -5.47 41.14 27.40
CA ARG G 192 -6.17 40.01 27.98
C ARG G 192 -5.98 39.96 29.49
N LEU G 193 -4.73 40.10 29.94
CA LEU G 193 -4.46 40.08 31.37
C LEU G 193 -5.09 41.28 32.06
N GLU G 194 -5.09 42.44 31.41
CA GLU G 194 -5.73 43.60 31.99
C GLU G 194 -7.23 43.37 32.16
N ILE G 195 -7.86 42.76 31.16
CA ILE G 195 -9.28 42.44 31.23
C ILE G 195 -9.54 41.43 32.35
N HIS G 196 -8.67 40.45 32.49
CA HIS G 196 -8.81 39.47 33.57
C HIS G 196 -8.78 40.15 34.93
N HIS G 197 -7.76 40.99 35.16
CA HIS G 197 -7.66 41.68 36.44
C HIS G 197 -8.85 42.60 36.66
N ARG G 198 -9.28 43.30 35.62
CA ARG G 198 -10.39 44.23 35.76
C ARG G 198 -11.69 43.49 36.05
N PHE G 199 -11.88 42.32 35.47
CA PHE G 199 -13.09 41.56 35.74
C PHE G 199 -13.07 40.97 37.15
N LYS G 200 -11.89 40.56 37.64
CA LYS G 200 -11.80 40.18 39.04
C LYS G 200 -12.16 41.36 39.94
N ASN G 201 -11.62 42.54 39.63
CA ASN G 201 -11.96 43.73 40.39
C ASN G 201 -13.45 43.98 40.40
N PHE G 202 -14.10 43.77 39.25
CA PHE G 202 -15.54 43.95 39.18
C PHE G 202 -16.27 42.94 40.05
N LEU G 203 -15.91 41.66 39.93
CA LEU G 203 -16.60 40.63 40.68
C LEU G 203 -16.41 40.80 42.18
N ARG G 204 -15.32 41.44 42.59
CA ARG G 204 -15.04 41.61 44.00
C ARG G 204 -15.66 42.87 44.58
N THR G 205 -15.90 43.88 43.77
CA THR G 205 -16.21 45.22 44.25
C THR G 205 -17.46 45.77 43.59
N HIS G 206 -18.52 44.97 43.55
CA HIS G 206 -19.79 45.43 43.00
C HIS G 206 -20.85 45.37 44.08
N VAL G 207 -21.48 46.51 44.36
CA VAL G 207 -22.48 46.60 45.41
C VAL G 207 -23.82 46.92 44.76
N ASP G 208 -24.90 46.56 45.45
CA ASP G 208 -26.24 46.53 44.89
C ASP G 208 -27.02 47.80 45.13
N SER G 209 -26.35 48.96 45.15
CA SER G 209 -26.93 50.28 45.40
C SER G 209 -27.40 50.43 46.83
N HIS G 210 -27.37 49.36 47.63
CA HIS G 210 -27.77 49.37 49.03
C HIS G 210 -26.70 48.69 49.88
N GLY G 211 -25.46 48.74 49.41
CA GLY G 211 -24.35 48.11 50.09
C GLY G 211 -24.31 46.61 50.02
N HIS G 212 -25.28 46.00 49.35
CA HIS G 212 -25.34 44.54 49.28
C HIS G 212 -24.34 44.06 48.23
N ASN G 213 -23.30 43.37 48.68
CA ASN G 213 -22.27 42.89 47.78
C ASN G 213 -22.84 41.71 47.01
N VAL G 214 -23.22 41.96 45.75
CA VAL G 214 -24.01 40.99 45.01
C VAL G 214 -23.24 39.70 44.80
N PHE G 215 -21.99 39.81 44.41
CA PHE G 215 -21.31 38.64 43.88
C PHE G 215 -20.83 37.70 44.97
N LYS G 216 -20.50 38.22 46.15
CA LYS G 216 -20.15 37.32 47.25
C LYS G 216 -21.33 36.40 47.59
N GLU G 217 -22.51 36.97 47.74
CA GLU G 217 -23.67 36.15 48.06
C GLU G 217 -24.09 35.27 46.89
N ARG G 218 -23.95 35.77 45.66
CA ARG G 218 -24.30 34.96 44.50
C ARG G 218 -23.40 33.74 44.39
N ILE G 219 -22.09 33.94 44.49
CA ILE G 219 -21.18 32.82 44.52
C ILE G 219 -21.50 31.91 45.69
N SER G 220 -21.86 32.51 46.83
CA SER G 220 -22.13 31.71 48.02
C SER G 220 -23.27 30.75 47.80
N ASP G 221 -24.42 31.25 47.34
CA ASP G 221 -25.56 30.37 47.14
C ASP G 221 -25.36 29.42 45.96
N MET G 222 -24.67 29.87 44.92
CA MET G 222 -24.39 28.99 43.80
C MET G 222 -23.55 27.80 44.25
N CYS G 223 -22.51 28.07 45.03
CA CYS G 223 -21.73 26.98 45.61
C CYS G 223 -22.55 26.17 46.59
N LYS G 224 -23.49 26.82 47.27
CA LYS G 224 -24.33 26.12 48.22
C LYS G 224 -25.14 25.03 47.54
N GLU G 225 -25.66 25.32 46.34
CA GLU G 225 -26.44 24.35 45.61
C GLU G 225 -25.73 23.79 44.38
N ASN G 226 -24.45 24.09 44.20
CA ASN G 226 -23.60 23.43 43.20
C ASN G 226 -24.10 23.67 41.78
N ARG G 227 -24.04 24.94 41.36
CA ARG G 227 -24.62 25.35 40.09
C ARG G 227 -23.62 25.64 38.97
N GLU G 228 -22.33 25.76 39.26
CA GLU G 228 -21.28 26.02 38.29
C GLU G 228 -21.60 27.07 37.23
N SER G 229 -22.45 28.04 37.52
CA SER G 229 -22.75 29.09 36.56
C SER G 229 -23.10 30.38 37.28
N LEU G 230 -22.46 31.46 36.87
CA LEU G 230 -22.61 32.78 37.49
C LEU G 230 -23.30 33.71 36.50
N VAL G 231 -24.41 34.29 36.91
CA VAL G 231 -25.15 35.22 36.05
C VAL G 231 -24.67 36.63 36.34
N VAL G 232 -24.21 37.34 35.32
CA VAL G 232 -23.73 38.71 35.44
C VAL G 232 -24.67 39.61 34.65
N ASN G 233 -25.21 40.62 35.30
CA ASN G 233 -26.07 41.57 34.63
C ASN G 233 -25.24 42.51 33.77
N TYR G 234 -25.61 42.64 32.50
CA TYR G 234 -24.89 43.53 31.61
C TYR G 234 -25.04 44.97 32.01
N GLU G 235 -26.19 45.35 32.56
CA GLU G 235 -26.36 46.71 33.04
C GLU G 235 -25.35 47.01 34.14
N ASP G 236 -25.20 46.10 35.09
CA ASP G 236 -24.25 46.29 36.18
C ASP G 236 -22.83 46.31 35.66
N LEU G 237 -22.48 45.42 34.74
CA LEU G 237 -21.13 45.42 34.19
C LEU G 237 -20.83 46.71 33.47
N ALA G 238 -21.78 47.20 32.67
CA ALA G 238 -21.55 48.43 31.94
C ALA G 238 -21.46 49.63 32.87
N ALA G 239 -22.33 49.66 33.88
CA ALA G 239 -22.30 50.77 34.83
C ALA G 239 -21.00 50.82 35.58
N ARG G 240 -20.51 49.66 36.03
CA ARG G 240 -19.22 49.66 36.71
C ARG G 240 -18.10 49.89 35.71
N GLU G 241 -17.91 48.96 34.78
CA GLU G 241 -16.82 49.05 33.82
C GLU G 241 -17.38 48.98 32.42
N HIS G 242 -17.36 50.11 31.72
CA HIS G 242 -17.98 50.17 30.41
C HIS G 242 -17.10 49.65 29.29
N VAL G 243 -15.78 49.58 29.48
CA VAL G 243 -14.93 49.09 28.39
C VAL G 243 -15.10 47.59 28.20
N LEU G 244 -15.17 46.83 29.28
CA LEU G 244 -15.44 45.39 29.13
C LEU G 244 -16.82 45.17 28.52
N ALA G 245 -17.80 45.96 28.95
CA ALA G 245 -19.15 45.82 28.41
C ALA G 245 -19.19 46.15 26.93
N TYR G 246 -18.39 47.12 26.50
CA TYR G 246 -18.34 47.45 25.09
C TYR G 246 -17.55 46.42 24.29
N PHE G 247 -16.57 45.79 24.91
CA PHE G 247 -15.83 44.71 24.27
C PHE G 247 -16.61 43.41 24.27
N LEU G 248 -17.56 43.27 25.18
CA LEU G 248 -18.21 41.97 25.37
C LEU G 248 -18.95 41.48 24.13
N PRO G 249 -19.82 42.26 23.49
CA PRO G 249 -20.56 41.70 22.35
C PRO G 249 -19.79 41.72 21.05
N GLU G 250 -18.60 42.31 21.01
CA GLU G 250 -17.84 42.29 19.77
C GLU G 250 -17.01 41.03 19.63
N ALA G 251 -16.40 40.55 20.71
CA ALA G 251 -15.61 39.33 20.68
C ALA G 251 -15.98 38.45 21.86
N PRO G 252 -17.23 37.97 21.94
CA PRO G 252 -17.67 37.30 23.15
C PRO G 252 -17.01 35.96 23.40
N ALA G 253 -16.49 35.28 22.39
CA ALA G 253 -15.83 34.01 22.67
C ALA G 253 -14.64 34.23 23.61
N GLU G 254 -13.76 35.15 23.24
CA GLU G 254 -12.60 35.45 24.06
C GLU G 254 -13.00 36.08 25.39
N LEU G 255 -13.90 37.05 25.36
CA LEU G 255 -14.30 37.73 26.58
C LEU G 255 -14.93 36.78 27.58
N LEU G 256 -15.80 35.90 27.10
CA LEU G 256 -16.42 34.92 27.99
C LEU G 256 -15.42 33.91 28.50
N GLN G 257 -14.42 33.55 27.69
CA GLN G 257 -13.35 32.71 28.21
C GLN G 257 -12.64 33.39 29.38
N ILE G 258 -12.27 34.65 29.20
CA ILE G 258 -11.60 35.40 30.26
C ILE G 258 -12.49 35.48 31.48
N PHE G 259 -13.76 35.78 31.28
CA PHE G 259 -14.67 35.94 32.40
C PHE G 259 -14.82 34.64 33.16
N ASP G 260 -14.82 33.52 32.44
CA ASP G 260 -14.91 32.22 33.11
C ASP G 260 -13.69 31.95 33.96
N GLU G 261 -12.50 32.26 33.42
CA GLU G 261 -11.28 32.07 34.21
C GLU G 261 -11.28 32.94 35.46
N ALA G 262 -11.67 34.21 35.31
CA ALA G 262 -11.69 35.11 36.46
C ALA G 262 -12.74 34.69 37.48
N ALA G 263 -13.90 34.22 37.02
CA ALA G 263 -14.91 33.74 37.95
C ALA G 263 -14.42 32.52 38.70
N LEU G 264 -13.72 31.62 38.02
CA LEU G 264 -13.14 30.48 38.72
C LEU G 264 -12.17 30.94 39.79
N GLU G 265 -11.31 31.90 39.47
CA GLU G 265 -10.36 32.40 40.45
C GLU G 265 -11.08 32.99 41.65
N VAL G 266 -12.08 33.84 41.42
CA VAL G 266 -12.77 34.50 42.51
C VAL G 266 -13.51 33.50 43.37
N VAL G 267 -14.11 32.49 42.76
CA VAL G 267 -14.83 31.48 43.53
C VAL G 267 -13.85 30.64 44.34
N LEU G 268 -12.77 30.18 43.72
CA LEU G 268 -11.79 29.38 44.44
C LEU G 268 -11.14 30.17 45.57
N ALA G 269 -10.97 31.47 45.37
CA ALA G 269 -10.54 32.33 46.46
C ALA G 269 -11.57 32.37 47.57
N MET G 270 -12.85 32.50 47.22
CA MET G 270 -13.89 32.55 48.23
C MET G 270 -14.16 31.18 48.83
N TYR G 271 -14.18 30.15 48.00
CA TYR G 271 -14.41 28.78 48.44
C TYR G 271 -13.24 27.96 47.92
N PRO G 272 -12.29 27.55 48.78
CA PRO G 272 -11.17 26.76 48.29
C PRO G 272 -11.56 25.35 47.92
N LYS G 273 -12.64 24.82 48.49
CA LYS G 273 -13.01 23.43 48.31
C LYS G 273 -13.95 23.20 47.13
N TYR G 274 -14.22 24.24 46.35
CA TYR G 274 -15.14 24.13 45.23
C TYR G 274 -14.48 23.66 43.94
N ASP G 275 -13.16 23.48 43.94
CA ASP G 275 -12.49 22.99 42.74
C ASP G 275 -12.81 21.54 42.46
N ARG G 276 -13.17 20.78 43.48
CA ARG G 276 -13.54 19.39 43.31
C ARG G 276 -15.02 19.22 42.99
N ILE G 277 -15.75 20.32 42.88
CA ILE G 277 -17.15 20.26 42.48
C ILE G 277 -17.31 20.39 40.97
N THR G 278 -16.77 21.45 40.39
CA THR G 278 -17.00 21.73 38.97
C THR G 278 -15.75 22.00 38.17
N ASN G 279 -14.77 22.72 38.74
CA ASN G 279 -13.54 23.17 38.11
C ASN G 279 -13.76 24.04 36.86
N HIS G 280 -14.99 24.49 36.61
CA HIS G 280 -15.24 25.44 35.53
C HIS G 280 -16.50 26.23 35.86
N ILE G 281 -16.38 27.56 35.89
CA ILE G 281 -17.50 28.44 36.15
C ILE G 281 -17.93 29.10 34.85
N HIS G 282 -19.21 29.01 34.54
CA HIS G 282 -19.78 29.63 33.36
C HIS G 282 -20.39 30.97 33.75
N VAL G 283 -20.13 32.00 32.98
CA VAL G 283 -20.74 33.30 33.21
C VAL G 283 -21.81 33.54 32.16
N ARG G 284 -23.02 33.86 32.62
CA ARG G 284 -24.17 34.09 31.77
C ARG G 284 -24.47 35.57 31.81
N ILE G 285 -24.48 36.19 30.65
CA ILE G 285 -24.70 37.63 30.56
C ILE G 285 -26.20 37.88 30.47
N SER G 286 -26.68 38.78 31.31
CA SER G 286 -28.12 39.00 31.44
C SER G 286 -28.44 40.44 31.06
N HIS G 287 -29.68 40.65 30.63
CA HIS G 287 -30.18 41.98 30.31
C HIS G 287 -29.30 42.68 29.29
N LEU G 288 -28.85 41.94 28.31
CA LEU G 288 -28.15 42.54 27.20
C LEU G 288 -29.10 43.45 26.42
N PRO G 289 -28.67 44.65 26.04
CA PRO G 289 -29.57 45.59 25.37
C PRO G 289 -29.67 45.40 23.87
N LEU G 290 -28.94 44.43 23.31
CA LEU G 290 -28.84 44.25 21.88
C LEU G 290 -29.87 43.23 21.41
N VAL G 291 -31.14 43.59 21.56
CA VAL G 291 -32.23 42.67 21.29
C VAL G 291 -32.56 42.72 19.81
N GLU G 292 -32.22 41.65 19.09
CA GLU G 292 -32.50 41.53 17.68
C GLU G 292 -33.48 40.38 17.49
N GLU G 293 -34.51 40.61 16.69
CA GLU G 293 -35.43 39.53 16.38
C GLU G 293 -34.84 38.61 15.33
N LEU G 294 -35.35 37.37 15.29
CA LEU G 294 -34.71 36.33 14.50
C LEU G 294 -34.67 36.67 13.03
N ARG G 295 -35.64 37.44 12.55
CA ARG G 295 -35.68 37.78 11.13
C ARG G 295 -34.61 38.78 10.75
N SER G 296 -33.87 39.33 11.71
CA SER G 296 -32.97 40.44 11.45
C SER G 296 -31.50 40.10 11.65
N LEU G 297 -31.16 38.86 11.94
CA LEU G 297 -29.76 38.48 12.04
C LEU G 297 -29.15 38.40 10.65
N ARG G 298 -27.97 38.99 10.50
CA ARG G 298 -27.28 39.06 9.22
C ARG G 298 -25.85 38.60 9.39
N GLN G 299 -25.09 38.64 8.30
CA GLN G 299 -23.67 38.35 8.39
C GLN G 299 -22.94 39.43 9.15
N LEU G 300 -23.56 40.57 9.37
CA LEU G 300 -23.02 41.61 10.22
C LEU G 300 -22.92 41.12 11.67
N HIS G 301 -23.85 40.29 12.10
CA HIS G 301 -23.92 39.84 13.47
C HIS G 301 -23.02 38.66 13.77
N LEU G 302 -22.29 38.15 12.80
CA LEU G 302 -21.56 36.92 13.01
C LEU G 302 -20.46 37.13 14.04
N ASN G 303 -20.28 36.13 14.91
CA ASN G 303 -19.30 36.13 15.98
C ASN G 303 -19.61 37.16 17.06
N GLN G 304 -20.86 37.55 17.21
CA GLN G 304 -21.21 38.58 18.17
C GLN G 304 -22.26 38.05 19.13
N LEU G 305 -22.24 38.60 20.33
CA LEU G 305 -23.21 38.25 21.35
C LEU G 305 -24.51 38.97 21.06
N ILE G 306 -25.56 38.22 20.78
CA ILE G 306 -26.85 38.78 20.41
C ILE G 306 -27.86 38.31 21.43
N ARG G 307 -28.93 39.07 21.57
CA ARG G 307 -30.06 38.68 22.38
C ARG G 307 -31.29 38.61 21.50
N THR G 308 -31.96 37.47 21.52
CA THR G 308 -33.17 37.26 20.73
C THR G 308 -34.22 36.60 21.59
N SER G 309 -35.43 36.56 21.08
CA SER G 309 -36.56 35.94 21.76
C SER G 309 -37.31 35.09 20.78
N GLY G 310 -38.05 34.11 21.28
CA GLY G 310 -38.82 33.27 20.40
C GLY G 310 -39.48 32.13 21.14
N VAL G 311 -39.95 31.17 20.38
CA VAL G 311 -40.67 30.02 20.90
C VAL G 311 -39.89 28.78 20.57
N VAL G 312 -39.58 27.97 21.57
CA VAL G 312 -38.88 26.72 21.34
C VAL G 312 -39.83 25.78 20.61
N THR G 313 -39.43 25.32 19.44
CA THR G 313 -40.26 24.41 18.67
C THR G 313 -39.79 22.97 18.78
N SER G 314 -38.50 22.73 18.82
CA SER G 314 -38.00 21.39 19.06
C SER G 314 -36.85 21.45 20.04
N CYS G 315 -36.46 20.28 20.53
CA CYS G 315 -35.43 20.17 21.55
C CYS G 315 -34.95 18.72 21.55
N THR G 316 -33.69 18.49 21.22
CA THR G 316 -33.17 17.13 21.33
C THR G 316 -33.11 16.71 22.79
N GLY G 317 -32.78 15.46 23.01
CA GLY G 317 -32.44 15.03 24.34
C GLY G 317 -31.09 15.56 24.71
N VAL G 318 -30.76 15.49 25.99
CA VAL G 318 -29.42 15.84 26.42
C VAL G 318 -28.46 14.79 25.88
N LEU G 319 -27.59 15.19 25.09
CA LEU G 319 -26.60 14.32 24.52
C LEU G 319 -25.27 14.51 25.23
N PRO G 320 -24.46 13.49 25.33
CA PRO G 320 -23.11 13.69 25.84
C PRO G 320 -22.14 14.05 24.73
N GLN G 321 -21.46 15.17 24.88
CA GLN G 321 -20.48 15.64 23.91
C GLN G 321 -19.11 15.56 24.52
N LEU G 322 -18.12 15.17 23.73
CA LEU G 322 -16.76 15.12 24.23
C LEU G 322 -16.34 16.50 24.72
N SER G 323 -15.69 16.54 25.87
CA SER G 323 -15.20 17.80 26.42
C SER G 323 -13.69 17.81 26.52
N MET G 324 -13.10 16.85 27.24
CA MET G 324 -11.66 16.69 27.36
C MET G 324 -11.40 15.25 26.96
N VAL G 325 -11.15 15.05 25.69
CA VAL G 325 -11.19 13.73 25.10
C VAL G 325 -9.82 13.06 25.18
N LYS G 326 -9.79 11.88 25.78
CA LYS G 326 -8.63 11.01 25.77
C LYS G 326 -8.82 9.98 24.68
N TYR G 327 -7.78 9.72 23.92
CA TYR G 327 -7.85 8.77 22.84
C TYR G 327 -6.98 7.57 23.17
N ASN G 328 -7.35 6.43 22.63
CA ASN G 328 -6.51 5.23 22.67
C ASN G 328 -5.80 5.12 21.33
N CYS G 329 -4.50 4.90 21.37
CA CYS G 329 -3.81 4.47 20.16
C CYS G 329 -4.09 3.00 20.01
N ASN G 330 -4.94 2.63 19.08
CA ASN G 330 -5.21 1.20 19.02
C ASN G 330 -4.18 0.49 18.15
N LYS G 331 -2.92 0.82 18.40
CA LYS G 331 -1.83 0.12 17.75
C LYS G 331 -0.84 -0.21 18.86
N CYS G 332 -0.81 0.61 19.90
CA CYS G 332 0.01 0.33 21.09
C CYS G 332 -0.71 0.59 22.40
N ASN G 333 -1.96 1.04 22.39
CA ASN G 333 -2.83 1.20 23.56
C ASN G 333 -2.46 2.35 24.46
N PHE G 334 -1.56 3.23 24.05
CA PHE G 334 -1.26 4.40 24.85
C PHE G 334 -2.46 5.34 24.84
N VAL G 335 -2.71 6.01 25.96
CA VAL G 335 -3.87 6.87 26.10
C VAL G 335 -3.41 8.30 25.86
N LEU G 336 -3.87 8.87 24.76
CA LEU G 336 -3.39 10.16 24.30
C LEU G 336 -4.11 11.26 25.07
N GLY G 337 -3.34 12.18 25.62
CA GLY G 337 -3.76 13.03 26.70
C GLY G 337 -4.94 13.87 26.36
N PRO G 338 -5.53 14.50 27.36
CA PRO G 338 -6.81 15.18 27.16
C PRO G 338 -6.69 16.32 26.18
N PHE G 339 -7.56 16.33 25.19
CA PHE G 339 -7.63 17.39 24.20
C PHE G 339 -8.94 18.12 24.37
N CYS G 340 -8.89 19.43 24.35
CA CYS G 340 -10.12 20.21 24.44
C CYS G 340 -10.93 20.03 23.17
N GLN G 341 -12.23 19.85 23.33
CA GLN G 341 -13.14 19.74 22.21
C GLN G 341 -13.79 21.09 22.02
N SER G 342 -13.44 21.77 20.95
CA SER G 342 -14.07 23.02 20.59
C SER G 342 -15.40 22.75 19.91
N GLN G 343 -16.24 23.78 19.86
CA GLN G 343 -17.51 23.66 19.17
C GLN G 343 -17.37 23.70 17.67
N ASN G 344 -16.18 24.01 17.17
CA ASN G 344 -15.99 24.28 15.75
C ASN G 344 -15.58 23.06 14.95
N GLN G 345 -14.73 22.20 15.47
CA GLN G 345 -14.26 21.11 14.64
C GLN G 345 -14.00 19.88 15.49
N GLU G 346 -13.97 18.73 14.83
CA GLU G 346 -13.54 17.51 15.49
C GLU G 346 -12.07 17.59 15.83
N VAL G 347 -11.74 17.30 17.07
CA VAL G 347 -10.34 17.15 17.43
C VAL G 347 -9.85 15.81 16.90
N LYS G 348 -8.82 15.86 16.07
CA LYS G 348 -8.24 14.65 15.52
C LYS G 348 -6.77 14.62 15.91
N PRO G 349 -6.33 13.63 16.66
CA PRO G 349 -4.93 13.57 17.05
C PRO G 349 -4.05 13.31 15.83
N GLY G 350 -2.77 13.61 16.00
CA GLY G 350 -1.77 13.56 14.96
C GLY G 350 -1.04 12.24 15.02
N SER G 351 0.08 12.18 15.71
CA SER G 351 0.76 10.93 15.99
C SER G 351 0.43 10.46 17.39
N CYS G 352 0.73 9.22 17.65
CA CYS G 352 0.75 8.75 19.01
C CYS G 352 2.07 9.16 19.65
N PRO G 353 2.06 9.74 20.84
CA PRO G 353 3.32 10.17 21.44
C PRO G 353 4.30 9.03 21.63
N GLU G 354 3.84 7.81 21.88
CA GLU G 354 4.76 6.70 22.11
C GLU G 354 5.21 6.05 20.81
N CYS G 355 4.31 5.42 20.09
CA CYS G 355 4.69 4.63 18.93
C CYS G 355 4.75 5.44 17.66
N GLN G 356 4.33 6.69 17.68
CA GLN G 356 4.43 7.61 16.56
C GLN G 356 3.59 7.17 15.37
N SER G 357 2.54 6.42 15.62
CA SER G 357 1.65 6.02 14.55
C SER G 357 0.65 7.12 14.27
N ALA G 358 0.46 7.41 12.99
CA ALA G 358 -0.66 8.24 12.60
C ALA G 358 -1.94 7.44 12.57
N GLY G 359 -1.84 6.13 12.75
CA GLY G 359 -2.89 5.19 12.47
C GLY G 359 -4.07 5.42 13.36
N PRO G 360 -5.03 4.50 13.31
CA PRO G 360 -6.34 4.79 13.85
C PRO G 360 -6.28 4.99 15.36
N PHE G 361 -7.11 5.89 15.84
CA PHE G 361 -7.29 6.07 17.26
C PHE G 361 -8.74 5.79 17.59
N GLU G 362 -9.05 5.76 18.87
CA GLU G 362 -10.43 5.66 19.27
C GLU G 362 -10.58 6.45 20.55
N VAL G 363 -11.78 6.97 20.75
CA VAL G 363 -12.08 7.64 22.01
C VAL G 363 -11.92 6.64 23.14
N ASN G 364 -11.14 7.02 24.14
CA ASN G 364 -11.13 6.30 25.40
C ASN G 364 -12.30 6.83 26.19
N MET G 365 -13.38 6.07 26.22
CA MET G 365 -14.59 6.65 26.78
C MET G 365 -14.60 6.59 28.30
N GLU G 366 -13.66 5.89 28.90
CA GLU G 366 -13.58 5.84 30.34
C GLU G 366 -12.80 7.01 30.91
N GLU G 367 -11.72 7.41 30.24
CA GLU G 367 -10.92 8.54 30.68
C GLU G 367 -11.36 9.87 30.09
N THR G 368 -12.26 9.86 29.12
CA THR G 368 -12.80 11.10 28.59
C THR G 368 -13.78 11.71 29.58
N ILE G 369 -13.81 13.03 29.63
CA ILE G 369 -14.90 13.70 30.34
C ILE G 369 -15.79 14.32 29.28
N TYR G 370 -17.09 14.28 29.53
CA TYR G 370 -18.09 14.71 28.58
C TYR G 370 -18.77 15.95 29.12
N GLN G 371 -19.53 16.62 28.26
CA GLN G 371 -20.37 17.72 28.70
C GLN G 371 -21.74 17.57 28.09
N ASN G 372 -22.74 18.11 28.77
CA ASN G 372 -24.10 18.01 28.30
C ASN G 372 -24.32 18.90 27.07
N TYR G 373 -25.06 18.38 26.12
CA TYR G 373 -25.31 19.03 24.84
C TYR G 373 -26.78 18.91 24.51
N GLN G 374 -27.33 19.94 23.87
CA GLN G 374 -28.73 19.91 23.48
C GLN G 374 -28.97 20.94 22.39
N ARG G 375 -29.57 20.53 21.30
CA ARG G 375 -30.00 21.45 20.26
C ARG G 375 -31.46 21.81 20.44
N ILE G 376 -31.77 23.08 20.32
CA ILE G 376 -33.14 23.54 20.28
C ILE G 376 -33.33 24.35 19.02
N ARG G 377 -34.53 24.30 18.48
CA ARG G 377 -34.94 25.18 17.40
C ARG G 377 -35.88 26.21 17.99
N ILE G 378 -35.58 27.47 17.75
CA ILE G 378 -36.35 28.58 18.29
C ILE G 378 -36.86 29.38 17.12
N GLN G 379 -38.17 29.57 17.05
CA GLN G 379 -38.76 30.39 16.02
C GLN G 379 -39.37 31.64 16.63
N GLU G 380 -39.60 32.64 15.81
CA GLU G 380 -40.22 33.87 16.29
C GLU G 380 -41.61 33.60 16.82
N SER G 381 -41.96 34.30 17.88
CA SER G 381 -43.29 34.17 18.45
C SER G 381 -44.31 34.56 17.40
N PRO G 382 -45.36 33.77 17.18
CA PRO G 382 -46.29 34.08 16.08
C PRO G 382 -46.92 35.45 16.20
N GLY G 383 -47.06 35.98 17.40
CA GLY G 383 -47.58 37.33 17.55
C GLY G 383 -46.66 38.38 16.95
N LYS G 384 -45.35 38.18 17.04
CA LYS G 384 -44.41 39.16 16.54
C LYS G 384 -44.41 39.21 15.02
N VAL G 385 -44.34 38.06 14.36
CA VAL G 385 -44.42 38.02 12.91
C VAL G 385 -45.81 38.50 12.49
N ALA G 386 -45.85 39.60 11.76
CA ALA G 386 -47.18 40.21 11.71
C ALA G 386 -47.70 40.54 10.31
N ALA G 387 -46.85 41.00 9.40
CA ALA G 387 -47.40 41.61 8.19
C ALA G 387 -48.13 40.61 7.31
N GLY G 388 -47.95 39.33 7.55
CA GLY G 388 -48.24 38.30 6.60
C GLY G 388 -46.90 37.93 5.99
N ARG G 389 -46.26 36.94 6.59
CA ARG G 389 -44.92 36.48 6.26
C ARG G 389 -44.63 35.34 7.21
N LEU G 390 -43.64 34.69 6.97
CA LEU G 390 -43.51 33.46 7.71
C LEU G 390 -42.52 33.64 8.86
N PRO G 391 -42.73 32.96 9.98
CA PRO G 391 -41.75 33.02 11.07
C PRO G 391 -40.45 32.34 10.71
N ARG G 392 -39.36 32.89 11.25
CA ARG G 392 -38.01 32.43 11.00
C ARG G 392 -37.50 31.71 12.24
N SER G 393 -36.70 30.68 12.04
CA SER G 393 -36.21 29.88 13.14
C SER G 393 -34.70 29.75 13.05
N LYS G 394 -34.08 29.62 14.21
CA LYS G 394 -32.65 29.40 14.31
C LYS G 394 -32.41 28.24 15.24
N ASP G 395 -31.35 27.49 14.96
CA ASP G 395 -30.88 26.48 15.89
C ASP G 395 -30.05 27.13 16.98
N ALA G 396 -30.19 26.63 18.20
CA ALA G 396 -29.37 27.08 19.30
C ALA G 396 -28.81 25.86 20.00
N ILE G 397 -27.64 26.02 20.60
CA ILE G 397 -26.94 24.93 21.27
C ILE G 397 -26.79 25.30 22.73
N LEU G 398 -27.37 24.48 23.61
CA LEU G 398 -27.28 24.68 25.04
C LEU G 398 -26.25 23.71 25.60
N LEU G 399 -25.34 24.21 26.43
CA LEU G 399 -24.22 23.41 26.93
C LEU G 399 -24.19 23.41 28.46
N ALA G 400 -24.35 22.24 29.03
CA ALA G 400 -23.81 21.82 30.32
C ALA G 400 -24.44 22.40 31.58
N ASP G 401 -25.13 23.51 31.46
CA ASP G 401 -26.04 24.03 32.48
C ASP G 401 -27.35 24.47 31.88
N LEU G 402 -27.33 24.87 30.62
CA LEU G 402 -28.47 25.41 29.92
C LEU G 402 -29.35 24.30 29.39
N VAL G 403 -28.87 23.06 29.40
CA VAL G 403 -29.67 21.95 28.90
C VAL G 403 -30.88 21.76 29.80
N ASP G 404 -32.00 21.41 29.19
CA ASP G 404 -33.26 21.20 29.87
C ASP G 404 -33.75 22.46 30.59
N SER G 405 -33.30 23.62 30.16
CA SER G 405 -33.87 24.87 30.62
C SER G 405 -35.01 25.36 29.73
N CYS G 406 -35.22 24.73 28.59
CA CYS G 406 -36.30 25.07 27.67
C CYS G 406 -37.13 23.83 27.44
N LYS G 407 -38.20 23.99 26.69
CA LYS G 407 -39.09 22.89 26.41
C LYS G 407 -39.90 23.30 25.20
N PRO G 408 -40.14 22.41 24.25
CA PRO G 408 -40.97 22.77 23.11
C PRO G 408 -42.27 23.41 23.52
N GLY G 409 -42.46 24.66 23.13
CA GLY G 409 -43.59 25.45 23.52
C GLY G 409 -43.24 26.63 24.39
N ASP G 410 -42.07 26.61 25.02
CA ASP G 410 -41.65 27.71 25.87
C ASP G 410 -41.34 28.94 25.05
N GLU G 411 -41.64 30.10 25.63
CA GLU G 411 -41.27 31.38 25.05
C GLU G 411 -40.08 31.89 25.86
N ILE G 412 -38.94 32.09 25.20
CA ILE G 412 -37.69 32.32 25.91
C ILE G 412 -36.99 33.56 25.36
N GLU G 413 -36.03 34.04 26.15
CA GLU G 413 -35.06 35.06 25.73
C GLU G 413 -33.71 34.39 25.61
N LEU G 414 -33.11 34.45 24.45
CA LEU G 414 -31.88 33.72 24.18
C LEU G 414 -30.74 34.71 23.96
N THR G 415 -29.68 34.55 24.73
CA THR G 415 -28.46 35.31 24.55
C THR G 415 -27.38 34.34 24.11
N GLY G 416 -26.64 34.70 23.07
CA GLY G 416 -25.68 33.76 22.54
C GLY G 416 -24.88 34.39 21.44
N ILE G 417 -23.89 33.64 20.99
CA ILE G 417 -23.00 34.07 19.92
C ILE G 417 -23.56 33.58 18.60
N TYR G 418 -23.86 34.50 17.71
CA TYR G 418 -24.28 34.15 16.37
C TYR G 418 -23.11 33.58 15.60
N HIS G 419 -23.20 32.33 15.23
CA HIS G 419 -22.04 31.51 14.93
C HIS G 419 -22.08 31.04 13.50
N ASN G 420 -20.92 30.94 12.88
CA ASN G 420 -20.87 30.64 11.47
C ASN G 420 -19.97 29.46 11.17
N ASN G 421 -18.90 29.30 11.93
CA ASN G 421 -17.75 28.54 11.50
C ASN G 421 -17.60 27.27 12.30
N TYR G 422 -18.30 26.22 11.88
CA TYR G 422 -17.98 24.88 12.39
C TYR G 422 -17.69 23.88 11.28
N ASP G 423 -18.71 23.42 10.58
CA ASP G 423 -18.56 22.43 9.53
C ASP G 423 -19.64 22.56 8.47
N GLY G 424 -20.51 23.55 8.56
CA GLY G 424 -21.60 23.70 7.62
C GLY G 424 -21.37 24.94 6.78
N SER G 425 -21.07 24.71 5.51
CA SER G 425 -20.76 25.75 4.56
C SER G 425 -21.26 25.46 3.15
N LEU G 426 -21.93 24.33 2.92
CA LEU G 426 -22.38 23.92 1.60
C LEU G 426 -21.27 24.06 0.55
N ASN G 427 -20.27 23.22 0.73
CA ASN G 427 -19.22 23.09 -0.25
C ASN G 427 -19.52 22.00 -1.27
N THR G 428 -20.60 21.26 -1.09
CA THR G 428 -20.89 20.10 -1.92
C THR G 428 -21.55 20.46 -3.22
N ALA G 429 -21.40 21.69 -3.68
CA ALA G 429 -21.92 22.13 -4.97
C ALA G 429 -23.40 21.86 -5.09
N ASN G 430 -24.03 21.54 -3.99
CA ASN G 430 -25.46 21.37 -3.91
C ASN G 430 -26.16 22.64 -4.08
N GLY G 431 -25.40 23.68 -4.35
CA GLY G 431 -25.96 24.97 -4.59
C GLY G 431 -24.94 26.04 -4.28
N PHE G 432 -25.47 27.17 -3.88
CA PHE G 432 -24.66 28.35 -3.63
C PHE G 432 -23.84 28.18 -2.35
N PRO G 433 -22.70 28.82 -2.28
CA PRO G 433 -21.84 28.68 -1.09
C PRO G 433 -22.37 29.48 0.10
N VAL G 434 -23.49 29.03 0.64
CA VAL G 434 -24.09 29.66 1.79
C VAL G 434 -23.64 28.94 3.04
N PHE G 435 -23.76 29.63 4.17
CA PHE G 435 -23.29 29.13 5.45
C PHE G 435 -24.47 28.88 6.37
N ALA G 436 -24.48 27.74 7.02
CA ALA G 436 -25.43 27.51 8.09
C ALA G 436 -24.95 28.20 9.35
N THR G 437 -25.86 28.82 10.07
CA THR G 437 -25.52 29.51 11.29
C THR G 437 -26.25 28.89 12.47
N VAL G 438 -25.65 29.04 13.64
CA VAL G 438 -26.21 28.54 14.88
C VAL G 438 -25.99 29.62 15.92
N ILE G 439 -26.74 29.55 17.01
CA ILE G 439 -26.52 30.39 18.18
C ILE G 439 -25.98 29.50 19.28
N LEU G 440 -24.75 29.78 19.72
CA LEU G 440 -24.22 29.19 20.94
C LEU G 440 -24.85 29.91 22.11
N ALA G 441 -25.86 29.28 22.70
CA ALA G 441 -26.58 29.91 23.79
C ALA G 441 -25.65 30.19 24.94
N ASN G 442 -25.74 31.39 25.47
CA ASN G 442 -24.97 31.76 26.64
C ASN G 442 -25.84 32.01 27.85
N HIS G 443 -27.10 32.38 27.62
CA HIS G 443 -28.01 32.65 28.70
C HIS G 443 -29.41 32.40 28.19
N VAL G 444 -30.22 31.69 28.96
CA VAL G 444 -31.60 31.42 28.60
C VAL G 444 -32.47 31.89 29.74
N ALA G 445 -33.49 32.66 29.41
CA ALA G 445 -34.41 33.20 30.40
C ALA G 445 -35.81 32.95 29.92
N LYS G 446 -36.52 32.06 30.58
CA LYS G 446 -37.90 31.79 30.22
C LYS G 446 -38.76 33.00 30.52
N LYS G 447 -39.90 33.07 29.85
CA LYS G 447 -40.86 34.17 30.06
C LYS G 447 -42.15 33.58 30.62
N ASP G 448 -42.18 33.38 31.95
CA ASP G 448 -43.36 32.85 32.63
C ASP G 448 -43.18 32.78 34.14
N ASN G 449 -44.20 32.28 34.84
CA ASN G 449 -44.10 31.95 36.26
C ASN G 449 -43.38 30.61 36.43
N LYS G 450 -42.96 30.34 37.66
CA LYS G 450 -42.09 29.19 37.92
C LYS G 450 -42.75 28.19 38.86
N LEU G 456 -44.36 24.81 42.01
CA LEU G 456 -45.50 23.91 41.90
C LEU G 456 -45.57 23.00 43.11
N THR G 457 -44.70 23.25 44.08
CA THR G 457 -44.73 22.58 45.37
C THR G 457 -45.16 23.59 46.43
N ASP G 458 -45.98 23.15 47.37
CA ASP G 458 -46.54 24.06 48.35
C ASP G 458 -45.74 24.04 49.64
N GLU G 459 -45.48 25.23 50.19
CA GLU G 459 -44.77 25.39 51.44
C GLU G 459 -45.65 25.87 52.58
N ASP G 460 -46.72 26.59 52.27
CA ASP G 460 -47.66 27.08 53.28
C ASP G 460 -48.98 26.32 53.13
N VAL G 461 -49.06 25.17 53.81
CA VAL G 461 -50.33 24.49 54.03
C VAL G 461 -51.22 25.32 54.94
N LYS G 462 -50.64 26.27 55.67
CA LYS G 462 -51.35 26.98 56.71
C LYS G 462 -52.50 27.80 56.15
N MET G 463 -52.26 28.48 55.03
CA MET G 463 -53.31 29.27 54.41
C MET G 463 -54.40 28.37 53.84
N ILE G 464 -54.01 27.24 53.26
CA ILE G 464 -54.98 26.29 52.75
C ILE G 464 -55.90 25.84 53.87
N THR G 465 -55.32 25.47 55.02
CA THR G 465 -56.12 25.00 56.14
C THR G 465 -57.00 26.11 56.72
N SER G 466 -56.47 27.33 56.78
CA SER G 466 -57.28 28.44 57.26
C SER G 466 -58.51 28.63 56.38
N LEU G 467 -58.31 28.57 55.07
CA LEU G 467 -59.44 28.61 54.15
C LEU G 467 -60.35 27.39 54.35
N SER G 468 -59.76 26.26 54.71
CA SER G 468 -60.56 25.06 54.92
C SER G 468 -61.53 25.25 56.07
N LYS G 469 -61.11 25.94 57.12
CA LYS G 469 -62.05 26.18 58.22
C LYS G 469 -63.09 27.24 57.91
N ASP G 470 -63.12 27.83 56.71
CA ASP G 470 -63.99 28.97 56.47
C ASP G 470 -65.47 28.65 56.55
N GLN G 471 -65.84 27.36 56.57
CA GLN G 471 -67.22 26.92 56.76
C GLN G 471 -68.09 27.30 55.57
N GLN G 472 -67.55 28.11 54.68
CA GLN G 472 -68.18 28.41 53.41
C GLN G 472 -67.15 28.26 52.30
N ILE G 473 -66.16 27.40 52.53
CA ILE G 473 -65.15 27.17 51.53
C ILE G 473 -65.74 26.51 50.30
N GLY G 474 -66.78 25.69 50.47
CA GLY G 474 -67.35 24.99 49.33
C GLY G 474 -67.93 25.94 48.29
N GLU G 475 -68.73 26.90 48.74
CA GLU G 475 -69.33 27.85 47.82
C GLU G 475 -68.30 28.79 47.25
N LYS G 476 -67.26 29.13 48.01
CA LYS G 476 -66.18 29.93 47.46
C LYS G 476 -65.46 29.18 46.35
N ILE G 477 -65.21 27.89 46.56
CA ILE G 477 -64.56 27.07 45.54
C ILE G 477 -65.43 27.01 44.29
N PHE G 478 -66.73 26.75 44.47
CA PHE G 478 -67.61 26.66 43.31
C PHE G 478 -67.66 27.96 42.56
N ALA G 479 -67.76 29.09 43.27
CA ALA G 479 -67.74 30.38 42.63
C ALA G 479 -66.39 30.73 42.05
N SER G 480 -65.34 29.98 42.38
CA SER G 480 -64.01 30.29 41.94
C SER G 480 -63.59 29.53 40.69
N ILE G 481 -64.48 28.78 40.06
CA ILE G 481 -64.09 28.07 38.86
C ILE G 481 -64.77 28.72 37.67
N ALA G 482 -64.08 28.69 36.54
CA ALA G 482 -64.45 29.40 35.32
C ALA G 482 -64.95 30.79 35.66
N PRO G 483 -64.09 31.67 36.18
CA PRO G 483 -64.56 33.01 36.53
C PRO G 483 -65.00 33.83 35.35
N SER G 484 -64.57 33.48 34.14
CA SER G 484 -64.93 34.21 32.94
C SER G 484 -66.09 33.58 32.21
N ILE G 485 -66.94 32.82 32.90
CA ILE G 485 -68.18 32.30 32.38
C ILE G 485 -69.29 32.76 33.29
N TYR G 486 -70.32 33.36 32.72
CA TYR G 486 -71.41 33.88 33.52
C TYR G 486 -72.44 32.79 33.77
N GLY G 487 -72.87 32.67 35.02
CA GLY G 487 -73.90 31.70 35.35
C GLY G 487 -73.38 30.28 35.39
N HIS G 488 -74.26 29.33 35.09
CA HIS G 488 -73.90 27.91 35.00
C HIS G 488 -73.32 27.39 36.31
N GLU G 489 -74.04 27.62 37.39
CA GLU G 489 -73.53 27.25 38.70
C GLU G 489 -73.59 25.74 38.94
N ASP G 490 -74.55 25.04 38.36
CA ASP G 490 -74.59 23.59 38.51
C ASP G 490 -73.43 22.93 37.80
N ILE G 491 -73.10 23.41 36.62
CA ILE G 491 -71.92 22.92 35.91
C ILE G 491 -70.67 23.21 36.72
N LYS G 492 -70.64 24.34 37.40
CA LYS G 492 -69.48 24.68 38.20
C LYS G 492 -69.36 23.77 39.41
N ARG G 493 -70.46 23.43 40.06
CA ARG G 493 -70.40 22.45 41.13
C ARG G 493 -69.89 21.11 40.62
N GLY G 494 -70.41 20.67 39.48
CA GLY G 494 -69.98 19.38 38.95
C GLY G 494 -68.52 19.38 38.56
N LEU G 495 -68.05 20.46 37.93
CA LEU G 495 -66.67 20.54 37.50
C LEU G 495 -65.73 20.62 38.69
N ALA G 496 -66.11 21.35 39.74
CA ALA G 496 -65.30 21.38 40.96
C ALA G 496 -65.23 20.01 41.61
N LEU G 497 -66.37 19.32 41.69
CA LEU G 497 -66.36 17.98 42.25
C LEU G 497 -65.43 17.07 41.46
N ALA G 498 -65.50 17.13 40.14
CA ALA G 498 -64.65 16.29 39.32
C ALA G 498 -63.20 16.66 39.50
N LEU G 499 -62.92 17.96 39.59
CA LEU G 499 -61.58 18.48 39.76
C LEU G 499 -60.96 18.03 41.07
N PHE G 500 -61.78 17.75 42.07
CA PHE G 500 -61.27 17.21 43.32
C PHE G 500 -61.26 15.69 43.34
N GLY G 501 -62.30 15.06 42.82
CA GLY G 501 -62.32 13.63 42.63
C GLY G 501 -62.62 12.88 43.92
N GLY G 502 -62.99 11.63 43.75
CA GLY G 502 -63.33 10.74 44.84
C GLY G 502 -62.18 9.84 45.20
N GLU G 503 -62.52 8.68 45.77
CA GLU G 503 -61.52 7.78 46.32
C GLU G 503 -61.47 6.48 45.54
N PRO G 504 -60.39 6.17 44.83
CA PRO G 504 -60.31 4.87 44.18
C PRO G 504 -60.15 3.78 45.21
N LYS G 505 -60.70 2.61 44.90
CA LYS G 505 -60.61 1.54 45.87
C LYS G 505 -60.83 0.20 45.20
N ASN G 506 -60.17 -0.82 45.74
CA ASN G 506 -60.02 -2.10 45.06
C ASN G 506 -59.94 -3.22 46.09
N PRO G 507 -61.07 -3.63 46.64
CA PRO G 507 -61.05 -4.65 47.69
C PRO G 507 -60.36 -5.91 47.22
N GLY G 508 -59.55 -6.48 48.09
CA GLY G 508 -58.66 -7.52 47.65
C GLY G 508 -57.78 -6.92 46.57
N GLY G 509 -57.85 -7.47 45.38
CA GLY G 509 -57.24 -6.84 44.23
C GLY G 509 -58.12 -7.07 43.03
N LYS G 510 -59.40 -7.27 43.28
CA LYS G 510 -60.27 -7.85 42.27
C LYS G 510 -61.58 -7.09 42.05
N HIS G 511 -61.79 -5.94 42.68
CA HIS G 511 -63.04 -5.23 42.55
C HIS G 511 -62.83 -3.73 42.37
N LYS G 512 -62.02 -3.35 41.38
CA LYS G 512 -61.70 -1.96 41.15
C LYS G 512 -62.94 -1.09 41.04
N VAL G 513 -62.93 0.05 41.74
CA VAL G 513 -63.94 1.10 41.58
C VAL G 513 -63.20 2.42 41.49
N ARG G 514 -63.44 3.19 40.44
CA ARG G 514 -62.72 4.43 40.26
C ARG G 514 -63.21 5.49 41.23
N GLY G 515 -62.37 6.49 41.45
CA GLY G 515 -62.76 7.64 42.22
C GLY G 515 -62.93 8.83 41.32
N ASP G 516 -62.59 8.67 40.06
CA ASP G 516 -62.74 9.73 39.09
C ASP G 516 -64.21 10.04 38.88
N ILE G 517 -64.53 11.33 38.82
CA ILE G 517 -65.87 11.80 38.56
C ILE G 517 -65.88 12.28 37.12
N ASN G 518 -66.37 11.47 36.20
CA ASN G 518 -66.44 11.89 34.82
C ASN G 518 -67.67 12.76 34.60
N VAL G 519 -67.51 13.83 33.84
CA VAL G 519 -68.54 14.83 33.63
C VAL G 519 -68.79 14.95 32.14
N LEU G 520 -70.05 14.93 31.73
CA LEU G 520 -70.44 15.09 30.34
C LEU G 520 -71.34 16.30 30.21
N LEU G 521 -70.87 17.34 29.53
CA LEU G 521 -71.67 18.53 29.24
C LEU G 521 -72.28 18.35 27.85
N CYS G 522 -73.58 18.19 27.79
CA CYS G 522 -74.27 18.15 26.50
C CYS G 522 -75.20 19.35 26.43
N GLY G 523 -74.97 20.23 25.48
CA GLY G 523 -75.74 21.45 25.41
C GLY G 523 -75.70 22.04 24.03
N ASP G 524 -76.77 22.74 23.69
CA ASP G 524 -76.90 23.32 22.38
C ASP G 524 -75.95 24.50 22.22
N PRO G 525 -75.57 24.82 20.99
CA PRO G 525 -74.33 25.58 20.78
C PRO G 525 -74.33 26.96 21.39
N GLY G 526 -73.12 27.50 21.54
CA GLY G 526 -72.92 28.81 22.10
C GLY G 526 -73.25 28.90 23.57
N THR G 527 -72.89 27.88 24.33
CA THR G 527 -73.22 27.84 25.76
C THR G 527 -71.98 27.55 26.60
N ALA G 528 -70.82 27.98 26.14
CA ALA G 528 -69.58 28.03 26.92
C ALA G 528 -69.05 26.66 27.31
N LYS G 529 -69.42 25.60 26.59
CA LYS G 529 -68.87 24.28 26.89
C LYS G 529 -67.37 24.24 26.66
N SER G 530 -66.93 24.75 25.51
CA SER G 530 -65.51 24.74 25.22
C SER G 530 -64.76 25.67 26.15
N GLN G 531 -65.37 26.77 26.58
CA GLN G 531 -64.72 27.64 27.54
C GLN G 531 -64.55 26.94 28.88
N PHE G 532 -65.52 26.12 29.26
CA PHE G 532 -65.37 25.34 30.48
C PHE G 532 -64.20 24.37 30.37
N LEU G 533 -64.10 23.67 29.24
CA LEU G 533 -62.99 22.74 29.06
C LEU G 533 -61.65 23.47 29.07
N LYS G 534 -61.58 24.65 28.50
CA LYS G 534 -60.32 25.40 28.51
C LYS G 534 -59.99 25.90 29.90
N TYR G 535 -60.99 26.29 30.68
CA TYR G 535 -60.70 26.64 32.05
C TYR G 535 -60.12 25.46 32.79
N ILE G 536 -60.72 24.28 32.62
CA ILE G 536 -60.23 23.11 33.33
C ILE G 536 -58.81 22.79 32.90
N GLU G 537 -58.52 22.93 31.62
CA GLU G 537 -57.16 22.72 31.15
C GLU G 537 -56.20 23.71 31.79
N LYS G 538 -56.65 24.94 32.04
CA LYS G 538 -55.77 25.92 32.67
C LYS G 538 -55.51 25.59 34.13
N VAL G 539 -56.55 25.20 34.86
CA VAL G 539 -56.39 25.03 36.30
C VAL G 539 -55.76 23.69 36.62
N SER G 540 -56.20 22.63 35.97
CA SER G 540 -55.74 21.29 36.30
C SER G 540 -54.28 21.12 35.97
N SER G 541 -53.56 20.44 36.87
CA SER G 541 -52.24 19.94 36.56
C SER G 541 -52.38 18.57 35.94
N ARG G 542 -51.62 18.31 34.88
CA ARG G 542 -51.81 17.12 34.08
C ARG G 542 -53.21 17.06 33.47
N ALA G 543 -53.57 18.11 32.76
CA ALA G 543 -54.76 18.13 31.92
C ALA G 543 -54.32 18.17 30.48
N ILE G 544 -54.95 17.39 29.63
CA ILE G 544 -54.66 17.49 28.21
C ILE G 544 -55.97 17.58 27.44
N PHE G 545 -55.92 18.31 26.35
CA PHE G 545 -57.09 18.68 25.58
C PHE G 545 -57.12 17.92 24.27
N THR G 546 -58.30 17.42 23.92
CA THR G 546 -58.44 16.71 22.67
C THR G 546 -59.85 16.91 22.17
N THR G 547 -60.06 16.61 20.90
CA THR G 547 -61.33 16.86 20.26
C THR G 547 -61.74 15.64 19.45
N GLY G 548 -63.05 15.50 19.25
CA GLY G 548 -63.57 14.43 18.42
C GLY G 548 -63.27 14.61 16.95
N GLN G 549 -62.97 15.83 16.53
CA GLN G 549 -62.51 16.10 15.18
C GLN G 549 -61.04 15.72 15.04
N GLY G 550 -60.41 16.16 13.97
CA GLY G 550 -59.00 15.91 13.76
C GLY G 550 -58.11 17.10 14.07
N ALA G 551 -58.62 18.05 14.84
CA ALA G 551 -57.99 19.35 15.04
C ALA G 551 -57.20 19.45 16.35
N SER G 552 -56.56 18.36 16.77
CA SER G 552 -55.87 18.33 18.05
C SER G 552 -54.45 17.82 17.88
N ALA G 553 -53.58 18.28 18.78
CA ALA G 553 -52.21 17.78 18.79
C ALA G 553 -52.14 16.33 19.25
N VAL G 554 -52.89 15.98 20.29
CA VAL G 554 -52.95 14.60 20.78
C VAL G 554 -54.27 13.98 20.38
N GLY G 555 -54.24 12.69 20.09
CA GLY G 555 -55.44 11.98 19.72
C GLY G 555 -55.81 10.93 20.74
N LEU G 556 -57.06 10.51 20.74
CA LEU G 556 -57.53 9.63 21.80
C LEU G 556 -56.83 8.28 21.77
N THR G 557 -56.46 7.80 20.59
CA THR G 557 -56.01 6.43 20.41
C THR G 557 -54.49 6.34 20.34
N ALA G 558 -53.95 5.31 20.96
CA ALA G 558 -52.51 5.09 20.92
C ALA G 558 -52.10 4.43 19.63
N TYR G 559 -50.92 4.78 19.16
CA TYR G 559 -50.36 4.24 17.93
C TYR G 559 -48.86 4.30 18.08
N VAL G 560 -48.16 3.61 17.21
CA VAL G 560 -46.71 3.65 17.24
C VAL G 560 -46.23 4.00 15.85
N GLN G 561 -45.30 4.93 15.77
CA GLN G 561 -44.86 5.45 14.49
C GLN G 561 -43.57 6.20 14.71
N ARG G 562 -42.98 6.64 13.61
CA ARG G 562 -41.80 7.49 13.65
C ARG G 562 -42.24 8.93 13.83
N HIS G 563 -41.72 9.59 14.84
CA HIS G 563 -42.18 10.93 15.14
C HIS G 563 -41.82 11.90 14.01
N PRO G 564 -42.74 12.79 13.63
CA PRO G 564 -42.48 13.68 12.49
C PRO G 564 -41.32 14.63 12.70
N VAL G 565 -41.10 15.10 13.91
CA VAL G 565 -40.05 16.08 14.15
C VAL G 565 -38.82 15.39 14.72
N SER G 566 -39.01 14.31 15.48
CA SER G 566 -37.88 13.61 16.05
C SER G 566 -37.28 12.60 15.11
N ARG G 567 -38.04 12.07 14.15
CA ARG G 567 -37.64 10.92 13.35
C ARG G 567 -37.46 9.67 14.18
N GLU G 568 -38.02 9.64 15.37
CA GLU G 568 -37.68 8.63 16.34
C GLU G 568 -38.89 7.74 16.59
N TRP G 569 -38.71 6.44 16.43
CA TRP G 569 -39.75 5.45 16.62
C TRP G 569 -40.29 5.52 18.04
N THR G 570 -41.54 5.92 18.18
CA THR G 570 -42.09 6.30 19.47
C THR G 570 -43.46 5.67 19.62
N LEU G 571 -43.72 5.12 20.79
CA LEU G 571 -45.06 4.67 21.15
C LEU G 571 -45.84 5.91 21.51
N GLU G 572 -46.59 6.41 20.54
CA GLU G 572 -47.36 7.63 20.73
C GLU G 572 -48.60 7.33 21.52
N ALA G 573 -48.45 7.16 22.83
CA ALA G 573 -49.56 6.83 23.69
C ALA G 573 -50.61 7.92 23.65
N GLY G 574 -51.87 7.54 23.71
CA GLY G 574 -52.94 8.45 23.39
C GLY G 574 -53.13 9.54 24.42
N ALA G 575 -54.13 10.39 24.16
CA ALA G 575 -54.52 11.40 25.12
C ALA G 575 -55.21 10.82 26.34
N LEU G 576 -55.60 9.56 26.32
CA LEU G 576 -56.22 8.99 27.51
C LEU G 576 -55.19 8.55 28.52
N VAL G 577 -54.00 8.18 28.07
CA VAL G 577 -52.94 7.75 28.96
C VAL G 577 -51.95 8.87 29.25
N LEU G 578 -51.90 9.89 28.40
CA LEU G 578 -51.10 11.06 28.73
C LEU G 578 -51.68 11.81 29.90
N ALA G 579 -52.91 11.53 30.26
CA ALA G 579 -53.60 12.13 31.38
C ALA G 579 -53.92 11.10 32.43
N ASP G 580 -53.00 10.18 32.68
CA ASP G 580 -53.29 9.05 33.56
C ASP G 580 -53.63 9.48 34.97
N ARG G 581 -52.89 10.41 35.53
CA ARG G 581 -53.19 10.83 36.88
C ARG G 581 -53.99 12.11 36.92
N GLY G 582 -54.44 12.58 35.76
CA GLY G 582 -55.11 13.86 35.64
C GLY G 582 -56.41 13.72 34.89
N VAL G 583 -56.68 14.70 34.03
CA VAL G 583 -57.98 14.83 33.38
C VAL G 583 -57.79 14.91 31.87
N CYS G 584 -58.60 14.16 31.14
CA CYS G 584 -58.66 14.24 29.69
C CYS G 584 -59.89 15.03 29.29
N LEU G 585 -59.70 16.06 28.50
CA LEU G 585 -60.77 16.95 28.07
C LEU G 585 -61.07 16.65 26.61
N ILE G 586 -62.24 16.11 26.34
CA ILE G 586 -62.61 15.73 24.99
C ILE G 586 -63.70 16.68 24.54
N ASP G 587 -63.36 17.56 23.61
CA ASP G 587 -64.34 18.46 23.05
C ASP G 587 -65.01 17.81 21.85
N GLU G 588 -66.27 18.16 21.64
CA GLU G 588 -67.04 17.64 20.51
C GLU G 588 -67.08 16.12 20.59
N PHE G 589 -67.54 15.64 21.74
CA PHE G 589 -67.50 14.23 22.08
C PHE G 589 -68.32 13.38 21.14
N ASP G 590 -69.41 13.92 20.62
CA ASP G 590 -70.30 13.14 19.78
C ASP G 590 -69.79 12.95 18.37
N LYS G 591 -68.71 13.63 18.00
CA LYS G 591 -68.18 13.58 16.64
C LYS G 591 -66.93 12.73 16.55
N MET G 592 -66.87 11.63 17.28
CA MET G 592 -65.70 10.79 17.33
C MET G 592 -65.77 9.68 16.28
N ASN G 593 -64.62 9.10 16.00
CA ASN G 593 -64.54 7.93 15.13
C ASN G 593 -65.18 6.74 15.80
N ASP G 594 -65.25 5.63 15.08
CA ASP G 594 -65.47 4.36 15.74
C ASP G 594 -64.23 3.93 16.51
N GLN G 595 -63.06 4.19 15.95
CA GLN G 595 -61.82 3.89 16.64
C GLN G 595 -61.68 4.70 17.92
N ASP G 596 -61.93 6.01 17.84
CA ASP G 596 -61.91 6.84 19.03
C ASP G 596 -62.91 6.38 20.05
N ARG G 597 -64.08 5.94 19.60
CA ARG G 597 -65.11 5.50 20.51
C ARG G 597 -64.69 4.25 21.26
N THR G 598 -64.10 3.27 20.58
CA THR G 598 -63.67 2.09 21.33
C THR G 598 -62.50 2.41 22.22
N SER G 599 -61.65 3.36 21.83
CA SER G 599 -60.56 3.79 22.68
C SER G 599 -61.08 4.43 23.97
N ILE G 600 -62.01 5.36 23.86
CA ILE G 600 -62.54 6.02 25.03
C ILE G 600 -63.31 5.03 25.89
N HIS G 601 -64.01 4.09 25.26
CA HIS G 601 -64.74 3.09 26.02
C HIS G 601 -63.80 2.22 26.83
N GLU G 602 -62.69 1.79 26.22
CA GLU G 602 -61.74 0.97 26.97
C GLU G 602 -61.11 1.75 28.11
N ALA G 603 -60.66 2.97 27.84
CA ALA G 603 -59.99 3.73 28.88
C ALA G 603 -60.94 4.06 30.01
N MET G 604 -62.20 4.28 29.70
CA MET G 604 -63.16 4.77 30.65
C MET G 604 -63.91 3.65 31.34
N GLU G 605 -63.70 2.41 30.92
CA GLU G 605 -64.20 1.25 31.64
C GLU G 605 -63.12 0.50 32.38
N GLN G 606 -61.99 0.23 31.74
CA GLN G 606 -60.92 -0.55 32.33
C GLN G 606 -59.84 0.32 32.96
N GLN G 607 -59.79 1.60 32.59
CA GLN G 607 -58.71 2.50 32.99
C GLN G 607 -57.36 1.97 32.53
N SER G 608 -57.34 1.48 31.29
CA SER G 608 -56.15 0.98 30.65
C SER G 608 -56.37 1.03 29.14
N ILE G 609 -55.26 0.99 28.42
CA ILE G 609 -55.24 1.00 26.97
C ILE G 609 -54.38 -0.17 26.52
N SER G 610 -54.91 -1.01 25.65
CA SER G 610 -54.25 -2.24 25.25
C SER G 610 -53.71 -2.09 23.84
N ILE G 611 -52.40 -2.12 23.69
CA ILE G 611 -51.75 -2.00 22.39
C ILE G 611 -51.48 -3.39 21.84
N SER G 612 -51.66 -3.57 20.54
CA SER G 612 -51.17 -4.75 19.86
C SER G 612 -50.67 -4.41 18.45
N LYS G 613 -49.83 -3.39 18.31
CA LYS G 613 -49.50 -2.85 16.98
C LYS G 613 -48.28 -3.39 16.25
N ALA G 614 -47.09 -3.09 16.74
CA ALA G 614 -45.97 -3.45 15.87
C ALA G 614 -45.42 -4.80 16.25
N GLY G 615 -44.87 -4.89 17.44
CA GLY G 615 -44.52 -6.15 18.03
C GLY G 615 -44.82 -5.89 19.48
N ILE G 616 -45.44 -4.74 19.68
CA ILE G 616 -45.76 -4.20 20.99
C ILE G 616 -47.08 -4.78 21.42
N VAL G 617 -47.04 -5.65 22.42
CA VAL G 617 -48.25 -6.07 23.11
C VAL G 617 -48.11 -5.57 24.53
N THR G 618 -48.78 -4.47 24.84
CA THR G 618 -48.67 -3.90 26.16
C THR G 618 -50.04 -3.40 26.54
N SER G 619 -50.25 -3.27 27.83
CA SER G 619 -51.41 -2.60 28.37
C SER G 619 -50.87 -1.47 29.22
N LEU G 620 -51.37 -0.27 29.03
CA LEU G 620 -50.79 0.85 29.73
C LEU G 620 -51.88 1.80 30.22
N GLN G 621 -51.69 2.29 31.44
CA GLN G 621 -52.77 2.75 32.29
C GLN G 621 -53.25 4.14 31.96
N ALA G 622 -54.56 4.30 31.93
CA ALA G 622 -55.24 5.56 31.69
C ALA G 622 -56.26 5.75 32.79
N ARG G 623 -55.81 6.24 33.94
CA ARG G 623 -56.69 6.51 35.07
C ARG G 623 -57.13 7.96 35.11
N CYS G 624 -57.65 8.44 34.01
CA CYS G 624 -58.00 9.84 33.87
C CYS G 624 -59.44 10.08 34.29
N THR G 625 -59.74 11.33 34.62
CA THR G 625 -61.13 11.76 34.65
C THR G 625 -61.41 12.32 33.27
N VAL G 626 -62.50 11.88 32.67
CA VAL G 626 -62.88 12.36 31.36
C VAL G 626 -63.90 13.46 31.57
N ILE G 627 -63.62 14.64 31.04
CA ILE G 627 -64.61 15.71 30.95
C ILE G 627 -64.85 15.97 29.49
N ALA G 628 -66.09 15.84 29.05
CA ALA G 628 -66.43 15.90 27.65
C ALA G 628 -67.52 16.92 27.43
N ALA G 629 -67.54 17.50 26.25
CA ALA G 629 -68.63 18.36 25.80
C ALA G 629 -69.19 17.78 24.51
N ALA G 630 -70.50 17.67 24.43
CA ALA G 630 -71.15 17.14 23.24
C ALA G 630 -72.29 18.06 22.84
N ASN G 631 -72.66 17.99 21.63
CA ASN G 631 -73.83 18.68 21.15
C ASN G 631 -75.00 17.72 21.04
N PRO G 632 -76.23 18.20 21.18
CA PRO G 632 -77.39 17.33 20.99
C PRO G 632 -77.60 16.99 19.52
N ILE G 633 -78.42 15.97 19.29
CA ILE G 633 -78.79 15.62 17.93
C ILE G 633 -79.63 16.72 17.33
N GLY G 634 -79.27 17.17 16.13
CA GLY G 634 -79.99 18.25 15.51
C GLY G 634 -79.60 19.63 16.00
N GLY G 635 -78.59 19.72 16.85
CA GLY G 635 -78.12 21.03 17.27
C GLY G 635 -79.03 21.74 18.25
N ARG G 636 -80.03 21.05 18.79
CA ARG G 636 -80.90 21.66 19.77
C ARG G 636 -81.36 20.55 20.70
N TYR G 637 -81.16 20.75 21.99
CA TYR G 637 -81.60 19.75 22.94
C TYR G 637 -83.11 19.72 22.98
N ASP G 638 -83.67 18.52 22.87
CA ASP G 638 -85.12 18.35 22.92
C ASP G 638 -85.49 17.72 24.24
N PRO G 639 -86.06 18.48 25.18
CA PRO G 639 -86.43 17.89 26.47
C PRO G 639 -87.61 16.95 26.38
N SER G 640 -88.25 16.84 25.22
CA SER G 640 -89.29 15.83 25.06
C SER G 640 -88.70 14.43 24.99
N LEU G 641 -87.46 14.31 24.55
CA LEU G 641 -86.77 13.04 24.49
C LEU G 641 -85.87 12.86 25.71
N THR G 642 -85.40 11.64 25.91
CA THR G 642 -84.46 11.41 26.98
C THR G 642 -83.07 11.89 26.56
N PHE G 643 -82.18 11.98 27.54
CA PHE G 643 -80.83 12.45 27.24
C PHE G 643 -80.13 11.51 26.28
N SER G 644 -80.42 10.22 26.38
CA SER G 644 -79.74 9.24 25.55
C SER G 644 -80.10 9.39 24.08
N GLU G 645 -81.36 9.64 23.76
CA GLU G 645 -81.75 9.80 22.38
C GLU G 645 -81.61 11.23 21.89
N ASN G 646 -80.90 12.06 22.64
CA ASN G 646 -80.57 13.42 22.23
C ASN G 646 -79.15 13.60 21.75
N VAL G 647 -78.24 12.67 22.01
CA VAL G 647 -76.83 13.03 22.08
C VAL G 647 -75.96 12.33 21.05
N ASP G 648 -76.37 11.21 20.47
CA ASP G 648 -75.53 10.45 19.52
C ASP G 648 -74.34 9.82 20.22
N LEU G 649 -74.56 9.25 21.39
CA LEU G 649 -73.57 8.44 22.06
C LEU G 649 -74.28 7.17 22.47
N THR G 650 -73.58 6.05 22.40
CA THR G 650 -74.20 4.81 22.83
C THR G 650 -74.41 4.79 24.33
N GLU G 651 -75.26 3.86 24.78
CA GLU G 651 -75.51 3.71 26.20
C GLU G 651 -74.25 3.38 27.01
N PRO G 652 -73.39 2.45 26.58
CA PRO G 652 -72.20 2.17 27.38
C PRO G 652 -71.31 3.37 27.58
N ILE G 653 -71.23 4.27 26.61
CA ILE G 653 -70.39 5.44 26.79
C ILE G 653 -71.02 6.39 27.79
N ILE G 654 -72.33 6.60 27.71
CA ILE G 654 -72.99 7.53 28.62
C ILE G 654 -72.96 7.01 30.04
N SER G 655 -73.12 5.70 30.22
CA SER G 655 -73.19 5.15 31.56
C SER G 655 -71.90 5.34 32.34
N ARG G 656 -70.78 5.54 31.66
CA ARG G 656 -69.51 5.70 32.34
C ARG G 656 -69.23 7.15 32.73
N PHE G 657 -70.25 7.97 32.84
CA PHE G 657 -70.13 9.36 33.30
C PHE G 657 -70.94 9.52 34.57
N ASP G 658 -70.37 10.24 35.54
CA ASP G 658 -71.07 10.46 36.80
C ASP G 658 -72.08 11.59 36.68
N ILE G 659 -71.67 12.70 36.09
CA ILE G 659 -72.50 13.89 35.98
C ILE G 659 -72.78 14.15 34.51
N LEU G 660 -74.06 14.25 34.16
CA LEU G 660 -74.49 14.68 32.83
C LEU G 660 -75.13 16.03 33.00
N CYS G 661 -74.46 17.07 32.52
CA CYS G 661 -74.97 18.43 32.58
C CYS G 661 -75.65 18.74 31.26
N VAL G 662 -76.97 18.84 31.28
CA VAL G 662 -77.72 19.27 30.10
C VAL G 662 -77.66 20.80 30.06
N VAL G 663 -76.94 21.35 29.10
CA VAL G 663 -76.78 22.80 29.02
C VAL G 663 -77.86 23.29 28.07
N ARG G 664 -79.03 23.54 28.61
CA ARG G 664 -80.21 23.84 27.82
C ARG G 664 -80.34 25.34 27.65
N ASP G 665 -80.45 25.79 26.40
CA ASP G 665 -80.45 27.22 26.07
C ASP G 665 -81.87 27.72 25.84
N THR G 666 -82.25 28.76 26.57
CA THR G 666 -83.57 29.35 26.46
C THR G 666 -83.42 30.86 26.41
N VAL G 667 -84.44 31.52 25.86
CA VAL G 667 -84.47 32.97 25.79
C VAL G 667 -85.00 33.47 27.13
N ASP G 668 -84.15 34.12 27.91
CA ASP G 668 -84.55 34.77 29.15
C ASP G 668 -84.00 36.18 29.18
N PRO G 669 -84.85 37.21 29.09
CA PRO G 669 -84.33 38.57 28.95
C PRO G 669 -83.38 39.01 30.04
N VAL G 670 -83.63 38.63 31.29
CA VAL G 670 -82.74 39.04 32.36
C VAL G 670 -81.40 38.33 32.24
N GLN G 671 -81.42 37.02 32.02
CA GLN G 671 -80.17 36.28 31.86
C GLN G 671 -79.44 36.72 30.61
N ASP G 672 -80.18 36.96 29.53
CA ASP G 672 -79.57 37.47 28.31
C ASP G 672 -78.88 38.80 28.56
N GLU G 673 -79.52 39.69 29.31
CA GLU G 673 -78.94 41.00 29.56
C GLU G 673 -77.71 40.90 30.44
N MET G 674 -77.75 40.07 31.48
CA MET G 674 -76.56 39.91 32.32
C MET G 674 -75.41 39.33 31.53
N LEU G 675 -75.69 38.33 30.69
CA LEU G 675 -74.64 37.74 29.87
C LEU G 675 -74.09 38.74 28.87
N ALA G 676 -74.97 39.53 28.25
CA ALA G 676 -74.50 40.52 27.29
C ALA G 676 -73.64 41.56 27.95
N ARG G 677 -74.04 42.04 29.14
CA ARG G 677 -73.19 42.94 29.90
C ARG G 677 -71.84 42.31 30.17
N PHE G 678 -71.82 41.05 30.59
CA PHE G 678 -70.57 40.36 30.88
C PHE G 678 -69.65 40.35 29.67
N VAL G 679 -70.15 39.91 28.52
CA VAL G 679 -69.28 39.69 27.37
C VAL G 679 -68.87 41.01 26.73
N VAL G 680 -69.78 41.98 26.67
CA VAL G 680 -69.39 43.28 26.14
C VAL G 680 -68.37 43.94 27.06
N GLY G 681 -68.50 43.73 28.37
CA GLY G 681 -67.49 44.22 29.28
C GLY G 681 -66.14 43.58 29.04
N SER G 682 -66.13 42.29 28.75
CA SER G 682 -64.85 41.64 28.47
C SER G 682 -64.23 42.22 27.20
N HIS G 683 -65.05 42.54 26.22
CA HIS G 683 -64.53 43.18 25.02
C HIS G 683 -64.04 44.59 25.28
N VAL G 684 -64.68 45.29 26.22
CA VAL G 684 -64.27 46.65 26.54
C VAL G 684 -62.94 46.64 27.26
N ARG G 685 -62.81 45.81 28.29
CA ARG G 685 -61.63 45.86 29.15
C ARG G 685 -60.44 45.13 28.58
N HIS G 686 -60.61 44.36 27.51
CA HIS G 686 -59.48 43.70 26.86
C HIS G 686 -59.09 44.39 25.57
N HIS G 687 -59.53 45.62 25.37
CA HIS G 687 -59.12 46.38 24.21
C HIS G 687 -57.60 46.54 24.20
N PRO G 688 -56.96 46.48 23.04
CA PRO G 688 -55.49 46.52 23.01
C PRO G 688 -54.91 47.79 23.61
N SER G 689 -55.69 48.85 23.72
CA SER G 689 -55.23 50.09 24.35
C SER G 689 -55.59 50.09 25.83
N ASN G 690 -55.13 49.04 26.50
CA ASN G 690 -55.22 48.91 27.95
C ASN G 690 -54.07 48.04 28.41
N GLU G 713 -72.00 33.52 43.66
CA GLU G 713 -72.87 34.69 43.80
C GLU G 713 -72.97 35.29 45.22
N PRO G 714 -72.93 34.49 46.29
CA PRO G 714 -72.90 35.09 47.63
C PRO G 714 -71.51 35.22 48.25
N LEU G 715 -70.47 34.73 47.59
CA LEU G 715 -69.13 34.65 48.13
C LEU G 715 -68.14 35.27 47.16
N PRO G 716 -66.97 35.69 47.63
CA PRO G 716 -65.92 36.14 46.71
C PRO G 716 -65.13 34.96 46.18
N GLN G 717 -64.96 34.91 44.88
CA GLN G 717 -64.26 33.80 44.26
C GLN G 717 -62.83 33.75 44.77
N GLU G 718 -62.43 32.59 45.24
CA GLU G 718 -61.07 32.37 45.70
C GLU G 718 -60.11 32.41 44.52
N VAL G 719 -59.00 33.15 44.67
CA VAL G 719 -58.16 33.45 43.53
C VAL G 719 -57.51 32.17 43.00
N LEU G 720 -57.24 32.16 41.70
CA LEU G 720 -56.97 30.91 41.00
C LEU G 720 -55.64 30.28 41.36
N LYS G 721 -54.67 31.06 41.83
CA LYS G 721 -53.37 30.48 42.18
C LYS G 721 -53.45 29.71 43.49
N LYS G 722 -54.06 30.30 44.50
CA LYS G 722 -54.29 29.54 45.71
C LYS G 722 -55.37 28.51 45.49
N TYR G 723 -56.19 28.67 44.46
CA TYR G 723 -57.11 27.62 44.09
C TYR G 723 -56.37 26.39 43.61
N ILE G 724 -55.37 26.60 42.75
CA ILE G 724 -54.53 25.49 42.32
C ILE G 724 -53.85 24.85 43.51
N ILE G 725 -53.31 25.68 44.41
CA ILE G 725 -52.66 25.12 45.60
C ILE G 725 -53.64 24.30 46.44
N TYR G 726 -54.84 24.82 46.63
CA TYR G 726 -55.85 24.12 47.41
C TYR G 726 -56.20 22.78 46.77
N ALA G 727 -56.29 22.75 45.45
CA ALA G 727 -56.55 21.48 44.79
C ALA G 727 -55.35 20.54 44.90
N LYS G 728 -54.13 21.06 45.06
CA LYS G 728 -52.99 20.18 45.33
C LYS G 728 -53.11 19.48 46.67
N GLU G 729 -53.95 19.96 47.57
CA GLU G 729 -54.26 19.22 48.78
C GLU G 729 -55.31 18.16 48.46
N ARG G 730 -55.03 17.39 47.41
CA ARG G 730 -55.60 16.07 47.17
C ARG G 730 -54.72 14.98 47.72
N VAL G 731 -53.59 15.33 48.32
CA VAL G 731 -52.82 14.36 49.12
C VAL G 731 -53.36 14.47 50.54
N HIS G 732 -54.53 13.88 50.74
CA HIS G 732 -55.05 13.49 52.04
C HIS G 732 -56.19 12.51 51.77
N PRO G 733 -55.89 11.26 51.43
CA PRO G 733 -56.95 10.29 51.17
C PRO G 733 -57.89 10.16 52.36
N LYS G 734 -59.15 10.01 52.05
CA LYS G 734 -60.21 10.18 53.03
C LYS G 734 -61.13 8.96 53.06
N LEU G 735 -62.25 9.07 53.78
CA LEU G 735 -62.96 7.86 54.18
C LEU G 735 -64.28 8.23 54.83
N ASN G 736 -65.21 7.28 54.80
CA ASN G 736 -66.58 7.50 55.24
C ASN G 736 -67.06 6.39 56.16
N GLN G 737 -67.84 6.75 57.17
CA GLN G 737 -68.54 5.80 58.04
C GLN G 737 -69.92 6.34 58.40
N MET G 738 -70.71 6.78 57.41
CA MET G 738 -71.89 7.56 57.76
C MET G 738 -73.13 7.16 56.95
N ASP G 739 -74.18 6.78 57.67
CA ASP G 739 -75.60 6.86 57.25
C ASP G 739 -75.91 6.03 56.00
N GLN G 740 -75.83 4.72 56.17
CA GLN G 740 -76.26 3.81 55.12
C GLN G 740 -77.77 3.72 54.96
N ASP G 741 -78.52 3.95 56.03
CA ASP G 741 -79.96 3.69 56.01
C ASP G 741 -80.69 4.66 55.10
N LYS G 742 -80.42 5.95 55.27
CA LYS G 742 -81.11 6.94 54.45
C LYS G 742 -80.77 6.77 52.98
N VAL G 743 -79.50 6.48 52.68
CA VAL G 743 -79.10 6.21 51.31
C VAL G 743 -79.86 5.02 50.74
N ALA G 744 -79.93 3.93 51.50
CA ALA G 744 -80.59 2.73 51.00
C ALA G 744 -82.06 2.98 50.73
N LYS G 745 -82.74 3.69 51.63
CA LYS G 745 -84.16 3.95 51.39
C LYS G 745 -84.35 4.96 50.27
N MET G 746 -83.42 5.91 50.14
CA MET G 746 -83.44 6.85 49.02
C MET G 746 -83.40 6.11 47.70
N TYR G 747 -82.49 5.14 47.59
CA TYR G 747 -82.35 4.40 46.35
C TYR G 747 -83.49 3.44 46.12
N SER G 748 -84.03 2.84 47.18
CA SER G 748 -85.22 2.02 46.99
C SER G 748 -86.38 2.84 46.47
N ASP G 749 -86.60 4.02 47.04
CA ASP G 749 -87.67 4.88 46.56
C ASP G 749 -87.41 5.37 45.16
N LEU G 750 -86.14 5.65 44.83
CA LEU G 750 -85.80 6.02 43.47
C LEU G 750 -86.11 4.90 42.51
N ARG G 751 -85.79 3.66 42.89
CA ARG G 751 -86.12 2.52 42.06
C ARG G 751 -87.62 2.41 41.87
N LYS G 752 -88.39 2.64 42.92
CA LYS G 752 -89.83 2.47 42.80
C LYS G 752 -90.45 3.56 41.94
N GLU G 753 -89.96 4.79 42.07
CA GLU G 753 -90.45 5.84 41.19
C GLU G 753 -89.99 5.63 39.76
N SER G 754 -88.75 5.20 39.58
CA SER G 754 -88.20 5.02 38.24
C SER G 754 -88.80 3.82 37.54
N MET G 755 -89.38 2.89 38.28
CA MET G 755 -90.13 1.83 37.63
C MET G 755 -91.59 2.20 37.48
N ALA G 756 -92.14 2.94 38.45
CA ALA G 756 -93.52 3.41 38.41
C ALA G 756 -93.76 4.37 37.27
N THR G 757 -92.71 4.93 36.70
CA THR G 757 -92.75 5.60 35.41
C THR G 757 -91.95 4.78 34.41
N GLY G 758 -92.04 5.16 33.15
CA GLY G 758 -91.21 4.53 32.15
C GLY G 758 -89.90 5.28 31.97
N SER G 759 -89.04 5.24 32.97
CA SER G 759 -87.85 6.07 32.99
C SER G 759 -86.59 5.22 32.86
N ILE G 760 -85.48 5.92 32.70
CA ILE G 760 -84.16 5.30 32.79
C ILE G 760 -83.99 4.89 34.25
N PRO G 761 -83.88 3.60 34.55
CA PRO G 761 -83.88 3.18 35.95
C PRO G 761 -82.60 3.58 36.66
N ILE G 762 -82.75 3.99 37.92
CA ILE G 762 -81.59 4.18 38.76
C ILE G 762 -80.92 2.83 38.92
N THR G 763 -79.59 2.82 39.02
CA THR G 763 -78.88 1.57 39.25
C THR G 763 -77.88 1.76 40.37
N VAL G 764 -77.14 0.69 40.65
CA VAL G 764 -76.03 0.75 41.59
C VAL G 764 -75.03 1.78 41.17
N ARG G 765 -74.88 1.96 39.87
CA ARG G 765 -73.89 2.88 39.36
C ARG G 765 -74.11 4.27 39.92
N HIS G 766 -75.38 4.66 40.08
CA HIS G 766 -75.70 5.98 40.58
C HIS G 766 -75.34 6.14 42.05
N ILE G 767 -75.53 5.10 42.86
CA ILE G 767 -75.15 5.25 44.26
C ILE G 767 -73.64 5.26 44.41
N GLU G 768 -72.92 4.51 43.57
CA GLU G 768 -71.48 4.59 43.61
C GLU G 768 -70.99 5.97 43.17
N SER G 769 -71.65 6.56 42.18
CA SER G 769 -71.28 7.91 41.79
C SER G 769 -71.59 8.90 42.91
N MET G 770 -72.68 8.67 43.64
CA MET G 770 -72.96 9.50 44.79
C MET G 770 -71.89 9.38 45.86
N ILE G 771 -71.39 8.17 46.07
CA ILE G 771 -70.29 7.99 47.03
C ILE G 771 -69.06 8.73 46.57
N ARG G 772 -68.73 8.65 45.29
CA ARG G 772 -67.63 9.42 44.74
C ARG G 772 -67.82 10.90 44.98
N MET G 773 -69.02 11.41 44.75
CA MET G 773 -69.26 12.83 44.85
C MET G 773 -69.20 13.28 46.31
N ALA G 774 -69.70 12.46 47.22
CA ALA G 774 -69.62 12.77 48.64
C ALA G 774 -68.18 12.82 49.11
N GLU G 775 -67.37 11.87 48.66
CA GLU G 775 -65.95 11.93 48.98
C GLU G 775 -65.31 13.17 48.40
N ALA G 776 -65.69 13.56 47.19
CA ALA G 776 -65.13 14.75 46.57
C ALA G 776 -65.51 16.00 47.33
N HIS G 777 -66.77 16.10 47.73
CA HIS G 777 -67.23 17.27 48.47
C HIS G 777 -66.58 17.35 49.83
N ALA G 778 -66.40 16.20 50.48
CA ALA G 778 -65.70 16.20 51.76
C ALA G 778 -64.24 16.58 51.59
N ARG G 779 -63.63 16.16 50.49
CA ARG G 779 -62.26 16.56 50.18
C ARG G 779 -62.16 18.05 49.95
N ILE G 780 -63.21 18.65 49.37
CA ILE G 780 -63.24 20.10 49.20
C ILE G 780 -63.11 20.80 50.54
N HIS G 781 -63.73 20.24 51.57
CA HIS G 781 -63.62 20.78 52.92
C HIS G 781 -62.47 20.18 53.71
N LEU G 782 -61.67 19.31 53.10
CA LEU G 782 -60.52 18.70 53.78
C LEU G 782 -60.92 17.97 55.06
N ARG G 783 -62.10 17.37 55.04
CA ARG G 783 -62.66 16.76 56.24
C ARG G 783 -61.87 15.56 56.78
N ASP G 784 -61.44 14.69 55.87
CA ASP G 784 -60.81 13.43 56.22
C ASP G 784 -61.90 12.40 56.58
N TYR G 785 -63.15 12.84 56.47
CA TYR G 785 -64.32 12.01 56.75
C TYR G 785 -65.50 12.58 55.97
N VAL G 786 -66.54 11.78 55.77
CA VAL G 786 -67.69 12.25 55.01
C VAL G 786 -68.81 12.56 55.98
N ILE G 787 -69.18 13.82 56.05
CA ILE G 787 -70.22 14.29 56.96
C ILE G 787 -71.55 14.24 56.24
N GLU G 788 -72.63 14.27 57.01
CA GLU G 788 -73.95 14.09 56.42
C GLU G 788 -74.26 15.13 55.36
N ASP G 789 -73.76 16.35 55.49
CA ASP G 789 -74.04 17.33 54.45
C ASP G 789 -73.28 17.02 53.17
N ASP G 790 -72.12 16.36 53.28
CA ASP G 790 -71.45 15.87 52.08
C ASP G 790 -72.33 14.85 51.36
N VAL G 791 -72.91 13.91 52.11
CA VAL G 791 -73.80 12.93 51.51
C VAL G 791 -75.02 13.62 50.91
N ASN G 792 -75.58 14.60 51.60
CA ASN G 792 -76.78 15.26 51.09
C ASN G 792 -76.48 16.05 49.82
N MET G 793 -75.33 16.73 49.77
CA MET G 793 -74.96 17.44 48.57
C MET G 793 -74.71 16.47 47.41
N ALA G 794 -74.05 15.35 47.70
CA ALA G 794 -73.82 14.36 46.65
C ALA G 794 -75.13 13.80 46.13
N ILE G 795 -76.07 13.52 47.02
CA ILE G 795 -77.37 13.04 46.59
C ILE G 795 -78.05 14.10 45.74
N ARG G 796 -77.90 15.37 46.11
CA ARG G 796 -78.52 16.42 45.31
C ARG G 796 -77.92 16.49 43.91
N VAL G 797 -76.60 16.42 43.80
CA VAL G 797 -75.97 16.49 42.50
C VAL G 797 -76.33 15.27 41.65
N MET G 798 -76.27 14.08 42.26
CA MET G 798 -76.59 12.86 41.55
C MET G 798 -78.05 12.87 41.10
N LEU G 799 -78.96 13.30 41.97
CA LEU G 799 -80.36 13.37 41.59
C LEU G 799 -80.60 14.41 40.51
N GLU G 800 -79.95 15.56 40.57
CA GLU G 800 -80.20 16.57 39.53
C GLU G 800 -79.74 16.06 38.18
N SER G 801 -78.57 15.42 38.14
CA SER G 801 -78.11 14.80 36.90
C SER G 801 -79.06 13.72 36.44
N PHE G 802 -79.55 12.90 37.35
CA PHE G 802 -80.42 11.79 36.97
C PHE G 802 -81.79 12.28 36.52
N ILE G 803 -82.35 13.29 37.18
CA ILE G 803 -83.67 13.78 36.81
C ILE G 803 -83.62 14.49 35.47
N ASP G 804 -82.64 15.38 35.28
CA ASP G 804 -82.59 16.14 34.03
C ASP G 804 -82.35 15.25 32.82
N THR G 805 -81.75 14.09 33.02
CA THR G 805 -81.58 13.12 31.95
C THR G 805 -82.92 12.61 31.42
N GLN G 806 -83.94 12.62 32.25
CA GLN G 806 -85.20 12.01 31.89
C GLN G 806 -85.98 12.90 30.92
N LYS G 807 -86.88 12.27 30.17
CA LYS G 807 -87.76 13.02 29.30
C LYS G 807 -88.70 13.87 30.14
N PHE G 808 -89.40 14.80 29.47
CA PHE G 808 -90.02 15.90 30.19
C PHE G 808 -91.01 15.41 31.24
N SER G 809 -91.87 14.46 30.88
CA SER G 809 -92.91 14.03 31.80
C SER G 809 -92.32 13.38 33.05
N VAL G 810 -91.45 12.41 32.86
CA VAL G 810 -90.86 11.72 34.01
C VAL G 810 -89.98 12.66 34.78
N MET G 811 -89.27 13.55 34.09
CA MET G 811 -88.49 14.58 34.75
C MET G 811 -89.34 15.39 35.71
N ARG G 812 -90.48 15.87 35.25
CA ARG G 812 -91.29 16.75 36.07
C ARG G 812 -91.93 15.99 37.23
N SER G 813 -92.39 14.77 36.98
CA SER G 813 -92.97 13.99 38.07
C SER G 813 -91.93 13.67 39.12
N MET G 814 -90.70 13.35 38.70
CA MET G 814 -89.63 13.09 39.66
C MET G 814 -89.23 14.34 40.41
N ARG G 815 -89.20 15.49 39.75
CA ARG G 815 -88.90 16.72 40.47
C ARG G 815 -89.91 16.96 41.57
N LYS G 816 -91.20 16.78 41.26
CA LYS G 816 -92.22 16.88 42.30
C LYS G 816 -91.96 15.90 43.43
N THR G 817 -91.77 14.63 43.09
CA THR G 817 -91.73 13.62 44.14
C THR G 817 -90.39 13.48 44.81
N PHE G 818 -89.38 14.26 44.43
CA PHE G 818 -88.09 14.25 45.12
C PHE G 818 -87.62 15.65 45.49
N ALA G 819 -88.50 16.65 45.42
CA ALA G 819 -88.13 18.00 45.83
C ALA G 819 -87.44 18.03 47.18
N ARG G 820 -87.76 17.11 48.07
CA ARG G 820 -87.09 17.08 49.37
C ARG G 820 -85.59 16.91 49.20
N TYR G 821 -85.18 15.99 48.32
CA TYR G 821 -83.77 15.79 48.07
C TYR G 821 -83.20 16.88 47.18
N LEU G 822 -83.97 17.36 46.20
CA LEU G 822 -83.45 18.28 45.21
C LEU G 822 -83.30 19.69 45.72
N SER G 823 -83.84 20.01 46.87
CA SER G 823 -83.83 21.37 47.38
C SER G 823 -82.84 21.57 48.51
N PHE G 824 -81.95 20.62 48.74
CA PHE G 824 -80.96 20.76 49.80
C PHE G 824 -80.03 21.93 49.51
N ARG G 825 -79.70 22.68 50.55
CA ARG G 825 -78.76 23.79 50.46
C ARG G 825 -79.22 24.85 49.46
N ARG G 826 -80.52 25.08 49.38
CA ARG G 826 -81.08 26.16 48.59
C ARG G 826 -81.76 27.16 49.53
N ASP G 827 -81.43 28.43 49.39
CA ASP G 827 -81.77 29.43 50.38
C ASP G 827 -83.24 29.85 50.35
N ASN G 828 -84.08 29.10 49.65
CA ASN G 828 -85.52 29.34 49.63
C ASN G 828 -85.85 30.65 48.94
N ASN G 829 -84.82 31.43 48.60
CA ASN G 829 -85.01 32.56 47.69
C ASN G 829 -84.85 32.10 46.25
N GLU G 830 -83.92 31.18 46.02
CA GLU G 830 -83.74 30.62 44.69
C GLU G 830 -84.94 29.78 44.28
N LEU G 831 -85.52 29.05 45.22
CA LEU G 831 -86.71 28.25 44.92
C LEU G 831 -87.86 29.15 44.49
N LEU G 832 -88.12 30.20 45.27
CA LEU G 832 -89.16 31.16 44.91
C LEU G 832 -88.82 31.87 43.61
N LEU G 833 -87.54 32.20 43.41
CA LEU G 833 -87.17 32.91 42.19
C LEU G 833 -87.41 32.05 40.97
N PHE G 834 -87.09 30.76 41.06
CA PHE G 834 -87.38 29.84 39.98
C PHE G 834 -88.87 29.77 39.73
N ILE G 835 -89.68 29.70 40.79
CA ILE G 835 -91.12 29.65 40.63
C ILE G 835 -91.64 30.90 39.93
N LEU G 836 -91.23 32.06 40.42
CA LEU G 836 -91.71 33.33 39.88
C LEU G 836 -91.27 33.50 38.45
N LYS G 837 -90.04 33.11 38.13
CA LYS G 837 -89.57 33.19 36.76
C LYS G 837 -90.39 32.28 35.85
N GLN G 838 -90.71 31.07 36.31
CA GLN G 838 -91.54 30.20 35.50
C GLN G 838 -92.91 30.82 35.27
N LEU G 839 -93.48 31.43 36.31
CA LEU G 839 -94.79 32.05 36.17
C LEU G 839 -94.76 33.18 35.15
N VAL G 840 -93.80 34.08 35.27
CA VAL G 840 -93.75 35.22 34.35
C VAL G 840 -93.41 34.75 32.95
N ALA G 841 -92.62 33.68 32.81
CA ALA G 841 -92.32 33.14 31.50
C ALA G 841 -93.58 32.55 30.86
N GLU G 842 -94.40 31.86 31.65
CA GLU G 842 -95.67 31.38 31.12
C GLU G 842 -96.56 32.54 30.70
N GLN G 843 -96.57 33.62 31.49
CA GLN G 843 -97.37 34.77 31.12
C GLN G 843 -96.88 35.40 29.81
N VAL G 844 -95.56 35.53 29.65
CA VAL G 844 -95.06 36.15 28.44
C VAL G 844 -95.27 35.23 27.24
N THR G 845 -95.22 33.91 27.41
CA THR G 845 -95.52 33.06 26.28
C THR G 845 -97.02 33.00 26.00
N TYR G 846 -97.85 33.46 26.94
CA TYR G 846 -99.24 33.71 26.59
C TYR G 846 -99.41 35.01 25.81
N GLN G 847 -98.75 36.06 26.27
CA GLN G 847 -98.87 37.36 25.61
C GLN G 847 -98.33 37.31 24.19
N ARG G 848 -97.18 36.69 24.00
CA ARG G 848 -96.56 36.64 22.68
C ARG G 848 -97.41 35.87 21.69
N ASN G 849 -98.40 35.14 22.15
CA ASN G 849 -99.25 34.37 21.26
C ASN G 849 -100.61 35.01 21.01
N ARG G 850 -101.27 35.50 22.07
CA ARG G 850 -102.57 36.11 21.85
C ARG G 850 -102.43 37.44 21.15
N PHE G 851 -101.43 38.23 21.52
CA PHE G 851 -101.19 39.54 20.94
C PHE G 851 -100.04 39.57 19.95
N GLY G 852 -99.41 38.43 19.68
CA GLY G 852 -98.25 38.46 18.79
C GLY G 852 -97.02 39.05 19.44
N ALA G 853 -97.16 40.20 20.09
CA ALA G 853 -96.10 40.81 20.86
C ALA G 853 -96.48 40.83 22.33
N GLN G 854 -95.51 41.10 23.18
CA GLN G 854 -95.69 41.10 24.62
C GLN G 854 -95.77 42.52 25.17
N GLN G 855 -96.61 42.70 26.18
CA GLN G 855 -96.68 43.98 26.88
C GLN G 855 -95.52 44.12 27.84
N ASP G 856 -94.72 45.16 27.65
CA ASP G 856 -93.65 45.45 28.59
C ASP G 856 -94.23 45.75 29.97
N THR G 857 -93.36 45.66 30.99
CA THR G 857 -93.78 45.75 32.38
C THR G 857 -94.78 44.65 32.70
N ILE G 858 -94.38 43.42 32.37
CA ILE G 858 -95.21 42.25 32.66
C ILE G 858 -95.38 42.07 34.16
N GLU G 859 -96.56 41.64 34.57
CA GLU G 859 -96.89 41.47 35.97
C GLU G 859 -97.73 40.22 36.17
N VAL G 860 -97.65 39.67 37.38
CA VAL G 860 -98.45 38.50 37.75
C VAL G 860 -99.04 38.71 39.13
N PRO G 861 -100.22 38.14 39.38
CA PRO G 861 -100.86 38.34 40.67
C PRO G 861 -100.12 37.59 41.78
N GLU G 862 -100.14 38.18 42.97
CA GLU G 862 -99.51 37.55 44.12
C GLU G 862 -100.13 36.20 44.43
N LYS G 863 -101.36 35.94 43.97
CA LYS G 863 -102.03 34.70 44.30
C LYS G 863 -101.27 33.50 43.76
N ASP G 864 -100.80 33.58 42.52
CA ASP G 864 -100.08 32.45 41.95
C ASP G 864 -98.79 32.18 42.70
N LEU G 865 -98.05 33.25 43.03
CA LEU G 865 -96.80 33.08 43.77
C LEU G 865 -97.06 32.52 45.17
N VAL G 866 -98.08 33.02 45.87
CA VAL G 866 -98.34 32.49 47.20
C VAL G 866 -98.82 31.06 47.13
N ASP G 867 -99.59 30.71 46.10
CA ASP G 867 -100.03 29.34 45.94
C ASP G 867 -98.84 28.42 45.78
N LYS G 868 -97.90 28.79 44.90
CA LYS G 868 -96.73 27.97 44.70
C LYS G 868 -95.85 27.94 45.93
N ALA G 869 -95.80 29.04 46.68
CA ALA G 869 -95.03 29.07 47.92
C ALA G 869 -95.62 28.12 48.96
N ARG G 870 -96.94 28.10 49.09
CA ARG G 870 -97.57 27.11 49.96
C ARG G 870 -97.33 25.70 49.43
N GLN G 871 -97.25 25.54 48.10
CA GLN G 871 -96.92 24.24 47.54
C GLN G 871 -95.58 23.77 48.04
N ILE G 872 -94.65 24.70 48.25
CA ILE G 872 -93.32 24.39 48.73
C ILE G 872 -93.12 24.84 50.17
N ASN G 873 -94.18 25.29 50.84
CA ASN G 873 -94.18 25.57 52.26
C ASN G 873 -93.17 26.66 52.64
N ILE G 874 -93.41 27.86 52.12
CA ILE G 874 -92.60 29.03 52.44
C ILE G 874 -93.38 30.02 53.30
N HIS G 875 -94.50 30.54 52.79
CA HIS G 875 -95.42 31.43 53.49
C HIS G 875 -94.81 32.80 53.78
N ASN G 876 -93.52 32.98 53.52
CA ASN G 876 -92.85 34.24 53.81
C ASN G 876 -92.27 34.77 52.51
N LEU G 877 -92.91 35.77 51.95
CA LEU G 877 -92.44 36.37 50.71
C LEU G 877 -91.79 37.72 50.93
N SER G 878 -91.91 38.28 52.14
CA SER G 878 -91.32 39.59 52.41
C SER G 878 -89.81 39.56 52.28
N ALA G 879 -89.18 38.49 52.74
CA ALA G 879 -87.73 38.35 52.58
C ALA G 879 -87.37 38.25 51.11
N PHE G 880 -88.18 37.53 50.32
CA PHE G 880 -87.94 37.47 48.89
C PHE G 880 -88.07 38.85 48.27
N TYR G 881 -89.13 39.58 48.63
CA TYR G 881 -89.34 40.90 48.05
C TYR G 881 -88.21 41.85 48.42
N ASP G 882 -87.72 41.76 49.65
CA ASP G 882 -86.59 42.56 50.09
C ASP G 882 -85.25 41.99 49.67
N SER G 883 -85.23 40.77 49.13
CA SER G 883 -83.97 40.14 48.78
C SER G 883 -83.28 40.91 47.66
N GLU G 884 -81.95 40.94 47.73
CA GLU G 884 -81.19 41.52 46.64
C GLU G 884 -81.39 40.74 45.35
N LEU G 885 -81.51 39.42 45.46
CA LEU G 885 -81.77 38.56 44.31
C LEU G 885 -83.00 39.03 43.54
N PHE G 886 -84.02 39.48 44.26
CA PHE G 886 -85.23 39.98 43.62
C PHE G 886 -84.94 41.17 42.72
N ARG G 887 -84.24 42.17 43.26
CA ARG G 887 -83.99 43.39 42.50
C ARG G 887 -83.01 43.15 41.36
N MET G 888 -81.99 42.32 41.59
CA MET G 888 -81.00 42.04 40.55
C MET G 888 -81.66 41.43 39.33
N ASN G 889 -82.74 40.67 39.53
CA ASN G 889 -83.53 40.15 38.41
C ASN G 889 -84.60 41.13 37.97
N LYS G 890 -84.40 42.41 38.21
CA LYS G 890 -85.27 43.47 37.68
C LYS G 890 -86.72 43.25 38.04
N PHE G 891 -86.96 42.89 39.30
CA PHE G 891 -88.28 42.58 39.81
C PHE G 891 -88.77 43.67 40.75
N SER G 892 -90.09 43.81 40.81
CA SER G 892 -90.71 44.75 41.72
C SER G 892 -92.17 44.34 41.90
N HIS G 893 -92.77 44.81 42.99
CA HIS G 893 -94.17 44.52 43.24
C HIS G 893 -94.78 45.73 43.94
N ASP G 894 -96.08 45.90 43.74
CA ASP G 894 -96.83 46.96 44.40
C ASP G 894 -97.77 46.31 45.41
N LEU G 895 -97.61 46.69 46.68
CA LEU G 895 -98.43 46.11 47.72
C LEU G 895 -99.90 46.45 47.53
N LYS G 896 -100.19 47.74 47.35
CA LYS G 896 -101.58 48.17 47.21
C LYS G 896 -102.21 47.54 45.96
N ARG G 897 -101.41 47.34 44.92
CA ARG G 897 -101.92 46.69 43.71
C ARG G 897 -102.12 45.19 43.92
N LYS G 898 -101.46 44.61 44.92
CA LYS G 898 -101.41 43.15 45.09
C LYS G 898 -100.88 42.47 43.82
N MET G 899 -99.90 43.10 43.19
CA MET G 899 -99.37 42.61 41.93
C MET G 899 -97.84 42.68 41.98
N ILE G 900 -97.20 41.66 41.41
CA ILE G 900 -95.74 41.62 41.30
C ILE G 900 -95.39 41.63 39.82
N LEU G 901 -94.44 42.47 39.46
CA LEU G 901 -94.20 42.81 38.06
C LEU G 901 -92.71 42.80 37.74
N GLN G 902 -92.40 42.66 36.46
CA GLN G 902 -91.05 42.80 35.95
C GLN G 902 -91.07 43.83 34.84
N GLN G 903 -90.28 44.90 35.01
CA GLN G 903 -90.34 46.02 34.08
C GLN G 903 -89.79 45.67 32.70
N PHE G 904 -89.16 44.52 32.53
CA PHE G 904 -88.79 44.06 31.19
C PHE G 904 -88.72 42.53 31.15
N ALA H 47 0.80 -19.19 -0.28
CA ALA H 47 1.25 -20.49 0.20
C ALA H 47 0.33 -21.61 -0.27
N GLY H 48 0.90 -22.65 -0.87
CA GLY H 48 0.11 -23.80 -1.23
C GLY H 48 0.67 -25.11 -0.72
N THR H 49 -0.01 -25.71 0.26
CA THR H 49 0.42 -26.95 0.85
C THR H 49 -0.63 -28.02 0.57
N VAL H 50 -0.28 -29.29 0.78
CA VAL H 50 -1.28 -30.35 0.75
C VAL H 50 -1.14 -31.13 2.03
N VAL H 51 -2.22 -31.74 2.48
CA VAL H 51 -2.23 -32.53 3.70
C VAL H 51 -1.81 -33.94 3.33
N LEU H 52 -0.58 -34.31 3.67
CA LEU H 52 -0.11 -35.67 3.43
C LEU H 52 -0.87 -36.66 4.28
N ASP H 53 -1.15 -36.30 5.52
CA ASP H 53 -1.88 -37.17 6.42
C ASP H 53 -2.75 -36.33 7.33
N ASP H 54 -4.06 -36.50 7.20
CA ASP H 54 -5.03 -35.99 8.14
C ASP H 54 -5.66 -37.21 8.79
N VAL H 55 -5.30 -37.47 10.04
CA VAL H 55 -5.81 -38.66 10.72
C VAL H 55 -7.32 -38.57 10.86
N GLU H 56 -7.82 -37.40 11.24
CA GLU H 56 -9.26 -37.21 11.40
C GLU H 56 -10.00 -37.47 10.10
N LEU H 57 -9.49 -36.96 8.98
CA LEU H 57 -10.15 -37.19 7.70
C LEU H 57 -10.17 -38.67 7.36
N ARG H 58 -9.07 -39.37 7.63
CA ARG H 58 -9.03 -40.80 7.36
C ARG H 58 -10.07 -41.54 8.18
N GLU H 59 -10.11 -41.28 9.48
CA GLU H 59 -11.10 -41.96 10.32
C GLU H 59 -12.51 -41.63 9.89
N ALA H 60 -12.77 -40.37 9.57
CA ALA H 60 -14.10 -39.95 9.17
C ALA H 60 -14.54 -40.64 7.88
N GLN H 61 -13.68 -40.61 6.87
CA GLN H 61 -14.02 -41.23 5.60
C GLN H 61 -14.21 -42.73 5.77
N ARG H 62 -13.36 -43.37 6.57
CA ARG H 62 -13.52 -44.80 6.79
C ARG H 62 -14.85 -45.10 7.48
N ASP H 63 -15.20 -44.31 8.50
CA ASP H 63 -16.46 -44.51 9.20
C ASP H 63 -17.64 -44.32 8.27
N TYR H 64 -17.57 -43.33 7.39
CA TYR H 64 -18.72 -43.05 6.54
C TYR H 64 -18.87 -44.11 5.46
N LEU H 65 -17.76 -44.55 4.88
CA LEU H 65 -17.83 -45.64 3.92
C LEU H 65 -18.31 -46.94 4.58
N ASP H 66 -17.88 -47.17 5.82
CA ASP H 66 -18.35 -48.32 6.57
C ASP H 66 -19.84 -48.25 6.83
N PHE H 67 -20.34 -47.06 7.17
CA PHE H 67 -21.77 -46.89 7.39
C PHE H 67 -22.55 -47.10 6.10
N LEU H 68 -21.97 -46.69 4.98
CA LEU H 68 -22.66 -46.77 3.70
C LEU H 68 -22.66 -48.17 3.12
N ASP H 69 -21.63 -48.97 3.40
CA ASP H 69 -21.52 -50.27 2.76
C ASP H 69 -22.71 -51.14 3.10
N ASP H 70 -23.02 -51.28 4.38
CA ASP H 70 -24.37 -51.59 4.81
C ASP H 70 -24.87 -52.96 4.35
N GLU H 71 -24.07 -53.63 3.53
CA GLU H 71 -24.54 -54.85 2.87
C GLU H 71 -24.84 -55.95 3.89
N GLU H 72 -24.02 -56.03 4.94
CA GLU H 72 -24.30 -56.98 6.01
C GLU H 72 -25.53 -56.59 6.82
N ASP H 73 -25.77 -55.29 7.02
CA ASP H 73 -26.89 -54.83 7.84
C ASP H 73 -28.08 -54.47 6.97
N GLN H 74 -28.65 -55.50 6.35
CA GLN H 74 -29.84 -55.41 5.49
C GLN H 74 -29.75 -54.29 4.45
N GLY H 75 -28.54 -53.87 4.10
CA GLY H 75 -28.27 -53.06 2.93
C GLY H 75 -29.23 -51.96 2.57
N ILE H 76 -29.66 -51.16 3.54
CA ILE H 76 -30.60 -50.08 3.24
C ILE H 76 -29.90 -48.97 2.45
N TYR H 77 -28.69 -48.59 2.85
CA TYR H 77 -28.02 -47.52 2.12
C TYR H 77 -27.34 -48.04 0.88
N GLN H 78 -26.93 -49.30 0.88
CA GLN H 78 -26.56 -49.98 -0.35
C GLN H 78 -27.65 -49.82 -1.40
N SER H 79 -28.88 -50.13 -1.03
CA SER H 79 -30.01 -49.99 -1.93
C SER H 79 -30.26 -48.54 -2.29
N LYS H 80 -30.13 -47.63 -1.33
CA LYS H 80 -30.38 -46.22 -1.61
C LYS H 80 -29.39 -45.66 -2.61
N VAL H 81 -28.12 -46.06 -2.49
CA VAL H 81 -27.12 -45.58 -3.43
C VAL H 81 -27.33 -46.19 -4.81
N ARG H 82 -27.60 -47.50 -4.88
CA ARG H 82 -27.91 -48.03 -6.21
C ARG H 82 -29.13 -47.34 -6.79
N GLU H 83 -30.07 -46.92 -5.94
CA GLU H 83 -31.28 -46.31 -6.46
C GLU H 83 -31.02 -44.91 -6.96
N LEU H 84 -30.13 -44.15 -6.31
CA LEU H 84 -29.84 -42.83 -6.85
C LEU H 84 -29.02 -42.94 -8.12
N ILE H 85 -28.18 -43.97 -8.24
CA ILE H 85 -27.53 -44.23 -9.51
C ILE H 85 -28.56 -44.51 -10.58
N SER H 86 -29.60 -45.28 -10.24
CA SER H 86 -30.57 -45.70 -11.24
C SER H 86 -31.32 -44.50 -11.82
N ASP H 87 -31.89 -43.65 -10.98
CA ASP H 87 -32.71 -42.56 -11.46
C ASP H 87 -31.92 -41.28 -11.67
N ASN H 88 -30.60 -41.37 -11.73
CA ASN H 88 -29.75 -40.30 -12.24
C ASN H 88 -29.84 -39.06 -11.36
N GLN H 89 -29.55 -39.25 -10.08
CA GLN H 89 -29.42 -38.19 -9.10
C GLN H 89 -27.99 -38.17 -8.62
N TYR H 90 -27.66 -37.18 -7.80
CA TYR H 90 -26.34 -37.17 -7.19
C TYR H 90 -26.35 -36.66 -5.75
N ARG H 91 -27.50 -36.69 -5.09
CA ARG H 91 -27.56 -36.36 -3.67
C ARG H 91 -28.18 -37.54 -2.94
N LEU H 92 -27.53 -37.95 -1.87
CA LEU H 92 -28.00 -39.08 -1.07
C LEU H 92 -28.55 -38.53 0.24
N ILE H 93 -29.80 -38.83 0.52
CA ILE H 93 -30.45 -38.36 1.74
C ILE H 93 -30.23 -39.41 2.81
N VAL H 94 -29.57 -39.01 3.88
CA VAL H 94 -29.08 -39.92 4.91
C VAL H 94 -29.84 -39.61 6.18
N ASN H 95 -30.50 -40.63 6.73
CA ASN H 95 -31.13 -40.47 8.02
C ASN H 95 -30.08 -40.50 9.11
N VAL H 96 -30.05 -39.46 9.93
CA VAL H 96 -29.05 -39.40 10.99
C VAL H 96 -29.38 -40.35 12.14
N ASN H 97 -30.58 -40.87 12.20
CA ASN H 97 -30.89 -41.89 13.20
C ASN H 97 -30.17 -43.20 12.89
N ASP H 98 -30.08 -43.56 11.61
CA ASP H 98 -29.31 -44.73 11.23
C ASP H 98 -27.83 -44.54 11.53
N LEU H 99 -27.30 -43.36 11.22
CA LEU H 99 -25.91 -43.09 11.53
C LEU H 99 -25.67 -43.08 13.03
N ARG H 100 -26.62 -42.55 13.80
CA ARG H 100 -26.49 -42.57 15.25
C ARG H 100 -26.52 -43.99 15.80
N ARG H 101 -27.28 -44.88 15.15
CA ARG H 101 -27.26 -46.28 15.56
C ARG H 101 -25.92 -46.91 15.24
N LYS H 102 -25.44 -46.77 14.01
CA LYS H 102 -24.24 -47.48 13.60
C LYS H 102 -23.00 -46.89 14.23
N ASN H 103 -22.94 -45.58 14.36
CA ASN H 103 -21.73 -44.92 14.86
C ASN H 103 -22.16 -43.62 15.52
N GLU H 104 -22.31 -43.64 16.84
CA GLU H 104 -22.80 -42.46 17.53
C GLU H 104 -21.75 -41.35 17.57
N LYS H 105 -20.47 -41.72 17.62
CA LYS H 105 -19.42 -40.72 17.64
C LYS H 105 -19.39 -39.91 16.34
N ARG H 106 -19.48 -40.58 15.19
CA ARG H 106 -19.66 -39.86 13.93
C ARG H 106 -20.90 -38.99 13.96
N ALA H 107 -22.00 -39.51 14.48
CA ALA H 107 -23.24 -38.74 14.44
C ALA H 107 -23.07 -37.42 15.18
N ASN H 108 -22.46 -37.46 16.36
CA ASN H 108 -22.25 -36.23 17.11
C ASN H 108 -21.28 -35.31 16.40
N ARG H 109 -20.18 -35.87 15.87
CA ARG H 109 -19.20 -35.06 15.17
C ARG H 109 -19.83 -34.38 13.95
N LEU H 110 -20.68 -35.10 13.24
CA LEU H 110 -21.29 -34.55 12.04
C LEU H 110 -22.30 -33.48 12.38
N LEU H 111 -23.15 -33.73 13.38
CA LEU H 111 -24.11 -32.70 13.72
C LEU H 111 -23.44 -31.47 14.30
N ASN H 112 -22.21 -31.59 14.78
CA ASN H 112 -21.57 -30.46 15.44
C ASN H 112 -20.46 -29.80 14.63
N ASN H 113 -19.89 -30.49 13.65
CA ASN H 113 -18.87 -29.91 12.79
C ASN H 113 -19.27 -30.23 11.35
N ALA H 114 -20.13 -29.39 10.78
CA ALA H 114 -20.91 -29.82 9.65
C ALA H 114 -20.12 -29.88 8.35
N PHE H 115 -19.30 -28.86 8.05
CA PHE H 115 -18.57 -28.91 6.77
C PHE H 115 -17.46 -29.95 6.76
N GLU H 116 -16.67 -30.02 7.82
CA GLU H 116 -15.62 -31.05 7.84
C GLU H 116 -16.24 -32.43 7.64
N GLU H 117 -17.27 -32.74 8.41
CA GLU H 117 -17.84 -34.07 8.34
C GLU H 117 -18.59 -34.29 7.04
N LEU H 118 -19.21 -33.26 6.51
CA LEU H 118 -19.97 -33.44 5.29
C LEU H 118 -19.05 -33.63 4.09
N VAL H 119 -17.91 -32.96 4.07
CA VAL H 119 -16.97 -33.19 2.98
C VAL H 119 -16.34 -34.57 3.10
N ALA H 120 -16.05 -35.02 4.32
CA ALA H 120 -15.60 -36.39 4.49
C ALA H 120 -16.63 -37.38 3.99
N PHE H 121 -17.88 -37.14 4.31
CA PHE H 121 -18.94 -38.07 3.97
C PHE H 121 -19.26 -38.04 2.50
N GLN H 122 -19.04 -36.92 1.84
CA GLN H 122 -19.21 -36.88 0.39
C GLN H 122 -18.04 -37.52 -0.34
N ARG H 123 -16.83 -37.42 0.20
CA ARG H 123 -15.73 -38.23 -0.35
C ARG H 123 -16.05 -39.71 -0.23
N ALA H 124 -16.50 -40.13 0.94
CA ALA H 124 -16.87 -41.54 1.13
C ALA H 124 -18.00 -41.94 0.18
N LEU H 125 -18.97 -41.06 -0.04
CA LEU H 125 -20.06 -41.40 -0.93
C LEU H 125 -19.59 -41.54 -2.37
N LYS H 126 -18.69 -40.65 -2.80
CA LYS H 126 -18.16 -40.79 -4.16
C LYS H 126 -17.39 -42.09 -4.31
N ASP H 127 -16.62 -42.46 -3.28
CA ASP H 127 -15.94 -43.75 -3.31
C ASP H 127 -16.92 -44.90 -3.42
N PHE H 128 -18.00 -44.85 -2.65
CA PHE H 128 -18.98 -45.91 -2.68
C PHE H 128 -19.65 -46.02 -4.05
N VAL H 129 -19.99 -44.88 -4.64
CA VAL H 129 -20.62 -44.90 -5.96
C VAL H 129 -19.64 -45.45 -6.99
N ALA H 130 -18.38 -45.02 -6.92
CA ALA H 130 -17.38 -45.52 -7.85
C ALA H 130 -17.21 -47.02 -7.73
N SER H 131 -17.22 -47.53 -6.50
CA SER H 131 -17.17 -48.97 -6.31
C SER H 131 -18.38 -49.65 -6.96
N ILE H 132 -19.58 -49.10 -6.75
CA ILE H 132 -20.77 -49.70 -7.34
C ILE H 132 -20.79 -49.47 -8.84
N ASP H 133 -20.39 -48.29 -9.30
CA ASP H 133 -20.40 -47.98 -10.73
C ASP H 133 -19.43 -46.84 -10.98
N ALA H 134 -18.31 -47.15 -11.63
CA ALA H 134 -17.28 -46.13 -11.84
C ALA H 134 -17.66 -45.12 -12.92
N THR H 135 -18.44 -45.53 -13.92
CA THR H 135 -18.78 -44.60 -15.00
C THR H 135 -19.73 -43.52 -14.51
N TYR H 136 -20.77 -43.90 -13.78
CA TYR H 136 -21.66 -42.90 -13.21
C TYR H 136 -20.91 -42.01 -12.26
N ALA H 137 -20.02 -42.58 -11.45
CA ALA H 137 -19.29 -41.80 -10.48
C ALA H 137 -18.40 -40.77 -11.15
N LYS H 138 -17.76 -41.13 -12.26
CA LYS H 138 -16.97 -40.14 -12.96
C LYS H 138 -17.84 -39.14 -13.69
N GLN H 139 -19.10 -39.49 -13.97
CA GLN H 139 -19.94 -38.55 -14.70
C GLN H 139 -20.34 -37.33 -13.88
N TYR H 140 -20.24 -37.38 -12.56
CA TYR H 140 -20.53 -36.24 -11.71
C TYR H 140 -19.29 -35.88 -10.90
N GLU H 141 -19.01 -34.60 -10.80
CA GLU H 141 -17.83 -34.18 -10.07
C GLU H 141 -18.00 -34.38 -8.57
N GLU H 142 -19.19 -34.10 -8.05
CA GLU H 142 -19.41 -34.12 -6.62
C GLU H 142 -20.73 -34.83 -6.34
N PHE H 143 -20.74 -35.64 -5.30
CA PHE H 143 -21.94 -36.32 -4.83
C PHE H 143 -22.23 -35.78 -3.44
N TYR H 144 -23.42 -35.24 -3.25
CA TYR H 144 -23.78 -34.57 -2.02
C TYR H 144 -24.55 -35.48 -1.09
N VAL H 145 -24.45 -35.19 0.20
CA VAL H 145 -25.16 -35.93 1.23
C VAL H 145 -26.12 -34.95 1.88
N GLY H 146 -27.40 -35.28 1.87
CA GLY H 146 -28.38 -34.55 2.62
C GLY H 146 -28.70 -35.31 3.88
N LEU H 147 -29.23 -34.62 4.87
CA LEU H 147 -29.48 -35.24 6.16
C LEU H 147 -30.96 -35.22 6.47
N GLU H 148 -31.34 -36.12 7.35
CA GLU H 148 -32.74 -36.42 7.59
C GLU H 148 -32.85 -36.97 9.01
N GLY H 149 -34.08 -37.04 9.48
CA GLY H 149 -34.34 -37.74 10.73
C GLY H 149 -34.60 -36.85 11.90
N SER H 150 -34.03 -37.19 13.03
CA SER H 150 -34.30 -36.52 14.29
C SER H 150 -33.06 -35.75 14.71
N PHE H 151 -33.21 -34.45 14.89
CA PHE H 151 -32.17 -33.58 15.40
C PHE H 151 -32.59 -33.15 16.79
N GLY H 152 -31.78 -33.42 17.78
CA GLY H 152 -32.30 -33.26 19.12
C GLY H 152 -32.54 -31.82 19.47
N SER H 153 -31.47 -31.09 19.72
CA SER H 153 -31.56 -29.67 19.95
C SER H 153 -31.24 -28.88 18.68
N LYS H 154 -30.75 -29.56 17.66
CA LYS H 154 -30.53 -28.98 16.36
C LYS H 154 -31.81 -28.84 15.55
N HIS H 155 -32.96 -29.06 16.16
CA HIS H 155 -34.22 -28.76 15.51
C HIS H 155 -34.73 -27.43 16.07
N VAL H 156 -34.82 -26.43 15.22
CA VAL H 156 -35.04 -25.06 15.62
C VAL H 156 -36.14 -24.46 14.77
N SER H 157 -36.42 -23.19 15.01
CA SER H 157 -37.24 -22.36 14.14
C SER H 157 -36.37 -21.16 13.84
N PRO H 158 -36.75 -20.29 12.90
CA PRO H 158 -35.93 -19.10 12.66
C PRO H 158 -35.76 -18.21 13.89
N ARG H 159 -36.58 -18.40 14.93
CA ARG H 159 -36.44 -17.62 16.15
C ARG H 159 -35.41 -18.21 17.10
N THR H 160 -35.37 -19.53 17.24
CA THR H 160 -34.47 -20.17 18.17
C THR H 160 -33.14 -20.54 17.54
N LEU H 161 -32.95 -20.24 16.26
CA LEU H 161 -31.68 -20.45 15.58
C LEU H 161 -30.75 -19.32 15.97
N THR H 162 -29.89 -19.55 16.94
CA THR H 162 -29.04 -18.50 17.45
C THR H 162 -27.60 -18.82 17.10
N SER H 163 -26.68 -18.03 17.65
CA SER H 163 -25.29 -18.16 17.30
C SER H 163 -24.62 -19.37 17.93
N CYS H 164 -25.27 -20.06 18.83
CA CYS H 164 -24.66 -21.27 19.35
C CYS H 164 -24.76 -22.40 18.42
N PHE H 165 -25.24 -22.15 17.20
CA PHE H 165 -25.39 -23.19 16.19
C PHE H 165 -24.52 -22.97 14.98
N LEU H 166 -23.63 -21.99 14.99
CA LEU H 166 -22.81 -21.75 13.81
C LEU H 166 -21.95 -22.97 13.53
N SER H 167 -21.93 -23.38 12.27
CA SER H 167 -21.18 -24.52 11.76
C SER H 167 -21.73 -25.86 12.22
N CYS H 168 -22.94 -25.88 12.73
CA CYS H 168 -23.64 -27.12 13.06
C CYS H 168 -24.73 -27.38 12.03
N VAL H 169 -25.08 -28.65 11.88
CA VAL H 169 -26.21 -29.02 11.05
C VAL H 169 -27.48 -28.73 11.82
N VAL H 170 -28.41 -28.01 11.21
CA VAL H 170 -29.65 -27.70 11.91
C VAL H 170 -30.83 -28.02 11.03
N CYS H 171 -31.97 -28.28 11.66
CA CYS H 171 -33.24 -28.45 10.99
C CYS H 171 -34.12 -27.27 11.34
N VAL H 172 -34.55 -26.53 10.33
CA VAL H 172 -35.34 -25.32 10.52
C VAL H 172 -36.64 -25.50 9.78
N GLU H 173 -37.74 -25.21 10.44
CA GLU H 173 -39.05 -25.24 9.81
C GLU H 173 -39.61 -23.85 9.72
N GLY H 174 -40.30 -23.57 8.64
CA GLY H 174 -40.85 -22.26 8.47
C GLY H 174 -41.59 -22.16 7.17
N ILE H 175 -41.80 -20.95 6.74
CA ILE H 175 -42.54 -20.68 5.53
C ILE H 175 -41.70 -19.79 4.63
N VAL H 176 -41.72 -20.08 3.34
CA VAL H 176 -40.89 -19.34 2.40
C VAL H 176 -41.54 -17.99 2.13
N THR H 177 -40.80 -16.92 2.36
CA THR H 177 -41.31 -15.59 2.11
C THR H 177 -40.85 -15.04 0.78
N LYS H 178 -39.59 -15.21 0.43
CA LYS H 178 -39.11 -14.82 -0.87
C LYS H 178 -38.09 -15.81 -1.38
N CYS H 179 -38.30 -16.28 -2.61
CA CYS H 179 -37.30 -16.96 -3.40
C CYS H 179 -36.65 -15.96 -4.32
N SER H 180 -35.38 -16.18 -4.63
CA SER H 180 -34.74 -15.36 -5.64
C SER H 180 -34.88 -16.03 -6.98
N LEU H 181 -34.34 -15.40 -8.02
CA LEU H 181 -34.22 -16.08 -9.29
C LEU H 181 -33.15 -17.16 -9.19
N VAL H 182 -33.29 -18.18 -10.02
CA VAL H 182 -32.27 -19.22 -10.12
C VAL H 182 -31.18 -18.73 -11.07
N ARG H 183 -30.13 -18.38 -10.57
CA ARG H 183 -28.93 -17.88 -11.21
C ARG H 183 -27.90 -18.99 -11.38
N PRO H 184 -27.19 -19.02 -12.50
CA PRO H 184 -26.02 -19.89 -12.61
C PRO H 184 -24.79 -19.21 -12.07
N LYS H 185 -24.01 -19.98 -11.33
CA LYS H 185 -22.76 -19.54 -10.77
C LYS H 185 -21.67 -20.35 -11.44
N VAL H 186 -20.66 -19.68 -11.97
CA VAL H 186 -19.68 -20.39 -12.76
C VAL H 186 -18.76 -21.14 -11.82
N VAL H 187 -18.61 -22.43 -12.05
CA VAL H 187 -17.71 -23.25 -11.26
C VAL H 187 -16.48 -23.65 -12.05
N ARG H 188 -16.50 -23.53 -13.37
CA ARG H 188 -15.35 -23.89 -14.19
C ARG H 188 -15.50 -23.17 -15.52
N SER H 189 -14.62 -22.20 -15.79
CA SER H 189 -14.72 -21.39 -16.99
C SER H 189 -13.67 -21.81 -17.99
N VAL H 190 -14.10 -22.04 -19.22
CA VAL H 190 -13.21 -22.47 -20.30
C VAL H 190 -13.05 -21.31 -21.26
N HIS H 191 -11.82 -21.06 -21.68
CA HIS H 191 -11.49 -19.95 -22.55
C HIS H 191 -10.67 -20.42 -23.73
N TYR H 192 -10.83 -19.72 -24.83
CA TYR H 192 -10.15 -20.02 -26.07
C TYR H 192 -9.43 -18.78 -26.54
N CYS H 193 -8.16 -18.93 -26.90
CA CYS H 193 -7.43 -17.81 -27.46
C CYS H 193 -7.31 -18.03 -28.96
N PRO H 194 -8.01 -17.25 -29.77
CA PRO H 194 -7.86 -17.40 -31.23
C PRO H 194 -6.47 -17.10 -31.74
N ALA H 195 -5.72 -16.27 -31.03
CA ALA H 195 -4.37 -15.95 -31.49
C ALA H 195 -3.46 -17.15 -31.46
N THR H 196 -3.52 -17.94 -30.39
CA THR H 196 -2.61 -19.05 -30.20
C THR H 196 -3.30 -20.40 -30.24
N LYS H 197 -4.60 -20.45 -30.49
CA LYS H 197 -5.42 -21.65 -30.53
C LYS H 197 -5.40 -22.43 -29.23
N LYS H 198 -4.90 -21.86 -28.15
CA LYS H 198 -4.89 -22.52 -26.86
C LYS H 198 -6.25 -22.43 -26.20
N THR H 199 -6.59 -23.45 -25.42
CA THR H 199 -7.79 -23.46 -24.61
C THR H 199 -7.40 -23.68 -23.17
N ILE H 200 -7.80 -22.75 -22.30
CA ILE H 200 -7.50 -22.83 -20.89
C ILE H 200 -8.81 -22.94 -20.11
N GLU H 201 -8.68 -23.34 -18.86
CA GLU H 201 -9.82 -23.56 -18.00
C GLU H 201 -9.45 -23.11 -16.60
N ARG H 202 -10.39 -22.55 -15.87
CA ARG H 202 -10.05 -22.02 -14.58
C ARG H 202 -11.17 -22.43 -13.65
N ARG H 203 -10.83 -23.00 -12.50
CA ARG H 203 -11.81 -23.51 -11.57
C ARG H 203 -12.02 -22.51 -10.44
N TYR H 204 -13.25 -22.48 -9.95
CA TYR H 204 -13.62 -21.60 -8.85
C TYR H 204 -14.18 -22.47 -7.75
N SER H 205 -13.49 -22.55 -6.63
CA SER H 205 -13.99 -23.32 -5.51
C SER H 205 -15.18 -22.61 -4.87
N ASP H 206 -16.04 -23.39 -4.24
CA ASP H 206 -17.16 -22.83 -3.50
C ASP H 206 -16.65 -22.20 -2.22
N LEU H 207 -16.24 -20.95 -2.28
CA LEU H 207 -15.90 -20.20 -1.09
C LEU H 207 -17.06 -19.31 -0.66
N THR H 208 -18.22 -19.93 -0.45
CA THR H 208 -19.36 -19.13 -0.05
C THR H 208 -19.25 -18.70 1.40
N THR H 209 -18.80 -19.59 2.27
CA THR H 209 -18.67 -19.32 3.70
C THR H 209 -17.24 -19.45 4.16
N LEU H 210 -16.29 -19.35 3.25
CA LEU H 210 -14.87 -19.34 3.53
C LEU H 210 -14.25 -18.05 3.03
N VAL H 211 -13.04 -17.77 3.50
CA VAL H 211 -12.36 -16.55 3.08
C VAL H 211 -12.04 -16.64 1.59
N ALA H 212 -12.35 -15.59 0.87
CA ALA H 212 -12.11 -15.51 -0.56
C ALA H 212 -11.05 -14.45 -0.79
N PHE H 213 -9.97 -14.84 -1.26
CA PHE H 213 -9.03 -13.81 -1.65
C PHE H 213 -9.28 -13.39 -3.08
N PRO H 214 -9.01 -12.13 -3.42
CA PRO H 214 -9.43 -11.62 -4.73
C PRO H 214 -8.88 -12.39 -5.91
N SER H 215 -7.76 -13.08 -5.77
CA SER H 215 -7.28 -13.97 -6.81
C SER H 215 -8.20 -15.16 -7.03
N SER H 216 -9.10 -15.44 -6.10
CA SER H 216 -9.98 -16.58 -6.24
C SER H 216 -11.11 -16.33 -7.24
N SER H 217 -11.39 -15.08 -7.56
CA SER H 217 -12.58 -14.73 -8.32
C SER H 217 -12.27 -13.93 -9.56
N VAL H 218 -11.03 -13.99 -10.06
CA VAL H 218 -10.69 -13.24 -11.26
C VAL H 218 -11.07 -14.05 -12.49
N TYR H 219 -11.87 -13.44 -13.35
CA TYR H 219 -12.31 -14.08 -14.56
C TYR H 219 -11.34 -13.78 -15.69
N PRO H 220 -10.68 -14.76 -16.28
CA PRO H 220 -9.62 -14.47 -17.24
C PRO H 220 -10.17 -13.88 -18.53
N THR H 221 -9.62 -12.73 -18.91
CA THR H 221 -9.98 -12.09 -20.15
C THR H 221 -8.86 -12.09 -21.17
N LYS H 222 -7.62 -12.23 -20.74
CA LYS H 222 -6.46 -12.07 -21.60
C LYS H 222 -5.50 -13.23 -21.40
N ASP H 223 -4.76 -13.50 -22.46
CA ASP H 223 -3.63 -14.41 -22.47
C ASP H 223 -2.45 -13.72 -21.76
N GLU H 224 -1.41 -14.49 -21.44
CA GLU H 224 -0.24 -13.84 -20.82
C GLU H 224 0.39 -12.84 -21.75
N GLU H 225 0.25 -13.04 -23.05
CA GLU H 225 0.70 -12.10 -24.06
C GLU H 225 -0.31 -11.01 -24.31
N ASN H 226 -1.34 -10.95 -23.48
CA ASN H 226 -2.43 -9.98 -23.60
C ASN H 226 -3.18 -10.18 -24.90
N ASN H 227 -3.36 -11.40 -25.27
CA ASN H 227 -4.21 -11.81 -26.37
C ASN H 227 -5.63 -12.02 -25.85
N PRO H 228 -6.65 -11.50 -26.53
CA PRO H 228 -8.00 -11.63 -26.01
C PRO H 228 -8.45 -13.07 -25.94
N LEU H 229 -8.94 -13.45 -24.77
CA LEU H 229 -9.62 -14.71 -24.57
C LEU H 229 -11.08 -14.57 -24.88
N GLU H 230 -11.69 -15.65 -25.33
CA GLU H 230 -13.13 -15.70 -25.46
C GLU H 230 -13.64 -16.96 -24.79
N THR H 231 -14.68 -16.80 -24.00
CA THR H 231 -15.18 -17.89 -23.19
C THR H 231 -16.04 -18.86 -23.98
N GLU H 232 -15.87 -20.14 -23.68
CA GLU H 232 -16.66 -21.22 -24.23
C GLU H 232 -17.78 -21.49 -23.27
N TYR H 233 -18.96 -20.94 -23.53
CA TYR H 233 -20.04 -21.04 -22.58
C TYR H 233 -20.57 -22.47 -22.48
N GLY H 234 -20.64 -23.18 -23.60
CA GLY H 234 -21.09 -24.55 -23.56
C GLY H 234 -20.07 -25.52 -23.02
N LEU H 235 -18.82 -25.10 -22.91
CA LEU H 235 -17.79 -25.94 -22.31
C LEU H 235 -17.53 -25.59 -20.87
N SER H 236 -17.87 -24.38 -20.44
CA SER H 236 -17.81 -23.99 -19.05
C SER H 236 -18.89 -24.70 -18.26
N VAL H 237 -18.68 -24.79 -16.95
CA VAL H 237 -19.60 -25.47 -16.06
C VAL H 237 -20.18 -24.44 -15.11
N TYR H 238 -21.49 -24.40 -15.03
CA TYR H 238 -22.21 -23.50 -14.15
C TYR H 238 -23.11 -24.35 -13.28
N LYS H 239 -23.17 -24.03 -12.01
CA LYS H 239 -24.17 -24.61 -11.14
C LYS H 239 -25.13 -23.52 -10.72
N ASP H 240 -26.38 -23.88 -10.53
CA ASP H 240 -27.36 -22.86 -10.28
C ASP H 240 -27.52 -22.61 -8.79
N HIS H 241 -27.92 -21.39 -8.49
CA HIS H 241 -27.81 -20.84 -7.15
C HIS H 241 -29.09 -20.08 -6.85
N GLN H 242 -29.55 -20.17 -5.62
CA GLN H 242 -30.78 -19.48 -5.25
C GLN H 242 -30.74 -19.19 -3.77
N THR H 243 -31.27 -18.04 -3.39
CA THR H 243 -31.42 -17.67 -2.01
C THR H 243 -32.89 -17.54 -1.70
N ILE H 244 -33.33 -18.19 -0.63
CA ILE H 244 -34.68 -18.03 -0.14
C ILE H 244 -34.59 -17.47 1.27
N THR H 245 -35.71 -16.99 1.76
CA THR H 245 -35.84 -16.58 3.15
C THR H 245 -36.95 -17.39 3.77
N ILE H 246 -36.66 -17.99 4.91
CA ILE H 246 -37.58 -18.84 5.63
C ILE H 246 -38.02 -18.07 6.85
N GLN H 247 -39.31 -17.90 7.00
CA GLN H 247 -39.84 -17.20 8.15
C GLN H 247 -40.45 -18.20 9.12
N GLU H 248 -40.44 -17.85 10.39
CA GLU H 248 -41.18 -18.61 11.38
C GLU H 248 -42.66 -18.67 11.00
N MET H 249 -43.24 -19.86 11.12
CA MET H 249 -44.63 -20.02 10.68
C MET H 249 -45.55 -19.17 11.54
N PRO H 250 -46.52 -18.48 10.94
CA PRO H 250 -47.36 -17.56 11.72
C PRO H 250 -48.12 -18.22 12.85
N GLU H 251 -48.51 -19.47 12.69
CA GLU H 251 -49.22 -20.21 13.72
C GLU H 251 -48.29 -20.85 14.72
N LYS H 252 -46.98 -20.71 14.56
CA LYS H 252 -46.03 -21.19 15.54
C LYS H 252 -45.35 -20.08 16.31
N ALA H 253 -45.31 -18.88 15.75
CA ALA H 253 -44.63 -17.77 16.37
C ALA H 253 -45.41 -17.33 17.60
N PRO H 254 -44.74 -16.69 18.57
CA PRO H 254 -45.46 -16.07 19.67
C PRO H 254 -46.43 -15.03 19.14
N ALA H 255 -47.61 -15.01 19.69
CA ALA H 255 -48.64 -14.12 19.18
C ALA H 255 -48.32 -12.67 19.53
N GLY H 256 -48.35 -11.81 18.54
CA GLY H 256 -48.17 -10.40 18.72
C GLY H 256 -46.76 -9.90 18.47
N GLN H 257 -45.78 -10.78 18.38
CA GLN H 257 -44.42 -10.39 18.10
C GLN H 257 -44.18 -10.34 16.60
N LEU H 258 -43.16 -9.59 16.22
CA LEU H 258 -42.73 -9.58 14.83
C LEU H 258 -42.04 -10.90 14.49
N PRO H 259 -42.16 -11.35 13.24
CA PRO H 259 -41.56 -12.63 12.87
C PRO H 259 -40.06 -12.57 12.71
N ARG H 260 -39.44 -13.74 12.87
CA ARG H 260 -38.02 -13.93 12.67
C ARG H 260 -37.77 -14.78 11.44
N SER H 261 -36.74 -14.45 10.68
CA SER H 261 -36.42 -15.11 9.42
C SER H 261 -34.99 -15.61 9.43
N VAL H 262 -34.68 -16.47 8.47
CA VAL H 262 -33.31 -16.90 8.21
C VAL H 262 -33.12 -16.97 6.70
N ASP H 263 -31.98 -16.48 6.24
CA ASP H 263 -31.60 -16.62 4.84
C ASP H 263 -31.06 -18.01 4.59
N VAL H 264 -31.41 -18.58 3.45
CA VAL H 264 -31.05 -19.95 3.11
C VAL H 264 -30.45 -19.97 1.71
N ILE H 265 -29.33 -20.63 1.55
CA ILE H 265 -28.68 -20.79 0.26
C ILE H 265 -29.02 -22.15 -0.30
N LEU H 266 -29.44 -22.19 -1.56
CA LEU H 266 -29.73 -23.44 -2.26
C LEU H 266 -28.81 -23.55 -3.46
N ASP H 267 -28.13 -24.66 -3.57
CA ASP H 267 -27.23 -24.92 -4.68
C ASP H 267 -27.78 -26.06 -5.50
N ASP H 268 -27.07 -26.40 -6.57
CA ASP H 268 -27.64 -27.16 -7.67
C ASP H 268 -28.36 -28.41 -7.21
N ASP H 269 -29.55 -28.59 -7.76
CA ASP H 269 -30.58 -29.64 -7.60
C ASP H 269 -31.44 -29.36 -6.38
N LEU H 270 -31.12 -28.36 -5.59
CA LEU H 270 -31.95 -27.95 -4.48
C LEU H 270 -32.69 -26.65 -4.74
N VAL H 271 -32.59 -26.11 -5.95
CA VAL H 271 -32.94 -24.71 -6.15
C VAL H 271 -34.45 -24.50 -6.21
N ASP H 272 -35.13 -25.12 -7.15
CA ASP H 272 -36.55 -24.83 -7.30
C ASP H 272 -37.41 -25.60 -6.32
N LYS H 273 -36.86 -26.07 -5.22
CA LYS H 273 -37.59 -26.96 -4.33
C LYS H 273 -38.63 -26.26 -3.48
N ALA H 274 -38.60 -24.94 -3.40
CA ALA H 274 -39.55 -24.20 -2.58
C ALA H 274 -39.96 -22.94 -3.31
N LYS H 275 -41.18 -22.52 -3.06
CA LYS H 275 -41.75 -21.31 -3.63
C LYS H 275 -42.37 -20.51 -2.51
N PRO H 276 -42.51 -19.21 -2.66
CA PRO H 276 -43.01 -18.39 -1.57
C PRO H 276 -44.37 -18.87 -1.09
N GLY H 277 -44.52 -18.96 0.22
CA GLY H 277 -45.72 -19.47 0.81
C GLY H 277 -45.70 -20.93 1.16
N ASP H 278 -44.63 -21.65 0.83
CA ASP H 278 -44.53 -23.05 1.22
C ASP H 278 -44.05 -23.20 2.64
N ARG H 279 -44.64 -24.15 3.33
CA ARG H 279 -44.16 -24.59 4.63
C ARG H 279 -43.17 -25.72 4.37
N VAL H 280 -41.89 -25.43 4.54
CA VAL H 280 -40.84 -26.37 4.23
C VAL H 280 -40.06 -26.67 5.48
N GLN H 281 -39.27 -27.72 5.40
CA GLN H 281 -38.25 -28.06 6.38
C GLN H 281 -36.92 -28.04 5.66
N VAL H 282 -36.00 -27.22 6.15
CA VAL H 282 -34.69 -27.10 5.54
C VAL H 282 -33.66 -27.63 6.53
N VAL H 283 -32.83 -28.55 6.07
CA VAL H 283 -31.70 -29.05 6.83
C VAL H 283 -30.44 -28.54 6.16
N GLY H 284 -29.56 -27.96 6.95
CA GLY H 284 -28.34 -27.49 6.38
C GLY H 284 -27.36 -27.12 7.48
N THR H 285 -26.32 -26.43 7.08
CA THR H 285 -25.33 -25.91 8.00
C THR H 285 -25.60 -24.43 8.22
N TYR H 286 -25.47 -24.00 9.47
CA TYR H 286 -25.62 -22.60 9.84
C TYR H 286 -24.25 -21.95 9.90
N ARG H 287 -24.08 -20.87 9.14
CA ARG H 287 -22.76 -20.32 8.90
C ARG H 287 -22.78 -18.81 8.80
N CYS H 288 -21.62 -18.22 9.10
CA CYS H 288 -21.45 -16.78 9.06
C CYS H 288 -20.77 -16.39 7.77
N LEU H 289 -21.43 -15.54 7.00
CA LEU H 289 -20.94 -15.15 5.69
C LEU H 289 -19.79 -14.16 5.82
N PRO H 290 -18.81 -14.29 4.94
CA PRO H 290 -17.73 -13.30 4.89
C PRO H 290 -18.22 -11.94 4.44
N GLY H 291 -17.72 -10.91 5.10
CA GLY H 291 -17.92 -9.57 4.61
C GLY H 291 -16.97 -9.27 3.48
N LYS H 292 -17.10 -8.06 2.94
CA LYS H 292 -16.20 -7.63 1.88
C LYS H 292 -14.90 -7.09 2.48
N LYS H 293 -13.80 -7.34 1.79
CA LYS H 293 -12.49 -6.93 2.27
C LYS H 293 -12.48 -5.46 2.65
N GLY H 294 -12.32 -5.20 3.93
CA GLY H 294 -12.52 -3.87 4.44
C GLY H 294 -11.25 -3.22 4.90
N GLY H 295 -10.99 -3.32 6.18
CA GLY H 295 -9.95 -2.54 6.81
C GLY H 295 -10.49 -2.09 8.13
N TYR H 296 -11.80 -2.00 8.20
CA TYR H 296 -12.53 -1.84 9.46
C TYR H 296 -13.70 -2.80 9.44
N THR H 297 -13.90 -3.51 10.54
CA THR H 297 -15.06 -4.38 10.66
C THR H 297 -15.80 -4.03 11.93
N SER H 298 -17.12 -4.09 11.86
CA SER H 298 -17.97 -3.85 13.01
C SER H 298 -18.17 -5.09 13.86
N GLY H 299 -17.63 -6.23 13.44
CA GLY H 299 -17.76 -7.47 14.16
C GLY H 299 -19.02 -8.22 13.85
N THR H 300 -19.87 -7.70 13.00
CA THR H 300 -21.17 -8.28 12.70
C THR H 300 -21.05 -9.15 11.45
N PHE H 301 -21.62 -10.34 11.51
CA PHE H 301 -21.62 -11.24 10.38
C PHE H 301 -23.03 -11.57 9.97
N ARG H 302 -23.27 -11.57 8.68
CA ARG H 302 -24.51 -12.15 8.20
C ARG H 302 -24.41 -13.65 8.26
N THR H 303 -25.39 -14.27 8.88
CA THR H 303 -25.43 -15.71 8.95
C THR H 303 -26.40 -16.23 7.91
N VAL H 304 -26.26 -17.51 7.58
CA VAL H 304 -27.04 -18.08 6.51
C VAL H 304 -27.09 -19.58 6.73
N LEU H 305 -28.14 -20.20 6.25
CA LEU H 305 -28.27 -21.64 6.26
C LEU H 305 -27.94 -22.15 4.88
N ILE H 306 -26.98 -23.07 4.79
CA ILE H 306 -26.61 -23.67 3.52
C ILE H 306 -27.32 -25.01 3.46
N ALA H 307 -28.37 -25.08 2.66
CA ALA H 307 -29.23 -26.25 2.66
C ALA H 307 -28.49 -27.47 2.17
N CYS H 308 -28.75 -28.59 2.83
CA CYS H 308 -28.34 -29.88 2.32
C CYS H 308 -29.52 -30.76 2.00
N ASN H 309 -30.73 -30.29 2.26
CA ASN H 309 -31.96 -30.99 1.96
C ASN H 309 -33.11 -30.03 2.19
N VAL H 310 -34.11 -30.09 1.32
CA VAL H 310 -35.32 -29.32 1.48
C VAL H 310 -36.48 -30.29 1.30
N LYS H 311 -37.46 -30.23 2.19
CA LYS H 311 -38.62 -31.07 2.02
C LYS H 311 -39.89 -30.31 2.34
N GLN H 312 -40.96 -30.74 1.69
CA GLN H 312 -42.29 -30.18 1.81
C GLN H 312 -43.05 -30.88 2.92
N MET H 313 -44.26 -30.41 3.18
CA MET H 313 -45.19 -31.10 4.06
C MET H 313 -45.39 -32.53 3.58
N SER H 314 -45.16 -33.50 4.46
CA SER H 314 -45.19 -34.90 4.04
C SER H 314 -46.60 -35.38 3.74
N LYS H 315 -47.62 -34.59 4.04
CA LYS H 315 -48.97 -34.96 3.65
C LYS H 315 -49.13 -34.95 2.15
N ASP H 316 -48.41 -34.07 1.46
CA ASP H 316 -48.54 -33.88 0.02
C ASP H 316 -47.53 -34.69 -0.77
N ALA H 317 -46.77 -35.55 -0.12
CA ALA H 317 -45.72 -36.31 -0.80
C ALA H 317 -46.24 -37.67 -1.22
N GLN H 318 -45.56 -38.24 -2.20
CA GLN H 318 -45.89 -39.58 -2.68
C GLN H 318 -45.70 -40.58 -1.56
N PRO H 319 -46.72 -41.36 -1.20
CA PRO H 319 -46.56 -42.33 -0.13
C PRO H 319 -45.60 -43.44 -0.51
N SER H 320 -44.97 -44.01 0.51
CA SER H 320 -44.13 -45.19 0.32
C SER H 320 -45.01 -46.44 0.34
N PHE H 321 -44.77 -47.34 -0.60
CA PHE H 321 -45.64 -48.50 -0.80
C PHE H 321 -44.84 -49.79 -0.75
N SER H 322 -44.81 -50.41 0.43
CA SER H 322 -44.24 -51.74 0.55
C SER H 322 -45.09 -52.73 -0.23
N ALA H 323 -44.44 -53.78 -0.74
CA ALA H 323 -45.15 -54.75 -1.57
C ALA H 323 -46.31 -55.38 -0.83
N GLU H 324 -46.19 -55.52 0.49
CA GLU H 324 -47.32 -56.02 1.26
C GLU H 324 -48.49 -55.05 1.21
N ASP H 325 -48.21 -53.74 1.17
CA ASP H 325 -49.30 -52.78 1.09
C ASP H 325 -50.04 -52.89 -0.23
N ILE H 326 -49.33 -53.06 -1.33
CA ILE H 326 -49.98 -53.24 -2.62
C ILE H 326 -50.74 -54.55 -2.65
N ALA H 327 -50.19 -55.60 -2.04
CA ALA H 327 -50.92 -56.86 -1.94
C ALA H 327 -52.19 -56.69 -1.13
N LYS H 328 -52.13 -55.95 -0.03
CA LYS H 328 -53.30 -55.72 0.81
C LYS H 328 -54.35 -54.92 0.05
N ILE H 329 -53.92 -53.93 -0.72
CA ILE H 329 -54.85 -53.12 -1.50
C ILE H 329 -55.55 -53.98 -2.54
N LYS H 330 -54.79 -54.82 -3.24
CA LYS H 330 -55.39 -55.71 -4.22
C LYS H 330 -56.35 -56.68 -3.57
N LYS H 331 -55.97 -57.21 -2.40
CA LYS H 331 -56.88 -58.09 -1.67
C LYS H 331 -58.16 -57.38 -1.31
N PHE H 332 -58.06 -56.18 -0.76
CA PHE H 332 -59.24 -55.42 -0.36
C PHE H 332 -60.18 -55.26 -1.54
N SER H 333 -59.64 -54.73 -2.63
CA SER H 333 -60.47 -54.39 -3.79
C SER H 333 -61.10 -55.64 -4.39
N LYS H 334 -60.35 -56.73 -4.50
CA LYS H 334 -60.88 -57.92 -5.13
C LYS H 334 -61.85 -58.66 -4.24
N THR H 335 -61.51 -58.84 -2.96
CA THR H 335 -62.38 -59.60 -2.07
C THR H 335 -63.71 -58.90 -1.88
N ARG H 336 -63.69 -57.61 -1.53
CA ARG H 336 -64.99 -56.96 -1.33
C ARG H 336 -65.15 -55.93 -2.43
N SER H 337 -66.07 -56.20 -3.36
CA SER H 337 -66.21 -55.35 -4.52
C SER H 337 -67.57 -54.67 -4.57
N LYS H 338 -68.64 -55.36 -4.19
CA LYS H 338 -69.97 -54.76 -4.26
C LYS H 338 -70.12 -53.65 -3.22
N ASP H 339 -69.72 -53.92 -1.98
CA ASP H 339 -69.94 -53.01 -0.87
C ASP H 339 -68.66 -52.37 -0.37
N ILE H 340 -67.62 -52.37 -1.19
CA ILE H 340 -66.37 -51.72 -0.80
C ILE H 340 -66.58 -50.22 -0.69
N PHE H 341 -67.40 -49.65 -1.57
CA PHE H 341 -67.64 -48.22 -1.52
C PHE H 341 -68.29 -47.83 -0.21
N ASP H 342 -69.31 -48.57 0.23
CA ASP H 342 -69.98 -48.26 1.48
C ASP H 342 -69.07 -48.52 2.67
N GLN H 343 -68.24 -49.55 2.59
CA GLN H 343 -67.29 -49.81 3.67
C GLN H 343 -66.34 -48.64 3.82
N LEU H 344 -65.85 -48.09 2.72
CA LEU H 344 -64.99 -46.92 2.80
C LEU H 344 -65.76 -45.69 3.27
N ALA H 345 -66.98 -45.51 2.77
CA ALA H 345 -67.73 -44.31 3.08
C ALA H 345 -68.13 -44.25 4.54
N LYS H 346 -68.70 -45.31 5.09
CA LYS H 346 -69.12 -45.22 6.48
C LYS H 346 -67.94 -45.14 7.41
N SER H 347 -66.75 -45.45 6.91
CA SER H 347 -65.53 -45.37 7.70
C SER H 347 -64.82 -44.05 7.55
N LEU H 348 -65.51 -43.02 7.06
CA LEU H 348 -64.81 -41.81 6.65
C LEU H 348 -64.49 -40.93 7.85
N ALA H 349 -65.51 -40.37 8.48
CA ALA H 349 -65.31 -39.58 9.69
C ALA H 349 -65.99 -40.34 10.82
N PRO H 350 -65.30 -41.28 11.44
CA PRO H 350 -65.97 -42.17 12.39
C PRO H 350 -66.60 -41.46 13.55
N SER H 351 -66.03 -40.34 13.98
CA SER H 351 -66.57 -39.59 15.10
C SER H 351 -67.86 -38.88 14.76
N ILE H 352 -68.24 -38.80 13.50
CA ILE H 352 -69.48 -38.16 13.11
C ILE H 352 -70.50 -39.24 12.86
N HIS H 353 -71.61 -39.19 13.56
CA HIS H 353 -72.64 -40.21 13.43
C HIS H 353 -73.65 -39.78 12.38
N GLY H 354 -73.95 -40.68 11.46
CA GLY H 354 -74.94 -40.38 10.45
C GLY H 354 -74.34 -39.68 9.26
N HIS H 355 -75.22 -39.06 8.47
CA HIS H 355 -74.83 -38.39 7.23
C HIS H 355 -74.10 -39.36 6.31
N ASP H 356 -74.77 -40.48 6.03
CA ASP H 356 -74.14 -41.52 5.24
C ASP H 356 -74.07 -41.14 3.77
N TYR H 357 -75.09 -40.46 3.26
CA TYR H 357 -75.03 -39.97 1.89
C TYR H 357 -74.00 -38.87 1.75
N VAL H 358 -73.93 -37.98 2.72
CA VAL H 358 -72.89 -36.96 2.71
C VAL H 358 -71.52 -37.60 2.70
N LYS H 359 -71.36 -38.68 3.45
CA LYS H 359 -70.06 -39.33 3.50
C LYS H 359 -69.74 -40.05 2.20
N LYS H 360 -70.75 -40.62 1.55
CA LYS H 360 -70.52 -41.19 0.23
C LYS H 360 -70.08 -40.13 -0.75
N ALA H 361 -70.74 -38.99 -0.73
CA ALA H 361 -70.36 -37.89 -1.61
C ALA H 361 -68.96 -37.39 -1.31
N ILE H 362 -68.61 -37.30 -0.05
CA ILE H 362 -67.27 -36.81 0.31
C ILE H 362 -66.22 -37.82 -0.11
N LEU H 363 -66.52 -39.11 -0.05
CA LEU H 363 -65.61 -40.10 -0.62
C LEU H 363 -65.45 -39.89 -2.11
N CYS H 364 -66.56 -39.62 -2.81
CA CYS H 364 -66.47 -39.34 -4.24
C CYS H 364 -65.61 -38.11 -4.51
N LEU H 365 -65.74 -37.08 -3.68
CA LEU H 365 -64.87 -35.91 -3.79
C LEU H 365 -63.41 -36.29 -3.58
N LEU H 366 -63.14 -37.12 -2.59
CA LEU H 366 -61.77 -37.55 -2.35
C LEU H 366 -61.23 -38.40 -3.48
N LEU H 367 -62.09 -39.04 -4.25
CA LEU H 367 -61.67 -39.89 -5.36
C LEU H 367 -61.72 -39.18 -6.70
N GLY H 368 -62.74 -38.38 -6.96
CA GLY H 368 -62.77 -37.55 -8.13
C GLY H 368 -63.16 -38.31 -9.38
N GLY H 369 -63.69 -37.57 -10.34
CA GLY H 369 -63.91 -38.10 -11.66
C GLY H 369 -62.62 -38.10 -12.46
N VAL H 370 -62.75 -38.18 -13.78
CA VAL H 370 -61.60 -38.18 -14.66
C VAL H 370 -61.71 -36.99 -15.59
N GLU H 371 -60.67 -36.16 -15.60
CA GLU H 371 -60.65 -35.00 -16.47
C GLU H 371 -60.57 -35.41 -17.92
N ARG H 372 -61.38 -34.77 -18.76
CA ARG H 372 -61.34 -34.98 -20.19
C ARG H 372 -60.48 -33.90 -20.82
N ASP H 373 -59.55 -34.32 -21.68
CA ASP H 373 -58.62 -33.42 -22.36
C ASP H 373 -58.78 -33.66 -23.85
N LEU H 374 -59.68 -32.93 -24.47
CA LEU H 374 -59.99 -33.20 -25.86
C LEU H 374 -58.84 -32.79 -26.75
N GLU H 375 -58.83 -33.31 -27.98
CA GLU H 375 -57.70 -33.05 -28.87
C GLU H 375 -57.61 -31.57 -29.23
N ASN H 376 -58.74 -30.91 -29.42
CA ASN H 376 -58.74 -29.50 -29.73
C ASN H 376 -58.49 -28.61 -28.52
N GLY H 377 -58.05 -29.17 -27.40
CA GLY H 377 -57.74 -28.41 -26.22
C GLY H 377 -58.90 -28.16 -25.29
N SER H 378 -60.10 -28.57 -25.66
CA SER H 378 -61.25 -28.40 -24.79
C SER H 378 -61.09 -29.23 -23.53
N HIS H 379 -61.70 -28.75 -22.45
CA HIS H 379 -61.52 -29.35 -21.15
C HIS H 379 -62.86 -29.60 -20.47
N ILE H 380 -62.98 -30.76 -19.82
CA ILE H 380 -64.11 -31.10 -18.97
C ILE H 380 -63.55 -31.53 -17.63
N ARG H 381 -64.06 -30.94 -16.55
CA ARG H 381 -63.49 -31.22 -15.24
C ARG H 381 -63.93 -32.56 -14.68
N GLY H 382 -63.02 -33.19 -13.94
CA GLY H 382 -63.33 -34.36 -13.17
C GLY H 382 -63.45 -34.11 -11.70
N ASP H 383 -63.42 -32.87 -11.25
CA ASP H 383 -63.50 -32.54 -9.84
C ASP H 383 -64.96 -32.44 -9.41
N ILE H 384 -65.26 -32.96 -8.23
CA ILE H 384 -66.58 -32.88 -7.63
C ILE H 384 -66.61 -31.76 -6.61
N ASN H 385 -67.58 -30.85 -6.74
CA ASN H 385 -67.80 -29.78 -5.78
C ASN H 385 -69.03 -30.09 -4.95
N ILE H 386 -68.91 -30.00 -3.63
CA ILE H 386 -69.99 -30.37 -2.71
C ILE H 386 -70.28 -29.19 -1.81
N LEU H 387 -71.56 -28.92 -1.59
CA LEU H 387 -72.02 -27.88 -0.68
C LEU H 387 -72.88 -28.51 0.39
N LEU H 388 -72.61 -28.18 1.64
CA LEU H 388 -73.44 -28.60 2.75
C LEU H 388 -74.14 -27.37 3.32
N ILE H 389 -75.46 -27.35 3.28
CA ILE H 389 -76.26 -26.32 3.94
C ILE H 389 -76.97 -27.00 5.09
N GLY H 390 -76.96 -26.37 6.25
CA GLY H 390 -77.65 -27.07 7.30
C GLY H 390 -77.92 -26.19 8.49
N ASP H 391 -78.65 -26.77 9.43
CA ASP H 391 -78.92 -26.15 10.69
C ASP H 391 -77.63 -26.02 11.48
N PRO H 392 -77.61 -25.16 12.49
CA PRO H 392 -76.42 -25.08 13.34
C PRO H 392 -76.14 -26.38 14.05
N SER H 393 -74.86 -26.68 14.20
CA SER H 393 -74.38 -27.82 14.98
C SER H 393 -74.96 -29.14 14.47
N VAL H 394 -74.63 -29.45 13.21
CA VAL H 394 -74.99 -30.74 12.63
C VAL H 394 -73.73 -31.36 12.04
N ALA H 395 -72.58 -30.91 12.54
CA ALA H 395 -71.27 -31.51 12.26
C ALA H 395 -70.85 -31.33 10.82
N LYS H 396 -71.06 -30.14 10.26
CA LYS H 396 -70.60 -29.92 8.91
C LYS H 396 -69.24 -29.25 8.87
N SER H 397 -68.96 -28.41 9.86
CA SER H 397 -67.61 -27.92 10.09
C SER H 397 -66.68 -29.07 10.42
N GLN H 398 -67.23 -30.13 11.02
CA GLN H 398 -66.44 -31.32 11.34
C GLN H 398 -66.10 -32.12 10.10
N LEU H 399 -67.02 -32.24 9.16
CA LEU H 399 -66.70 -32.92 7.91
C LEU H 399 -65.66 -32.15 7.10
N LEU H 400 -65.81 -30.82 7.03
CA LEU H 400 -64.79 -30.00 6.40
C LEU H 400 -63.43 -30.24 7.05
N ARG H 401 -63.37 -30.29 8.37
CA ARG H 401 -62.11 -30.49 9.07
C ARG H 401 -61.55 -31.87 8.84
N TYR H 402 -62.41 -32.87 8.74
CA TYR H 402 -61.94 -34.22 8.48
C TYR H 402 -61.25 -34.28 7.14
N VAL H 403 -61.88 -33.69 6.13
CA VAL H 403 -61.26 -33.68 4.81
C VAL H 403 -59.99 -32.88 4.82
N LEU H 404 -59.92 -31.81 5.60
CA LEU H 404 -58.67 -31.09 5.78
C LEU H 404 -57.58 -31.98 6.35
N CYS H 405 -57.92 -32.80 7.34
CA CYS H 405 -56.91 -33.68 7.95
C CYS H 405 -56.47 -34.76 7.00
N THR H 406 -57.40 -35.33 6.25
CA THR H 406 -57.18 -36.53 5.44
C THR H 406 -56.65 -36.22 4.05
N ALA H 407 -57.32 -35.35 3.31
CA ALA H 407 -56.99 -35.15 1.92
C ALA H 407 -55.61 -34.53 1.77
N PRO H 408 -54.84 -34.94 0.79
CA PRO H 408 -53.63 -34.19 0.43
C PRO H 408 -53.97 -32.91 -0.31
N ARG H 409 -53.25 -31.84 0.03
CA ARG H 409 -53.42 -30.53 -0.59
C ARG H 409 -54.82 -29.98 -0.34
N ALA H 410 -55.23 -29.98 0.92
CA ALA H 410 -56.50 -29.38 1.34
C ALA H 410 -56.21 -28.03 1.98
N ILE H 411 -56.93 -27.00 1.56
CA ILE H 411 -56.70 -25.64 2.03
C ILE H 411 -57.93 -25.18 2.80
N PRO H 412 -57.79 -24.68 4.02
CA PRO H 412 -58.94 -24.15 4.75
C PRO H 412 -59.26 -22.74 4.32
N THR H 413 -60.52 -22.35 4.56
CA THR H 413 -60.89 -20.94 4.49
C THR H 413 -62.27 -20.77 5.10
N THR H 414 -62.51 -19.57 5.61
CA THR H 414 -63.77 -19.19 6.22
C THR H 414 -64.38 -18.09 5.36
N GLY H 415 -65.59 -17.65 5.69
CA GLY H 415 -66.33 -16.80 4.80
C GLY H 415 -65.61 -15.51 4.47
N ARG H 416 -65.06 -14.85 5.46
CA ARG H 416 -64.40 -13.57 5.23
C ARG H 416 -62.92 -13.59 5.57
N GLY H 417 -62.33 -14.76 5.79
CA GLY H 417 -60.90 -14.85 5.94
C GLY H 417 -60.14 -14.71 4.64
N SER H 418 -60.81 -15.01 3.53
CA SER H 418 -60.25 -14.84 2.19
C SER H 418 -61.12 -13.88 1.42
N SER H 419 -60.50 -12.95 0.70
CA SER H 419 -61.25 -11.93 -0.02
C SER H 419 -60.69 -11.81 -1.42
N GLY H 420 -61.26 -12.58 -2.36
CA GLY H 420 -60.87 -12.43 -3.74
C GLY H 420 -59.42 -12.77 -4.00
N VAL H 421 -58.60 -11.73 -4.13
CA VAL H 421 -57.17 -11.87 -4.28
C VAL H 421 -56.55 -12.89 -3.33
N GLY H 422 -57.07 -13.02 -2.11
CA GLY H 422 -56.52 -14.03 -1.25
C GLY H 422 -57.01 -15.42 -1.52
N LEU H 423 -58.06 -15.54 -2.33
CA LEU H 423 -58.71 -16.80 -2.62
C LEU H 423 -58.23 -17.40 -3.94
N THR H 424 -58.32 -16.64 -5.02
CA THR H 424 -57.68 -16.92 -6.29
C THR H 424 -56.32 -16.24 -6.29
N ALA H 425 -55.70 -16.08 -7.45
CA ALA H 425 -54.38 -15.50 -7.51
C ALA H 425 -54.41 -13.98 -7.28
N ALA H 426 -53.26 -13.35 -7.43
CA ALA H 426 -53.08 -11.90 -7.34
C ALA H 426 -51.96 -11.48 -8.27
N VAL H 427 -51.94 -10.19 -8.60
CA VAL H 427 -50.87 -9.60 -9.38
C VAL H 427 -50.33 -8.41 -8.61
N THR H 428 -49.08 -8.51 -8.18
CA THR H 428 -48.38 -7.43 -7.52
C THR H 428 -47.16 -7.05 -8.35
N THR H 429 -46.50 -5.96 -7.94
CA THR H 429 -45.32 -5.47 -8.62
C THR H 429 -44.11 -5.73 -7.74
N ASP H 430 -43.00 -6.15 -8.35
CA ASP H 430 -41.88 -6.65 -7.58
C ASP H 430 -41.25 -5.59 -6.70
N GLN H 431 -41.39 -4.32 -7.08
CA GLN H 431 -41.05 -3.18 -6.23
C GLN H 431 -39.54 -3.05 -6.08
N GLU H 432 -38.79 -4.04 -6.55
CA GLU H 432 -37.35 -3.94 -6.64
C GLU H 432 -36.83 -4.16 -8.04
N THR H 433 -37.62 -4.81 -8.90
CA THR H 433 -37.33 -4.89 -10.32
C THR H 433 -38.35 -4.14 -11.16
N GLY H 434 -39.44 -3.67 -10.56
CA GLY H 434 -40.47 -2.95 -11.27
C GLY H 434 -41.42 -3.81 -12.05
N GLU H 435 -41.33 -5.13 -11.93
CA GLU H 435 -42.08 -6.03 -12.78
C GLU H 435 -43.28 -6.61 -12.05
N ARG H 436 -44.26 -7.02 -12.84
CA ARG H 436 -45.43 -7.68 -12.30
C ARG H 436 -45.04 -9.06 -11.79
N ARG H 437 -45.63 -9.45 -10.67
CA ARG H 437 -45.38 -10.75 -10.07
C ARG H 437 -46.72 -11.39 -9.73
N LEU H 438 -46.87 -12.65 -10.08
CA LEU H 438 -48.08 -13.38 -9.75
C LEU H 438 -47.94 -14.02 -8.38
N GLU H 439 -49.04 -14.01 -7.65
CA GLU H 439 -49.08 -14.55 -6.30
C GLU H 439 -50.23 -15.53 -6.24
N ALA H 440 -49.95 -16.75 -5.80
CA ALA H 440 -50.99 -17.77 -5.77
C ALA H 440 -51.84 -17.61 -4.53
N GLY H 441 -53.14 -17.59 -4.71
CA GLY H 441 -54.07 -17.58 -3.60
C GLY H 441 -54.47 -18.98 -3.19
N ALA H 442 -55.53 -19.06 -2.41
CA ALA H 442 -55.91 -20.32 -1.81
C ALA H 442 -56.24 -21.36 -2.86
N MET H 443 -56.97 -20.99 -3.90
CA MET H 443 -57.43 -22.00 -4.83
C MET H 443 -56.39 -22.37 -5.87
N VAL H 444 -55.32 -21.60 -6.00
CA VAL H 444 -54.21 -22.07 -6.80
C VAL H 444 -53.34 -23.02 -6.00
N LEU H 445 -53.10 -22.70 -4.72
CA LEU H 445 -52.35 -23.60 -3.87
C LEU H 445 -53.06 -24.92 -3.67
N ALA H 446 -54.37 -24.95 -3.82
CA ALA H 446 -55.15 -26.17 -3.75
C ALA H 446 -55.27 -26.86 -5.08
N ASP H 447 -54.34 -26.65 -5.99
CA ASP H 447 -54.38 -27.36 -7.26
C ASP H 447 -54.17 -28.84 -7.05
N ARG H 448 -55.02 -29.65 -7.67
CA ARG H 448 -55.08 -31.09 -7.42
C ARG H 448 -55.37 -31.37 -5.95
N GLY H 449 -56.15 -30.50 -5.33
CA GLY H 449 -56.48 -30.63 -3.93
C GLY H 449 -57.89 -30.17 -3.67
N VAL H 450 -58.16 -29.79 -2.43
CA VAL H 450 -59.49 -29.41 -1.99
C VAL H 450 -59.39 -28.06 -1.31
N VAL H 451 -60.32 -27.17 -1.60
CA VAL H 451 -60.55 -25.99 -0.79
C VAL H 451 -61.75 -26.28 0.08
N CYS H 452 -61.56 -26.23 1.39
CA CYS H 452 -62.63 -26.47 2.33
C CYS H 452 -63.11 -25.12 2.84
N ILE H 453 -64.13 -24.56 2.19
CA ILE H 453 -64.63 -23.23 2.50
C ILE H 453 -65.73 -23.36 3.55
N ASP H 454 -65.54 -22.73 4.68
CA ASP H 454 -66.50 -22.86 5.75
C ASP H 454 -67.20 -21.53 5.94
N GLU H 455 -68.45 -21.57 6.40
CA GLU H 455 -69.29 -20.38 6.42
C GLU H 455 -69.38 -19.76 5.04
N PHE H 456 -69.56 -20.60 4.03
CA PHE H 456 -69.60 -20.15 2.65
C PHE H 456 -70.65 -19.08 2.42
N ASP H 457 -71.72 -19.09 3.21
CA ASP H 457 -72.78 -18.10 3.02
C ASP H 457 -72.35 -16.71 3.44
N LYS H 458 -71.52 -16.61 4.48
CA LYS H 458 -71.08 -15.31 4.97
C LYS H 458 -69.96 -14.74 4.12
N MET H 459 -69.43 -15.51 3.20
CA MET H 459 -68.55 -15.02 2.17
C MET H 459 -69.27 -13.97 1.35
N SER H 460 -68.57 -12.92 0.97
CA SER H 460 -69.19 -11.84 0.21
C SER H 460 -69.55 -12.33 -1.18
N ASP H 461 -70.43 -11.56 -1.84
CA ASP H 461 -70.90 -11.96 -3.16
C ASP H 461 -69.80 -11.89 -4.21
N MET H 462 -68.90 -10.90 -4.10
CA MET H 462 -67.83 -10.80 -5.08
C MET H 462 -66.88 -11.97 -4.99
N ASP H 463 -66.66 -12.51 -3.79
CA ASP H 463 -65.79 -13.68 -3.66
C ASP H 463 -66.38 -14.90 -4.35
N ARG H 464 -67.69 -15.11 -4.20
CA ARG H 464 -68.32 -16.24 -4.85
C ARG H 464 -68.33 -16.05 -6.37
N THR H 465 -68.56 -14.83 -6.81
CA THR H 465 -68.41 -14.55 -8.24
C THR H 465 -67.00 -14.89 -8.69
N ALA H 466 -66.00 -14.57 -7.89
CA ALA H 466 -64.62 -14.86 -8.25
C ALA H 466 -64.40 -16.36 -8.40
N ILE H 467 -64.98 -17.15 -7.50
CA ILE H 467 -64.74 -18.60 -7.57
C ILE H 467 -65.62 -19.31 -8.57
N HIS H 468 -66.58 -18.63 -9.20
CA HIS H 468 -67.30 -19.28 -10.30
C HIS H 468 -66.36 -19.90 -11.32
N GLU H 469 -65.37 -19.15 -11.78
CA GLU H 469 -64.57 -19.63 -12.89
C GLU H 469 -63.66 -20.78 -12.50
N VAL H 470 -63.19 -20.80 -11.26
CA VAL H 470 -62.40 -21.91 -10.76
C VAL H 470 -63.27 -23.15 -10.58
N MET H 471 -64.48 -22.97 -10.06
CA MET H 471 -65.32 -24.12 -9.74
C MET H 471 -65.78 -24.89 -10.95
N GLU H 472 -65.62 -24.35 -12.15
CA GLU H 472 -65.97 -25.08 -13.35
C GLU H 472 -64.78 -25.31 -14.28
N GLN H 473 -63.96 -24.31 -14.52
CA GLN H 473 -62.89 -24.50 -15.49
C GLN H 473 -61.60 -24.93 -14.86
N GLY H 474 -61.49 -24.89 -13.54
CA GLY H 474 -60.27 -25.29 -12.89
C GLY H 474 -59.09 -24.42 -13.26
N ARG H 475 -59.31 -23.12 -13.41
CA ARG H 475 -58.22 -22.21 -13.72
C ARG H 475 -58.61 -20.82 -13.26
N VAL H 476 -57.61 -19.99 -13.03
CA VAL H 476 -57.80 -18.61 -12.62
C VAL H 476 -57.18 -17.72 -13.68
N THR H 477 -58.01 -16.92 -14.33
CA THR H 477 -57.56 -15.98 -15.32
C THR H 477 -57.33 -14.64 -14.65
N ILE H 478 -56.11 -14.14 -14.74
CA ILE H 478 -55.69 -12.99 -13.96
C ILE H 478 -54.86 -12.10 -14.88
N ALA H 479 -55.01 -10.79 -14.74
CA ALA H 479 -54.23 -9.88 -15.56
C ALA H 479 -54.25 -8.46 -15.03
N LYS H 480 -53.07 -7.89 -14.81
CA LYS H 480 -52.89 -6.45 -14.87
C LYS H 480 -52.23 -6.17 -16.21
N ALA H 481 -51.85 -4.93 -16.47
CA ALA H 481 -51.49 -4.58 -17.84
C ALA H 481 -50.14 -5.18 -18.23
N GLY H 482 -49.19 -5.23 -17.31
CA GLY H 482 -47.90 -5.78 -17.68
C GLY H 482 -47.83 -7.29 -17.76
N ILE H 483 -48.79 -8.01 -17.17
CA ILE H 483 -48.74 -9.46 -17.13
C ILE H 483 -50.14 -10.02 -17.21
N HIS H 484 -50.29 -11.15 -17.90
CA HIS H 484 -51.53 -11.88 -17.94
C HIS H 484 -51.20 -13.35 -17.80
N ALA H 485 -52.04 -14.08 -17.08
CA ALA H 485 -51.78 -15.49 -16.87
C ALA H 485 -53.09 -16.23 -16.70
N ARG H 486 -53.02 -17.53 -16.90
CA ARG H 486 -54.16 -18.42 -16.74
C ARG H 486 -53.67 -19.53 -15.84
N LEU H 487 -53.76 -19.33 -14.53
CA LEU H 487 -53.22 -20.26 -13.57
C LEU H 487 -54.09 -21.50 -13.43
N ASN H 488 -53.47 -22.65 -13.23
CA ASN H 488 -54.21 -23.88 -13.00
C ASN H 488 -54.67 -23.93 -11.57
N ALA H 489 -55.97 -24.04 -11.37
CA ALA H 489 -56.53 -24.29 -10.05
C ALA H 489 -57.50 -25.44 -10.21
N ARG H 490 -56.97 -26.66 -10.30
CA ARG H 490 -57.78 -27.85 -10.46
C ARG H 490 -58.09 -28.36 -9.08
N CYS H 491 -59.14 -27.81 -8.50
CA CYS H 491 -59.49 -28.14 -7.13
C CYS H 491 -60.95 -28.52 -7.08
N SER H 492 -61.30 -29.25 -6.04
CA SER H 492 -62.67 -29.51 -5.69
C SER H 492 -63.02 -28.69 -4.47
N VAL H 493 -64.20 -28.10 -4.47
CA VAL H 493 -64.63 -27.22 -3.40
C VAL H 493 -65.59 -27.99 -2.52
N LEU H 494 -65.28 -28.07 -1.24
CA LEU H 494 -66.20 -28.57 -0.22
C LEU H 494 -66.58 -27.37 0.63
N ALA H 495 -67.83 -26.95 0.56
CA ALA H 495 -68.28 -25.76 1.26
C ALA H 495 -69.33 -26.11 2.30
N ALA H 496 -69.34 -25.35 3.37
CA ALA H 496 -70.41 -25.42 4.36
C ALA H 496 -71.06 -24.07 4.44
N ALA H 497 -72.39 -24.05 4.44
CA ALA H 497 -73.13 -22.82 4.54
C ALA H 497 -74.26 -23.01 5.53
N ASN H 498 -74.82 -21.93 5.95
CA ASN H 498 -76.04 -21.96 6.71
C ASN H 498 -77.15 -21.37 5.87
N PRO H 499 -78.38 -21.83 6.04
CA PRO H 499 -79.48 -21.24 5.28
C PRO H 499 -79.77 -19.84 5.76
N VAL H 500 -80.49 -19.09 4.93
CA VAL H 500 -81.02 -17.82 5.38
C VAL H 500 -81.86 -18.07 6.64
N TYR H 501 -81.86 -17.10 7.54
CA TYR H 501 -82.49 -17.16 8.85
C TYR H 501 -81.72 -18.04 9.82
N GLY H 502 -80.56 -18.52 9.44
CA GLY H 502 -79.73 -19.30 10.36
C GLY H 502 -80.12 -20.74 10.45
N ARG H 503 -81.40 -21.01 10.63
CA ARG H 503 -81.94 -22.36 10.69
C ARG H 503 -82.73 -22.64 9.44
N TYR H 504 -82.75 -23.90 9.04
CA TYR H 504 -83.56 -24.29 7.89
C TYR H 504 -85.03 -24.26 8.26
N ASP H 505 -85.85 -23.70 7.38
CA ASP H 505 -87.29 -23.65 7.58
C ASP H 505 -87.93 -24.77 6.78
N GLN H 506 -88.45 -25.77 7.48
CA GLN H 506 -89.05 -26.92 6.82
C GLN H 506 -90.20 -26.53 5.92
N TYR H 507 -90.81 -25.38 6.19
CA TYR H 507 -92.03 -24.98 5.51
C TYR H 507 -91.79 -24.01 4.38
N LYS H 508 -90.54 -23.83 3.96
CA LYS H 508 -90.21 -22.95 2.86
C LYS H 508 -89.42 -23.71 1.81
N THR H 509 -89.52 -23.25 0.57
CA THR H 509 -88.85 -23.89 -0.54
C THR H 509 -87.34 -23.81 -0.35
N PRO H 510 -86.60 -24.86 -0.70
CA PRO H 510 -85.14 -24.79 -0.54
C PRO H 510 -84.50 -23.66 -1.32
N MET H 511 -85.13 -23.20 -2.40
CA MET H 511 -84.65 -22.00 -3.07
C MET H 511 -84.76 -20.79 -2.17
N GLU H 512 -85.90 -20.65 -1.49
CA GLU H 512 -86.13 -19.51 -0.62
C GLU H 512 -85.31 -19.59 0.65
N ASN H 513 -84.65 -20.71 0.87
CA ASN H 513 -84.01 -21.03 2.13
C ASN H 513 -82.50 -21.12 2.00
N ILE H 514 -82.02 -21.56 0.84
CA ILE H 514 -80.64 -21.36 0.41
C ILE H 514 -80.58 -20.03 -0.32
N GLY H 515 -79.77 -19.11 0.17
CA GLY H 515 -79.77 -17.79 -0.44
C GLY H 515 -78.78 -17.63 -1.56
N LEU H 516 -78.75 -18.57 -2.50
CA LEU H 516 -77.78 -18.57 -3.57
C LEU H 516 -78.50 -18.71 -4.90
N GLN H 517 -77.90 -18.19 -5.95
CA GLN H 517 -78.58 -18.20 -7.23
C GLN H 517 -78.20 -19.42 -8.05
N ASP H 518 -79.02 -19.70 -9.06
CA ASP H 518 -78.91 -20.96 -9.80
C ASP H 518 -77.56 -21.10 -10.48
N SER H 519 -76.94 -20.00 -10.86
CA SER H 519 -75.61 -20.08 -11.46
C SER H 519 -74.57 -20.57 -10.47
N LEU H 520 -74.63 -20.11 -9.21
CA LEU H 520 -73.70 -20.60 -8.21
C LEU H 520 -74.05 -22.01 -7.78
N LEU H 521 -75.33 -22.30 -7.59
CA LEU H 521 -75.73 -23.63 -7.16
C LEU H 521 -75.40 -24.68 -8.19
N SER H 522 -75.57 -24.36 -9.47
CA SER H 522 -75.52 -25.37 -10.51
C SER H 522 -74.14 -25.96 -10.67
N ARG H 523 -73.11 -25.23 -10.26
CA ARG H 523 -71.76 -25.70 -10.36
C ARG H 523 -71.28 -26.38 -9.08
N PHE H 524 -72.12 -26.38 -8.05
CA PHE H 524 -72.00 -27.29 -6.92
C PHE H 524 -72.73 -28.56 -7.31
N ASP H 525 -71.99 -29.59 -7.67
CA ASP H 525 -72.63 -30.73 -8.28
C ASP H 525 -73.33 -31.65 -7.30
N LEU H 526 -73.10 -31.48 -6.00
CA LEU H 526 -73.93 -32.12 -4.99
C LEU H 526 -74.21 -31.13 -3.88
N LEU H 527 -75.47 -31.02 -3.49
CA LEU H 527 -75.91 -30.07 -2.47
C LEU H 527 -76.68 -30.83 -1.41
N PHE H 528 -76.19 -30.81 -0.18
CA PHE H 528 -76.80 -31.58 0.88
C PHE H 528 -77.38 -30.66 1.94
N ILE H 529 -78.67 -30.79 2.18
CA ILE H 529 -79.35 -30.07 3.26
C ILE H 529 -79.23 -30.97 4.49
N MET H 530 -78.32 -30.61 5.38
CA MET H 530 -78.06 -31.34 6.60
C MET H 530 -78.94 -30.75 7.68
N LEU H 531 -80.00 -31.44 8.06
CA LEU H 531 -81.10 -30.83 8.76
C LEU H 531 -81.14 -31.36 10.19
N ASP H 532 -81.40 -30.48 11.14
CA ASP H 532 -81.49 -30.88 12.54
C ASP H 532 -82.94 -31.23 12.85
N GLN H 533 -83.30 -32.48 12.65
CA GLN H 533 -84.60 -32.97 13.07
C GLN H 533 -84.48 -33.46 14.50
N MET H 534 -85.42 -33.04 15.35
CA MET H 534 -85.34 -33.34 16.77
C MET H 534 -86.09 -34.61 17.13
N ASP H 535 -86.03 -35.59 16.24
CA ASP H 535 -86.60 -36.89 16.50
C ASP H 535 -85.92 -37.54 17.71
N PRO H 536 -86.68 -38.15 18.62
CA PRO H 536 -86.07 -38.68 19.84
C PRO H 536 -85.20 -39.91 19.63
N GLU H 537 -85.53 -40.80 18.71
CA GLU H 537 -84.68 -41.97 18.52
C GLU H 537 -83.39 -41.58 17.79
N GLN H 538 -83.49 -40.64 16.87
CA GLN H 538 -82.28 -40.07 16.28
C GLN H 538 -81.41 -39.45 17.36
N ASP H 539 -82.04 -38.79 18.33
CA ASP H 539 -81.31 -38.23 19.47
C ASP H 539 -80.66 -39.31 20.31
N ARG H 540 -81.38 -40.41 20.56
CA ARG H 540 -80.76 -41.58 21.19
C ARG H 540 -79.45 -41.90 20.51
N GLU H 541 -79.51 -42.11 19.20
CA GLU H 541 -78.34 -42.58 18.46
C GLU H 541 -77.21 -41.57 18.53
N ILE H 542 -77.51 -40.31 18.24
CA ILE H 542 -76.46 -39.31 18.15
C ILE H 542 -75.85 -39.05 19.52
N SER H 543 -76.69 -38.88 20.54
CA SER H 543 -76.17 -38.60 21.87
C SER H 543 -75.35 -39.75 22.39
N ASP H 544 -75.77 -40.99 22.13
CA ASP H 544 -74.96 -42.13 22.51
C ASP H 544 -73.60 -42.07 21.84
N HIS H 545 -73.56 -41.82 20.53
CA HIS H 545 -72.29 -41.79 19.82
C HIS H 545 -71.40 -40.68 20.34
N VAL H 546 -71.98 -39.51 20.58
CA VAL H 546 -71.20 -38.36 21.01
C VAL H 546 -70.65 -38.57 22.41
N LEU H 547 -71.49 -39.04 23.33
CA LEU H 547 -71.02 -39.30 24.68
C LEU H 547 -69.98 -40.40 24.68
N ARG H 548 -70.07 -41.30 23.72
CA ARG H 548 -69.09 -42.36 23.64
C ARG H 548 -67.77 -41.85 23.12
N MET H 549 -67.78 -40.81 22.29
CA MET H 549 -66.53 -40.21 21.84
C MET H 549 -65.89 -39.34 22.89
N HIS H 550 -66.66 -38.85 23.85
CA HIS H 550 -66.15 -37.99 24.89
C HIS H 550 -65.65 -38.77 26.09
N ARG H 551 -65.64 -40.10 26.01
CA ARG H 551 -65.10 -40.94 27.07
C ARG H 551 -63.87 -41.71 26.67
N TYR H 552 -63.53 -41.75 25.39
CA TYR H 552 -62.43 -42.57 24.93
C TYR H 552 -61.08 -41.94 25.30
N ARG H 553 -60.18 -42.74 25.86
CA ARG H 553 -58.79 -42.34 26.06
C ARG H 553 -57.91 -43.07 25.06
N ALA H 554 -56.96 -42.35 24.49
CA ALA H 554 -56.00 -42.98 23.61
C ALA H 554 -55.14 -43.95 24.42
N PRO H 555 -54.96 -45.17 23.96
CA PRO H 555 -54.21 -46.15 24.76
C PRO H 555 -52.79 -45.68 25.03
N GLY H 556 -52.31 -46.03 26.21
CA GLY H 556 -50.93 -45.78 26.56
C GLY H 556 -50.59 -44.33 26.80
N GLU H 557 -50.81 -43.49 25.78
CA GLU H 557 -50.53 -42.08 25.94
C GLU H 557 -51.32 -41.49 27.09
N GLN H 558 -52.63 -41.70 27.07
CA GLN H 558 -53.48 -41.31 28.19
C GLN H 558 -53.47 -42.42 29.23
N ASP H 559 -53.38 -42.02 30.50
CA ASP H 559 -53.38 -43.00 31.58
C ASP H 559 -54.43 -42.73 32.65
N GLY H 560 -55.40 -41.85 32.41
CA GLY H 560 -56.49 -41.72 33.35
C GLY H 560 -56.96 -40.31 33.62
N ASP H 561 -56.05 -39.33 33.62
CA ASP H 561 -56.46 -37.95 33.87
C ASP H 561 -55.69 -36.94 33.03
N ALA H 562 -54.94 -37.37 32.02
CA ALA H 562 -54.03 -36.48 31.33
C ALA H 562 -54.79 -35.44 30.50
N MET H 563 -54.17 -34.27 30.37
CA MET H 563 -54.46 -33.09 29.59
C MET H 563 -53.40 -32.98 28.49
N PRO H 564 -53.77 -32.67 27.24
CA PRO H 564 -52.83 -32.89 26.14
C PRO H 564 -51.79 -31.79 25.91
N LEU H 565 -52.05 -30.57 26.33
CA LEU H 565 -51.36 -29.43 25.73
C LEU H 565 -49.86 -29.47 25.99
N GLY H 566 -49.12 -28.92 25.03
CA GLY H 566 -47.72 -28.54 25.17
C GLY H 566 -47.58 -27.08 24.80
N SER H 567 -46.50 -26.43 25.26
CA SER H 567 -46.43 -24.97 25.23
C SER H 567 -45.10 -24.46 24.65
N ALA H 568 -45.06 -24.35 23.31
CA ALA H 568 -44.14 -23.47 22.59
C ALA H 568 -42.68 -23.89 22.69
N VAL H 569 -42.39 -24.89 23.52
CA VAL H 569 -41.09 -25.53 23.58
C VAL H 569 -41.19 -27.02 23.28
N ASP H 570 -42.26 -27.66 23.78
CA ASP H 570 -42.44 -29.08 23.59
C ASP H 570 -42.55 -29.47 22.12
N ILE H 571 -42.93 -28.53 21.27
CA ILE H 571 -43.00 -28.81 19.84
C ILE H 571 -41.61 -29.02 19.25
N LEU H 572 -40.68 -28.10 19.55
CA LEU H 572 -39.31 -28.25 19.09
C LEU H 572 -38.55 -29.33 19.86
N ALA H 573 -39.08 -29.78 20.99
CA ALA H 573 -38.40 -30.84 21.74
C ALA H 573 -38.36 -32.14 20.94
N THR H 574 -39.45 -32.49 20.27
CA THR H 574 -39.53 -33.68 19.45
C THR H 574 -39.66 -33.28 17.99
N ASP H 575 -39.71 -34.28 17.12
CA ASP H 575 -39.78 -34.05 15.69
C ASP H 575 -41.14 -33.49 15.31
N ASP H 576 -41.20 -32.85 14.14
CA ASP H 576 -42.48 -32.37 13.62
C ASP H 576 -43.22 -33.50 12.93
N PRO H 577 -44.47 -33.78 13.30
CA PRO H 577 -45.25 -34.75 12.53
C PRO H 577 -45.88 -34.12 11.30
N ASN H 578 -45.13 -33.28 10.60
CA ASN H 578 -45.56 -32.72 9.33
C ASN H 578 -44.62 -33.04 8.21
N PHE H 579 -43.35 -33.31 8.51
CA PHE H 579 -42.35 -33.69 7.52
C PHE H 579 -41.74 -35.03 7.87
N SER H 580 -42.33 -35.74 8.83
CA SER H 580 -41.79 -37.01 9.28
C SER H 580 -41.99 -38.09 8.23
N GLN H 581 -41.07 -39.05 8.23
CA GLN H 581 -41.05 -40.12 7.24
C GLN H 581 -42.24 -41.06 7.40
N ILE H 589 -45.49 -51.40 8.82
CA ILE H 589 -46.61 -52.29 9.12
C ILE H 589 -47.88 -51.49 9.22
N TYR H 590 -48.79 -51.68 8.27
CA TYR H 590 -50.05 -50.94 8.22
C TYR H 590 -51.18 -51.94 8.04
N GLU H 591 -52.11 -51.94 8.99
CA GLU H 591 -53.20 -52.89 8.96
C GLU H 591 -54.24 -52.46 7.94
N LYS H 592 -55.37 -53.16 7.93
CA LYS H 592 -56.46 -52.85 7.02
C LYS H 592 -57.71 -52.38 7.75
N HIS H 593 -58.17 -53.15 8.74
CA HIS H 593 -59.32 -52.78 9.54
C HIS H 593 -58.87 -52.35 10.93
N ASP H 594 -59.59 -51.38 11.49
CA ASP H 594 -59.39 -51.02 12.88
C ASP H 594 -59.85 -52.15 13.79
N ASN H 595 -59.09 -52.38 14.85
CA ASN H 595 -59.55 -53.28 15.90
C ASN H 595 -60.71 -52.66 16.64
N LEU H 596 -61.59 -53.52 17.18
CA LEU H 596 -62.73 -53.05 17.94
C LEU H 596 -62.26 -52.28 19.16
N LEU H 597 -63.03 -51.26 19.53
CA LEU H 597 -62.68 -50.42 20.67
C LEU H 597 -63.94 -49.69 21.12
N HIS H 598 -63.75 -48.64 21.94
CA HIS H 598 -64.81 -47.78 22.44
C HIS H 598 -65.44 -46.90 21.36
N GLY H 599 -64.86 -46.82 20.17
CA GLY H 599 -65.50 -46.12 19.09
C GLY H 599 -66.81 -46.77 18.66
N THR H 600 -66.86 -48.11 18.72
CA THR H 600 -68.03 -48.87 18.30
C THR H 600 -68.33 -49.94 19.34
N LYS H 601 -69.59 -50.38 19.43
CA LYS H 601 -69.89 -51.32 20.51
C LYS H 601 -69.48 -52.75 20.15
N LYS H 602 -70.19 -53.39 19.22
CA LYS H 602 -69.80 -54.61 18.52
C LYS H 602 -70.83 -54.97 17.47
N LYS H 603 -70.39 -55.47 16.32
CA LYS H 603 -71.28 -55.90 15.26
C LYS H 603 -70.44 -56.64 14.23
N LYS H 604 -71.11 -57.16 13.20
CA LYS H 604 -70.47 -57.92 12.14
C LYS H 604 -70.13 -57.04 10.94
N GLU H 605 -69.43 -55.93 11.18
CA GLU H 605 -69.04 -55.02 10.12
C GLU H 605 -67.94 -54.12 10.64
N LYS H 606 -66.80 -54.12 9.97
CA LYS H 606 -65.57 -53.56 10.48
C LYS H 606 -65.42 -52.09 10.05
N MET H 607 -64.25 -51.53 10.33
CA MET H 607 -63.99 -50.11 10.18
C MET H 607 -62.62 -49.95 9.54
N VAL H 608 -62.57 -49.36 8.35
CA VAL H 608 -61.31 -49.29 7.63
C VAL H 608 -60.36 -48.35 8.35
N SER H 609 -59.12 -48.78 8.51
CA SER H 609 -58.13 -47.98 9.20
C SER H 609 -57.87 -46.69 8.44
N ALA H 610 -57.58 -45.62 9.19
CA ALA H 610 -57.31 -44.34 8.55
C ALA H 610 -56.09 -44.40 7.66
N ALA H 611 -55.01 -45.01 8.14
CA ALA H 611 -53.80 -45.12 7.34
C ALA H 611 -54.03 -45.97 6.10
N PHE H 612 -54.71 -47.11 6.26
CA PHE H 612 -54.97 -47.94 5.11
C PHE H 612 -55.89 -47.23 4.13
N MET H 613 -56.88 -46.51 4.64
CA MET H 613 -57.77 -45.79 3.75
C MET H 613 -57.02 -44.75 2.97
N LYS H 614 -56.06 -44.08 3.60
CA LYS H 614 -55.26 -43.10 2.89
C LYS H 614 -54.47 -43.75 1.77
N LYS H 615 -53.79 -44.86 2.07
CA LYS H 615 -53.05 -45.55 1.02
C LYS H 615 -53.97 -46.05 -0.09
N TYR H 616 -55.12 -46.62 0.29
CA TYR H 616 -56.06 -47.14 -0.69
C TYR H 616 -56.60 -46.05 -1.59
N ILE H 617 -56.95 -44.91 -1.01
CA ILE H 617 -57.50 -43.81 -1.79
C ILE H 617 -56.43 -43.24 -2.71
N HIS H 618 -55.20 -43.17 -2.23
CA HIS H 618 -54.12 -42.72 -3.11
C HIS H 618 -53.99 -43.64 -4.31
N VAL H 619 -54.05 -44.95 -4.09
CA VAL H 619 -53.91 -45.86 -5.23
C VAL H 619 -55.10 -45.74 -6.16
N ALA H 620 -56.31 -45.65 -5.60
CA ALA H 620 -57.50 -45.67 -6.41
C ALA H 620 -57.70 -44.36 -7.18
N LYS H 621 -57.15 -43.27 -6.67
CA LYS H 621 -57.34 -41.97 -7.31
C LYS H 621 -56.68 -41.93 -8.68
N ILE H 622 -55.61 -42.70 -8.87
CA ILE H 622 -54.89 -42.73 -10.13
C ILE H 622 -55.68 -43.44 -11.21
N ILE H 623 -56.56 -44.38 -10.85
CA ILE H 623 -57.30 -45.15 -11.83
C ILE H 623 -58.09 -44.22 -12.74
N LYS H 624 -58.28 -44.64 -13.99
CA LYS H 624 -59.09 -43.91 -14.95
C LYS H 624 -60.12 -44.85 -15.54
N PRO H 625 -61.16 -45.18 -14.78
CA PRO H 625 -62.20 -46.06 -15.31
C PRO H 625 -62.84 -45.44 -16.53
N VAL H 626 -63.13 -46.29 -17.50
CA VAL H 626 -63.71 -45.86 -18.77
C VAL H 626 -65.19 -46.15 -18.75
N LEU H 627 -65.97 -45.17 -19.17
CA LEU H 627 -67.42 -45.33 -19.24
C LEU H 627 -67.79 -46.39 -20.28
N THR H 628 -68.60 -47.35 -19.87
CA THR H 628 -69.09 -48.37 -20.78
C THR H 628 -70.38 -47.89 -21.43
N GLN H 629 -70.86 -48.66 -22.40
CA GLN H 629 -72.04 -48.22 -23.14
C GLN H 629 -73.33 -48.45 -22.35
N GLU H 630 -73.42 -49.52 -21.56
CA GLU H 630 -74.59 -49.70 -20.72
C GLU H 630 -74.69 -48.59 -19.69
N SER H 631 -73.57 -48.22 -19.08
CA SER H 631 -73.55 -47.09 -18.16
C SER H 631 -73.95 -45.81 -18.87
N ALA H 632 -73.44 -45.59 -20.07
CA ALA H 632 -73.75 -44.37 -20.79
C ALA H 632 -75.24 -44.28 -21.10
N THR H 633 -75.84 -45.37 -21.55
CA THR H 633 -77.27 -45.35 -21.83
C THR H 633 -78.08 -45.11 -20.57
N TYR H 634 -77.71 -45.78 -19.48
CA TYR H 634 -78.45 -45.61 -18.24
C TYR H 634 -78.36 -44.18 -17.74
N ILE H 635 -77.16 -43.59 -17.79
CA ILE H 635 -76.97 -42.23 -17.32
C ILE H 635 -77.72 -41.25 -18.19
N ALA H 636 -77.71 -41.47 -19.50
CA ALA H 636 -78.42 -40.56 -20.39
C ALA H 636 -79.91 -40.58 -20.11
N GLU H 637 -80.50 -41.77 -20.00
CA GLU H 637 -81.94 -41.84 -19.76
C GLU H 637 -82.30 -41.34 -18.37
N GLU H 638 -81.42 -41.61 -17.39
CA GLU H 638 -81.61 -41.13 -16.04
C GLU H 638 -81.66 -39.60 -16.01
N TYR H 639 -80.69 -38.97 -16.68
CA TYR H 639 -80.65 -37.52 -16.74
C TYR H 639 -81.88 -36.96 -17.45
N SER H 640 -82.28 -37.58 -18.56
CA SER H 640 -83.48 -37.12 -19.25
C SER H 640 -84.70 -37.22 -18.34
N ARG H 641 -84.75 -38.24 -17.50
CA ARG H 641 -85.85 -38.37 -16.56
C ARG H 641 -85.76 -37.33 -15.45
N LEU H 642 -84.54 -37.03 -15.00
CA LEU H 642 -84.35 -36.05 -13.94
C LEU H 642 -84.78 -34.66 -14.38
N ARG H 643 -84.48 -34.31 -15.63
CA ARG H 643 -84.84 -32.98 -16.12
C ARG H 643 -86.33 -32.78 -16.14
N SER H 644 -87.08 -33.80 -16.55
CA SER H 644 -88.54 -33.69 -16.63
C SER H 644 -89.13 -33.73 -15.24
N GLN H 645 -89.83 -32.67 -14.85
CA GLN H 645 -90.29 -32.55 -13.47
C GLN H 645 -91.44 -33.49 -13.17
N ASP H 646 -92.22 -33.87 -14.18
CA ASP H 646 -93.42 -34.66 -13.91
C ASP H 646 -93.09 -36.02 -13.31
N SER H 647 -91.84 -36.47 -13.44
CA SER H 647 -91.44 -37.69 -12.75
C SER H 647 -91.38 -37.53 -11.24
N MET H 648 -91.16 -36.31 -10.76
CA MET H 648 -90.98 -36.05 -9.34
C MET H 648 -92.25 -35.49 -8.73
N SER H 649 -92.54 -35.90 -7.51
CA SER H 649 -93.85 -35.69 -6.91
C SER H 649 -94.14 -34.20 -6.74
N SER H 650 -95.42 -33.89 -6.53
CA SER H 650 -95.76 -32.59 -6.02
C SER H 650 -95.21 -32.47 -4.60
N ASP H 651 -95.37 -31.28 -4.03
CA ASP H 651 -94.87 -30.91 -2.69
C ASP H 651 -93.38 -31.26 -2.50
N THR H 652 -92.64 -31.40 -3.59
CA THR H 652 -91.22 -31.70 -3.55
C THR H 652 -90.52 -30.71 -4.45
N ALA H 653 -89.69 -29.86 -3.87
CA ALA H 653 -89.03 -28.79 -4.60
C ALA H 653 -87.63 -29.20 -4.98
N ARG H 654 -87.06 -28.44 -5.91
CA ARG H 654 -85.70 -28.66 -6.38
C ARG H 654 -84.74 -27.89 -5.50
N THR H 655 -83.77 -28.59 -4.92
CA THR H 655 -82.75 -27.88 -4.16
C THR H 655 -81.83 -27.11 -5.08
N SER H 656 -81.36 -27.76 -6.14
CA SER H 656 -80.54 -27.11 -7.15
C SER H 656 -81.09 -27.45 -8.53
N PRO H 657 -80.85 -26.59 -9.51
CA PRO H 657 -81.39 -26.85 -10.85
C PRO H 657 -80.69 -28.03 -11.50
N VAL H 658 -81.39 -28.64 -12.45
CA VAL H 658 -80.83 -29.72 -13.24
C VAL H 658 -80.41 -29.15 -14.59
N THR H 659 -79.11 -29.22 -14.88
CA THR H 659 -78.58 -28.70 -16.13
C THR H 659 -77.71 -29.77 -16.77
N ALA H 660 -76.98 -29.44 -17.84
CA ALA H 660 -76.03 -30.41 -18.38
C ALA H 660 -74.90 -30.68 -17.40
N ARG H 661 -74.66 -29.76 -16.48
CA ARG H 661 -73.73 -30.02 -15.40
C ARG H 661 -74.17 -31.20 -14.55
N THR H 662 -75.48 -31.39 -14.42
CA THR H 662 -75.96 -32.53 -13.65
C THR H 662 -75.63 -33.84 -14.34
N LEU H 663 -75.69 -33.84 -15.67
CA LEU H 663 -75.26 -35.01 -16.41
C LEU H 663 -73.77 -35.25 -16.23
N GLU H 664 -72.98 -34.19 -16.33
CA GLU H 664 -71.55 -34.33 -16.12
C GLU H 664 -71.25 -34.85 -14.73
N THR H 665 -72.05 -34.46 -13.74
CA THR H 665 -71.78 -34.95 -12.41
C THR H 665 -72.27 -36.36 -12.21
N LEU H 666 -73.33 -36.79 -12.88
CA LEU H 666 -73.65 -38.21 -12.90
C LEU H 666 -72.46 -39.00 -13.37
N ILE H 667 -71.84 -38.56 -14.46
CA ILE H 667 -70.67 -39.25 -14.99
C ILE H 667 -69.53 -39.22 -13.99
N ARG H 668 -69.28 -38.06 -13.37
CA ARG H 668 -68.17 -37.93 -12.44
C ARG H 668 -68.35 -38.81 -11.22
N LEU H 669 -69.56 -38.86 -10.67
CA LEU H 669 -69.82 -39.67 -9.50
C LEU H 669 -69.73 -41.15 -9.81
N ALA H 670 -70.28 -41.57 -10.96
CA ALA H 670 -70.13 -42.95 -11.38
C ALA H 670 -68.66 -43.32 -11.56
N THR H 671 -67.88 -42.42 -12.15
CA THR H 671 -66.46 -42.68 -12.32
C THR H 671 -65.75 -42.79 -10.99
N ALA H 672 -66.08 -41.93 -10.03
CA ALA H 672 -65.46 -42.01 -8.71
C ALA H 672 -65.82 -43.31 -8.01
N HIS H 673 -67.07 -43.74 -8.14
CA HIS H 673 -67.48 -45.01 -7.58
C HIS H 673 -66.68 -46.16 -8.18
N ALA H 674 -66.53 -46.14 -9.50
CA ALA H 674 -65.75 -47.17 -10.16
C ALA H 674 -64.30 -47.12 -9.72
N LYS H 675 -63.78 -45.93 -9.45
CA LYS H 675 -62.44 -45.81 -8.89
C LYS H 675 -62.36 -46.50 -7.55
N ALA H 676 -63.37 -46.32 -6.72
CA ALA H 676 -63.39 -46.96 -5.41
C ALA H 676 -63.32 -48.46 -5.54
N ARG H 677 -64.12 -49.03 -6.45
CA ARG H 677 -64.02 -50.46 -6.69
C ARG H 677 -62.74 -50.84 -7.43
N MET H 678 -62.01 -49.87 -7.96
CA MET H 678 -60.80 -50.11 -8.75
C MET H 678 -61.15 -50.85 -10.03
N SER H 679 -62.25 -50.45 -10.66
CA SER H 679 -62.85 -51.25 -11.71
C SER H 679 -62.12 -51.16 -13.04
N LYS H 680 -61.67 -49.96 -13.41
CA LYS H 680 -61.19 -49.59 -14.75
C LYS H 680 -62.33 -49.49 -15.75
N THR H 681 -63.55 -49.81 -15.37
CA THR H 681 -64.72 -49.55 -16.18
C THR H 681 -65.81 -49.00 -15.29
N VAL H 682 -66.63 -48.13 -15.86
CA VAL H 682 -67.77 -47.56 -15.14
C VAL H 682 -68.97 -48.46 -15.45
N ASP H 683 -69.29 -49.35 -14.53
CA ASP H 683 -70.32 -50.35 -14.73
C ASP H 683 -71.68 -49.80 -14.30
N LEU H 684 -72.71 -50.63 -14.42
CA LEU H 684 -74.05 -50.16 -14.11
C LEU H 684 -74.25 -49.92 -12.62
N GLN H 685 -73.57 -50.68 -11.77
CA GLN H 685 -73.66 -50.41 -10.33
C GLN H 685 -73.13 -49.02 -10.00
N ASP H 686 -72.03 -48.64 -10.63
CA ASP H 686 -71.48 -47.30 -10.43
C ASP H 686 -72.47 -46.23 -10.87
N ALA H 687 -73.08 -46.41 -12.03
CA ALA H 687 -74.06 -45.44 -12.52
C ALA H 687 -75.26 -45.37 -11.60
N GLU H 688 -75.71 -46.51 -11.08
CA GLU H 688 -76.85 -46.50 -10.18
C GLU H 688 -76.52 -45.77 -8.88
N GLU H 689 -75.33 -45.99 -8.34
CA GLU H 689 -74.95 -45.28 -7.12
C GLU H 689 -74.89 -43.78 -7.36
N ALA H 690 -74.33 -43.37 -8.50
CA ALA H 690 -74.31 -41.96 -8.85
C ALA H 690 -75.71 -41.39 -8.93
N VAL H 691 -76.61 -42.09 -9.63
CA VAL H 691 -77.96 -41.56 -9.82
C VAL H 691 -78.69 -41.49 -8.49
N GLU H 692 -78.49 -42.46 -7.61
CA GLU H 692 -79.20 -42.41 -6.35
C GLU H 692 -78.67 -41.30 -5.46
N LEU H 693 -77.37 -41.01 -5.53
CA LEU H 693 -76.83 -39.88 -4.79
C LEU H 693 -77.37 -38.55 -5.31
N VAL H 694 -77.45 -38.41 -6.63
CA VAL H 694 -78.00 -37.18 -7.22
C VAL H 694 -79.47 -37.04 -6.90
N GLN H 695 -80.19 -38.16 -6.95
CA GLN H 695 -81.62 -38.14 -6.61
C GLN H 695 -81.83 -37.74 -5.16
N TYR H 696 -81.02 -38.27 -4.26
CA TYR H 696 -81.14 -37.88 -2.86
C TYR H 696 -80.84 -36.41 -2.68
N ALA H 697 -79.82 -35.89 -3.37
CA ALA H 697 -79.38 -34.53 -3.11
C ALA H 697 -80.29 -33.48 -3.74
N TYR H 698 -80.87 -33.75 -4.90
CA TYR H 698 -81.44 -32.67 -5.69
C TYR H 698 -82.88 -32.34 -5.34
N PHE H 699 -83.51 -33.07 -4.42
CA PHE H 699 -84.91 -32.85 -4.11
C PHE H 699 -85.13 -32.84 -2.61
N LYS H 700 -86.03 -31.98 -2.16
CA LYS H 700 -86.37 -31.85 -0.75
C LYS H 700 -87.88 -31.76 -0.61
N LYS H 701 -88.41 -32.42 0.41
CA LYS H 701 -89.84 -32.39 0.70
C LYS H 701 -90.18 -31.13 1.46
N VAL H 702 -91.00 -30.27 0.88
CA VAL H 702 -91.50 -29.10 1.59
C VAL H 702 -92.72 -29.51 2.40
N LEU H 703 -92.72 -29.16 3.68
CA LEU H 703 -93.77 -29.56 4.60
C LEU H 703 -94.84 -28.48 4.71
N GLU H 704 -95.97 -28.89 5.28
CA GLU H 704 -96.99 -27.95 5.78
C GLU H 704 -97.92 -28.67 6.74
N VAL I 107 -21.62 35.83 -48.25
CA VAL I 107 -21.15 36.40 -46.99
C VAL I 107 -20.83 37.88 -47.14
N ARG I 108 -21.30 38.67 -46.16
CA ARG I 108 -21.05 40.09 -46.12
C ARG I 108 -20.30 40.51 -44.86
N GLY I 109 -19.54 39.60 -44.25
CA GLY I 109 -19.08 39.80 -42.91
C GLY I 109 -20.15 39.57 -41.87
N THR I 110 -21.34 39.16 -42.29
CA THR I 110 -22.42 38.88 -41.36
C THR I 110 -22.09 37.62 -40.56
N PRO I 111 -22.33 37.63 -39.25
CA PRO I 111 -21.95 36.47 -38.43
C PRO I 111 -22.67 35.21 -38.86
N VAL I 112 -21.94 34.10 -38.87
CA VAL I 112 -22.49 32.80 -39.18
C VAL I 112 -22.65 32.01 -37.88
N ARG I 113 -23.82 32.17 -37.26
CA ARG I 113 -24.11 31.56 -35.97
C ARG I 113 -24.10 30.05 -36.08
N GLN I 114 -23.66 29.38 -35.02
CA GLN I 114 -23.63 27.93 -35.00
C GLN I 114 -25.05 27.37 -34.94
N ARG I 115 -25.22 26.14 -35.43
CA ARG I 115 -26.52 25.52 -35.40
C ARG I 115 -26.49 24.35 -34.44
N PRO I 116 -26.99 24.52 -33.21
CA PRO I 116 -27.12 23.37 -32.30
C PRO I 116 -28.07 22.31 -32.78
N ASP I 117 -29.00 22.63 -33.68
CA ASP I 117 -29.95 21.61 -34.12
C ASP I 117 -29.30 20.60 -35.05
N LEU I 118 -28.13 20.93 -35.59
CA LEU I 118 -27.40 19.98 -36.42
C LEU I 118 -26.41 19.16 -35.61
N GLY I 119 -26.34 19.38 -34.31
CA GLY I 119 -25.43 18.64 -33.47
C GLY I 119 -24.08 19.29 -33.42
N SER I 120 -23.18 18.62 -32.72
CA SER I 120 -21.78 19.00 -32.72
C SER I 120 -21.15 18.61 -34.04
N ALA I 121 -20.22 19.44 -34.51
CA ALA I 121 -19.57 19.16 -35.77
C ALA I 121 -18.86 17.82 -35.74
N GLN I 122 -18.66 17.25 -36.91
CA GLN I 122 -17.98 15.97 -37.06
C GLN I 122 -16.56 16.21 -37.55
N LYS I 123 -15.84 15.12 -37.83
CA LYS I 123 -14.52 15.25 -38.44
C LYS I 123 -14.58 15.93 -39.81
N GLY I 124 -15.52 15.52 -40.65
CA GLY I 124 -15.65 16.10 -41.98
C GLY I 124 -14.50 15.78 -42.92
N LEU I 125 -14.02 14.54 -42.88
CA LEU I 125 -12.89 14.14 -43.70
C LEU I 125 -13.29 14.02 -45.17
N GLN I 126 -12.46 14.58 -46.05
CA GLN I 126 -12.66 14.53 -47.49
C GLN I 126 -11.89 13.35 -48.05
N VAL I 127 -12.57 12.53 -48.84
CA VAL I 127 -11.98 11.31 -49.37
C VAL I 127 -12.13 11.29 -50.87
N ASP I 128 -11.05 10.96 -51.56
CA ASP I 128 -11.07 10.85 -53.01
C ASP I 128 -11.28 9.40 -53.41
N LEU I 129 -12.29 9.17 -54.24
CA LEU I 129 -12.67 7.82 -54.62
C LEU I 129 -11.87 7.30 -55.80
N GLN I 130 -10.77 7.96 -56.15
CA GLN I 130 -9.91 7.49 -57.22
C GLN I 130 -8.51 7.24 -56.68
N SER I 131 -7.94 6.10 -57.06
CA SER I 131 -6.62 5.72 -56.59
C SER I 131 -5.54 6.04 -57.62
N LYS I 149 -16.12 12.27 -56.29
CA LYS I 149 -14.77 12.68 -56.61
C LYS I 149 -13.99 13.01 -55.35
N LEU I 150 -14.55 13.89 -54.53
CA LEU I 150 -13.95 14.25 -53.26
C LEU I 150 -15.02 14.25 -52.18
N VAL I 151 -15.78 13.15 -52.10
CA VAL I 151 -16.89 13.05 -51.15
C VAL I 151 -16.42 13.19 -49.72
N ILE I 152 -17.37 13.52 -48.83
CA ILE I 152 -17.15 13.42 -47.39
C ILE I 152 -17.02 11.96 -47.02
N TRP I 153 -16.13 11.66 -46.09
CA TRP I 153 -15.92 10.28 -45.64
C TRP I 153 -17.20 9.70 -45.08
N GLY I 154 -17.56 8.51 -45.56
CA GLY I 154 -18.77 7.85 -45.15
C GLY I 154 -20.04 8.31 -45.82
N THR I 155 -19.97 9.30 -46.70
CA THR I 155 -21.13 9.82 -47.39
C THR I 155 -20.85 9.77 -48.88
N ASP I 156 -21.82 10.17 -49.68
CA ASP I 156 -21.60 10.32 -51.10
C ASP I 156 -21.81 11.76 -51.56
N VAL I 157 -21.54 12.72 -50.69
CA VAL I 157 -21.74 14.12 -51.01
C VAL I 157 -20.37 14.76 -51.12
N ASN I 158 -20.17 15.55 -52.17
CA ASN I 158 -19.11 16.54 -52.13
C ASN I 158 -19.74 17.93 -52.00
N VAL I 159 -19.12 18.76 -51.18
CA VAL I 159 -19.72 20.02 -50.80
C VAL I 159 -19.90 20.92 -52.00
N ALA I 160 -18.98 20.87 -52.96
CA ALA I 160 -19.07 21.77 -54.11
C ALA I 160 -20.29 21.45 -54.96
N ALA I 161 -20.48 20.19 -55.34
CA ALA I 161 -21.57 19.87 -56.23
C ALA I 161 -22.91 20.01 -55.51
N CYS I 162 -22.95 19.68 -54.23
CA CYS I 162 -24.17 19.89 -53.46
C CYS I 162 -24.52 21.37 -53.41
N LYS I 163 -23.53 22.22 -53.15
CA LYS I 163 -23.76 23.65 -53.12
C LYS I 163 -24.27 24.18 -54.44
N GLU I 164 -23.65 23.76 -55.53
CA GLU I 164 -24.07 24.25 -56.84
C GLU I 164 -25.46 23.72 -57.20
N ASN I 165 -25.76 22.47 -56.85
CA ASN I 165 -27.10 21.94 -57.10
C ASN I 165 -28.14 22.76 -56.35
N PHE I 166 -27.86 23.09 -55.09
CA PHE I 166 -28.83 23.86 -54.34
C PHE I 166 -28.97 25.26 -54.88
N GLN I 167 -27.89 25.85 -55.37
CA GLN I 167 -28.02 27.17 -55.97
C GLN I 167 -28.89 27.11 -57.22
N ARG I 168 -28.67 26.10 -58.05
CA ARG I 168 -29.54 25.89 -59.21
C ARG I 168 -31.00 25.76 -58.78
N PHE I 169 -31.24 25.11 -57.65
CA PHE I 169 -32.59 24.93 -57.13
C PHE I 169 -33.19 26.25 -56.69
N LEU I 170 -32.45 27.03 -55.91
CA LEU I 170 -32.96 28.29 -55.42
C LEU I 170 -33.26 29.25 -56.55
N GLN I 171 -32.35 29.34 -57.52
CA GLN I 171 -32.49 30.33 -58.57
C GLN I 171 -33.71 30.05 -59.43
N ARG I 172 -33.85 28.82 -59.89
CA ARG I 172 -34.92 28.49 -60.83
C ARG I 172 -35.66 27.27 -60.33
N PHE I 173 -36.59 27.49 -59.42
CA PHE I 173 -37.60 26.50 -59.09
C PHE I 173 -38.94 27.20 -59.10
N ILE I 174 -39.90 26.62 -59.81
CA ILE I 174 -41.27 27.10 -59.84
C ILE I 174 -42.16 25.92 -59.55
N ASP I 175 -43.08 26.08 -58.61
CA ASP I 175 -44.11 25.07 -58.45
C ASP I 175 -45.10 25.21 -59.58
N PRO I 176 -45.27 24.19 -60.43
CA PRO I 176 -46.19 24.31 -61.56
C PRO I 176 -47.60 23.85 -61.26
N LEU I 177 -47.85 23.44 -60.03
CA LEU I 177 -49.13 22.89 -59.61
C LEU I 177 -49.75 23.63 -58.45
N ALA I 178 -48.98 24.46 -57.74
CA ALA I 178 -49.47 25.14 -56.54
C ALA I 178 -49.69 26.61 -56.83
N LYS I 179 -50.95 27.05 -56.64
CA LYS I 179 -51.34 28.46 -56.69
C LYS I 179 -52.42 28.65 -55.64
N GLU I 180 -52.01 29.01 -54.43
CA GLU I 180 -52.86 29.51 -53.35
C GLU I 180 -51.97 29.72 -52.14
N GLU I 181 -52.50 30.40 -51.12
CA GLU I 181 -51.86 30.62 -49.83
C GLU I 181 -50.38 30.99 -49.93
N GLU I 182 -50.00 31.75 -50.94
CA GLU I 182 -48.66 32.30 -50.98
C GLU I 182 -48.63 33.72 -50.42
N ASN I 183 -49.49 34.58 -50.94
CA ASN I 183 -49.67 35.97 -50.52
C ASN I 183 -48.48 36.83 -50.93
N VAL I 184 -47.40 36.19 -51.36
CA VAL I 184 -46.30 36.88 -52.03
C VAL I 184 -46.01 36.14 -53.33
N GLY I 185 -45.94 34.82 -53.24
CA GLY I 185 -45.52 33.99 -54.34
C GLY I 185 -46.23 34.30 -55.63
N ILE I 186 -45.49 34.88 -56.58
CA ILE I 186 -46.02 35.08 -57.93
C ILE I 186 -46.28 33.74 -58.58
N ASP I 187 -45.55 32.72 -58.18
CA ASP I 187 -45.70 31.31 -58.54
C ASP I 187 -45.65 31.10 -60.04
N ILE I 188 -45.24 32.12 -60.78
CA ILE I 188 -44.77 31.91 -62.15
C ILE I 188 -43.38 32.51 -62.21
N THR I 189 -43.12 33.49 -61.34
CA THR I 189 -41.81 34.11 -61.30
C THR I 189 -40.77 33.08 -60.92
N GLU I 190 -39.70 33.07 -61.70
CA GLU I 190 -38.79 31.94 -61.79
C GLU I 190 -38.33 31.42 -60.44
N PRO I 191 -37.97 32.22 -59.49
CA PRO I 191 -37.78 31.67 -58.16
C PRO I 191 -39.05 31.71 -57.34
N LEU I 192 -39.47 30.57 -56.79
CA LEU I 192 -40.31 30.62 -55.61
C LEU I 192 -39.48 31.05 -54.43
N TYR I 193 -38.24 30.58 -54.36
CA TYR I 193 -37.47 30.75 -53.14
C TYR I 193 -36.69 32.05 -53.11
N MET I 194 -36.36 32.64 -54.25
CA MET I 194 -35.70 33.93 -54.15
C MET I 194 -36.69 35.06 -53.91
N GLN I 195 -37.97 34.81 -54.17
CA GLN I 195 -39.01 35.64 -53.57
C GLN I 195 -38.95 35.58 -52.05
N ARG I 196 -38.78 34.37 -51.51
CA ARG I 196 -38.59 34.21 -50.07
C ARG I 196 -37.34 34.92 -49.59
N LEU I 197 -36.28 34.89 -50.37
CA LEU I 197 -35.08 35.65 -50.02
C LEU I 197 -35.38 37.13 -49.97
N GLY I 198 -36.18 37.62 -50.92
CA GLY I 198 -36.60 39.01 -50.85
C GLY I 198 -37.34 39.32 -49.58
N GLU I 199 -38.21 38.42 -49.15
CA GLU I 199 -38.89 38.60 -47.87
C GLU I 199 -37.89 38.66 -46.73
N ILE I 200 -36.91 37.75 -46.73
CA ILE I 200 -35.88 37.75 -45.70
C ILE I 200 -35.12 39.06 -45.73
N ASN I 201 -35.08 39.73 -46.87
CA ASN I 201 -34.48 41.06 -46.92
C ASN I 201 -35.41 42.09 -46.30
N VAL I 202 -36.71 41.98 -46.55
CA VAL I 202 -37.66 42.95 -46.03
C VAL I 202 -37.80 42.82 -44.53
N ILE I 203 -37.92 41.59 -44.03
CA ILE I 203 -38.01 41.33 -42.61
C ILE I 203 -36.60 40.99 -42.13
N GLY I 204 -36.40 40.97 -40.82
CA GLY I 204 -35.07 40.69 -40.32
C GLY I 204 -34.69 39.24 -40.12
N GLU I 205 -35.64 38.33 -40.15
CA GLU I 205 -35.40 36.94 -39.74
C GLU I 205 -34.59 36.15 -40.76
N PRO I 206 -33.45 35.59 -40.39
CA PRO I 206 -32.57 34.93 -41.36
C PRO I 206 -32.83 33.43 -41.50
N PHE I 207 -34.05 33.07 -41.86
CA PHE I 207 -34.39 31.66 -41.96
C PHE I 207 -35.14 31.42 -43.26
N LEU I 208 -34.75 30.36 -43.95
CA LEU I 208 -35.41 29.96 -45.17
C LEU I 208 -35.97 28.56 -44.94
N ASN I 209 -37.28 28.44 -45.06
CA ASN I 209 -37.97 27.16 -44.91
C ASN I 209 -38.15 26.57 -46.29
N VAL I 210 -37.45 25.49 -46.58
CA VAL I 210 -37.47 24.85 -47.88
C VAL I 210 -38.28 23.58 -47.78
N ASN I 211 -39.31 23.49 -48.59
CA ASN I 211 -40.15 22.31 -48.67
C ASN I 211 -39.37 21.20 -49.34
N CYS I 212 -39.16 20.09 -48.63
CA CYS I 212 -38.34 19.02 -49.18
C CYS I 212 -38.98 18.39 -50.41
N GLU I 213 -40.29 18.52 -50.57
CA GLU I 213 -40.94 18.01 -51.76
C GLU I 213 -40.52 18.79 -53.00
N HIS I 214 -40.22 20.08 -52.84
CA HIS I 214 -39.69 20.88 -53.94
C HIS I 214 -38.33 20.37 -54.38
N ILE I 215 -37.44 20.11 -53.42
CA ILE I 215 -36.14 19.54 -53.75
C ILE I 215 -36.31 18.19 -54.41
N LYS I 216 -37.28 17.42 -53.93
CA LYS I 216 -37.54 16.10 -54.51
C LYS I 216 -37.96 16.22 -55.96
N SER I 217 -38.76 17.24 -56.28
CA SER I 217 -39.15 17.49 -57.66
C SER I 217 -37.96 17.92 -58.50
N PHE I 218 -37.22 18.91 -58.03
CA PHE I 218 -36.12 19.48 -58.80
C PHE I 218 -35.00 18.46 -58.99
N ASP I 219 -34.38 18.03 -57.91
CA ASP I 219 -33.25 17.12 -57.93
C ASP I 219 -33.52 15.98 -56.95
N LYS I 220 -33.91 14.83 -57.48
CA LYS I 220 -34.24 13.69 -56.64
C LYS I 220 -33.02 13.18 -55.88
N ASN I 221 -31.86 13.23 -56.52
CA ASN I 221 -30.64 12.79 -55.86
C ASN I 221 -30.24 13.75 -54.74
N LEU I 222 -30.43 15.05 -54.94
CA LEU I 222 -30.14 16.01 -53.89
C LEU I 222 -31.05 15.80 -52.69
N TYR I 223 -32.32 15.47 -52.94
CA TYR I 223 -33.22 15.16 -51.85
C TYR I 223 -32.76 13.93 -51.11
N ARG I 224 -32.39 12.88 -51.85
CA ARG I 224 -31.92 11.67 -51.20
C ARG I 224 -30.68 11.94 -50.36
N GLN I 225 -29.82 12.83 -50.82
CA GLN I 225 -28.63 13.19 -50.05
C GLN I 225 -28.98 13.99 -48.82
N LEU I 226 -29.99 14.85 -48.93
CA LEU I 226 -30.34 15.71 -47.81
C LEU I 226 -30.89 14.92 -46.64
N ILE I 227 -31.81 14.01 -46.89
CA ILE I 227 -32.45 13.36 -45.76
C ILE I 227 -31.49 12.32 -45.19
N SER I 228 -30.47 11.99 -45.95
CA SER I 228 -29.56 10.93 -45.55
C SER I 228 -28.33 11.42 -44.82
N TYR I 229 -27.83 12.60 -45.16
CA TYR I 229 -26.71 13.23 -44.46
C TYR I 229 -27.04 14.69 -44.17
N PRO I 230 -28.05 14.96 -43.35
CA PRO I 230 -28.43 16.35 -43.10
C PRO I 230 -27.33 17.16 -42.45
N GLN I 231 -26.52 16.55 -41.60
CA GLN I 231 -25.49 17.28 -40.89
C GLN I 231 -24.39 17.75 -41.81
N GLU I 232 -24.25 17.15 -42.99
CA GLU I 232 -23.27 17.58 -43.97
C GLU I 232 -23.89 18.37 -45.10
N VAL I 233 -25.17 18.16 -45.39
CA VAL I 233 -25.81 18.78 -46.53
C VAL I 233 -26.46 20.10 -46.16
N ILE I 234 -27.06 20.19 -44.96
CA ILE I 234 -27.71 21.43 -44.55
C ILE I 234 -26.74 22.58 -44.42
N PRO I 235 -25.55 22.44 -43.83
CA PRO I 235 -24.60 23.55 -43.83
C PRO I 235 -24.18 23.99 -45.23
N THR I 236 -24.09 23.05 -46.17
CA THR I 236 -23.88 23.42 -47.56
C THR I 236 -25.03 24.23 -48.11
N PHE I 237 -26.27 23.83 -47.76
CA PHE I 237 -27.42 24.62 -48.17
C PHE I 237 -27.35 26.01 -47.59
N ASP I 238 -26.87 26.13 -46.35
CA ASP I 238 -26.73 27.43 -45.72
C ASP I 238 -25.75 28.31 -46.48
N MET I 239 -24.59 27.75 -46.83
CA MET I 239 -23.62 28.53 -47.59
C MET I 239 -24.19 28.95 -48.94
N ALA I 240 -24.87 28.03 -49.62
CA ALA I 240 -25.45 28.38 -50.91
C ALA I 240 -26.46 29.50 -50.79
N VAL I 241 -27.32 29.42 -49.78
CA VAL I 241 -28.35 30.44 -49.60
C VAL I 241 -27.72 31.78 -49.30
N ASN I 242 -26.73 31.82 -48.43
CA ASN I 242 -26.12 33.10 -48.10
C ASN I 242 -25.34 33.68 -49.26
N GLU I 243 -24.70 32.83 -50.07
CA GLU I 243 -24.04 33.32 -51.27
C GLU I 243 -25.05 33.97 -52.21
N ILE I 244 -26.14 33.29 -52.49
CA ILE I 244 -27.16 33.86 -53.37
C ILE I 244 -27.73 35.15 -52.77
N PHE I 245 -28.04 35.14 -51.47
CA PHE I 245 -28.70 36.28 -50.87
C PHE I 245 -27.82 37.50 -50.88
N PHE I 246 -26.55 37.34 -50.53
CA PHE I 246 -25.67 38.49 -50.44
C PHE I 246 -25.02 38.82 -51.77
N ASP I 247 -25.24 38.01 -52.80
CA ASP I 247 -25.00 38.48 -54.16
C ASP I 247 -25.81 39.73 -54.43
N ARG I 248 -27.13 39.60 -54.42
CA ARG I 248 -27.95 40.81 -54.34
C ARG I 248 -28.05 41.21 -52.89
N TYR I 249 -28.95 42.13 -52.58
CA TYR I 249 -29.08 42.66 -51.25
C TYR I 249 -27.72 42.85 -50.59
N PRO I 250 -26.73 43.40 -51.30
CA PRO I 250 -25.37 43.36 -50.76
C PRO I 250 -25.14 44.39 -49.69
N ASP I 251 -26.13 45.23 -49.42
CA ASP I 251 -26.08 46.19 -48.33
C ASP I 251 -27.07 45.86 -47.24
N SER I 252 -27.74 44.72 -47.33
CA SER I 252 -28.64 44.30 -46.27
C SER I 252 -27.86 43.93 -45.03
N ILE I 253 -28.47 44.14 -43.87
CA ILE I 253 -27.86 43.82 -42.58
C ILE I 253 -28.73 42.80 -41.87
N LEU I 254 -28.11 41.69 -41.46
CA LEU I 254 -28.80 40.61 -40.78
C LEU I 254 -28.03 40.27 -39.53
N GLU I 255 -28.76 40.02 -38.44
CA GLU I 255 -28.09 39.71 -37.19
C GLU I 255 -27.28 38.44 -37.26
N HIS I 256 -27.56 37.58 -38.23
CA HIS I 256 -26.66 36.49 -38.58
C HIS I 256 -27.02 36.00 -39.97
N GLN I 257 -26.16 35.18 -40.54
CA GLN I 257 -26.42 34.69 -41.88
C GLN I 257 -27.65 33.80 -41.89
N ILE I 258 -28.16 33.55 -43.10
CA ILE I 258 -29.41 32.82 -43.24
C ILE I 258 -29.18 31.34 -42.96
N GLN I 259 -30.08 30.77 -42.18
CA GLN I 259 -30.07 29.35 -41.87
C GLN I 259 -31.26 28.70 -42.55
N VAL I 260 -31.00 27.70 -43.35
CA VAL I 260 -32.06 26.99 -44.07
C VAL I 260 -32.69 25.96 -43.14
N ARG I 261 -34.00 25.80 -43.26
CA ARG I 261 -34.76 24.83 -42.47
C ARG I 261 -35.57 23.96 -43.41
N PRO I 262 -35.07 22.78 -43.77
CA PRO I 262 -35.85 21.89 -44.62
C PRO I 262 -36.99 21.28 -43.84
N PHE I 263 -38.16 21.25 -44.45
CA PHE I 263 -39.30 20.61 -43.83
C PHE I 263 -40.03 19.79 -44.87
N ASN I 264 -41.01 19.04 -44.41
CA ASN I 264 -41.87 18.25 -45.28
C ASN I 264 -41.09 17.14 -45.98
N ALA I 265 -40.18 16.53 -45.26
CA ALA I 265 -39.55 15.33 -45.78
C ALA I 265 -40.59 14.24 -45.92
N LEU I 266 -40.22 13.13 -46.54
CA LEU I 266 -41.15 12.03 -46.65
C LEU I 266 -41.59 11.60 -45.26
N LYS I 267 -42.88 11.78 -44.98
CA LYS I 267 -43.41 11.55 -43.65
C LYS I 267 -43.16 10.13 -43.21
N THR I 268 -42.60 9.95 -42.01
CA THR I 268 -42.51 8.63 -41.41
C THR I 268 -43.84 8.37 -40.72
N LYS I 269 -44.59 7.41 -41.22
CA LYS I 269 -45.94 7.20 -40.70
C LYS I 269 -45.90 6.69 -39.26
N ASN I 270 -45.03 5.75 -38.96
CA ASN I 270 -44.90 5.22 -37.61
C ASN I 270 -43.44 5.31 -37.23
N MET I 271 -43.16 6.03 -36.15
CA MET I 271 -41.79 6.20 -35.71
C MET I 271 -41.25 4.96 -35.03
N ARG I 272 -42.11 4.01 -34.68
CA ARG I 272 -41.68 2.67 -34.28
C ARG I 272 -41.07 1.88 -35.42
N ASN I 273 -41.35 2.25 -36.65
CA ASN I 273 -40.80 1.55 -37.80
C ASN I 273 -39.38 1.97 -38.12
N LEU I 274 -38.85 2.97 -37.43
CA LEU I 274 -37.51 3.45 -37.72
C LEU I 274 -36.48 2.48 -37.20
N ASN I 275 -35.46 2.24 -38.00
CA ASN I 275 -34.38 1.31 -37.72
C ASN I 275 -33.10 2.03 -37.36
N PRO I 276 -32.11 1.32 -36.82
CA PRO I 276 -30.79 1.95 -36.63
C PRO I 276 -30.13 2.38 -37.91
N GLU I 277 -30.59 1.90 -39.06
CA GLU I 277 -30.18 2.45 -40.33
C GLU I 277 -30.59 3.91 -40.49
N ASP I 278 -31.60 4.35 -39.76
CA ASP I 278 -32.15 5.68 -39.90
C ASP I 278 -31.54 6.69 -38.95
N ILE I 279 -30.62 6.28 -38.09
CA ILE I 279 -30.04 7.20 -37.12
C ILE I 279 -29.32 8.31 -37.85
N ASP I 280 -29.52 9.54 -37.38
CA ASP I 280 -28.88 10.75 -37.90
C ASP I 280 -29.43 11.18 -39.24
N GLN I 281 -30.58 10.65 -39.64
CA GLN I 281 -31.22 11.07 -40.87
C GLN I 281 -32.32 12.07 -40.58
N LEU I 282 -32.81 12.70 -41.64
CA LEU I 282 -33.84 13.71 -41.52
C LEU I 282 -35.21 13.06 -41.68
N ILE I 283 -36.08 13.27 -40.70
CA ILE I 283 -37.40 12.66 -40.70
C ILE I 283 -38.44 13.72 -40.38
N THR I 284 -39.66 13.49 -40.83
CA THR I 284 -40.81 14.30 -40.45
C THR I 284 -41.81 13.40 -39.74
N ILE I 285 -42.31 13.85 -38.60
CA ILE I 285 -43.34 13.17 -37.84
C ILE I 285 -44.37 14.18 -37.40
N SER I 286 -45.51 13.68 -36.91
CA SER I 286 -46.56 14.54 -36.41
C SER I 286 -47.04 14.02 -35.06
N GLY I 287 -47.57 14.91 -34.25
CA GLY I 287 -48.12 14.53 -32.97
C GLY I 287 -48.57 15.75 -32.21
N MET I 288 -48.94 15.51 -30.96
CA MET I 288 -49.40 16.56 -30.07
C MET I 288 -48.35 16.84 -29.02
N VAL I 289 -48.02 18.12 -28.85
CA VAL I 289 -47.11 18.55 -27.80
C VAL I 289 -47.78 18.30 -26.46
N ILE I 290 -47.07 17.62 -25.57
CA ILE I 290 -47.59 17.24 -24.27
C ILE I 290 -46.99 18.08 -23.15
N ARG I 291 -45.69 18.33 -23.22
CA ARG I 291 -44.97 19.07 -22.20
C ARG I 291 -43.79 19.75 -22.86
N THR I 292 -43.51 20.97 -22.45
CA THR I 292 -42.32 21.69 -22.89
C THR I 292 -41.55 22.11 -21.66
N SER I 293 -40.24 21.92 -21.67
CA SER I 293 -39.47 22.18 -20.48
C SER I 293 -39.22 23.66 -20.32
N GLN I 294 -38.57 24.03 -19.22
CA GLN I 294 -38.03 25.36 -19.12
C GLN I 294 -36.80 25.46 -20.01
N LEU I 295 -36.43 26.68 -20.33
CA LEU I 295 -35.32 26.91 -21.23
C LEU I 295 -34.01 26.56 -20.57
N ILE I 296 -33.21 25.76 -21.23
CA ILE I 296 -31.92 25.28 -20.73
C ILE I 296 -30.83 26.06 -21.42
N PRO I 297 -29.89 26.67 -20.70
CA PRO I 297 -28.79 27.37 -21.36
C PRO I 297 -27.68 26.40 -21.74
N GLU I 298 -27.37 26.34 -23.01
CA GLU I 298 -26.30 25.52 -23.53
C GLU I 298 -25.10 26.40 -23.83
N MET I 299 -23.95 26.02 -23.31
CA MET I 299 -22.73 26.76 -23.58
C MET I 299 -22.37 26.69 -25.04
N GLN I 300 -21.94 27.82 -25.58
CA GLN I 300 -21.41 27.89 -26.93
C GLN I 300 -19.99 28.40 -27.01
N GLU I 301 -19.60 29.32 -26.14
CA GLU I 301 -18.25 29.84 -26.13
C GLU I 301 -17.89 30.19 -24.69
N ALA I 302 -16.83 29.59 -24.17
CA ALA I 302 -16.45 29.82 -22.79
C ALA I 302 -15.53 31.01 -22.67
N PHE I 303 -15.65 31.70 -21.54
CA PHE I 303 -14.85 32.88 -21.21
C PHE I 303 -13.93 32.53 -20.05
N PHE I 304 -12.69 32.97 -20.12
CA PHE I 304 -11.70 32.65 -19.09
C PHE I 304 -10.99 33.92 -18.66
N GLN I 305 -10.62 34.01 -17.39
CA GLN I 305 -9.62 34.97 -16.93
C GLN I 305 -8.55 34.29 -16.12
N CYS I 306 -7.34 34.84 -16.21
CA CYS I 306 -6.28 34.42 -15.33
C CYS I 306 -6.53 34.98 -13.95
N GLN I 307 -6.42 34.13 -12.93
CA GLN I 307 -6.50 34.59 -11.56
C GLN I 307 -5.33 35.48 -11.18
N VAL I 308 -4.29 35.53 -12.01
CA VAL I 308 -3.08 36.27 -11.72
C VAL I 308 -3.06 37.61 -12.45
N CYS I 309 -3.10 37.58 -13.78
CA CYS I 309 -2.92 38.78 -14.57
C CYS I 309 -4.22 39.33 -15.15
N ALA I 310 -5.34 38.65 -14.97
CA ALA I 310 -6.65 39.05 -15.47
C ALA I 310 -6.71 39.08 -17.00
N HIS I 311 -5.81 38.38 -17.66
CA HIS I 311 -5.90 38.23 -19.11
C HIS I 311 -7.05 37.29 -19.44
N THR I 312 -7.81 37.62 -20.47
CA THR I 312 -9.00 36.87 -20.81
C THR I 312 -8.85 36.18 -22.16
N THR I 313 -9.55 35.06 -22.32
CA THR I 313 -9.59 34.39 -23.61
C THR I 313 -10.95 33.74 -23.76
N ARG I 314 -11.26 33.35 -24.99
CA ARG I 314 -12.54 32.74 -25.33
C ARG I 314 -12.31 31.46 -26.10
N VAL I 315 -13.11 30.44 -25.80
CA VAL I 315 -12.96 29.11 -26.42
C VAL I 315 -14.33 28.64 -26.89
N GLU I 316 -14.46 28.37 -28.17
CA GLU I 316 -15.72 27.87 -28.69
C GLU I 316 -15.84 26.36 -28.48
N MET I 317 -17.08 25.89 -28.45
CA MET I 317 -17.36 24.47 -28.46
C MET I 317 -16.79 23.85 -29.72
N ASP I 318 -16.04 22.77 -29.55
CA ASP I 318 -15.48 21.99 -30.65
C ASP I 318 -15.86 20.54 -30.43
N ARG I 319 -16.79 20.04 -31.23
CA ARG I 319 -17.27 18.67 -31.10
C ARG I 319 -17.83 18.42 -29.71
N GLY I 320 -18.46 19.42 -29.15
CA GLY I 320 -19.16 19.22 -27.90
C GLY I 320 -18.30 19.28 -26.66
N ARG I 321 -17.16 19.94 -26.72
CA ARG I 321 -16.37 20.13 -25.51
C ARG I 321 -15.52 21.37 -25.65
N ILE I 322 -15.08 21.88 -24.50
CA ILE I 322 -14.27 23.08 -24.43
C ILE I 322 -12.90 22.73 -23.86
N ALA I 323 -11.86 23.19 -24.56
CA ALA I 323 -10.49 22.92 -24.18
C ALA I 323 -9.98 24.09 -23.36
N GLU I 324 -9.85 23.88 -22.07
CA GLU I 324 -9.51 24.96 -21.17
C GLU I 324 -8.05 25.37 -21.36
N PRO I 325 -7.76 26.67 -21.30
CA PRO I 325 -6.46 27.15 -21.79
C PRO I 325 -5.24 26.58 -21.09
N SER I 326 -5.31 26.31 -19.80
CA SER I 326 -4.31 25.49 -19.11
C SER I 326 -2.95 26.14 -18.95
N VAL I 327 -2.72 27.27 -19.61
CA VAL I 327 -1.57 28.14 -19.44
C VAL I 327 -2.03 29.46 -20.01
N CYS I 328 -1.81 30.57 -19.31
CA CYS I 328 -2.21 31.82 -19.93
C CYS I 328 -1.09 32.27 -20.87
N GLY I 329 -1.49 32.84 -21.99
CA GLY I 329 -0.50 33.32 -22.92
C GLY I 329 0.12 34.62 -22.53
N ARG I 330 -0.25 35.19 -21.39
CA ARG I 330 0.27 36.47 -20.98
C ARG I 330 1.31 36.34 -19.87
N CYS I 331 0.94 35.73 -18.75
CA CYS I 331 1.87 35.57 -17.65
C CYS I 331 2.37 34.15 -17.51
N HIS I 332 1.99 33.26 -18.43
CA HIS I 332 2.59 31.94 -18.54
C HIS I 332 2.46 31.13 -17.26
N THR I 333 1.40 31.36 -16.51
CA THR I 333 1.14 30.60 -15.31
C THR I 333 0.32 29.37 -15.66
N THR I 334 0.75 28.20 -15.21
CA THR I 334 0.02 26.98 -15.49
C THR I 334 -1.28 26.96 -14.71
N HIS I 335 -2.37 26.64 -15.39
CA HIS I 335 -3.68 26.38 -14.79
C HIS I 335 -4.18 27.55 -13.96
N SER I 336 -3.99 28.76 -14.45
CA SER I 336 -4.51 29.92 -13.74
C SER I 336 -5.71 30.55 -14.41
N MET I 337 -6.05 30.18 -15.64
CA MET I 337 -7.25 30.69 -16.27
C MET I 337 -8.47 29.99 -15.72
N ALA I 338 -9.47 30.77 -15.31
CA ALA I 338 -10.67 30.25 -14.69
C ALA I 338 -11.87 30.52 -15.59
N LEU I 339 -12.71 29.52 -15.74
CA LEU I 339 -13.92 29.69 -16.53
C LEU I 339 -14.87 30.62 -15.81
N ILE I 340 -15.34 31.63 -16.51
CA ILE I 340 -16.26 32.60 -15.97
C ILE I 340 -17.58 32.41 -16.69
N HIS I 341 -18.54 31.79 -16.01
CA HIS I 341 -19.74 31.31 -16.68
C HIS I 341 -20.56 32.45 -17.23
N ASN I 342 -20.68 33.53 -16.50
CA ASN I 342 -21.62 34.55 -16.88
C ASN I 342 -21.05 35.59 -17.81
N ARG I 343 -19.80 35.43 -18.22
CA ARG I 343 -19.25 36.15 -19.33
C ARG I 343 -19.23 35.32 -20.60
N SER I 344 -19.60 34.05 -20.52
CA SER I 344 -19.59 33.15 -21.65
C SER I 344 -20.83 33.37 -22.51
N LEU I 345 -20.85 32.70 -23.64
CA LEU I 345 -21.93 32.80 -24.60
C LEU I 345 -22.72 31.50 -24.62
N PHE I 346 -24.03 31.61 -24.58
CA PHE I 346 -24.91 30.48 -24.37
C PHE I 346 -25.95 30.43 -25.46
N SER I 347 -26.58 29.27 -25.61
CA SER I 347 -27.72 29.14 -26.51
C SER I 347 -28.88 28.54 -25.75
N ASP I 348 -30.08 28.73 -26.27
CA ASP I 348 -31.29 28.20 -25.66
C ASP I 348 -31.55 26.78 -26.13
N LYS I 349 -32.04 25.95 -25.22
CA LYS I 349 -32.46 24.60 -25.52
C LYS I 349 -33.73 24.33 -24.76
N GLN I 350 -34.57 23.47 -25.30
CA GLN I 350 -35.83 23.16 -24.68
C GLN I 350 -36.20 21.73 -25.02
N MET I 351 -36.63 20.98 -24.02
CA MET I 351 -37.12 19.63 -24.22
C MET I 351 -38.62 19.67 -24.38
N ILE I 352 -39.12 18.91 -25.34
CA ILE I 352 -40.54 18.83 -25.62
C ILE I 352 -40.93 17.38 -25.61
N LYS I 353 -41.96 17.03 -24.85
CA LYS I 353 -42.58 15.72 -24.96
C LYS I 353 -43.65 15.79 -26.00
N LEU I 354 -43.53 15.00 -27.05
CA LEU I 354 -44.54 14.96 -28.08
C LEU I 354 -45.10 13.56 -28.16
N GLN I 355 -46.41 13.45 -28.01
CA GLN I 355 -47.12 12.21 -28.22
C GLN I 355 -47.35 12.02 -29.71
N GLU I 356 -46.72 11.01 -30.28
CA GLU I 356 -46.80 10.82 -31.72
C GLU I 356 -48.21 10.41 -32.13
N SER I 357 -48.55 10.75 -33.37
CA SER I 357 -49.85 10.47 -33.96
C SER I 357 -49.60 9.69 -35.23
N PRO I 358 -49.29 8.40 -35.12
CA PRO I 358 -48.91 7.65 -36.30
C PRO I 358 -50.09 7.41 -37.22
N GLU I 359 -49.82 7.48 -38.52
CA GLU I 359 -50.82 7.12 -39.51
C GLU I 359 -50.93 5.62 -39.69
N ASP I 360 -49.89 4.88 -39.34
CA ASP I 360 -49.90 3.43 -39.37
C ASP I 360 -49.91 2.92 -37.95
N MET I 361 -50.97 2.20 -37.58
CA MET I 361 -51.14 1.74 -36.20
C MET I 361 -51.30 0.24 -36.21
N PRO I 362 -50.21 -0.50 -36.17
CA PRO I 362 -50.29 -1.96 -36.18
C PRO I 362 -50.97 -2.50 -34.93
N ALA I 363 -51.52 -3.69 -35.07
CA ALA I 363 -52.33 -4.27 -34.00
C ALA I 363 -51.53 -4.36 -32.70
N GLY I 364 -52.13 -3.87 -31.63
CA GLY I 364 -51.57 -4.02 -30.32
C GLY I 364 -50.51 -3.03 -29.91
N GLN I 365 -50.29 -1.98 -30.68
CA GLN I 365 -49.25 -1.00 -30.41
C GLN I 365 -49.79 0.15 -29.59
N THR I 366 -49.17 0.42 -28.47
CA THR I 366 -49.63 1.47 -27.59
C THR I 366 -49.06 2.81 -28.02
N PRO I 367 -49.68 3.90 -27.60
CA PRO I 367 -49.22 5.23 -28.02
C PRO I 367 -47.81 5.55 -27.56
N HIS I 368 -47.17 6.44 -28.28
CA HIS I 368 -45.75 6.66 -28.25
C HIS I 368 -45.45 8.12 -27.92
N THR I 369 -44.55 8.34 -26.98
CA THR I 369 -44.07 9.68 -26.67
C THR I 369 -42.64 9.81 -27.12
N VAL I 370 -42.35 10.83 -27.91
CA VAL I 370 -41.01 11.06 -28.43
C VAL I 370 -40.47 12.35 -27.85
N ILE I 371 -39.19 12.32 -27.51
CA ILE I 371 -38.50 13.50 -26.99
C ILE I 371 -38.03 14.34 -28.16
N LEU I 372 -38.30 15.62 -28.12
CA LEU I 372 -37.76 16.58 -29.06
C LEU I 372 -36.88 17.58 -28.32
N PHE I 373 -35.85 18.07 -28.98
CA PHE I 373 -35.04 19.15 -28.45
C PHE I 373 -35.05 20.30 -29.43
N ALA I 374 -35.57 21.43 -29.00
CA ALA I 374 -35.59 22.64 -29.79
C ALA I 374 -34.46 23.56 -29.35
N HIS I 375 -33.96 24.37 -30.28
CA HIS I 375 -32.79 25.20 -30.05
C HIS I 375 -32.97 26.61 -30.59
N ASN I 376 -32.66 27.58 -29.74
CA ASN I 376 -32.41 29.00 -30.01
C ASN I 376 -33.57 29.79 -30.53
N ASP I 377 -34.42 29.18 -31.32
CA ASP I 377 -35.43 29.95 -31.99
C ASP I 377 -36.71 29.18 -32.15
N LEU I 378 -36.61 27.87 -32.18
CA LEU I 378 -37.74 27.00 -32.08
C LEU I 378 -38.08 26.74 -30.63
N VAL I 379 -37.31 27.29 -29.71
CA VAL I 379 -37.64 27.24 -28.31
C VAL I 379 -38.88 28.08 -28.07
N ASP I 380 -39.84 27.52 -27.32
CA ASP I 380 -41.12 28.14 -26.99
C ASP I 380 -41.98 28.40 -28.21
N LYS I 381 -41.77 27.66 -29.29
CA LYS I 381 -42.55 27.86 -30.49
C LYS I 381 -43.81 27.02 -30.53
N VAL I 382 -43.90 25.98 -29.70
CA VAL I 382 -45.11 25.18 -29.57
C VAL I 382 -45.47 25.10 -28.11
N GLN I 383 -46.76 25.07 -27.83
CA GLN I 383 -47.32 24.98 -26.50
C GLN I 383 -47.99 23.63 -26.32
N PRO I 384 -48.16 23.17 -25.08
CA PRO I 384 -48.78 21.87 -24.88
C PRO I 384 -50.19 21.83 -25.46
N GLY I 385 -50.53 20.69 -26.04
CA GLY I 385 -51.79 20.56 -26.73
C GLY I 385 -51.77 20.97 -28.18
N ASP I 386 -50.65 21.50 -28.66
CA ASP I 386 -50.55 21.85 -30.07
C ASP I 386 -50.26 20.63 -30.91
N ARG I 387 -50.89 20.54 -32.06
CA ARG I 387 -50.59 19.51 -33.03
C ARG I 387 -49.62 20.08 -34.05
N VAL I 388 -48.54 19.36 -34.30
CA VAL I 388 -47.44 19.94 -35.03
C VAL I 388 -46.79 18.85 -35.86
N ASN I 389 -46.30 19.25 -37.02
CA ASN I 389 -45.40 18.42 -37.81
C ASN I 389 -43.99 18.89 -37.54
N VAL I 390 -43.16 18.01 -37.04
CA VAL I 390 -41.81 18.35 -36.68
C VAL I 390 -40.86 17.62 -37.61
N THR I 391 -39.95 18.39 -38.22
CA THR I 391 -38.86 17.86 -39.01
C THR I 391 -37.59 18.00 -38.21
N GLY I 392 -36.80 16.95 -38.18
CA GLY I 392 -35.56 17.04 -37.47
C GLY I 392 -34.71 15.82 -37.72
N ILE I 393 -33.64 15.73 -36.99
CA ILE I 393 -32.71 14.64 -37.16
C ILE I 393 -33.02 13.58 -36.12
N TYR I 394 -33.08 12.34 -36.55
CA TYR I 394 -33.27 11.20 -35.67
C TYR I 394 -31.95 10.90 -34.98
N ARG I 395 -31.88 11.15 -33.69
CA ARG I 395 -30.64 11.02 -32.95
C ARG I 395 -30.70 9.82 -32.02
N ALA I 396 -29.55 9.18 -31.85
CA ALA I 396 -29.39 8.11 -30.88
C ALA I 396 -28.33 8.57 -29.90
N VAL I 397 -28.62 8.47 -28.61
CA VAL I 397 -27.71 9.02 -27.62
C VAL I 397 -27.44 7.96 -26.55
N PRO I 398 -26.24 7.90 -26.00
CA PRO I 398 -25.96 6.94 -24.95
C PRO I 398 -26.51 7.36 -23.60
N ILE I 399 -26.89 6.36 -22.81
CA ILE I 399 -27.40 6.56 -21.46
C ILE I 399 -26.31 6.17 -20.48
N ARG I 400 -26.02 7.05 -19.53
CA ARG I 400 -25.15 6.68 -18.44
C ARG I 400 -25.82 5.67 -17.53
N VAL I 401 -25.02 4.89 -16.81
CA VAL I 401 -25.64 3.91 -15.94
C VAL I 401 -26.06 4.55 -14.62
N ASN I 402 -25.31 5.53 -14.15
CA ASN I 402 -25.67 6.44 -13.08
C ASN I 402 -25.35 7.84 -13.56
N PRO I 403 -26.01 8.86 -13.01
CA PRO I 403 -25.63 10.24 -13.35
C PRO I 403 -24.22 10.60 -12.96
N ARG I 404 -23.56 9.84 -12.09
CA ARG I 404 -22.27 10.24 -11.55
C ARG I 404 -21.11 9.40 -12.07
N VAL I 405 -21.32 8.61 -13.12
CA VAL I 405 -20.28 7.81 -13.74
C VAL I 405 -20.32 8.07 -15.23
N SER I 406 -19.30 7.58 -15.93
CA SER I 406 -19.20 7.76 -17.36
C SER I 406 -19.42 6.49 -18.16
N ASN I 407 -19.70 5.37 -17.52
CA ASN I 407 -20.11 4.18 -18.25
C ASN I 407 -21.46 4.40 -18.89
N VAL I 408 -21.62 3.93 -20.11
CA VAL I 408 -22.87 4.08 -20.82
C VAL I 408 -23.39 2.70 -21.17
N LYS I 409 -24.70 2.61 -21.34
CA LYS I 409 -25.32 1.35 -21.70
C LYS I 409 -25.10 1.05 -23.18
N SER I 410 -25.21 -0.23 -23.54
CA SER I 410 -25.08 -0.62 -24.93
C SER I 410 -26.31 -0.25 -25.74
N VAL I 411 -27.45 -0.12 -25.11
CA VAL I 411 -28.70 0.19 -25.79
C VAL I 411 -28.94 1.68 -25.68
N TYR I 412 -29.00 2.36 -26.82
CA TYR I 412 -29.11 3.80 -26.88
C TYR I 412 -30.56 4.23 -26.81
N LYS I 413 -30.77 5.49 -26.47
CA LYS I 413 -32.09 6.08 -26.56
C LYS I 413 -32.11 7.14 -27.64
N THR I 414 -33.31 7.50 -28.08
CA THR I 414 -33.47 8.29 -29.29
C THR I 414 -34.30 9.53 -29.01
N HIS I 415 -34.01 10.57 -29.77
CA HIS I 415 -34.80 11.79 -29.75
C HIS I 415 -34.71 12.43 -31.12
N ILE I 416 -35.47 13.49 -31.32
CA ILE I 416 -35.40 14.30 -32.52
C ILE I 416 -34.77 15.63 -32.15
N ASP I 417 -33.77 16.04 -32.91
CA ASP I 417 -33.26 17.40 -32.86
C ASP I 417 -34.08 18.24 -33.84
N VAL I 418 -34.92 19.11 -33.30
CA VAL I 418 -35.95 19.75 -34.12
C VAL I 418 -35.32 20.73 -35.08
N ILE I 419 -35.63 20.59 -36.36
CA ILE I 419 -35.20 21.51 -37.40
C ILE I 419 -36.29 22.51 -37.74
N HIS I 420 -37.54 22.06 -37.77
CA HIS I 420 -38.64 22.87 -38.25
C HIS I 420 -39.91 22.41 -37.58
N TYR I 421 -40.78 23.35 -37.23
CA TYR I 421 -42.15 23.08 -36.83
C TYR I 421 -43.08 23.50 -37.94
N ARG I 422 -43.96 22.60 -38.36
CA ARG I 422 -45.02 22.94 -39.29
C ARG I 422 -46.33 22.84 -38.55
N LYS I 423 -47.03 23.96 -38.43
CA LYS I 423 -48.30 23.95 -37.76
C LYS I 423 -49.48 23.65 -38.67
N THR I 424 -49.36 23.91 -39.97
CA THR I 424 -50.48 23.71 -40.87
C THR I 424 -50.81 22.24 -41.05
N ASP I 425 -52.10 21.94 -41.08
CA ASP I 425 -52.65 20.62 -41.34
C ASP I 425 -53.84 20.82 -42.24
N ALA I 426 -53.93 20.02 -43.30
CA ALA I 426 -55.00 20.21 -44.27
C ALA I 426 -56.36 19.91 -43.65
N LYS I 427 -56.42 18.91 -42.78
CA LYS I 427 -57.68 18.43 -42.25
C LYS I 427 -58.11 19.09 -40.96
N ARG I 428 -57.32 20.01 -40.44
CA ARG I 428 -57.66 20.73 -39.22
C ARG I 428 -58.10 22.15 -39.57
N LEU I 429 -58.49 22.90 -38.56
CA LEU I 429 -58.70 24.33 -38.70
C LEU I 429 -57.40 25.06 -38.38
N HIS I 430 -57.37 26.34 -38.69
CA HIS I 430 -56.17 27.12 -38.43
C HIS I 430 -55.96 27.31 -36.95
N GLY I 431 -54.73 27.15 -36.51
CA GLY I 431 -54.40 27.34 -35.12
C GLY I 431 -54.28 28.80 -34.77
N LEU I 432 -54.17 29.06 -33.47
CA LEU I 432 -54.12 30.44 -33.00
C LEU I 432 -52.89 31.16 -33.51
N ASP I 433 -51.77 30.46 -33.62
CA ASP I 433 -50.57 31.10 -34.16
C ASP I 433 -50.76 31.51 -35.61
N GLU I 434 -51.44 30.67 -36.39
CA GLU I 434 -51.71 31.01 -37.78
C GLU I 434 -52.67 32.18 -37.88
N GLU I 435 -53.80 32.09 -37.18
CA GLU I 435 -54.83 33.11 -37.28
C GLU I 435 -54.29 34.48 -36.91
N ALA I 436 -53.37 34.54 -35.96
CA ALA I 436 -52.77 35.81 -35.58
C ALA I 436 -51.78 36.33 -36.60
N GLU I 437 -51.42 35.51 -37.59
CA GLU I 437 -50.46 35.94 -38.59
C GLU I 437 -51.17 36.84 -39.60
N GLN I 438 -50.56 37.99 -39.89
CA GLN I 438 -51.30 39.03 -40.60
C GLN I 438 -51.53 38.65 -42.06
N LYS I 439 -50.53 38.05 -42.70
CA LYS I 439 -50.65 37.64 -44.09
C LYS I 439 -50.96 36.15 -44.20
N LEU I 440 -52.20 35.82 -43.85
CA LEU I 440 -52.69 34.46 -44.00
C LEU I 440 -53.60 34.30 -45.20
N PHE I 441 -54.15 35.40 -45.72
CA PHE I 441 -55.07 35.37 -46.84
C PHE I 441 -54.62 36.33 -47.91
N SER I 442 -54.73 35.89 -49.16
CA SER I 442 -54.59 36.82 -50.27
C SER I 442 -55.83 37.70 -50.36
N GLU I 443 -55.70 38.82 -51.05
CA GLU I 443 -56.84 39.71 -51.27
C GLU I 443 -57.95 38.99 -52.02
N LYS I 444 -57.58 38.13 -52.96
CA LYS I 444 -58.57 37.33 -53.68
C LYS I 444 -59.34 36.45 -52.71
N ARG I 445 -58.63 35.84 -51.78
CA ARG I 445 -59.28 34.99 -50.79
C ARG I 445 -60.20 35.78 -49.89
N VAL I 446 -59.76 36.95 -49.41
CA VAL I 446 -60.62 37.74 -48.54
C VAL I 446 -61.87 38.18 -49.28
N GLU I 447 -61.72 38.58 -50.54
CA GLU I 447 -62.88 38.96 -51.32
C GLU I 447 -63.83 37.79 -51.50
N LEU I 448 -63.29 36.60 -51.76
CA LEU I 448 -64.17 35.43 -51.90
C LEU I 448 -64.90 35.13 -50.60
N LEU I 449 -64.20 35.24 -49.47
CA LEU I 449 -64.83 34.97 -48.19
C LEU I 449 -65.94 35.97 -47.92
N LYS I 450 -65.68 37.25 -48.17
CA LYS I 450 -66.70 38.26 -47.96
C LYS I 450 -67.88 38.05 -48.90
N GLU I 451 -67.62 37.64 -50.13
CA GLU I 451 -68.70 37.35 -51.05
C GLU I 451 -69.53 36.19 -50.55
N LEU I 452 -68.90 35.20 -49.93
CA LEU I 452 -69.65 34.13 -49.28
C LEU I 452 -70.49 34.66 -48.13
N SER I 453 -69.94 35.60 -47.36
CA SER I 453 -70.67 36.11 -46.20
C SER I 453 -71.92 36.88 -46.61
N ARG I 454 -71.96 37.35 -47.85
CA ARG I 454 -73.13 38.05 -48.35
C ARG I 454 -74.21 37.09 -48.84
N LYS I 455 -73.93 35.81 -48.89
CA LYS I 455 -74.95 34.85 -49.29
C LYS I 455 -76.04 34.79 -48.23
N PRO I 456 -77.30 34.67 -48.63
CA PRO I 456 -78.37 34.63 -47.61
C PRO I 456 -78.26 33.44 -46.68
N ASP I 457 -77.81 32.30 -47.17
CA ASP I 457 -77.78 31.07 -46.38
C ASP I 457 -76.36 30.59 -46.14
N ILE I 458 -75.45 31.52 -45.86
CA ILE I 458 -74.09 31.11 -45.53
C ILE I 458 -74.09 30.32 -44.24
N TYR I 459 -74.96 30.68 -43.30
CA TYR I 459 -75.08 29.95 -42.04
C TYR I 459 -75.38 28.48 -42.31
N GLU I 460 -76.39 28.21 -43.13
CA GLU I 460 -76.78 26.83 -43.41
C GLU I 460 -75.70 26.10 -44.19
N ARG I 461 -75.06 26.79 -45.14
CA ARG I 461 -74.00 26.15 -45.92
C ARG I 461 -72.85 25.71 -45.04
N LEU I 462 -72.38 26.63 -44.18
CA LEU I 462 -71.28 26.30 -43.29
C LEU I 462 -71.67 25.21 -42.31
N ALA I 463 -72.89 25.26 -41.78
CA ALA I 463 -73.33 24.19 -40.89
C ALA I 463 -73.36 22.85 -41.60
N SER I 464 -73.89 22.82 -42.82
CA SER I 464 -73.99 21.57 -43.56
C SER I 464 -72.63 21.03 -43.98
N ALA I 465 -71.64 21.91 -44.12
CA ALA I 465 -70.29 21.45 -44.41
C ALA I 465 -69.69 20.65 -43.27
N LEU I 466 -70.19 20.81 -42.05
CA LEU I 466 -69.69 20.07 -40.91
C LEU I 466 -70.26 18.66 -40.92
N ALA I 467 -69.42 17.69 -40.58
CA ALA I 467 -69.78 16.28 -40.46
C ALA I 467 -70.69 15.85 -41.62
N PRO I 468 -70.21 15.96 -42.86
CA PRO I 468 -71.12 15.77 -44.00
C PRO I 468 -71.69 14.38 -44.05
N SER I 469 -71.07 13.43 -43.36
CA SER I 469 -71.51 12.04 -43.37
C SER I 469 -72.60 11.77 -42.35
N ILE I 470 -72.97 12.75 -41.53
CA ILE I 470 -74.02 12.61 -40.53
C ILE I 470 -75.30 13.21 -41.08
N TYR I 471 -76.40 12.51 -40.90
CA TYR I 471 -77.64 12.80 -41.61
C TYR I 471 -78.53 13.74 -40.80
N GLU I 472 -78.78 14.92 -41.36
CA GLU I 472 -79.80 15.88 -40.93
C GLU I 472 -79.92 15.98 -39.41
N HIS I 473 -78.85 16.49 -38.81
CA HIS I 473 -78.91 16.96 -37.44
C HIS I 473 -78.67 18.45 -37.50
N GLU I 474 -79.41 19.13 -38.40
CA GLU I 474 -79.05 20.48 -38.81
C GLU I 474 -78.88 21.42 -37.63
N ASP I 475 -79.68 21.25 -36.59
CA ASP I 475 -79.55 22.14 -35.45
C ASP I 475 -78.32 21.83 -34.62
N ILE I 476 -78.00 20.56 -34.44
CA ILE I 476 -76.75 20.23 -33.75
C ILE I 476 -75.57 20.76 -34.53
N LYS I 477 -75.61 20.65 -35.86
CA LYS I 477 -74.51 21.13 -36.67
C LYS I 477 -74.41 22.64 -36.67
N LYS I 478 -75.53 23.35 -36.61
CA LYS I 478 -75.48 24.79 -36.45
C LYS I 478 -74.90 25.18 -35.10
N GLY I 479 -75.28 24.46 -34.05
CA GLY I 479 -74.70 24.75 -32.74
C GLY I 479 -73.22 24.50 -32.70
N ILE I 480 -72.77 23.42 -33.33
CA ILE I 480 -71.34 23.13 -33.37
C ILE I 480 -70.60 24.16 -34.22
N LEU I 481 -71.24 24.64 -35.28
CA LEU I 481 -70.62 25.72 -36.05
C LEU I 481 -70.45 26.97 -35.21
N LEU I 482 -71.46 27.32 -34.43
CA LEU I 482 -71.34 28.47 -33.55
C LEU I 482 -70.27 28.26 -32.51
N GLN I 483 -70.13 27.02 -32.04
CA GLN I 483 -69.06 26.71 -31.10
C GLN I 483 -67.69 26.88 -31.73
N LEU I 484 -67.54 26.47 -32.99
CA LEU I 484 -66.28 26.68 -33.69
C LEU I 484 -66.00 28.16 -33.91
N PHE I 485 -67.03 28.98 -34.03
CA PHE I 485 -66.82 30.42 -34.17
C PHE I 485 -66.64 31.10 -32.83
N GLY I 486 -67.52 30.80 -31.87
CA GLY I 486 -67.38 31.31 -30.52
C GLY I 486 -67.83 32.76 -30.39
N GLY I 487 -68.08 33.15 -29.15
CA GLY I 487 -68.51 34.50 -28.86
C GLY I 487 -67.36 35.47 -28.81
N THR I 488 -67.71 36.71 -28.47
CA THR I 488 -66.76 37.80 -28.55
C THR I 488 -65.91 37.84 -27.28
N ARG I 489 -64.60 37.74 -27.44
CA ARG I 489 -63.72 37.90 -26.30
C ARG I 489 -63.83 39.32 -25.77
N LYS I 490 -64.01 39.44 -24.47
CA LYS I 490 -64.24 40.73 -23.84
C LYS I 490 -63.25 40.95 -22.73
N ASP I 491 -62.87 42.20 -22.53
CA ASP I 491 -61.96 42.57 -21.46
C ASP I 491 -62.78 43.28 -20.39
N PHE I 492 -63.27 42.52 -19.43
CA PHE I 492 -64.01 43.04 -18.30
C PHE I 492 -63.10 43.41 -17.15
N SER I 493 -61.82 43.66 -17.42
CA SER I 493 -60.84 43.78 -16.36
C SER I 493 -61.02 45.05 -15.53
N HIS I 494 -61.49 46.13 -16.13
CA HIS I 494 -61.69 47.38 -15.42
C HIS I 494 -63.05 47.44 -14.73
N THR I 495 -63.83 46.39 -14.81
CA THR I 495 -65.15 46.35 -14.23
C THR I 495 -65.21 45.58 -12.93
N GLY I 496 -64.08 45.08 -12.43
CA GLY I 496 -64.06 44.21 -11.28
C GLY I 496 -64.74 42.89 -11.48
N ARG I 497 -65.41 42.69 -12.62
CA ARG I 497 -66.29 41.55 -12.80
C ARG I 497 -65.52 40.24 -12.74
N GLY I 498 -64.36 40.20 -13.38
CA GLY I 498 -63.66 38.95 -13.59
C GLY I 498 -63.50 38.67 -15.07
N LYS I 499 -63.42 37.40 -15.41
CA LYS I 499 -63.25 36.99 -16.78
C LYS I 499 -64.55 36.40 -17.30
N PHE I 500 -65.00 36.89 -18.44
CA PHE I 500 -66.21 36.38 -19.06
C PHE I 500 -65.87 35.27 -20.03
N ARG I 501 -66.65 34.22 -19.99
CA ARG I 501 -66.44 33.07 -20.86
C ARG I 501 -67.08 33.35 -22.21
N ALA I 502 -66.26 33.47 -23.24
CA ALA I 502 -66.76 33.65 -24.59
C ALA I 502 -67.01 32.33 -25.30
N GLU I 503 -66.64 31.21 -24.66
CA GLU I 503 -66.78 29.90 -25.27
C GLU I 503 -68.21 29.38 -25.17
N ILE I 504 -68.61 28.59 -26.15
CA ILE I 504 -69.94 27.99 -26.19
C ILE I 504 -69.82 26.52 -25.79
N ASN I 505 -70.58 26.12 -24.79
CA ASN I 505 -70.57 24.76 -24.27
C ASN I 505 -71.85 24.07 -24.67
N ILE I 506 -71.74 23.00 -25.44
CA ILE I 506 -72.90 22.28 -25.94
C ILE I 506 -72.97 20.94 -25.23
N LEU I 507 -74.17 20.54 -24.83
CA LEU I 507 -74.43 19.22 -24.31
C LEU I 507 -75.40 18.50 -25.24
N LEU I 508 -75.03 17.31 -25.68
CA LEU I 508 -75.87 16.47 -26.50
C LEU I 508 -76.42 15.36 -25.62
N CYS I 509 -77.68 15.44 -25.27
CA CYS I 509 -78.33 14.42 -24.47
C CYS I 509 -79.34 13.70 -25.36
N GLY I 510 -79.21 12.39 -25.47
CA GLY I 510 -80.15 11.66 -26.27
C GLY I 510 -79.95 10.18 -26.12
N ASP I 511 -80.95 9.44 -26.54
CA ASP I 511 -80.91 8.00 -26.45
C ASP I 511 -79.93 7.42 -27.47
N PRO I 512 -79.39 6.24 -27.20
CA PRO I 512 -78.19 5.80 -27.91
C PRO I 512 -78.44 5.55 -29.39
N GLY I 513 -77.34 5.42 -30.12
CA GLY I 513 -77.40 5.17 -31.53
C GLY I 513 -77.74 6.37 -32.37
N THR I 514 -77.79 7.55 -31.78
CA THR I 514 -78.22 8.76 -32.45
C THR I 514 -77.07 9.61 -32.93
N SER I 515 -75.86 9.07 -32.95
CA SER I 515 -74.68 9.69 -33.55
C SER I 515 -74.10 10.85 -32.76
N LYS I 516 -74.15 10.80 -31.44
CA LYS I 516 -73.46 11.80 -30.63
C LYS I 516 -71.96 11.57 -30.66
N SER I 517 -71.53 10.33 -30.48
CA SER I 517 -70.10 10.03 -30.50
C SER I 517 -69.49 10.32 -31.85
N GLN I 518 -70.26 10.18 -32.92
CA GLN I 518 -69.75 10.56 -34.23
C GLN I 518 -69.53 12.06 -34.34
N LEU I 519 -70.44 12.86 -33.81
CA LEU I 519 -70.24 14.30 -33.82
C LEU I 519 -69.06 14.72 -32.97
N LEU I 520 -68.92 14.11 -31.79
CA LEU I 520 -67.78 14.43 -30.94
C LEU I 520 -66.48 14.00 -31.58
N GLN I 521 -66.48 12.87 -32.27
CA GLN I 521 -65.30 12.41 -32.98
C GLN I 521 -64.97 13.34 -34.13
N TYR I 522 -65.99 13.84 -34.82
CA TYR I 522 -65.73 14.76 -35.92
C TYR I 522 -65.13 16.06 -35.43
N VAL I 523 -65.66 16.62 -34.35
CA VAL I 523 -65.11 17.86 -33.82
C VAL I 523 -63.72 17.61 -33.27
N TYR I 524 -63.49 16.45 -32.68
CA TYR I 524 -62.19 16.11 -32.15
C TYR I 524 -61.16 16.04 -33.27
N ASN I 525 -61.54 15.49 -34.41
CA ASN I 525 -60.64 15.30 -35.53
C ASN I 525 -60.57 16.51 -36.43
N LEU I 526 -61.23 17.59 -36.08
CA LEU I 526 -61.25 18.76 -36.95
C LEU I 526 -60.56 19.97 -36.33
N VAL I 527 -60.68 20.16 -35.02
CA VAL I 527 -60.11 21.36 -34.42
C VAL I 527 -58.65 21.13 -34.12
N PRO I 528 -57.84 22.18 -34.09
CA PRO I 528 -56.57 22.11 -33.37
C PRO I 528 -56.83 22.33 -31.89
N ARG I 529 -55.94 21.81 -31.07
CA ARG I 529 -56.10 21.92 -29.63
C ARG I 529 -57.46 21.35 -29.21
N GLY I 530 -57.62 20.07 -29.39
CA GLY I 530 -58.78 19.40 -28.87
C GLY I 530 -58.40 18.23 -28.00
N GLN I 531 -59.34 17.75 -27.20
CA GLN I 531 -59.12 16.56 -26.39
C GLN I 531 -60.38 15.73 -26.41
N TYR I 532 -60.21 14.43 -26.30
CA TYR I 532 -61.33 13.51 -26.23
C TYR I 532 -61.26 12.76 -24.94
N THR I 533 -62.34 12.78 -24.18
CA THR I 533 -62.45 12.08 -22.92
C THR I 533 -63.74 11.28 -22.95
N SER I 534 -63.73 10.11 -22.35
CA SER I 534 -64.92 9.26 -22.33
C SER I 534 -65.09 8.59 -20.98
N GLY I 535 -66.14 8.96 -20.27
CA GLY I 535 -66.65 8.13 -19.18
C GLY I 535 -65.76 8.10 -17.97
N LYS I 536 -65.41 6.89 -17.53
CA LYS I 536 -64.62 6.67 -16.34
C LYS I 536 -63.13 6.65 -16.62
N GLY I 537 -62.71 6.88 -17.85
CA GLY I 537 -61.30 6.81 -18.15
C GLY I 537 -60.50 8.00 -17.68
N SER I 538 -61.15 9.06 -17.23
CA SER I 538 -60.49 10.26 -16.76
C SER I 538 -60.71 10.44 -15.27
N SER I 539 -59.75 11.06 -14.62
CA SER I 539 -59.86 11.41 -13.22
C SER I 539 -59.87 12.91 -13.08
N ALA I 540 -59.97 13.40 -11.85
CA ALA I 540 -59.94 14.83 -11.63
C ALA I 540 -58.54 15.40 -11.81
N VAL I 541 -57.53 14.75 -11.23
CA VAL I 541 -56.19 15.24 -11.41
C VAL I 541 -55.66 14.89 -12.79
N GLY I 542 -56.25 13.91 -13.44
CA GLY I 542 -55.87 13.62 -14.81
C GLY I 542 -56.46 14.57 -15.81
N LEU I 543 -57.46 15.33 -15.42
CA LEU I 543 -57.96 16.41 -16.24
C LEU I 543 -57.32 17.73 -15.91
N THR I 544 -56.98 17.97 -14.64
CA THR I 544 -56.36 19.26 -14.28
C THR I 544 -54.85 19.25 -14.46
N ALA I 545 -54.15 18.53 -13.60
CA ALA I 545 -52.70 18.56 -13.58
C ALA I 545 -52.21 17.64 -12.48
N TYR I 546 -50.94 17.24 -12.59
CA TYR I 546 -50.35 16.36 -11.61
C TYR I 546 -48.84 16.45 -11.74
N VAL I 547 -48.12 15.87 -10.79
CA VAL I 547 -46.67 15.84 -10.79
C VAL I 547 -46.18 14.47 -11.20
N MET I 548 -45.31 14.42 -12.19
CA MET I 548 -44.52 13.23 -12.46
C MET I 548 -43.05 13.57 -12.33
N LYS I 549 -42.21 12.54 -12.52
CA LYS I 549 -40.76 12.72 -12.48
C LYS I 549 -40.19 12.45 -13.87
N ASP I 550 -39.71 13.50 -14.53
CA ASP I 550 -39.23 13.39 -15.88
C ASP I 550 -38.08 12.38 -15.92
N PRO I 551 -38.21 11.28 -16.64
CA PRO I 551 -37.14 10.28 -16.62
C PRO I 551 -36.05 10.59 -17.61
N GLU I 552 -35.67 11.86 -17.72
CA GLU I 552 -34.53 12.22 -18.55
C GLU I 552 -33.70 13.20 -17.74
N THR I 553 -34.35 13.86 -16.78
CA THR I 553 -33.69 14.75 -15.84
C THR I 553 -33.74 14.26 -14.41
N ARG I 554 -34.51 13.21 -14.11
CA ARG I 554 -34.72 12.74 -12.74
C ARG I 554 -35.30 13.85 -11.86
N GLN I 555 -36.15 14.67 -12.44
CA GLN I 555 -36.73 15.80 -11.74
C GLN I 555 -38.25 15.71 -11.79
N LEU I 556 -38.89 16.08 -10.71
CA LEU I 556 -40.35 16.14 -10.72
C LEU I 556 -40.79 17.37 -11.47
N VAL I 557 -41.60 17.16 -12.48
CA VAL I 557 -42.13 18.21 -13.35
C VAL I 557 -43.65 18.12 -13.31
N LEU I 558 -44.30 19.23 -13.58
CA LEU I 558 -45.75 19.26 -13.58
C LEU I 558 -46.29 19.02 -14.99
N GLN I 559 -47.26 18.12 -15.08
CA GLN I 559 -47.88 17.75 -16.34
C GLN I 559 -49.33 18.20 -16.33
N THR I 560 -49.78 18.78 -17.43
CA THR I 560 -51.16 19.17 -17.58
C THR I 560 -52.01 17.99 -18.00
N GLY I 561 -53.30 18.07 -17.68
CA GLY I 561 -54.27 17.09 -18.08
C GLY I 561 -55.14 17.56 -19.22
N ALA I 562 -56.18 16.79 -19.48
CA ALA I 562 -56.96 16.99 -20.70
C ALA I 562 -57.59 18.39 -20.76
N LEU I 563 -58.03 18.91 -19.63
CA LEU I 563 -58.71 20.20 -19.64
C LEU I 563 -57.77 21.37 -19.84
N VAL I 564 -56.47 21.21 -19.59
CA VAL I 564 -55.55 22.30 -19.87
C VAL I 564 -54.96 22.16 -21.26
N LEU I 565 -54.79 20.93 -21.75
CA LEU I 565 -54.30 20.73 -23.09
C LEU I 565 -55.25 21.25 -24.15
N SER I 566 -56.51 21.50 -23.79
CA SER I 566 -57.48 22.10 -24.70
C SER I 566 -57.82 23.52 -24.29
N ASP I 567 -56.83 24.25 -23.77
CA ASP I 567 -57.05 25.57 -23.21
C ASP I 567 -57.61 26.54 -24.24
N ASN I 568 -57.26 26.40 -25.50
CA ASN I 568 -57.94 27.27 -26.44
C ASN I 568 -58.62 26.43 -27.50
N GLY I 569 -59.28 25.39 -27.08
CA GLY I 569 -59.91 24.47 -28.01
C GLY I 569 -61.12 23.87 -27.40
N ILE I 570 -61.56 22.76 -27.98
CA ILE I 570 -62.77 22.07 -27.57
C ILE I 570 -62.38 20.78 -26.87
N CYS I 571 -62.87 20.58 -25.65
CA CYS I 571 -62.76 19.30 -24.98
C CYS I 571 -64.05 18.53 -25.20
N CYS I 572 -63.96 17.39 -25.87
CA CYS I 572 -65.11 16.54 -26.09
C CYS I 572 -65.18 15.53 -24.96
N ILE I 573 -66.21 15.63 -24.14
CA ILE I 573 -66.45 14.69 -23.05
C ILE I 573 -67.58 13.77 -23.50
N ASP I 574 -67.25 12.52 -23.77
CA ASP I 574 -68.24 11.52 -24.11
C ASP I 574 -68.60 10.70 -22.91
N GLU I 575 -69.78 10.08 -22.96
CA GLU I 575 -70.39 9.43 -21.81
C GLU I 575 -70.31 10.33 -20.58
N PHE I 576 -70.78 11.56 -20.77
CA PHE I 576 -70.76 12.55 -19.71
C PHE I 576 -71.49 12.06 -18.48
N ASP I 577 -72.57 11.29 -18.67
CA ASP I 577 -73.37 10.84 -17.55
C ASP I 577 -72.72 9.69 -16.81
N LYS I 578 -71.97 8.85 -17.50
CA LYS I 578 -71.32 7.69 -16.90
C LYS I 578 -69.96 8.08 -16.33
N MET I 579 -69.95 9.15 -15.54
CA MET I 579 -68.71 9.79 -15.15
C MET I 579 -68.91 10.41 -13.79
N ASN I 580 -68.13 9.98 -12.80
CA ASN I 580 -68.49 10.23 -11.42
C ASN I 580 -68.34 11.69 -11.04
N GLU I 581 -69.08 12.07 -9.99
CA GLU I 581 -69.22 13.47 -9.61
C GLU I 581 -67.90 14.06 -9.14
N SER I 582 -66.98 13.21 -8.67
CA SER I 582 -65.66 13.69 -8.32
C SER I 582 -64.99 14.41 -9.48
N THR I 583 -64.94 13.78 -10.65
CA THR I 583 -64.29 14.44 -11.76
C THR I 583 -65.21 15.42 -12.46
N ARG I 584 -66.51 15.32 -12.27
CA ARG I 584 -67.39 16.28 -12.91
C ARG I 584 -67.50 17.57 -12.13
N SER I 585 -67.00 17.63 -10.90
CA SER I 585 -66.94 18.91 -10.21
C SER I 585 -65.82 19.78 -10.77
N VAL I 586 -64.75 19.17 -11.25
CA VAL I 586 -63.68 19.90 -11.90
C VAL I 586 -64.21 20.76 -13.04
N LEU I 587 -65.22 20.27 -13.73
CA LEU I 587 -65.80 21.01 -14.83
C LEU I 587 -66.48 22.29 -14.40
N HIS I 588 -66.95 22.41 -13.16
CA HIS I 588 -67.65 23.64 -12.78
C HIS I 588 -66.78 24.87 -12.96
N GLU I 589 -65.58 24.86 -12.40
CA GLU I 589 -64.75 26.05 -12.49
C GLU I 589 -64.27 26.29 -13.92
N VAL I 590 -64.01 25.22 -14.67
CA VAL I 590 -63.60 25.39 -16.06
C VAL I 590 -64.71 26.03 -16.87
N MET I 591 -65.94 25.55 -16.72
CA MET I 591 -67.07 26.08 -17.47
C MET I 591 -67.54 27.44 -16.97
N GLU I 592 -67.24 27.83 -15.73
CA GLU I 592 -67.67 29.16 -15.33
C GLU I 592 -66.60 30.22 -15.51
N GLN I 593 -65.37 29.95 -15.08
CA GLN I 593 -64.37 30.99 -14.94
C GLN I 593 -63.16 30.78 -15.83
N GLN I 594 -63.14 29.75 -16.66
CA GLN I 594 -62.10 29.53 -17.65
C GLN I 594 -60.73 29.42 -17.01
N THR I 595 -60.69 29.07 -15.74
CA THR I 595 -59.45 28.95 -15.02
C THR I 595 -59.51 27.68 -14.19
N LEU I 596 -58.35 27.24 -13.74
CA LEU I 596 -58.23 26.01 -12.99
C LEU I 596 -57.28 26.32 -11.84
N SER I 597 -57.86 26.69 -10.71
CA SER I 597 -57.07 27.00 -9.52
C SER I 597 -56.70 25.70 -8.84
N ILE I 598 -55.40 25.46 -8.68
CA ILE I 598 -54.94 24.29 -7.97
C ILE I 598 -54.15 24.75 -6.75
N ALA I 599 -54.54 24.26 -5.59
CA ALA I 599 -53.81 24.47 -4.35
C ALA I 599 -53.38 23.09 -3.88
N LYS I 600 -52.26 22.61 -4.40
CA LYS I 600 -51.72 21.32 -4.02
C LYS I 600 -50.54 21.53 -3.08
N ALA I 601 -49.87 20.44 -2.73
CA ALA I 601 -48.96 20.43 -1.59
C ALA I 601 -47.96 21.57 -1.63
N GLY I 602 -47.28 21.75 -2.75
CA GLY I 602 -46.33 22.83 -2.87
C GLY I 602 -46.68 23.83 -3.95
N ILE I 603 -47.36 23.37 -4.99
CA ILE I 603 -47.58 24.15 -6.19
C ILE I 603 -48.94 24.82 -6.10
N ILE I 604 -48.97 26.14 -6.21
CA ILE I 604 -50.20 26.91 -6.16
C ILE I 604 -50.19 27.88 -7.33
N CYS I 605 -51.25 27.83 -8.13
CA CYS I 605 -51.33 28.64 -9.34
C CYS I 605 -52.76 28.57 -9.86
N GLN I 606 -52.97 29.18 -11.02
CA GLN I 606 -54.27 29.20 -11.69
C GLN I 606 -54.01 28.90 -13.15
N LEU I 607 -54.14 27.64 -13.53
CA LEU I 607 -53.98 27.25 -14.92
C LEU I 607 -55.14 27.80 -15.75
N ASN I 608 -54.83 28.13 -16.99
CA ASN I 608 -55.84 28.59 -17.94
C ASN I 608 -56.54 27.40 -18.55
N ALA I 609 -57.86 27.44 -18.59
CA ALA I 609 -58.66 26.38 -19.16
C ALA I 609 -59.79 26.96 -19.99
N ARG I 610 -59.47 27.90 -20.87
CA ARG I 610 -60.51 28.53 -21.68
C ARG I 610 -61.01 27.59 -22.76
N THR I 611 -61.59 26.46 -22.37
CA THR I 611 -62.00 25.44 -23.30
C THR I 611 -63.45 25.63 -23.67
N SER I 612 -63.81 25.21 -24.88
CA SER I 612 -65.18 24.86 -25.15
C SER I 612 -65.41 23.41 -24.78
N VAL I 613 -66.60 23.12 -24.27
CA VAL I 613 -66.96 21.78 -23.85
C VAL I 613 -68.04 21.28 -24.76
N LEU I 614 -67.78 20.18 -25.42
CA LEU I 614 -68.80 19.47 -26.19
C LEU I 614 -69.01 18.15 -25.47
N ALA I 615 -70.14 18.02 -24.79
CA ALA I 615 -70.43 16.85 -23.99
C ALA I 615 -71.57 16.05 -24.61
N ALA I 616 -71.48 14.74 -24.52
CA ALA I 616 -72.53 13.84 -24.96
C ALA I 616 -72.88 12.93 -23.80
N ALA I 617 -74.17 12.77 -23.54
CA ALA I 617 -74.62 12.00 -22.39
C ALA I 617 -75.89 11.26 -22.77
N ASN I 618 -76.14 10.20 -22.07
CA ASN I 618 -77.39 9.48 -22.18
C ASN I 618 -78.35 9.92 -21.10
N PRO I 619 -79.65 9.74 -21.28
CA PRO I 619 -80.59 9.99 -20.20
C PRO I 619 -80.40 8.97 -19.09
N ILE I 620 -80.98 9.27 -17.93
CA ILE I 620 -81.13 8.24 -16.92
C ILE I 620 -81.89 7.09 -17.58
N GLU I 621 -81.55 5.87 -17.20
CA GLU I 621 -82.05 4.66 -17.85
C GLU I 621 -81.56 4.49 -19.27
N SER I 622 -80.61 5.33 -19.71
CA SER I 622 -79.85 5.18 -20.95
C SER I 622 -80.73 5.32 -22.17
N GLN I 623 -82.04 5.43 -21.98
CA GLN I 623 -82.98 5.60 -23.07
C GLN I 623 -84.03 6.58 -22.62
N TRP I 624 -84.36 7.52 -23.48
CA TRP I 624 -85.34 8.53 -23.10
C TRP I 624 -86.68 7.86 -22.83
N ASN I 625 -87.19 7.99 -21.61
CA ASN I 625 -88.54 7.45 -21.58
C ASN I 625 -89.54 8.59 -21.45
N PRO I 626 -90.64 8.52 -22.19
CA PRO I 626 -91.52 9.69 -22.32
C PRO I 626 -92.37 9.95 -21.10
N LYS I 627 -92.41 9.03 -20.15
CA LYS I 627 -93.20 9.22 -18.95
C LYS I 627 -92.54 10.13 -17.94
N LYS I 628 -91.28 10.49 -18.15
CA LYS I 628 -90.53 11.32 -17.22
C LYS I 628 -90.25 12.67 -17.85
N THR I 629 -90.25 13.70 -17.01
CA THR I 629 -90.01 15.05 -17.50
C THR I 629 -88.56 15.20 -17.94
N THR I 630 -88.26 16.32 -18.58
CA THR I 630 -86.93 16.53 -19.12
C THR I 630 -85.88 16.54 -18.02
N ILE I 631 -86.15 17.24 -16.92
CA ILE I 631 -85.19 17.31 -15.83
C ILE I 631 -85.01 15.94 -15.20
N GLU I 632 -86.10 15.21 -14.99
CA GLU I 632 -86.00 13.88 -14.40
C GLU I 632 -85.22 12.93 -15.26
N ASN I 633 -85.07 13.25 -16.54
CA ASN I 633 -84.62 12.27 -17.51
C ASN I 633 -83.19 12.55 -17.94
N ILE I 634 -82.80 13.83 -18.00
CA ILE I 634 -81.40 14.18 -18.18
C ILE I 634 -80.58 13.79 -16.95
N GLN I 635 -81.08 14.14 -15.77
CA GLN I 635 -80.51 13.73 -14.49
C GLN I 635 -79.09 14.26 -14.29
N LEU I 636 -78.91 15.52 -14.56
CA LEU I 636 -77.65 16.13 -14.23
C LEU I 636 -77.88 17.21 -13.18
N PRO I 637 -76.90 17.46 -12.31
CA PRO I 637 -77.07 18.52 -11.31
C PRO I 637 -77.50 19.81 -11.97
N HIS I 638 -78.44 20.47 -11.35
CA HIS I 638 -79.14 21.54 -12.04
C HIS I 638 -78.28 22.78 -12.16
N THR I 639 -77.24 22.89 -11.32
CA THR I 639 -76.25 23.95 -11.45
C THR I 639 -75.31 23.67 -12.60
N LEU I 640 -75.06 22.40 -12.90
CA LEU I 640 -74.17 22.06 -13.99
C LEU I 640 -74.85 22.25 -15.35
N LEU I 641 -76.14 21.99 -15.44
CA LEU I 641 -76.84 22.21 -16.70
C LEU I 641 -76.86 23.67 -17.10
N SER I 642 -76.84 24.59 -16.14
CA SER I 642 -76.84 25.99 -16.53
C SER I 642 -75.53 26.43 -17.16
N ARG I 643 -74.46 25.64 -16.99
CA ARG I 643 -73.18 26.00 -17.61
C ARG I 643 -73.19 25.76 -19.10
N PHE I 644 -74.01 24.83 -19.58
CA PHE I 644 -74.15 24.60 -21.01
C PHE I 644 -75.10 25.61 -21.61
N ASP I 645 -74.72 26.17 -22.74
CA ASP I 645 -75.57 27.15 -23.37
C ASP I 645 -76.37 26.60 -24.54
N LEU I 646 -76.23 25.31 -24.83
CA LEU I 646 -77.17 24.58 -25.66
C LEU I 646 -77.24 23.17 -25.11
N ILE I 647 -78.44 22.68 -24.86
CA ILE I 647 -78.67 21.28 -24.53
C ILE I 647 -79.50 20.70 -25.68
N PHE I 648 -78.87 19.99 -26.59
CA PHE I 648 -79.56 19.36 -27.70
C PHE I 648 -80.10 18.01 -27.26
N LEU I 649 -81.41 17.84 -27.34
CA LEU I 649 -82.06 16.58 -26.99
C LEU I 649 -82.12 15.72 -28.23
N LEU I 650 -81.21 14.76 -28.35
CA LEU I 650 -81.14 13.90 -29.52
C LEU I 650 -82.07 12.70 -29.32
N LEU I 651 -83.35 12.97 -29.45
CA LEU I 651 -84.37 11.96 -29.19
C LEU I 651 -84.75 11.24 -30.46
N ASP I 652 -85.20 10.01 -30.30
CA ASP I 652 -85.58 9.17 -31.42
C ASP I 652 -87.09 9.28 -31.62
N PRO I 653 -87.58 9.85 -32.71
CA PRO I 653 -88.99 9.73 -33.00
C PRO I 653 -89.25 8.35 -33.56
N GLN I 654 -90.33 7.72 -33.12
CA GLN I 654 -90.58 6.39 -33.64
C GLN I 654 -91.15 6.54 -35.05
N ASP I 655 -90.44 7.25 -35.90
CA ASP I 655 -90.96 7.73 -37.17
C ASP I 655 -90.43 6.88 -38.32
N GLU I 656 -91.35 6.33 -39.10
CA GLU I 656 -90.98 5.41 -40.17
C GLU I 656 -90.35 6.13 -41.35
N ALA I 657 -90.82 7.34 -41.66
CA ALA I 657 -90.22 8.09 -42.75
C ALA I 657 -88.77 8.42 -42.46
N TYR I 658 -88.48 8.87 -41.24
CA TYR I 658 -87.10 9.13 -40.87
C TYR I 658 -86.30 7.86 -40.89
N ASP I 659 -86.90 6.75 -40.44
CA ASP I 659 -86.21 5.47 -40.54
C ASP I 659 -85.78 5.19 -41.95
N ARG I 660 -86.67 5.39 -42.91
CA ARG I 660 -86.34 5.09 -44.31
C ARG I 660 -85.26 6.01 -44.83
N ARG I 661 -85.36 7.31 -44.55
CA ARG I 661 -84.35 8.25 -45.05
C ARG I 661 -82.98 7.99 -44.43
N LEU I 662 -82.93 7.75 -43.12
CA LEU I 662 -81.66 7.42 -42.47
C LEU I 662 -81.10 6.11 -42.98
N ALA I 663 -81.97 5.13 -43.21
CA ALA I 663 -81.50 3.85 -43.72
C ALA I 663 -80.87 4.02 -45.10
N HIS I 664 -81.48 4.84 -45.94
CA HIS I 664 -80.87 5.08 -47.24
C HIS I 664 -79.54 5.81 -47.12
N HIS I 665 -79.44 6.79 -46.24
CA HIS I 665 -78.17 7.47 -46.07
C HIS I 665 -77.09 6.49 -45.61
N LEU I 666 -77.42 5.66 -44.63
CA LEU I 666 -76.43 4.74 -44.06
C LEU I 666 -76.03 3.66 -45.04
N VAL I 667 -76.97 3.11 -45.81
CA VAL I 667 -76.60 2.09 -46.78
C VAL I 667 -75.81 2.71 -47.91
N ALA I 668 -76.26 3.86 -48.43
CA ALA I 668 -75.52 4.55 -49.48
C ALA I 668 -74.11 4.85 -49.02
N LEU I 669 -73.93 4.94 -47.73
CA LEU I 669 -72.61 5.15 -47.16
C LEU I 669 -71.72 3.92 -47.31
N TYR I 670 -72.27 2.77 -47.71
CA TYR I 670 -71.49 1.55 -47.89
C TYR I 670 -71.08 1.27 -49.33
N TYR I 671 -71.41 2.11 -50.27
CA TYR I 671 -70.81 1.86 -51.57
C TYR I 671 -70.17 3.09 -52.18
N GLN I 672 -70.77 4.25 -52.02
CA GLN I 672 -70.26 5.47 -52.64
C GLN I 672 -71.02 6.66 -52.08
N LEU I 682 -69.92 22.27 -49.61
CA LEU I 682 -68.93 23.32 -49.48
C LEU I 682 -67.58 22.74 -49.13
N ASP I 683 -66.54 23.29 -49.75
CA ASP I 683 -65.19 22.79 -49.58
C ASP I 683 -64.78 22.87 -48.12
N MET I 684 -63.64 22.25 -47.80
CA MET I 684 -63.10 22.45 -46.47
C MET I 684 -62.19 23.66 -46.38
N ALA I 685 -61.32 23.85 -47.36
CA ALA I 685 -60.35 24.94 -47.28
C ALA I 685 -61.06 26.27 -47.18
N VAL I 686 -62.21 26.42 -47.83
CA VAL I 686 -62.96 27.66 -47.72
C VAL I 686 -63.57 27.79 -46.34
N LEU I 687 -64.08 26.69 -45.78
CA LEU I 687 -64.58 26.72 -44.42
C LEU I 687 -63.49 27.06 -43.43
N LYS I 688 -62.34 26.42 -43.59
CA LYS I 688 -61.19 26.68 -42.75
C LYS I 688 -60.80 28.16 -42.78
N ASP I 689 -60.68 28.72 -43.98
CA ASP I 689 -60.27 30.11 -44.12
C ASP I 689 -61.36 31.07 -43.68
N TYR I 690 -62.61 30.72 -43.89
CA TYR I 690 -63.71 31.55 -43.42
C TYR I 690 -63.66 31.67 -41.90
N ILE I 691 -63.52 30.54 -41.21
CA ILE I 691 -63.48 30.58 -39.76
C ILE I 691 -62.25 31.33 -39.28
N ALA I 692 -61.10 31.12 -39.93
CA ALA I 692 -59.89 31.82 -39.52
C ALA I 692 -60.04 33.32 -39.69
N TYR I 693 -60.65 33.76 -40.79
CA TYR I 693 -60.87 35.18 -41.01
C TYR I 693 -61.81 35.76 -39.97
N ALA I 694 -62.88 35.05 -39.67
CA ALA I 694 -63.82 35.53 -38.66
C ALA I 694 -63.16 35.65 -37.31
N HIS I 695 -62.31 34.69 -36.94
CA HIS I 695 -61.62 34.80 -35.67
C HIS I 695 -60.63 35.95 -35.67
N SER I 696 -59.94 36.17 -36.79
CA SER I 696 -58.95 37.23 -36.83
C SER I 696 -59.60 38.61 -36.73
N THR I 697 -60.60 38.89 -37.55
CA THR I 697 -60.99 40.27 -37.76
C THR I 697 -62.31 40.68 -37.14
N ILE I 698 -63.24 39.76 -36.95
CA ILE I 698 -64.60 40.12 -36.56
C ILE I 698 -64.73 40.07 -35.04
N MET I 699 -65.13 41.19 -34.45
CA MET I 699 -65.38 41.31 -33.02
C MET I 699 -66.76 41.89 -32.84
N PRO I 700 -67.80 41.07 -32.92
CA PRO I 700 -69.16 41.61 -32.88
C PRO I 700 -69.45 42.35 -31.59
N ARG I 701 -70.15 43.47 -31.71
CA ARG I 701 -70.57 44.27 -30.57
C ARG I 701 -72.07 44.41 -30.61
N LEU I 702 -72.68 44.46 -29.43
CA LEU I 702 -74.13 44.52 -29.35
C LEU I 702 -74.64 45.89 -29.78
N SER I 703 -75.62 45.89 -30.67
CA SER I 703 -76.32 47.10 -31.03
C SER I 703 -77.46 47.35 -30.05
N GLU I 704 -77.99 48.57 -30.07
CA GLU I 704 -79.02 48.94 -29.10
C GLU I 704 -80.27 48.10 -29.29
N GLU I 705 -80.68 47.87 -30.53
CA GLU I 705 -81.87 47.09 -30.75
C GLU I 705 -81.63 45.61 -30.49
N ALA I 706 -80.39 45.14 -30.69
CA ALA I 706 -80.03 43.81 -30.21
C ALA I 706 -80.08 43.73 -28.70
N SER I 707 -79.63 44.78 -28.01
CA SER I 707 -79.72 44.82 -26.56
C SER I 707 -81.17 44.63 -26.10
N GLN I 708 -82.08 45.39 -26.71
CA GLN I 708 -83.48 45.26 -26.33
C GLN I 708 -84.03 43.88 -26.64
N ALA I 709 -83.65 43.32 -27.79
CA ALA I 709 -84.14 41.99 -28.13
C ALA I 709 -83.67 40.98 -27.10
N LEU I 710 -82.44 41.12 -26.63
CA LEU I 710 -81.93 40.22 -25.60
C LEU I 710 -82.67 40.37 -24.29
N ILE I 711 -82.98 41.60 -23.87
CA ILE I 711 -83.73 41.78 -22.64
C ILE I 711 -85.06 41.05 -22.72
N GLU I 712 -85.79 41.29 -23.81
CA GLU I 712 -87.10 40.67 -23.96
C GLU I 712 -86.97 39.16 -24.01
N ALA I 713 -85.97 38.66 -24.74
CA ALA I 713 -85.80 37.23 -24.88
C ALA I 713 -85.53 36.57 -23.55
N TYR I 714 -84.69 37.18 -22.71
CA TYR I 714 -84.41 36.59 -21.42
C TYR I 714 -85.66 36.55 -20.56
N VAL I 715 -86.41 37.65 -20.52
CA VAL I 715 -87.62 37.65 -19.69
C VAL I 715 -88.59 36.56 -20.15
N ASP I 716 -88.78 36.46 -21.47
CA ASP I 716 -89.70 35.45 -21.99
C ASP I 716 -89.21 34.04 -21.68
N MET I 717 -87.93 33.76 -21.95
CA MET I 717 -87.40 32.44 -21.73
C MET I 717 -87.43 32.07 -20.26
N ARG I 718 -87.36 33.05 -19.38
CA ARG I 718 -87.42 32.77 -17.96
C ARG I 718 -88.85 32.46 -17.54
N LYS I 719 -89.83 33.12 -18.15
CA LYS I 719 -91.22 32.73 -17.94
C LYS I 719 -91.44 31.30 -18.39
N ILE I 720 -90.89 30.95 -19.56
CA ILE I 720 -91.16 29.66 -20.16
C ILE I 720 -90.52 28.54 -19.34
N GLY I 721 -89.27 28.70 -18.96
CA GLY I 721 -88.55 27.66 -18.27
C GLY I 721 -88.88 27.49 -16.82
N SER I 722 -89.70 28.36 -16.26
CA SER I 722 -90.13 28.25 -14.87
C SER I 722 -91.21 27.28 -14.68
N SER I 723 -91.49 26.44 -15.68
CA SER I 723 -92.55 25.45 -15.59
C SER I 723 -92.06 24.27 -14.76
N ARG I 724 -92.82 23.18 -14.81
CA ARG I 724 -92.70 22.10 -13.83
C ARG I 724 -91.34 21.40 -13.85
N GLY I 725 -91.06 20.68 -14.91
CA GLY I 725 -89.87 19.87 -14.98
C GLY I 725 -89.01 20.19 -16.18
N MET I 726 -89.10 21.42 -16.64
CA MET I 726 -88.27 21.91 -17.73
C MET I 726 -86.96 22.45 -17.18
N VAL I 727 -85.96 22.50 -18.05
CA VAL I 727 -84.67 23.08 -17.69
C VAL I 727 -84.88 24.57 -17.51
N SER I 728 -84.73 25.06 -16.28
CA SER I 728 -85.02 26.45 -15.99
C SER I 728 -83.94 27.36 -16.55
N ALA I 729 -84.27 28.65 -16.60
CA ALA I 729 -83.35 29.66 -17.09
C ALA I 729 -82.87 30.51 -15.94
N TYR I 730 -81.59 30.78 -15.91
CA TYR I 730 -81.01 31.61 -14.88
C TYR I 730 -80.36 32.80 -15.57
N PRO I 731 -79.91 33.82 -14.85
CA PRO I 731 -79.23 34.94 -15.51
C PRO I 731 -78.07 34.50 -16.37
N ARG I 732 -77.65 33.26 -16.20
CA ARG I 732 -76.58 32.70 -17.00
C ARG I 732 -77.04 32.38 -18.41
N GLN I 733 -78.34 32.11 -18.60
CA GLN I 733 -78.87 31.86 -19.95
C GLN I 733 -78.99 33.13 -20.76
N LEU I 734 -79.08 34.29 -20.12
CA LEU I 734 -78.98 35.52 -20.89
C LEU I 734 -77.59 35.68 -21.51
N GLU I 735 -76.55 35.36 -20.76
CA GLU I 735 -75.21 35.38 -21.33
C GLU I 735 -75.03 34.27 -22.34
N SER I 736 -75.70 33.14 -22.16
CA SER I 736 -75.73 32.12 -23.21
C SER I 736 -76.27 32.70 -24.50
N LEU I 737 -77.38 33.43 -24.42
CA LEU I 737 -77.95 34.05 -25.60
C LEU I 737 -76.99 35.06 -26.20
N ILE I 738 -76.33 35.84 -25.36
CA ILE I 738 -75.38 36.83 -25.86
C ILE I 738 -74.26 36.16 -26.62
N ARG I 739 -73.73 35.06 -26.08
CA ARG I 739 -72.66 34.34 -26.74
C ARG I 739 -73.11 33.77 -28.07
N LEU I 740 -74.30 33.18 -28.10
CA LEU I 740 -74.80 32.61 -29.34
C LEU I 740 -75.05 33.69 -30.38
N ALA I 741 -75.59 34.83 -29.97
CA ALA I 741 -75.83 35.91 -30.91
C ALA I 741 -74.52 36.47 -31.45
N GLU I 742 -73.52 36.63 -30.59
CA GLU I 742 -72.23 37.12 -31.05
C GLU I 742 -71.59 36.14 -32.00
N ALA I 743 -71.68 34.84 -31.71
CA ALA I 743 -71.15 33.85 -32.62
C ALA I 743 -71.86 33.90 -33.96
N HIS I 744 -73.18 34.03 -33.94
CA HIS I 744 -73.94 34.08 -35.19
C HIS I 744 -73.62 35.32 -36.00
N ALA I 745 -73.47 36.47 -35.35
CA ALA I 745 -73.03 37.66 -36.05
C ALA I 745 -71.65 37.47 -36.64
N LYS I 746 -70.80 36.76 -35.92
CA LYS I 746 -69.48 36.45 -36.43
C LYS I 746 -69.53 35.52 -37.63
N VAL I 747 -70.55 34.67 -37.72
CA VAL I 747 -70.73 33.84 -38.91
C VAL I 747 -71.02 34.70 -40.12
N ARG I 748 -71.77 35.78 -39.93
CA ARG I 748 -72.09 36.70 -41.00
C ARG I 748 -70.93 37.63 -41.34
N LEU I 749 -69.81 37.53 -40.63
CA LEU I 749 -68.75 38.52 -40.70
C LEU I 749 -69.30 39.91 -40.42
N SER I 750 -70.16 40.00 -39.42
CA SER I 750 -70.99 41.18 -39.25
C SER I 750 -70.25 42.32 -38.56
N ASN I 751 -69.56 42.04 -37.46
CA ASN I 751 -68.92 43.02 -36.60
C ASN I 751 -69.94 43.84 -35.83
N LYS I 752 -71.23 43.53 -35.94
CA LYS I 752 -72.28 44.24 -35.24
C LYS I 752 -73.41 43.26 -34.98
N VAL I 753 -73.78 43.08 -33.72
CA VAL I 753 -74.83 42.12 -33.38
C VAL I 753 -76.18 42.81 -33.55
N GLU I 754 -77.06 42.18 -34.31
CA GLU I 754 -78.34 42.76 -34.68
C GLU I 754 -79.46 41.81 -34.27
N ALA I 755 -80.70 42.22 -34.53
CA ALA I 755 -81.84 41.46 -34.03
C ALA I 755 -81.91 40.07 -34.66
N ILE I 756 -81.40 39.91 -35.87
CA ILE I 756 -81.43 38.61 -36.53
C ILE I 756 -80.54 37.62 -35.78
N ASP I 757 -79.41 38.09 -35.27
CA ASP I 757 -78.53 37.22 -34.48
C ASP I 757 -79.20 36.78 -33.20
N VAL I 758 -79.85 37.70 -32.49
CA VAL I 758 -80.55 37.34 -31.27
C VAL I 758 -81.71 36.42 -31.59
N GLU I 759 -82.38 36.63 -32.73
CA GLU I 759 -83.48 35.77 -33.10
C GLU I 759 -83.01 34.35 -33.34
N GLU I 760 -81.87 34.20 -34.00
CA GLU I 760 -81.34 32.86 -34.22
C GLU I 760 -80.83 32.24 -32.93
N ALA I 761 -80.29 33.04 -32.03
CA ALA I 761 -79.91 32.53 -30.72
C ALA I 761 -81.11 31.96 -29.99
N LYS I 762 -82.21 32.72 -29.95
CA LYS I 762 -83.44 32.23 -29.35
C LYS I 762 -83.91 30.95 -30.02
N ARG I 763 -83.91 30.93 -31.34
CA ARG I 763 -84.45 29.77 -32.02
C ARG I 763 -83.61 28.54 -31.74
N LEU I 764 -82.29 28.67 -31.81
CA LEU I 764 -81.43 27.54 -31.51
C LEU I 764 -81.62 27.07 -30.09
N HIS I 765 -81.75 28.01 -29.16
CA HIS I 765 -81.91 27.62 -27.76
C HIS I 765 -83.21 26.89 -27.53
N ARG I 766 -84.26 27.25 -28.25
CA ARG I 766 -85.55 26.59 -28.11
C ARG I 766 -85.60 25.24 -28.81
N GLU I 767 -84.99 25.14 -29.99
CA GLU I 767 -85.03 23.89 -30.75
C GLU I 767 -84.31 22.78 -30.01
N ALA I 768 -83.08 23.05 -29.58
CA ALA I 768 -82.51 22.26 -28.51
C ALA I 768 -83.42 22.39 -27.32
N LEU I 769 -83.58 21.31 -26.58
CA LEU I 769 -84.52 21.17 -25.47
C LEU I 769 -85.93 20.97 -25.97
N LYS I 770 -86.19 21.07 -27.27
CA LYS I 770 -87.49 20.76 -27.84
C LYS I 770 -88.61 21.47 -27.09
N GLN I 771 -88.45 22.77 -26.88
CA GLN I 771 -89.43 23.49 -26.07
C GLN I 771 -90.73 23.75 -26.79
N SER I 772 -90.80 23.54 -28.10
CA SER I 772 -92.10 23.56 -28.77
C SER I 772 -92.87 22.28 -28.51
N ALA I 773 -92.18 21.16 -28.35
CA ALA I 773 -92.81 19.89 -28.05
C ALA I 773 -92.98 19.67 -26.56
N THR I 774 -92.59 20.62 -25.73
CA THR I 774 -92.65 20.47 -24.27
C THR I 774 -93.88 21.22 -23.78
N ASP I 775 -94.73 20.54 -23.04
CA ASP I 775 -95.76 21.32 -22.39
C ASP I 775 -95.27 21.81 -21.04
N PRO I 776 -95.84 22.89 -20.53
CA PRO I 776 -95.40 23.43 -19.24
C PRO I 776 -95.75 22.57 -18.04
N ARG I 777 -96.19 21.34 -18.26
CA ARG I 777 -96.51 20.45 -17.17
C ARG I 777 -95.69 19.17 -17.15
N THR I 778 -95.32 18.64 -18.30
CA THR I 778 -94.84 17.26 -18.41
C THR I 778 -93.71 17.21 -19.45
N GLY I 779 -93.43 16.02 -19.96
CA GLY I 779 -92.39 15.82 -20.95
C GLY I 779 -92.88 16.12 -22.35
N ILE I 780 -92.18 15.54 -23.33
CA ILE I 780 -92.39 15.85 -24.73
C ILE I 780 -92.87 14.59 -25.46
N VAL I 781 -93.22 14.75 -26.74
CA VAL I 781 -93.73 13.59 -27.49
C VAL I 781 -92.97 13.25 -28.77
N ASP I 782 -93.04 14.11 -29.79
CA ASP I 782 -92.47 13.78 -31.11
C ASP I 782 -92.63 14.90 -32.13
N ILE I 783 -91.68 15.00 -33.04
CA ILE I 783 -91.74 15.98 -34.11
C ILE I 783 -91.79 15.29 -35.47
N SER J 2 18.45 -26.12 10.94
CA SER J 2 18.32 -25.20 12.05
C SER J 2 17.32 -24.09 11.75
N GLY J 3 17.72 -23.09 10.98
CA GLY J 3 16.92 -21.88 10.89
C GLY J 3 15.66 -22.00 10.08
N PHE J 4 14.90 -23.07 10.30
CA PHE J 4 13.69 -23.37 9.54
C PHE J 4 12.43 -23.27 10.38
N ASP J 5 12.46 -23.87 11.57
CA ASP J 5 11.28 -23.94 12.42
C ASP J 5 11.31 -22.83 13.44
N ASP J 6 10.13 -22.46 13.90
CA ASP J 6 10.00 -21.51 15.00
C ASP J 6 9.19 -22.16 16.10
N PRO J 7 9.80 -22.59 17.20
CA PRO J 7 9.00 -22.97 18.37
C PRO J 7 8.31 -21.74 18.91
N GLY J 8 7.30 -21.97 19.70
CA GLY J 8 6.65 -20.81 20.27
C GLY J 8 7.49 -20.18 21.35
N ILE J 9 6.83 -19.33 22.12
CA ILE J 9 7.35 -18.77 23.35
C ILE J 9 6.63 -19.48 24.49
N PHE J 10 7.36 -19.76 25.56
CA PHE J 10 6.76 -20.40 26.71
C PHE J 10 6.87 -19.50 27.92
N TYR J 11 5.91 -19.61 28.81
CA TYR J 11 5.98 -18.91 30.07
C TYR J 11 5.50 -19.86 31.15
N SER J 12 5.78 -19.50 32.39
CA SER J 12 5.37 -20.27 33.54
C SER J 12 4.27 -19.53 34.27
N ASP J 13 3.82 -20.12 35.36
CA ASP J 13 2.99 -19.38 36.30
C ASP J 13 3.86 -18.35 37.00
N SER J 14 3.20 -17.43 37.70
CA SER J 14 3.94 -16.50 38.52
C SER J 14 4.51 -17.22 39.73
N PHE J 15 5.79 -17.02 40.00
CA PHE J 15 6.39 -17.57 41.21
C PHE J 15 6.34 -16.55 42.35
N GLY J 16 5.19 -15.96 42.57
CA GLY J 16 5.00 -15.11 43.73
C GLY J 16 5.61 -13.73 43.55
N GLY J 17 5.45 -12.92 44.58
CA GLY J 17 5.89 -11.54 44.53
C GLY J 17 4.74 -10.55 44.55
N GLY J 24 -0.04 -1.27 47.24
CA GLY J 24 -0.59 -0.16 46.46
C GLY J 24 -2.05 -0.35 46.08
N GLN J 25 -2.43 0.17 44.92
CA GLN J 25 -3.79 0.01 44.40
C GLN J 25 -3.88 -1.32 43.66
N ALA J 26 -4.88 -2.12 44.02
CA ALA J 26 -4.92 -3.51 43.58
C ALA J 26 -4.92 -3.60 42.07
N ARG J 27 -4.16 -4.54 41.55
CA ARG J 27 -4.07 -4.79 40.13
C ARG J 27 -5.24 -5.66 39.69
N LYS J 28 -5.46 -5.71 38.39
CA LYS J 28 -6.60 -6.44 37.87
C LYS J 28 -6.50 -7.93 38.17
N SER J 29 -5.27 -8.46 38.29
CA SER J 29 -5.11 -9.85 38.69
C SER J 29 -5.64 -10.08 40.08
N GLN J 30 -5.29 -9.20 41.02
CA GLN J 30 -5.76 -9.34 42.38
C GLN J 30 -7.26 -9.15 42.48
N LEU J 31 -7.80 -8.20 41.72
CA LEU J 31 -9.24 -8.01 41.71
C LEU J 31 -9.96 -9.22 41.14
N GLN J 32 -9.40 -9.83 40.10
CA GLN J 32 -10.00 -11.04 39.57
C GLN J 32 -9.93 -12.17 40.58
N ARG J 33 -8.84 -12.25 41.33
CA ARG J 33 -8.74 -13.26 42.40
C ARG J 33 -9.80 -13.03 43.47
N ARG J 34 -10.02 -11.77 43.83
CA ARG J 34 -11.05 -11.46 44.82
C ARG J 34 -12.44 -11.74 44.29
N PHE J 35 -12.68 -11.48 43.01
CA PHE J 35 -13.95 -11.85 42.40
C PHE J 35 -14.14 -13.35 42.43
N LYS J 36 -13.07 -14.10 42.15
CA LYS J 36 -13.18 -15.55 42.17
C LYS J 36 -13.46 -16.06 43.57
N GLU J 37 -12.79 -15.50 44.57
CA GLU J 37 -13.03 -15.93 45.93
C GLU J 37 -14.40 -15.51 46.42
N PHE J 38 -14.94 -14.41 45.91
CA PHE J 38 -16.32 -14.07 46.25
C PHE J 38 -17.28 -15.07 45.64
N LEU J 39 -17.07 -15.42 44.38
CA LEU J 39 -17.98 -16.36 43.72
C LEU J 39 -17.95 -17.70 44.40
N ARG J 40 -16.77 -18.16 44.80
CA ARG J 40 -16.66 -19.48 45.40
C ARG J 40 -16.81 -19.49 46.91
N GLN J 41 -16.85 -18.33 47.56
CA GLN J 41 -16.97 -18.28 49.00
C GLN J 41 -18.20 -17.56 49.49
N TYR J 42 -18.99 -16.95 48.63
CA TYR J 42 -20.17 -16.26 49.12
C TYR J 42 -21.17 -17.27 49.67
N ARG J 43 -21.79 -16.91 50.78
CA ARG J 43 -22.43 -17.86 51.66
C ARG J 43 -23.76 -17.29 52.12
N VAL J 44 -24.83 -18.04 51.90
CA VAL J 44 -26.16 -17.65 52.37
C VAL J 44 -26.64 -18.70 53.37
N GLY J 45 -27.75 -18.37 54.02
CA GLY J 45 -28.32 -19.22 55.05
C GLY J 45 -27.90 -18.78 56.43
N THR J 46 -28.42 -19.51 57.41
CA THR J 46 -28.12 -19.27 58.82
C THR J 46 -27.74 -20.59 59.46
N ASP J 47 -27.32 -20.51 60.73
CA ASP J 47 -26.88 -21.71 61.43
C ASP J 47 -27.98 -22.77 61.47
N ARG J 48 -29.20 -22.35 61.77
CA ARG J 48 -30.30 -23.31 61.84
C ARG J 48 -30.72 -23.77 60.45
N THR J 49 -30.72 -22.85 59.48
CA THR J 49 -31.04 -23.20 58.10
C THR J 49 -29.87 -23.83 57.37
N GLY J 50 -28.68 -23.85 57.96
CA GLY J 50 -27.51 -24.33 57.26
C GLY J 50 -27.00 -23.27 56.31
N PHE J 51 -25.97 -23.64 55.56
CA PHE J 51 -25.34 -22.68 54.66
C PHE J 51 -25.10 -23.32 53.31
N THR J 52 -25.33 -22.55 52.26
CA THR J 52 -24.97 -22.92 50.91
C THR J 52 -24.11 -21.82 50.31
N PHE J 53 -23.34 -22.19 49.30
CA PHE J 53 -22.56 -21.25 48.52
C PHE J 53 -23.39 -20.92 47.29
N LYS J 54 -24.05 -19.77 47.32
CA LYS J 54 -25.06 -19.45 46.32
C LYS J 54 -24.47 -19.48 44.93
N TYR J 55 -23.38 -18.73 44.70
CA TYR J 55 -22.90 -18.58 43.34
C TYR J 55 -22.11 -19.79 42.88
N ARG J 56 -21.44 -20.47 43.80
CA ARG J 56 -20.74 -21.71 43.43
C ARG J 56 -21.72 -22.78 42.98
N ASP J 57 -22.76 -23.03 43.78
CA ASP J 57 -23.76 -24.01 43.41
C ASP J 57 -24.51 -23.57 42.16
N GLU J 58 -24.78 -22.28 42.03
CA GLU J 58 -25.44 -21.79 40.84
C GLU J 58 -24.60 -22.00 39.59
N LEU J 59 -23.30 -21.75 39.67
CA LEU J 59 -22.42 -22.02 38.55
C LEU J 59 -22.45 -23.50 38.19
N LYS J 60 -22.38 -24.37 39.19
CA LYS J 60 -22.40 -25.79 38.90
C LYS J 60 -23.70 -26.18 38.22
N ARG J 61 -24.83 -25.70 38.75
CA ARG J 61 -26.12 -26.06 38.21
C ARG J 61 -26.31 -25.52 36.80
N HIS J 62 -25.97 -24.26 36.57
CA HIS J 62 -26.13 -23.70 35.23
C HIS J 62 -25.20 -24.34 34.22
N TYR J 63 -23.96 -24.60 34.60
CA TYR J 63 -23.04 -25.21 33.66
C TYR J 63 -23.49 -26.62 33.29
N ASN J 64 -23.93 -27.40 34.28
CA ASN J 64 -24.32 -28.76 33.96
C ASN J 64 -25.56 -28.79 33.06
N LEU J 65 -26.42 -27.79 33.18
CA LEU J 65 -27.53 -27.59 32.27
C LEU J 65 -27.12 -26.96 30.94
N GLY J 66 -25.86 -26.59 30.77
CA GLY J 66 -25.45 -25.90 29.57
C GLY J 66 -26.00 -24.50 29.44
N GLU J 67 -26.03 -23.75 30.54
CA GLU J 67 -26.56 -22.40 30.57
C GLU J 67 -25.50 -21.33 30.40
N TYR J 68 -24.34 -21.48 31.00
CA TYR J 68 -23.19 -20.58 30.73
C TYR J 68 -23.50 -19.14 31.06
N TRP J 69 -24.33 -18.91 32.06
CA TRP J 69 -24.57 -17.59 32.59
C TRP J 69 -24.99 -17.70 34.03
N ILE J 70 -24.66 -16.68 34.82
CA ILE J 70 -25.19 -16.53 36.17
C ILE J 70 -25.54 -15.08 36.36
N GLU J 71 -26.39 -14.84 37.34
CA GLU J 71 -26.82 -13.50 37.71
C GLU J 71 -26.28 -13.20 39.10
N VAL J 72 -25.55 -12.11 39.23
CA VAL J 72 -24.89 -11.74 40.47
C VAL J 72 -25.58 -10.53 41.04
N GLU J 73 -26.06 -10.63 42.27
CA GLU J 73 -26.64 -9.48 42.95
C GLU J 73 -25.55 -8.56 43.44
N MET J 74 -25.73 -7.27 43.22
CA MET J 74 -24.75 -6.29 43.62
C MET J 74 -24.71 -6.08 45.11
N GLU J 75 -25.78 -6.45 45.81
CA GLU J 75 -25.79 -6.33 47.27
C GLU J 75 -24.99 -7.44 47.92
N ASP J 76 -25.06 -8.66 47.40
CA ASP J 76 -24.22 -9.73 47.90
C ASP J 76 -22.76 -9.35 47.76
N LEU J 77 -22.40 -8.87 46.58
CA LEU J 77 -21.02 -8.51 46.32
C LEU J 77 -20.60 -7.32 47.18
N ALA J 78 -21.49 -6.35 47.36
CA ALA J 78 -21.14 -5.19 48.18
C ALA J 78 -20.91 -5.59 49.62
N SER J 79 -21.70 -6.54 50.12
CA SER J 79 -21.46 -7.06 51.45
C SER J 79 -20.13 -7.78 51.54
N PHE J 80 -19.89 -8.72 50.63
CA PHE J 80 -18.66 -9.51 50.70
C PHE J 80 -17.42 -8.65 50.57
N ASP J 81 -17.42 -7.71 49.63
CA ASP J 81 -16.24 -6.91 49.32
C ASP J 81 -16.73 -5.59 48.76
N GLU J 82 -16.77 -4.55 49.59
CA GLU J 82 -17.38 -3.30 49.17
C GLU J 82 -16.60 -2.66 48.03
N ASP J 83 -15.28 -2.80 48.04
CA ASP J 83 -14.47 -2.19 47.00
C ASP J 83 -14.78 -2.78 45.64
N LEU J 84 -15.05 -4.08 45.58
CA LEU J 84 -15.39 -4.70 44.32
C LEU J 84 -16.67 -4.12 43.74
N ALA J 85 -17.69 -3.94 44.57
CA ALA J 85 -18.93 -3.37 44.10
C ALA J 85 -18.73 -1.92 43.67
N ASP J 86 -17.92 -1.18 44.40
CA ASP J 86 -17.62 0.18 43.97
C ASP J 86 -16.91 0.19 42.62
N TYR J 87 -16.03 -0.78 42.38
CA TYR J 87 -15.36 -0.88 41.09
C TYR J 87 -16.34 -1.17 39.98
N LEU J 88 -17.25 -2.11 40.18
CA LEU J 88 -18.26 -2.37 39.16
C LEU J 88 -19.13 -1.15 38.89
N TYR J 89 -19.51 -0.43 39.93
CA TYR J 89 -20.37 0.72 39.71
C TYR J 89 -19.63 1.80 38.94
N LYS J 90 -18.38 2.04 39.28
CA LYS J 90 -17.67 3.17 38.70
C LYS J 90 -17.01 2.81 37.38
N GLN J 91 -16.48 1.61 37.27
CA GLN J 91 -15.74 1.18 36.08
C GLN J 91 -16.22 -0.19 35.65
N PRO J 92 -17.42 -0.27 35.09
CA PRO J 92 -18.03 -1.58 34.90
C PRO J 92 -17.41 -2.40 33.80
N ALA J 93 -16.85 -1.78 32.77
CA ALA J 93 -16.39 -2.56 31.63
C ALA J 93 -15.26 -3.49 32.02
N GLU J 94 -14.19 -2.92 32.57
CA GLU J 94 -13.02 -3.73 32.86
C GLU J 94 -13.28 -4.66 34.03
N HIS J 95 -14.02 -4.20 35.03
CA HIS J 95 -14.26 -5.07 36.16
C HIS J 95 -15.29 -6.13 35.87
N LEU J 96 -16.23 -5.89 34.97
CA LEU J 96 -17.11 -6.96 34.55
C LEU J 96 -16.35 -7.99 33.75
N GLN J 97 -15.37 -7.55 32.97
CA GLN J 97 -14.49 -8.51 32.30
C GLN J 97 -13.78 -9.40 33.31
N LEU J 98 -13.24 -8.79 34.37
CA LEU J 98 -12.55 -9.58 35.39
C LEU J 98 -13.52 -10.54 36.08
N LEU J 99 -14.73 -10.09 36.39
CA LEU J 99 -15.71 -10.95 37.03
C LEU J 99 -16.11 -12.12 36.14
N GLU J 100 -16.23 -11.88 34.84
CA GLU J 100 -16.62 -12.97 33.95
C GLU J 100 -15.49 -13.99 33.80
N GLU J 101 -14.25 -13.52 33.78
CA GLU J 101 -13.14 -14.46 33.78
C GLU J 101 -13.07 -15.28 35.05
N ALA J 102 -13.29 -14.64 36.20
CA ALA J 102 -13.34 -15.36 37.47
C ALA J 102 -14.46 -16.39 37.48
N ALA J 103 -15.63 -16.02 36.96
CA ALA J 103 -16.75 -16.96 36.90
C ALA J 103 -16.41 -18.15 36.04
N LYS J 104 -15.69 -17.92 34.94
CA LYS J 104 -15.24 -19.03 34.12
C LYS J 104 -14.34 -19.97 34.91
N GLU J 105 -13.41 -19.42 35.69
CA GLU J 105 -12.53 -20.26 36.49
C GLU J 105 -13.31 -21.09 37.51
N VAL J 106 -14.26 -20.47 38.21
CA VAL J 106 -15.01 -21.22 39.21
C VAL J 106 -15.87 -22.28 38.55
N ALA J 107 -16.41 -21.98 37.37
CA ALA J 107 -17.18 -23.00 36.65
C ALA J 107 -16.29 -24.18 36.32
N ASP J 108 -15.05 -23.92 35.88
CA ASP J 108 -14.14 -25.02 35.59
C ASP J 108 -13.86 -25.84 36.83
N GLU J 109 -13.64 -25.18 37.96
CA GLU J 109 -13.38 -25.93 39.19
C GLU J 109 -14.56 -26.79 39.58
N VAL J 110 -15.76 -26.22 39.62
CA VAL J 110 -16.88 -26.95 40.19
C VAL J 110 -17.35 -28.06 39.26
N THR J 111 -17.26 -27.87 37.95
CA THR J 111 -17.74 -28.92 37.06
C THR J 111 -16.64 -29.90 36.63
N ARG J 112 -15.41 -29.65 37.01
CA ARG J 112 -14.33 -30.57 36.71
C ARG J 112 -14.52 -31.87 37.49
N PRO J 113 -14.27 -33.04 36.88
CA PRO J 113 -13.91 -33.27 35.49
C PRO J 113 -15.14 -33.36 34.60
N ARG J 114 -15.02 -32.98 33.41
CA ARG J 114 -16.28 -32.99 32.72
C ARG J 114 -16.38 -34.22 31.82
N PRO J 115 -17.61 -34.67 31.54
CA PRO J 115 -17.77 -35.82 30.64
C PRO J 115 -17.19 -35.52 29.27
N SER J 116 -16.74 -36.58 28.61
CA SER J 116 -16.07 -36.43 27.32
C SER J 116 -17.00 -35.76 26.32
N GLY J 117 -16.40 -35.00 25.41
CA GLY J 117 -17.14 -34.23 24.44
C GLY J 117 -17.55 -32.87 24.94
N GLU J 118 -17.47 -32.66 26.25
CA GLU J 118 -17.76 -31.39 26.90
C GLU J 118 -16.58 -30.97 27.75
N GLU J 119 -15.39 -31.05 27.17
CA GLU J 119 -14.15 -30.79 27.90
C GLU J 119 -13.70 -29.35 27.77
N VAL J 120 -13.91 -28.73 26.61
CA VAL J 120 -13.53 -27.34 26.42
C VAL J 120 -14.38 -26.46 27.31
N LEU J 121 -13.73 -25.56 28.03
CA LEU J 121 -14.42 -24.68 28.96
C LEU J 121 -15.09 -23.55 28.21
N GLN J 122 -16.30 -23.22 28.64
CA GLN J 122 -17.12 -22.22 27.99
C GLN J 122 -17.12 -20.92 28.78
N ASP J 123 -17.14 -19.81 28.07
CA ASP J 123 -17.25 -18.50 28.72
C ASP J 123 -18.57 -18.40 29.46
N ILE J 124 -18.56 -17.65 30.56
CA ILE J 124 -19.74 -17.43 31.39
C ILE J 124 -20.09 -15.96 31.29
N GLN J 125 -21.31 -15.68 30.90
CA GLN J 125 -21.83 -14.32 30.98
C GLN J 125 -22.33 -14.08 32.40
N VAL J 126 -21.97 -12.95 32.97
CA VAL J 126 -22.44 -12.59 34.29
C VAL J 126 -23.45 -11.47 34.11
N MET J 127 -24.72 -11.75 34.33
CA MET J 127 -25.69 -10.68 34.51
C MET J 127 -25.60 -10.20 35.93
N LEU J 128 -25.64 -8.90 36.09
CA LEU J 128 -25.56 -8.32 37.42
C LEU J 128 -26.85 -7.56 37.70
N LYS J 129 -27.42 -7.77 38.87
CA LYS J 129 -28.68 -7.14 39.22
C LYS J 129 -28.60 -6.54 40.61
N SER J 130 -29.50 -5.59 40.86
CA SER J 130 -29.41 -4.71 42.01
C SER J 130 -30.77 -4.58 42.66
N ASP J 131 -30.78 -4.01 43.86
CA ASP J 131 -32.02 -3.63 44.53
C ASP J 131 -32.16 -2.13 44.66
N ALA J 132 -31.18 -1.37 44.19
CA ALA J 132 -31.31 0.09 44.20
C ALA J 132 -32.46 0.50 43.30
N SER J 133 -33.11 1.59 43.69
CA SER J 133 -34.18 2.12 42.86
C SER J 133 -33.59 2.69 41.57
N PRO J 134 -34.26 2.49 40.44
CA PRO J 134 -33.75 3.04 39.19
C PRO J 134 -33.72 4.56 39.19
N SER J 135 -32.79 5.11 38.43
CA SER J 135 -32.80 6.53 38.13
C SER J 135 -33.48 6.76 36.80
N SER J 136 -34.03 7.95 36.63
CA SER J 136 -34.81 8.18 35.42
C SER J 136 -33.91 8.26 34.20
N ILE J 137 -34.52 8.09 33.03
CA ILE J 137 -33.82 8.33 31.77
C ILE J 137 -33.38 9.77 31.66
N ARG J 138 -34.18 10.71 32.19
CA ARG J 138 -33.79 12.11 32.17
C ARG J 138 -32.56 12.40 33.01
N SER J 139 -32.16 11.47 33.86
CA SER J 139 -30.95 11.61 34.66
C SER J 139 -29.69 11.14 33.94
N LEU J 140 -29.81 10.55 32.77
CA LEU J 140 -28.63 10.11 32.05
C LEU J 140 -27.90 11.32 31.50
N LYS J 141 -27.04 11.91 32.30
CA LYS J 141 -26.26 13.06 31.88
C LYS J 141 -24.86 12.62 31.53
N SER J 142 -24.00 13.59 31.25
CA SER J 142 -22.66 13.30 30.79
C SER J 142 -21.77 12.77 31.90
N ASP J 143 -22.13 12.97 33.15
CA ASP J 143 -21.31 12.47 34.23
C ASP J 143 -21.60 11.03 34.58
N MET J 144 -22.70 10.49 34.08
CA MET J 144 -23.01 9.08 34.26
C MET J 144 -22.39 8.25 33.17
N MET J 145 -21.55 8.85 32.37
CA MET J 145 -21.06 8.28 31.14
C MET J 145 -19.94 7.28 31.42
N SER J 146 -20.10 6.07 30.89
CA SER J 146 -19.25 4.91 31.11
C SER J 146 -19.39 4.33 32.50
N HIS J 147 -20.42 4.71 33.23
CA HIS J 147 -20.71 4.15 34.53
C HIS J 147 -21.85 3.14 34.43
N LEU J 148 -22.10 2.46 35.53
CA LEU J 148 -23.18 1.49 35.60
C LEU J 148 -24.43 2.23 36.04
N VAL J 149 -25.42 2.27 35.16
CA VAL J 149 -26.65 2.96 35.41
C VAL J 149 -27.77 1.94 35.49
N LYS J 150 -28.84 2.34 36.17
CA LYS J 150 -30.06 1.54 36.29
C LYS J 150 -31.25 2.41 35.94
N ILE J 151 -31.89 2.13 34.81
CA ILE J 151 -32.99 2.97 34.38
C ILE J 151 -34.22 2.11 34.11
N PRO J 152 -35.42 2.64 34.24
CA PRO J 152 -36.61 1.89 33.89
C PRO J 152 -37.10 2.26 32.50
N GLY J 153 -38.03 1.53 31.94
CA GLY J 153 -38.59 1.96 30.68
C GLY J 153 -39.41 0.87 30.08
N ILE J 154 -40.01 1.20 28.94
CA ILE J 154 -40.80 0.25 28.18
C ILE J 154 -40.09 0.00 26.86
N ILE J 155 -40.00 -1.24 26.45
CA ILE J 155 -39.33 -1.60 25.22
C ILE J 155 -40.32 -1.55 24.07
N ILE J 156 -39.95 -0.80 23.04
CA ILE J 156 -40.84 -0.56 21.90
C ILE J 156 -40.31 -1.14 20.60
N ALA J 157 -39.08 -1.66 20.59
CA ALA J 157 -38.59 -2.37 19.42
C ALA J 157 -37.52 -3.33 19.86
N ALA J 158 -37.46 -4.48 19.20
CA ALA J 158 -36.46 -5.50 19.50
C ALA J 158 -35.97 -6.07 18.18
N SER J 159 -34.72 -5.80 17.84
CA SER J 159 -34.19 -6.24 16.56
C SER J 159 -34.06 -7.76 16.52
N ALA J 160 -33.91 -8.29 15.31
CA ALA J 160 -33.58 -9.69 15.16
C ALA J 160 -32.23 -9.97 15.80
N VAL J 161 -32.11 -11.15 16.42
CA VAL J 161 -30.84 -11.55 17.00
C VAL J 161 -29.85 -11.85 15.88
N ARG J 162 -28.69 -11.24 15.96
CA ARG J 162 -27.66 -11.41 14.94
C ARG J 162 -26.37 -11.89 15.58
N ALA J 163 -25.32 -11.98 14.77
CA ALA J 163 -24.06 -12.57 15.17
C ALA J 163 -22.98 -11.51 15.21
N LYS J 164 -22.41 -11.29 16.39
CA LYS J 164 -21.28 -10.40 16.54
C LYS J 164 -20.11 -11.23 17.03
N ALA J 165 -18.95 -11.01 16.45
CA ALA J 165 -17.79 -11.80 16.80
C ALA J 165 -17.23 -11.33 18.14
N THR J 166 -16.83 -12.28 18.97
CA THR J 166 -16.03 -11.97 20.15
C THR J 166 -14.55 -12.18 19.89
N ARG J 167 -14.21 -13.19 19.11
CA ARG J 167 -12.86 -13.44 18.65
C ARG J 167 -12.91 -13.59 17.14
N ILE J 168 -11.95 -13.00 16.44
CA ILE J 168 -11.81 -13.20 15.01
C ILE J 168 -10.43 -13.72 14.70
N SER J 169 -10.31 -14.31 13.53
CA SER J 169 -9.04 -14.73 12.96
C SER J 169 -8.94 -14.15 11.56
N ILE J 170 -7.78 -13.63 11.23
CA ILE J 170 -7.54 -13.03 9.93
C ILE J 170 -6.37 -13.75 9.28
N GLN J 171 -6.42 -13.85 7.96
CA GLN J 171 -5.41 -14.55 7.19
C GLN J 171 -4.80 -13.62 6.15
N CYS J 172 -3.50 -13.77 5.93
CA CYS J 172 -2.81 -12.90 4.99
C CYS J 172 -2.97 -13.43 3.58
N ARG J 173 -3.22 -12.53 2.64
CA ARG J 173 -3.60 -12.93 1.29
C ARG J 173 -2.47 -13.61 0.54
N SER J 174 -1.22 -13.28 0.85
CA SER J 174 -0.09 -13.83 0.13
C SER J 174 0.55 -15.03 0.82
N CYS J 175 0.97 -14.89 2.06
CA CYS J 175 1.63 -15.99 2.75
C CYS J 175 0.67 -16.92 3.46
N ARG J 176 -0.61 -16.55 3.51
CA ARG J 176 -1.65 -17.43 4.05
C ARG J 176 -1.55 -17.70 5.55
N ASN J 177 -0.65 -16.99 6.24
CA ASN J 177 -0.51 -17.16 7.67
C ASN J 177 -1.63 -16.41 8.38
N THR J 178 -2.02 -16.93 9.53
CA THR J 178 -3.21 -16.48 10.23
C THR J 178 -2.82 -15.75 11.51
N LEU J 179 -3.74 -14.91 11.98
CA LEU J 179 -3.50 -14.03 13.12
C LEU J 179 -4.64 -14.23 14.12
N THR J 180 -4.79 -15.47 14.59
CA THR J 180 -5.99 -15.98 15.22
C THR J 180 -6.31 -15.35 16.58
N ASN J 181 -7.57 -15.54 16.98
CA ASN J 181 -8.10 -15.25 18.32
C ASN J 181 -7.87 -13.81 18.74
N ILE J 182 -8.04 -12.88 17.80
CA ILE J 182 -8.03 -11.48 18.17
C ILE J 182 -9.30 -11.17 18.93
N ALA J 183 -9.15 -10.57 20.11
CA ALA J 183 -10.30 -10.31 20.96
C ALA J 183 -11.01 -9.05 20.49
N MET J 184 -12.31 -9.13 20.37
CA MET J 184 -13.13 -8.00 19.96
C MET J 184 -13.67 -7.29 21.18
N ARG J 185 -13.78 -5.98 21.09
CA ARG J 185 -14.35 -5.21 22.18
C ARG J 185 -15.86 -5.42 22.23
N PRO J 186 -16.43 -5.61 23.41
CA PRO J 186 -17.88 -5.81 23.50
C PRO J 186 -18.64 -4.51 23.37
N GLY J 187 -19.84 -4.61 22.82
CA GLY J 187 -20.66 -3.45 22.59
C GLY J 187 -20.62 -3.01 21.14
N LEU J 188 -21.10 -1.79 20.92
CA LEU J 188 -21.07 -1.20 19.58
C LEU J 188 -19.71 -0.55 19.37
N GLU J 189 -18.71 -1.40 19.21
CA GLU J 189 -17.34 -0.99 18.94
C GLU J 189 -16.79 -1.88 17.82
N GLY J 190 -16.09 -1.27 16.87
CA GLY J 190 -15.55 -1.98 15.74
C GLY J 190 -14.10 -2.37 15.91
N TYR J 191 -13.50 -2.82 14.82
CA TYR J 191 -12.11 -3.26 14.83
C TYR J 191 -11.45 -2.90 13.52
N ALA J 192 -10.28 -2.29 13.60
CA ALA J 192 -9.47 -1.98 12.43
C ALA J 192 -8.44 -3.06 12.23
N LEU J 193 -8.43 -3.68 11.07
CA LEU J 193 -7.51 -4.77 10.82
C LEU J 193 -6.08 -4.24 10.78
N PRO J 194 -5.10 -5.07 11.12
CA PRO J 194 -3.71 -4.66 10.96
C PRO J 194 -3.38 -4.44 9.50
N ARG J 195 -2.63 -3.37 9.24
CA ARG J 195 -2.27 -3.00 7.89
C ARG J 195 -0.94 -3.56 7.46
N LYS J 196 -0.52 -4.69 8.00
CA LYS J 196 0.82 -5.22 7.75
C LYS J 196 0.92 -6.62 8.30
N CYS J 197 1.50 -7.52 7.52
CA CYS J 197 1.65 -8.90 7.93
C CYS J 197 2.78 -9.06 8.95
N ASN J 198 2.56 -9.90 9.96
CA ASN J 198 3.58 -10.12 10.98
C ASN J 198 4.75 -10.93 10.47
N THR J 199 4.47 -12.00 9.73
CA THR J 199 5.52 -12.92 9.34
C THR J 199 6.59 -12.21 8.53
N ASP J 200 7.85 -12.51 8.82
CA ASP J 200 8.97 -12.00 8.05
C ASP J 200 9.83 -13.14 7.54
N GLN J 201 10.39 -12.96 6.35
CA GLN J 201 11.39 -13.87 5.79
C GLN J 201 12.23 -13.04 4.84
N ALA J 202 13.37 -12.53 5.33
CA ALA J 202 14.12 -11.51 4.60
C ALA J 202 14.50 -11.97 3.20
N GLY J 203 14.80 -13.26 3.04
CA GLY J 203 15.09 -13.78 1.72
C GLY J 203 13.89 -13.68 0.79
N ARG J 204 12.70 -13.98 1.31
CA ARG J 204 11.48 -13.86 0.53
C ARG J 204 11.01 -12.41 0.52
N PRO J 205 10.29 -12.02 -0.52
CA PRO J 205 9.73 -10.65 -0.54
C PRO J 205 8.60 -10.51 0.45
N LYS J 206 8.20 -9.26 0.65
CA LYS J 206 7.22 -8.96 1.68
C LYS J 206 5.81 -9.09 1.15
N CYS J 207 4.88 -9.22 2.08
CA CYS J 207 3.46 -9.31 1.79
C CYS J 207 2.93 -7.92 1.42
N PRO J 208 1.74 -7.84 0.86
CA PRO J 208 1.20 -6.54 0.46
C PRO J 208 0.86 -5.62 1.62
N LEU J 209 0.27 -4.47 1.32
CA LEU J 209 0.05 -3.47 2.35
C LEU J 209 -1.07 -3.90 3.29
N ASP J 210 -2.27 -4.11 2.76
CA ASP J 210 -3.39 -4.57 3.58
C ASP J 210 -3.67 -6.01 3.21
N PRO J 211 -3.00 -6.98 3.82
CA PRO J 211 -3.13 -8.37 3.37
C PRO J 211 -4.17 -9.21 4.08
N TYR J 212 -4.81 -8.72 5.12
CA TYR J 212 -5.56 -9.57 6.02
C TYR J 212 -7.03 -9.65 5.64
N PHE J 213 -7.58 -10.84 5.74
CA PHE J 213 -8.97 -11.11 5.40
C PHE J 213 -9.59 -11.88 6.54
N ILE J 214 -10.80 -11.49 6.97
CA ILE J 214 -11.47 -12.24 8.02
C ILE J 214 -11.73 -13.65 7.52
N MET J 215 -11.32 -14.63 8.29
CA MET J 215 -11.75 -16.00 8.02
C MET J 215 -13.05 -16.21 8.77
N PRO J 216 -14.18 -16.40 8.09
CA PRO J 216 -15.46 -16.38 8.81
C PRO J 216 -15.72 -17.63 9.60
N ASP J 217 -15.21 -18.78 9.17
CA ASP J 217 -15.43 -20.00 9.92
C ASP J 217 -14.60 -20.06 11.18
N LYS J 218 -13.48 -19.36 11.23
CA LYS J 218 -12.67 -19.33 12.46
C LYS J 218 -13.02 -18.14 13.33
N CYS J 219 -14.29 -17.91 13.59
CA CYS J 219 -14.70 -16.72 14.33
C CYS J 219 -15.67 -17.13 15.41
N LYS J 220 -15.48 -16.62 16.62
CA LYS J 220 -16.36 -16.90 17.74
C LYS J 220 -17.41 -15.80 17.77
N CYS J 221 -18.60 -16.11 17.30
CA CYS J 221 -19.68 -15.15 17.29
C CYS J 221 -20.64 -15.42 18.43
N VAL J 222 -21.27 -14.36 18.90
CA VAL J 222 -22.24 -14.45 19.98
C VAL J 222 -23.53 -13.78 19.54
N ASP J 223 -24.59 -14.09 20.25
CA ASP J 223 -25.88 -13.47 19.98
C ASP J 223 -25.85 -12.01 20.36
N PHE J 224 -26.71 -11.25 19.70
CA PHE J 224 -26.58 -9.82 19.55
C PHE J 224 -27.91 -9.20 19.16
N GLN J 225 -28.44 -8.38 20.04
CA GLN J 225 -29.73 -7.74 19.85
C GLN J 225 -29.64 -6.28 20.23
N THR J 226 -30.39 -5.46 19.52
CA THR J 226 -30.48 -4.04 19.81
C THR J 226 -31.93 -3.74 20.15
N LEU J 227 -32.15 -3.01 21.23
CA LEU J 227 -33.49 -2.70 21.68
C LEU J 227 -33.72 -1.21 21.64
N LYS J 228 -34.98 -0.82 21.71
CA LYS J 228 -35.37 0.58 21.78
C LYS J 228 -36.19 0.75 23.06
N LEU J 229 -35.65 1.51 24.00
CA LEU J 229 -36.32 1.75 25.25
C LEU J 229 -36.95 3.12 25.23
N GLN J 230 -38.22 3.19 25.54
CA GLN J 230 -38.89 4.46 25.69
C GLN J 230 -39.05 4.76 27.17
N GLU J 231 -38.99 6.04 27.50
CA GLU J 231 -39.30 6.47 28.85
C GLU J 231 -40.68 5.95 29.25
N LEU J 232 -40.79 5.49 30.48
CA LEU J 232 -42.07 4.98 30.95
C LEU J 232 -43.14 6.05 30.82
N PRO J 233 -44.33 5.71 30.35
CA PRO J 233 -45.34 6.76 30.14
C PRO J 233 -45.71 7.49 31.41
N ASP J 234 -45.61 6.86 32.56
CA ASP J 234 -45.89 7.53 33.82
C ASP J 234 -44.73 8.38 34.31
N ALA J 235 -43.59 8.34 33.65
CA ALA J 235 -42.43 9.12 34.05
C ALA J 235 -42.19 10.34 33.18
N VAL J 236 -42.90 10.47 32.07
CA VAL J 236 -42.73 11.62 31.18
C VAL J 236 -43.34 12.85 31.83
N PRO J 237 -42.64 13.98 31.87
CA PRO J 237 -43.26 15.22 32.35
C PRO J 237 -44.45 15.59 31.48
N HIS J 238 -45.25 16.52 31.98
CA HIS J 238 -46.59 16.66 31.42
C HIS J 238 -46.59 17.08 29.95
N GLY J 239 -46.19 18.30 29.63
CA GLY J 239 -46.18 18.64 28.23
C GLY J 239 -44.81 18.41 27.67
N GLU J 240 -44.56 17.24 27.12
CA GLU J 240 -43.19 16.81 26.99
C GLU J 240 -43.12 15.56 26.14
N MET J 241 -42.24 15.54 25.18
CA MET J 241 -42.03 14.34 24.39
C MET J 241 -41.23 13.32 25.19
N PRO J 242 -41.54 12.04 25.06
CA PRO J 242 -40.77 11.02 25.76
C PRO J 242 -39.35 10.95 25.26
N ARG J 243 -38.46 10.49 26.13
CA ARG J 243 -37.08 10.25 25.76
C ARG J 243 -36.91 8.79 25.39
N HIS J 244 -35.89 8.53 24.60
CA HIS J 244 -35.62 7.18 24.13
C HIS J 244 -34.19 6.82 24.42
N MET J 245 -33.92 5.53 24.42
CA MET J 245 -32.59 5.07 24.72
C MET J 245 -32.36 3.81 23.90
N GLN J 246 -31.18 3.68 23.32
CA GLN J 246 -30.83 2.48 22.60
C GLN J 246 -30.12 1.51 23.53
N LEU J 247 -30.47 0.24 23.44
CA LEU J 247 -29.92 -0.77 24.31
C LEU J 247 -29.23 -1.84 23.48
N TYR J 248 -28.16 -2.39 24.03
CA TYR J 248 -27.39 -3.42 23.35
C TYR J 248 -27.33 -4.64 24.25
N CYS J 249 -27.91 -5.74 23.80
CA CYS J 249 -27.95 -6.97 24.57
C CYS J 249 -27.00 -8.00 23.98
N ASP J 250 -26.73 -9.06 24.75
CA ASP J 250 -25.62 -9.92 24.45
C ASP J 250 -25.79 -11.29 25.10
N ARG J 251 -25.87 -12.31 24.26
CA ARG J 251 -25.61 -13.72 24.54
C ARG J 251 -26.63 -14.48 25.37
N TYR J 252 -27.27 -13.84 26.32
CA TYR J 252 -28.36 -14.44 27.08
C TYR J 252 -29.35 -13.39 27.49
N LEU J 253 -29.00 -12.14 27.26
CA LEU J 253 -29.91 -11.04 27.38
C LEU J 253 -30.72 -10.84 26.12
N CYS J 254 -30.34 -11.54 25.06
CA CYS J 254 -31.12 -11.56 23.84
C CYS J 254 -32.39 -12.34 24.09
N ASP J 255 -33.52 -11.75 23.67
CA ASP J 255 -34.84 -12.36 23.76
C ASP J 255 -35.32 -12.55 25.18
N LYS J 256 -34.74 -11.84 26.14
CA LYS J 256 -35.30 -11.84 27.48
C LYS J 256 -36.54 -10.96 27.57
N VAL J 257 -36.70 -10.04 26.62
CA VAL J 257 -37.79 -9.09 26.62
C VAL J 257 -38.39 -9.01 25.23
N VAL J 258 -39.65 -8.61 25.19
CA VAL J 258 -40.37 -8.38 23.94
C VAL J 258 -40.90 -6.96 23.99
N PRO J 259 -41.14 -6.35 22.85
CA PRO J 259 -41.70 -5.00 22.85
C PRO J 259 -43.02 -4.96 23.60
N GLY J 260 -43.18 -3.94 24.43
CA GLY J 260 -44.31 -3.84 25.30
C GLY J 260 -44.02 -4.18 26.73
N ASN J 261 -42.85 -4.74 27.02
CA ASN J 261 -42.49 -5.05 28.40
C ASN J 261 -42.01 -3.80 29.11
N ARG J 262 -42.38 -3.68 30.37
CA ARG J 262 -41.80 -2.69 31.26
C ARG J 262 -40.61 -3.35 31.93
N VAL J 263 -39.44 -2.74 31.80
CA VAL J 263 -38.21 -3.34 32.28
C VAL J 263 -37.45 -2.32 33.11
N THR J 264 -36.56 -2.83 33.96
CA THR J 264 -35.46 -2.04 34.46
C THR J 264 -34.17 -2.65 33.91
N ILE J 265 -33.30 -1.77 33.47
CA ILE J 265 -32.05 -2.13 32.81
C ILE J 265 -30.92 -1.76 33.76
N MET J 266 -29.91 -2.61 33.83
CA MET J 266 -28.62 -2.21 34.34
C MET J 266 -27.60 -2.33 33.23
N GLY J 267 -26.82 -1.29 33.03
CA GLY J 267 -25.86 -1.40 31.96
C GLY J 267 -24.90 -0.24 32.00
N ILE J 268 -23.95 -0.30 31.10
CA ILE J 268 -22.93 0.71 30.97
C ILE J 268 -23.42 1.78 30.00
N TYR J 269 -23.60 2.98 30.49
CA TYR J 269 -23.93 4.11 29.64
C TYR J 269 -22.74 4.40 28.74
N SER J 270 -22.87 4.13 27.45
CA SER J 270 -21.72 4.12 26.57
C SER J 270 -22.01 4.83 25.26
N ILE J 271 -20.94 5.18 24.54
CA ILE J 271 -21.01 5.74 23.20
C ILE J 271 -20.56 4.69 22.20
N LYS J 272 -20.97 4.88 20.95
CA LYS J 272 -20.56 4.01 19.87
C LYS J 272 -19.15 4.37 19.45
N LYS J 273 -18.30 3.37 19.38
CA LYS J 273 -16.90 3.59 19.02
C LYS J 273 -16.65 2.81 17.74
N PHE J 274 -17.00 3.42 16.61
CA PHE J 274 -16.82 2.80 15.31
C PHE J 274 -15.78 3.52 14.47
N GLY J 275 -14.99 4.40 15.06
CA GLY J 275 -13.80 4.86 14.41
C GLY J 275 -13.57 6.36 14.28
N LEU J 276 -14.34 7.18 14.97
CA LEU J 276 -14.26 8.63 14.83
C LEU J 276 -14.23 9.07 13.37
N THR J 277 -15.34 8.78 12.71
CA THR J 277 -15.60 9.18 11.33
C THR J 277 -17.09 9.43 11.20
N THR J 278 -17.61 9.44 9.97
CA THR J 278 -19.00 9.73 9.64
C THR J 278 -19.38 11.15 10.08
N SER J 279 -18.75 12.12 9.42
CA SER J 279 -19.10 13.54 9.59
C SER J 279 -20.31 13.91 8.74
N ARG J 284 -22.30 18.42 9.53
CA ARG J 284 -23.40 19.34 9.77
C ARG J 284 -23.18 20.14 11.06
N VAL J 285 -24.10 20.03 12.00
CA VAL J 285 -24.14 20.96 13.13
C VAL J 285 -23.45 20.39 14.36
N GLY J 286 -23.82 19.19 14.79
CA GLY J 286 -23.31 18.65 16.02
C GLY J 286 -21.93 18.04 15.93
N VAL J 287 -20.97 18.64 16.62
CA VAL J 287 -19.59 18.19 16.60
C VAL J 287 -19.23 17.65 17.97
N GLY J 288 -18.48 16.56 17.99
CA GLY J 288 -18.18 15.90 19.24
C GLY J 288 -19.29 15.04 19.75
N ILE J 289 -20.38 14.92 19.00
CA ILE J 289 -21.53 14.16 19.41
C ILE J 289 -21.39 12.76 18.84
N ARG J 290 -21.37 11.77 19.71
CA ARG J 290 -21.40 10.38 19.31
C ARG J 290 -22.64 9.74 19.92
N SER J 291 -23.22 8.80 19.18
CA SER J 291 -24.49 8.24 19.58
C SER J 291 -24.34 7.41 20.85
N SER J 292 -25.30 7.56 21.74
CA SER J 292 -25.30 6.90 23.04
C SER J 292 -26.14 5.64 23.00
N TYR J 293 -25.80 4.73 23.89
CA TYR J 293 -26.59 3.54 24.12
C TYR J 293 -26.23 3.02 25.49
N ILE J 294 -27.06 2.16 26.02
CA ILE J 294 -26.75 1.39 27.21
C ILE J 294 -26.33 0.02 26.74
N ARG J 295 -25.18 -0.43 27.22
CA ARG J 295 -24.78 -1.82 27.03
C ARG J 295 -25.32 -2.62 28.20
N VAL J 296 -26.33 -3.43 27.94
CA VAL J 296 -27.10 -4.07 29.00
C VAL J 296 -26.26 -5.12 29.70
N LEU J 297 -26.24 -5.06 31.03
CA LEU J 297 -25.65 -6.10 31.84
C LEU J 297 -26.69 -6.89 32.62
N GLY J 298 -27.88 -6.37 32.78
CA GLY J 298 -28.93 -7.07 33.45
C GLY J 298 -30.27 -6.53 33.02
N ILE J 299 -31.21 -7.42 32.77
CA ILE J 299 -32.57 -7.07 32.39
C ILE J 299 -33.52 -7.62 33.43
N GLN J 300 -34.40 -6.77 33.93
CA GLN J 300 -35.42 -7.19 34.87
C GLN J 300 -36.78 -6.78 34.31
N VAL J 301 -37.62 -7.75 34.01
CA VAL J 301 -38.94 -7.47 33.47
C VAL J 301 -39.91 -7.17 34.60
N ASP J 302 -40.46 -5.98 34.62
CA ASP J 302 -41.41 -5.59 35.65
C ASP J 302 -42.75 -6.25 35.42
N THR J 303 -43.31 -6.86 36.45
CA THR J 303 -44.62 -7.49 36.38
C THR J 303 -45.57 -6.87 37.39
N ALA J 313 -44.12 -22.86 37.46
CA ALA J 313 -43.38 -22.93 38.71
C ALA J 313 -44.31 -23.16 39.89
N VAL J 314 -44.52 -24.43 40.23
CA VAL J 314 -45.34 -24.81 41.36
C VAL J 314 -44.44 -25.53 42.35
N SER J 315 -44.06 -24.85 43.42
CA SER J 315 -43.24 -25.47 44.44
C SER J 315 -44.03 -26.54 45.18
N PRO J 316 -43.37 -27.57 45.68
CA PRO J 316 -44.11 -28.68 46.32
C PRO J 316 -44.97 -28.25 47.49
N GLN J 317 -44.63 -27.16 48.17
CA GLN J 317 -45.54 -26.61 49.16
C GLN J 317 -46.83 -26.12 48.52
N GLU J 318 -46.70 -25.37 47.41
CA GLU J 318 -47.88 -24.96 46.65
C GLU J 318 -48.63 -26.17 46.10
N GLU J 319 -47.90 -27.18 45.62
CA GLU J 319 -48.56 -28.36 45.10
C GLU J 319 -49.33 -29.11 46.18
N GLU J 320 -48.75 -29.23 47.36
CA GLU J 320 -49.43 -29.88 48.48
C GLU J 320 -50.66 -29.10 48.89
N GLU J 321 -50.57 -27.76 48.88
CA GLU J 321 -51.73 -26.94 49.16
C GLU J 321 -52.81 -27.15 48.11
N PHE J 322 -52.43 -27.25 46.83
CA PHE J 322 -53.42 -27.47 45.79
C PHE J 322 -54.09 -28.83 45.92
N ARG J 323 -53.31 -29.86 46.27
CA ARG J 323 -53.89 -31.18 46.49
C ARG J 323 -54.88 -31.17 47.65
N ARG J 324 -54.52 -30.51 48.76
CA ARG J 324 -55.46 -30.50 49.87
C ARG J 324 -56.63 -29.55 49.62
N LEU J 325 -56.48 -28.61 48.70
CA LEU J 325 -57.60 -27.76 48.30
C LEU J 325 -58.58 -28.52 47.41
N ALA J 326 -58.06 -29.33 46.48
CA ALA J 326 -58.95 -30.17 45.70
C ALA J 326 -59.64 -31.21 46.55
N ALA J 327 -58.92 -31.77 47.52
CA ALA J 327 -59.45 -32.83 48.35
C ALA J 327 -60.50 -32.34 49.34
N LEU J 328 -60.68 -31.04 49.48
CA LEU J 328 -61.74 -30.53 50.33
C LEU J 328 -63.09 -31.05 49.86
N PRO J 329 -64.00 -31.36 50.79
CA PRO J 329 -65.35 -31.74 50.36
C PRO J 329 -66.07 -30.62 49.65
N ASN J 330 -66.08 -29.43 50.22
CA ASN J 330 -66.74 -28.28 49.59
C ASN J 330 -65.76 -27.43 48.80
N VAL J 331 -64.96 -28.03 47.92
CA VAL J 331 -64.07 -27.22 47.12
C VAL J 331 -64.86 -26.41 46.11
N TYR J 332 -65.93 -26.98 45.58
CA TYR J 332 -66.79 -26.25 44.66
C TYR J 332 -67.37 -25.00 45.32
N GLU J 333 -67.86 -25.14 46.54
CA GLU J 333 -68.42 -23.96 47.21
C GLU J 333 -67.34 -22.97 47.61
N VAL J 334 -66.17 -23.44 48.01
CA VAL J 334 -65.09 -22.51 48.33
C VAL J 334 -64.71 -21.70 47.10
N ILE J 335 -64.52 -22.39 45.97
CA ILE J 335 -64.17 -21.71 44.73
C ILE J 335 -65.28 -20.77 44.31
N SER J 336 -66.51 -21.24 44.34
CA SER J 336 -67.63 -20.45 43.87
C SER J 336 -67.80 -19.17 44.69
N LYS J 337 -67.74 -19.29 46.00
CA LYS J 337 -67.87 -18.09 46.82
C LYS J 337 -66.58 -17.29 46.85
N SER J 338 -65.51 -17.80 46.26
CA SER J 338 -64.25 -17.08 46.21
C SER J 338 -64.02 -16.34 44.92
N ILE J 339 -64.93 -16.36 43.95
CA ILE J 339 -64.52 -15.74 42.71
C ILE J 339 -64.76 -14.23 42.77
N ALA J 340 -66.00 -13.78 42.80
CA ALA J 340 -66.28 -12.34 42.84
C ALA J 340 -66.98 -12.05 44.16
N PRO J 341 -66.26 -12.17 45.28
CA PRO J 341 -66.93 -12.05 46.57
C PRO J 341 -67.53 -10.70 46.81
N SER J 342 -66.99 -9.67 46.16
CA SER J 342 -67.46 -8.32 46.36
C SER J 342 -68.65 -7.98 45.48
N ILE J 343 -69.15 -8.93 44.70
CA ILE J 343 -70.35 -8.75 43.91
C ILE J 343 -71.48 -9.45 44.63
N PHE J 344 -72.56 -8.71 44.86
CA PHE J 344 -73.72 -9.24 45.57
C PHE J 344 -74.57 -10.08 44.63
N GLY J 345 -75.00 -11.23 45.12
CA GLY J 345 -75.89 -12.07 44.34
C GLY J 345 -75.17 -12.82 43.24
N GLY J 346 -75.95 -13.31 42.28
CA GLY J 346 -75.40 -14.03 41.15
C GLY J 346 -74.63 -15.28 41.53
N THR J 347 -75.22 -16.13 42.37
CA THR J 347 -74.50 -17.31 42.84
C THR J 347 -74.32 -18.34 41.74
N ASP J 348 -75.37 -18.63 40.98
CA ASP J 348 -75.23 -19.57 39.87
C ASP J 348 -74.35 -19.00 38.78
N MET J 349 -74.46 -17.70 38.55
CA MET J 349 -73.54 -17.00 37.67
C MET J 349 -72.10 -17.29 38.07
N LYS J 350 -71.82 -17.17 39.36
CA LYS J 350 -70.46 -17.36 39.85
C LYS J 350 -70.02 -18.81 39.77
N LYS J 351 -70.94 -19.76 39.97
CA LYS J 351 -70.59 -21.16 39.80
C LYS J 351 -70.26 -21.48 38.36
N ALA J 352 -71.05 -20.95 37.43
CA ALA J 352 -70.75 -21.11 36.01
C ALA J 352 -69.43 -20.45 35.66
N ILE J 353 -69.12 -19.32 36.28
CA ILE J 353 -67.85 -18.66 36.02
C ILE J 353 -66.71 -19.54 36.46
N ALA J 354 -66.84 -20.17 37.62
CA ALA J 354 -65.80 -21.09 38.07
C ALA J 354 -65.62 -22.24 37.10
N CYS J 355 -66.73 -22.80 36.61
CA CYS J 355 -66.62 -23.89 35.65
C CYS J 355 -65.91 -23.43 34.39
N LEU J 356 -66.24 -22.25 33.88
CA LEU J 356 -65.54 -21.70 32.71
C LEU J 356 -64.07 -21.52 33.00
N LEU J 357 -63.74 -21.10 34.21
CA LEU J 357 -62.34 -20.88 34.57
C LEU J 357 -61.55 -22.18 34.59
N PHE J 358 -62.19 -23.28 34.90
CA PHE J 358 -61.44 -24.53 34.84
C PHE J 358 -61.55 -25.19 33.47
N GLY J 359 -62.69 -25.11 32.83
CA GLY J 359 -62.88 -25.67 31.52
C GLY J 359 -63.02 -27.18 31.55
N GLY J 360 -63.58 -27.72 30.49
CA GLY J 360 -63.70 -29.16 30.33
C GLY J 360 -62.42 -29.75 29.81
N SER J 361 -62.55 -30.80 29.00
CA SER J 361 -61.40 -31.52 28.47
C SER J 361 -61.33 -31.36 26.97
N ARG J 362 -60.18 -30.93 26.47
CA ARG J 362 -59.96 -30.88 25.04
C ARG J 362 -59.54 -32.26 24.57
N LYS J 363 -60.23 -32.77 23.55
CA LYS J 363 -60.03 -34.13 23.10
C LYS J 363 -59.70 -34.14 21.62
N ARG J 364 -58.76 -34.99 21.23
CA ARG J 364 -58.52 -35.28 19.82
C ARG J 364 -58.85 -36.75 19.59
N LEU J 365 -59.80 -37.00 18.72
CA LEU J 365 -60.21 -38.36 18.44
C LEU J 365 -59.20 -39.02 17.52
N PRO J 366 -59.25 -40.34 17.40
CA PRO J 366 -58.34 -41.00 16.46
C PRO J 366 -58.44 -40.50 15.03
N ASP J 367 -59.64 -40.14 14.58
CA ASP J 367 -59.77 -39.66 13.22
C ASP J 367 -59.19 -38.29 13.01
N GLY J 368 -58.56 -37.70 14.02
CA GLY J 368 -58.01 -36.37 13.92
C GLY J 368 -58.97 -35.25 14.24
N LEU J 369 -60.24 -35.56 14.44
CA LEU J 369 -61.25 -34.54 14.68
C LEU J 369 -61.19 -34.13 16.15
N THR J 370 -60.81 -32.89 16.40
CA THR J 370 -60.69 -32.37 17.75
C THR J 370 -62.07 -32.07 18.32
N ARG J 371 -62.16 -32.07 19.65
CA ARG J 371 -63.34 -31.61 20.36
C ARG J 371 -62.92 -30.67 21.46
N ARG J 372 -63.53 -29.49 21.55
CA ARG J 372 -63.05 -28.49 22.49
C ARG J 372 -63.48 -28.79 23.90
N GLY J 373 -62.67 -28.36 24.85
CA GLY J 373 -63.02 -28.47 26.24
C GLY J 373 -63.26 -27.11 26.86
N ASP J 374 -63.16 -26.07 26.07
CA ASP J 374 -63.33 -24.72 26.57
C ASP J 374 -64.78 -24.33 26.58
N ILE J 375 -65.19 -23.64 27.62
CA ILE J 375 -66.58 -23.31 27.88
C ILE J 375 -66.80 -21.87 27.52
N ASN J 376 -67.86 -21.59 26.77
CA ASN J 376 -68.24 -20.23 26.42
C ASN J 376 -69.50 -19.86 27.20
N LEU J 377 -69.47 -18.69 27.82
CA LEU J 377 -70.59 -18.26 28.66
C LEU J 377 -71.04 -16.89 28.19
N LEU J 378 -72.35 -16.70 28.10
CA LEU J 378 -72.93 -15.42 27.69
C LEU J 378 -73.81 -14.90 28.81
N MET J 379 -73.68 -13.62 29.10
CA MET J 379 -74.46 -12.92 30.10
C MET J 379 -75.27 -11.84 29.40
N LEU J 380 -76.56 -12.03 29.26
CA LEU J 380 -77.45 -11.00 28.78
C LEU J 380 -78.15 -10.37 29.97
N GLY J 381 -78.16 -9.05 30.03
CA GLY J 381 -78.69 -8.45 31.23
C GLY J 381 -78.97 -6.98 31.04
N ASP J 382 -79.41 -6.37 32.13
CA ASP J 382 -79.72 -4.98 32.32
C ASP J 382 -78.48 -4.22 32.78
N PRO J 383 -78.29 -3.01 32.28
CA PRO J 383 -77.01 -2.33 32.45
C PRO J 383 -76.62 -2.03 33.89
N GLY J 384 -77.52 -2.03 34.83
CA GLY J 384 -77.11 -1.73 36.18
C GLY J 384 -76.19 -2.78 36.77
N THR J 385 -76.41 -4.03 36.40
CA THR J 385 -75.86 -5.19 37.06
C THR J 385 -74.34 -5.18 36.94
N ALA J 386 -73.68 -6.05 37.69
CA ALA J 386 -72.23 -6.11 37.65
C ALA J 386 -71.75 -7.22 36.73
N LYS J 387 -71.98 -7.09 35.42
CA LYS J 387 -71.42 -8.09 34.54
C LYS J 387 -70.13 -7.65 33.85
N SER J 388 -69.96 -6.37 33.57
CA SER J 388 -68.64 -5.91 33.21
C SER J 388 -67.66 -6.09 34.36
N GLN J 389 -68.12 -5.89 35.59
CA GLN J 389 -67.28 -6.15 36.74
C GLN J 389 -66.91 -7.61 36.83
N LEU J 390 -67.84 -8.47 36.47
CA LEU J 390 -67.56 -9.90 36.48
C LEU J 390 -66.53 -10.26 35.41
N LEU J 391 -66.63 -9.66 34.22
CA LEU J 391 -65.61 -9.93 33.21
C LEU J 391 -64.25 -9.43 33.66
N LYS J 392 -64.21 -8.24 34.26
CA LYS J 392 -62.95 -7.72 34.75
C LYS J 392 -62.34 -8.63 35.79
N PHE J 393 -63.15 -9.11 36.74
CA PHE J 393 -62.62 -10.02 37.73
C PHE J 393 -62.07 -11.27 37.08
N VAL J 394 -62.79 -11.81 36.11
CA VAL J 394 -62.36 -13.06 35.49
C VAL J 394 -61.05 -12.88 34.75
N GLU J 395 -60.86 -11.73 34.10
CA GLU J 395 -59.60 -11.59 33.40
C GLU J 395 -58.46 -11.30 34.36
N LYS J 396 -58.74 -10.79 35.55
CA LYS J 396 -57.69 -10.80 36.57
C LYS J 396 -57.47 -12.17 37.19
N CYS J 397 -58.48 -13.04 37.17
CA CYS J 397 -58.41 -14.35 37.80
C CYS J 397 -57.96 -15.46 36.87
N SER J 398 -57.87 -15.24 35.67
CA SER J 398 -57.44 -16.41 34.94
C SER J 398 -55.97 -16.29 34.58
N PRO J 399 -55.27 -17.41 34.45
CA PRO J 399 -53.84 -17.35 34.13
C PRO J 399 -53.56 -16.60 32.85
N ILE J 400 -54.16 -17.04 31.75
CA ILE J 400 -54.19 -16.28 30.50
C ILE J 400 -55.59 -15.69 30.39
N GLY J 401 -55.67 -14.38 30.23
CA GLY J 401 -56.97 -13.76 30.18
C GLY J 401 -56.93 -12.38 29.58
N VAL J 402 -57.83 -12.09 28.65
CA VAL J 402 -57.83 -10.82 27.94
C VAL J 402 -59.21 -10.21 28.06
N TYR J 403 -59.26 -8.93 28.40
CA TYR J 403 -60.52 -8.19 28.43
C TYR J 403 -60.57 -7.26 27.22
N THR J 404 -61.69 -7.29 26.52
CA THR J 404 -61.84 -6.54 25.29
C THR J 404 -63.33 -6.27 25.09
N SER J 405 -63.66 -5.62 23.99
CA SER J 405 -65.05 -5.45 23.60
C SER J 405 -65.30 -6.14 22.27
N GLY J 406 -66.55 -6.11 21.83
CA GLY J 406 -66.89 -6.71 20.56
C GLY J 406 -66.15 -6.08 19.40
N LYS J 407 -65.76 -4.82 19.55
CA LYS J 407 -64.99 -4.12 18.53
C LYS J 407 -63.51 -4.08 18.87
N GLY J 408 -63.03 -5.05 19.61
CA GLY J 408 -61.64 -5.07 19.97
C GLY J 408 -61.36 -4.02 21.03
N SER J 409 -60.12 -3.59 21.05
CA SER J 409 -59.63 -2.68 22.06
C SER J 409 -59.00 -1.47 21.40
N SER J 410 -58.58 -0.50 22.21
CA SER J 410 -57.87 0.67 21.72
C SER J 410 -56.50 0.25 21.24
N ALA J 411 -56.32 0.16 19.93
CA ALA J 411 -55.08 -0.29 19.30
C ALA J 411 -54.84 -1.77 19.46
N ALA J 412 -55.89 -2.54 19.71
CA ALA J 412 -55.87 -3.99 19.58
C ALA J 412 -57.17 -4.43 18.95
N GLY J 413 -57.13 -5.53 18.20
CA GLY J 413 -58.30 -6.05 17.56
C GLY J 413 -58.94 -7.16 18.36
N LEU J 414 -60.06 -7.65 17.86
CA LEU J 414 -60.70 -8.79 18.51
C LEU J 414 -60.11 -10.11 18.04
N THR J 415 -60.02 -10.32 16.74
CA THR J 415 -59.39 -11.50 16.18
C THR J 415 -58.10 -11.10 15.49
N ALA J 416 -57.40 -12.09 14.96
CA ALA J 416 -56.14 -11.82 14.30
C ALA J 416 -56.35 -11.28 12.90
N SER J 417 -55.32 -10.61 12.40
CA SER J 417 -55.21 -10.22 11.01
C SER J 417 -53.82 -10.58 10.51
N VAL J 418 -53.69 -10.78 9.22
CA VAL J 418 -52.42 -11.16 8.61
C VAL J 418 -52.11 -10.19 7.48
N MET J 419 -50.88 -9.69 7.45
CA MET J 419 -50.43 -8.74 6.46
C MET J 419 -49.02 -9.08 6.03
N ARG J 420 -48.70 -8.84 4.77
CA ARG J 420 -47.34 -9.00 4.28
C ARG J 420 -46.66 -7.64 4.21
N ASP J 421 -45.46 -7.55 4.75
CA ASP J 421 -44.68 -6.34 4.64
C ASP J 421 -44.11 -6.22 3.24
N PRO J 422 -44.47 -5.19 2.46
CA PRO J 422 -43.97 -5.13 1.08
C PRO J 422 -42.45 -5.01 0.98
N SER J 423 -41.78 -4.45 1.99
CA SER J 423 -40.33 -4.33 1.90
C SER J 423 -39.65 -5.65 2.22
N SER J 424 -39.84 -6.18 3.41
CA SER J 424 -39.16 -7.42 3.78
C SER J 424 -39.90 -8.67 3.34
N ARG J 425 -41.15 -8.54 2.90
CA ARG J 425 -42.00 -9.64 2.45
C ARG J 425 -42.35 -10.61 3.56
N ASN J 426 -42.04 -10.29 4.80
CA ASN J 426 -42.48 -11.11 5.92
C ASN J 426 -43.98 -11.02 6.10
N PHE J 427 -44.57 -12.09 6.61
CA PHE J 427 -45.99 -12.15 6.92
C PHE J 427 -46.18 -11.72 8.35
N ILE J 428 -46.57 -10.49 8.54
CA ILE J 428 -46.85 -10.00 9.88
C ILE J 428 -48.28 -10.35 10.26
N MET J 429 -48.45 -10.87 11.45
CA MET J 429 -49.75 -11.23 11.98
C MET J 429 -49.99 -10.32 13.17
N GLU J 430 -51.03 -9.50 13.08
CA GLU J 430 -51.46 -8.71 14.23
C GLU J 430 -52.21 -9.58 15.23
N GLY J 431 -51.80 -9.53 16.48
CA GLY J 431 -52.50 -10.28 17.49
C GLY J 431 -53.75 -9.60 17.97
N GLY J 432 -54.89 -10.23 17.78
CA GLY J 432 -56.11 -9.79 18.42
C GLY J 432 -56.30 -10.48 19.75
N ALA J 433 -57.38 -10.12 20.43
CA ALA J 433 -57.65 -10.73 21.72
C ALA J 433 -57.81 -12.24 21.61
N MET J 434 -58.37 -12.72 20.50
CA MET J 434 -58.65 -14.15 20.37
C MET J 434 -57.36 -14.97 20.30
N VAL J 435 -56.36 -14.50 19.58
CA VAL J 435 -55.12 -15.26 19.51
C VAL J 435 -54.17 -14.95 20.65
N LEU J 436 -54.30 -13.77 21.27
CA LEU J 436 -53.45 -13.45 22.41
C LEU J 436 -53.81 -14.30 23.61
N ALA J 437 -55.11 -14.54 23.82
CA ALA J 437 -55.55 -15.37 24.93
C ALA J 437 -55.72 -16.82 24.52
N ASP J 438 -54.72 -17.36 23.86
CA ASP J 438 -54.74 -18.79 23.54
C ASP J 438 -54.33 -19.57 24.77
N GLY J 439 -55.15 -20.55 25.13
CA GLY J 439 -54.97 -21.22 26.39
C GLY J 439 -55.57 -20.51 27.56
N GLY J 440 -56.40 -19.52 27.32
CA GLY J 440 -56.97 -18.76 28.40
C GLY J 440 -58.40 -18.34 28.16
N VAL J 441 -58.73 -17.12 28.54
CA VAL J 441 -60.08 -16.62 28.53
C VAL J 441 -60.10 -15.26 27.86
N VAL J 442 -61.05 -15.08 26.94
CA VAL J 442 -61.31 -13.78 26.37
C VAL J 442 -62.63 -13.31 26.95
N CYS J 443 -62.65 -12.12 27.49
CA CYS J 443 -63.85 -11.52 28.05
C CYS J 443 -64.30 -10.46 27.07
N ILE J 444 -65.22 -10.83 26.18
CA ILE J 444 -65.72 -9.93 25.15
C ILE J 444 -66.91 -9.19 25.74
N ASP J 445 -66.68 -7.96 26.15
CA ASP J 445 -67.73 -7.13 26.72
C ASP J 445 -68.40 -6.35 25.60
N GLU J 446 -69.68 -6.04 25.79
CA GLU J 446 -70.48 -5.47 24.70
C GLU J 446 -70.43 -6.38 23.48
N PHE J 447 -70.80 -7.64 23.69
CA PHE J 447 -70.71 -8.64 22.63
C PHE J 447 -71.61 -8.31 21.45
N ASP J 448 -72.70 -7.60 21.70
CA ASP J 448 -73.72 -7.43 20.66
C ASP J 448 -73.27 -6.51 19.53
N LYS J 449 -72.34 -5.60 19.79
CA LYS J 449 -71.84 -4.69 18.77
C LYS J 449 -70.47 -5.15 18.33
N MET J 450 -70.36 -5.58 17.08
CA MET J 450 -69.17 -6.25 16.58
C MET J 450 -69.21 -6.17 15.06
N ARG J 451 -68.06 -5.93 14.44
CA ARG J 451 -68.06 -5.78 13.00
C ARG J 451 -68.19 -7.14 12.33
N GLU J 452 -68.80 -7.15 11.13
CA GLU J 452 -69.31 -8.40 10.56
C GLU J 452 -68.22 -9.45 10.35
N ASP J 453 -67.06 -9.03 9.88
CA ASP J 453 -65.98 -10.00 9.68
C ASP J 453 -65.56 -10.63 10.99
N ASP J 454 -65.61 -9.87 12.08
CA ASP J 454 -65.32 -10.43 13.39
C ASP J 454 -66.36 -11.46 13.80
N ARG J 455 -67.64 -11.22 13.48
CA ARG J 455 -68.66 -12.21 13.79
C ARG J 455 -68.41 -13.49 13.02
N VAL J 456 -68.11 -13.38 11.73
CA VAL J 456 -67.87 -14.57 10.93
C VAL J 456 -66.63 -15.30 11.45
N ALA J 457 -65.63 -14.56 11.91
CA ALA J 457 -64.42 -15.20 12.41
C ALA J 457 -64.67 -15.90 13.74
N ILE J 458 -65.39 -15.27 14.65
CA ILE J 458 -65.63 -15.90 15.94
C ILE J 458 -66.61 -17.03 15.81
N HIS J 459 -67.29 -17.15 14.68
CA HIS J 459 -68.05 -18.37 14.45
C HIS J 459 -67.15 -19.60 14.56
N GLU J 460 -65.97 -19.56 13.98
CA GLU J 460 -65.15 -20.75 14.04
C GLU J 460 -63.97 -20.60 14.97
N ALA J 461 -63.79 -19.43 15.57
CA ALA J 461 -62.86 -19.32 16.68
C ALA J 461 -63.46 -19.88 17.95
N MET J 462 -64.78 -19.85 18.07
CA MET J 462 -65.47 -20.32 19.27
C MET J 462 -65.78 -21.81 19.22
N GLU J 463 -65.69 -22.45 18.08
CA GLU J 463 -66.02 -23.86 17.99
C GLU J 463 -64.85 -24.71 17.55
N GLN J 464 -64.15 -24.34 16.48
CA GLN J 464 -62.97 -25.10 16.09
C GLN J 464 -61.72 -24.61 16.78
N GLN J 465 -61.80 -23.53 17.54
CA GLN J 465 -60.68 -22.97 18.26
C GLN J 465 -59.56 -22.56 17.31
N THR J 466 -59.91 -22.14 16.10
CA THR J 466 -58.91 -21.73 15.12
C THR J 466 -59.41 -20.51 14.38
N ILE J 467 -58.48 -19.81 13.74
CA ILE J 467 -58.80 -18.72 12.84
C ILE J 467 -58.07 -18.98 11.54
N SER J 468 -58.82 -19.31 10.49
CA SER J 468 -58.24 -19.58 9.18
C SER J 468 -58.17 -18.28 8.41
N ILE J 469 -56.96 -17.83 8.13
CA ILE J 469 -56.72 -16.67 7.31
C ILE J 469 -56.01 -17.14 6.05
N ALA J 470 -56.43 -16.62 4.91
CA ALA J 470 -55.80 -16.93 3.63
C ALA J 470 -55.67 -15.64 2.85
N LYS J 471 -54.46 -15.18 2.68
CA LYS J 471 -54.16 -14.04 1.82
C LYS J 471 -53.58 -14.55 0.51
N ALA J 472 -53.31 -13.62 -0.41
CA ALA J 472 -52.62 -14.02 -1.63
C ALA J 472 -51.23 -14.55 -1.31
N GLY J 473 -50.66 -14.12 -0.20
CA GLY J 473 -49.42 -14.73 0.20
C GLY J 473 -49.63 -16.17 0.61
N ILE J 474 -50.30 -16.40 1.75
CA ILE J 474 -50.26 -17.67 2.42
C ILE J 474 -51.62 -18.01 3.00
N THR J 475 -51.73 -19.23 3.47
CA THR J 475 -52.88 -19.72 4.22
C THR J 475 -52.39 -20.16 5.58
N THR J 476 -53.07 -19.70 6.62
CA THR J 476 -52.66 -19.94 8.00
C THR J 476 -53.87 -20.45 8.76
N THR J 477 -53.63 -21.17 9.84
CA THR J 477 -54.69 -21.53 10.78
C THR J 477 -54.16 -21.23 12.17
N LEU J 478 -54.49 -20.05 12.68
CA LEU J 478 -54.00 -19.66 13.98
C LEU J 478 -54.79 -20.35 15.07
N ASN J 479 -54.14 -20.56 16.21
CA ASN J 479 -54.80 -21.17 17.35
C ASN J 479 -55.50 -20.12 18.17
N SER J 480 -56.76 -20.33 18.46
CA SER J 480 -57.44 -19.59 19.51
C SER J 480 -58.15 -20.63 20.37
N ARG J 481 -57.38 -21.25 21.26
CA ARG J 481 -57.94 -22.11 22.30
C ARG J 481 -58.23 -21.20 23.48
N CYS J 482 -59.37 -20.54 23.42
CA CYS J 482 -59.75 -19.61 24.46
C CYS J 482 -61.21 -19.84 24.82
N SER J 483 -61.51 -19.74 26.11
CA SER J 483 -62.88 -19.62 26.56
C SER J 483 -63.38 -18.21 26.28
N VAL J 484 -64.65 -18.10 25.96
CA VAL J 484 -65.26 -16.80 25.70
C VAL J 484 -66.24 -16.52 26.83
N LEU J 485 -65.98 -15.44 27.55
CA LEU J 485 -66.93 -14.91 28.52
C LEU J 485 -67.48 -13.64 27.92
N ALA J 486 -68.75 -13.65 27.55
CA ALA J 486 -69.34 -12.54 26.83
C ALA J 486 -70.40 -11.89 27.70
N ALA J 487 -70.56 -10.58 27.52
CA ALA J 487 -71.65 -9.85 28.14
C ALA J 487 -72.28 -8.95 27.10
N ALA J 488 -73.59 -8.79 27.18
CA ALA J 488 -74.30 -7.93 26.26
C ALA J 488 -75.58 -7.47 26.92
N ASN J 489 -76.18 -6.44 26.34
CA ASN J 489 -77.48 -5.97 26.77
C ASN J 489 -78.55 -6.42 25.77
N SER J 490 -79.80 -6.25 26.19
CA SER J 490 -80.91 -6.55 25.32
C SER J 490 -81.01 -5.49 24.22
N VAL J 491 -81.69 -5.86 23.13
CA VAL J 491 -81.78 -4.94 22.00
C VAL J 491 -82.59 -3.71 22.35
N PHE J 492 -83.44 -3.79 23.36
CA PHE J 492 -84.22 -2.66 23.82
C PHE J 492 -83.58 -1.93 24.99
N GLY J 493 -82.35 -2.32 25.36
CA GLY J 493 -81.71 -1.75 26.53
C GLY J 493 -82.07 -2.54 27.77
N ARG J 494 -83.34 -2.52 28.14
CA ARG J 494 -83.82 -3.32 29.25
C ARG J 494 -84.56 -4.53 28.72
N TRP J 495 -84.80 -5.50 29.60
CA TRP J 495 -85.19 -6.83 29.13
C TRP J 495 -86.53 -6.80 28.41
N ASP J 496 -87.52 -6.09 28.95
CA ASP J 496 -88.85 -5.98 28.33
C ASP J 496 -89.50 -7.36 28.18
N GLU J 497 -89.83 -7.95 29.33
CA GLU J 497 -90.22 -9.35 29.39
C GLU J 497 -91.34 -9.72 28.41
N THR J 498 -92.28 -8.80 28.16
CA THR J 498 -93.37 -9.14 27.26
C THR J 498 -92.88 -9.48 25.87
N LYS J 499 -91.71 -8.97 25.47
CA LYS J 499 -91.15 -9.22 24.15
C LYS J 499 -90.54 -10.61 24.05
N GLY J 500 -90.74 -11.46 25.04
CA GLY J 500 -90.35 -12.85 24.94
C GLY J 500 -88.87 -12.99 24.67
N GLU J 501 -88.55 -13.38 23.44
CA GLU J 501 -87.17 -13.59 23.01
C GLU J 501 -86.86 -12.69 21.82
N ASP J 502 -87.75 -11.73 21.57
CA ASP J 502 -87.53 -10.72 20.55
C ASP J 502 -86.62 -9.62 21.04
N ASN J 503 -86.22 -9.65 22.30
CA ASN J 503 -85.32 -8.67 22.88
C ASN J 503 -83.86 -9.10 22.86
N ILE J 504 -83.54 -10.20 22.18
CA ILE J 504 -82.17 -10.52 21.80
C ILE J 504 -82.13 -10.79 20.31
N ASP J 505 -81.21 -10.15 19.61
CA ASP J 505 -81.11 -10.29 18.16
C ASP J 505 -79.86 -11.03 17.73
N PHE J 506 -79.24 -11.77 18.65
CA PHE J 506 -78.16 -12.66 18.27
C PHE J 506 -78.68 -13.75 17.36
N MET J 507 -77.93 -14.05 16.33
CA MET J 507 -78.32 -15.09 15.42
C MET J 507 -78.19 -16.45 16.09
N PRO J 508 -79.03 -17.43 15.71
CA PRO J 508 -79.00 -18.73 16.40
C PRO J 508 -77.66 -19.42 16.33
N THR J 509 -76.86 -19.15 15.30
CA THR J 509 -75.57 -19.82 15.19
C THR J 509 -74.59 -19.31 16.24
N ILE J 510 -74.68 -18.04 16.61
CA ILE J 510 -73.82 -17.51 17.65
C ILE J 510 -74.26 -18.01 19.02
N LEU J 511 -75.57 -18.00 19.28
CA LEU J 511 -76.08 -18.50 20.54
C LEU J 511 -75.82 -19.98 20.71
N SER J 512 -75.77 -20.72 19.61
CA SER J 512 -75.44 -22.13 19.70
C SER J 512 -74.04 -22.36 20.23
N ARG J 513 -73.11 -21.46 19.91
CA ARG J 513 -71.72 -21.57 20.35
C ARG J 513 -71.55 -21.42 21.85
N PHE J 514 -72.56 -20.96 22.55
CA PHE J 514 -72.44 -20.67 23.98
C PHE J 514 -72.96 -21.83 24.81
N ASP J 515 -72.15 -22.25 25.77
CA ASP J 515 -72.52 -23.38 26.60
C ASP J 515 -73.66 -23.02 27.53
N MET J 516 -73.55 -21.89 28.18
CA MET J 516 -74.56 -21.38 29.08
C MET J 516 -74.83 -19.93 28.74
N ILE J 517 -76.10 -19.57 28.69
CA ILE J 517 -76.54 -18.20 28.51
C ILE J 517 -77.29 -17.80 29.76
N PHE J 518 -76.94 -16.67 30.32
CA PHE J 518 -77.56 -16.18 31.53
C PHE J 518 -78.32 -14.92 31.19
N ILE J 519 -79.62 -14.91 31.46
CA ILE J 519 -80.36 -13.67 31.40
C ILE J 519 -80.36 -13.04 32.78
N VAL J 520 -79.99 -11.77 32.85
CA VAL J 520 -79.77 -11.08 34.10
C VAL J 520 -80.76 -9.94 34.17
N LYS J 521 -81.54 -9.88 35.24
CA LYS J 521 -82.56 -8.84 35.36
C LYS J 521 -82.39 -8.10 36.67
N ASP J 522 -82.62 -6.79 36.62
CA ASP J 522 -82.70 -5.98 37.83
C ASP J 522 -84.14 -6.04 38.33
N GLU J 523 -84.41 -6.98 39.22
CA GLU J 523 -85.70 -7.02 39.88
C GLU J 523 -85.87 -5.80 40.76
N HIS J 524 -87.10 -5.30 40.81
CA HIS J 524 -87.40 -4.05 41.48
C HIS J 524 -87.93 -4.29 42.89
N ASN J 525 -87.51 -5.40 43.50
CA ASN J 525 -87.88 -5.74 44.86
C ASN J 525 -87.26 -4.76 45.84
N GLU J 526 -88.06 -4.32 46.82
CA GLU J 526 -87.56 -3.31 47.75
C GLU J 526 -86.56 -3.86 48.75
N GLU J 527 -86.70 -5.10 49.21
CA GLU J 527 -85.75 -5.59 50.19
C GLU J 527 -84.35 -5.72 49.61
N ARG J 528 -84.21 -5.74 48.29
CA ARG J 528 -82.89 -5.60 47.70
C ARG J 528 -82.54 -4.11 47.71
N ASP J 529 -82.61 -3.53 48.91
CA ASP J 529 -81.72 -2.46 49.31
C ASP J 529 -80.68 -2.98 50.28
N VAL J 530 -80.72 -4.27 50.61
CA VAL J 530 -79.54 -4.91 51.17
C VAL J 530 -78.41 -4.85 50.17
N MET J 531 -78.74 -4.74 48.90
CA MET J 531 -77.73 -4.66 47.86
C MET J 531 -77.07 -3.28 47.86
N LEU J 532 -77.86 -2.23 48.05
CA LEU J 532 -77.28 -0.93 48.31
C LEU J 532 -76.39 -0.93 49.54
N ALA J 533 -76.93 -1.39 50.67
CA ALA J 533 -76.14 -1.38 51.88
C ALA J 533 -74.86 -2.15 51.65
N LYS J 534 -74.94 -3.24 50.89
CA LYS J 534 -73.77 -4.04 50.58
C LYS J 534 -72.73 -3.22 49.84
N HIS J 535 -73.16 -2.40 48.87
CA HIS J 535 -72.20 -1.53 48.21
C HIS J 535 -71.58 -0.54 49.17
N VAL J 536 -72.38 0.03 50.04
CA VAL J 536 -71.82 1.02 50.95
C VAL J 536 -70.78 0.38 51.86
N ILE J 537 -71.07 -0.80 52.41
CA ILE J 537 -70.02 -1.47 53.19
C ILE J 537 -68.80 -1.77 52.34
N THR J 538 -68.98 -2.30 51.12
CA THR J 538 -67.81 -2.59 50.30
C THR J 538 -66.96 -1.34 50.12
N LEU J 539 -67.60 -0.18 49.95
CA LEU J 539 -66.82 1.02 49.77
C LEU J 539 -66.28 1.55 51.09
N HIS J 540 -66.85 1.14 52.23
CA HIS J 540 -66.29 1.48 53.53
C HIS J 540 -65.06 0.64 53.85
N VAL J 541 -65.22 -0.67 53.80
CA VAL J 541 -64.26 -1.61 54.37
C VAL J 541 -63.19 -1.92 53.31
N SER J 542 -63.24 -1.20 52.20
CA SER J 542 -62.39 -1.56 51.06
C SER J 542 -60.92 -1.36 51.37
N ALA J 543 -60.56 -0.20 51.91
CA ALA J 543 -59.15 0.14 52.05
C ALA J 543 -58.43 -0.73 53.08
N LEU J 544 -59.17 -1.45 53.92
CA LEU J 544 -58.55 -2.10 55.08
C LEU J 544 -58.52 -3.62 54.96
N VAL J 550 -60.71 -10.52 55.51
CA VAL J 550 -61.27 -11.33 54.43
C VAL J 550 -61.71 -12.68 54.99
N GLU J 551 -62.70 -13.29 54.37
CA GLU J 551 -63.33 -14.48 54.91
C GLU J 551 -62.47 -15.71 54.67
N GLY J 552 -63.03 -16.90 54.87
CA GLY J 552 -62.32 -18.12 54.58
C GLY J 552 -62.47 -18.53 53.13
N GLU J 553 -61.49 -18.15 52.32
CA GLU J 553 -61.60 -18.28 50.87
C GLU J 553 -60.19 -18.20 50.29
N ILE J 554 -60.11 -18.04 48.97
CA ILE J 554 -58.85 -18.14 48.24
C ILE J 554 -58.54 -16.78 47.66
N ASP J 555 -57.37 -16.24 47.96
CA ASP J 555 -57.00 -14.96 47.39
C ASP J 555 -56.74 -15.13 45.90
N LEU J 556 -56.65 -13.99 45.21
CA LEU J 556 -56.64 -14.00 43.75
C LEU J 556 -55.43 -14.77 43.20
N ALA J 557 -54.25 -14.53 43.77
CA ALA J 557 -53.05 -15.16 43.22
C ALA J 557 -53.09 -16.67 43.38
N LYS J 558 -53.51 -17.13 44.56
CA LYS J 558 -53.63 -18.57 44.77
C LYS J 558 -54.70 -19.17 43.90
N LEU J 559 -55.79 -18.45 43.65
CA LEU J 559 -56.80 -18.96 42.74
C LEU J 559 -56.24 -19.12 41.33
N LYS J 560 -55.48 -18.13 40.87
CA LYS J 560 -54.86 -18.25 39.56
C LYS J 560 -53.96 -19.46 39.48
N LYS J 561 -53.12 -19.65 40.49
CA LYS J 561 -52.21 -20.78 40.47
C LYS J 561 -52.95 -22.11 40.53
N PHE J 562 -54.01 -22.19 41.34
CA PHE J 562 -54.79 -23.41 41.44
C PHE J 562 -55.48 -23.73 40.14
N ILE J 563 -56.04 -22.72 39.47
CA ILE J 563 -56.71 -22.96 38.20
C ILE J 563 -55.71 -23.44 37.16
N ALA J 564 -54.55 -22.79 37.08
CA ALA J 564 -53.54 -23.25 36.15
C ALA J 564 -53.12 -24.67 36.45
N TYR J 565 -52.94 -25.01 37.73
CA TYR J 565 -52.50 -26.33 38.13
C TYR J 565 -53.52 -27.39 37.75
N CYS J 566 -54.79 -27.16 38.06
CA CYS J 566 -55.81 -28.13 37.72
C CYS J 566 -55.99 -28.26 36.22
N ARG J 567 -55.82 -27.16 35.48
CA ARG J 567 -55.93 -27.25 34.03
C ARG J 567 -54.81 -28.09 33.44
N VAL J 568 -53.58 -27.94 33.94
CA VAL J 568 -52.49 -28.68 33.33
C VAL J 568 -52.45 -30.13 33.83
N LYS J 569 -52.85 -30.38 35.07
CA LYS J 569 -52.65 -31.71 35.63
C LYS J 569 -53.77 -32.68 35.26
N CYS J 570 -55.02 -32.27 35.42
CA CYS J 570 -56.15 -33.19 35.30
C CYS J 570 -57.00 -32.85 34.09
N GLY J 571 -57.28 -33.84 33.26
CA GLY J 571 -58.36 -33.75 32.32
C GLY J 571 -59.31 -34.92 32.48
N PRO J 572 -60.49 -34.67 33.02
CA PRO J 572 -61.41 -35.75 33.33
C PRO J 572 -62.16 -36.24 32.11
N ARG J 573 -62.77 -37.41 32.29
CA ARG J 573 -63.70 -37.96 31.31
C ARG J 573 -64.93 -38.42 32.04
N LEU J 574 -66.04 -38.47 31.32
CA LEU J 574 -67.27 -38.95 31.92
C LEU J 574 -67.14 -40.42 32.28
N SER J 575 -67.82 -40.82 33.35
CA SER J 575 -67.97 -42.23 33.64
C SER J 575 -69.13 -42.78 32.84
N ALA J 576 -69.25 -44.11 32.82
CA ALA J 576 -70.26 -44.75 32.00
C ALA J 576 -71.67 -44.38 32.47
N GLU J 577 -71.92 -44.48 33.76
CA GLU J 577 -73.25 -44.20 34.28
C GLU J 577 -73.57 -42.71 34.20
N ALA J 578 -72.56 -41.86 34.35
CA ALA J 578 -72.76 -40.43 34.14
C ALA J 578 -73.19 -40.16 32.70
N ALA J 579 -72.54 -40.81 31.74
CA ALA J 579 -72.92 -40.65 30.35
C ALA J 579 -74.34 -41.12 30.11
N GLU J 580 -74.73 -42.24 30.73
CA GLU J 580 -76.10 -42.72 30.57
C GLU J 580 -77.10 -41.69 31.07
N LYS J 581 -76.85 -41.14 32.27
CA LYS J 581 -77.79 -40.17 32.82
C LYS J 581 -77.87 -38.93 31.94
N LEU J 582 -76.72 -38.45 31.46
CA LEU J 582 -76.71 -37.26 30.63
C LEU J 582 -77.44 -37.51 29.31
N LYS J 583 -77.28 -38.69 28.73
CA LYS J 583 -78.00 -38.99 27.50
C LYS J 583 -79.49 -38.90 27.72
N ASN J 584 -80.00 -39.52 28.78
CA ASN J 584 -81.44 -39.50 28.99
C ASN J 584 -81.95 -38.09 29.27
N ARG J 585 -81.22 -37.32 30.06
CA ARG J 585 -81.64 -35.94 30.33
C ARG J 585 -81.62 -35.11 29.05
N TYR J 586 -80.62 -35.32 28.21
CA TYR J 586 -80.54 -34.57 26.96
C TYR J 586 -81.72 -34.88 26.05
N ILE J 587 -82.09 -36.15 25.95
CA ILE J 587 -83.23 -36.49 25.11
C ILE J 587 -84.49 -35.83 25.66
N ILE J 588 -84.64 -35.83 26.98
CA ILE J 588 -85.82 -35.19 27.57
C ILE J 588 -85.86 -33.72 27.20
N MET J 589 -84.73 -33.01 27.34
CA MET J 589 -84.79 -31.58 27.08
C MET J 589 -84.90 -31.27 25.60
N ARG J 590 -84.35 -32.12 24.73
CA ARG J 590 -84.57 -31.92 23.31
C ARG J 590 -86.03 -32.07 22.95
N SER J 591 -86.70 -33.08 23.50
CA SER J 591 -88.13 -33.21 23.28
C SER J 591 -88.87 -32.00 23.82
N GLY J 592 -88.50 -31.54 25.00
CA GLY J 592 -89.17 -30.37 25.57
C GLY J 592 -89.00 -29.13 24.73
N ALA J 593 -87.80 -28.91 24.20
CA ALA J 593 -87.57 -27.74 23.34
C ALA J 593 -88.33 -27.84 22.04
N ARG J 594 -88.34 -29.03 21.42
CA ARG J 594 -89.14 -29.21 20.21
C ARG J 594 -90.60 -28.93 20.49
N GLN J 595 -91.12 -29.43 21.62
CA GLN J 595 -92.52 -29.19 21.95
C GLN J 595 -92.79 -27.72 22.20
N HIS J 596 -91.87 -27.04 22.89
CA HIS J 596 -92.07 -25.63 23.18
C HIS J 596 -92.09 -24.80 21.90
N GLU J 597 -91.24 -25.15 20.94
CA GLU J 597 -91.29 -24.50 19.63
C GLU J 597 -92.61 -24.79 18.95
N ARG J 598 -93.04 -26.05 18.96
CA ARG J 598 -94.25 -26.45 18.25
C ARG J 598 -95.49 -25.76 18.81
N ASP J 599 -95.60 -25.71 20.14
CA ASP J 599 -96.75 -25.08 20.77
C ASP J 599 -96.74 -23.58 20.53
N SER J 600 -95.61 -22.94 20.81
CA SER J 600 -95.50 -21.51 20.58
C SER J 600 -95.51 -21.21 19.09
N ASP J 601 -95.92 -20.00 18.75
CA ASP J 601 -95.95 -19.58 17.36
C ASP J 601 -94.69 -18.81 16.97
N ARG J 602 -93.54 -19.43 17.20
CA ARG J 602 -92.25 -18.88 16.79
C ARG J 602 -91.18 -19.94 17.00
N ARG J 603 -90.21 -19.98 16.09
CA ARG J 603 -89.03 -20.81 16.30
C ARG J 603 -88.19 -20.21 17.42
N SER J 604 -87.67 -21.08 18.30
CA SER J 604 -86.99 -20.59 19.49
C SER J 604 -85.69 -19.90 19.12
N SER J 605 -85.48 -18.72 19.71
CA SER J 605 -84.27 -17.97 19.45
C SER J 605 -83.04 -18.62 20.07
N ILE J 606 -83.22 -19.48 21.07
CA ILE J 606 -82.12 -20.15 21.77
C ILE J 606 -82.22 -21.64 21.46
N PRO J 607 -81.25 -22.21 20.76
CA PRO J 607 -81.38 -23.61 20.36
C PRO J 607 -80.73 -24.57 21.33
N ILE J 608 -81.24 -25.79 21.37
CA ILE J 608 -80.62 -26.87 22.12
C ILE J 608 -80.13 -27.88 21.09
N THR J 609 -78.82 -28.04 21.00
CA THR J 609 -78.21 -28.83 19.96
C THR J 609 -77.19 -29.78 20.57
N VAL J 610 -76.58 -30.61 19.74
CA VAL J 610 -75.51 -31.48 20.22
C VAL J 610 -74.40 -30.65 20.81
N ARG J 611 -74.26 -29.42 20.36
CA ARG J 611 -73.28 -28.52 20.93
C ARG J 611 -73.59 -28.27 22.41
N GLN J 612 -74.86 -28.27 22.79
CA GLN J 612 -75.25 -28.12 24.19
C GLN J 612 -75.08 -29.41 24.99
N LEU J 613 -75.28 -30.57 24.36
CA LEU J 613 -74.90 -31.82 24.98
C LEU J 613 -73.43 -31.82 25.37
N GLU J 614 -72.57 -31.45 24.43
CA GLU J 614 -71.15 -31.37 24.74
C GLU J 614 -70.86 -30.25 25.73
N ALA J 615 -71.69 -29.21 25.76
CA ALA J 615 -71.53 -28.17 26.76
C ALA J 615 -71.72 -28.72 28.16
N ILE J 616 -72.75 -29.53 28.34
CA ILE J 616 -72.96 -30.14 29.66
C ILE J 616 -71.84 -31.11 29.97
N VAL J 617 -71.35 -31.83 28.97
CA VAL J 617 -70.18 -32.69 29.20
C VAL J 617 -69.01 -31.86 29.69
N ARG J 618 -68.78 -30.70 29.08
CA ARG J 618 -67.66 -29.84 29.49
C ARG J 618 -67.84 -29.31 30.90
N ILE J 619 -69.05 -28.92 31.26
CA ILE J 619 -69.28 -28.40 32.60
C ILE J 619 -69.07 -29.50 33.63
N ALA J 620 -69.54 -30.72 33.33
CA ALA J 620 -69.29 -31.83 34.22
C ALA J 620 -67.80 -32.09 34.37
N GLU J 621 -67.06 -32.05 33.27
CA GLU J 621 -65.62 -32.26 33.34
C GLU J 621 -64.93 -31.16 34.13
N ALA J 622 -65.40 -29.92 34.02
CA ALA J 622 -64.81 -28.84 34.81
C ALA J 622 -65.05 -29.04 36.28
N LEU J 623 -66.27 -29.42 36.64
CA LEU J 623 -66.58 -29.72 38.04
C LEU J 623 -65.66 -30.81 38.56
N SER J 624 -65.49 -31.88 37.79
CA SER J 624 -64.59 -32.93 38.22
C SER J 624 -63.14 -32.47 38.27
N LYS J 625 -62.76 -31.52 37.43
CA LYS J 625 -61.38 -31.07 37.39
C LYS J 625 -61.03 -30.19 38.58
N MET J 626 -62.01 -29.45 39.11
CA MET J 626 -61.77 -28.71 40.35
C MET J 626 -61.30 -29.63 41.46
N LYS J 627 -61.78 -30.87 41.46
CA LYS J 627 -61.45 -31.84 42.48
C LYS J 627 -60.32 -32.77 42.08
N LEU J 628 -59.72 -32.56 40.91
CA LEU J 628 -58.63 -33.38 40.42
C LEU J 628 -59.05 -34.84 40.24
N GLN J 629 -60.27 -35.05 39.88
CA GLN J 629 -60.82 -36.40 39.76
C GLN J 629 -60.73 -36.89 38.32
N PRO J 630 -60.13 -38.04 38.07
CA PRO J 630 -59.97 -38.51 36.69
C PRO J 630 -61.28 -38.78 35.97
N PHE J 631 -62.36 -39.00 36.68
CA PHE J 631 -63.63 -39.32 36.06
C PHE J 631 -64.73 -38.46 36.67
N ALA J 632 -65.69 -38.07 35.85
CA ALA J 632 -66.78 -37.21 36.29
C ALA J 632 -67.96 -38.08 36.69
N THR J 633 -68.42 -37.91 37.92
CA THR J 633 -69.42 -38.79 38.51
C THR J 633 -70.80 -38.44 37.96
N GLU J 634 -71.85 -38.98 38.57
CA GLU J 634 -73.18 -38.50 38.25
C GLU J 634 -73.55 -37.28 39.08
N ALA J 635 -72.83 -37.01 40.17
CA ALA J 635 -73.10 -35.84 40.98
C ALA J 635 -72.81 -34.56 40.20
N ASP J 636 -71.63 -34.48 39.61
CA ASP J 636 -71.29 -33.30 38.84
C ASP J 636 -72.02 -33.25 37.50
N VAL J 637 -72.45 -34.37 36.95
CA VAL J 637 -73.36 -34.30 35.83
C VAL J 637 -74.68 -33.68 36.25
N GLU J 638 -75.20 -34.07 37.41
CA GLU J 638 -76.43 -33.47 37.90
C GLU J 638 -76.25 -31.98 38.14
N GLU J 639 -75.09 -31.58 38.66
CA GLU J 639 -74.82 -30.16 38.86
C GLU J 639 -74.74 -29.42 37.54
N ALA J 640 -74.09 -30.01 36.54
CA ALA J 640 -74.02 -29.39 35.22
C ALA J 640 -75.40 -29.27 34.60
N LEU J 641 -76.25 -30.27 34.81
CA LEU J 641 -77.63 -30.14 34.36
C LEU J 641 -78.36 -29.03 35.09
N ARG J 642 -78.08 -28.84 36.37
CA ARG J 642 -78.74 -27.76 37.10
C ARG J 642 -78.30 -26.40 36.58
N LEU J 643 -77.01 -26.24 36.31
CA LEU J 643 -76.53 -24.99 35.74
C LEU J 643 -77.14 -24.76 34.37
N PHE J 644 -77.13 -25.79 33.52
CA PHE J 644 -77.77 -25.66 32.24
C PHE J 644 -79.27 -25.49 32.36
N GLN J 645 -79.88 -25.86 33.48
CA GLN J 645 -81.30 -25.58 33.66
C GLN J 645 -81.52 -24.12 33.97
N VAL J 646 -80.68 -23.55 34.83
CA VAL J 646 -80.72 -22.12 35.08
C VAL J 646 -80.43 -21.32 33.82
N SER J 647 -79.81 -21.94 32.81
CA SER J 647 -79.51 -21.26 31.54
C SER J 647 -80.27 -21.80 30.31
N THR J 648 -81.15 -22.80 30.47
CA THR J 648 -82.17 -23.19 29.51
C THR J 648 -83.54 -22.71 29.96
N LEU J 649 -83.60 -22.17 31.17
CA LEU J 649 -84.63 -21.21 31.49
C LEU J 649 -84.88 -20.31 30.30
N ASP J 650 -83.81 -19.77 29.72
CA ASP J 650 -83.88 -18.65 28.79
C ASP J 650 -84.71 -19.00 27.57
N ALA J 651 -84.73 -20.26 27.18
CA ALA J 651 -85.70 -20.71 26.20
C ALA J 651 -87.01 -21.07 26.87
N ALA J 652 -87.00 -22.13 27.69
CA ALA J 652 -88.25 -22.81 28.02
C ALA J 652 -89.05 -22.05 29.06
N LEU J 653 -88.44 -21.73 30.20
CA LEU J 653 -89.19 -21.03 31.23
C LEU J 653 -89.40 -19.59 30.83
N SER J 654 -88.54 -19.06 29.96
CA SER J 654 -88.84 -17.77 29.37
C SER J 654 -90.14 -17.84 28.59
N GLY J 655 -90.32 -18.89 27.78
CA GLY J 655 -91.58 -19.04 27.07
C GLY J 655 -92.76 -19.20 28.00
N THR J 656 -92.59 -20.03 29.05
CA THR J 656 -93.69 -20.28 29.98
C THR J 656 -94.09 -19.00 30.72
N LEU J 657 -93.13 -18.31 31.33
CA LEU J 657 -93.40 -17.10 32.08
C LEU J 657 -93.86 -15.97 31.19
N SER J 658 -93.30 -15.84 29.98
CA SER J 658 -93.77 -14.84 29.04
C SER J 658 -95.21 -15.11 28.64
N GLY J 659 -95.58 -16.38 28.47
CA GLY J 659 -96.98 -16.70 28.21
C GLY J 659 -97.89 -16.42 29.40
N VAL J 660 -97.41 -16.68 30.61
CA VAL J 660 -98.22 -16.43 31.80
C VAL J 660 -98.48 -14.94 31.96
N GLU J 661 -97.46 -14.10 31.77
CA GLU J 661 -97.69 -12.66 31.82
C GLU J 661 -98.36 -12.18 30.53
N GLY J 662 -98.26 -12.96 29.45
CA GLY J 662 -98.79 -12.58 28.17
C GLY J 662 -100.28 -12.76 28.08
N PHE J 663 -100.82 -13.72 28.83
CA PHE J 663 -102.26 -13.76 29.04
C PHE J 663 -102.74 -12.38 29.53
N THR J 664 -102.06 -11.86 30.55
CA THR J 664 -102.38 -10.55 31.11
C THR J 664 -102.16 -9.44 30.09
N SER J 665 -101.04 -9.50 29.37
CA SER J 665 -100.71 -8.46 28.39
C SER J 665 -101.74 -8.40 27.28
N GLN J 666 -102.16 -9.55 26.75
CA GLN J 666 -103.14 -9.55 25.68
C GLN J 666 -104.53 -9.22 26.21
N GLU J 667 -104.85 -9.59 27.45
CA GLU J 667 -106.12 -9.16 28.04
C GLU J 667 -106.18 -7.64 28.14
N ASP J 668 -105.13 -7.02 28.67
CA ASP J 668 -105.10 -5.56 28.74
C ASP J 668 -105.14 -4.95 27.34
N GLN J 669 -104.39 -5.53 26.39
CA GLN J 669 -104.39 -5.00 25.04
C GLN J 669 -105.79 -5.03 24.44
N GLU J 670 -106.51 -6.13 24.64
CA GLU J 670 -107.81 -6.28 23.99
C GLU J 670 -108.88 -5.45 24.69
N MET J 671 -108.74 -5.21 26.00
CA MET J 671 -109.77 -4.43 26.66
C MET J 671 -109.43 -2.94 26.81
N LEU J 672 -108.33 -2.63 27.49
CA LEU J 672 -108.05 -1.23 27.84
C LEU J 672 -107.85 -0.37 26.61
N SER J 673 -107.02 -0.83 25.67
CA SER J 673 -106.73 -0.01 24.50
C SER J 673 -108.00 0.24 23.69
N ARG J 674 -108.82 -0.81 23.52
CA ARG J 674 -110.07 -0.66 22.77
C ARG J 674 -111.02 0.31 23.44
N ILE J 675 -111.18 0.19 24.77
CA ILE J 675 -112.14 1.05 25.47
C ILE J 675 -111.55 2.42 25.79
N GLU J 676 -110.27 2.65 25.46
CA GLU J 676 -109.68 3.98 25.64
C GLU J 676 -110.34 5.03 24.76
N LYS J 677 -111.11 4.63 23.75
CA LYS J 677 -111.78 5.60 22.90
C LYS J 677 -113.03 6.18 23.58
N GLN J 678 -113.84 5.32 24.19
CA GLN J 678 -114.91 5.80 25.06
C GLN J 678 -114.39 6.26 26.41
N LEU J 679 -113.11 6.02 26.68
CA LEU J 679 -112.48 6.60 27.86
C LEU J 679 -112.59 8.11 27.86
N LYS J 680 -112.22 8.77 26.75
CA LYS J 680 -112.28 10.23 26.66
C LYS J 680 -113.67 10.77 26.92
N ARG J 681 -114.72 9.99 26.66
CA ARG J 681 -116.05 10.38 27.09
C ARG J 681 -116.24 10.14 28.58
N ARG J 682 -116.11 8.89 29.02
CA ARG J 682 -116.44 8.54 30.40
C ARG J 682 -115.36 7.73 31.11
N PHE J 683 -114.68 6.84 30.41
CA PHE J 683 -113.95 5.73 31.01
C PHE J 683 -112.44 5.94 31.03
N ALA J 684 -112.00 7.16 31.33
CA ALA J 684 -110.62 7.57 31.02
C ALA J 684 -109.60 6.61 31.62
N ILE J 685 -109.52 6.54 32.94
CA ILE J 685 -108.37 5.94 33.59
C ILE J 685 -108.56 4.46 33.87
N GLY J 686 -109.50 4.12 34.73
CA GLY J 686 -109.62 2.74 35.18
C GLY J 686 -108.79 2.55 36.42
N SER J 687 -109.43 2.44 37.58
CA SER J 687 -108.70 2.40 38.84
C SER J 687 -107.98 1.06 38.99
N GLN J 688 -107.01 1.04 39.91
CA GLN J 688 -106.33 -0.21 40.21
C GLN J 688 -107.30 -1.22 40.79
N VAL J 689 -108.34 -0.74 41.47
CA VAL J 689 -109.40 -1.65 41.90
C VAL J 689 -110.11 -2.24 40.70
N SER J 690 -110.19 -1.50 39.59
CA SER J 690 -110.72 -2.10 38.37
C SER J 690 -109.74 -3.13 37.81
N GLU J 691 -108.44 -2.87 37.96
CA GLU J 691 -107.44 -3.87 37.60
C GLU J 691 -107.56 -5.13 38.44
N HIS J 692 -108.14 -5.03 39.64
CA HIS J 692 -108.44 -6.21 40.44
C HIS J 692 -109.78 -6.83 40.08
N SER J 693 -110.74 -6.03 39.63
CA SER J 693 -112.00 -6.58 39.15
C SER J 693 -111.79 -7.43 37.90
N ILE J 694 -110.92 -6.97 37.00
CA ILE J 694 -110.54 -7.79 35.85
C ILE J 694 -109.73 -9.00 36.25
N ILE J 695 -109.06 -8.99 37.40
CA ILE J 695 -108.50 -10.21 37.95
C ILE J 695 -109.61 -11.18 38.36
N LYS J 696 -110.58 -10.67 39.10
CA LYS J 696 -111.62 -11.53 39.65
C LYS J 696 -112.46 -12.17 38.56
N ASP J 697 -112.90 -11.38 37.57
CA ASP J 697 -113.82 -11.94 36.57
C ASP J 697 -113.12 -12.96 35.67
N PHE J 698 -111.83 -12.75 35.39
CA PHE J 698 -111.08 -13.76 34.64
C PHE J 698 -110.92 -15.04 35.44
N THR J 699 -110.70 -14.92 36.76
CA THR J 699 -110.54 -16.04 37.70
C THR J 699 -109.85 -17.28 37.13
N PRO J 704 -102.84 -12.78 39.74
CA PRO J 704 -101.99 -12.40 40.88
C PRO J 704 -101.62 -10.93 40.85
N GLU J 705 -101.62 -10.29 42.02
CA GLU J 705 -101.42 -8.84 42.09
C GLU J 705 -100.05 -8.44 41.58
N HIS J 706 -99.01 -9.19 41.95
CA HIS J 706 -97.67 -8.83 41.53
C HIS J 706 -97.54 -8.86 40.01
N ALA J 707 -98.06 -9.91 39.38
CA ALA J 707 -97.98 -10.02 37.93
C ALA J 707 -98.84 -8.98 37.23
N ILE J 708 -100.06 -8.74 37.73
CA ILE J 708 -100.94 -7.77 37.09
C ILE J 708 -100.35 -6.38 37.17
N HIS J 709 -99.62 -6.09 38.24
CA HIS J 709 -98.98 -4.79 38.34
C HIS J 709 -97.71 -4.74 37.48
N LYS J 710 -96.97 -5.84 37.40
CA LYS J 710 -95.74 -5.86 36.61
C LYS J 710 -96.03 -5.67 35.13
N VAL J 711 -97.05 -6.35 34.61
CA VAL J 711 -97.34 -6.27 33.18
C VAL J 711 -97.74 -4.84 32.80
N LEU J 712 -98.62 -4.24 33.60
CA LEU J 712 -98.98 -2.85 33.36
C LEU J 712 -97.79 -1.94 33.50
N GLN J 713 -96.89 -2.28 34.42
CA GLN J 713 -95.72 -1.44 34.65
C GLN J 713 -94.81 -1.45 33.43
N LEU J 714 -94.63 -2.62 32.82
CA LEU J 714 -93.91 -2.73 31.55
C LEU J 714 -94.62 -1.95 30.45
N MET J 715 -95.94 -2.08 30.37
CA MET J 715 -96.69 -1.35 29.35
C MET J 715 -96.50 0.15 29.52
N LEU J 716 -96.30 0.60 30.76
CA LEU J 716 -96.10 2.02 31.01
C LEU J 716 -94.85 2.57 30.35
N ARG J 717 -93.76 1.81 30.35
CA ARG J 717 -92.57 2.22 29.62
C ARG J 717 -92.61 1.82 28.15
N ARG J 718 -93.55 0.97 27.75
CA ARG J 718 -93.62 0.55 26.34
C ARG J 718 -93.89 1.73 25.42
N GLY J 719 -94.83 2.60 25.76
CA GLY J 719 -95.24 3.63 24.84
C GLY J 719 -96.08 4.76 25.42
N GLU J 720 -97.07 5.23 24.66
CA GLU J 720 -97.85 6.42 25.01
C GLU J 720 -99.36 6.23 24.99
N ILE J 721 -99.88 5.39 24.10
CA ILE J 721 -101.31 5.38 23.76
C ILE J 721 -102.07 4.40 24.64
N GLN J 722 -103.17 4.88 25.23
CA GLN J 722 -104.16 4.07 25.93
C GLN J 722 -103.65 3.54 27.27
N HIS J 723 -102.36 3.70 27.55
CA HIS J 723 -101.79 3.21 28.80
C HIS J 723 -101.07 4.27 29.60
N ARG J 724 -100.36 5.19 28.96
CA ARG J 724 -99.84 6.34 29.69
C ARG J 724 -101.00 7.23 30.13
N MET J 725 -102.00 7.40 29.26
CA MET J 725 -103.17 8.25 29.48
C MET J 725 -104.10 7.79 30.60
N GLN J 726 -104.06 6.51 30.98
CA GLN J 726 -104.82 6.07 32.14
C GLN J 726 -104.07 6.27 33.44
N ARG J 727 -102.74 6.33 33.37
CA ARG J 727 -101.89 6.51 34.55
C ARG J 727 -101.41 7.95 34.72
N LYS J 728 -101.21 8.67 33.61
CA LYS J 728 -100.64 10.00 33.70
C LYS J 728 -101.51 10.97 34.49
N VAL J 729 -102.80 10.69 34.63
CA VAL J 729 -103.70 11.58 35.34
C VAL J 729 -104.27 10.93 36.60
N LEU J 730 -104.55 9.63 36.57
CA LEU J 730 -105.00 8.93 37.77
C LEU J 730 -103.95 8.95 38.87
N TYR J 731 -102.69 8.68 38.50
CA TYR J 731 -101.62 8.68 39.48
C TYR J 731 -101.43 10.06 40.11
N ARG J 732 -101.46 11.12 39.30
CA ARG J 732 -101.29 12.46 39.86
C ARG J 732 -102.48 12.85 40.72
N LEU J 733 -103.69 12.41 40.33
CA LEU J 733 -104.87 12.59 41.16
C LEU J 733 -105.07 11.42 42.12
N LYS J 734 -104.11 10.50 42.17
CA LYS J 734 -104.09 9.38 43.12
C LYS J 734 -105.18 8.37 42.78
N LEU K 16 1.59 42.90 -16.62
CA LEU K 16 1.52 43.06 -15.18
C LEU K 16 0.11 42.81 -14.67
N GLU K 17 -0.85 43.41 -15.36
CA GLU K 17 -2.27 43.31 -15.03
C GLU K 17 -3.08 43.90 -16.17
N VAL K 18 -4.07 43.18 -16.64
CA VAL K 18 -4.93 43.66 -17.71
C VAL K 18 -6.06 44.44 -17.09
N ARG K 19 -6.46 45.53 -17.74
CA ARG K 19 -7.54 46.39 -17.24
C ARG K 19 -8.72 46.32 -18.20
N ASP K 20 -9.89 46.08 -17.64
CA ASP K 20 -11.13 46.09 -18.40
C ASP K 20 -11.44 47.52 -18.79
N GLU K 21 -11.15 47.89 -20.03
CA GLU K 21 -11.25 49.29 -20.40
C GLU K 21 -12.68 49.80 -20.26
N VAL K 22 -13.65 49.03 -20.74
CA VAL K 22 -15.03 49.47 -20.68
C VAL K 22 -15.52 49.54 -19.24
N ALA K 23 -15.09 48.60 -18.40
CA ALA K 23 -15.53 48.59 -17.02
C ALA K 23 -14.92 49.74 -16.23
N GLU K 24 -13.63 50.01 -16.43
CA GLU K 24 -12.98 51.13 -15.75
C GLU K 24 -13.56 52.45 -16.21
N LYS K 25 -13.79 52.59 -17.50
CA LYS K 25 -14.42 53.81 -18.00
C LYS K 25 -15.80 53.98 -17.40
N CYS K 26 -16.57 52.90 -17.35
CA CYS K 26 -17.90 52.96 -16.77
C CYS K 26 -17.84 53.32 -15.30
N GLN K 27 -16.83 52.82 -14.59
CA GLN K 27 -16.69 53.13 -13.17
C GLN K 27 -16.45 54.61 -12.96
N LYS K 28 -15.54 55.20 -13.73
CA LYS K 28 -15.28 56.63 -13.55
C LYS K 28 -16.50 57.46 -13.96
N LEU K 29 -17.18 57.07 -15.04
CA LEU K 29 -18.38 57.80 -15.43
C LEU K 29 -19.46 57.70 -14.37
N PHE K 30 -19.55 56.55 -13.70
CA PHE K 30 -20.58 56.38 -12.67
C PHE K 30 -20.26 57.21 -11.45
N LEU K 31 -18.98 57.29 -11.06
CA LEU K 31 -18.63 58.19 -9.96
C LEU K 31 -18.94 59.64 -10.32
N ASP K 32 -18.68 60.02 -11.57
CA ASP K 32 -19.09 61.36 -12.01
C ASP K 32 -20.58 61.55 -11.87
N PHE K 33 -21.37 60.57 -12.26
CA PHE K 33 -22.81 60.69 -12.13
C PHE K 33 -23.21 60.82 -10.67
N LEU K 34 -22.60 60.04 -9.81
CA LEU K 34 -22.93 60.07 -8.40
C LEU K 34 -22.65 61.43 -7.79
N GLU K 35 -21.53 62.04 -8.15
CA GLU K 35 -21.11 63.26 -7.50
C GLU K 35 -21.41 64.51 -8.31
N GLU K 36 -22.17 64.40 -9.40
CA GLU K 36 -22.55 65.58 -10.16
C GLU K 36 -24.02 65.66 -10.49
N PHE K 37 -24.76 64.57 -10.47
CA PHE K 37 -26.16 64.63 -10.82
C PHE K 37 -26.94 65.32 -9.71
N GLN K 38 -27.82 66.23 -10.09
CA GLN K 38 -28.59 66.99 -9.11
C GLN K 38 -30.05 67.01 -9.50
N SER K 39 -30.90 67.05 -8.49
CA SER K 39 -32.34 66.96 -8.69
C SER K 39 -32.93 68.35 -8.88
N SER K 40 -34.26 68.43 -8.87
CA SER K 40 -34.94 69.70 -9.13
C SER K 40 -34.56 70.76 -8.10
N ASP K 41 -34.24 70.34 -6.88
CA ASP K 41 -33.76 71.29 -5.88
C ASP K 41 -32.38 71.82 -6.21
N GLY K 42 -31.70 71.25 -7.19
CA GLY K 42 -30.36 71.68 -7.54
C GLY K 42 -29.28 71.12 -6.66
N GLU K 43 -29.60 70.17 -5.79
CA GLU K 43 -28.62 69.57 -4.90
C GLU K 43 -28.29 68.16 -5.36
N ILE K 44 -27.04 67.77 -5.11
CA ILE K 44 -26.54 66.47 -5.52
C ILE K 44 -27.27 65.41 -4.70
N LYS K 45 -28.20 64.71 -5.35
CA LYS K 45 -29.13 63.87 -4.59
C LYS K 45 -28.48 62.61 -4.08
N TYR K 46 -27.56 62.04 -4.83
CA TYR K 46 -26.99 60.79 -4.37
C TYR K 46 -25.95 61.01 -3.29
N LEU K 47 -25.45 62.22 -3.13
CA LEU K 47 -24.62 62.55 -1.98
C LEU K 47 -25.44 62.50 -0.69
N GLN K 48 -26.60 63.14 -0.69
CA GLN K 48 -27.49 63.08 0.46
C GLN K 48 -27.98 61.66 0.69
N LEU K 49 -28.25 60.92 -0.38
CA LEU K 49 -28.71 59.55 -0.25
C LEU K 49 -27.64 58.64 0.33
N ALA K 50 -26.39 58.81 -0.07
CA ALA K 50 -25.31 58.02 0.47
C ALA K 50 -24.84 58.51 1.83
N GLU K 51 -25.29 59.69 2.26
CA GLU K 51 -25.08 60.09 3.64
C GLU K 51 -25.76 59.12 4.60
N GLU K 52 -26.95 58.65 4.23
CA GLU K 52 -27.66 57.63 4.99
C GLU K 52 -26.90 56.32 5.01
N LEU K 53 -25.90 56.18 4.16
CA LEU K 53 -25.28 54.90 3.91
C LEU K 53 -24.07 54.68 4.81
N ILE K 54 -23.75 55.63 5.68
CA ILE K 54 -22.71 55.45 6.69
C ILE K 54 -23.14 54.52 7.79
N ARG K 55 -24.44 54.27 7.88
CA ARG K 55 -24.97 53.44 8.94
C ARG K 55 -24.48 52.00 8.80
N PRO K 56 -24.42 51.27 9.90
CA PRO K 56 -24.45 49.81 9.79
C PRO K 56 -25.80 49.38 9.24
N GLU K 57 -25.93 48.09 8.95
CA GLU K 57 -27.13 47.50 8.33
C GLU K 57 -27.63 48.31 7.13
N ARG K 58 -26.75 49.06 6.50
CA ARG K 58 -27.13 49.99 5.45
C ARG K 58 -25.99 50.00 4.46
N ASN K 59 -26.14 49.28 3.35
CA ASN K 59 -25.02 49.08 2.45
C ASN K 59 -25.39 49.18 0.99
N THR K 60 -26.60 49.60 0.65
CA THR K 60 -27.04 49.64 -0.74
C THR K 60 -27.58 51.02 -1.05
N LEU K 61 -27.01 51.65 -2.06
CA LEU K 61 -27.58 52.84 -2.65
C LEU K 61 -28.52 52.42 -3.76
N VAL K 62 -29.69 53.02 -3.80
CA VAL K 62 -30.67 52.76 -4.83
C VAL K 62 -30.62 53.91 -5.83
N VAL K 63 -30.21 53.59 -7.05
CA VAL K 63 -29.98 54.59 -8.09
C VAL K 63 -31.08 54.44 -9.13
N SER K 64 -31.78 55.53 -9.41
CA SER K 64 -32.83 55.51 -10.40
C SER K 64 -32.23 55.51 -11.80
N PHE K 65 -32.71 54.61 -12.65
CA PHE K 65 -32.17 54.50 -14.00
C PHE K 65 -32.60 55.65 -14.89
N VAL K 66 -33.72 56.31 -14.60
CA VAL K 66 -34.11 57.47 -15.37
C VAL K 66 -33.13 58.61 -15.18
N ASP K 67 -32.65 58.79 -13.95
CA ASP K 67 -31.59 59.76 -13.70
C ASP K 67 -30.33 59.41 -14.48
N LEU K 68 -29.95 58.14 -14.47
CA LEU K 68 -28.77 57.70 -15.19
C LEU K 68 -28.93 57.94 -16.68
N GLU K 69 -30.14 57.78 -17.20
CA GLU K 69 -30.41 58.04 -18.60
C GLU K 69 -30.27 59.51 -18.92
N GLN K 70 -30.85 60.37 -18.08
CA GLN K 70 -30.78 61.81 -18.33
C GLN K 70 -29.35 62.31 -18.24
N PHE K 71 -28.59 61.78 -17.31
CA PHE K 71 -27.24 62.30 -17.09
C PHE K 71 -26.27 61.84 -18.17
N ASN K 72 -26.34 60.59 -18.60
CA ASN K 72 -25.39 60.06 -19.57
C ASN K 72 -26.05 58.89 -20.28
N GLN K 73 -26.55 59.13 -21.48
CA GLN K 73 -27.21 58.08 -22.24
C GLN K 73 -26.28 56.91 -22.50
N GLN K 74 -25.04 57.20 -22.89
CA GLN K 74 -24.11 56.13 -23.23
C GLN K 74 -23.75 55.31 -22.01
N LEU K 75 -23.63 55.94 -20.84
CA LEU K 75 -23.33 55.20 -19.63
C LEU K 75 -24.48 54.28 -19.25
N SER K 76 -25.72 54.75 -19.40
CA SER K 76 -26.86 53.90 -19.12
C SER K 76 -26.91 52.73 -20.09
N THR K 77 -26.62 52.97 -21.37
CA THR K 77 -26.63 51.89 -22.34
C THR K 77 -25.56 50.85 -22.01
N THR K 78 -24.37 51.30 -21.66
CA THR K 78 -23.30 50.36 -21.32
C THR K 78 -23.64 49.59 -20.06
N ILE K 79 -24.22 50.25 -19.06
CA ILE K 79 -24.58 49.55 -17.84
C ILE K 79 -25.63 48.51 -18.13
N GLN K 80 -26.63 48.88 -18.93
CA GLN K 80 -27.71 47.96 -19.24
C GLN K 80 -27.22 46.76 -20.04
N GLU K 81 -26.29 46.97 -20.95
CA GLU K 81 -25.85 45.90 -21.83
C GLU K 81 -24.78 45.03 -21.22
N GLU K 82 -23.89 45.56 -20.41
CA GLU K 82 -22.81 44.79 -19.82
C GLU K 82 -22.89 44.82 -18.31
N PHE K 83 -24.09 44.67 -17.79
CA PHE K 83 -24.34 44.87 -16.36
C PHE K 83 -23.52 43.94 -15.51
N TYR K 84 -23.47 42.66 -15.86
CA TYR K 84 -22.76 41.73 -15.00
C TYR K 84 -21.29 42.08 -14.89
N ARG K 85 -20.64 42.42 -15.99
CA ARG K 85 -19.20 42.65 -15.91
C ARG K 85 -18.86 43.98 -15.28
N VAL K 86 -19.69 45.00 -15.43
CA VAL K 86 -19.38 46.31 -14.89
C VAL K 86 -19.95 46.53 -13.50
N TYR K 87 -20.80 45.64 -13.03
CA TYR K 87 -21.39 45.81 -11.70
C TYR K 87 -20.36 45.88 -10.57
N PRO K 88 -19.32 45.05 -10.52
CA PRO K 88 -18.31 45.25 -9.49
C PRO K 88 -17.66 46.60 -9.52
N TYR K 89 -17.52 47.19 -10.70
CA TYR K 89 -16.92 48.50 -10.80
C TYR K 89 -17.89 49.61 -10.40
N LEU K 90 -19.17 49.44 -10.65
CA LEU K 90 -20.14 50.38 -10.09
C LEU K 90 -20.10 50.32 -8.57
N CYS K 91 -19.95 49.12 -8.01
CA CYS K 91 -19.86 49.01 -6.56
C CYS K 91 -18.58 49.66 -6.04
N ARG K 92 -17.48 49.52 -6.77
CA ARG K 92 -16.25 50.20 -6.39
C ARG K 92 -16.41 51.72 -6.45
N ALA K 93 -17.11 52.21 -7.47
CA ALA K 93 -17.37 53.64 -7.56
C ALA K 93 -18.20 54.11 -6.38
N LEU K 94 -19.20 53.34 -5.97
CA LEU K 94 -19.97 53.71 -4.80
C LEU K 94 -19.12 53.72 -3.56
N LYS K 95 -18.19 52.77 -3.45
CA LYS K 95 -17.32 52.73 -2.29
C LYS K 95 -16.42 53.96 -2.24
N THR K 96 -15.85 54.38 -3.36
CA THR K 96 -15.04 55.58 -3.31
C THR K 96 -15.89 56.83 -3.07
N PHE K 97 -17.12 56.84 -3.59
CA PHE K 97 -18.00 57.96 -3.35
C PHE K 97 -18.30 58.13 -1.87
N VAL K 98 -18.56 57.03 -1.18
CA VAL K 98 -18.89 57.10 0.24
C VAL K 98 -17.64 57.09 1.11
N LYS K 99 -16.48 56.81 0.55
CA LYS K 99 -15.27 56.69 1.35
C LYS K 99 -14.76 58.04 1.82
N ASP K 100 -14.39 58.91 0.88
CA ASP K 100 -13.78 60.19 1.25
C ASP K 100 -14.76 61.05 2.03
N ARG K 101 -16.03 61.04 1.62
CA ARG K 101 -16.99 61.96 2.22
C ARG K 101 -17.27 61.62 3.68
N LYS K 102 -16.94 60.42 4.14
CA LYS K 102 -17.38 59.98 5.45
C LYS K 102 -16.31 59.10 6.09
N GLU K 103 -16.62 58.63 7.28
CA GLU K 103 -15.78 57.70 8.03
C GLU K 103 -16.53 56.38 8.11
N ILE K 104 -16.15 55.44 7.24
CA ILE K 104 -16.82 54.15 7.10
C ILE K 104 -15.84 53.08 7.55
N PRO K 105 -16.30 51.95 8.05
CA PRO K 105 -15.39 50.81 8.23
C PRO K 105 -14.70 50.53 6.90
N LEU K 106 -13.40 50.25 6.98
CA LEU K 106 -12.62 50.10 5.75
C LEU K 106 -13.15 48.98 4.88
N ALA K 107 -13.48 47.83 5.48
CA ALA K 107 -13.86 46.65 4.74
C ALA K 107 -15.37 46.48 4.64
N LYS K 108 -16.12 47.57 4.59
CA LYS K 108 -17.55 47.51 4.39
C LYS K 108 -17.84 47.64 2.91
N ASP K 109 -18.39 46.60 2.31
CA ASP K 109 -18.75 46.65 0.89
C ASP K 109 -20.08 47.33 0.71
N PHE K 110 -20.23 47.98 -0.43
CA PHE K 110 -21.45 48.68 -0.78
C PHE K 110 -21.94 48.15 -2.12
N TYR K 111 -23.26 48.20 -2.30
CA TYR K 111 -23.91 47.63 -3.46
C TYR K 111 -24.78 48.68 -4.11
N VAL K 112 -24.96 48.56 -5.41
CA VAL K 112 -25.78 49.47 -6.19
C VAL K 112 -27.03 48.72 -6.60
N ALA K 113 -28.17 49.34 -6.40
CA ALA K 113 -29.46 48.75 -6.73
C ALA K 113 -30.17 49.68 -7.69
N PHE K 114 -30.14 49.35 -8.98
CA PHE K 114 -30.84 50.16 -9.95
C PHE K 114 -32.33 49.95 -9.85
N GLN K 115 -33.09 50.99 -10.18
CA GLN K 115 -34.53 50.94 -10.13
C GLN K 115 -35.07 51.83 -11.23
N ASP K 116 -36.34 51.62 -11.54
CA ASP K 116 -37.05 52.39 -12.57
C ASP K 116 -36.50 52.14 -13.96
N LEU K 117 -36.15 50.90 -14.27
CA LEU K 117 -35.91 50.57 -15.66
C LEU K 117 -37.17 50.79 -16.47
N PRO K 118 -37.11 51.49 -17.59
CA PRO K 118 -38.32 51.71 -18.37
C PRO K 118 -38.94 50.43 -18.90
N THR K 119 -38.17 49.61 -19.61
CA THR K 119 -38.71 48.43 -20.24
C THR K 119 -38.82 47.27 -19.25
N ARG K 120 -39.85 46.45 -19.44
CA ARG K 120 -40.07 45.26 -18.65
C ARG K 120 -40.13 44.04 -19.55
N HIS K 121 -39.54 42.94 -19.12
CA HIS K 121 -39.49 41.73 -19.91
C HIS K 121 -40.38 40.67 -19.29
N LYS K 122 -40.86 39.78 -20.14
CA LYS K 122 -41.57 38.61 -19.67
C LYS K 122 -40.60 37.55 -19.18
N ILE K 123 -41.09 36.70 -18.29
CA ILE K 123 -40.27 35.60 -17.82
C ILE K 123 -39.98 34.63 -18.94
N ARG K 124 -40.89 34.49 -19.90
CA ARG K 124 -40.62 33.69 -21.09
C ARG K 124 -39.54 34.29 -21.96
N GLU K 125 -39.29 35.59 -21.84
CA GLU K 125 -38.30 36.27 -22.65
C GLU K 125 -36.93 36.29 -21.99
N LEU K 126 -36.77 35.59 -20.88
CA LEU K 126 -35.47 35.47 -20.22
C LEU K 126 -34.70 34.35 -20.90
N THR K 127 -34.18 34.65 -22.06
CA THR K 127 -33.44 33.69 -22.85
C THR K 127 -31.95 33.83 -22.57
N SER K 128 -31.16 33.05 -23.28
CA SER K 128 -29.71 33.13 -23.12
C SER K 128 -29.14 34.38 -23.75
N SER K 129 -29.95 35.18 -24.44
CA SER K 129 -29.48 36.45 -24.93
C SER K 129 -29.40 37.49 -23.82
N ARG K 130 -30.28 37.43 -22.82
CA ARG K 130 -30.30 38.38 -21.72
C ARG K 130 -29.32 38.05 -20.62
N ILE K 131 -28.51 37.02 -20.79
CA ILE K 131 -27.63 36.59 -19.69
C ILE K 131 -26.56 37.65 -19.47
N GLY K 132 -26.47 38.11 -18.24
CA GLY K 132 -25.43 39.05 -17.87
C GLY K 132 -25.76 40.50 -18.08
N LEU K 133 -26.96 40.82 -18.54
CA LEU K 133 -27.33 42.20 -18.80
C LEU K 133 -28.60 42.55 -18.07
N LEU K 134 -28.75 43.84 -17.80
CA LEU K 134 -29.74 44.31 -16.85
C LEU K 134 -31.14 44.21 -17.42
N THR K 135 -32.06 43.72 -16.59
CA THR K 135 -33.44 43.51 -17.01
C THR K 135 -34.35 43.70 -15.80
N ARG K 136 -35.61 43.97 -16.06
CA ARG K 136 -36.64 44.03 -15.04
C ARG K 136 -37.74 43.05 -15.40
N ILE K 137 -38.06 42.14 -14.49
CA ILE K 137 -39.12 41.18 -14.67
C ILE K 137 -40.08 41.32 -13.51
N SER K 138 -41.28 40.78 -13.69
CA SER K 138 -42.27 40.75 -12.65
C SER K 138 -42.81 39.34 -12.52
N GLY K 139 -43.00 38.89 -11.28
CA GLY K 139 -43.53 37.58 -11.05
C GLY K 139 -44.31 37.57 -9.75
N GLN K 140 -44.78 36.40 -9.38
CA GLN K 140 -45.44 36.20 -8.10
C GLN K 140 -44.54 35.35 -7.23
N VAL K 141 -44.25 35.83 -6.03
CA VAL K 141 -43.35 35.14 -5.12
C VAL K 141 -44.02 33.89 -4.61
N VAL K 142 -43.43 32.74 -4.92
CA VAL K 142 -44.00 31.47 -4.52
C VAL K 142 -43.54 31.08 -3.12
N ARG K 143 -42.25 31.19 -2.87
CA ARG K 143 -41.74 30.97 -1.53
C ARG K 143 -40.42 31.66 -1.36
N THR K 144 -40.11 31.96 -0.11
CA THR K 144 -38.85 32.57 0.26
C THR K 144 -38.13 31.66 1.24
N HIS K 145 -36.83 31.64 1.14
CA HIS K 145 -35.99 30.81 1.97
C HIS K 145 -35.33 31.65 3.02
N PRO K 146 -34.70 31.02 4.01
CA PRO K 146 -34.04 31.80 5.05
C PRO K 146 -32.90 32.64 4.49
N VAL K 147 -32.63 33.74 5.17
CA VAL K 147 -31.41 34.49 4.89
C VAL K 147 -30.21 33.71 5.42
N HIS K 148 -29.20 33.55 4.59
CA HIS K 148 -27.97 32.90 4.95
C HIS K 148 -26.82 33.83 4.62
N PRO K 149 -25.69 33.70 5.32
CA PRO K 149 -24.47 34.34 4.85
C PRO K 149 -23.90 33.56 3.67
N GLU K 150 -23.66 34.26 2.57
CA GLU K 150 -23.07 33.65 1.40
C GLU K 150 -21.60 34.03 1.34
N LEU K 151 -20.77 33.08 0.95
CA LEU K 151 -19.36 33.36 0.72
C LEU K 151 -19.21 33.99 -0.66
N VAL K 152 -18.69 35.22 -0.71
CA VAL K 152 -18.49 35.92 -1.96
C VAL K 152 -17.06 35.77 -2.48
N SER K 153 -16.07 35.85 -1.60
CA SER K 153 -14.68 35.63 -2.00
C SER K 153 -13.92 35.08 -0.81
N GLY K 154 -13.50 33.82 -0.89
CA GLY K 154 -12.83 33.15 0.19
C GLY K 154 -11.32 33.18 0.06
N THR K 155 -10.63 33.19 1.20
CA THR K 155 -9.19 33.02 1.25
C THR K 155 -8.91 31.60 1.69
N PHE K 156 -7.95 30.96 1.03
CA PHE K 156 -7.72 29.55 1.25
C PHE K 156 -6.30 29.32 1.71
N LEU K 157 -6.06 28.12 2.22
CA LEU K 157 -4.74 27.67 2.60
C LEU K 157 -4.41 26.43 1.80
N CYS K 158 -3.24 26.40 1.19
CA CYS K 158 -2.80 25.18 0.53
C CYS K 158 -2.35 24.19 1.59
N LEU K 159 -2.91 23.00 1.56
CA LEU K 159 -2.53 22.01 2.56
C LEU K 159 -1.21 21.34 2.25
N ASP K 160 -0.65 21.55 1.07
CA ASP K 160 0.62 20.96 0.68
C ASP K 160 1.81 21.86 0.92
N CYS K 161 1.62 23.16 0.91
CA CYS K 161 2.73 24.08 1.05
C CYS K 161 2.40 25.27 1.93
N GLN K 162 1.22 25.28 2.54
CA GLN K 162 0.83 26.28 3.53
C GLN K 162 0.82 27.69 2.99
N THR K 163 0.85 27.87 1.68
CA THR K 163 0.67 29.22 1.18
C THR K 163 -0.80 29.59 1.26
N VAL K 164 -1.06 30.89 1.30
CA VAL K 164 -2.41 31.40 1.48
C VAL K 164 -2.82 32.07 0.19
N ILE K 165 -3.89 31.56 -0.42
CA ILE K 165 -4.41 32.10 -1.66
C ILE K 165 -5.57 33.01 -1.27
N ARG K 166 -5.49 34.27 -1.68
CA ARG K 166 -6.39 35.28 -1.17
C ARG K 166 -7.42 35.67 -2.23
N ASP K 167 -8.65 35.89 -1.77
CA ASP K 167 -9.72 36.52 -2.54
C ASP K 167 -9.98 35.81 -3.86
N VAL K 168 -10.38 34.56 -3.77
CA VAL K 168 -10.81 33.84 -4.96
C VAL K 168 -12.31 34.04 -5.06
N GLU K 169 -12.77 34.43 -6.23
CA GLU K 169 -14.16 34.83 -6.39
C GLU K 169 -15.03 33.60 -6.49
N GLN K 170 -16.12 33.58 -5.74
CA GLN K 170 -17.07 32.50 -5.80
C GLN K 170 -18.10 32.80 -6.86
N GLN K 171 -18.28 31.86 -7.79
CA GLN K 171 -19.21 32.04 -8.90
C GLN K 171 -20.51 31.31 -8.66
N PHE K 172 -21.25 31.74 -7.63
CA PHE K 172 -22.52 31.12 -7.28
C PHE K 172 -22.36 29.62 -7.08
N LYS K 173 -21.20 29.25 -6.54
CA LYS K 173 -20.80 27.88 -6.32
C LYS K 173 -19.55 27.96 -5.47
N TYR K 174 -19.35 26.98 -4.62
CA TYR K 174 -18.12 26.94 -3.85
C TYR K 174 -16.96 26.63 -4.79
N THR K 175 -16.11 27.61 -5.05
CA THR K 175 -14.95 27.42 -5.90
C THR K 175 -13.71 27.51 -5.04
N GLN K 176 -12.93 26.44 -5.05
CA GLN K 176 -11.57 26.46 -4.57
C GLN K 176 -10.67 27.12 -5.61
N PRO K 177 -9.44 27.48 -5.24
CA PRO K 177 -8.51 27.98 -6.24
C PRO K 177 -8.24 26.93 -7.31
N ASN K 178 -8.02 27.40 -8.54
CA ASN K 178 -7.64 26.48 -9.61
C ASN K 178 -6.34 25.78 -9.31
N ILE K 179 -5.38 26.53 -8.78
CA ILE K 179 -4.01 26.06 -8.63
C ILE K 179 -3.44 26.80 -7.44
N CYS K 180 -2.50 26.17 -6.76
CA CYS K 180 -1.77 26.83 -5.70
C CYS K 180 -0.88 27.93 -6.28
N ARG K 181 -0.70 28.99 -5.50
CA ARG K 181 0.12 30.10 -5.97
C ARG K 181 1.59 29.71 -6.11
N ASN K 182 2.08 28.85 -5.24
CA ASN K 182 3.44 28.38 -5.34
C ASN K 182 3.59 27.57 -6.61
N PRO K 183 4.46 27.96 -7.55
CA PRO K 183 4.52 27.23 -8.81
C PRO K 183 5.14 25.85 -8.69
N VAL K 184 6.13 25.63 -7.82
CA VAL K 184 6.57 24.27 -7.59
C VAL K 184 5.77 23.73 -6.41
N CYS K 185 4.47 23.70 -6.59
CA CYS K 185 3.46 23.05 -5.80
C CYS K 185 2.25 23.18 -6.69
N ALA K 186 1.82 22.13 -7.34
CA ALA K 186 0.77 22.31 -8.32
C ALA K 186 -0.55 21.80 -7.77
N ASN K 187 -0.79 22.11 -6.51
CA ASN K 187 -1.97 21.62 -5.83
C ASN K 187 -3.24 22.17 -6.46
N ARG K 188 -4.18 21.27 -6.72
CA ARG K 188 -5.48 21.66 -7.22
C ARG K 188 -6.62 20.98 -6.46
N ARG K 189 -6.32 20.24 -5.42
CA ARG K 189 -7.34 19.49 -4.70
C ARG K 189 -7.45 19.88 -3.24
N ARG K 190 -6.35 19.96 -2.51
CA ARG K 190 -6.38 20.07 -1.06
C ARG K 190 -6.24 21.52 -0.61
N PHE K 191 -7.36 22.15 -0.29
CA PHE K 191 -7.39 23.52 0.21
C PHE K 191 -8.27 23.60 1.45
N LEU K 192 -7.93 24.53 2.33
CA LEU K 192 -8.68 24.77 3.55
C LEU K 192 -9.18 26.20 3.53
N LEU K 193 -10.48 26.37 3.69
CA LEU K 193 -11.06 27.71 3.60
C LEU K 193 -10.88 28.42 4.93
N ASP K 194 -10.11 29.49 4.93
CA ASP K 194 -9.92 30.32 6.12
C ASP K 194 -11.18 31.17 6.25
N THR K 195 -12.17 30.64 6.95
CA THR K 195 -13.48 31.27 6.97
C THR K 195 -13.50 32.58 7.75
N ASN K 196 -12.58 32.78 8.67
CA ASN K 196 -12.54 34.00 9.44
C ASN K 196 -11.82 35.14 8.72
N LYS K 197 -11.22 34.88 7.56
CA LYS K 197 -10.71 35.95 6.72
C LYS K 197 -11.56 36.21 5.49
N SER K 198 -12.39 35.24 5.10
CA SER K 198 -13.27 35.40 3.96
C SER K 198 -14.34 36.45 4.24
N ARG K 199 -14.93 36.98 3.17
CA ARG K 199 -16.01 37.93 3.28
C ARG K 199 -17.32 37.32 2.82
N PHE K 200 -18.42 37.76 3.43
CA PHE K 200 -19.72 37.20 3.16
C PHE K 200 -20.67 38.29 2.70
N VAL K 201 -21.83 37.85 2.21
CA VAL K 201 -22.94 38.73 1.89
C VAL K 201 -24.20 38.05 2.41
N ASP K 202 -25.23 38.84 2.62
CA ASP K 202 -26.52 38.29 2.98
C ASP K 202 -27.21 37.76 1.75
N PHE K 203 -27.60 36.51 1.79
CA PHE K 203 -28.13 35.81 0.63
C PHE K 203 -29.54 35.36 0.94
N GLN K 204 -30.45 35.56 0.00
CA GLN K 204 -31.75 34.93 0.10
C GLN K 204 -32.14 34.40 -1.25
N LYS K 205 -32.66 33.20 -1.28
CA LYS K 205 -33.20 32.62 -2.48
C LYS K 205 -34.72 32.66 -2.37
N VAL K 206 -35.38 33.16 -3.40
CA VAL K 206 -36.83 33.13 -3.41
C VAL K 206 -37.25 32.52 -4.72
N ARG K 207 -38.34 31.77 -4.70
CA ARG K 207 -38.88 31.19 -5.90
C ARG K 207 -40.05 32.05 -6.35
N ILE K 208 -40.05 32.44 -7.60
CA ILE K 208 -41.16 33.18 -8.17
C ILE K 208 -41.65 32.39 -9.37
N GLN K 209 -42.81 32.77 -9.86
CA GLN K 209 -43.36 32.14 -11.03
C GLN K 209 -44.06 33.21 -11.86
N GLU K 210 -44.22 32.94 -13.14
CA GLU K 210 -44.78 33.96 -14.01
C GLU K 210 -46.24 34.21 -13.69
N THR K 211 -46.63 35.46 -13.83
CA THR K 211 -47.98 35.84 -13.44
C THR K 211 -49.00 35.29 -14.44
N GLN K 212 -50.22 35.16 -13.96
CA GLN K 212 -51.24 34.43 -14.70
C GLN K 212 -51.71 35.18 -15.93
N ALA K 213 -51.44 36.48 -16.00
CA ALA K 213 -51.77 37.28 -17.18
C ALA K 213 -50.72 37.16 -18.27
N GLU K 214 -49.68 36.37 -18.03
CA GLU K 214 -48.55 36.21 -18.92
C GLU K 214 -48.47 34.81 -19.52
N LEU K 215 -49.30 33.90 -19.05
CA LEU K 215 -49.22 32.51 -19.46
C LEU K 215 -49.64 32.35 -20.91
N PRO K 216 -48.90 31.62 -21.73
CA PRO K 216 -49.42 31.22 -23.04
C PRO K 216 -50.48 30.15 -22.89
N ARG K 217 -51.04 29.68 -24.00
CA ARG K 217 -52.10 28.70 -23.91
C ARG K 217 -51.56 27.34 -23.50
N GLY K 218 -52.34 26.63 -22.69
CA GLY K 218 -52.03 25.27 -22.35
C GLY K 218 -50.79 25.06 -21.52
N SER K 219 -50.27 26.09 -20.89
CA SER K 219 -48.96 26.03 -20.26
C SER K 219 -49.07 26.22 -18.76
N ILE K 220 -48.18 25.55 -18.04
CA ILE K 220 -48.04 25.77 -16.61
C ILE K 220 -47.13 26.96 -16.39
N PRO K 221 -47.33 27.75 -15.35
CA PRO K 221 -46.45 28.89 -15.11
C PRO K 221 -45.00 28.46 -14.89
N ARG K 222 -44.10 29.21 -15.51
CA ARG K 222 -42.67 28.97 -15.32
C ARG K 222 -42.23 29.53 -13.99
N SER K 223 -41.43 28.78 -13.27
CA SER K 223 -40.86 29.27 -12.04
C SER K 223 -39.37 29.43 -12.23
N LEU K 224 -38.81 30.50 -11.69
CA LEU K 224 -37.38 30.60 -11.56
C LEU K 224 -37.04 31.08 -10.16
N GLU K 225 -35.85 30.73 -9.69
CA GLU K 225 -35.39 31.16 -8.38
C GLU K 225 -34.53 32.42 -8.52
N VAL K 226 -34.89 33.47 -7.79
CA VAL K 226 -34.18 34.72 -7.90
C VAL K 226 -33.33 34.82 -6.64
N ILE K 227 -32.21 35.50 -6.75
CA ILE K 227 -31.28 35.65 -5.65
C ILE K 227 -31.31 37.09 -5.20
N LEU K 228 -31.60 37.29 -3.92
CA LEU K 228 -31.52 38.60 -3.31
C LEU K 228 -30.23 38.68 -2.51
N ARG K 229 -29.64 39.85 -2.52
CA ARG K 229 -28.40 40.08 -1.79
C ARG K 229 -28.57 41.27 -0.87
N ALA K 230 -27.46 41.79 -0.40
CA ALA K 230 -27.27 42.31 0.95
C ALA K 230 -28.51 42.97 1.51
N GLU K 231 -29.02 44.05 0.93
CA GLU K 231 -30.08 44.76 1.64
C GLU K 231 -31.45 44.51 1.02
N ALA K 232 -31.49 44.02 -0.21
CA ALA K 232 -32.72 43.60 -0.84
C ALA K 232 -33.23 42.29 -0.28
N VAL K 233 -32.55 41.77 0.73
CA VAL K 233 -32.60 40.33 0.98
C VAL K 233 -33.98 39.90 1.44
N GLU K 234 -34.68 40.72 2.19
CA GLU K 234 -35.91 40.26 2.83
C GLU K 234 -37.14 40.97 2.28
N SER K 235 -37.01 41.54 1.08
CA SER K 235 -38.01 42.46 0.52
C SER K 235 -39.23 41.74 -0.02
N ALA K 236 -39.07 40.58 -0.61
CA ALA K 236 -40.15 39.88 -1.29
C ALA K 236 -40.67 38.77 -0.40
N GLN K 237 -41.95 38.81 -0.07
CA GLN K 237 -42.61 37.81 0.75
C GLN K 237 -43.56 37.00 -0.12
N ALA K 238 -43.92 35.82 0.37
CA ALA K 238 -44.74 34.91 -0.40
C ALA K 238 -46.10 35.51 -0.69
N GLY K 239 -46.57 35.30 -1.92
CA GLY K 239 -47.82 35.86 -2.35
C GLY K 239 -47.72 37.23 -2.96
N ASP K 240 -46.62 37.94 -2.74
CA ASP K 240 -46.46 39.26 -3.31
C ASP K 240 -46.28 39.17 -4.82
N LYS K 241 -46.93 40.06 -5.54
CA LYS K 241 -46.62 40.27 -6.95
C LYS K 241 -45.53 41.32 -6.98
N CYS K 242 -44.30 40.87 -7.08
CA CYS K 242 -43.15 41.75 -6.98
C CYS K 242 -42.51 41.91 -8.35
N ASP K 243 -41.57 42.83 -8.42
CA ASP K 243 -41.05 43.33 -9.68
C ASP K 243 -39.53 43.42 -9.54
N PHE K 244 -38.83 42.38 -9.97
CA PHE K 244 -37.41 42.25 -9.72
C PHE K 244 -36.61 42.84 -10.86
N THR K 245 -35.64 43.69 -10.54
CA THR K 245 -34.69 44.19 -11.51
C THR K 245 -33.30 43.69 -11.16
N GLY K 246 -32.59 43.18 -12.14
CA GLY K 246 -31.30 42.61 -11.91
C GLY K 246 -30.76 41.96 -13.16
N THR K 247 -30.11 40.82 -13.03
CA THR K 247 -29.46 40.20 -14.17
C THR K 247 -29.73 38.70 -14.18
N LEU K 248 -30.06 38.19 -15.36
CA LEU K 248 -30.19 36.76 -15.57
C LEU K 248 -28.80 36.15 -15.65
N ILE K 249 -28.57 35.09 -14.89
CA ILE K 249 -27.25 34.49 -14.77
C ILE K 249 -27.36 32.98 -14.90
N VAL K 250 -26.28 32.36 -15.32
CA VAL K 250 -26.17 30.91 -15.31
C VAL K 250 -25.48 30.48 -14.03
N VAL K 251 -25.84 29.32 -13.54
CA VAL K 251 -25.29 28.79 -12.31
C VAL K 251 -24.97 27.33 -12.59
N PRO K 252 -23.76 26.86 -12.28
CA PRO K 252 -23.46 25.45 -12.54
C PRO K 252 -24.42 24.53 -11.80
N ASP K 253 -24.77 23.45 -12.47
CA ASP K 253 -25.86 22.59 -12.08
C ASP K 253 -25.36 21.16 -11.99
N VAL K 254 -26.15 20.32 -11.34
CA VAL K 254 -25.89 18.89 -11.24
C VAL K 254 -27.09 18.16 -11.87
N SER K 255 -26.97 17.89 -13.16
CA SER K 255 -28.05 17.23 -13.91
C SER K 255 -27.40 16.38 -14.98
N LYS K 256 -27.51 15.06 -14.83
CA LYS K 256 -26.78 14.14 -15.68
C LYS K 256 -27.67 12.92 -15.88
N LEU K 257 -27.06 11.80 -16.29
CA LEU K 257 -27.73 10.54 -16.63
C LEU K 257 -28.47 10.73 -17.94
N SER K 258 -28.56 11.97 -18.37
CA SER K 258 -28.94 12.20 -19.74
C SER K 258 -27.81 11.70 -20.61
N THR K 259 -27.94 11.90 -21.91
CA THR K 259 -26.76 11.72 -22.72
C THR K 259 -25.67 12.64 -22.19
N PRO K 260 -24.42 12.20 -22.16
CA PRO K 260 -23.34 13.14 -21.88
C PRO K 260 -23.34 14.27 -22.91
N GLY K 261 -22.96 15.46 -22.46
CA GLY K 261 -22.83 16.58 -23.37
C GLY K 261 -22.05 17.71 -22.76
N ALA K 262 -21.40 18.50 -23.62
CA ALA K 262 -20.78 19.76 -23.23
C ALA K 262 -19.78 19.56 -22.08
N ARG K 263 -18.69 18.87 -22.41
CA ARG K 263 -17.62 18.64 -21.46
C ARG K 263 -16.64 19.79 -21.47
N ALA K 264 -15.81 19.85 -20.44
CA ALA K 264 -14.68 20.75 -20.40
C ALA K 264 -13.47 19.95 -19.95
N GLU K 265 -12.44 19.91 -20.78
CA GLU K 265 -11.23 19.19 -20.47
C GLU K 265 -10.03 20.08 -20.71
N THR K 266 -8.89 19.70 -20.16
CA THR K 266 -7.69 20.49 -20.36
C THR K 266 -7.25 20.43 -21.82
N ASN K 267 -6.66 21.52 -22.28
CA ASN K 267 -6.15 21.54 -23.65
C ASN K 267 -4.70 21.12 -23.72
N SER K 268 -4.10 20.69 -22.62
CA SER K 268 -2.74 20.18 -22.65
C SER K 268 -2.76 18.74 -23.16
N ARG K 269 -1.97 18.48 -24.20
CA ARG K 269 -1.94 17.19 -24.86
C ARG K 269 -1.12 16.23 -24.02
N VAL K 270 -1.83 15.35 -23.32
CA VAL K 270 -1.28 14.55 -22.23
C VAL K 270 -1.79 13.13 -22.37
N SER K 271 -0.89 12.15 -22.27
CA SER K 271 -1.25 10.76 -22.44
C SER K 271 -0.62 9.92 -21.34
N GLY K 272 -1.42 9.07 -20.71
CA GLY K 272 -0.90 8.24 -19.64
C GLY K 272 -0.04 7.11 -20.14
N VAL K 273 0.91 6.70 -19.31
CA VAL K 273 1.87 5.65 -19.62
C VAL K 273 1.24 4.29 -19.34
N ASP K 274 1.91 3.22 -19.72
CA ASP K 274 1.45 1.88 -19.41
C ASP K 274 1.22 1.73 -17.91
N GLY K 275 0.04 1.23 -17.55
CA GLY K 275 -0.36 1.14 -16.17
C GLY K 275 -0.97 2.40 -15.63
N TYR K 276 -0.88 3.51 -16.34
CA TYR K 276 -1.52 4.76 -15.96
C TYR K 276 -2.22 5.36 -17.16
N GLU K 277 -2.79 4.52 -18.00
CA GLU K 277 -3.41 4.99 -19.23
C GLU K 277 -4.55 5.95 -18.93
N THR K 278 -4.70 6.95 -19.79
CA THR K 278 -5.73 7.96 -19.63
C THR K 278 -7.06 7.35 -20.09
N GLU K 279 -7.56 6.42 -19.31
CA GLU K 279 -8.81 5.74 -19.62
C GLU K 279 -9.64 5.61 -18.35
N GLY K 280 -10.95 5.64 -18.52
CA GLY K 280 -11.82 5.37 -17.40
C GLY K 280 -11.87 6.53 -16.43
N ILE K 281 -12.13 6.19 -15.17
CA ILE K 281 -12.24 7.19 -14.12
C ILE K 281 -10.92 7.94 -13.98
N ARG K 282 -9.80 7.22 -14.00
CA ARG K 282 -8.50 7.86 -13.88
C ARG K 282 -8.24 8.81 -15.04
N GLY K 283 -8.57 8.40 -16.24
CA GLY K 283 -8.38 9.27 -17.38
C GLY K 283 -9.24 10.51 -17.35
N LEU K 284 -10.47 10.38 -16.88
CA LEU K 284 -11.34 11.56 -16.79
C LEU K 284 -10.87 12.50 -15.69
N ARG K 285 -10.42 11.96 -14.56
CA ARG K 285 -9.87 12.81 -13.52
C ARG K 285 -8.61 13.51 -13.97
N ALA K 286 -7.76 12.81 -14.71
CA ALA K 286 -6.48 13.37 -15.12
C ALA K 286 -6.65 14.41 -16.21
N LEU K 287 -7.53 14.16 -17.17
CA LEU K 287 -7.82 15.19 -18.15
C LEU K 287 -8.61 16.34 -17.54
N GLY K 288 -9.08 16.18 -16.31
CA GLY K 288 -9.87 17.19 -15.65
C GLY K 288 -11.20 17.44 -16.33
N VAL K 289 -11.85 16.40 -16.81
CA VAL K 289 -13.08 16.61 -17.56
C VAL K 289 -14.19 16.85 -16.58
N ARG K 290 -15.10 17.74 -16.92
CA ARG K 290 -16.25 17.97 -16.08
C ARG K 290 -17.37 18.44 -16.98
N ASP K 291 -18.59 18.02 -16.65
CA ASP K 291 -19.73 18.41 -17.46
C ASP K 291 -20.02 19.89 -17.25
N LEU K 292 -20.47 20.53 -18.32
CA LEU K 292 -20.90 21.91 -18.28
C LEU K 292 -22.42 21.89 -18.29
N SER K 293 -23.01 21.94 -17.12
CA SER K 293 -24.45 21.99 -16.95
C SER K 293 -24.81 23.27 -16.21
N TYR K 294 -25.76 24.01 -16.77
CA TYR K 294 -26.14 25.30 -16.21
C TYR K 294 -27.65 25.36 -16.10
N ARG K 295 -28.10 26.22 -15.22
CA ARG K 295 -29.51 26.56 -15.14
C ARG K 295 -29.61 28.07 -14.95
N LEU K 296 -30.74 28.62 -15.36
CA LEU K 296 -30.95 30.05 -15.30
C LEU K 296 -31.47 30.46 -13.94
N VAL K 297 -30.85 31.48 -13.36
CA VAL K 297 -31.22 32.03 -12.08
C VAL K 297 -31.27 33.53 -12.28
N PHE K 298 -32.14 34.20 -11.55
CA PHE K 298 -32.19 35.65 -11.60
C PHE K 298 -31.48 36.22 -10.39
N LEU K 299 -30.55 37.11 -10.62
CA LEU K 299 -29.84 37.81 -9.57
C LEU K 299 -30.43 39.20 -9.48
N ALA K 300 -31.29 39.42 -8.49
CA ALA K 300 -32.03 40.66 -8.38
C ALA K 300 -31.28 41.62 -7.47
N CYS K 301 -31.03 42.81 -7.96
CA CYS K 301 -30.44 43.85 -7.14
C CYS K 301 -31.48 44.68 -6.40
N CYS K 302 -32.70 44.73 -6.90
CA CYS K 302 -33.76 45.53 -6.29
C CYS K 302 -35.07 44.78 -6.42
N VAL K 303 -35.95 44.96 -5.44
CA VAL K 303 -37.29 44.38 -5.45
C VAL K 303 -38.28 45.49 -5.16
N ALA K 304 -39.42 45.45 -5.84
CA ALA K 304 -40.48 46.41 -5.63
C ALA K 304 -41.79 45.76 -6.05
N PRO K 305 -42.91 46.18 -5.47
CA PRO K 305 -44.20 45.65 -5.93
C PRO K 305 -44.48 46.09 -7.36
N THR K 306 -45.19 45.24 -8.08
CA THR K 306 -45.56 45.60 -9.44
C THR K 306 -46.60 46.71 -9.46
N ASN K 307 -47.60 46.63 -8.59
CA ASN K 307 -48.65 47.63 -8.47
C ASN K 307 -48.58 48.17 -7.05
N PRO K 308 -47.85 49.25 -6.83
CA PRO K 308 -47.66 49.75 -5.47
C PRO K 308 -48.93 50.38 -4.93
N ARG K 309 -49.09 50.32 -3.62
CA ARG K 309 -50.25 50.92 -2.98
C ARG K 309 -50.09 52.42 -2.79
N PHE K 310 -48.90 52.85 -2.36
CA PHE K 310 -48.60 54.25 -2.15
C PHE K 310 -47.44 54.67 -3.04
N GLY K 311 -47.29 55.98 -3.19
CA GLY K 311 -46.16 56.56 -3.88
C GLY K 311 -45.10 57.16 -2.99
N GLY K 312 -45.14 56.92 -1.68
CA GLY K 312 -44.28 57.64 -0.77
C GLY K 312 -43.14 56.84 -0.16
N LYS K 313 -43.39 55.59 0.19
CA LYS K 313 -42.40 54.76 0.86
C LYS K 313 -42.92 53.32 0.88
N GLU K 314 -42.08 52.43 1.35
CA GLU K 314 -42.52 51.06 1.62
C GLU K 314 -41.70 50.45 2.74
N GLU K 318 -41.14 49.30 9.17
CA GLU K 318 -41.10 47.91 9.60
C GLU K 318 -42.43 47.48 10.22
N GLU K 319 -43.01 48.34 11.05
CA GLU K 319 -44.33 48.12 11.62
C GLU K 319 -45.32 49.07 10.95
N GLN K 320 -46.59 48.95 11.34
CA GLN K 320 -47.66 49.69 10.68
C GLN K 320 -48.54 50.37 11.72
N THR K 321 -48.51 51.70 11.73
CA THR K 321 -49.46 52.50 12.50
C THR K 321 -50.10 53.49 11.54
N ALA K 322 -51.24 54.05 11.97
CA ALA K 322 -51.97 54.96 11.09
C ALA K 322 -51.07 56.10 10.63
N GLU K 323 -50.24 56.65 11.53
CA GLU K 323 -49.35 57.73 11.14
C GLU K 323 -48.29 57.24 10.17
N SER K 324 -47.78 56.02 10.37
CA SER K 324 -46.81 55.47 9.42
C SER K 324 -47.41 55.32 8.03
N ILE K 325 -48.66 54.83 7.96
CA ILE K 325 -49.34 54.74 6.67
C ILE K 325 -49.54 56.13 6.08
N LYS K 326 -49.95 57.09 6.89
CA LYS K 326 -50.23 58.42 6.40
C LYS K 326 -48.97 59.07 5.83
N ASN K 327 -47.83 58.87 6.49
CA ASN K 327 -46.57 59.36 5.96
C ASN K 327 -46.18 58.60 4.70
N GLN K 328 -46.57 57.35 4.59
CA GLN K 328 -46.18 56.51 3.48
C GLN K 328 -46.83 56.94 2.17
N MET K 329 -47.79 57.84 2.21
CA MET K 329 -48.53 58.22 1.01
C MET K 329 -48.31 59.69 0.69
N THR K 330 -48.54 60.04 -0.57
CA THR K 330 -48.37 61.40 -1.03
C THR K 330 -49.50 62.28 -0.52
N VAL K 331 -49.29 63.58 -0.64
CA VAL K 331 -50.27 64.54 -0.11
C VAL K 331 -51.58 64.44 -0.87
N LYS K 332 -51.50 64.18 -2.18
CA LYS K 332 -52.73 64.00 -2.96
C LYS K 332 -53.48 62.75 -2.53
N GLU K 333 -52.75 61.65 -2.35
CA GLU K 333 -53.40 60.42 -1.94
C GLU K 333 -54.06 60.58 -0.58
N TRP K 334 -53.39 61.21 0.37
CA TRP K 334 -54.03 61.33 1.67
C TRP K 334 -55.13 62.37 1.68
N GLU K 335 -55.05 63.41 0.86
CA GLU K 335 -56.21 64.29 0.82
C GLU K 335 -57.43 63.55 0.26
N LYS K 336 -57.21 62.64 -0.68
CA LYS K 336 -58.31 61.78 -1.14
C LYS K 336 -58.83 60.89 -0.02
N VAL K 337 -57.91 60.26 0.73
CA VAL K 337 -58.31 59.39 1.83
C VAL K 337 -59.13 60.17 2.85
N PHE K 338 -58.67 61.36 3.19
CA PHE K 338 -59.41 62.18 4.13
C PHE K 338 -60.77 62.56 3.59
N GLU K 339 -60.86 62.91 2.30
CA GLU K 339 -62.13 63.45 1.87
C GLU K 339 -63.17 62.35 1.73
N MET K 340 -62.75 61.10 1.50
CA MET K 340 -63.74 60.04 1.62
C MET K 340 -63.99 59.64 3.08
N SER K 341 -63.02 59.85 3.97
CA SER K 341 -63.30 59.55 5.38
C SER K 341 -64.33 60.52 5.95
N GLN K 342 -64.37 61.74 5.45
CA GLN K 342 -65.37 62.70 5.85
C GLN K 342 -66.63 62.61 5.01
N ASP K 343 -66.67 61.67 4.08
CA ASP K 343 -67.78 61.55 3.15
C ASP K 343 -68.96 60.90 3.86
N LYS K 344 -70.04 61.65 4.04
CA LYS K 344 -71.29 61.01 4.37
C LYS K 344 -71.72 60.16 3.19
N ASN K 345 -72.51 59.15 3.46
CA ASN K 345 -72.92 58.19 2.42
C ASN K 345 -71.74 57.42 1.88
N LEU K 346 -70.67 57.29 2.66
CA LEU K 346 -69.52 56.51 2.24
C LEU K 346 -69.81 55.02 2.26
N TYR K 347 -70.71 54.59 3.14
CA TYR K 347 -71.10 53.18 3.16
C TYR K 347 -71.68 52.77 1.82
N HIS K 348 -72.69 53.49 1.35
CA HIS K 348 -73.27 53.18 0.06
C HIS K 348 -72.29 53.44 -1.06
N ASN K 349 -71.47 54.49 -0.93
CA ASN K 349 -70.52 54.82 -1.98
C ASN K 349 -69.53 53.70 -2.20
N LEU K 350 -69.00 53.13 -1.12
CA LEU K 350 -68.07 52.02 -1.23
C LEU K 350 -68.78 50.77 -1.75
N CYS K 351 -69.99 50.51 -1.28
CA CYS K 351 -70.72 49.34 -1.78
C CYS K 351 -70.92 49.42 -3.28
N THR K 352 -71.32 50.60 -3.78
CA THR K 352 -71.56 50.73 -5.21
C THR K 352 -70.26 50.75 -5.99
N SER K 353 -69.24 51.39 -5.44
CA SER K 353 -67.97 51.51 -6.14
C SER K 353 -67.21 50.21 -6.19
N LEU K 354 -67.56 49.25 -5.35
CA LEU K 354 -66.78 48.03 -5.25
C LEU K 354 -67.47 46.82 -5.87
N PHE K 355 -68.78 46.87 -6.06
CA PHE K 355 -69.52 45.88 -6.84
C PHE K 355 -70.35 46.63 -7.86
N PRO K 356 -69.73 47.09 -8.93
CA PRO K 356 -70.44 47.97 -9.86
C PRO K 356 -71.37 47.23 -10.80
N THR K 357 -71.03 45.98 -11.12
CA THR K 357 -71.79 45.21 -12.10
C THR K 357 -72.88 44.35 -11.50
N ILE K 358 -72.99 44.27 -10.18
CA ILE K 358 -73.93 43.38 -9.53
C ILE K 358 -75.18 44.16 -9.19
N HIS K 359 -76.32 43.70 -9.68
CA HIS K 359 -77.59 44.34 -9.38
C HIS K 359 -78.23 43.68 -8.17
N GLY K 360 -78.80 44.50 -7.29
CA GLY K 360 -79.41 43.95 -6.11
C GLY K 360 -78.36 43.42 -5.16
N ASN K 361 -78.84 42.64 -4.19
CA ASN K 361 -77.98 42.05 -3.16
C ASN K 361 -77.24 43.12 -2.38
N ASP K 362 -77.95 44.17 -1.99
CA ASP K 362 -77.31 45.26 -1.28
C ASP K 362 -76.83 44.81 0.09
N GLU K 363 -77.58 43.92 0.73
CA GLU K 363 -77.14 43.37 2.01
C GLU K 363 -75.83 42.61 1.86
N VAL K 364 -75.70 41.80 0.81
CA VAL K 364 -74.47 41.05 0.63
C VAL K 364 -73.31 41.99 0.37
N LYS K 365 -73.54 43.07 -0.38
CA LYS K 365 -72.48 44.04 -0.62
C LYS K 365 -72.03 44.67 0.69
N ARG K 366 -72.99 45.07 1.52
CA ARG K 366 -72.64 45.68 2.80
C ARG K 366 -71.88 44.71 3.69
N GLY K 367 -72.35 43.47 3.76
CA GLY K 367 -71.67 42.49 4.58
C GLY K 367 -70.26 42.22 4.12
N VAL K 368 -70.06 42.07 2.82
CA VAL K 368 -68.73 41.80 2.31
C VAL K 368 -67.81 42.99 2.56
N LEU K 369 -68.32 44.20 2.40
CA LEU K 369 -67.51 45.38 2.70
C LEU K 369 -67.07 45.39 4.16
N LEU K 370 -68.01 45.11 5.07
CA LEU K 370 -67.66 45.10 6.48
C LEU K 370 -66.62 44.04 6.77
N MET K 371 -66.79 42.85 6.19
CA MET K 371 -65.80 41.79 6.35
C MET K 371 -64.43 42.26 5.86
N LEU K 372 -64.41 43.06 4.81
CA LEU K 372 -63.15 43.62 4.33
C LEU K 372 -62.52 44.51 5.38
N PHE K 373 -63.33 45.31 6.08
CA PHE K 373 -62.75 46.17 7.11
C PHE K 373 -62.40 45.39 8.36
N GLY K 374 -63.27 44.51 8.82
CA GLY K 374 -62.99 43.66 9.95
C GLY K 374 -63.11 44.37 11.28
N GLY K 375 -63.09 43.58 12.35
CA GLY K 375 -63.16 44.10 13.70
C GLY K 375 -61.82 44.10 14.39
N VAL K 376 -61.87 44.27 15.71
CA VAL K 376 -60.68 44.48 16.51
C VAL K 376 -60.32 43.16 17.22
N PRO K 377 -59.19 42.55 16.92
CA PRO K 377 -58.79 41.35 17.63
C PRO K 377 -58.26 41.68 19.01
N LYS K 378 -58.64 40.88 19.98
CA LYS K 378 -58.32 41.15 21.37
C LYS K 378 -57.94 39.86 22.08
N THR K 379 -57.14 40.00 23.13
CA THR K 379 -56.67 38.88 23.92
C THR K 379 -57.08 39.07 25.37
N THR K 380 -57.68 38.04 25.96
CA THR K 380 -58.10 38.17 27.34
C THR K 380 -56.90 38.08 28.27
N GLY K 381 -57.12 38.50 29.52
CA GLY K 381 -56.04 38.49 30.48
C GLY K 381 -55.53 37.08 30.77
N GLU K 382 -56.45 36.12 30.82
CA GLU K 382 -56.07 34.73 31.02
C GLU K 382 -55.33 34.18 29.82
N GLY K 383 -55.70 34.58 28.61
CA GLY K 383 -54.94 34.16 27.44
C GLY K 383 -55.75 33.87 26.20
N THR K 384 -57.05 33.64 26.34
CA THR K 384 -57.88 33.35 25.18
C THR K 384 -57.94 34.56 24.27
N SER K 385 -57.84 34.33 22.98
CA SER K 385 -57.94 35.41 21.99
C SER K 385 -59.38 35.59 21.57
N LEU K 386 -59.84 36.84 21.55
CA LEU K 386 -61.16 37.18 21.07
C LEU K 386 -61.07 37.55 19.60
N ARG K 387 -61.70 36.74 18.75
CA ARG K 387 -61.57 36.90 17.31
C ARG K 387 -62.10 38.25 16.85
N GLY K 388 -61.43 38.82 15.84
CA GLY K 388 -61.84 40.10 15.32
C GLY K 388 -62.08 40.10 13.83
N ASP K 389 -62.16 38.92 13.23
CA ASP K 389 -62.29 38.77 11.79
C ASP K 389 -63.70 38.28 11.47
N ILE K 390 -64.39 39.00 10.61
CA ILE K 390 -65.72 38.58 10.18
C ILE K 390 -65.59 37.53 9.08
N ASN K 391 -66.29 36.42 9.24
CA ASN K 391 -66.42 35.41 8.21
C ASN K 391 -67.83 35.47 7.63
N VAL K 392 -67.93 35.43 6.32
CA VAL K 392 -69.21 35.58 5.63
C VAL K 392 -69.41 34.39 4.70
N CYS K 393 -70.60 33.78 4.76
CA CYS K 393 -70.98 32.72 3.83
C CYS K 393 -72.14 33.19 2.99
N ILE K 394 -72.07 32.91 1.69
CA ILE K 394 -73.13 33.24 0.74
C ILE K 394 -73.72 31.92 0.24
N VAL K 395 -74.98 31.70 0.55
CA VAL K 395 -75.70 30.50 0.13
C VAL K 395 -76.81 30.92 -0.80
N GLY K 396 -76.94 30.26 -1.94
CA GLY K 396 -77.96 30.71 -2.85
C GLY K 396 -78.14 29.80 -4.03
N ASP K 397 -79.15 30.12 -4.82
CA ASP K 397 -79.55 29.32 -5.94
C ASP K 397 -78.54 29.46 -7.07
N PRO K 398 -78.59 28.59 -8.08
CA PRO K 398 -77.62 28.69 -9.16
C PRO K 398 -77.70 30.01 -9.89
N SER K 399 -76.54 30.51 -10.31
CA SER K 399 -76.40 31.74 -11.06
C SER K 399 -77.02 32.92 -10.33
N THR K 400 -76.63 33.10 -9.08
CA THR K 400 -77.04 34.23 -8.28
C THR K 400 -75.86 35.13 -7.93
N ALA K 401 -74.75 34.98 -8.63
CA ALA K 401 -73.57 35.83 -8.51
C ALA K 401 -72.79 35.57 -7.23
N LYS K 402 -72.86 34.37 -6.67
CA LYS K 402 -71.99 34.04 -5.55
C LYS K 402 -70.53 34.02 -5.99
N SER K 403 -70.23 33.27 -7.04
CA SER K 403 -68.89 33.23 -7.54
C SER K 403 -68.44 34.61 -7.98
N GLN K 404 -69.37 35.46 -8.39
CA GLN K 404 -69.03 36.82 -8.78
C GLN K 404 -68.63 37.67 -7.58
N PHE K 405 -69.31 37.51 -6.45
CA PHE K 405 -68.89 38.22 -5.25
C PHE K 405 -67.48 37.80 -4.88
N LEU K 406 -67.23 36.50 -4.88
CA LEU K 406 -65.90 36.05 -4.50
C LEU K 406 -64.85 36.56 -5.47
N LYS K 407 -65.16 36.57 -6.77
CA LYS K 407 -64.22 37.09 -7.76
C LYS K 407 -63.97 38.58 -7.57
N HIS K 408 -65.00 39.33 -7.25
CA HIS K 408 -64.82 40.76 -7.02
C HIS K 408 -63.84 41.00 -5.89
N VAL K 409 -64.04 40.32 -4.77
CA VAL K 409 -63.14 40.53 -3.65
C VAL K 409 -61.74 40.07 -4.00
N GLU K 410 -61.63 38.93 -4.68
CA GLU K 410 -60.31 38.38 -4.95
C GLU K 410 -59.51 39.27 -5.89
N GLU K 411 -60.17 39.89 -6.86
CA GLU K 411 -59.45 40.82 -7.73
C GLU K 411 -59.21 42.15 -7.06
N PHE K 412 -60.10 42.59 -6.17
CA PHE K 412 -59.88 43.86 -5.50
C PHE K 412 -58.82 43.74 -4.42
N SER K 413 -59.04 42.87 -3.47
CA SER K 413 -58.25 42.85 -2.26
C SER K 413 -56.84 42.37 -2.55
N PRO K 414 -55.82 43.11 -2.13
CA PRO K 414 -54.49 42.52 -2.03
C PRO K 414 -54.49 41.56 -0.84
N ARG K 415 -53.64 40.55 -0.94
CA ARG K 415 -53.65 39.45 0.02
C ARG K 415 -54.99 38.74 0.03
N ALA K 416 -55.53 38.42 -1.15
CA ALA K 416 -56.73 37.61 -1.26
C ALA K 416 -56.43 36.40 -2.10
N VAL K 417 -56.80 35.24 -1.61
CA VAL K 417 -56.65 34.01 -2.35
C VAL K 417 -58.03 33.54 -2.76
N TYR K 418 -58.13 32.96 -3.93
CA TYR K 418 -59.35 32.32 -4.38
C TYR K 418 -59.10 30.83 -4.48
N THR K 419 -60.08 30.05 -4.05
CA THR K 419 -59.96 28.61 -4.15
C THR K 419 -61.36 28.02 -4.29
N SER K 420 -61.42 26.84 -4.86
CA SER K 420 -62.67 26.15 -5.12
C SER K 420 -62.74 24.91 -4.24
N GLY K 421 -63.80 24.14 -4.41
CA GLY K 421 -64.12 23.07 -3.49
C GLY K 421 -63.15 21.91 -3.42
N LYS K 422 -63.09 21.08 -4.46
CA LYS K 422 -62.27 19.88 -4.41
C LYS K 422 -60.89 20.08 -5.01
N ALA K 423 -60.63 21.22 -5.66
CA ALA K 423 -59.36 21.38 -6.36
C ALA K 423 -58.18 21.54 -5.42
N SER K 424 -58.43 21.69 -4.12
CA SER K 424 -57.39 21.97 -3.15
C SER K 424 -57.22 20.78 -2.22
N SER K 425 -55.96 20.52 -1.85
CA SER K 425 -55.62 19.52 -0.86
C SER K 425 -55.60 20.17 0.52
N ALA K 426 -55.11 19.45 1.52
CA ALA K 426 -54.96 20.04 2.85
C ALA K 426 -53.60 20.70 3.02
N ALA K 427 -52.54 20.07 2.53
CA ALA K 427 -51.23 20.72 2.54
C ALA K 427 -51.21 21.92 1.62
N GLY K 428 -51.98 21.89 0.54
CA GLY K 428 -52.07 23.04 -0.33
C GLY K 428 -53.01 24.12 0.12
N LEU K 429 -53.77 23.84 1.17
CA LEU K 429 -54.69 24.82 1.73
C LEU K 429 -54.10 25.55 2.92
N THR K 430 -53.25 24.90 3.71
CA THR K 430 -52.71 25.49 4.92
C THR K 430 -51.20 25.70 4.84
N ALA K 431 -50.42 24.62 4.74
CA ALA K 431 -48.97 24.74 4.77
C ALA K 431 -48.30 23.40 4.52
N ALA K 432 -47.15 23.43 3.88
CA ALA K 432 -46.33 22.25 3.66
C ALA K 432 -44.93 22.56 4.14
N VAL K 433 -44.10 21.53 4.22
CA VAL K 433 -42.70 21.70 4.58
C VAL K 433 -41.88 21.02 3.51
N VAL K 434 -40.91 21.74 2.96
CA VAL K 434 -39.91 21.15 2.08
C VAL K 434 -38.54 21.52 2.62
N ARG K 435 -37.57 20.69 2.28
CA ARG K 435 -36.22 20.81 2.81
C ARG K 435 -35.46 21.91 2.09
N ASP K 436 -34.70 22.68 2.84
CA ASP K 436 -33.87 23.73 2.27
C ASP K 436 -32.61 23.07 1.71
N GLU K 437 -32.43 23.15 0.39
CA GLU K 437 -31.31 22.49 -0.24
C GLU K 437 -29.99 23.19 0.01
N GLU K 438 -30.01 24.41 0.55
CA GLU K 438 -28.79 25.15 0.79
C GLU K 438 -28.23 24.91 2.18
N SER K 439 -29.04 24.47 3.14
CA SER K 439 -28.59 24.39 4.52
C SER K 439 -29.40 23.33 5.25
N HIS K 440 -29.23 23.28 6.57
CA HIS K 440 -30.00 22.39 7.43
C HIS K 440 -31.38 22.92 7.74
N GLU K 441 -31.67 24.16 7.34
CA GLU K 441 -32.94 24.80 7.65
C GLU K 441 -34.08 24.08 6.93
N PHE K 442 -35.29 24.50 7.24
CA PHE K 442 -36.50 23.98 6.60
C PHE K 442 -37.36 25.14 6.15
N VAL K 443 -37.90 25.05 4.94
CA VAL K 443 -38.69 26.10 4.34
C VAL K 443 -40.15 25.68 4.29
N ILE K 444 -41.02 26.56 4.72
CA ILE K 444 -42.45 26.29 4.79
C ILE K 444 -43.08 26.79 3.50
N GLU K 445 -43.85 25.93 2.87
CA GLU K 445 -44.57 26.29 1.66
C GLU K 445 -45.95 26.78 2.04
N ALA K 446 -46.20 28.07 1.88
CA ALA K 446 -47.45 28.66 2.30
C ALA K 446 -48.61 28.22 1.41
N GLY K 447 -49.76 27.95 2.05
CA GLY K 447 -50.96 27.62 1.33
C GLY K 447 -51.94 28.77 1.30
N ALA K 448 -53.15 28.46 0.81
CA ALA K 448 -54.15 29.50 0.59
C ALA K 448 -54.50 30.23 1.89
N LEU K 449 -54.63 29.50 2.98
CA LEU K 449 -55.01 30.14 4.23
C LEU K 449 -53.89 30.96 4.84
N MET K 450 -52.69 30.89 4.30
CA MET K 450 -51.62 31.72 4.83
C MET K 450 -51.24 32.86 3.92
N LEU K 451 -51.37 32.70 2.61
CA LEU K 451 -51.23 33.83 1.73
C LEU K 451 -52.31 34.86 1.97
N ALA K 452 -53.44 34.44 2.51
CA ALA K 452 -54.55 35.32 2.79
C ALA K 452 -54.50 35.88 4.20
N ASP K 453 -53.37 35.74 4.88
CA ASP K 453 -53.22 36.28 6.22
C ASP K 453 -53.44 37.79 6.21
N ASN K 454 -54.27 38.27 7.13
CA ASN K 454 -54.72 39.65 7.16
C ASN K 454 -55.36 40.03 5.84
N GLY K 455 -56.01 39.06 5.21
CA GLY K 455 -56.71 39.30 3.98
C GLY K 455 -57.99 38.49 3.97
N VAL K 456 -58.39 38.06 2.79
CA VAL K 456 -59.62 37.30 2.61
C VAL K 456 -59.26 36.03 1.86
N CYS K 457 -59.76 34.91 2.33
CA CYS K 457 -59.68 33.66 1.58
C CYS K 457 -61.07 33.40 1.05
N CYS K 458 -61.24 33.51 -0.26
CA CYS K 458 -62.52 33.27 -0.89
C CYS K 458 -62.57 31.80 -1.26
N ILE K 459 -63.26 31.01 -0.44
CA ILE K 459 -63.48 29.61 -0.78
C ILE K 459 -64.80 29.52 -1.54
N ASP K 460 -64.73 28.99 -2.75
CA ASP K 460 -65.89 28.81 -3.59
C ASP K 460 -66.28 27.35 -3.53
N GLU K 461 -67.55 27.07 -3.76
CA GLU K 461 -68.06 25.70 -3.74
C GLU K 461 -67.75 25.07 -2.38
N PHE K 462 -68.07 25.81 -1.32
CA PHE K 462 -67.63 25.44 0.01
C PHE K 462 -68.23 24.11 0.48
N ASP K 463 -69.46 23.81 0.07
CA ASP K 463 -70.09 22.59 0.54
C ASP K 463 -69.45 21.35 -0.08
N LYS K 464 -68.92 21.48 -1.28
CA LYS K 464 -68.25 20.36 -1.93
C LYS K 464 -66.80 20.22 -1.52
N MET K 465 -66.39 20.88 -0.46
CA MET K 465 -64.98 20.90 -0.08
C MET K 465 -64.78 19.85 1.00
N ASP K 466 -63.77 19.01 0.82
CA ASP K 466 -63.65 17.74 1.53
C ASP K 466 -63.62 17.92 3.04
N VAL K 467 -64.21 16.94 3.74
CA VAL K 467 -64.30 17.02 5.20
C VAL K 467 -62.92 17.02 5.83
N ARG K 468 -62.01 16.24 5.27
CA ARG K 468 -60.64 16.26 5.73
C ARG K 468 -59.99 17.62 5.52
N ASP K 469 -60.47 18.40 4.55
CA ASP K 469 -60.03 19.77 4.39
C ASP K 469 -60.90 20.77 5.13
N GLN K 470 -62.18 20.45 5.32
CA GLN K 470 -63.02 21.26 6.19
C GLN K 470 -62.46 21.31 7.60
N VAL K 471 -61.76 20.26 8.03
CA VAL K 471 -61.14 20.26 9.35
C VAL K 471 -60.06 21.33 9.42
N ALA K 472 -59.21 21.41 8.39
CA ALA K 472 -58.18 22.44 8.38
C ALA K 472 -58.78 23.83 8.35
N ILE K 473 -59.80 24.02 7.52
CA ILE K 473 -60.49 25.30 7.48
C ILE K 473 -61.03 25.66 8.85
N HIS K 474 -61.66 24.69 9.52
CA HIS K 474 -62.26 24.97 10.82
C HIS K 474 -61.21 25.31 11.86
N GLU K 475 -60.08 24.62 11.83
CA GLU K 475 -59.01 24.93 12.78
C GLU K 475 -58.51 26.35 12.59
N ALA K 476 -58.29 26.76 11.35
CA ALA K 476 -57.83 28.12 11.11
C ALA K 476 -58.91 29.15 11.40
N MET K 477 -60.19 28.80 11.22
CA MET K 477 -61.25 29.75 11.52
C MET K 477 -61.40 29.93 13.01
N GLU K 478 -61.24 28.86 13.78
CA GLU K 478 -61.54 28.95 15.20
C GLU K 478 -60.37 29.48 16.00
N GLN K 479 -59.15 29.18 15.60
CA GLN K 479 -58.03 29.64 16.41
C GLN K 479 -57.00 30.45 15.65
N GLN K 480 -57.29 30.83 14.41
CA GLN K 480 -56.53 31.84 13.68
C GLN K 480 -55.07 31.46 13.54
N THR K 481 -54.77 30.16 13.57
CA THR K 481 -53.39 29.71 13.51
C THR K 481 -53.35 28.35 12.85
N ILE K 482 -52.19 28.00 12.31
CA ILE K 482 -51.96 26.72 11.66
C ILE K 482 -50.67 26.14 12.21
N SER K 483 -50.71 24.91 12.68
CA SER K 483 -49.57 24.26 13.28
C SER K 483 -49.10 23.14 12.37
N ILE K 484 -47.79 23.08 12.14
CA ILE K 484 -47.17 22.09 11.28
C ILE K 484 -46.29 21.22 12.15
N THR K 485 -46.46 19.90 12.05
CA THR K 485 -45.53 18.93 12.62
C THR K 485 -45.26 17.90 11.54
N LYS K 486 -44.36 18.22 10.61
CA LYS K 486 -44.08 17.36 9.48
C LYS K 486 -42.62 17.48 9.10
N ALA K 487 -42.12 16.44 8.45
CA ALA K 487 -40.86 16.44 7.72
C ALA K 487 -39.67 16.85 8.56
N GLY K 488 -39.83 16.99 9.87
CA GLY K 488 -38.73 17.33 10.73
C GLY K 488 -38.85 18.64 11.47
N VAL K 489 -39.90 19.43 11.29
CA VAL K 489 -40.08 20.66 12.04
C VAL K 489 -41.46 20.74 12.64
N LYS K 490 -41.55 21.31 13.83
CA LYS K 490 -42.76 21.88 14.35
C LYS K 490 -42.72 23.37 14.08
N ALA K 491 -43.80 23.91 13.54
CA ALA K 491 -43.89 25.34 13.32
C ALA K 491 -45.35 25.74 13.42
N THR K 492 -45.64 26.71 14.28
CA THR K 492 -46.95 27.31 14.37
C THR K 492 -46.98 28.58 13.54
N LEU K 493 -48.04 28.73 12.75
CA LEU K 493 -48.12 29.78 11.75
C LEU K 493 -49.38 30.61 11.99
N ASN K 494 -49.32 31.87 11.59
CA ASN K 494 -50.46 32.76 11.74
C ASN K 494 -51.40 32.63 10.56
N ALA K 495 -52.67 32.43 10.83
CA ALA K 495 -53.69 32.44 9.80
C ALA K 495 -54.78 33.36 10.31
N ARG K 496 -54.58 34.66 10.13
CA ARG K 496 -55.55 35.66 10.54
C ARG K 496 -56.43 36.08 9.39
N THR K 497 -56.76 35.13 8.53
CA THR K 497 -57.62 35.36 7.38
C THR K 497 -59.06 35.54 7.82
N SER K 498 -59.82 36.19 6.98
CA SER K 498 -61.27 36.14 7.06
C SER K 498 -61.78 35.32 5.89
N ILE K 499 -62.72 34.43 6.15
CA ILE K 499 -63.23 33.51 5.16
C ILE K 499 -64.44 34.12 4.49
N LEU K 500 -64.43 34.15 3.17
CA LEU K 500 -65.60 34.51 2.38
C LEU K 500 -65.94 33.29 1.54
N ALA K 501 -67.05 32.64 1.84
CA ALA K 501 -67.36 31.36 1.26
C ALA K 501 -68.65 31.45 0.45
N ALA K 502 -68.75 30.58 -0.54
CA ALA K 502 -69.97 30.38 -1.29
C ALA K 502 -70.31 28.91 -1.25
N ALA K 503 -71.58 28.60 -1.04
CA ALA K 503 -72.02 27.23 -0.89
C ALA K 503 -73.35 27.04 -1.61
N ASN K 504 -73.45 25.97 -2.33
CA ASN K 504 -74.73 25.61 -2.91
C ASN K 504 -75.61 24.93 -1.87
N PRO K 505 -76.91 25.12 -1.94
CA PRO K 505 -77.80 24.35 -1.07
C PRO K 505 -77.86 22.91 -1.53
N ILE K 506 -78.24 22.03 -0.62
CA ILE K 506 -78.56 20.67 -1.02
C ILE K 506 -79.67 20.74 -2.05
N SER K 507 -79.62 19.85 -3.03
CA SER K 507 -80.52 19.80 -4.17
C SER K 507 -80.31 20.96 -5.13
N GLY K 508 -79.33 21.82 -4.89
CA GLY K 508 -79.05 22.91 -5.78
C GLY K 508 -79.94 24.11 -5.60
N HIS K 509 -81.02 24.00 -4.83
CA HIS K 509 -81.95 25.09 -4.64
C HIS K 509 -82.27 25.23 -3.17
N TYR K 510 -82.58 26.45 -2.75
CA TYR K 510 -82.85 26.71 -1.36
C TYR K 510 -84.32 26.48 -1.07
N ASP K 511 -84.61 25.52 -0.21
CA ASP K 511 -85.98 25.25 0.21
C ASP K 511 -86.30 26.17 1.38
N ARG K 512 -87.17 27.15 1.15
CA ARG K 512 -87.51 28.12 2.18
C ARG K 512 -88.27 27.51 3.33
N SER K 513 -88.74 26.28 3.21
CA SER K 513 -89.49 25.61 4.26
C SER K 513 -88.61 24.90 5.26
N LYS K 514 -87.30 24.92 5.07
CA LYS K 514 -86.36 24.28 5.97
C LYS K 514 -85.41 25.32 6.52
N SER K 515 -84.79 24.99 7.64
CA SER K 515 -83.82 25.89 8.24
C SER K 515 -82.54 25.90 7.42
N LEU K 516 -81.65 26.84 7.76
CA LEU K 516 -80.37 26.89 7.07
C LEU K 516 -79.57 25.62 7.31
N LYS K 517 -79.66 25.07 8.51
CA LYS K 517 -78.96 23.83 8.81
C LYS K 517 -79.41 22.71 7.90
N GLN K 518 -80.71 22.63 7.62
CA GLN K 518 -81.23 21.55 6.81
C GLN K 518 -81.01 21.76 5.32
N ASN K 519 -80.52 22.92 4.90
CA ASN K 519 -80.30 23.23 3.50
C ASN K 519 -78.87 23.08 3.05
N ILE K 520 -77.90 23.28 3.92
CA ILE K 520 -76.50 23.12 3.56
C ILE K 520 -75.93 21.98 4.38
N ASN K 521 -74.94 21.30 3.82
CA ASN K 521 -74.30 20.19 4.50
C ASN K 521 -72.97 20.60 5.12
N LEU K 522 -72.83 21.86 5.49
CA LEU K 522 -71.69 22.26 6.29
C LEU K 522 -71.79 21.66 7.68
N SER K 523 -70.64 21.30 8.24
CA SER K 523 -70.62 20.86 9.62
C SER K 523 -70.99 22.01 10.54
N ALA K 524 -71.67 21.67 11.63
CA ALA K 524 -72.08 22.67 12.60
C ALA K 524 -70.93 23.54 13.12
N PRO K 525 -69.74 23.01 13.46
CA PRO K 525 -68.66 23.90 13.89
C PRO K 525 -68.30 24.96 12.86
N ILE K 526 -68.25 24.57 11.58
CA ILE K 526 -67.99 25.52 10.51
C ILE K 526 -69.06 26.60 10.49
N MET K 527 -70.33 26.18 10.47
CA MET K 527 -71.41 27.15 10.42
C MET K 527 -71.36 28.10 11.59
N SER K 528 -70.93 27.62 12.75
CA SER K 528 -70.83 28.49 13.91
C SER K 528 -69.70 29.50 13.77
N ARG K 529 -68.63 29.15 13.06
CA ARG K 529 -67.58 30.15 12.89
C ARG K 529 -67.90 31.17 11.79
N PHE K 530 -69.15 31.32 11.37
CA PHE K 530 -69.52 32.31 10.36
C PHE K 530 -70.34 33.41 11.00
N ASP K 531 -69.93 34.65 10.78
CA ASP K 531 -70.62 35.78 11.38
C ASP K 531 -71.94 36.06 10.68
N LEU K 532 -71.94 35.98 9.35
CA LEU K 532 -73.10 36.36 8.56
C LEU K 532 -73.39 35.29 7.54
N PHE K 533 -74.66 34.93 7.40
CA PHE K 533 -75.12 33.99 6.41
C PHE K 533 -76.12 34.70 5.51
N PHE K 534 -75.75 34.89 4.26
CA PHE K 534 -76.57 35.60 3.30
C PHE K 534 -77.21 34.58 2.37
N ILE K 535 -78.51 34.41 2.48
CA ILE K 535 -79.26 33.52 1.61
C ILE K 535 -79.67 34.29 0.38
N LEU K 536 -79.27 33.79 -0.79
CA LEU K 536 -79.62 34.41 -2.07
C LEU K 536 -80.61 33.50 -2.77
N VAL K 537 -81.87 33.66 -2.43
CA VAL K 537 -82.90 32.89 -3.09
C VAL K 537 -83.17 33.52 -4.44
N ASP K 538 -83.40 32.68 -5.44
CA ASP K 538 -83.79 33.14 -6.76
C ASP K 538 -85.31 33.26 -6.78
N GLU K 539 -85.82 34.45 -6.50
CA GLU K 539 -87.23 34.69 -6.75
C GLU K 539 -87.48 34.80 -8.23
N CYS K 540 -88.53 34.14 -8.70
CA CYS K 540 -88.90 34.17 -10.10
C CYS K 540 -89.77 35.42 -10.35
N ASN K 541 -89.13 36.57 -10.23
CA ASN K 541 -89.79 37.86 -10.32
C ASN K 541 -89.47 38.50 -11.65
N GLU K 542 -90.50 38.96 -12.36
CA GLU K 542 -90.31 39.51 -13.68
C GLU K 542 -89.63 40.87 -13.64
N VAL K 543 -89.93 41.69 -12.64
CA VAL K 543 -89.31 43.02 -12.58
C VAL K 543 -87.83 42.91 -12.28
N THR K 544 -87.45 42.00 -11.37
CA THR K 544 -86.02 41.82 -11.13
C THR K 544 -85.34 41.10 -12.28
N ASP K 545 -86.07 40.23 -12.98
CA ASP K 545 -85.54 39.67 -14.22
C ASP K 545 -85.20 40.79 -15.19
N TYR K 546 -86.10 41.77 -15.31
CA TYR K 546 -85.84 42.90 -16.19
C TYR K 546 -84.62 43.67 -15.74
N ALA K 547 -84.55 43.98 -14.45
CA ALA K 547 -83.44 44.80 -13.96
C ALA K 547 -82.10 44.10 -14.14
N ILE K 548 -82.05 42.80 -13.84
CA ILE K 548 -80.83 42.03 -14.05
C ILE K 548 -80.48 41.98 -15.52
N ALA K 549 -81.49 41.79 -16.38
CA ALA K 549 -81.21 41.76 -17.81
C ALA K 549 -80.63 43.08 -18.28
N ARG K 550 -81.21 44.20 -17.87
CA ARG K 550 -80.62 45.49 -18.25
C ARG K 550 -79.19 45.61 -17.77
N ARG K 551 -78.91 45.21 -16.52
CA ARG K 551 -77.53 45.34 -16.04
C ARG K 551 -76.57 44.49 -16.85
N ILE K 552 -76.94 43.24 -17.11
CA ILE K 552 -76.04 42.34 -17.82
C ILE K 552 -75.81 42.81 -19.24
N VAL K 553 -76.90 43.12 -19.94
CA VAL K 553 -76.78 43.54 -21.33
C VAL K 553 -76.07 44.87 -21.43
N ASP K 554 -76.27 45.78 -20.48
CA ASP K 554 -75.54 47.03 -20.51
C ASP K 554 -74.05 46.81 -20.29
N LEU K 555 -73.68 45.93 -19.38
CA LEU K 555 -72.26 45.64 -19.18
C LEU K 555 -71.66 45.06 -20.44
N HIS K 556 -72.39 44.19 -21.12
CA HIS K 556 -71.86 43.59 -22.33
C HIS K 556 -71.92 44.52 -23.53
N SER K 557 -72.66 45.62 -23.46
CA SER K 557 -72.71 46.57 -24.54
C SER K 557 -71.62 47.62 -24.43
N ARG K 558 -71.49 48.21 -23.25
CA ARG K 558 -70.55 49.30 -22.99
C ARG K 558 -69.62 48.82 -21.89
N ILE K 559 -68.49 48.24 -22.26
CA ILE K 559 -67.72 47.46 -21.30
C ILE K 559 -67.06 48.37 -20.28
N GLU K 560 -66.14 49.22 -20.73
CA GLU K 560 -65.44 50.13 -19.82
C GLU K 560 -66.40 51.14 -19.23
N GLU K 561 -67.27 51.69 -20.07
CA GLU K 561 -68.37 52.54 -19.64
C GLU K 561 -69.34 51.67 -18.86
N SER K 562 -70.44 52.25 -18.38
CA SER K 562 -71.35 51.59 -17.46
C SER K 562 -70.67 51.21 -16.15
N ILE K 563 -69.45 51.66 -15.92
CA ILE K 563 -68.76 51.48 -14.65
C ILE K 563 -68.41 52.89 -14.18
N ASP K 564 -69.31 53.51 -13.44
CA ASP K 564 -69.11 54.83 -12.88
C ASP K 564 -69.06 54.67 -11.37
N ARG K 565 -67.89 54.32 -10.86
CA ARG K 565 -67.71 54.15 -9.44
C ARG K 565 -67.20 55.46 -8.86
N VAL K 566 -67.80 55.88 -7.75
CA VAL K 566 -67.47 57.20 -7.21
C VAL K 566 -66.03 57.25 -6.75
N TYR K 567 -65.45 56.12 -6.38
CA TYR K 567 -64.09 56.05 -5.89
C TYR K 567 -63.29 55.10 -6.76
N SER K 568 -62.06 55.50 -7.07
CA SER K 568 -61.15 54.59 -7.73
C SER K 568 -60.94 53.37 -6.87
N LEU K 569 -60.61 52.26 -7.51
CA LEU K 569 -60.45 51.03 -6.77
C LEU K 569 -59.12 51.03 -6.04
N ASP K 570 -58.11 51.71 -6.61
CA ASP K 570 -56.88 52.00 -5.89
C ASP K 570 -57.14 52.93 -4.71
N ASP K 571 -58.03 53.91 -4.89
CA ASP K 571 -58.37 54.78 -3.79
C ASP K 571 -58.95 53.99 -2.64
N ILE K 572 -59.84 53.06 -2.93
CA ILE K 572 -60.40 52.22 -1.90
C ILE K 572 -59.31 51.36 -1.26
N ARG K 573 -58.38 50.83 -2.07
CA ARG K 573 -57.32 50.02 -1.49
C ARG K 573 -56.52 50.81 -0.47
N ARG K 574 -56.16 52.04 -0.82
CA ARG K 574 -55.41 52.89 0.10
C ARG K 574 -56.24 53.24 1.34
N TYR K 575 -57.49 53.60 1.12
CA TYR K 575 -58.38 53.99 2.21
C TYR K 575 -58.57 52.85 3.20
N LEU K 576 -58.82 51.65 2.66
CA LEU K 576 -59.02 50.47 3.50
C LEU K 576 -57.75 50.11 4.24
N LEU K 577 -56.60 50.18 3.58
CA LEU K 577 -55.34 49.91 4.25
C LEU K 577 -55.12 50.88 5.39
N PHE K 578 -55.45 52.16 5.17
CA PHE K 578 -55.31 53.15 6.23
C PHE K 578 -56.28 52.88 7.37
N ALA K 579 -57.53 52.55 7.06
CA ALA K 579 -58.54 52.40 8.09
C ALA K 579 -58.30 51.14 8.93
N ARG K 580 -57.65 50.13 8.36
CA ARG K 580 -57.37 48.92 9.12
C ARG K 580 -56.43 49.18 10.29
N GLN K 581 -55.77 50.33 10.34
CA GLN K 581 -54.92 50.67 11.46
C GLN K 581 -55.71 51.20 12.64
N PHE K 582 -56.95 51.59 12.45
CA PHE K 582 -57.77 52.09 13.53
C PHE K 582 -58.31 50.93 14.35
N LYS K 583 -58.38 51.13 15.66
CA LYS K 583 -58.87 50.13 16.60
C LYS K 583 -59.96 50.77 17.44
N PRO K 584 -61.18 50.81 16.93
CA PRO K 584 -62.25 51.52 17.65
C PRO K 584 -62.48 50.96 19.03
N LYS K 585 -62.79 51.85 19.96
CA LYS K 585 -63.20 51.49 21.30
C LYS K 585 -64.72 51.42 21.37
N ILE K 586 -65.22 50.91 22.48
CA ILE K 586 -66.65 50.77 22.71
C ILE K 586 -67.04 51.72 23.84
N SER K 587 -67.89 52.69 23.52
CA SER K 587 -68.34 53.64 24.53
C SER K 587 -69.34 52.99 25.47
N LYS K 588 -69.55 53.62 26.62
CA LYS K 588 -70.49 53.08 27.60
C LYS K 588 -71.90 53.05 27.03
N GLU K 589 -72.32 54.13 26.37
CA GLU K 589 -73.65 54.11 25.78
C GLU K 589 -73.71 53.13 24.61
N SER K 590 -72.61 52.94 23.90
CA SER K 590 -72.59 51.90 22.88
C SER K 590 -72.71 50.53 23.53
N GLU K 591 -72.09 50.34 24.70
CA GLU K 591 -72.23 49.09 25.43
C GLU K 591 -73.68 48.83 25.79
N ASP K 592 -74.36 49.84 26.34
CA ASP K 592 -75.76 49.67 26.72
C ASP K 592 -76.63 49.41 25.50
N PHE K 593 -76.39 50.12 24.42
CA PHE K 593 -77.13 49.89 23.20
C PHE K 593 -76.90 48.48 22.68
N ILE K 594 -75.66 47.98 22.80
CA ILE K 594 -75.36 46.65 22.32
C ILE K 594 -76.15 45.62 23.11
N VAL K 595 -76.20 45.77 24.44
CA VAL K 595 -76.94 44.79 25.21
C VAL K 595 -78.43 44.86 24.88
N GLU K 596 -78.94 46.07 24.63
CA GLU K 596 -80.37 46.19 24.33
C GLU K 596 -80.71 45.57 22.98
N GLN K 597 -79.89 45.83 21.97
CA GLN K 597 -80.12 45.23 20.66
C GLN K 597 -79.94 43.73 20.70
N TYR K 598 -79.01 43.22 21.51
CA TYR K 598 -78.89 41.78 21.67
C TYR K 598 -80.14 41.19 22.30
N LYS K 599 -80.73 41.91 23.26
CA LYS K 599 -81.98 41.43 23.86
C LYS K 599 -83.08 41.36 22.81
N HIS K 600 -83.19 42.38 21.96
CA HIS K 600 -84.19 42.33 20.89
C HIS K 600 -83.93 41.14 19.96
N LEU K 601 -82.66 40.95 19.59
CA LEU K 601 -82.31 39.89 18.66
C LEU K 601 -82.64 38.53 19.24
N ARG K 602 -82.37 38.33 20.53
CA ARG K 602 -82.78 37.09 21.17
C ARG K 602 -84.29 36.96 21.16
N GLN K 603 -85.00 38.06 21.41
CA GLN K 603 -86.46 37.98 21.48
C GLN K 603 -87.10 37.61 20.16
N ARG K 604 -86.42 37.86 19.05
CA ARG K 604 -87.01 37.46 17.78
C ARG K 604 -87.05 35.95 17.58
N ASP K 605 -86.68 35.17 18.59
CA ASP K 605 -86.45 33.74 18.44
C ASP K 605 -87.26 32.93 19.44
N GLY K 606 -88.40 33.46 19.89
CA GLY K 606 -89.23 32.81 20.86
C GLY K 606 -90.43 32.11 20.25
N SER K 607 -91.32 31.64 21.11
CA SER K 607 -92.46 30.86 20.71
C SER K 607 -93.54 31.75 20.11
N GLY K 608 -94.49 31.11 19.41
CA GLY K 608 -95.58 31.83 18.78
C GLY K 608 -95.24 32.40 17.43
N VAL K 609 -94.21 33.25 17.37
CA VAL K 609 -93.81 33.86 16.12
C VAL K 609 -93.24 32.78 15.19
N THR K 610 -93.16 33.13 13.91
CA THR K 610 -92.64 32.21 12.91
C THR K 610 -91.18 31.84 13.20
N LYS K 611 -90.84 30.59 12.91
CA LYS K 611 -89.49 30.09 13.12
C LYS K 611 -88.51 30.82 12.21
N SER K 612 -87.31 31.07 12.71
CA SER K 612 -86.25 31.70 11.94
C SER K 612 -85.34 30.67 11.31
N SER K 613 -84.53 31.12 10.35
CA SER K 613 -83.68 30.21 9.61
C SER K 613 -82.62 29.59 10.52
N TRP K 614 -82.01 30.38 11.39
CA TRP K 614 -81.15 29.84 12.42
C TRP K 614 -81.34 30.63 13.70
N ARG K 615 -81.03 29.99 14.82
CA ARG K 615 -81.28 30.57 16.12
C ARG K 615 -80.20 31.55 16.49
N ILE K 616 -80.58 32.54 17.27
CA ILE K 616 -79.65 33.55 17.76
C ILE K 616 -79.06 33.07 19.07
N THR K 617 -77.74 33.03 19.12
CA THR K 617 -76.98 32.63 20.28
C THR K 617 -76.12 33.80 20.70
N VAL K 618 -75.21 33.56 21.64
CA VAL K 618 -74.29 34.61 22.05
C VAL K 618 -73.25 34.87 20.97
N ARG K 619 -73.00 33.90 20.10
CA ARG K 619 -72.13 34.16 18.97
C ARG K 619 -72.68 35.26 18.08
N GLN K 620 -74.00 35.43 18.04
CA GLN K 620 -74.56 36.56 17.33
C GLN K 620 -74.22 37.87 18.02
N LEU K 621 -74.14 37.86 19.35
CA LEU K 621 -73.71 39.05 20.06
C LEU K 621 -72.27 39.42 19.72
N GLU K 622 -71.39 38.42 19.68
CA GLU K 622 -70.01 38.73 19.33
C GLU K 622 -69.90 39.14 17.87
N SER K 623 -70.73 38.56 17.00
CA SER K 623 -70.78 39.02 15.61
C SER K 623 -71.22 40.47 15.53
N MET K 624 -72.19 40.85 16.34
CA MET K 624 -72.64 42.23 16.36
C MET K 624 -71.52 43.16 16.82
N ILE K 625 -70.75 42.74 17.82
CA ILE K 625 -69.64 43.56 18.27
C ILE K 625 -68.62 43.72 17.15
N ARG K 626 -68.26 42.61 16.50
CA ARG K 626 -67.30 42.67 15.40
C ARG K 626 -67.81 43.55 14.27
N LEU K 627 -69.08 43.41 13.92
CA LEU K 627 -69.63 44.19 12.82
C LEU K 627 -69.72 45.65 13.17
N SER K 628 -70.04 45.99 14.42
CA SER K 628 -70.06 47.38 14.81
C SER K 628 -68.66 47.97 14.82
N GLU K 629 -67.67 47.18 15.24
CA GLU K 629 -66.29 47.67 15.17
C GLU K 629 -65.88 47.91 13.73
N ALA K 630 -66.26 47.01 12.81
CA ALA K 630 -65.95 47.22 11.40
C ALA K 630 -66.67 48.43 10.84
N MET K 631 -67.92 48.63 11.26
CA MET K 631 -68.69 49.78 10.82
C MET K 631 -68.04 51.07 11.29
N ALA K 632 -67.51 51.09 12.51
CA ALA K 632 -66.77 52.25 13.00
C ALA K 632 -65.47 52.43 12.26
N ARG K 633 -64.73 51.34 12.07
CA ARG K 633 -63.44 51.38 11.41
C ARG K 633 -63.56 51.85 9.97
N MET K 634 -64.72 51.62 9.36
CA MET K 634 -64.97 52.13 8.02
C MET K 634 -64.97 53.65 8.00
N HIS K 635 -65.55 54.27 9.03
CA HIS K 635 -65.60 55.71 9.16
C HIS K 635 -64.38 56.27 9.88
N CYS K 636 -63.34 55.45 10.07
CA CYS K 636 -62.08 55.89 10.65
C CYS K 636 -62.28 56.51 12.03
N CYS K 637 -63.23 55.97 12.79
CA CYS K 637 -63.52 56.48 14.12
C CYS K 637 -62.63 55.78 15.14
N ASP K 638 -62.39 56.47 16.25
CA ASP K 638 -61.62 55.90 17.34
C ASP K 638 -62.48 55.23 18.38
N GLU K 639 -63.80 55.32 18.26
CA GLU K 639 -64.69 54.69 19.21
C GLU K 639 -66.02 54.45 18.54
N VAL K 640 -66.69 53.38 18.94
CA VAL K 640 -67.91 52.93 18.29
C VAL K 640 -69.08 53.74 18.82
N GLN K 641 -69.77 54.43 17.93
CA GLN K 641 -70.98 55.14 18.32
C GLN K 641 -72.21 54.28 18.08
N PRO K 642 -73.33 54.60 18.71
CA PRO K 642 -74.53 53.76 18.55
C PRO K 642 -75.04 53.64 17.13
N LYS K 643 -74.70 54.55 16.23
CA LYS K 643 -75.13 54.36 14.84
C LYS K 643 -74.46 53.14 14.21
N HIS K 644 -73.20 52.90 14.53
CA HIS K 644 -72.53 51.69 14.05
C HIS K 644 -73.20 50.45 14.60
N VAL K 645 -73.51 50.45 15.89
CA VAL K 645 -74.19 49.30 16.48
C VAL K 645 -75.55 49.11 15.84
N LYS K 646 -76.26 50.20 15.56
CA LYS K 646 -77.56 50.08 14.93
C LYS K 646 -77.44 49.46 13.55
N GLU K 647 -76.45 49.88 12.77
CA GLU K 647 -76.28 49.30 11.44
C GLU K 647 -75.89 47.83 11.52
N ALA K 648 -75.00 47.48 12.45
CA ALA K 648 -74.61 46.08 12.60
C ALA K 648 -75.81 45.23 12.98
N PHE K 649 -76.62 45.68 13.93
CA PHE K 649 -77.81 44.94 14.29
C PHE K 649 -78.76 44.83 13.12
N ARG K 650 -78.94 45.92 12.37
CA ARG K 650 -79.89 45.88 11.26
C ARG K 650 -79.46 44.87 10.21
N LEU K 651 -78.17 44.87 9.87
CA LEU K 651 -77.65 43.92 8.89
C LEU K 651 -77.79 42.50 9.38
N LEU K 652 -77.42 42.26 10.63
CA LEU K 652 -77.47 40.90 11.17
C LEU K 652 -78.89 40.39 11.22
N ASN K 653 -79.83 41.22 11.68
CA ASN K 653 -81.22 40.82 11.73
C ASN K 653 -81.79 40.58 10.35
N LYS K 654 -81.42 41.42 9.38
CA LYS K 654 -81.95 41.27 8.03
C LYS K 654 -81.44 40.01 7.36
N SER K 655 -80.21 39.59 7.69
CA SER K 655 -79.68 38.37 7.06
C SER K 655 -80.49 37.15 7.45
N ILE K 656 -80.99 37.11 8.68
CA ILE K 656 -81.67 35.91 9.18
C ILE K 656 -83.07 35.87 8.59
N ILE K 657 -83.46 34.70 8.08
CA ILE K 657 -84.63 34.52 7.23
C ILE K 657 -85.73 33.80 8.00
N ARG K 658 -86.97 34.25 7.82
CA ARG K 658 -88.10 33.52 8.37
C ARG K 658 -88.33 32.25 7.57
N VAL K 659 -88.58 31.15 8.27
CA VAL K 659 -88.82 29.87 7.63
C VAL K 659 -90.29 29.77 7.31
N GLU K 660 -90.62 29.63 6.03
CA GLU K 660 -91.99 29.70 5.56
C GLU K 660 -92.51 28.30 5.29
N THR K 661 -93.59 27.93 5.97
CA THR K 661 -94.24 26.64 5.81
C THR K 661 -95.70 26.86 5.45
N PRO K 662 -96.30 25.97 4.65
CA PRO K 662 -97.69 26.17 4.25
C PRO K 662 -98.69 25.59 5.24
N GLU K 719 -103.46 27.20 7.30
CA GLU K 719 -102.85 28.47 7.64
C GLU K 719 -101.88 28.30 8.80
N TYR K 720 -100.89 29.19 8.90
CA TYR K 720 -99.85 29.06 9.91
C TYR K 720 -100.17 29.83 11.18
N CYS K 721 -101.33 30.48 11.26
CA CYS K 721 -101.79 31.06 12.51
C CYS K 721 -102.20 30.00 13.52
N ARG K 722 -102.34 28.75 13.10
CA ARG K 722 -102.86 27.72 13.99
C ARG K 722 -101.93 27.48 15.17
N ILE K 723 -100.63 27.71 15.01
CA ILE K 723 -99.72 27.54 16.13
C ILE K 723 -100.03 28.53 17.23
N SER K 724 -100.48 29.73 16.87
CA SER K 724 -100.93 30.66 17.90
C SER K 724 -102.04 30.04 18.72
N ASN K 725 -103.01 29.39 18.06
CA ASN K 725 -104.07 28.70 18.77
C ASN K 725 -103.53 27.61 19.68
N LEU K 726 -102.65 26.77 19.14
CA LEU K 726 -102.14 25.66 19.93
C LEU K 726 -101.40 26.15 21.17
N ILE K 727 -100.55 27.16 21.03
CA ILE K 727 -99.86 27.67 22.21
C ILE K 727 -100.84 28.27 23.20
N VAL K 728 -101.78 29.10 22.74
CA VAL K 728 -102.66 29.77 23.70
C VAL K 728 -103.52 28.75 24.43
N LEU K 729 -103.91 27.67 23.77
CA LEU K 729 -104.78 26.75 24.50
C LEU K 729 -104.00 25.76 25.35
N HIS K 730 -102.82 25.34 24.88
CA HIS K 730 -101.99 24.48 25.70
C HIS K 730 -101.58 25.18 26.98
N LEU K 731 -101.35 26.50 26.90
CA LEU K 731 -101.06 27.25 28.11
C LEU K 731 -102.18 27.16 29.11
N ARG K 732 -103.43 27.31 28.66
CA ARG K 732 -104.54 27.22 29.59
C ARG K 732 -104.66 25.83 30.18
N LYS K 733 -104.56 24.79 29.36
CA LYS K 733 -104.62 23.43 29.91
C LYS K 733 -103.49 23.19 30.90
N VAL K 734 -102.34 23.82 30.69
CA VAL K 734 -101.29 23.73 31.69
C VAL K 734 -101.72 24.43 32.97
N GLU K 735 -102.37 25.60 32.84
CA GLU K 735 -102.75 26.36 34.03
C GLU K 735 -103.71 25.57 34.90
N GLU K 736 -104.56 24.74 34.29
CA GLU K 736 -105.58 24.05 35.07
C GLU K 736 -105.01 22.94 35.95
N GLU K 737 -103.74 22.60 35.78
CA GLU K 737 -103.14 21.56 36.62
C GLU K 737 -102.42 22.19 37.81
N LYS K 744 -112.46 14.55 30.94
CA LYS K 744 -113.02 13.88 29.77
C LYS K 744 -112.90 14.79 28.55
N ARG K 745 -113.31 14.29 27.38
CA ARG K 745 -113.41 15.16 26.22
C ARG K 745 -114.67 16.02 26.27
N SER K 746 -115.76 15.48 26.81
CA SER K 746 -117.09 16.05 26.59
C SER K 746 -117.18 17.47 27.11
N GLU K 747 -117.01 17.65 28.42
CA GLU K 747 -116.99 19.01 28.97
C GLU K 747 -115.79 19.79 28.46
N LEU K 748 -114.63 19.14 28.40
CA LEU K 748 -113.42 19.90 28.15
C LEU K 748 -113.37 20.43 26.73
N VAL K 749 -113.93 19.71 25.76
CA VAL K 749 -113.88 20.20 24.39
C VAL K 749 -114.63 21.52 24.27
N ASN K 750 -115.86 21.59 24.77
CA ASN K 750 -116.58 22.85 24.61
C ASN K 750 -116.13 23.90 25.62
N TRP K 751 -115.49 23.50 26.72
CA TRP K 751 -114.85 24.51 27.56
C TRP K 751 -113.73 25.20 26.79
N TYR K 752 -112.98 24.44 26.00
CA TYR K 752 -112.04 25.07 25.08
C TYR K 752 -112.76 25.94 24.06
N LEU K 753 -113.78 25.40 23.40
CA LEU K 753 -114.52 26.17 22.40
C LEU K 753 -115.37 27.29 22.98
N LYS K 754 -115.31 27.54 24.30
CA LYS K 754 -115.70 28.86 24.80
C LYS K 754 -114.51 29.70 25.21
N GLU K 755 -113.46 29.10 25.78
CA GLU K 755 -112.49 29.89 26.52
C GLU K 755 -111.71 30.85 25.62
N ILE K 756 -111.48 30.44 24.36
CA ILE K 756 -110.73 31.31 23.45
C ILE K 756 -111.64 32.27 22.70
N GLU K 757 -112.96 32.08 22.78
CA GLU K 757 -113.94 32.96 22.17
C GLU K 757 -114.31 34.15 23.05
N SER K 758 -113.59 34.36 24.15
CA SER K 758 -114.02 35.32 25.15
C SER K 758 -113.80 36.77 24.74
N GLU K 759 -113.16 37.03 23.59
CA GLU K 759 -112.68 38.38 23.29
C GLU K 759 -113.17 38.96 21.98
N ILE K 760 -113.42 38.15 20.95
CA ILE K 760 -113.75 38.65 19.62
C ILE K 760 -114.95 37.87 19.09
N ASP K 761 -115.93 38.59 18.56
CA ASP K 761 -117.18 37.98 18.12
C ASP K 761 -117.03 37.38 16.74
N SER K 762 -117.49 36.14 16.58
CA SER K 762 -117.61 35.51 15.28
C SER K 762 -118.38 34.21 15.40
N GLU K 763 -119.28 33.97 14.45
CA GLU K 763 -119.95 32.70 14.30
C GLU K 763 -119.19 31.77 13.36
N GLU K 764 -118.05 32.24 12.85
CA GLU K 764 -117.34 31.55 11.77
C GLU K 764 -115.99 31.01 12.19
N GLU K 765 -115.43 31.49 13.29
CA GLU K 765 -114.17 30.96 13.79
C GLU K 765 -114.36 29.78 14.72
N LEU K 766 -115.61 29.45 15.08
CA LEU K 766 -115.84 28.23 15.83
C LEU K 766 -115.55 26.99 14.99
N ILE K 767 -115.99 27.00 13.74
CA ILE K 767 -115.66 25.86 12.88
C ILE K 767 -114.16 25.79 12.69
N ASN K 768 -113.50 26.94 12.68
CA ASN K 768 -112.05 26.97 12.55
C ASN K 768 -111.38 26.35 13.77
N LYS K 769 -111.82 26.74 14.96
CA LYS K 769 -111.24 26.20 16.18
C LYS K 769 -111.51 24.71 16.32
N LYS K 770 -112.72 24.25 15.98
CA LYS K 770 -112.97 22.82 16.07
C LYS K 770 -112.19 22.05 15.01
N ARG K 771 -111.98 22.63 13.83
CA ARG K 771 -111.17 21.96 12.83
C ARG K 771 -109.74 21.80 13.30
N ILE K 772 -109.15 22.85 13.87
CA ILE K 772 -107.78 22.73 14.33
C ILE K 772 -107.71 21.80 15.54
N ILE K 773 -108.74 21.77 16.38
CA ILE K 773 -108.73 20.83 17.49
C ILE K 773 -108.77 19.40 16.97
N GLU K 774 -109.52 19.15 15.90
CA GLU K 774 -109.52 17.80 15.32
C GLU K 774 -108.16 17.47 14.74
N LYS K 775 -107.54 18.43 14.06
CA LYS K 775 -106.18 18.26 13.55
C LYS K 775 -105.24 17.85 14.67
N VAL K 776 -105.32 18.55 15.80
CA VAL K 776 -104.44 18.30 16.93
C VAL K 776 -104.74 16.96 17.58
N ILE K 777 -106.02 16.58 17.65
CA ILE K 777 -106.37 15.27 18.15
C ILE K 777 -105.72 14.19 17.31
N HIS K 778 -105.87 14.28 15.99
CA HIS K 778 -105.51 13.19 15.10
C HIS K 778 -104.10 13.30 14.56
N ARG K 779 -103.31 14.27 15.02
CA ARG K 779 -101.85 14.23 14.88
C ARG K 779 -101.17 14.11 16.23
N LEU K 780 -101.89 13.62 17.23
CA LEU K 780 -101.33 13.14 18.48
C LEU K 780 -100.59 14.24 19.24
N THR K 781 -101.20 15.41 19.31
CA THR K 781 -100.79 16.44 20.23
C THR K 781 -101.79 16.60 21.36
N HIS K 782 -103.02 16.14 21.17
CA HIS K 782 -103.99 16.03 22.26
C HIS K 782 -104.37 14.58 22.47
N TYR K 783 -103.95 14.04 23.60
CA TYR K 783 -104.76 13.12 24.35
C TYR K 783 -105.41 13.86 25.49
N ASP K 784 -105.89 15.08 25.25
CA ASP K 784 -106.08 16.12 26.25
C ASP K 784 -104.72 16.42 26.90
N HIS K 785 -103.83 17.04 26.12
CA HIS K 785 -102.54 17.56 26.60
C HIS K 785 -101.61 16.43 27.03
N VAL K 786 -101.08 15.71 26.03
CA VAL K 786 -100.18 14.59 26.28
C VAL K 786 -99.04 15.03 27.18
N LEU K 787 -98.51 14.08 27.94
CA LEU K 787 -97.46 14.40 28.91
C LEU K 787 -96.21 14.94 28.26
N ILE K 788 -95.79 14.33 27.15
CA ILE K 788 -94.57 14.72 26.47
C ILE K 788 -94.94 15.66 25.33
N GLU K 789 -95.02 16.95 25.64
CA GLU K 789 -95.18 17.98 24.62
C GLU K 789 -94.78 19.29 25.26
N LEU K 790 -93.80 19.94 24.68
CA LEU K 790 -93.32 21.23 25.16
C LEU K 790 -93.81 22.31 24.21
N THR K 791 -94.25 23.43 24.77
CA THR K 791 -94.77 24.49 23.93
C THR K 791 -93.63 25.19 23.22
N LEU L 3 -10.32 -28.90 -27.07
CA LEU L 3 -10.42 -30.29 -27.49
C LEU L 3 -10.41 -30.47 -29.00
N LYS L 4 -11.14 -29.62 -29.73
CA LYS L 4 -11.26 -29.77 -31.16
C LYS L 4 -10.68 -28.58 -31.90
N ASP L 5 -10.42 -28.78 -33.18
CA ASP L 5 -9.71 -27.83 -34.02
C ASP L 5 -10.71 -27.04 -34.86
N TYR L 6 -10.74 -25.73 -34.69
CA TYR L 6 -11.79 -24.93 -35.29
C TYR L 6 -11.50 -24.55 -36.74
N ALA L 7 -10.26 -24.69 -37.20
CA ALA L 7 -10.00 -24.56 -38.62
C ALA L 7 -10.68 -25.67 -39.40
N LEU L 8 -10.59 -26.90 -38.90
CA LEU L 8 -11.27 -28.01 -39.54
C LEU L 8 -12.77 -27.88 -39.46
N GLU L 9 -13.28 -27.37 -38.34
CA GLU L 9 -14.72 -27.13 -38.24
C GLU L 9 -15.17 -26.06 -39.22
N LYS L 10 -14.35 -25.04 -39.42
CA LYS L 10 -14.71 -24.03 -40.40
C LYS L 10 -14.72 -24.61 -41.80
N GLU L 11 -13.77 -25.50 -42.11
CA GLU L 11 -13.81 -26.16 -43.41
C GLU L 11 -15.02 -27.06 -43.54
N LYS L 12 -15.42 -27.71 -42.45
CA LYS L 12 -16.63 -28.53 -42.47
C LYS L 12 -17.87 -27.69 -42.75
N VAL L 13 -17.99 -26.54 -42.11
CA VAL L 13 -19.19 -25.74 -42.31
C VAL L 13 -19.17 -25.07 -43.67
N LYS L 14 -17.98 -24.74 -44.17
CA LYS L 14 -17.88 -24.26 -45.54
C LYS L 14 -18.34 -25.32 -46.52
N LYS L 15 -17.91 -26.54 -46.31
CA LYS L 15 -18.30 -27.64 -47.18
C LYS L 15 -19.81 -27.85 -47.14
N PHE L 16 -20.39 -27.78 -45.93
CA PHE L 16 -21.84 -27.91 -45.84
C PHE L 16 -22.53 -26.80 -46.62
N LEU L 17 -22.11 -25.56 -46.40
CA LEU L 17 -22.79 -24.43 -47.04
C LEU L 17 -22.67 -24.50 -48.55
N GLN L 18 -21.54 -24.97 -49.05
CA GLN L 18 -21.32 -24.96 -50.49
C GLN L 18 -21.97 -26.14 -51.20
N GLU L 19 -21.91 -27.35 -50.64
CA GLU L 19 -22.56 -28.42 -51.38
C GLU L 19 -23.63 -29.18 -50.60
N PHE L 20 -24.56 -28.47 -49.99
CA PHE L 20 -25.82 -29.05 -49.57
C PHE L 20 -26.87 -28.66 -50.59
N TYR L 21 -27.70 -29.63 -50.99
CA TYR L 21 -28.74 -29.39 -51.97
C TYR L 21 -30.03 -30.03 -51.51
N GLN L 22 -31.15 -29.45 -51.95
CA GLN L 22 -32.48 -30.01 -51.72
C GLN L 22 -33.36 -29.72 -52.92
N ASP L 23 -34.44 -30.50 -53.03
CA ASP L 23 -35.36 -30.42 -54.16
C ASP L 23 -36.55 -29.52 -53.83
N ASP L 24 -36.31 -28.49 -53.03
CA ASP L 24 -37.40 -27.66 -52.55
C ASP L 24 -38.09 -26.91 -53.68
N GLU L 25 -37.31 -26.40 -54.62
CA GLU L 25 -37.87 -25.60 -55.72
C GLU L 25 -38.60 -26.52 -56.68
N LEU L 26 -39.83 -26.88 -56.31
CA LEU L 26 -40.74 -27.62 -57.17
C LEU L 26 -40.13 -28.92 -57.68
N GLY L 27 -39.29 -29.54 -56.85
CA GLY L 27 -38.56 -30.73 -57.24
C GLY L 27 -37.23 -30.46 -57.90
N LYS L 28 -36.99 -29.25 -58.37
CA LYS L 28 -35.69 -28.94 -58.95
C LYS L 28 -34.64 -28.88 -57.85
N LYS L 29 -33.47 -29.45 -58.14
CA LYS L 29 -32.42 -29.55 -57.14
C LYS L 29 -31.66 -28.23 -57.05
N GLN L 30 -31.78 -27.57 -55.92
CA GLN L 30 -31.11 -26.30 -55.68
C GLN L 30 -30.08 -26.47 -54.58
N PHE L 31 -29.02 -25.68 -54.65
CA PHE L 31 -28.11 -25.54 -53.53
C PHE L 31 -28.77 -24.60 -52.53
N LYS L 32 -29.23 -25.15 -51.41
CA LYS L 32 -30.08 -24.39 -50.51
C LYS L 32 -29.37 -23.16 -49.97
N TYR L 33 -28.11 -23.31 -49.62
CA TYR L 33 -27.39 -22.22 -48.97
C TYR L 33 -26.48 -21.45 -49.92
N GLY L 34 -26.03 -22.05 -51.02
CA GLY L 34 -25.30 -21.29 -52.01
C GLY L 34 -26.14 -20.18 -52.62
N ASN L 35 -27.42 -20.47 -52.87
CA ASN L 35 -28.30 -19.44 -53.41
C ASN L 35 -28.41 -18.28 -52.45
N GLN L 36 -28.51 -18.57 -51.15
CA GLN L 36 -28.60 -17.50 -50.19
C GLN L 36 -27.28 -16.77 -50.04
N LEU L 37 -26.17 -17.46 -50.19
CA LEU L 37 -24.88 -16.78 -50.21
C LEU L 37 -24.83 -15.79 -51.35
N VAL L 38 -25.41 -16.15 -52.48
CA VAL L 38 -25.53 -15.20 -53.58
C VAL L 38 -26.39 -14.02 -53.17
N ARG L 39 -27.54 -14.31 -52.57
CA ARG L 39 -28.50 -13.25 -52.26
C ARG L 39 -27.94 -12.27 -51.26
N LEU L 40 -27.18 -12.74 -50.28
CA LEU L 40 -26.63 -11.87 -49.26
C LEU L 40 -25.22 -11.42 -49.58
N ALA L 41 -24.62 -11.90 -50.65
CA ALA L 41 -23.43 -11.24 -51.20
C ALA L 41 -23.81 -9.99 -51.97
N HIS L 42 -24.98 -9.98 -52.60
CA HIS L 42 -25.52 -8.81 -53.25
C HIS L 42 -26.39 -7.99 -52.34
N ARG L 43 -26.36 -8.26 -51.05
CA ARG L 43 -27.02 -7.45 -50.04
C ARG L 43 -28.53 -7.42 -50.22
N GLU L 44 -29.08 -8.47 -50.83
CA GLU L 44 -30.52 -8.62 -50.95
C GLU L 44 -31.13 -9.42 -49.83
N GLN L 45 -30.33 -9.81 -48.84
CA GLN L 45 -30.81 -10.61 -47.72
C GLN L 45 -29.88 -10.34 -46.56
N VAL L 46 -30.43 -10.35 -45.35
CA VAL L 46 -29.67 -10.13 -44.13
C VAL L 46 -29.54 -11.41 -43.33
N ALA L 47 -30.65 -12.11 -43.11
CA ALA L 47 -30.64 -13.25 -42.21
C ALA L 47 -30.45 -14.54 -42.98
N LEU L 48 -29.55 -15.37 -42.47
CA LEU L 48 -29.36 -16.71 -42.98
C LEU L 48 -29.71 -17.68 -41.87
N TYR L 49 -30.83 -18.38 -42.02
CA TYR L 49 -31.26 -19.34 -41.03
C TYR L 49 -30.71 -20.70 -41.41
N VAL L 50 -29.69 -21.15 -40.70
CA VAL L 50 -29.07 -22.42 -40.99
C VAL L 50 -29.88 -23.49 -40.27
N ASP L 51 -30.71 -24.20 -41.03
CA ASP L 51 -31.44 -25.32 -40.47
C ASP L 51 -30.48 -26.42 -40.06
N LEU L 52 -30.55 -26.83 -38.80
CA LEU L 52 -29.64 -27.86 -38.33
C LEU L 52 -30.10 -29.25 -38.72
N ASP L 53 -31.34 -29.40 -39.15
CA ASP L 53 -31.77 -30.65 -39.75
C ASP L 53 -31.02 -30.92 -41.05
N ASP L 54 -30.77 -29.86 -41.83
CA ASP L 54 -29.96 -30.01 -43.03
C ASP L 54 -28.54 -30.40 -42.69
N VAL L 55 -27.97 -29.82 -41.65
CA VAL L 55 -26.62 -30.18 -41.25
C VAL L 55 -26.58 -31.63 -40.80
N ALA L 56 -27.63 -32.08 -40.13
CA ALA L 56 -27.65 -33.44 -39.59
C ALA L 56 -27.76 -34.51 -40.66
N GLU L 57 -28.17 -34.15 -41.87
CA GLU L 57 -28.32 -35.13 -42.92
C GLU L 57 -26.99 -35.79 -43.27
N ASP L 58 -25.90 -35.09 -43.03
CA ASP L 58 -24.59 -35.55 -43.46
C ASP L 58 -23.49 -35.34 -42.42
N ASP L 59 -23.81 -34.80 -41.25
CA ASP L 59 -22.82 -34.64 -40.20
C ASP L 59 -23.48 -34.47 -38.85
N PRO L 60 -24.12 -35.50 -38.32
CA PRO L 60 -24.77 -35.37 -37.00
C PRO L 60 -23.80 -35.05 -35.87
N GLU L 61 -22.54 -35.45 -35.98
CA GLU L 61 -21.56 -35.06 -34.97
C GLU L 61 -21.39 -33.55 -34.96
N LEU L 62 -21.45 -32.92 -36.13
CA LEU L 62 -21.41 -31.47 -36.18
C LEU L 62 -22.60 -30.86 -35.50
N VAL L 63 -23.78 -31.46 -35.66
CA VAL L 63 -24.97 -30.92 -35.02
C VAL L 63 -24.86 -31.05 -33.51
N ASP L 64 -24.26 -32.14 -33.03
CA ASP L 64 -24.02 -32.29 -31.60
C ASP L 64 -23.08 -31.23 -31.09
N SER L 65 -21.99 -30.99 -31.82
CA SER L 65 -21.05 -29.97 -31.40
C SER L 65 -21.71 -28.60 -31.38
N ILE L 66 -22.51 -28.31 -32.41
CA ILE L 66 -23.22 -27.04 -32.47
C ILE L 66 -24.14 -26.90 -31.28
N CYS L 67 -24.96 -27.90 -31.01
CA CYS L 67 -25.92 -27.79 -29.93
C CYS L 67 -25.24 -27.79 -28.57
N GLU L 68 -23.99 -28.20 -28.49
CA GLU L 68 -23.30 -28.17 -27.21
C GLU L 68 -22.53 -26.90 -26.95
N ASN L 69 -22.07 -26.20 -27.99
CA ASN L 69 -21.42 -24.92 -27.76
C ASN L 69 -22.20 -23.74 -28.32
N ALA L 70 -22.66 -23.82 -29.56
CA ALA L 70 -23.76 -22.99 -30.05
C ALA L 70 -23.48 -21.51 -30.11
N ARG L 71 -22.39 -21.08 -29.54
CA ARG L 71 -21.92 -19.72 -29.65
C ARG L 71 -20.58 -19.66 -30.32
N ARG L 72 -19.75 -20.68 -30.09
CA ARG L 72 -18.58 -20.89 -30.92
C ARG L 72 -18.99 -21.15 -32.36
N TYR L 73 -20.07 -21.90 -32.54
CA TYR L 73 -20.46 -22.32 -33.88
C TYR L 73 -21.24 -21.25 -34.62
N ALA L 74 -22.00 -20.42 -33.91
CA ALA L 74 -22.57 -19.26 -34.57
C ALA L 74 -21.47 -18.36 -35.11
N LYS L 75 -20.41 -18.16 -34.33
CA LYS L 75 -19.26 -17.40 -34.79
C LYS L 75 -18.55 -18.08 -35.94
N LEU L 76 -18.39 -19.41 -35.88
CA LEU L 76 -17.75 -20.14 -36.95
C LEU L 76 -18.54 -20.02 -38.24
N PHE L 77 -19.86 -20.17 -38.15
CA PHE L 77 -20.69 -20.07 -39.32
C PHE L 77 -20.65 -18.68 -39.92
N ALA L 78 -20.60 -17.66 -39.07
CA ALA L 78 -20.47 -16.30 -39.58
C ALA L 78 -19.12 -16.08 -40.26
N ASP L 79 -18.05 -16.58 -39.66
CA ASP L 79 -16.74 -16.56 -40.30
C ASP L 79 -16.78 -17.24 -41.66
N ALA L 80 -17.33 -18.44 -41.71
CA ALA L 80 -17.32 -19.22 -42.95
C ALA L 80 -18.13 -18.55 -44.04
N VAL L 81 -19.31 -18.06 -43.71
CA VAL L 81 -20.10 -17.38 -44.72
C VAL L 81 -19.43 -16.07 -45.14
N GLN L 82 -18.77 -15.38 -44.21
CA GLN L 82 -18.11 -14.15 -44.59
C GLN L 82 -16.95 -14.41 -45.52
N GLU L 83 -16.29 -15.55 -45.37
CA GLU L 83 -15.23 -15.93 -46.29
C GLU L 83 -15.77 -16.42 -47.63
N LEU L 84 -16.95 -17.04 -47.64
CA LEU L 84 -17.53 -17.52 -48.88
C LEU L 84 -18.20 -16.42 -49.69
N LEU L 85 -18.58 -15.31 -49.08
CA LEU L 85 -19.33 -14.31 -49.83
C LEU L 85 -18.60 -13.75 -51.04
N PRO L 86 -17.31 -13.40 -50.98
CA PRO L 86 -16.67 -12.82 -52.17
C PRO L 86 -16.76 -13.70 -53.40
N GLN L 87 -16.71 -15.01 -53.25
CA GLN L 87 -16.74 -15.89 -54.40
C GLN L 87 -18.14 -16.21 -54.86
N TYR L 88 -19.16 -15.69 -54.19
CA TYR L 88 -20.53 -15.82 -54.65
C TYR L 88 -21.08 -14.52 -55.21
N LYS L 89 -20.26 -13.48 -55.27
CA LYS L 89 -20.72 -12.17 -55.72
C LYS L 89 -20.56 -12.08 -57.22
N GLU L 90 -21.68 -11.89 -57.92
CA GLU L 90 -21.72 -11.88 -59.37
C GLU L 90 -21.96 -10.50 -59.95
N ARG L 91 -22.01 -9.47 -59.12
CA ARG L 91 -22.14 -8.10 -59.58
C ARG L 91 -21.70 -7.19 -58.45
N GLU L 92 -22.02 -5.91 -58.58
CA GLU L 92 -21.58 -4.91 -57.62
C GLU L 92 -22.80 -4.36 -56.91
N VAL L 93 -22.75 -4.34 -55.57
CA VAL L 93 -23.90 -3.96 -54.77
C VAL L 93 -24.26 -2.50 -55.04
N VAL L 94 -25.56 -2.22 -55.05
CA VAL L 94 -26.05 -0.89 -55.38
C VAL L 94 -25.94 0.11 -54.23
N ASN L 95 -25.40 -0.30 -53.09
N ASN L 95 -25.40 -0.30 -53.09
CA ASN L 95 -25.28 0.54 -51.90
CA ASN L 95 -25.28 0.54 -51.90
C ASN L 95 -26.64 1.11 -51.49
C ASN L 95 -26.64 1.11 -51.49
N LYS L 96 -27.54 0.19 -51.17
CA LYS L 96 -28.89 0.58 -50.75
C LYS L 96 -28.90 1.36 -49.44
N ASP L 97 -27.82 1.34 -48.68
CA ASP L 97 -27.83 1.77 -47.29
C ASP L 97 -26.79 2.85 -47.08
N VAL L 98 -26.78 3.39 -45.86
CA VAL L 98 -25.76 4.32 -45.42
C VAL L 98 -24.60 3.59 -44.77
N LEU L 99 -24.88 2.47 -44.10
CA LEU L 99 -23.81 1.66 -43.53
C LEU L 99 -22.95 1.08 -44.63
N ASP L 100 -23.56 0.80 -45.78
CA ASP L 100 -22.83 0.27 -46.91
C ASP L 100 -21.78 1.24 -47.41
N VAL L 101 -22.07 2.54 -47.36
CA VAL L 101 -21.09 3.53 -47.79
C VAL L 101 -19.89 3.51 -46.87
N TYR L 102 -20.11 3.37 -45.56
CA TYR L 102 -19.00 3.28 -44.63
C TYR L 102 -18.18 2.02 -44.88
N ILE L 103 -18.85 0.90 -45.14
CA ILE L 103 -18.11 -0.33 -45.42
C ILE L 103 -17.28 -0.17 -46.68
N GLU L 104 -17.86 0.40 -47.73
CA GLU L 104 -17.15 0.57 -48.99
C GLU L 104 -15.96 1.51 -48.83
N HIS L 105 -16.13 2.60 -48.10
CA HIS L 105 -15.01 3.51 -47.93
C HIS L 105 -13.90 2.88 -47.13
N ARG L 106 -14.26 2.12 -46.10
CA ARG L 106 -13.25 1.45 -45.30
C ARG L 106 -12.50 0.40 -46.12
N LEU L 107 -13.23 -0.38 -46.92
CA LEU L 107 -12.58 -1.38 -47.76
C LEU L 107 -11.66 -0.73 -48.78
N MET L 108 -12.12 0.34 -49.41
CA MET L 108 -11.32 1.01 -50.42
C MET L 108 -10.07 1.62 -49.83
N MET L 109 -10.18 2.24 -48.65
CA MET L 109 -8.99 2.76 -47.99
C MET L 109 -8.03 1.65 -47.60
N GLU L 110 -8.55 0.51 -47.13
CA GLU L 110 -7.66 -0.58 -46.78
C GLU L 110 -6.90 -1.10 -47.99
N GLN L 111 -7.59 -1.22 -49.13
CA GLN L 111 -6.88 -1.60 -50.35
C GLN L 111 -5.84 -0.56 -50.73
N ARG L 112 -6.20 0.72 -50.62
CA ARG L 112 -5.34 1.79 -51.11
C ARG L 112 -4.00 1.80 -50.38
N SER L 113 -4.01 1.60 -49.07
CA SER L 113 -2.79 1.55 -48.27
C SER L 113 -2.42 0.12 -47.91
N ARG L 114 -2.58 -0.80 -48.85
CA ARG L 114 -2.53 -2.23 -48.56
C ARG L 114 -1.18 -2.67 -48.01
N ASP L 115 -0.13 -2.58 -48.84
CA ASP L 115 1.14 -3.22 -48.56
C ASP L 115 0.88 -4.69 -48.25
N PRO L 116 0.54 -5.49 -49.27
CA PRO L 116 0.04 -6.85 -48.99
C PRO L 116 0.99 -7.70 -48.17
N GLY L 117 2.30 -7.57 -48.41
CA GLY L 117 3.25 -8.37 -47.66
C GLY L 117 3.58 -7.86 -46.29
N MET L 118 3.24 -6.61 -45.99
CA MET L 118 3.51 -6.08 -44.66
C MET L 118 2.51 -6.63 -43.66
N VAL L 119 3.02 -7.09 -42.52
CA VAL L 119 2.17 -7.68 -41.49
C VAL L 119 1.74 -6.56 -40.54
N ARG L 120 0.44 -6.29 -40.53
CA ARG L 120 -0.10 -5.25 -39.67
C ARG L 120 -0.45 -5.83 -38.30
N SER L 121 -0.55 -4.95 -37.32
CA SER L 121 -0.83 -5.35 -35.96
C SER L 121 -2.20 -6.03 -35.88
N PRO L 122 -2.41 -6.91 -34.90
CA PRO L 122 -3.74 -7.50 -34.75
C PRO L 122 -4.81 -6.49 -34.45
N GLN L 123 -4.48 -5.39 -33.78
CA GLN L 123 -5.43 -4.32 -33.53
C GLN L 123 -5.61 -3.42 -34.74
N ASN L 124 -4.68 -3.40 -35.67
CA ASN L 124 -4.79 -2.56 -36.85
C ASN L 124 -5.59 -3.29 -37.93
N GLN L 125 -6.85 -3.55 -37.61
CA GLN L 125 -7.72 -4.17 -38.59
C GLN L 125 -9.15 -3.81 -38.24
N TYR L 126 -10.02 -4.01 -39.20
CA TYR L 126 -11.44 -3.82 -38.94
C TYR L 126 -11.99 -5.01 -38.18
N PRO L 127 -12.72 -4.80 -37.09
CA PRO L 127 -13.40 -5.91 -36.43
C PRO L 127 -14.35 -6.57 -37.41
N ALA L 128 -14.49 -7.88 -37.30
CA ALA L 128 -15.36 -8.60 -38.21
C ALA L 128 -16.78 -8.06 -38.14
N GLU L 129 -17.28 -7.86 -36.93
CA GLU L 129 -18.66 -7.44 -36.73
C GLU L 129 -18.94 -6.08 -37.34
N LEU L 130 -17.91 -5.29 -37.57
CA LEU L 130 -18.11 -3.96 -38.13
C LEU L 130 -18.51 -4.01 -39.60
N MET L 131 -18.23 -5.09 -40.30
CA MET L 131 -18.33 -5.05 -41.75
C MET L 131 -19.00 -6.28 -42.30
N ARG L 132 -20.07 -6.74 -41.65
CA ARG L 132 -20.74 -7.98 -42.02
C ARG L 132 -21.98 -7.74 -42.87
N ARG L 133 -22.95 -7.00 -42.33
CA ARG L 133 -24.24 -6.71 -42.93
C ARG L 133 -25.18 -7.91 -43.00
N PHE L 134 -24.73 -9.10 -42.66
CA PHE L 134 -25.60 -10.25 -42.61
C PHE L 134 -25.60 -10.77 -41.18
N GLU L 135 -26.49 -11.71 -40.91
CA GLU L 135 -26.55 -12.26 -39.57
C GLU L 135 -27.10 -13.67 -39.62
N LEU L 136 -26.47 -14.57 -38.88
CA LEU L 136 -26.65 -15.99 -39.06
C LEU L 136 -27.26 -16.62 -37.82
N TYR L 137 -28.28 -17.42 -38.04
CA TYR L 137 -29.10 -17.98 -36.99
C TYR L 137 -29.30 -19.46 -37.22
N PHE L 138 -29.51 -20.19 -36.15
CA PHE L 138 -29.78 -21.62 -36.23
C PHE L 138 -31.28 -21.88 -36.15
N GLN L 139 -31.71 -22.92 -36.84
CA GLN L 139 -33.04 -23.50 -36.67
C GLN L 139 -32.83 -24.85 -36.03
N GLY L 140 -33.32 -25.01 -34.82
CA GLY L 140 -32.96 -26.15 -34.00
C GLY L 140 -33.27 -27.44 -34.70
N PRO L 141 -32.47 -28.47 -34.44
CA PRO L 141 -32.80 -29.79 -34.95
C PRO L 141 -34.14 -30.23 -34.39
N SER L 142 -34.94 -30.87 -35.23
CA SER L 142 -36.20 -31.41 -34.72
C SER L 142 -35.98 -32.58 -33.80
N SER L 143 -34.80 -33.19 -33.84
CA SER L 143 -34.49 -34.26 -32.92
C SER L 143 -34.30 -33.76 -31.50
N ASN L 144 -34.30 -32.44 -31.29
CA ASN L 144 -34.28 -31.86 -29.97
C ASN L 144 -35.71 -31.57 -29.54
N LYS L 145 -36.15 -32.25 -28.49
CA LYS L 145 -37.47 -32.00 -27.94
C LYS L 145 -37.47 -30.66 -27.20
N PRO L 146 -38.49 -29.83 -27.38
CA PRO L 146 -38.50 -28.53 -26.70
C PRO L 146 -38.47 -28.66 -25.19
N ARG L 147 -37.79 -27.71 -24.57
CA ARG L 147 -37.64 -27.72 -23.12
C ARG L 147 -38.65 -26.78 -22.49
N VAL L 148 -38.81 -26.94 -21.20
CA VAL L 148 -39.75 -26.14 -20.42
C VAL L 148 -38.97 -25.06 -19.71
N ILE L 149 -39.49 -23.84 -19.75
CA ILE L 149 -38.74 -22.68 -19.28
C ILE L 149 -38.19 -22.89 -17.88
N ARG L 150 -38.95 -23.58 -17.04
CA ARG L 150 -38.49 -23.86 -15.69
C ARG L 150 -37.24 -24.72 -15.69
N GLU L 151 -37.16 -25.67 -16.60
CA GLU L 151 -36.13 -26.68 -16.62
C GLU L 151 -34.92 -26.30 -17.46
N VAL L 152 -34.88 -25.09 -18.02
CA VAL L 152 -33.67 -24.59 -18.66
C VAL L 152 -32.85 -23.96 -17.55
N ARG L 153 -31.81 -24.67 -17.12
CA ARG L 153 -31.04 -24.28 -15.96
C ARG L 153 -29.56 -24.19 -16.29
N ALA L 154 -28.72 -24.11 -15.26
CA ALA L 154 -27.30 -23.93 -15.45
C ALA L 154 -26.66 -25.05 -16.26
N ASP L 155 -27.26 -26.23 -16.29
CA ASP L 155 -26.65 -27.29 -17.07
C ASP L 155 -26.81 -27.07 -18.55
N SER L 156 -27.62 -26.10 -18.98
CA SER L 156 -27.79 -25.81 -20.39
C SER L 156 -27.29 -24.43 -20.74
N VAL L 157 -26.43 -23.83 -19.93
CA VAL L 157 -25.82 -22.58 -20.31
C VAL L 157 -24.86 -22.85 -21.45
N GLY L 158 -24.98 -22.07 -22.52
CA GLY L 158 -24.17 -22.22 -23.67
C GLY L 158 -24.72 -23.18 -24.70
N LYS L 159 -25.77 -23.91 -24.38
CA LYS L 159 -26.34 -24.88 -25.30
C LYS L 159 -27.49 -24.24 -26.06
N LEU L 160 -27.72 -24.74 -27.26
CA LEU L 160 -28.88 -24.33 -28.04
C LEU L 160 -30.10 -25.10 -27.56
N VAL L 161 -31.12 -24.38 -27.10
CA VAL L 161 -32.35 -24.96 -26.59
C VAL L 161 -33.53 -24.31 -27.30
N THR L 162 -34.65 -25.00 -27.29
CA THR L 162 -35.90 -24.49 -27.85
C THR L 162 -36.96 -24.52 -26.77
N VAL L 163 -37.61 -23.37 -26.55
CA VAL L 163 -38.64 -23.26 -25.55
C VAL L 163 -39.86 -22.66 -26.20
N ARG L 164 -41.02 -22.90 -25.61
CA ARG L 164 -42.24 -22.27 -26.07
C ARG L 164 -43.05 -21.75 -24.90
N GLY L 165 -43.68 -20.61 -25.11
CA GLY L 165 -44.51 -20.01 -24.08
C GLY L 165 -45.24 -18.83 -24.64
N ILE L 166 -46.01 -18.18 -23.79
CA ILE L 166 -46.73 -16.98 -24.17
C ILE L 166 -45.78 -15.80 -24.01
N VAL L 167 -45.77 -14.91 -25.00
CA VAL L 167 -45.06 -13.65 -24.84
C VAL L 167 -45.89 -12.73 -23.96
N THR L 168 -45.31 -12.28 -22.86
CA THR L 168 -46.01 -11.40 -21.95
C THR L 168 -45.64 -9.94 -22.15
N ARG L 169 -44.49 -9.65 -22.72
CA ARG L 169 -43.95 -8.31 -22.67
C ARG L 169 -42.83 -8.15 -23.66
N VAL L 170 -42.91 -7.16 -24.54
CA VAL L 170 -41.87 -6.89 -25.52
C VAL L 170 -41.50 -5.43 -25.42
N SER L 171 -40.21 -5.13 -25.33
CA SER L 171 -39.79 -3.74 -25.36
C SER L 171 -39.98 -3.18 -26.75
N GLU L 172 -39.69 -1.90 -26.92
CA GLU L 172 -39.70 -1.36 -28.27
C GLU L 172 -38.35 -1.63 -28.92
N VAL L 173 -38.33 -1.63 -30.24
CA VAL L 173 -37.07 -1.82 -30.94
C VAL L 173 -36.23 -0.56 -30.79
N LYS L 174 -35.00 -0.73 -30.35
CA LYS L 174 -34.12 0.38 -30.10
C LYS L 174 -32.71 -0.03 -30.45
N PRO L 175 -31.82 0.93 -30.71
CA PRO L 175 -30.50 0.60 -31.27
C PRO L 175 -29.52 0.16 -30.20
N LYS L 176 -28.96 -1.03 -30.37
CA LYS L 176 -27.94 -1.53 -29.47
C LYS L 176 -26.58 -1.40 -30.12
N MET L 177 -25.65 -0.75 -29.45
CA MET L 177 -24.34 -0.56 -30.01
C MET L 177 -23.61 -1.89 -30.11
N VAL L 178 -23.11 -2.21 -31.28
CA VAL L 178 -22.33 -3.41 -31.50
C VAL L 178 -20.85 -3.10 -31.60
N VAL L 179 -20.49 -2.12 -32.42
CA VAL L 179 -19.14 -1.60 -32.48
C VAL L 179 -19.25 -0.09 -32.34
N ALA L 180 -18.62 0.45 -31.32
CA ALA L 180 -18.56 1.88 -31.16
C ALA L 180 -17.38 2.44 -31.93
N THR L 181 -17.64 3.36 -32.83
CA THR L 181 -16.63 3.97 -33.67
C THR L 181 -16.26 5.33 -33.10
N TYR L 182 -14.98 5.62 -33.10
CA TYR L 182 -14.47 6.90 -32.67
C TYR L 182 -13.61 7.51 -33.75
N THR L 183 -13.61 8.82 -33.81
CA THR L 183 -12.60 9.54 -34.58
C THR L 183 -11.76 10.35 -33.61
N CYS L 184 -10.56 10.69 -34.05
CA CYS L 184 -9.62 11.46 -33.26
C CYS L 184 -9.60 12.90 -33.71
N ASP L 185 -9.15 13.77 -32.82
CA ASP L 185 -8.96 15.16 -33.17
C ASP L 185 -7.58 15.46 -33.69
N GLN L 186 -6.73 14.46 -33.87
CA GLN L 186 -5.39 14.67 -34.38
C GLN L 186 -5.06 13.88 -35.63
N CYS L 187 -5.53 12.64 -35.76
CA CYS L 187 -4.89 11.70 -36.67
C CYS L 187 -5.64 11.48 -37.97
N GLY L 188 -6.92 11.17 -37.91
CA GLY L 188 -7.59 10.74 -39.12
C GLY L 188 -7.83 9.25 -39.21
N ALA L 189 -7.44 8.49 -38.21
CA ALA L 189 -7.80 7.09 -38.11
C ALA L 189 -9.09 6.94 -37.30
N GLU L 190 -9.79 5.83 -37.55
CA GLU L 190 -10.96 5.48 -36.79
C GLU L 190 -10.59 4.43 -35.76
N THR L 191 -11.29 4.45 -34.64
CA THR L 191 -11.07 3.51 -33.56
C THR L 191 -12.36 2.77 -33.33
N TYR L 192 -12.25 1.46 -33.14
CA TYR L 192 -13.40 0.59 -33.00
C TYR L 192 -13.37 -0.10 -31.66
N GLN L 193 -14.51 -0.18 -31.02
CA GLN L 193 -14.66 -0.78 -29.70
C GLN L 193 -15.85 -1.73 -29.78
N PRO L 194 -15.62 -2.99 -30.11
CA PRO L 194 -16.72 -3.95 -30.09
C PRO L 194 -17.29 -4.09 -28.69
N ILE L 195 -18.61 -4.14 -28.61
CA ILE L 195 -19.31 -4.14 -27.33
C ILE L 195 -19.87 -5.53 -27.10
N GLN L 196 -19.47 -6.16 -26.00
CA GLN L 196 -20.04 -7.41 -25.55
C GLN L 196 -20.85 -7.28 -24.29
N SER L 197 -20.43 -6.44 -23.36
CA SER L 197 -21.12 -6.25 -22.10
C SER L 197 -22.36 -5.41 -22.28
N PRO L 198 -23.23 -5.38 -21.26
CA PRO L 198 -24.37 -4.46 -21.28
C PRO L 198 -24.01 -3.02 -21.06
N THR L 199 -22.80 -2.70 -20.60
CA THR L 199 -22.34 -1.33 -20.49
C THR L 199 -20.91 -1.28 -21.01
N PHE L 200 -20.45 -0.08 -21.33
CA PHE L 200 -19.07 0.08 -21.76
C PHE L 200 -18.60 1.46 -21.40
N MET L 201 -17.32 1.58 -21.10
CA MET L 201 -16.71 2.85 -20.86
C MET L 201 -16.16 3.40 -22.17
N PRO L 202 -16.64 4.53 -22.65
CA PRO L 202 -16.13 5.08 -23.91
C PRO L 202 -14.65 5.44 -23.83
N LEU L 203 -13.95 5.21 -24.93
CA LEU L 203 -12.52 5.44 -24.97
C LEU L 203 -12.20 6.92 -24.96
N ILE L 204 -11.00 7.25 -24.51
CA ILE L 204 -10.58 8.63 -24.35
C ILE L 204 -9.44 9.00 -25.30
N MET L 205 -8.47 8.13 -25.47
CA MET L 205 -7.24 8.47 -26.17
C MET L 205 -7.11 7.62 -27.42
N CYS L 206 -6.61 8.20 -28.54
CA CYS L 206 -6.70 7.22 -29.60
C CYS L 206 -5.45 6.37 -29.67
N PRO L 207 -5.59 5.12 -30.10
CA PRO L 207 -4.44 4.21 -30.17
C PRO L 207 -3.79 4.10 -31.54
N SER L 208 -4.16 4.93 -32.50
CA SER L 208 -3.68 4.73 -33.85
C SER L 208 -2.18 4.89 -33.91
N GLN L 209 -1.62 4.39 -35.01
CA GLN L 209 -0.17 4.42 -35.19
C GLN L 209 0.37 5.85 -35.23
N GLU L 210 -0.31 6.74 -35.94
CA GLU L 210 0.17 8.11 -36.06
C GLU L 210 0.19 8.82 -34.72
N CYS L 211 -0.86 8.66 -33.92
CA CYS L 211 -0.91 9.36 -32.66
C CYS L 211 0.02 8.75 -31.64
N GLN L 212 0.46 7.52 -31.85
CA GLN L 212 1.50 6.96 -31.00
C GLN L 212 2.88 7.45 -31.43
N THR L 213 3.14 7.49 -32.75
CA THR L 213 4.39 8.03 -33.24
C THR L 213 4.57 9.48 -32.81
N ASN L 214 3.53 10.28 -32.98
CA ASN L 214 3.63 11.69 -32.65
C ASN L 214 3.59 11.96 -31.16
N ARG L 215 3.21 10.97 -30.35
CA ARG L 215 3.02 11.14 -28.92
C ARG L 215 2.16 12.36 -28.65
N SER L 216 1.10 12.48 -29.43
CA SER L 216 0.21 13.61 -29.33
C SER L 216 -0.93 13.30 -28.37
N GLY L 217 -1.71 14.31 -28.05
CA GLY L 217 -2.84 14.07 -27.20
C GLY L 217 -3.73 13.03 -27.83
N GLY L 218 -4.37 13.37 -28.94
CA GLY L 218 -5.17 12.39 -29.63
C GLY L 218 -6.37 11.93 -28.83
N ARG L 219 -7.18 12.86 -28.38
CA ARG L 219 -8.46 12.51 -27.79
C ARG L 219 -9.43 12.07 -28.87
N LEU L 220 -10.14 11.00 -28.60
CA LEU L 220 -11.08 10.44 -29.55
C LEU L 220 -12.54 10.67 -29.13
N TYR L 221 -13.41 10.76 -30.15
CA TYR L 221 -14.78 11.22 -30.02
C TYR L 221 -15.74 10.15 -30.49
N LEU L 222 -16.61 9.70 -29.61
CA LEU L 222 -17.57 8.66 -29.95
C LEU L 222 -18.64 9.21 -30.86
N GLN L 223 -18.93 8.48 -31.92
CA GLN L 223 -19.94 8.94 -32.85
C GLN L 223 -20.84 7.82 -33.33
N THR L 224 -22.10 8.15 -33.53
CA THR L 224 -23.09 7.20 -33.99
C THR L 224 -22.99 6.95 -35.49
N ARG L 225 -22.37 7.84 -36.23
CA ARG L 225 -22.49 7.80 -37.68
C ARG L 225 -21.67 6.67 -38.28
N GLY L 226 -20.45 6.47 -37.82
CA GLY L 226 -19.72 5.32 -38.31
C GLY L 226 -19.94 4.04 -37.57
N SER L 227 -20.58 4.08 -36.41
CA SER L 227 -20.72 2.94 -35.52
C SER L 227 -21.71 1.93 -36.07
N ARG L 228 -21.69 0.75 -35.47
CA ARG L 228 -22.62 -0.32 -35.80
C ARG L 228 -23.63 -0.46 -34.68
N PHE L 229 -24.89 -0.25 -35.02
CA PHE L 229 -26.00 -0.60 -34.16
C PHE L 229 -26.72 -1.79 -34.74
N ILE L 230 -27.50 -2.44 -33.91
CA ILE L 230 -28.37 -3.51 -34.36
C ILE L 230 -29.74 -3.26 -33.74
N LYS L 231 -30.78 -3.63 -34.48
CA LYS L 231 -32.12 -3.59 -33.91
C LYS L 231 -32.17 -4.52 -32.72
N PHE L 232 -32.50 -3.99 -31.56
CA PHE L 232 -32.50 -4.76 -30.34
C PHE L 232 -33.89 -4.74 -29.73
N GLN L 233 -34.24 -5.82 -29.07
CA GLN L 233 -35.55 -5.88 -28.44
C GLN L 233 -35.50 -6.95 -27.36
N GLU L 234 -36.07 -6.66 -26.21
CA GLU L 234 -36.07 -7.59 -25.10
C GLU L 234 -37.49 -8.03 -24.82
N MET L 235 -37.74 -9.35 -24.82
CA MET L 235 -39.07 -9.79 -24.46
C MET L 235 -39.03 -10.69 -23.24
N LYS L 236 -40.18 -10.81 -22.60
CA LYS L 236 -40.41 -11.77 -21.54
C LYS L 236 -41.38 -12.81 -22.07
N MET L 237 -41.05 -14.06 -21.90
CA MET L 237 -41.85 -15.17 -22.34
C MET L 237 -42.13 -16.03 -21.13
N GLN L 238 -43.28 -16.67 -21.12
CA GLN L 238 -43.85 -17.28 -19.93
C GLN L 238 -44.25 -18.71 -20.21
N GLU L 239 -44.19 -19.56 -19.19
CA GLU L 239 -44.58 -20.95 -19.37
C GLU L 239 -46.03 -21.06 -19.78
N HIS L 240 -46.33 -22.05 -20.61
CA HIS L 240 -47.70 -22.38 -20.91
C HIS L 240 -48.38 -23.01 -19.71
N SER L 241 -49.69 -22.85 -19.62
CA SER L 241 -50.40 -23.25 -18.41
C SER L 241 -50.30 -24.76 -18.19
N ASP L 242 -50.41 -25.55 -19.26
CA ASP L 242 -50.41 -27.00 -19.12
C ASP L 242 -49.03 -27.59 -18.97
N GLN L 243 -48.04 -26.79 -18.62
CA GLN L 243 -46.71 -27.30 -18.37
C GLN L 243 -46.11 -26.67 -17.12
N VAL L 244 -46.96 -26.15 -16.23
CA VAL L 244 -46.58 -25.63 -14.93
C VAL L 244 -46.81 -26.74 -13.91
N PRO L 245 -45.95 -26.91 -12.91
CA PRO L 245 -46.25 -27.84 -11.83
C PRO L 245 -47.55 -27.51 -11.12
N VAL L 246 -48.00 -28.35 -10.19
CA VAL L 246 -49.40 -28.29 -9.77
C VAL L 246 -49.67 -27.01 -8.99
N GLY L 247 -48.95 -26.76 -7.92
CA GLY L 247 -49.33 -25.64 -7.11
C GLY L 247 -48.66 -24.34 -7.49
N ASN L 248 -48.13 -24.27 -8.69
CA ASN L 248 -47.18 -23.22 -9.05
C ASN L 248 -47.80 -22.15 -9.95
N ILE L 249 -47.01 -21.11 -10.15
CA ILE L 249 -47.30 -20.06 -11.12
C ILE L 249 -46.32 -20.26 -12.28
N PRO L 250 -46.62 -19.76 -13.48
CA PRO L 250 -45.70 -19.90 -14.60
C PRO L 250 -44.43 -19.09 -14.43
N ARG L 251 -43.35 -19.63 -14.96
CA ARG L 251 -42.04 -19.01 -14.89
C ARG L 251 -41.74 -18.26 -16.19
N SER L 252 -41.07 -17.13 -16.07
CA SER L 252 -40.64 -16.33 -17.20
C SER L 252 -39.19 -16.60 -17.57
N ILE L 253 -38.84 -16.21 -18.78
CA ILE L 253 -37.46 -16.16 -19.23
C ILE L 253 -37.29 -14.91 -20.07
N THR L 254 -36.16 -14.24 -19.90
CA THR L 254 -35.83 -13.11 -20.73
C THR L 254 -35.25 -13.61 -22.04
N VAL L 255 -35.82 -13.16 -23.14
CA VAL L 255 -35.32 -13.45 -24.47
C VAL L 255 -34.80 -12.14 -25.04
N LEU L 256 -33.52 -12.12 -25.40
CA LEU L 256 -32.92 -10.97 -26.04
C LEU L 256 -33.00 -11.18 -27.55
N VAL L 257 -33.77 -10.34 -28.21
CA VAL L 257 -34.04 -10.47 -29.63
C VAL L 257 -33.34 -9.32 -30.33
N GLU L 258 -32.48 -9.64 -31.28
CA GLU L 258 -31.81 -8.59 -32.00
C GLU L 258 -31.84 -8.88 -33.50
N GLY L 259 -31.64 -7.84 -34.27
CA GLY L 259 -31.47 -8.02 -35.70
C GLY L 259 -32.77 -8.25 -36.40
N GLU L 260 -32.79 -9.26 -37.25
CA GLU L 260 -33.97 -9.54 -38.08
C GLU L 260 -35.02 -10.34 -37.35
N ASN L 261 -34.75 -10.81 -36.15
CA ASN L 261 -35.78 -11.46 -35.36
C ASN L 261 -36.65 -10.48 -34.61
N THR L 262 -36.34 -9.21 -34.63
CA THR L 262 -37.17 -8.22 -33.98
C THR L 262 -38.47 -8.04 -34.74
N ARG L 263 -39.46 -7.51 -34.03
CA ARG L 263 -40.76 -7.18 -34.56
C ARG L 263 -41.55 -8.40 -35.00
N ILE L 264 -41.24 -9.57 -34.48
CA ILE L 264 -42.03 -10.75 -34.77
C ILE L 264 -43.04 -10.97 -33.66
N ALA L 265 -42.54 -11.22 -32.47
CA ALA L 265 -43.40 -11.46 -31.33
C ALA L 265 -43.98 -10.16 -30.80
N GLN L 266 -45.27 -10.14 -30.54
CA GLN L 266 -45.96 -9.13 -29.77
C GLN L 266 -46.49 -9.76 -28.50
N PRO L 267 -46.72 -8.98 -27.45
CA PRO L 267 -47.27 -9.57 -26.23
C PRO L 267 -48.62 -10.21 -26.48
N GLY L 268 -48.82 -11.37 -25.88
CA GLY L 268 -49.96 -12.20 -26.14
C GLY L 268 -49.70 -13.33 -27.10
N ASP L 269 -48.57 -13.34 -27.79
CA ASP L 269 -48.29 -14.36 -28.79
C ASP L 269 -47.79 -15.63 -28.16
N HIS L 270 -48.24 -16.76 -28.70
CA HIS L 270 -47.65 -18.06 -28.41
C HIS L 270 -46.52 -18.27 -29.40
N VAL L 271 -45.32 -18.52 -28.90
CA VAL L 271 -44.14 -18.61 -29.74
C VAL L 271 -43.29 -19.80 -29.34
N SER L 272 -42.48 -20.24 -30.28
CA SER L 272 -41.41 -21.20 -30.02
C SER L 272 -40.11 -20.50 -30.34
N VAL L 273 -39.22 -20.39 -29.36
CA VAL L 273 -37.97 -19.69 -29.52
C VAL L 273 -36.83 -20.69 -29.47
N THR L 274 -35.96 -20.65 -30.47
CA THR L 274 -34.72 -21.39 -30.48
C THR L 274 -33.59 -20.41 -30.23
N GLY L 275 -32.69 -20.76 -29.34
CA GLY L 275 -31.61 -19.83 -29.06
C GLY L 275 -30.62 -20.44 -28.09
N ILE L 276 -29.61 -19.66 -27.75
CA ILE L 276 -28.59 -20.09 -26.80
C ILE L 276 -28.92 -19.53 -25.44
N PHE L 277 -28.93 -20.39 -24.44
CA PHE L 277 -29.09 -19.97 -23.07
C PHE L 277 -27.77 -19.40 -22.55
N LEU L 278 -27.75 -18.13 -22.22
CA LEU L 278 -26.48 -17.46 -22.00
C LEU L 278 -26.51 -16.63 -20.73
N PRO L 279 -25.36 -16.41 -20.11
CA PRO L 279 -25.31 -15.60 -18.89
C PRO L 279 -24.94 -14.14 -19.09
N ILE L 280 -25.37 -13.27 -18.18
CA ILE L 280 -24.92 -11.89 -18.10
C ILE L 280 -24.30 -11.68 -16.74
N LEU L 281 -23.06 -11.17 -16.71
CA LEU L 281 -22.18 -11.39 -15.56
C LEU L 281 -22.76 -10.88 -14.24
N ARG L 282 -23.63 -9.88 -14.26
CA ARG L 282 -24.28 -9.46 -13.02
C ARG L 282 -23.30 -8.95 -11.98
N THR L 283 -22.14 -8.47 -12.41
CA THR L 283 -21.22 -7.86 -11.48
C THR L 283 -21.66 -6.45 -11.14
N GLY L 284 -21.28 -6.00 -9.95
CA GLY L 284 -21.58 -4.64 -9.54
C GLY L 284 -22.31 -4.53 -8.21
N PHE L 285 -23.27 -5.43 -7.97
CA PHE L 285 -24.10 -5.35 -6.78
C PHE L 285 -23.25 -5.53 -5.53
N ARG L 286 -23.89 -5.28 -4.38
CA ARG L 286 -23.31 -5.65 -3.10
C ARG L 286 -23.66 -7.12 -2.85
N GLN L 287 -23.02 -7.97 -3.66
CA GLN L 287 -23.43 -9.37 -3.71
C GLN L 287 -23.28 -10.01 -2.33
N VAL L 288 -24.34 -10.67 -1.89
CA VAL L 288 -24.30 -11.33 -0.60
C VAL L 288 -23.26 -12.45 -0.62
N VAL L 289 -23.21 -13.21 -1.70
CA VAL L 289 -22.44 -14.43 -1.78
C VAL L 289 -21.25 -14.21 -2.69
N GLN L 290 -20.09 -14.69 -2.27
CA GLN L 290 -18.92 -14.71 -3.13
C GLN L 290 -19.09 -15.74 -4.25
N GLY L 291 -18.57 -15.42 -5.41
CA GLY L 291 -18.76 -16.24 -6.58
C GLY L 291 -19.21 -15.39 -7.75
N LEU L 292 -19.09 -15.92 -8.96
CA LEU L 292 -19.44 -15.19 -10.16
C LEU L 292 -20.86 -15.56 -10.57
N LEU L 293 -21.82 -14.98 -9.86
CA LEU L 293 -23.23 -15.15 -10.16
C LEU L 293 -23.62 -14.30 -11.36
N SER L 294 -24.60 -14.77 -12.13
CA SER L 294 -24.97 -14.05 -13.33
C SER L 294 -26.45 -14.29 -13.64
N GLU L 295 -27.04 -13.34 -14.34
CA GLU L 295 -28.40 -13.52 -14.83
C GLU L 295 -28.38 -14.39 -16.08
N THR L 296 -29.55 -14.73 -16.58
CA THR L 296 -29.64 -15.57 -17.74
C THR L 296 -30.63 -14.99 -18.73
N TYR L 297 -30.46 -15.39 -19.97
CA TYR L 297 -31.36 -14.98 -21.03
C TYR L 297 -31.21 -15.99 -22.14
N LEU L 298 -32.20 -16.02 -23.00
CA LEU L 298 -32.16 -16.79 -24.21
C LEU L 298 -31.86 -15.83 -25.34
N GLU L 299 -30.70 -16.01 -25.97
CA GLU L 299 -30.36 -15.22 -27.15
C GLU L 299 -31.10 -15.82 -28.32
N ALA L 300 -32.14 -15.15 -28.79
CA ALA L 300 -33.04 -15.74 -29.76
C ALA L 300 -32.35 -15.94 -31.09
N HIS L 301 -32.53 -17.11 -31.67
CA HIS L 301 -32.09 -17.38 -33.03
C HIS L 301 -33.24 -17.51 -33.99
N ARG L 302 -34.25 -18.28 -33.63
CA ARG L 302 -35.44 -18.42 -34.45
C ARG L 302 -36.64 -18.20 -33.55
N ILE L 303 -37.54 -17.32 -33.95
CA ILE L 303 -38.77 -17.08 -33.23
C ILE L 303 -39.89 -17.46 -34.17
N VAL L 304 -40.75 -18.38 -33.72
CA VAL L 304 -41.82 -18.90 -34.54
C VAL L 304 -43.10 -18.74 -33.75
N LYS L 305 -44.02 -17.92 -34.25
CA LYS L 305 -45.35 -17.90 -33.67
C LYS L 305 -46.06 -19.20 -33.97
N MET L 306 -46.89 -19.66 -33.05
CA MET L 306 -47.54 -20.90 -33.38
C MET L 306 -48.80 -21.11 -32.56
N ASN L 307 -49.64 -22.00 -33.07
CA ASN L 307 -50.68 -22.78 -32.43
C ASN L 307 -51.91 -21.95 -32.12
N LYS L 308 -51.85 -20.66 -32.16
CA LYS L 308 -52.99 -19.78 -32.32
C LYS L 308 -52.67 -18.56 -33.14
N SER L 309 -51.39 -18.17 -33.18
CA SER L 309 -50.89 -17.02 -33.90
C SER L 309 -49.95 -17.46 -35.00
N GLU L 310 -50.23 -18.62 -35.59
CA GLU L 310 -49.44 -19.12 -36.70
C GLU L 310 -49.36 -18.08 -37.80
N ASP L 311 -48.19 -17.94 -38.38
CA ASP L 311 -47.88 -16.86 -39.30
C ASP L 311 -47.77 -17.32 -40.74
N ASP L 312 -46.92 -18.32 -41.02
CA ASP L 312 -46.50 -18.60 -42.39
C ASP L 312 -47.67 -18.98 -43.29
N GLU L 313 -48.71 -19.58 -42.70
CA GLU L 313 -49.89 -19.95 -43.48
C GLU L 313 -50.54 -18.73 -44.12
N SER L 314 -50.40 -17.57 -43.50
CA SER L 314 -51.01 -16.34 -44.03
C SER L 314 -50.40 -15.99 -45.38
N GLY L 315 -49.07 -16.00 -45.47
CA GLY L 315 -48.39 -15.78 -46.73
C GLY L 315 -48.42 -16.98 -47.66
N ALA L 316 -48.88 -18.13 -47.17
CA ALA L 316 -49.01 -19.36 -47.96
C ALA L 316 -50.46 -19.64 -48.32
N GLY L 317 -51.24 -18.60 -48.67
CA GLY L 317 -52.65 -18.79 -48.91
C GLY L 317 -52.93 -19.78 -50.02
N GLU L 318 -52.06 -19.81 -51.03
CA GLU L 318 -52.10 -20.88 -52.02
C GLU L 318 -51.95 -22.23 -51.34
N LEU L 319 -52.82 -23.17 -51.71
CA LEU L 319 -52.91 -24.44 -51.01
C LEU L 319 -53.32 -25.51 -52.02
N THR L 320 -53.82 -26.64 -51.51
CA THR L 320 -54.17 -27.74 -52.37
C THR L 320 -55.44 -27.42 -53.15
N ARG L 321 -55.69 -28.22 -54.17
CA ARG L 321 -56.95 -28.12 -54.92
C ARG L 321 -58.15 -28.42 -54.03
N GLU L 322 -57.93 -29.21 -52.98
CA GLU L 322 -59.01 -29.52 -52.05
C GLU L 322 -59.60 -28.24 -51.48
N GLU L 323 -58.80 -27.46 -50.76
CA GLU L 323 -59.33 -26.27 -50.13
C GLU L 323 -60.04 -25.37 -51.15
N LEU L 324 -59.58 -25.37 -52.40
CA LEU L 324 -60.35 -24.74 -53.46
C LEU L 324 -61.74 -25.35 -53.55
N ARG L 325 -61.85 -26.67 -53.51
CA ARG L 325 -63.15 -27.29 -53.73
C ARG L 325 -64.07 -27.14 -52.52
N GLN L 326 -63.53 -27.16 -51.30
CA GLN L 326 -64.42 -26.89 -50.16
C GLN L 326 -64.85 -25.42 -50.12
N ILE L 327 -63.93 -24.48 -50.37
CA ILE L 327 -64.37 -23.09 -50.36
C ILE L 327 -65.39 -22.85 -51.47
N ALA L 328 -65.26 -23.53 -52.59
CA ALA L 328 -66.24 -23.36 -53.66
C ALA L 328 -67.59 -23.95 -53.30
N GLU L 329 -67.64 -24.89 -52.35
CA GLU L 329 -68.89 -25.56 -52.04
C GLU L 329 -69.91 -24.60 -51.43
N GLU L 330 -71.18 -24.95 -51.60
CA GLU L 330 -72.27 -24.11 -51.11
C GLU L 330 -72.50 -24.26 -49.62
N ASP L 331 -72.28 -25.45 -49.07
CA ASP L 331 -72.44 -25.71 -47.65
C ASP L 331 -71.17 -25.43 -46.86
N PHE L 332 -70.27 -24.62 -47.41
CA PHE L 332 -69.05 -24.29 -46.72
C PHE L 332 -69.32 -23.52 -45.43
N TYR L 333 -70.28 -22.61 -45.48
CA TYR L 333 -70.63 -21.83 -44.30
C TYR L 333 -71.16 -22.72 -43.19
N GLU L 334 -72.00 -23.68 -43.55
CA GLU L 334 -72.52 -24.63 -42.58
C GLU L 334 -71.41 -25.53 -42.04
N LYS L 335 -70.48 -25.93 -42.89
CA LYS L 335 -69.39 -26.78 -42.43
C LYS L 335 -68.45 -26.04 -41.49
N LEU L 336 -68.15 -24.78 -41.79
CA LEU L 336 -67.33 -23.99 -40.88
C LEU L 336 -68.04 -23.72 -39.58
N ALA L 337 -69.34 -23.44 -39.63
CA ALA L 337 -70.08 -23.22 -38.41
C ALA L 337 -70.12 -24.47 -37.55
N ALA L 338 -70.36 -25.63 -38.17
CA ALA L 338 -70.41 -26.87 -37.41
C ALA L 338 -69.06 -27.24 -36.81
N SER L 339 -67.97 -26.75 -37.39
CA SER L 339 -66.65 -27.09 -36.87
C SER L 339 -66.28 -26.30 -35.64
N ILE L 340 -67.07 -25.30 -35.27
CA ILE L 340 -66.81 -24.50 -34.08
C ILE L 340 -67.24 -25.31 -32.87
N ALA L 341 -66.29 -25.70 -32.04
CA ALA L 341 -66.54 -26.48 -30.83
C ALA L 341 -67.45 -27.64 -31.12
N PRO L 342 -66.97 -28.67 -31.82
CA PRO L 342 -67.82 -29.82 -32.12
C PRO L 342 -68.21 -30.61 -30.88
N GLU L 343 -67.49 -30.46 -29.77
CA GLU L 343 -67.86 -31.18 -28.56
C GLU L 343 -69.11 -30.63 -27.92
N ILE L 344 -69.39 -29.35 -28.11
CA ILE L 344 -70.66 -28.77 -27.69
C ILE L 344 -71.75 -29.13 -28.68
N TYR L 345 -72.84 -29.68 -28.17
CA TYR L 345 -73.94 -30.19 -28.96
C TYR L 345 -74.96 -29.10 -29.20
N GLY L 346 -75.51 -29.05 -30.40
CA GLY L 346 -76.51 -28.06 -30.65
C GLY L 346 -75.88 -26.69 -30.81
N HIS L 347 -76.69 -25.67 -30.58
CA HIS L 347 -76.29 -24.27 -30.77
C HIS L 347 -75.78 -24.04 -32.18
N GLU L 348 -76.48 -24.57 -33.18
CA GLU L 348 -76.01 -24.43 -34.55
C GLU L 348 -76.01 -22.97 -34.98
N ASP L 349 -77.08 -22.26 -34.69
CA ASP L 349 -77.16 -20.86 -35.08
C ASP L 349 -76.20 -20.00 -34.27
N VAL L 350 -75.99 -20.34 -33.00
CA VAL L 350 -75.00 -19.65 -32.20
C VAL L 350 -73.63 -19.79 -32.82
N LYS L 351 -73.30 -20.99 -33.28
CA LYS L 351 -72.01 -21.20 -33.91
C LYS L 351 -71.90 -20.48 -35.24
N LYS L 352 -73.00 -20.38 -35.99
CA LYS L 352 -72.99 -19.57 -37.20
C LYS L 352 -72.68 -18.11 -36.90
N ALA L 353 -73.33 -17.57 -35.86
CA ALA L 353 -73.05 -16.20 -35.45
C ALA L 353 -71.61 -16.03 -34.99
N LEU L 354 -71.09 -17.02 -34.26
CA LEU L 354 -69.72 -16.93 -33.80
C LEU L 354 -68.74 -16.93 -34.96
N LEU L 355 -69.03 -17.72 -35.98
CA LEU L 355 -68.20 -17.69 -37.18
C LEU L 355 -68.27 -16.33 -37.85
N LEU L 356 -69.44 -15.70 -37.81
CA LEU L 356 -69.54 -14.35 -38.36
C LEU L 356 -68.70 -13.36 -37.57
N LEU L 357 -68.70 -13.48 -36.24
CA LEU L 357 -67.82 -12.64 -35.41
C LEU L 357 -66.36 -12.88 -35.73
N LEU L 358 -65.98 -14.12 -35.98
CA LEU L 358 -64.59 -14.40 -36.34
C LEU L 358 -64.23 -13.78 -37.68
N VAL L 359 -65.09 -13.93 -38.67
CA VAL L 359 -64.84 -13.35 -39.99
C VAL L 359 -64.99 -11.83 -39.95
N GLY L 360 -66.06 -11.33 -39.34
CA GLY L 360 -66.26 -9.92 -39.23
C GLY L 360 -66.74 -9.28 -40.51
N GLY L 361 -67.26 -8.07 -40.38
CA GLY L 361 -67.64 -7.28 -41.53
C GLY L 361 -66.52 -6.36 -41.99
N VAL L 362 -66.89 -5.43 -42.86
CA VAL L 362 -65.93 -4.54 -43.48
C VAL L 362 -66.01 -3.17 -42.82
N ASP L 363 -64.86 -2.61 -42.48
CA ASP L 363 -64.80 -1.29 -41.87
C ASP L 363 -65.00 -0.22 -42.94
N GLN L 364 -65.84 0.76 -42.64
CA GLN L 364 -66.11 1.86 -43.54
C GLN L 364 -65.43 3.12 -43.03
N SER L 365 -64.93 3.95 -43.94
CA SER L 365 -64.33 5.23 -43.61
C SER L 365 -64.86 6.31 -44.54
N PRO L 366 -66.13 6.65 -44.42
CA PRO L 366 -66.71 7.66 -45.32
C PRO L 366 -66.53 9.09 -44.84
N ARG L 367 -65.77 9.89 -45.59
CA ARG L 367 -65.60 11.32 -45.30
C ARG L 367 -65.34 11.57 -43.83
N GLY L 368 -64.44 10.79 -43.26
CA GLY L 368 -64.07 10.94 -41.87
C GLY L 368 -65.16 10.67 -40.87
N MET L 369 -65.82 9.51 -40.97
CA MET L 369 -66.80 9.13 -39.96
C MET L 369 -66.82 7.61 -39.93
N LYS L 370 -66.01 7.04 -39.04
CA LYS L 370 -65.69 5.61 -39.13
C LYS L 370 -66.80 4.73 -38.58
N ILE L 371 -67.19 3.73 -39.37
CA ILE L 371 -68.10 2.69 -38.94
C ILE L 371 -67.32 1.39 -38.92
N ARG L 372 -67.35 0.69 -37.81
CA ARG L 372 -66.49 -0.47 -37.65
C ARG L 372 -67.21 -1.70 -38.14
N GLY L 373 -66.47 -2.58 -38.79
CA GLY L 373 -67.05 -3.80 -39.28
C GLY L 373 -67.07 -4.93 -38.28
N ASN L 374 -66.62 -4.70 -37.07
CA ASN L 374 -66.61 -5.74 -36.05
C ASN L 374 -68.04 -6.12 -35.67
N ILE L 375 -68.26 -7.42 -35.51
CA ILE L 375 -69.49 -7.92 -34.89
C ILE L 375 -69.21 -8.21 -33.43
N ASN L 376 -70.01 -7.63 -32.56
CA ASN L 376 -69.97 -7.93 -31.14
C ASN L 376 -71.18 -8.79 -30.80
N ILE L 377 -70.95 -9.86 -30.07
CA ILE L 377 -72.00 -10.79 -29.70
C ILE L 377 -72.02 -10.98 -28.20
N CYS L 378 -73.21 -11.06 -27.62
CA CYS L 378 -73.38 -11.41 -26.21
C CYS L 378 -74.23 -12.66 -26.14
N LEU L 379 -73.71 -13.69 -25.48
CA LEU L 379 -74.49 -14.90 -25.19
C LEU L 379 -75.11 -14.74 -23.83
N MET L 380 -76.35 -14.29 -23.79
CA MET L 380 -77.13 -14.16 -22.56
C MET L 380 -77.88 -15.46 -22.33
N GLY L 381 -77.41 -16.30 -21.43
CA GLY L 381 -77.92 -17.64 -21.35
C GLY L 381 -78.14 -18.11 -19.93
N ASP L 382 -78.81 -19.26 -19.83
CA ASP L 382 -79.05 -19.92 -18.58
C ASP L 382 -77.77 -20.54 -18.04
N PRO L 383 -77.76 -20.98 -16.79
CA PRO L 383 -76.59 -21.71 -16.28
C PRO L 383 -76.33 -22.98 -17.06
N GLY L 384 -75.06 -23.30 -17.26
CA GLY L 384 -74.67 -24.57 -17.83
C GLY L 384 -75.17 -24.86 -19.23
N VAL L 385 -75.16 -23.86 -20.09
CA VAL L 385 -75.56 -24.02 -21.48
C VAL L 385 -74.36 -23.92 -22.41
N ALA L 386 -73.15 -24.04 -21.86
CA ALA L 386 -71.89 -24.06 -22.59
C ALA L 386 -71.48 -22.71 -23.14
N LYS L 387 -71.84 -21.61 -22.47
CA LYS L 387 -71.38 -20.29 -22.89
C LYS L 387 -69.88 -20.15 -22.70
N SER L 388 -69.37 -20.52 -21.53
CA SER L 388 -67.94 -20.44 -21.27
C SER L 388 -67.16 -21.38 -22.18
N GLN L 389 -67.72 -22.53 -22.53
CA GLN L 389 -67.00 -23.45 -23.41
C GLN L 389 -66.85 -22.88 -24.81
N LEU L 390 -67.91 -22.27 -25.33
CA LEU L 390 -67.83 -21.60 -26.61
C LEU L 390 -66.84 -20.45 -26.58
N LEU L 391 -66.86 -19.67 -25.49
CA LEU L 391 -65.92 -18.56 -25.39
C LEU L 391 -64.48 -19.05 -25.33
N SER L 392 -64.23 -20.08 -24.54
CA SER L 392 -62.88 -20.62 -24.42
C SER L 392 -62.42 -21.20 -25.74
N TYR L 393 -63.32 -21.85 -26.48
CA TYR L 393 -62.97 -22.34 -27.81
C TYR L 393 -62.59 -21.20 -28.72
N ILE L 394 -63.44 -20.16 -28.80
CA ILE L 394 -63.17 -19.02 -29.67
C ILE L 394 -61.86 -18.36 -29.29
N ASP L 395 -61.52 -18.35 -28.01
CA ASP L 395 -60.22 -17.85 -27.59
C ASP L 395 -59.10 -18.71 -28.16
N ARG L 396 -59.26 -20.03 -28.10
CA ARG L 396 -58.21 -20.90 -28.62
C ARG L 396 -58.12 -20.88 -30.14
N LEU L 397 -59.15 -20.36 -30.80
CA LEU L 397 -59.20 -20.36 -32.26
C LEU L 397 -58.71 -19.06 -32.87
N ALA L 398 -59.19 -17.92 -32.40
CA ALA L 398 -58.94 -16.67 -33.09
C ALA L 398 -57.48 -16.25 -32.97
N PRO L 399 -56.90 -15.65 -34.01
CA PRO L 399 -55.47 -15.31 -33.98
C PRO L 399 -55.05 -14.34 -32.89
N ARG L 400 -55.84 -13.31 -32.58
CA ARG L 400 -55.47 -12.36 -31.54
C ARG L 400 -56.62 -12.30 -30.56
N SER L 401 -56.66 -13.22 -29.62
CA SER L 401 -57.81 -13.35 -28.75
C SER L 401 -57.36 -13.36 -27.30
N GLN L 402 -58.06 -12.60 -26.48
CA GLN L 402 -57.86 -12.60 -25.04
C GLN L 402 -59.16 -13.04 -24.38
N TYR L 403 -59.02 -13.82 -23.33
CA TYR L 403 -60.16 -14.34 -22.59
C TYR L 403 -60.16 -13.72 -21.20
N THR L 404 -61.30 -13.16 -20.81
CA THR L 404 -61.43 -12.43 -19.56
C THR L 404 -62.64 -12.92 -18.81
N THR L 405 -62.46 -13.35 -17.58
CA THR L 405 -63.58 -13.68 -16.72
C THR L 405 -63.87 -12.48 -15.83
N GLY L 406 -64.66 -12.66 -14.78
CA GLY L 406 -65.25 -11.58 -14.04
C GLY L 406 -64.38 -10.41 -13.64
N ARG L 407 -63.44 -10.62 -12.71
CA ARG L 407 -62.68 -9.50 -12.17
C ARG L 407 -61.22 -9.82 -11.93
N GLY L 408 -60.70 -10.94 -12.42
CA GLY L 408 -59.28 -11.13 -12.40
C GLY L 408 -58.57 -10.16 -13.34
N SER L 409 -59.12 -9.98 -14.53
CA SER L 409 -58.63 -9.01 -15.50
C SER L 409 -59.46 -7.73 -15.49
N SER L 410 -59.62 -7.11 -14.35
CA SER L 410 -60.39 -5.88 -14.30
C SER L 410 -59.47 -4.68 -14.24
N GLY L 411 -60.03 -3.52 -14.52
CA GLY L 411 -59.28 -2.30 -14.41
C GLY L 411 -58.21 -2.18 -15.45
N VAL L 412 -56.95 -2.07 -15.04
CA VAL L 412 -55.86 -2.01 -16.00
C VAL L 412 -55.55 -3.37 -16.58
N GLY L 413 -56.23 -4.41 -16.15
CA GLY L 413 -56.12 -5.67 -16.81
C GLY L 413 -56.85 -5.74 -18.11
N LEU L 414 -57.71 -4.77 -18.39
CA LEU L 414 -58.36 -4.60 -19.68
C LEU L 414 -57.78 -3.45 -20.46
N THR L 415 -57.50 -2.38 -19.77
CA THR L 415 -57.05 -1.11 -20.32
C THR L 415 -55.52 -1.16 -20.31
N ALA L 416 -54.83 -0.04 -20.42
CA ALA L 416 -53.38 -0.03 -20.30
C ALA L 416 -52.96 0.41 -18.91
N ALA L 417 -51.67 0.27 -18.65
CA ALA L 417 -51.04 0.85 -17.47
C ALA L 417 -49.63 1.27 -17.83
N VAL L 418 -49.14 2.25 -17.11
CA VAL L 418 -47.74 2.67 -17.24
C VAL L 418 -46.89 1.85 -16.30
N LEU L 419 -45.84 1.27 -16.83
CA LEU L 419 -44.99 0.37 -16.07
C LEU L 419 -43.55 0.69 -16.45
N ARG L 420 -42.65 0.51 -15.49
CA ARG L 420 -41.24 0.76 -15.75
C ARG L 420 -40.66 -0.29 -16.69
N ASP L 421 -39.76 0.15 -17.58
CA ASP L 421 -39.01 -0.75 -18.45
C ASP L 421 -37.62 -1.04 -17.86
N SER L 422 -36.77 -1.68 -18.65
CA SER L 422 -35.40 -1.97 -18.22
C SER L 422 -34.35 -1.48 -19.19
N VAL L 423 -34.63 -1.52 -20.49
CA VAL L 423 -33.65 -1.08 -21.47
C VAL L 423 -33.42 0.42 -21.34
N SER L 424 -34.45 1.19 -21.01
CA SER L 424 -34.34 2.63 -20.85
C SER L 424 -34.74 3.13 -19.47
N GLY L 425 -35.33 2.29 -18.63
CA GLY L 425 -35.65 2.70 -17.28
C GLY L 425 -36.73 3.74 -17.16
N GLU L 426 -37.38 4.09 -18.25
CA GLU L 426 -38.45 5.06 -18.18
C GLU L 426 -39.77 4.32 -18.01
N LEU L 427 -40.86 5.03 -18.25
CA LEU L 427 -42.20 4.54 -18.00
C LEU L 427 -42.83 4.16 -19.33
N THR L 428 -42.95 2.87 -19.58
CA THR L 428 -43.61 2.40 -20.77
C THR L 428 -45.06 2.07 -20.48
N LEU L 429 -45.86 2.12 -21.53
CA LEU L 429 -47.28 1.84 -21.48
C LEU L 429 -47.50 0.39 -21.90
N GLU L 430 -48.19 -0.38 -21.06
CA GLU L 430 -48.47 -1.77 -21.35
C GLU L 430 -49.98 -1.94 -21.46
N GLY L 431 -50.41 -2.61 -22.48
CA GLY L 431 -51.83 -2.83 -22.66
C GLY L 431 -52.32 -4.05 -21.96
N GLY L 432 -53.61 -4.03 -21.65
CA GLY L 432 -54.30 -5.14 -21.08
C GLY L 432 -55.01 -5.94 -22.13
N ALA L 433 -56.10 -6.58 -21.73
CA ALA L 433 -56.79 -7.51 -22.60
C ALA L 433 -57.34 -6.84 -23.84
N LEU L 434 -57.85 -5.63 -23.70
CA LEU L 434 -58.43 -4.97 -24.87
C LEU L 434 -57.35 -4.51 -25.84
N VAL L 435 -56.15 -4.23 -25.35
CA VAL L 435 -55.04 -3.91 -26.23
C VAL L 435 -54.35 -5.16 -26.74
N LEU L 436 -54.18 -6.18 -25.92
CA LEU L 436 -53.62 -7.45 -26.39
C LEU L 436 -54.51 -8.12 -27.42
N ALA L 437 -55.75 -7.71 -27.53
CA ALA L 437 -56.67 -8.23 -28.53
C ALA L 437 -57.04 -7.13 -29.52
N ASP L 438 -56.08 -6.28 -29.90
CA ASP L 438 -56.41 -5.06 -30.59
C ASP L 438 -57.13 -5.32 -31.89
N GLN L 439 -56.70 -6.27 -32.67
CA GLN L 439 -57.45 -6.55 -33.89
C GLN L 439 -57.93 -7.98 -33.92
N GLY L 440 -58.44 -8.44 -32.79
CA GLY L 440 -59.02 -9.75 -32.68
C GLY L 440 -60.23 -9.74 -31.79
N VAL L 441 -60.39 -10.80 -31.01
CA VAL L 441 -61.58 -11.00 -30.19
C VAL L 441 -61.19 -10.91 -28.73
N CYS L 442 -62.01 -10.27 -27.93
CA CYS L 442 -61.86 -10.30 -26.49
C CYS L 442 -63.09 -10.97 -25.92
N CYS L 443 -62.90 -12.15 -25.35
CA CYS L 443 -64.00 -12.94 -24.79
C CYS L 443 -64.19 -12.53 -23.33
N ILE L 444 -65.28 -11.82 -23.05
CA ILE L 444 -65.60 -11.38 -21.70
C ILE L 444 -66.60 -12.36 -21.11
N ASP L 445 -66.12 -13.26 -20.27
CA ASP L 445 -67.02 -14.12 -19.52
C ASP L 445 -67.58 -13.38 -18.33
N GLU L 446 -68.76 -13.81 -17.88
CA GLU L 446 -69.47 -13.18 -16.76
C GLU L 446 -69.60 -11.68 -16.97
N PHE L 447 -70.10 -11.32 -18.15
CA PHE L 447 -70.18 -9.91 -18.51
C PHE L 447 -71.04 -9.13 -17.54
N ASP L 448 -72.07 -9.76 -16.99
CA ASP L 448 -73.00 -9.03 -16.13
C ASP L 448 -72.41 -8.72 -14.77
N LYS L 449 -71.42 -9.49 -14.33
CA LYS L 449 -70.78 -9.30 -13.04
C LYS L 449 -69.48 -8.52 -13.16
N MET L 450 -69.45 -7.57 -14.07
CA MET L 450 -68.27 -6.80 -14.44
C MET L 450 -68.33 -5.43 -13.77
N ALA L 451 -67.18 -4.87 -13.46
CA ALA L 451 -67.17 -3.59 -12.77
C ALA L 451 -67.72 -2.49 -13.66
N GLU L 452 -68.36 -1.50 -13.05
CA GLU L 452 -68.99 -0.45 -13.83
C GLU L 452 -67.98 0.39 -14.58
N ALA L 453 -66.79 0.59 -14.04
CA ALA L 453 -65.77 1.31 -14.78
C ALA L 453 -65.40 0.57 -16.04
N ASP L 454 -65.31 -0.76 -15.95
CA ASP L 454 -64.95 -1.57 -17.09
C ASP L 454 -66.08 -1.65 -18.10
N ARG L 455 -67.32 -1.65 -17.64
CA ARG L 455 -68.45 -1.56 -18.56
C ARG L 455 -68.43 -0.24 -19.33
N THR L 456 -68.08 0.85 -18.66
CA THR L 456 -67.97 2.12 -19.36
C THR L 456 -66.84 2.08 -20.40
N ALA L 457 -65.69 1.53 -20.02
CA ALA L 457 -64.60 1.39 -20.97
C ALA L 457 -65.03 0.55 -22.17
N ILE L 458 -65.82 -0.50 -21.92
CA ILE L 458 -66.30 -1.35 -23.00
C ILE L 458 -67.26 -0.60 -23.90
N HIS L 459 -68.06 0.30 -23.34
CA HIS L 459 -68.86 1.18 -24.19
C HIS L 459 -67.99 1.85 -25.24
N GLU L 460 -66.96 2.54 -24.75
CA GLU L 460 -66.20 3.39 -25.65
C GLU L 460 -65.37 2.56 -26.61
N VAL L 461 -64.93 1.38 -26.17
CA VAL L 461 -64.24 0.45 -27.07
C VAL L 461 -65.17 -0.04 -28.15
N MET L 462 -66.37 -0.44 -27.78
CA MET L 462 -67.26 -1.10 -28.71
C MET L 462 -67.70 -0.16 -29.81
N GLU L 463 -67.89 1.12 -29.49
CA GLU L 463 -68.30 2.00 -30.58
C GLU L 463 -67.15 2.76 -31.22
N GLN L 464 -66.32 3.46 -30.44
CA GLN L 464 -65.27 4.26 -31.06
C GLN L 464 -63.99 3.48 -31.30
N GLN L 465 -63.86 2.28 -30.75
CA GLN L 465 -62.72 1.41 -30.96
C GLN L 465 -61.41 2.06 -30.51
N THR L 466 -61.48 2.78 -29.40
CA THR L 466 -60.32 3.34 -28.75
C THR L 466 -60.49 3.10 -27.26
N ILE L 467 -59.52 3.56 -26.48
CA ILE L 467 -59.66 3.67 -25.03
C ILE L 467 -59.06 5.02 -24.66
N SER L 468 -59.86 5.91 -24.12
CA SER L 468 -59.36 7.20 -23.66
C SER L 468 -59.08 7.12 -22.18
N ILE L 469 -57.81 7.31 -21.82
CA ILE L 469 -57.39 7.38 -20.43
C ILE L 469 -56.83 8.76 -20.17
N ALA L 470 -57.32 9.41 -19.14
CA ALA L 470 -56.84 10.71 -18.68
C ALA L 470 -56.67 10.69 -17.18
N LYS L 471 -55.96 9.71 -16.68
CA LYS L 471 -55.65 9.57 -15.27
C LYS L 471 -54.27 10.16 -15.01
N ALA L 472 -53.75 10.00 -13.80
CA ALA L 472 -52.52 10.70 -13.45
C ALA L 472 -51.35 10.25 -14.30
N GLY L 473 -50.87 9.04 -14.16
CA GLY L 473 -49.66 8.72 -14.91
C GLY L 473 -49.85 8.62 -16.41
N ILE L 474 -51.10 8.48 -16.86
CA ILE L 474 -51.41 8.08 -18.23
C ILE L 474 -52.28 9.16 -18.83
N LEU L 475 -51.92 9.63 -20.02
CA LEU L 475 -52.84 10.47 -20.78
C LEU L 475 -52.68 10.07 -22.23
N THR L 476 -53.48 9.10 -22.65
CA THR L 476 -53.38 8.53 -23.99
C THR L 476 -54.76 8.18 -24.51
N THR L 477 -54.85 8.02 -25.81
CA THR L 477 -55.95 7.31 -26.45
C THR L 477 -55.37 6.03 -26.98
N LEU L 478 -55.60 4.93 -26.27
CA LEU L 478 -55.22 3.63 -26.79
C LEU L 478 -56.09 3.29 -27.97
N ASN L 479 -55.80 2.16 -28.57
CA ASN L 479 -56.33 1.87 -29.88
C ASN L 479 -56.79 0.43 -29.80
N ALA L 480 -58.10 0.20 -29.73
CA ALA L 480 -58.64 -1.12 -29.39
C ALA L 480 -59.70 -1.53 -30.41
N ARG L 481 -59.27 -2.07 -31.54
CA ARG L 481 -60.16 -2.46 -32.65
C ARG L 481 -60.66 -3.89 -32.49
N CYS L 482 -61.17 -4.25 -31.33
CA CYS L 482 -61.52 -5.63 -31.07
C CYS L 482 -63.02 -5.82 -31.18
N SER L 483 -63.42 -7.05 -31.43
CA SER L 483 -64.81 -7.44 -31.37
C SER L 483 -65.05 -8.17 -30.06
N ILE L 484 -66.12 -7.80 -29.36
CA ILE L 484 -66.39 -8.28 -28.02
C ILE L 484 -67.30 -9.48 -28.12
N LEU L 485 -66.85 -10.62 -27.61
CA LEU L 485 -67.70 -11.78 -27.42
C LEU L 485 -67.95 -11.87 -25.93
N ALA L 486 -69.17 -11.57 -25.52
CA ALA L 486 -69.53 -11.53 -24.12
C ALA L 486 -70.41 -12.72 -23.77
N ALA L 487 -70.32 -13.16 -22.52
CA ALA L 487 -71.19 -14.18 -21.99
C ALA L 487 -71.77 -13.70 -20.67
N ALA L 488 -73.08 -13.82 -20.50
CA ALA L 488 -73.74 -13.31 -19.32
C ALA L 488 -74.92 -14.20 -18.95
N ASN L 489 -75.35 -14.07 -17.77
CA ASN L 489 -76.55 -14.68 -17.24
C ASN L 489 -77.66 -13.66 -17.17
N PRO L 490 -78.92 -14.07 -17.31
CA PRO L 490 -80.03 -13.14 -17.15
C PRO L 490 -80.06 -12.57 -15.75
N ALA L 491 -80.99 -11.66 -15.48
CA ALA L 491 -80.92 -10.79 -14.31
C ALA L 491 -80.70 -11.59 -13.02
N TYR L 492 -81.42 -12.68 -12.84
CA TYR L 492 -81.32 -13.44 -11.59
C TYR L 492 -80.71 -14.82 -11.82
N GLY L 493 -79.76 -14.91 -12.75
CA GLY L 493 -79.05 -16.13 -13.00
C GLY L 493 -79.78 -17.14 -13.85
N ARG L 494 -81.05 -16.89 -14.15
CA ARG L 494 -81.85 -17.80 -14.95
C ARG L 494 -82.99 -16.98 -15.54
N TYR L 495 -83.36 -17.29 -16.77
CA TYR L 495 -84.41 -16.52 -17.41
C TYR L 495 -85.73 -16.74 -16.69
N ASN L 496 -86.43 -15.65 -16.41
CA ASN L 496 -87.70 -15.70 -15.72
C ASN L 496 -88.81 -15.32 -16.69
N PRO L 497 -89.61 -16.26 -17.18
CA PRO L 497 -90.63 -15.91 -18.17
C PRO L 497 -91.70 -14.99 -17.63
N ARG L 498 -91.80 -14.83 -16.32
CA ARG L 498 -92.77 -13.95 -15.72
C ARG L 498 -92.36 -12.49 -15.75
N ARG L 499 -91.16 -12.18 -16.23
CA ARG L 499 -90.71 -10.80 -16.29
C ARG L 499 -90.39 -10.44 -17.74
N SER L 500 -90.18 -9.16 -17.97
CA SER L 500 -90.02 -8.69 -19.33
C SER L 500 -88.61 -8.96 -19.83
N LEU L 501 -88.46 -8.93 -21.14
CA LEU L 501 -87.21 -9.35 -21.75
C LEU L 501 -86.05 -8.47 -21.30
N GLU L 502 -86.24 -7.15 -21.32
CA GLU L 502 -85.16 -6.29 -20.87
C GLU L 502 -84.99 -6.31 -19.37
N GLN L 503 -86.04 -6.67 -18.64
CA GLN L 503 -85.91 -6.81 -17.20
C GLN L 503 -85.13 -8.06 -16.83
N ASN L 504 -85.04 -9.03 -17.74
CA ASN L 504 -84.17 -10.19 -17.59
C ASN L 504 -82.76 -9.92 -18.08
N ILE L 505 -82.62 -9.23 -19.22
CA ILE L 505 -81.30 -8.98 -19.76
C ILE L 505 -80.48 -8.15 -18.80
N GLN L 506 -81.09 -7.15 -18.17
CA GLN L 506 -80.40 -6.31 -17.20
C GLN L 506 -79.24 -5.55 -17.84
N LEU L 507 -79.32 -5.29 -19.11
CA LEU L 507 -78.40 -4.41 -19.81
C LEU L 507 -79.11 -3.12 -20.15
N PRO L 508 -78.45 -1.98 -20.01
CA PRO L 508 -79.04 -0.72 -20.46
C PRO L 508 -79.12 -0.68 -21.97
N ALA L 509 -80.02 0.17 -22.47
CA ALA L 509 -80.25 0.26 -23.90
C ALA L 509 -78.97 0.56 -24.66
N ALA L 510 -78.10 1.39 -24.11
CA ALA L 510 -76.87 1.75 -24.80
C ALA L 510 -75.95 0.55 -24.96
N LEU L 511 -75.76 -0.22 -23.89
CA LEU L 511 -74.91 -1.40 -23.98
C LEU L 511 -75.58 -2.51 -24.79
N LEU L 512 -76.89 -2.67 -24.62
CA LEU L 512 -77.64 -3.65 -25.41
C LEU L 512 -77.57 -3.34 -26.89
N SER L 513 -77.49 -2.05 -27.26
CA SER L 513 -77.34 -1.70 -28.66
C SER L 513 -75.91 -1.83 -29.15
N ARG L 514 -74.93 -1.87 -28.24
CA ARG L 514 -73.56 -2.07 -28.66
C ARG L 514 -73.35 -3.45 -29.25
N PHE L 515 -74.27 -4.38 -29.01
CA PHE L 515 -74.09 -5.76 -29.42
C PHE L 515 -74.88 -6.02 -30.69
N ASP L 516 -74.17 -6.37 -31.76
CA ASP L 516 -74.82 -6.62 -33.03
C ASP L 516 -75.79 -7.79 -32.93
N LEU L 517 -75.39 -8.84 -32.24
CA LEU L 517 -76.22 -10.01 -31.99
C LEU L 517 -76.22 -10.28 -30.50
N LEU L 518 -77.37 -10.20 -29.87
CA LEU L 518 -77.52 -10.62 -28.49
C LEU L 518 -78.42 -11.85 -28.49
N TRP L 519 -77.86 -12.98 -28.05
CA TRP L 519 -78.50 -14.28 -28.19
C TRP L 519 -79.03 -14.72 -26.84
N LEU L 520 -80.31 -15.03 -26.76
CA LEU L 520 -80.87 -15.67 -25.58
C LEU L 520 -80.76 -17.18 -25.70
N ILE L 521 -80.19 -17.81 -24.69
CA ILE L 521 -80.04 -19.25 -24.63
C ILE L 521 -80.77 -19.71 -23.39
N GLN L 522 -81.97 -20.25 -23.58
CA GLN L 522 -82.71 -20.89 -22.50
C GLN L 522 -82.65 -22.39 -22.71
N ASP L 523 -82.62 -23.13 -21.61
CA ASP L 523 -82.72 -24.58 -21.69
C ASP L 523 -84.01 -24.99 -20.98
N ARG L 524 -85.09 -25.04 -21.73
CA ARG L 524 -86.26 -25.71 -21.21
C ARG L 524 -86.06 -27.21 -21.32
N PRO L 525 -86.37 -27.98 -20.28
CA PRO L 525 -86.27 -29.43 -20.39
C PRO L 525 -87.25 -30.00 -21.39
N ASP L 526 -86.82 -31.06 -22.07
CA ASP L 526 -87.72 -31.88 -22.88
C ASP L 526 -87.02 -33.20 -23.15
N ARG L 527 -87.80 -34.28 -23.12
CA ARG L 527 -87.23 -35.62 -23.04
C ARG L 527 -86.33 -35.92 -24.23
N ASP L 528 -86.80 -35.63 -25.45
CA ASP L 528 -86.03 -36.02 -26.63
C ASP L 528 -84.72 -35.25 -26.70
N ASN L 529 -84.80 -33.94 -26.59
CA ASN L 529 -83.60 -33.14 -26.74
C ASN L 529 -82.63 -33.38 -25.60
N ASP L 530 -83.16 -33.58 -24.39
CA ASP L 530 -82.27 -33.87 -23.27
C ASP L 530 -81.58 -35.21 -23.45
N LEU L 531 -82.29 -36.20 -23.97
CA LEU L 531 -81.67 -37.48 -24.23
C LEU L 531 -80.59 -37.37 -25.29
N ARG L 532 -80.85 -36.59 -26.35
CA ARG L 532 -79.85 -36.42 -27.39
C ARG L 532 -78.62 -35.68 -26.86
N LEU L 533 -78.83 -34.63 -26.09
CA LEU L 533 -77.72 -33.92 -25.49
C LEU L 533 -76.91 -34.84 -24.58
N ALA L 534 -77.59 -35.67 -23.80
CA ALA L 534 -76.90 -36.59 -22.92
C ALA L 534 -76.11 -37.62 -23.69
N GLN L 535 -76.65 -38.11 -24.80
CA GLN L 535 -75.91 -39.07 -25.61
C GLN L 535 -74.66 -38.43 -26.20
N HIS L 536 -74.80 -37.19 -26.70
CA HIS L 536 -73.61 -36.51 -27.20
C HIS L 536 -72.57 -36.33 -26.11
N ILE L 537 -72.99 -35.86 -24.95
CA ILE L 537 -72.05 -35.58 -23.87
C ILE L 537 -71.39 -36.85 -23.39
N THR L 538 -72.16 -37.93 -23.29
CA THR L 538 -71.59 -39.17 -22.79
C THR L 538 -70.68 -39.81 -23.81
N TYR L 539 -70.94 -39.62 -25.11
CA TYR L 539 -69.97 -40.06 -26.11
C TYR L 539 -68.68 -39.28 -25.98
N VAL L 540 -68.77 -37.96 -25.78
CA VAL L 540 -67.57 -37.16 -25.63
C VAL L 540 -66.76 -37.61 -24.44
N HIS L 541 -67.43 -37.94 -23.34
CA HIS L 541 -66.73 -38.44 -22.17
C HIS L 541 -66.11 -39.80 -22.44
N GLN L 542 -66.82 -40.64 -23.19
CA GLN L 542 -66.36 -42.00 -23.42
C GLN L 542 -65.14 -42.03 -24.34
N HIS L 543 -65.11 -41.19 -25.36
CA HIS L 543 -64.10 -41.27 -26.39
C HIS L 543 -63.24 -40.03 -26.55
N SER L 544 -63.47 -38.99 -25.75
CA SER L 544 -62.72 -37.74 -25.82
C SER L 544 -62.89 -37.04 -27.16
N ARG L 545 -63.96 -37.37 -27.89
CA ARG L 545 -64.26 -36.77 -29.18
C ARG L 545 -65.76 -36.65 -29.31
N GLN L 546 -66.20 -35.78 -30.20
CA GLN L 546 -67.61 -35.70 -30.49
C GLN L 546 -68.04 -36.91 -31.31
N PRO L 547 -69.31 -37.28 -31.24
CA PRO L 547 -69.80 -38.39 -32.05
C PRO L 547 -69.59 -38.10 -33.53
N PRO L 548 -69.27 -39.12 -34.32
CA PRO L 548 -69.08 -38.89 -35.75
C PRO L 548 -70.36 -38.44 -36.43
N SER L 549 -70.22 -37.53 -37.37
CA SER L 549 -71.34 -37.05 -38.17
C SER L 549 -71.00 -37.16 -39.64
N GLN L 550 -71.84 -36.59 -40.52
CA GLN L 550 -71.61 -36.76 -41.95
C GLN L 550 -70.34 -36.06 -42.41
N PHE L 551 -70.08 -34.87 -41.90
CA PHE L 551 -68.90 -34.09 -42.26
C PHE L 551 -67.94 -34.07 -41.10
N GLU L 552 -66.70 -34.45 -41.35
CA GLU L 552 -65.69 -34.36 -40.33
C GLU L 552 -65.41 -32.89 -40.03
N PRO L 553 -65.38 -32.47 -38.77
CA PRO L 553 -65.10 -31.07 -38.48
C PRO L 553 -63.68 -30.71 -38.88
N LEU L 554 -63.52 -29.49 -39.36
CA LEU L 554 -62.20 -29.04 -39.79
C LEU L 554 -61.28 -28.87 -38.60
N ASP L 555 -60.01 -29.14 -38.81
CA ASP L 555 -59.02 -28.88 -37.79
C ASP L 555 -58.92 -27.38 -37.55
N MET L 556 -58.53 -27.02 -36.34
CA MET L 556 -58.51 -25.61 -35.97
C MET L 556 -57.50 -24.83 -36.82
N LYS L 557 -56.46 -25.49 -37.33
CA LYS L 557 -55.57 -24.85 -38.31
C LYS L 557 -56.31 -24.52 -39.60
N LEU L 558 -57.08 -25.47 -40.13
CA LEU L 558 -57.85 -25.19 -41.33
C LEU L 558 -58.86 -24.11 -41.11
N MET L 559 -59.53 -24.12 -39.96
CA MET L 559 -60.49 -23.06 -39.70
C MET L 559 -59.80 -21.72 -39.68
N ARG L 560 -58.64 -21.62 -39.04
CA ARG L 560 -57.94 -20.35 -39.03
C ARG L 560 -57.57 -19.92 -40.42
N ARG L 561 -57.09 -20.84 -41.24
CA ARG L 561 -56.68 -20.50 -42.59
C ARG L 561 -57.86 -20.10 -43.46
N TYR L 562 -58.98 -20.80 -43.34
CA TYR L 562 -60.18 -20.44 -44.08
C TYR L 562 -60.70 -19.07 -43.65
N ILE L 563 -60.74 -18.82 -42.35
CA ILE L 563 -61.21 -17.52 -41.88
C ILE L 563 -60.28 -16.42 -42.35
N ALA L 564 -58.97 -16.63 -42.22
CA ALA L 564 -58.02 -15.61 -42.60
C ALA L 564 -58.07 -15.34 -44.09
N MET L 565 -58.27 -16.40 -44.88
CA MET L 565 -58.42 -16.24 -46.32
C MET L 565 -59.71 -15.52 -46.65
N CYS L 566 -60.75 -15.70 -45.84
CA CYS L 566 -61.97 -14.90 -46.00
C CYS L 566 -61.75 -13.44 -45.63
N ARG L 567 -60.87 -13.16 -44.67
CA ARG L 567 -60.77 -11.82 -44.10
C ARG L 567 -60.39 -10.78 -45.14
N GLU L 568 -59.49 -11.10 -46.05
CA GLU L 568 -59.11 -10.10 -47.07
C GLU L 568 -60.02 -10.18 -48.29
N LYS L 569 -61.32 -10.11 -48.07
CA LYS L 569 -62.26 -10.22 -49.17
C LYS L 569 -63.35 -9.16 -49.06
N GLN L 570 -62.95 -7.90 -48.93
CA GLN L 570 -63.90 -6.80 -48.76
C GLN L 570 -64.99 -6.78 -49.81
N PRO L 571 -66.24 -7.11 -49.46
CA PRO L 571 -67.34 -6.97 -50.41
C PRO L 571 -68.07 -5.64 -50.23
N MET L 572 -68.69 -5.20 -51.31
CA MET L 572 -69.45 -3.96 -51.35
C MET L 572 -70.94 -4.25 -51.45
N VAL L 573 -71.73 -3.50 -50.72
CA VAL L 573 -73.19 -3.58 -50.85
C VAL L 573 -73.60 -2.87 -52.14
N PRO L 574 -74.30 -3.52 -53.04
CA PRO L 574 -74.72 -2.84 -54.27
C PRO L 574 -75.98 -2.01 -54.05
N GLU L 575 -76.23 -1.10 -54.99
CA GLU L 575 -77.40 -0.26 -54.89
C GLU L 575 -78.68 -1.07 -55.03
N SER L 576 -78.62 -2.15 -55.80
CA SER L 576 -79.80 -2.97 -56.01
C SER L 576 -80.32 -3.59 -54.72
N LEU L 577 -79.50 -3.68 -53.68
CA LEU L 577 -79.96 -4.16 -52.39
C LEU L 577 -80.37 -3.06 -51.42
N ALA L 578 -80.20 -1.79 -51.79
CA ALA L 578 -80.45 -0.73 -50.83
C ALA L 578 -81.89 -0.73 -50.35
N ASP L 579 -82.84 -0.87 -51.27
CA ASP L 579 -84.24 -0.87 -50.91
C ASP L 579 -84.62 -2.10 -50.10
N TYR L 580 -84.06 -3.25 -50.45
CA TYR L 580 -84.36 -4.47 -49.71
C TYR L 580 -83.88 -4.37 -48.28
N ILE L 581 -82.66 -3.86 -48.09
CA ILE L 581 -82.10 -3.72 -46.76
C ILE L 581 -82.87 -2.68 -45.96
N THR L 582 -83.20 -1.57 -46.60
CA THR L 582 -83.95 -0.53 -45.91
C THR L 582 -85.33 -1.03 -45.48
N ALA L 583 -85.98 -1.79 -46.36
CA ALA L 583 -87.28 -2.34 -46.01
C ALA L 583 -87.17 -3.33 -44.86
N ALA L 584 -86.14 -4.17 -44.87
CA ALA L 584 -85.96 -5.12 -43.78
C ALA L 584 -85.75 -4.39 -42.47
N TYR L 585 -84.92 -3.35 -42.49
CA TYR L 585 -84.68 -2.58 -41.27
C TYR L 585 -85.95 -1.89 -40.80
N VAL L 586 -86.70 -1.29 -41.71
CA VAL L 586 -87.91 -0.58 -41.31
C VAL L 586 -88.91 -1.55 -40.71
N GLU L 587 -89.07 -2.70 -41.34
CA GLU L 587 -90.00 -3.70 -40.83
C GLU L 587 -89.58 -4.18 -39.45
N MET L 588 -88.29 -4.46 -39.28
CA MET L 588 -87.76 -4.85 -37.98
C MET L 588 -88.00 -3.76 -36.94
N ARG L 589 -87.78 -2.52 -37.33
CA ARG L 589 -87.95 -1.38 -36.44
C ARG L 589 -89.40 -1.24 -36.00
N ARG L 590 -90.33 -1.40 -36.96
CA ARG L 590 -91.75 -1.31 -36.65
C ARG L 590 -92.21 -2.40 -35.71
N GLU L 591 -91.78 -3.63 -35.95
CA GLU L 591 -92.18 -4.70 -35.06
C GLU L 591 -91.50 -4.58 -33.71
N ALA L 592 -90.43 -3.82 -33.60
CA ALA L 592 -89.82 -3.61 -32.30
C ALA L 592 -90.73 -2.85 -31.35
N TRP L 593 -91.36 -1.77 -31.80
CA TRP L 593 -92.27 -1.08 -30.90
C TRP L 593 -93.72 -1.53 -31.05
N ALA L 594 -94.07 -2.30 -32.06
CA ALA L 594 -95.38 -2.93 -32.04
C ALA L 594 -95.50 -3.86 -30.84
N SER L 595 -94.43 -4.59 -30.53
CA SER L 595 -94.43 -5.52 -29.43
C SER L 595 -94.22 -4.81 -28.09
N LYS L 596 -94.51 -5.52 -27.02
CA LYS L 596 -94.28 -5.06 -25.66
C LYS L 596 -93.15 -5.82 -24.97
N ASP L 597 -92.45 -6.68 -25.69
CA ASP L 597 -91.38 -7.49 -25.14
C ASP L 597 -90.17 -7.48 -26.06
N ALA L 598 -89.76 -6.29 -26.48
CA ALA L 598 -88.68 -6.12 -27.43
C ALA L 598 -87.58 -5.26 -26.85
N THR L 599 -86.36 -5.53 -27.28
CA THR L 599 -85.20 -4.76 -26.86
C THR L 599 -85.13 -3.44 -27.62
N TYR L 600 -84.20 -2.60 -27.18
CA TYR L 600 -83.98 -1.33 -27.84
C TYR L 600 -83.47 -1.56 -29.26
N THR L 601 -84.02 -0.82 -30.20
CA THR L 601 -83.63 -0.92 -31.59
C THR L 601 -83.36 0.48 -32.12
N SER L 602 -82.41 0.59 -33.03
CA SER L 602 -81.89 1.88 -33.43
C SER L 602 -81.25 1.74 -34.81
N ALA L 603 -80.48 2.74 -35.21
CA ALA L 603 -79.73 2.66 -36.45
C ALA L 603 -78.65 1.60 -36.35
N ARG L 604 -78.19 1.32 -35.14
CA ARG L 604 -77.22 0.26 -34.97
C ARG L 604 -77.79 -1.08 -35.40
N THR L 605 -79.10 -1.25 -35.34
CA THR L 605 -79.70 -2.47 -35.85
C THR L 605 -79.51 -2.58 -37.35
N LEU L 606 -79.68 -1.47 -38.08
CA LEU L 606 -79.36 -1.48 -39.50
C LEU L 606 -77.91 -1.81 -39.74
N LEU L 607 -77.02 -1.15 -39.00
CA LEU L 607 -75.60 -1.38 -39.20
C LEU L 607 -75.23 -2.81 -38.88
N ALA L 608 -75.92 -3.43 -37.94
CA ALA L 608 -75.71 -4.85 -37.64
C ALA L 608 -76.15 -5.72 -38.80
N ILE L 609 -77.33 -5.45 -39.38
CA ILE L 609 -77.73 -6.19 -40.58
C ILE L 609 -76.64 -6.08 -41.63
N LEU L 610 -76.15 -4.87 -41.80
CA LEU L 610 -75.29 -4.56 -42.91
C LEU L 610 -73.92 -5.22 -42.75
N ARG L 611 -73.36 -5.19 -41.54
CA ARG L 611 -72.08 -5.85 -41.34
C ARG L 611 -72.20 -7.36 -41.22
N LEU L 612 -73.31 -7.88 -40.71
CA LEU L 612 -73.53 -9.32 -40.73
C LEU L 612 -73.66 -9.84 -42.15
N SER L 613 -74.39 -9.13 -42.99
CA SER L 613 -74.50 -9.56 -44.38
C SER L 613 -73.19 -9.42 -45.10
N THR L 614 -72.41 -8.39 -44.78
CA THR L 614 -71.07 -8.30 -45.36
C THR L 614 -70.20 -9.47 -44.94
N ALA L 615 -70.26 -9.88 -43.67
CA ALA L 615 -69.52 -11.05 -43.24
C ALA L 615 -69.97 -12.32 -43.97
N LEU L 616 -71.28 -12.48 -44.15
CA LEU L 616 -71.77 -13.65 -44.85
C LEU L 616 -71.34 -13.65 -46.31
N ALA L 617 -71.36 -12.49 -46.95
CA ALA L 617 -70.85 -12.39 -48.32
C ALA L 617 -69.38 -12.75 -48.35
N ARG L 618 -68.63 -12.31 -47.35
CA ARG L 618 -67.21 -12.58 -47.28
C ARG L 618 -66.93 -14.07 -47.15
N LEU L 619 -67.76 -14.80 -46.41
CA LEU L 619 -67.55 -16.24 -46.27
C LEU L 619 -67.72 -16.98 -47.60
N ARG L 620 -68.48 -16.42 -48.53
CA ARG L 620 -68.63 -17.02 -49.86
C ARG L 620 -67.57 -16.53 -50.84
N MET L 621 -66.63 -15.71 -50.37
CA MET L 621 -65.53 -15.20 -51.20
C MET L 621 -66.01 -14.40 -52.39
N VAL L 622 -67.13 -13.75 -52.24
CA VAL L 622 -67.68 -12.91 -53.29
C VAL L 622 -67.27 -11.47 -53.02
N ASP L 623 -67.35 -10.65 -54.04
CA ASP L 623 -66.97 -9.25 -53.94
C ASP L 623 -68.16 -8.31 -53.86
N VAL L 624 -69.39 -8.83 -53.94
CA VAL L 624 -70.58 -8.05 -53.68
C VAL L 624 -71.51 -8.86 -52.79
N VAL L 625 -72.28 -8.15 -51.98
CA VAL L 625 -73.27 -8.77 -51.11
C VAL L 625 -74.50 -9.07 -51.95
N GLU L 626 -75.06 -10.26 -51.77
CA GLU L 626 -76.29 -10.64 -52.44
C GLU L 626 -77.44 -10.60 -51.46
N LYS L 627 -78.61 -11.01 -51.92
CA LYS L 627 -79.81 -11.03 -51.10
C LYS L 627 -79.87 -12.22 -50.16
N GLU L 628 -79.18 -13.32 -50.48
CA GLU L 628 -79.17 -14.44 -49.56
C GLU L 628 -78.37 -14.12 -48.31
N ASP L 629 -77.33 -13.30 -48.44
CA ASP L 629 -76.60 -12.85 -47.26
C ASP L 629 -77.47 -12.00 -46.36
N VAL L 630 -78.23 -11.08 -46.96
CA VAL L 630 -79.12 -10.26 -46.13
C VAL L 630 -80.19 -11.14 -45.50
N ASN L 631 -80.66 -12.15 -46.23
CA ASN L 631 -81.63 -13.06 -45.67
C ASN L 631 -81.07 -13.82 -44.48
N GLU L 632 -79.82 -14.28 -44.59
CA GLU L 632 -79.22 -15.01 -43.48
C GLU L 632 -78.97 -14.09 -42.29
N ALA L 633 -78.61 -12.84 -42.54
CA ALA L 633 -78.45 -11.90 -41.46
C ALA L 633 -79.76 -11.68 -40.74
N ILE L 634 -80.84 -11.47 -41.49
CA ILE L 634 -82.15 -11.29 -40.87
C ILE L 634 -82.51 -12.52 -40.05
N ARG L 635 -82.29 -13.70 -40.61
CA ARG L 635 -82.69 -14.91 -39.92
C ARG L 635 -81.90 -15.12 -38.65
N LEU L 636 -80.61 -14.79 -38.65
CA LEU L 636 -79.83 -14.87 -37.42
C LEU L 636 -80.31 -13.85 -36.40
N MET L 637 -80.72 -12.68 -36.86
CA MET L 637 -81.22 -11.67 -35.94
C MET L 637 -82.52 -12.10 -35.27
N GLU L 638 -83.39 -12.80 -35.99
CA GLU L 638 -84.57 -13.35 -35.30
C GLU L 638 -84.21 -14.53 -34.41
N MET L 639 -83.34 -15.43 -34.89
CA MET L 639 -82.99 -16.57 -34.07
C MET L 639 -82.30 -16.14 -32.77
N SER L 640 -81.73 -14.94 -32.72
CA SER L 640 -81.11 -14.48 -31.48
C SER L 640 -82.12 -14.46 -30.34
N LYS L 641 -83.36 -14.08 -30.63
CA LYS L 641 -84.41 -14.04 -29.61
C LYS L 641 -85.44 -15.14 -29.78
N ASP L 642 -85.22 -16.09 -30.68
CA ASP L 642 -86.19 -17.16 -30.89
C ASP L 642 -86.52 -17.92 -29.61
N SER L 643 -85.59 -18.00 -28.66
CA SER L 643 -85.83 -18.78 -27.44
C SER L 643 -87.03 -18.28 -26.65
N LEU L 644 -87.44 -17.04 -26.86
CA LEU L 644 -88.54 -16.47 -26.09
C LEU L 644 -89.84 -17.19 -26.38
N LEU L 645 -90.00 -17.72 -27.59
CA LEU L 645 -91.21 -18.43 -27.96
C LEU L 645 -91.24 -19.82 -27.34
#